data_6U0U
#
_entry.id   6U0U
#
_cell.length_a   1.00
_cell.length_b   1.00
_cell.length_c   1.00
_cell.angle_alpha   90.00
_cell.angle_beta   90.00
_cell.angle_gamma   90.00
#
_symmetry.space_group_name_H-M   'P 1'
#
loop_
_entity.id
_entity.type
_entity.pdbx_description
1 polymer 'Tubulin alpha chain'
2 polymer 'Tubulin beta chain'
3 polymer 'Protofilament ribbon protein'
4 non-polymer "GUANOSINE-5'-TRIPHOSPHATE"
5 non-polymer 'MAGNESIUM ION'
6 non-polymer "GUANOSINE-5'-DIPHOSPHATE"
#
loop_
_entity_poly.entity_id
_entity_poly.type
_entity_poly.pdbx_seq_one_letter_code
_entity_poly.pdbx_strand_id
1 'polypeptide(L)'
;MREVISIHVGQGGIQVGNACWELFCLEHGIQPDGQMPSDKTIGGGDDAFNTFFSETGAGKHVPRAVFLDLEPTVIDEVRT
GTYRQLFHPEQLISGKEDAANNFARGHYTIGKEIVDLCLDRIRKLADNCTGLQGFLVFNSVGGGTGSGLGSLLLERLSVD
YGKKSKLGFTIYPSPQVSTAVVEPYNSILSTHSLLEHTDVAVMLDNEAIYDICRRNLDIERPTYTNLNRLIAQVISSLTA
SLRFDGALNVDITEFQTNLVPYPRIHFMLSSYAPIISAEKAYHEQLSVAEITNSAFEPANMMAKCDPRHGKYMACSMMYR
GDVVPKDVNASIATIKTKRTIQFVDWCPTGFKVGINYQPPTVVPGGDLAKVMRAVCMISNSTAIAEVFSRLDHKFDLMYA
KRAFVHWYVGEGMEEGEFSEAREDLAALEKDYEEVGIETAEGEGEEEGY
;
C,D,E,F,G,H
2 'polypeptide(L)'
;MREIVHIQGGQCGNQIGAKFWEVISDEHGIDPTGTYHGDSDLQLERINVYYNEATGGRYVPRAILMDLEPGTMDSVRAGP
FGQLFRPDNFVFGQTGAGNNWAKGHYTEGAELIDSVLDVVRKEAEGCDCLQGFQITHSLGGGTGSGMGTLLISKVREEYP
DRIMETFSVVPSPKVSDTVVEPYNATLSVHQLVENADECMVIDNEALYDICFRTLKLTTPTYGDLNHLVSAAMSGVTCCL
RFPGQLNSDLRKLAVNLIPFPRLHFFMIGFAPLTSRGSQQYRALTVPELTQQMFDAKNMMCAADPRHGRYLTASALFRGR
MSTKEVDEQMLNVQNKNSSYFVEWIPNNIKSSICDIPPKGLKMAVTFVGNSTAIQEMFKRVAEQFTAMFRRKAFLHWYTG
EGMDEMEFTEAESNMNDLVSEYQQYQDATAEEEGEFEEEEGEN
;
B,I,J,K,L,M
3 'polypeptide(L)'
;MKELSQIIDKQISQLNLFGKIKKRKRQSNIYKMSGNTNSDFNRTNYQHKEQIIRCGISSLKCLDGEDLNQGNRRRLQQLQ
QRDWIEQQIREKEERKRQEDEEKKAFEQQTLHINMMRGDLEDNLNQKRRNWEKNTKEFNIQQRNEKLDYERSSHLDNQAQ
NQYHITYCNTNNFQTENTGTCTSAFGPHRVIPYHWKGMNPQQKKDIILEQDQQRHEREILKNLERDEDKAFSNQTEHNRF
MLINLERQKNRQHRQRMDEIKEFNLLAAKEQKIKLKHMYD
;
A
#
loop_
_chem_comp.id
_chem_comp.type
_chem_comp.name
_chem_comp.formula
GDP RNA linking GUANOSINE-5'-DIPHOSPHATE 'C10 H15 N5 O11 P2'
GTP non-polymer GUANOSINE-5'-TRIPHOSPHATE 'C10 H16 N5 O14 P3'
MG non-polymer 'MAGNESIUM ION' 'Mg 2'
#
# COMPACT_ATOMS: atom_id res chain seq x y z
N MET A 1 -18.50 54.74 29.51
CA MET A 1 -19.58 54.00 30.15
C MET A 1 -19.07 53.18 31.32
N ARG A 2 -17.91 53.56 31.85
CA ARG A 2 -17.33 52.91 33.02
C ARG A 2 -16.29 53.84 33.64
N GLU A 3 -16.39 54.04 34.95
CA GLU A 3 -15.56 55.04 35.63
C GLU A 3 -15.55 54.74 37.11
N VAL A 4 -14.70 55.48 37.84
CA VAL A 4 -14.52 55.31 39.27
C VAL A 4 -14.69 56.66 39.95
N ILE A 5 -14.63 56.64 41.28
CA ILE A 5 -14.66 57.85 42.11
C ILE A 5 -13.60 57.68 43.20
N SER A 6 -12.61 58.55 43.19
CA SER A 6 -11.50 58.46 44.13
C SER A 6 -11.68 59.48 45.25
N ILE A 7 -11.51 59.02 46.49
CA ILE A 7 -11.54 59.88 47.66
C ILE A 7 -10.15 59.88 48.27
N HIS A 8 -9.70 61.04 48.74
CA HIS A 8 -8.38 61.17 49.36
C HIS A 8 -8.56 61.95 50.66
N VAL A 9 -8.86 61.24 51.73
CA VAL A 9 -9.03 61.86 53.03
C VAL A 9 -7.68 61.93 53.73
N GLY A 10 -7.61 62.72 54.78
CA GLY A 10 -6.41 62.79 55.57
C GLY A 10 -5.29 63.55 54.89
N GLN A 11 -4.09 63.37 55.44
CA GLN A 11 -2.90 64.07 54.95
C GLN A 11 -2.14 63.28 53.90
N GLY A 12 -1.90 61.99 54.13
CA GLY A 12 -1.22 61.19 53.12
C GLY A 12 -2.08 60.99 51.89
N GLY A 13 -3.39 60.86 52.08
CA GLY A 13 -4.28 60.67 50.94
C GLY A 13 -4.18 61.80 49.94
N ILE A 14 -4.19 63.05 50.41
CA ILE A 14 -4.12 64.17 49.48
C ILE A 14 -2.77 64.22 48.79
N GLN A 15 -1.70 63.77 49.46
CA GLN A 15 -0.40 63.75 48.81
C GLN A 15 -0.36 62.74 47.68
N VAL A 16 -0.72 61.48 47.98
CA VAL A 16 -0.69 60.46 46.94
C VAL A 16 -1.68 60.78 45.85
N GLY A 17 -2.76 61.48 46.19
CA GLY A 17 -3.70 61.92 45.17
C GLY A 17 -3.12 63.00 44.28
N ASN A 18 -2.37 63.92 44.86
CA ASN A 18 -1.68 64.91 44.05
C ASN A 18 -0.77 64.22 43.03
N ALA A 19 0.03 63.27 43.51
CA ALA A 19 0.93 62.56 42.60
C ALA A 19 0.16 61.76 41.56
N CYS A 20 -0.95 61.13 41.97
CA CYS A 20 -1.69 60.26 41.07
C CYS A 20 -2.42 61.07 40.01
N TRP A 21 -2.97 62.21 40.37
CA TRP A 21 -3.58 63.08 39.37
C TRP A 21 -2.53 63.68 38.46
N GLU A 22 -1.34 63.96 38.98
CA GLU A 22 -0.23 64.35 38.11
C GLU A 22 -0.01 63.29 37.05
N LEU A 23 0.12 62.03 37.47
CA LEU A 23 0.40 60.95 36.52
C LEU A 23 -0.75 60.76 35.53
N PHE A 24 -1.99 60.82 36.01
CA PHE A 24 -3.13 60.63 35.11
C PHE A 24 -3.21 61.75 34.09
N CYS A 25 -3.11 63.01 34.54
CA CYS A 25 -3.13 64.13 33.62
C CYS A 25 -2.02 64.03 32.60
N LEU A 26 -0.83 63.59 33.02
CA LEU A 26 0.28 63.53 32.08
C LEU A 26 0.31 62.25 31.27
N GLU A 27 -0.61 61.32 31.52
CA GLU A 27 -0.72 60.16 30.65
C GLU A 27 -1.74 60.39 29.54
N HIS A 28 -2.95 60.80 29.91
CA HIS A 28 -4.03 61.08 28.97
C HIS A 28 -3.79 62.32 28.12
N GLY A 29 -2.63 62.97 28.22
CA GLY A 29 -2.43 64.20 27.48
C GLY A 29 -3.32 65.34 27.93
N ILE A 30 -3.59 65.43 29.24
CA ILE A 30 -4.41 66.49 29.81
C ILE A 30 -3.49 67.47 30.53
N GLN A 31 -3.42 68.69 30.03
CA GLN A 31 -2.53 69.70 30.60
C GLN A 31 -2.94 70.02 32.04
N PRO A 32 -2.00 70.52 32.84
CA PRO A 32 -2.35 70.94 34.20
C PRO A 32 -3.37 72.06 34.26
N ASP A 33 -3.71 72.68 33.14
CA ASP A 33 -4.78 73.67 33.11
C ASP A 33 -6.15 73.03 32.93
N GLY A 34 -6.22 71.71 32.77
CA GLY A 34 -7.47 71.04 32.51
C GLY A 34 -7.86 70.96 31.06
N GLN A 35 -7.05 71.49 30.16
CA GLN A 35 -7.34 71.52 28.73
C GLN A 35 -6.42 70.58 27.99
N MET A 36 -6.98 69.77 27.11
CA MET A 36 -6.15 69.07 26.15
C MET A 36 -5.41 70.09 25.29
N PRO A 37 -4.14 69.85 24.94
CA PRO A 37 -3.38 70.87 24.21
C PRO A 37 -4.09 71.31 22.94
N ALA A 48 -10.27 58.28 26.42
CA ALA A 48 -10.02 57.45 27.60
C ALA A 48 -10.41 58.10 28.92
N PHE A 49 -10.47 59.43 29.01
CA PHE A 49 -10.60 60.10 30.30
C PHE A 49 -11.98 59.95 30.91
N ASN A 50 -12.95 59.35 30.21
CA ASN A 50 -14.26 59.14 30.82
C ASN A 50 -14.18 58.28 32.07
N THR A 51 -13.11 57.49 32.22
CA THR A 51 -12.97 56.67 33.42
C THR A 51 -12.62 57.53 34.63
N PHE A 52 -11.86 58.61 34.42
CA PHE A 52 -11.45 59.47 35.51
C PHE A 52 -11.96 60.90 35.38
N PHE A 53 -11.73 61.54 34.25
CA PHE A 53 -12.10 62.94 34.10
C PHE A 53 -13.51 63.05 33.50
N SER A 54 -13.95 64.28 33.30
CA SER A 54 -15.21 64.54 32.63
C SER A 54 -15.16 65.92 32.00
N GLU A 55 -15.73 66.05 30.81
CA GLU A 55 -15.73 67.33 30.12
C GLU A 55 -16.86 68.21 30.62
N THR A 56 -16.56 69.49 30.82
CA THR A 56 -17.58 70.45 31.24
C THR A 56 -18.33 71.01 30.04
N GLY A 57 -18.85 70.12 29.21
CA GLY A 57 -19.54 70.55 28.00
C GLY A 57 -18.62 70.90 26.86
N ALA A 58 -17.53 71.61 27.14
CA ALA A 58 -16.60 72.02 26.10
C ALA A 58 -15.33 72.55 26.75
N GLY A 59 -14.21 72.32 26.08
CA GLY A 59 -12.95 72.94 26.45
C GLY A 59 -12.09 72.21 27.45
N LYS A 60 -12.44 72.23 28.73
CA LYS A 60 -11.55 71.74 29.77
C LYS A 60 -12.12 70.50 30.45
N HIS A 61 -11.22 69.70 30.98
CA HIS A 61 -11.56 68.52 31.76
C HIS A 61 -11.63 68.89 33.23
N VAL A 62 -12.42 68.14 34.00
CA VAL A 62 -12.42 68.26 35.45
C VAL A 62 -12.33 66.85 36.03
N PRO A 63 -11.61 66.67 37.13
CA PRO A 63 -11.44 65.32 37.67
C PRO A 63 -12.62 64.88 38.53
N ARG A 64 -12.73 63.55 38.67
CA ARG A 64 -13.71 62.94 39.56
C ARG A 64 -13.00 62.60 40.86
N ALA A 65 -13.12 63.48 41.86
CA ALA A 65 -12.48 63.24 43.14
C ALA A 65 -13.12 64.14 44.18
N VAL A 66 -12.82 63.83 45.44
CA VAL A 66 -13.13 64.70 46.57
C VAL A 66 -11.93 64.70 47.50
N PHE A 67 -11.56 65.88 47.98
CA PHE A 67 -10.34 66.07 48.76
C PHE A 67 -10.74 66.64 50.12
N LEU A 68 -10.80 65.79 51.14
CA LEU A 68 -11.13 66.23 52.48
C LEU A 68 -9.86 66.43 53.29
N ASP A 69 -9.93 67.39 54.21
CA ASP A 69 -8.97 67.49 55.30
C ASP A 69 -9.54 68.44 56.33
N LEU A 70 -8.84 68.54 57.46
CA LEU A 70 -9.21 69.48 58.51
C LEU A 70 -8.17 70.56 58.72
N GLU A 71 -6.90 70.25 58.57
CA GLU A 71 -5.88 71.28 58.55
C GLU A 71 -5.90 71.96 57.17
N PRO A 72 -6.14 73.27 57.10
CA PRO A 72 -6.21 73.94 55.80
C PRO A 72 -4.91 73.96 55.04
N THR A 73 -3.85 73.33 55.54
CA THR A 73 -2.52 73.48 54.95
C THR A 73 -2.45 72.87 53.56
N VAL A 74 -2.71 71.57 53.44
CA VAL A 74 -2.44 70.88 52.18
C VAL A 74 -3.48 71.24 51.12
N ILE A 75 -4.74 71.36 51.52
CA ILE A 75 -5.77 71.76 50.56
C ILE A 75 -5.49 73.15 50.02
N ASP A 76 -4.95 74.04 50.86
CA ASP A 76 -4.55 75.35 50.37
C ASP A 76 -3.35 75.22 49.44
N GLU A 77 -2.35 74.41 49.84
CA GLU A 77 -1.16 74.26 49.01
C GLU A 77 -1.50 73.74 47.62
N VAL A 78 -2.54 72.91 47.51
CA VAL A 78 -2.97 72.48 46.18
C VAL A 78 -3.95 73.50 45.57
N ARG A 79 -4.56 74.36 46.39
CA ARG A 79 -5.42 75.39 45.87
C ARG A 79 -4.65 76.51 45.18
N THR A 80 -3.35 76.65 45.47
CA THR A 80 -2.52 77.67 44.84
C THR A 80 -1.21 77.09 44.33
N GLY A 81 -1.14 75.77 44.16
CA GLY A 81 0.05 75.14 43.62
C GLY A 81 0.09 75.21 42.11
N THR A 82 0.43 74.09 41.47
CA THR A 82 0.45 74.03 40.01
C THR A 82 -0.90 73.68 39.42
N TYR A 83 -1.80 73.08 40.20
CA TYR A 83 -3.10 72.64 39.72
C TYR A 83 -4.23 73.50 40.26
N ARG A 84 -3.95 74.77 40.53
CA ARG A 84 -4.97 75.67 41.07
C ARG A 84 -6.20 75.76 40.17
N GLN A 85 -6.07 75.44 38.89
CA GLN A 85 -7.14 75.62 37.92
C GLN A 85 -7.49 74.29 37.24
N LEU A 86 -7.51 73.22 38.03
CA LEU A 86 -7.91 71.91 37.53
C LEU A 86 -9.10 71.34 38.27
N PHE A 87 -9.09 71.34 39.59
CA PHE A 87 -10.17 70.77 40.38
C PHE A 87 -11.29 71.78 40.57
N HIS A 88 -12.51 71.30 40.53
CA HIS A 88 -13.67 72.13 40.83
C HIS A 88 -13.58 72.57 42.29
N PRO A 89 -13.70 73.87 42.58
CA PRO A 89 -13.40 74.35 43.94
C PRO A 89 -14.37 73.84 45.00
N GLU A 90 -15.30 72.98 44.63
CA GLU A 90 -16.26 72.45 45.59
C GLU A 90 -15.88 71.05 46.08
N GLN A 91 -14.89 70.41 45.47
CA GLN A 91 -14.41 69.12 45.96
C GLN A 91 -13.21 69.24 46.89
N LEU A 92 -12.89 70.44 47.36
CA LEU A 92 -11.77 70.66 48.26
C LEU A 92 -12.36 71.15 49.59
N ILE A 93 -12.61 70.21 50.49
CA ILE A 93 -13.32 70.50 51.73
C ILE A 93 -12.32 70.50 52.88
N SER A 94 -12.08 71.68 53.45
CA SER A 94 -11.21 71.84 54.60
C SER A 94 -11.96 72.53 55.71
N GLY A 95 -11.83 72.02 56.93
CA GLY A 95 -12.48 72.61 58.09
C GLY A 95 -11.65 73.72 58.70
N LYS A 96 -11.73 73.85 60.02
CA LYS A 96 -11.04 74.89 60.75
C LYS A 96 -9.96 74.33 61.67
N GLU A 97 -10.31 73.43 62.57
CA GLU A 97 -9.37 72.89 63.53
C GLU A 97 -8.65 71.68 62.95
N ASP A 98 -7.92 70.98 63.79
CA ASP A 98 -7.04 69.90 63.37
C ASP A 98 -7.47 68.58 64.00
N ALA A 99 -7.02 67.49 63.40
CA ALA A 99 -7.36 66.17 63.91
C ALA A 99 -6.55 65.82 65.15
N ALA A 100 -5.26 66.13 65.14
CA ALA A 100 -4.38 65.91 66.29
C ALA A 100 -4.26 64.44 66.65
N ASN A 101 -4.23 63.58 65.63
CA ASN A 101 -3.82 62.19 65.76
C ASN A 101 -4.69 61.36 66.71
N ASN A 102 -5.75 61.94 67.26
CA ASN A 102 -6.66 61.19 68.10
C ASN A 102 -7.93 60.89 67.34
N PHE A 103 -8.34 59.62 67.33
CA PHE A 103 -9.42 59.17 66.48
C PHE A 103 -10.71 59.95 66.73
N ALA A 104 -11.09 60.10 67.99
CA ALA A 104 -12.38 60.69 68.32
C ALA A 104 -12.49 62.13 67.83
N ARG A 105 -11.37 62.82 67.61
CA ARG A 105 -11.45 64.18 67.10
C ARG A 105 -11.99 64.23 65.67
N GLY A 106 -11.76 63.17 64.90
CA GLY A 106 -12.24 63.15 63.53
C GLY A 106 -13.36 62.16 63.32
N HIS A 107 -13.98 61.72 64.41
CA HIS A 107 -15.06 60.74 64.31
C HIS A 107 -16.29 61.08 65.15
N TYR A 108 -16.21 61.99 66.10
CA TYR A 108 -17.38 62.32 66.90
C TYR A 108 -17.67 63.81 66.96
N THR A 109 -16.63 64.66 67.00
CA THR A 109 -16.83 66.08 67.21
C THR A 109 -16.75 66.89 65.92
N ILE A 110 -15.62 66.81 65.21
CA ILE A 110 -15.40 67.68 64.05
C ILE A 110 -16.21 67.19 62.86
N GLY A 111 -15.97 65.97 62.42
CA GLY A 111 -16.69 65.42 61.28
C GLY A 111 -18.18 65.33 61.47
N LYS A 112 -18.67 65.46 62.71
CA LYS A 112 -20.08 65.26 63.04
C LYS A 112 -21.02 65.94 62.07
N GLU A 113 -20.60 67.06 61.48
CA GLU A 113 -21.40 67.73 60.46
C GLU A 113 -20.70 67.87 59.12
N ILE A 114 -19.37 67.77 59.07
CA ILE A 114 -18.68 67.83 57.79
C ILE A 114 -19.01 66.62 56.94
N VAL A 115 -19.36 65.49 57.58
CA VAL A 115 -19.77 64.33 56.81
C VAL A 115 -21.02 64.62 55.99
N ASP A 116 -21.88 65.54 56.47
CA ASP A 116 -23.07 65.89 55.70
C ASP A 116 -22.69 66.51 54.37
N LEU A 117 -21.82 67.53 54.39
CA LEU A 117 -21.40 68.16 53.16
C LEU A 117 -20.66 67.18 52.26
N CYS A 118 -19.77 66.37 52.84
CA CYS A 118 -19.05 65.40 52.03
C CYS A 118 -19.99 64.42 51.34
N LEU A 119 -20.98 63.92 52.07
CA LEU A 119 -21.91 62.96 51.48
C LEU A 119 -22.77 63.61 50.42
N ASP A 120 -23.19 64.87 50.64
CA ASP A 120 -23.96 65.55 49.62
C ASP A 120 -23.14 65.74 48.34
N ARG A 121 -21.85 66.03 48.49
CA ARG A 121 -21.01 66.20 47.30
C ARG A 121 -20.77 64.87 46.61
N ILE A 122 -20.57 63.80 47.37
CA ILE A 122 -20.43 62.48 46.77
C ILE A 122 -21.70 62.08 46.03
N ARG A 123 -22.86 62.43 46.60
CA ARG A 123 -24.13 62.13 45.94
C ARG A 123 -24.26 62.92 44.64
N LYS A 124 -23.89 64.20 44.67
CA LYS A 124 -23.96 65.00 43.45
C LYS A 124 -22.98 64.48 42.40
N LEU A 125 -21.85 63.92 42.83
CA LEU A 125 -20.94 63.31 41.86
C LEU A 125 -21.53 62.06 41.26
N ALA A 126 -22.00 61.14 42.11
CA ALA A 126 -22.57 59.89 41.63
C ALA A 126 -23.78 60.11 40.75
N ASP A 127 -24.49 61.23 40.96
CA ASP A 127 -25.61 61.56 40.09
C ASP A 127 -25.17 61.76 38.65
N ASN A 128 -23.92 62.20 38.44
CA ASN A 128 -23.41 62.46 37.11
C ASN A 128 -22.69 61.26 36.51
N CYS A 129 -22.16 60.35 37.34
CA CYS A 129 -21.49 59.18 36.82
C CYS A 129 -22.47 58.29 36.07
N THR A 130 -21.99 57.65 35.01
CA THR A 130 -22.83 56.82 34.15
C THR A 130 -22.53 55.34 34.25
N GLY A 131 -21.29 54.95 34.48
CA GLY A 131 -20.93 53.55 34.63
C GLY A 131 -20.08 53.30 35.86
N LEU A 132 -20.38 54.01 36.95
CA LEU A 132 -19.58 53.94 38.16
C LEU A 132 -19.39 52.50 38.61
N GLN A 133 -18.13 52.13 38.85
CA GLN A 133 -17.78 50.79 39.28
C GLN A 133 -17.55 50.72 40.79
N GLY A 134 -16.64 51.54 41.31
CA GLY A 134 -16.31 51.47 42.72
C GLY A 134 -15.64 52.74 43.19
N PHE A 135 -15.17 52.68 44.43
CA PHE A 135 -14.52 53.80 45.08
C PHE A 135 -13.07 53.43 45.42
N LEU A 136 -12.19 54.42 45.32
CA LEU A 136 -10.77 54.26 45.64
C LEU A 136 -10.42 55.31 46.69
N VAL A 137 -10.57 54.96 47.95
CA VAL A 137 -10.26 55.88 49.03
C VAL A 137 -8.75 55.87 49.28
N PHE A 138 -8.28 56.86 50.04
CA PHE A 138 -6.88 56.96 50.41
C PHE A 138 -6.82 57.55 51.81
N ASN A 139 -6.35 56.78 52.78
CA ASN A 139 -6.36 57.23 54.16
C ASN A 139 -5.12 56.70 54.88
N SER A 140 -4.32 57.61 55.42
CA SER A 140 -3.23 57.22 56.32
C SER A 140 -3.83 57.04 57.71
N VAL A 141 -4.15 55.79 58.06
CA VAL A 141 -4.84 55.52 59.32
C VAL A 141 -4.01 55.93 60.51
N GLY A 142 -2.69 56.07 60.35
CA GLY A 142 -1.85 56.50 61.46
C GLY A 142 -2.21 57.89 61.94
N GLY A 143 -2.78 58.72 61.07
CA GLY A 143 -3.17 60.06 61.45
C GLY A 143 -4.52 60.08 62.14
N GLY A 144 -5.04 61.29 62.32
CA GLY A 144 -6.31 61.47 62.99
C GLY A 144 -7.49 61.55 62.04
N THR A 145 -7.41 62.45 61.06
CA THR A 145 -8.57 62.68 60.22
C THR A 145 -8.75 61.58 59.17
N GLY A 146 -7.67 61.15 58.52
CA GLY A 146 -7.78 60.03 57.60
C GLY A 146 -8.23 58.75 58.28
N SER A 147 -7.99 58.65 59.58
CA SER A 147 -8.47 57.49 60.33
C SER A 147 -9.94 57.67 60.70
N GLY A 148 -10.23 58.66 61.53
CA GLY A 148 -11.58 58.87 62.02
C GLY A 148 -12.57 59.24 60.94
N LEU A 149 -12.36 60.38 60.29
CA LEU A 149 -13.24 60.80 59.21
C LEU A 149 -13.27 59.76 58.10
N GLY A 150 -12.14 59.10 57.84
CA GLY A 150 -12.14 58.06 56.81
C GLY A 150 -13.07 56.92 57.13
N SER A 151 -13.01 56.41 58.37
CA SER A 151 -13.89 55.33 58.75
C SER A 151 -15.35 55.78 58.78
N LEU A 152 -15.60 57.02 59.22
CA LEU A 152 -16.96 57.52 59.24
C LEU A 152 -17.52 57.61 57.83
N LEU A 153 -16.72 58.12 56.89
CA LEU A 153 -17.16 58.22 55.50
C LEU A 153 -17.39 56.83 54.89
N LEU A 154 -16.50 55.88 55.22
CA LEU A 154 -16.70 54.51 54.76
C LEU A 154 -18.03 53.96 55.23
N GLU A 155 -18.32 54.11 56.52
CA GLU A 155 -19.59 53.62 57.04
C GLU A 155 -20.77 54.33 56.39
N ARG A 156 -20.65 55.63 56.18
CA ARG A 156 -21.75 56.38 55.59
C ARG A 156 -22.02 55.92 54.16
N LEU A 157 -20.97 55.68 53.38
CA LEU A 157 -21.15 55.18 52.03
C LEU A 157 -21.73 53.77 52.04
N SER A 158 -21.27 52.93 52.96
CA SER A 158 -21.76 51.55 52.99
C SER A 158 -23.22 51.48 53.41
N VAL A 159 -23.68 52.42 54.23
CA VAL A 159 -25.10 52.46 54.57
C VAL A 159 -25.92 53.28 53.58
N ASP A 160 -25.26 54.03 52.70
CA ASP A 160 -25.96 54.87 51.74
C ASP A 160 -26.16 54.15 50.41
N TYR A 161 -25.07 53.71 49.79
CA TYR A 161 -25.13 53.08 48.47
C TYR A 161 -25.23 51.56 48.57
N GLY A 162 -24.24 50.93 49.19
CA GLY A 162 -24.28 49.49 49.38
C GLY A 162 -23.49 48.70 48.36
N LYS A 163 -24.20 48.17 47.35
CA LYS A 163 -23.63 47.20 46.43
C LYS A 163 -22.34 47.66 45.77
N LYS A 164 -22.10 48.97 45.66
CA LYS A 164 -20.92 49.45 44.97
C LYS A 164 -19.66 49.04 45.72
N SER A 165 -18.70 48.49 44.98
CA SER A 165 -17.45 48.03 45.60
C SER A 165 -16.70 49.20 46.21
N LYS A 166 -15.86 48.89 47.19
CA LYS A 166 -15.11 49.90 47.93
C LYS A 166 -13.72 49.38 48.21
N LEU A 167 -12.74 49.86 47.46
CA LEU A 167 -11.35 49.51 47.69
C LEU A 167 -10.74 50.46 48.73
N GLY A 168 -9.42 50.42 48.87
CA GLY A 168 -8.73 51.30 49.78
C GLY A 168 -7.24 51.13 49.67
N PHE A 169 -6.48 52.20 49.96
CA PHE A 169 -5.02 52.17 49.89
C PHE A 169 -4.50 52.89 51.12
N THR A 170 -4.32 52.15 52.20
CA THR A 170 -4.01 52.72 53.50
C THR A 170 -2.51 52.70 53.74
N ILE A 171 -1.99 53.80 54.29
CA ILE A 171 -0.58 53.89 54.66
C ILE A 171 -0.51 53.54 56.13
N TYR A 172 -0.35 52.25 56.42
CA TYR A 172 -0.28 51.79 57.79
C TYR A 172 0.99 52.30 58.46
N PRO A 173 1.06 52.25 59.78
CA PRO A 173 2.34 52.51 60.45
C PRO A 173 3.37 51.47 60.07
N SER A 174 4.58 51.93 59.83
CA SER A 174 5.70 51.07 59.48
C SER A 174 5.96 50.06 60.58
N PRO A 175 6.72 49.00 60.32
CA PRO A 175 7.09 48.09 61.42
C PRO A 175 7.99 48.74 62.45
N GLN A 176 9.07 49.39 62.02
CA GLN A 176 10.09 49.87 62.94
C GLN A 176 10.15 51.38 63.05
N VAL A 177 10.31 52.10 61.93
CA VAL A 177 10.52 53.53 62.01
C VAL A 177 9.26 54.22 62.51
N SER A 178 9.45 55.32 63.25
CA SER A 178 8.38 55.98 63.98
C SER A 178 8.04 57.32 63.35
N THR A 179 6.75 57.57 63.18
CA THR A 179 6.26 58.87 62.72
C THR A 179 5.23 59.46 63.65
N ALA A 180 4.81 58.73 64.69
CA ALA A 180 3.91 59.22 65.72
C ALA A 180 3.95 58.21 66.84
N VAL A 181 3.41 58.59 68.00
CA VAL A 181 3.44 57.74 69.18
C VAL A 181 2.06 57.20 69.54
N VAL A 182 0.98 57.85 69.13
CA VAL A 182 -0.36 57.43 69.48
C VAL A 182 -0.93 56.62 68.33
N GLU A 183 -0.04 56.14 67.46
CA GLU A 183 -0.50 55.45 66.25
C GLU A 183 -1.27 54.18 66.54
N PRO A 184 -0.80 53.25 67.39
CA PRO A 184 -1.56 52.00 67.57
C PRO A 184 -2.97 52.17 68.10
N TYR A 185 -3.35 53.36 68.55
CA TYR A 185 -4.73 53.58 68.96
C TYR A 185 -5.63 53.88 67.75
N ASN A 186 -5.36 54.99 67.07
CA ASN A 186 -6.17 55.39 65.94
C ASN A 186 -5.94 54.55 64.70
N SER A 187 -5.02 53.60 64.76
CA SER A 187 -4.90 52.60 63.70
C SER A 187 -5.78 51.39 63.99
N ILE A 188 -5.78 50.93 65.23
CA ILE A 188 -6.64 49.81 65.61
C ILE A 188 -8.10 50.20 65.49
N LEU A 189 -8.45 51.42 65.90
CA LEU A 189 -9.84 51.85 65.78
C LEU A 189 -10.28 51.88 64.32
N SER A 190 -9.42 52.41 63.43
CA SER A 190 -9.76 52.44 62.02
C SER A 190 -9.85 51.04 61.43
N THR A 191 -8.97 50.13 61.86
CA THR A 191 -9.02 48.77 61.34
C THR A 191 -10.30 48.07 61.80
N HIS A 192 -10.74 48.33 63.02
CA HIS A 192 -11.99 47.73 63.47
C HIS A 192 -13.20 48.34 62.76
N SER A 193 -13.16 49.63 62.46
CA SER A 193 -14.26 50.25 61.75
C SER A 193 -14.21 50.03 60.24
N LEU A 194 -13.11 49.45 59.74
CA LEU A 194 -12.92 49.18 58.32
C LEU A 194 -13.11 47.71 57.99
N LEU A 195 -13.42 46.88 59.00
CA LEU A 195 -13.38 45.43 58.82
C LEU A 195 -14.38 44.97 57.75
N GLU A 196 -15.58 45.53 57.76
CA GLU A 196 -16.65 45.03 56.91
C GLU A 196 -17.02 45.97 55.76
N HIS A 197 -17.00 47.28 55.98
CA HIS A 197 -17.47 48.20 54.95
C HIS A 197 -16.58 48.25 53.73
N THR A 198 -15.30 47.91 53.86
CA THR A 198 -14.35 47.95 52.76
C THR A 198 -14.09 46.53 52.27
N ASP A 199 -14.21 46.33 50.97
CA ASP A 199 -14.03 45.01 50.37
C ASP A 199 -12.58 44.69 50.06
N VAL A 200 -11.73 45.70 49.91
CA VAL A 200 -10.34 45.51 49.51
C VAL A 200 -9.48 46.52 50.27
N ALA A 201 -8.59 46.03 51.11
CA ALA A 201 -7.59 46.85 51.80
C ALA A 201 -6.22 46.46 51.27
N VAL A 202 -5.47 47.43 50.79
CA VAL A 202 -4.16 47.21 50.19
C VAL A 202 -3.14 47.89 51.09
N MET A 203 -2.52 47.12 51.98
CA MET A 203 -1.64 47.69 52.99
C MET A 203 -0.37 48.22 52.35
N LEU A 204 -0.18 49.53 52.41
CA LEU A 204 1.05 50.18 51.97
C LEU A 204 1.80 50.69 53.19
N ASP A 205 3.12 50.53 53.20
CA ASP A 205 3.96 50.92 54.32
C ASP A 205 5.20 51.63 53.82
N ASN A 206 5.44 52.82 54.38
CA ASN A 206 6.53 53.67 53.94
C ASN A 206 7.91 53.13 54.32
N GLU A 207 7.98 51.98 54.95
CA GLU A 207 9.27 51.39 55.31
C GLU A 207 9.86 50.56 54.18
N ALA A 208 9.05 49.72 53.54
CA ALA A 208 9.56 48.89 52.46
C ALA A 208 9.92 49.73 51.24
N ILE A 209 9.13 50.77 50.96
CA ILE A 209 9.38 51.59 49.78
C ILE A 209 10.62 52.46 49.98
N TYR A 210 10.89 52.89 51.22
CA TYR A 210 12.16 53.54 51.51
C TYR A 210 13.32 52.60 51.21
N ASP A 211 13.22 51.35 51.65
CA ASP A 211 14.22 50.35 51.33
C ASP A 211 14.45 50.26 49.83
N ILE A 212 13.35 50.09 49.08
CA ILE A 212 13.46 49.94 47.62
C ILE A 212 14.15 51.15 47.02
N CYS A 213 13.61 52.35 47.26
CA CYS A 213 14.23 53.57 46.75
C CYS A 213 15.70 53.65 47.13
N ARG A 214 16.08 53.06 48.25
CA ARG A 214 17.48 53.07 48.63
C ARG A 214 18.30 52.10 47.77
N ARG A 215 17.76 50.91 47.49
CA ARG A 215 18.54 49.90 46.79
C ARG A 215 18.33 49.92 45.28
N ASN A 216 17.09 49.75 44.81
CA ASN A 216 16.86 49.55 43.39
C ASN A 216 16.87 50.87 42.63
N LEU A 217 16.22 51.90 43.17
CA LEU A 217 16.19 53.19 42.50
C LEU A 217 17.45 54.02 42.74
N ASP A 218 18.37 53.52 43.58
CA ASP A 218 19.69 54.12 43.78
C ASP A 218 19.65 55.53 44.35
N ILE A 219 18.47 56.04 44.67
CA ILE A 219 18.38 57.34 45.33
C ILE A 219 18.57 57.11 46.83
N GLU A 220 19.65 57.67 47.37
CA GLU A 220 20.01 57.41 48.76
C GLU A 220 19.20 58.28 49.73
N ARG A 221 18.72 59.43 49.26
CA ARG A 221 18.01 60.40 50.09
C ARG A 221 16.60 60.59 49.55
N PRO A 222 15.72 59.62 49.70
CA PRO A 222 14.38 59.71 49.12
C PRO A 222 13.50 60.65 49.95
N THR A 223 12.28 60.83 49.46
CA THR A 223 11.32 61.75 50.06
C THR A 223 9.95 61.34 49.58
N TYR A 224 8.92 61.70 50.36
CA TYR A 224 7.55 61.30 50.04
C TYR A 224 7.16 61.62 48.61
N THR A 225 7.87 62.53 47.94
CA THR A 225 7.61 62.79 46.53
C THR A 225 7.81 61.53 45.69
N ASN A 226 8.97 60.89 45.83
CA ASN A 226 9.26 59.70 45.05
C ASN A 226 8.37 58.53 45.47
N LEU A 227 8.19 58.36 46.77
CA LEU A 227 7.21 57.42 47.31
C LEU A 227 5.88 57.54 46.60
N ASN A 228 5.34 58.76 46.53
CA ASN A 228 4.02 58.96 45.94
C ASN A 228 4.04 58.79 44.43
N ARG A 229 5.16 59.14 43.78
CA ARG A 229 5.30 58.79 42.36
C ARG A 229 5.11 57.30 42.15
N LEU A 230 5.75 56.49 42.98
CA LEU A 230 5.65 55.05 42.82
C LEU A 230 4.23 54.55 43.13
N ILE A 231 3.59 55.14 44.15
CA ILE A 231 2.22 54.75 44.47
C ILE A 231 1.29 55.09 43.31
N ALA A 232 1.48 56.25 42.70
CA ALA A 232 0.70 56.62 41.54
C ALA A 232 0.93 55.66 40.39
N GLN A 233 2.19 55.22 40.21
CA GLN A 233 2.46 54.24 39.16
C GLN A 233 1.70 52.95 39.41
N VAL A 234 1.65 52.50 40.67
CA VAL A 234 0.91 51.28 40.98
C VAL A 234 -0.57 51.46 40.69
N ILE A 235 -1.13 52.60 41.12
CA ILE A 235 -2.55 52.86 40.88
C ILE A 235 -2.86 52.83 39.39
N SER A 236 -2.01 53.47 38.58
CA SER A 236 -2.27 53.54 37.15
C SER A 236 -2.10 52.18 36.49
N SER A 237 -1.09 51.42 36.91
CA SER A 237 -0.92 50.08 36.36
C SER A 237 -2.05 49.14 36.77
N LEU A 238 -2.77 49.47 37.84
CA LEU A 238 -3.93 48.68 38.20
C LEU A 238 -5.17 49.11 37.43
N THR A 239 -5.32 50.40 37.17
CA THR A 239 -6.51 50.91 36.52
C THR A 239 -6.42 50.89 34.99
N ALA A 240 -5.25 50.60 34.43
CA ALA A 240 -5.11 50.52 32.98
C ALA A 240 -6.09 49.54 32.37
N SER A 241 -6.55 48.55 33.14
CA SER A 241 -7.51 47.58 32.62
C SER A 241 -8.79 48.28 32.16
N LEU A 242 -9.42 49.03 33.05
CA LEU A 242 -10.58 49.83 32.67
C LEU A 242 -10.19 50.88 31.64
N ARG A 243 -9.12 51.63 31.91
CA ARG A 243 -8.83 52.83 31.12
C ARG A 243 -8.61 52.49 29.65
N PHE A 244 -7.56 51.74 29.35
CA PHE A 244 -7.16 51.49 27.98
C PHE A 244 -7.44 50.03 27.59
N ASP A 245 -7.10 49.69 26.36
CA ASP A 245 -7.39 48.39 25.80
C ASP A 245 -6.42 47.33 26.33
N GLY A 246 -6.89 46.08 26.32
CA GLY A 246 -6.06 44.95 26.71
C GLY A 246 -6.63 43.63 26.27
N ALA A 247 -5.76 42.71 25.83
CA ALA A 247 -6.22 41.42 25.33
C ALA A 247 -6.96 40.61 26.39
N LEU A 248 -6.80 40.94 27.67
CA LEU A 248 -7.54 40.26 28.73
C LEU A 248 -7.71 41.26 29.87
N ASN A 249 -8.86 41.91 29.90
CA ASN A 249 -9.12 42.98 30.85
C ASN A 249 -9.86 42.46 32.08
N VAL A 250 -9.75 43.22 33.16
CA VAL A 250 -10.47 42.94 34.40
C VAL A 250 -11.16 44.22 34.86
N ASP A 251 -12.41 44.08 35.28
CA ASP A 251 -13.16 45.17 35.89
C ASP A 251 -13.04 45.06 37.40
N ILE A 252 -12.77 46.19 38.07
CA ILE A 252 -12.34 46.17 39.46
C ILE A 252 -13.24 45.30 40.33
N THR A 253 -14.50 45.12 39.93
CA THR A 253 -15.35 44.14 40.60
C THR A 253 -14.78 42.73 40.47
N GLU A 254 -13.73 42.55 39.66
CA GLU A 254 -12.97 41.31 39.68
C GLU A 254 -12.36 41.07 41.05
N PHE A 255 -11.60 42.05 41.54
CA PHE A 255 -10.86 41.87 42.80
C PHE A 255 -11.82 41.56 43.95
N GLN A 256 -13.01 42.17 43.93
CA GLN A 256 -13.98 41.96 44.99
C GLN A 256 -14.40 40.49 45.12
N THR A 257 -14.20 39.66 44.10
CA THR A 257 -14.63 38.28 44.17
C THR A 257 -13.51 37.27 43.96
N ASN A 258 -12.36 37.68 43.43
CA ASN A 258 -11.26 36.74 43.29
C ASN A 258 -10.45 36.61 44.57
N LEU A 259 -10.41 37.66 45.38
CA LEU A 259 -9.42 37.75 46.45
C LEU A 259 -10.03 37.87 47.84
N VAL A 260 -11.35 37.69 47.97
CA VAL A 260 -11.98 37.79 49.28
C VAL A 260 -12.64 36.47 49.62
N PRO A 261 -11.86 35.44 49.98
CA PRO A 261 -12.44 34.12 50.23
C PRO A 261 -13.49 34.14 51.31
N TYR A 262 -13.11 34.62 52.47
CA TYR A 262 -14.04 34.67 53.58
C TYR A 262 -14.45 36.11 53.85
N PRO A 263 -15.67 36.34 54.34
CA PRO A 263 -16.23 37.71 54.30
C PRO A 263 -15.42 38.72 55.09
N ARG A 264 -14.74 38.30 56.16
CA ARG A 264 -14.05 39.26 56.98
C ARG A 264 -12.63 39.54 56.50
N ILE A 265 -11.91 38.53 56.04
CA ILE A 265 -10.49 38.68 55.72
C ILE A 265 -10.35 39.17 54.28
N HIS A 266 -9.85 40.40 54.12
CA HIS A 266 -9.56 40.93 52.80
C HIS A 266 -8.30 41.78 52.75
N PHE A 267 -7.46 41.76 53.78
CA PHE A 267 -6.29 42.63 53.84
C PHE A 267 -5.16 42.02 53.03
N MET A 268 -4.80 42.67 51.93
CA MET A 268 -3.81 42.16 50.99
C MET A 268 -2.65 43.14 50.86
N LEU A 269 -1.60 42.70 50.16
CA LEU A 269 -0.42 43.52 49.94
C LEU A 269 -0.11 43.59 48.45
N SER A 270 0.44 44.72 48.03
CA SER A 270 0.69 44.97 46.63
C SER A 270 2.18 44.90 46.32
N SER A 271 2.48 44.81 45.04
CA SER A 271 3.87 44.78 44.56
C SER A 271 3.87 45.20 43.10
N TYR A 272 5.05 45.63 42.65
CA TYR A 272 5.20 46.17 41.30
C TYR A 272 6.55 45.74 40.75
N ALA A 273 6.64 45.61 39.43
CA ALA A 273 7.91 45.31 38.81
C ALA A 273 7.85 45.78 37.36
N PRO A 274 8.98 46.19 36.78
CA PRO A 274 10.26 46.35 37.43
C PRO A 274 10.54 47.80 37.83
N ILE A 275 10.70 48.05 39.13
CA ILE A 275 11.06 49.37 39.63
C ILE A 275 12.58 49.41 39.69
N ILE A 276 13.18 49.81 38.58
CA ILE A 276 14.62 49.75 38.38
C ILE A 276 15.08 51.07 37.78
N SER A 277 16.26 51.53 38.19
CA SER A 277 16.83 52.77 37.67
C SER A 277 17.21 52.64 36.20
N ALA A 278 17.72 53.71 35.60
CA ALA A 278 18.12 53.67 34.20
C ALA A 278 19.25 52.66 33.99
N GLU A 279 20.35 52.81 34.72
CA GLU A 279 21.50 51.94 34.53
C GLU A 279 21.18 50.49 34.86
N LYS A 280 20.70 50.24 36.07
CA LYS A 280 20.44 48.88 36.52
C LYS A 280 19.45 48.14 35.63
N ALA A 281 18.77 48.83 34.70
CA ALA A 281 17.95 48.19 33.70
C ALA A 281 18.60 48.19 32.32
N TYR A 282 19.53 49.11 32.07
CA TYR A 282 20.19 49.15 30.77
C TYR A 282 21.01 47.89 30.53
N HIS A 283 21.60 47.33 31.57
CA HIS A 283 22.31 46.05 31.47
C HIS A 283 21.39 44.88 31.79
N GLU A 284 20.23 44.80 31.15
CA GLU A 284 19.25 43.79 31.55
C GLU A 284 18.36 43.43 30.38
N GLN A 285 18.26 42.13 30.10
CA GLN A 285 17.31 41.65 29.11
C GLN A 285 15.88 41.92 29.55
N LEU A 286 15.55 41.52 30.78
CA LEU A 286 14.29 41.89 31.44
C LEU A 286 13.07 41.41 30.67
N SER A 287 12.96 40.09 30.55
CA SER A 287 11.80 39.48 29.91
C SER A 287 10.76 39.12 30.97
N VAL A 288 9.67 38.49 30.52
CA VAL A 288 8.58 38.15 31.42
C VAL A 288 9.04 37.18 32.51
N ALA A 289 9.94 36.26 32.16
CA ALA A 289 10.44 35.29 33.13
C ALA A 289 11.07 35.98 34.33
N GLU A 290 12.12 36.77 34.09
CA GLU A 290 12.78 37.46 35.19
C GLU A 290 11.84 38.42 35.88
N ILE A 291 10.97 39.08 35.11
CA ILE A 291 10.11 40.11 35.70
C ILE A 291 9.13 39.48 36.69
N THR A 292 8.65 38.27 36.40
CA THR A 292 7.71 37.66 37.33
C THR A 292 8.42 36.89 38.43
N ASN A 293 9.61 36.35 38.16
CA ASN A 293 10.37 35.73 39.24
C ASN A 293 10.89 36.77 40.22
N SER A 294 10.96 38.03 39.80
CA SER A 294 11.26 39.11 40.73
C SER A 294 10.00 39.69 41.35
N ALA A 295 8.87 39.61 40.65
CA ALA A 295 7.62 40.14 41.20
C ALA A 295 7.25 39.43 42.50
N PHE A 296 7.48 38.12 42.59
CA PHE A 296 7.17 37.37 43.79
C PHE A 296 8.16 37.61 44.92
N GLU A 297 9.25 38.32 44.67
CA GLU A 297 10.32 38.45 45.64
C GLU A 297 9.82 39.14 46.91
N PRO A 298 9.93 38.50 48.08
CA PRO A 298 9.47 39.15 49.31
C PRO A 298 10.20 40.43 49.65
N ALA A 299 11.40 40.65 49.11
CA ALA A 299 12.18 41.81 49.48
C ALA A 299 11.54 43.10 48.99
N ASN A 300 11.03 43.11 47.77
CA ASN A 300 10.52 44.33 47.16
C ASN A 300 9.00 44.42 47.16
N MET A 301 8.36 43.90 48.20
CA MET A 301 6.92 44.07 48.37
C MET A 301 6.62 45.47 48.92
N MET A 302 5.55 46.08 48.43
CA MET A 302 5.17 47.40 48.91
C MET A 302 4.90 47.38 50.41
N ALA A 303 4.13 46.39 50.88
CA ALA A 303 3.94 46.22 52.30
C ALA A 303 5.21 45.64 52.91
N LYS A 304 5.15 45.33 54.21
CA LYS A 304 6.29 44.78 54.93
C LYS A 304 5.86 43.50 55.62
N CYS A 305 6.45 42.39 55.21
CA CYS A 305 6.17 41.07 55.77
C CYS A 305 7.19 40.09 55.20
N ASP A 306 7.05 38.81 55.56
CA ASP A 306 7.93 37.75 55.09
C ASP A 306 7.09 36.65 54.48
N PRO A 307 6.65 36.83 53.22
CA PRO A 307 5.80 35.81 52.58
C PRO A 307 6.44 34.44 52.56
N ARG A 308 7.77 34.34 52.63
CA ARG A 308 8.40 33.03 52.71
C ARG A 308 8.08 32.31 54.01
N HIS A 309 7.56 33.02 55.01
CA HIS A 309 7.19 32.43 56.28
C HIS A 309 5.69 32.20 56.39
N GLY A 310 4.94 32.40 55.31
CA GLY A 310 3.50 32.19 55.31
C GLY A 310 3.05 31.56 54.01
N LYS A 311 1.76 31.25 53.96
CA LYS A 311 1.14 30.67 52.79
C LYS A 311 0.48 31.76 51.96
N TYR A 312 0.30 31.48 50.68
CA TYR A 312 -0.46 32.37 49.81
C TYR A 312 -1.88 31.86 49.67
N MET A 313 -2.80 32.78 49.39
CA MET A 313 -4.19 32.44 49.23
C MET A 313 -4.77 32.85 47.90
N ALA A 314 -4.37 34.00 47.37
CA ALA A 314 -4.78 34.41 46.03
C ALA A 314 -3.80 35.45 45.52
N CYS A 315 -3.58 35.46 44.22
CA CYS A 315 -2.55 36.33 43.64
C CYS A 315 -3.02 36.80 42.28
N SER A 316 -3.42 38.07 42.20
CA SER A 316 -3.75 38.68 40.92
C SER A 316 -2.51 39.36 40.35
N MET A 317 -2.36 39.29 39.04
CA MET A 317 -1.20 39.85 38.34
C MET A 317 -1.68 40.50 37.05
N MET A 318 -1.60 41.83 37.00
CA MET A 318 -1.96 42.58 35.80
C MET A 318 -0.68 42.97 35.07
N TYR A 319 -0.53 42.47 33.85
CA TYR A 319 0.60 42.80 33.00
C TYR A 319 0.22 43.96 32.09
N ARG A 320 1.20 44.79 31.78
CA ARG A 320 0.99 45.91 30.88
C ARG A 320 2.23 46.08 30.02
N GLY A 321 2.01 46.50 28.78
CA GLY A 321 3.06 46.60 27.78
C GLY A 321 2.97 45.49 26.77
N ASP A 322 3.91 45.52 25.83
CA ASP A 322 3.99 44.49 24.80
C ASP A 322 4.43 43.20 25.45
N VAL A 323 3.47 42.33 25.75
CA VAL A 323 3.71 41.08 26.48
C VAL A 323 3.24 39.92 25.62
N VAL A 324 4.05 38.86 25.58
CA VAL A 324 3.71 37.64 24.85
C VAL A 324 3.04 36.67 25.83
N PRO A 325 1.86 36.15 25.52
CA PRO A 325 1.14 35.33 26.51
C PRO A 325 1.79 33.99 26.80
N LYS A 326 2.47 33.38 25.83
CA LYS A 326 3.10 32.09 26.07
C LYS A 326 4.10 32.17 27.22
N ASP A 327 4.92 33.22 27.22
CA ASP A 327 5.85 33.41 28.32
C ASP A 327 5.12 33.63 29.63
N VAL A 328 3.99 34.33 29.61
CA VAL A 328 3.20 34.50 30.83
C VAL A 328 2.80 33.14 31.39
N ASN A 329 2.22 32.29 30.54
CA ASN A 329 1.77 30.98 30.98
C ASN A 329 2.93 30.15 31.53
N ALA A 330 4.02 30.07 30.76
CA ALA A 330 5.16 29.26 31.19
C ALA A 330 5.75 29.79 32.50
N SER A 331 5.82 31.11 32.64
CA SER A 331 6.42 31.69 33.83
C SER A 331 5.57 31.43 35.07
N ILE A 332 4.24 31.56 34.95
CA ILE A 332 3.40 31.25 36.09
C ILE A 332 3.49 29.76 36.42
N ALA A 333 3.63 28.90 35.41
CA ALA A 333 3.83 27.49 35.68
C ALA A 333 5.08 27.26 36.52
N THR A 334 6.23 27.77 36.06
CA THR A 334 7.47 27.54 36.78
C THR A 334 7.47 28.21 38.15
N ILE A 335 6.72 29.30 38.32
CA ILE A 335 6.68 29.94 39.62
C ILE A 335 5.75 29.22 40.58
N LYS A 336 4.73 28.51 40.07
CA LYS A 336 3.97 27.61 40.93
C LYS A 336 4.71 26.32 41.18
N THR A 337 5.75 26.02 40.38
CA THR A 337 6.55 24.83 40.62
C THR A 337 7.34 24.94 41.92
N LYS A 338 7.77 26.14 42.30
CA LYS A 338 8.63 26.31 43.47
C LYS A 338 7.98 25.76 44.72
N ARG A 339 8.82 25.25 45.63
CA ARG A 339 8.35 24.71 46.89
C ARG A 339 8.32 25.73 48.02
N THR A 340 9.19 26.75 47.95
CA THR A 340 9.18 27.78 48.98
C THR A 340 7.92 28.62 48.93
N ILE A 341 7.32 28.77 47.75
CA ILE A 341 6.07 29.48 47.57
C ILE A 341 4.98 28.42 47.47
N GLN A 342 4.15 28.32 48.50
CA GLN A 342 3.10 27.31 48.56
C GLN A 342 1.77 27.97 48.88
N PHE A 343 0.69 27.35 48.39
CA PHE A 343 -0.66 27.83 48.63
C PHE A 343 -1.35 26.95 49.65
N VAL A 344 -2.55 27.36 50.04
CA VAL A 344 -3.32 26.65 51.04
C VAL A 344 -4.14 25.57 50.34
N ASP A 345 -4.61 24.60 51.11
CA ASP A 345 -5.33 23.46 50.53
C ASP A 345 -6.58 23.91 49.78
N TRP A 346 -7.34 24.85 50.35
CA TRP A 346 -8.64 25.19 49.80
C TRP A 346 -8.57 26.11 48.60
N CYS A 347 -7.43 26.27 47.95
CA CYS A 347 -7.32 27.11 46.76
C CYS A 347 -6.23 26.55 45.86
N PRO A 348 -6.58 25.61 44.98
CA PRO A 348 -5.57 25.05 44.08
C PRO A 348 -5.25 25.94 42.89
N THR A 349 -6.26 26.67 42.40
CA THR A 349 -6.09 27.56 41.24
C THR A 349 -5.73 28.96 41.71
N GLY A 350 -4.65 29.03 42.48
CA GLY A 350 -4.26 30.27 43.11
C GLY A 350 -3.52 31.24 42.20
N PHE A 351 -4.17 31.64 41.11
CA PHE A 351 -3.59 32.63 40.21
C PHE A 351 -4.68 33.35 39.44
N LYS A 352 -4.45 34.64 39.20
CA LYS A 352 -5.31 35.45 38.37
C LYS A 352 -4.43 36.35 37.51
N VAL A 353 -4.79 36.52 36.25
CA VAL A 353 -3.98 37.30 35.33
C VAL A 353 -4.84 38.25 34.53
N GLY A 354 -4.24 39.36 34.14
CA GLY A 354 -4.87 40.29 33.22
C GLY A 354 -3.80 40.87 32.32
N ILE A 355 -4.22 41.33 31.14
CA ILE A 355 -3.29 41.83 30.13
C ILE A 355 -3.82 43.16 29.61
N ASN A 356 -2.95 44.17 29.58
CA ASN A 356 -3.28 45.45 28.96
C ASN A 356 -2.19 45.81 27.97
N TYR A 357 -2.60 46.26 26.78
CA TYR A 357 -1.64 46.57 25.74
C TYR A 357 -0.94 47.91 25.92
N GLN A 358 -1.23 48.63 27.00
CA GLN A 358 -0.63 49.94 27.20
C GLN A 358 0.68 49.84 27.95
N PRO A 359 1.82 50.12 27.33
CA PRO A 359 3.08 50.11 28.05
C PRO A 359 3.09 51.16 29.14
N PRO A 360 3.92 51.00 30.17
CA PRO A 360 3.92 51.96 31.27
C PRO A 360 4.35 53.33 30.80
N THR A 361 3.67 54.36 31.31
CA THR A 361 4.02 55.73 31.05
C THR A 361 4.99 56.22 32.10
N VAL A 362 6.00 56.96 31.67
CA VAL A 362 6.99 57.49 32.59
C VAL A 362 6.58 58.90 32.98
N VAL A 363 6.87 59.28 34.21
CA VAL A 363 6.59 60.62 34.70
C VAL A 363 7.75 61.51 34.29
N PRO A 364 7.52 62.57 33.51
CA PRO A 364 8.64 63.45 33.11
C PRO A 364 9.32 64.04 34.32
N GLY A 365 10.58 63.68 34.51
CA GLY A 365 11.31 64.06 35.70
C GLY A 365 11.24 63.06 36.83
N GLY A 366 10.88 61.81 36.54
CA GLY A 366 10.78 60.78 37.55
C GLY A 366 12.01 59.90 37.59
N ASP A 367 12.29 59.37 38.79
CA ASP A 367 13.45 58.50 38.96
C ASP A 367 13.25 57.15 38.27
N LEU A 368 11.99 56.71 38.15
CA LEU A 368 11.71 55.41 37.54
C LEU A 368 12.09 55.42 36.07
N ALA A 369 12.62 54.29 35.59
CA ALA A 369 13.08 54.19 34.22
C ALA A 369 11.99 53.61 33.32
N LYS A 370 12.04 53.96 32.05
CA LYS A 370 11.04 53.51 31.09
C LYS A 370 11.34 52.10 30.63
N VAL A 371 10.32 51.24 30.62
CA VAL A 371 10.45 49.86 30.20
C VAL A 371 9.14 49.42 29.56
N MET A 372 9.23 48.43 28.67
CA MET A 372 8.05 48.03 27.91
C MET A 372 7.12 47.13 28.72
N ARG A 373 7.65 46.11 29.37
CA ARG A 373 6.84 45.14 30.10
C ARG A 373 6.84 45.48 31.58
N ALA A 374 5.67 45.44 32.21
CA ALA A 374 5.56 45.66 33.64
C ALA A 374 4.44 44.80 34.21
N VAL A 375 4.57 44.44 35.48
CA VAL A 375 3.58 43.65 36.18
C VAL A 375 3.21 44.34 37.49
N CYS A 376 1.94 44.24 37.85
CA CYS A 376 1.44 44.72 39.14
C CYS A 376 0.72 43.58 39.82
N MET A 377 1.15 43.27 41.04
CA MET A 377 0.67 42.09 41.76
C MET A 377 -0.11 42.51 42.99
N ILE A 378 -1.29 41.92 43.16
CA ILE A 378 -2.12 42.12 44.34
C ILE A 378 -2.27 40.76 44.98
N SER A 379 -1.65 40.57 46.15
CA SER A 379 -1.56 39.26 46.78
C SER A 379 -2.34 39.27 48.08
N ASN A 380 -3.38 38.43 48.15
CA ASN A 380 -4.03 38.09 49.41
C ASN A 380 -3.25 36.92 49.98
N SER A 381 -2.39 37.18 50.94
CA SER A 381 -1.60 36.17 51.63
C SER A 381 -2.12 35.99 53.06
N THR A 382 -1.43 35.15 53.81
CA THR A 382 -1.76 34.92 55.21
C THR A 382 -0.61 35.23 56.15
N ALA A 383 0.55 35.63 55.63
CA ALA A 383 1.64 36.04 56.50
C ALA A 383 1.43 37.44 57.05
N ILE A 384 0.79 38.31 56.26
CA ILE A 384 0.50 39.68 56.71
C ILE A 384 -0.25 39.68 58.03
N ALA A 385 -0.91 38.56 58.37
CA ALA A 385 -1.51 38.38 59.68
C ALA A 385 -0.60 38.87 60.80
N GLU A 386 0.64 38.38 60.82
CA GLU A 386 1.55 38.71 61.91
C GLU A 386 1.69 40.21 62.09
N VAL A 387 1.64 40.98 61.00
CA VAL A 387 1.72 42.43 61.10
C VAL A 387 0.70 42.94 62.12
N PHE A 388 -0.57 42.60 61.90
CA PHE A 388 -1.61 42.98 62.86
C PHE A 388 -1.18 42.61 64.27
N SER A 389 -0.80 41.35 64.49
CA SER A 389 -0.31 40.93 65.79
C SER A 389 0.74 41.89 66.32
N ARG A 390 1.81 42.09 65.55
CA ARG A 390 2.85 43.02 65.96
C ARG A 390 2.25 44.37 66.32
N LEU A 391 1.41 44.90 65.42
CA LEU A 391 0.75 46.18 65.71
C LEU A 391 -0.10 46.05 66.97
N ASP A 392 -0.94 45.02 67.02
CA ASP A 392 -1.72 44.75 68.22
C ASP A 392 -0.80 44.68 69.44
N HIS A 393 0.38 44.08 69.27
CA HIS A 393 1.36 44.03 70.33
C HIS A 393 1.55 45.41 70.95
N LYS A 394 1.93 46.39 70.11
CA LYS A 394 2.11 47.75 70.59
C LYS A 394 0.91 48.21 71.39
N PHE A 395 -0.30 47.96 70.87
CA PHE A 395 -1.51 48.39 71.54
C PHE A 395 -1.52 47.98 73.00
N ASP A 396 -1.20 46.70 73.25
CA ASP A 396 -1.25 46.23 74.64
C ASP A 396 -0.28 47.02 75.51
N LEU A 397 0.95 47.23 75.03
CA LEU A 397 1.93 47.95 75.82
C LEU A 397 1.50 49.39 76.09
N MET A 398 0.44 49.87 75.45
CA MET A 398 -0.13 51.15 75.79
C MET A 398 -1.42 51.03 76.61
N TYR A 399 -2.21 50.00 76.34
CA TYR A 399 -3.46 49.83 77.07
C TYR A 399 -3.26 49.18 78.42
N ALA A 400 -2.06 48.68 78.71
CA ALA A 400 -1.78 48.10 80.01
C ALA A 400 -1.86 49.13 81.13
N LYS A 401 -1.73 50.42 80.80
CA LYS A 401 -1.77 51.47 81.80
C LYS A 401 -2.69 52.62 81.39
N ARG A 402 -3.58 52.39 80.42
CA ARG A 402 -4.55 53.39 79.97
C ARG A 402 -3.85 54.69 79.55
N ALA A 403 -2.74 54.56 78.86
CA ALA A 403 -2.00 55.72 78.40
C ALA A 403 -2.79 56.47 77.32
N PHE A 404 -2.71 57.80 77.36
CA PHE A 404 -3.27 58.69 76.35
C PHE A 404 -4.79 58.57 76.20
N VAL A 405 -5.47 57.86 77.10
CA VAL A 405 -6.90 57.63 76.90
C VAL A 405 -7.73 58.87 77.15
N HIS A 406 -7.25 59.82 77.97
CA HIS A 406 -8.10 60.97 78.29
C HIS A 406 -8.30 61.87 77.09
N TRP A 407 -7.30 62.00 76.21
CA TRP A 407 -7.50 62.75 74.98
C TRP A 407 -8.57 62.13 74.08
N TYR A 408 -8.94 60.87 74.33
CA TYR A 408 -10.00 60.22 73.59
C TYR A 408 -11.34 60.27 74.31
N VAL A 409 -11.36 59.98 75.62
CA VAL A 409 -12.61 60.04 76.36
C VAL A 409 -13.11 61.46 76.48
N GLY A 410 -12.23 62.46 76.29
CA GLY A 410 -12.67 63.85 76.34
C GLY A 410 -13.52 64.26 75.17
N GLU A 411 -13.43 63.55 74.05
CA GLU A 411 -14.16 63.89 72.83
C GLU A 411 -15.37 63.00 72.60
N GLY A 412 -16.05 62.61 73.68
CA GLY A 412 -17.27 61.83 73.58
C GLY A 412 -17.09 60.35 73.28
N MET A 413 -15.90 59.93 72.87
CA MET A 413 -15.68 58.52 72.57
C MET A 413 -15.80 57.69 73.84
N GLU A 414 -16.75 56.75 73.84
CA GLU A 414 -16.85 55.80 74.95
C GLU A 414 -15.57 54.99 75.05
N GLU A 415 -15.01 54.93 76.27
CA GLU A 415 -13.73 54.26 76.47
C GLU A 415 -13.81 52.80 76.06
N GLY A 416 -14.87 52.10 76.50
CA GLY A 416 -14.96 50.67 76.26
C GLY A 416 -14.72 50.27 74.82
N GLU A 417 -15.04 51.17 73.88
CA GLU A 417 -14.78 50.94 72.47
C GLU A 417 -13.40 50.34 72.25
N PHE A 418 -12.36 51.00 72.79
CA PHE A 418 -11.00 50.49 72.69
C PHE A 418 -10.97 49.00 72.96
N SER A 419 -11.37 48.62 74.17
CA SER A 419 -11.40 47.21 74.57
C SER A 419 -11.98 46.37 73.46
N GLU A 420 -13.22 46.65 73.09
CA GLU A 420 -13.90 45.88 72.05
C GLU A 420 -12.97 45.71 70.84
N ALA A 421 -12.58 46.82 70.23
CA ALA A 421 -11.72 46.75 69.05
C ALA A 421 -10.50 45.89 69.35
N ARG A 422 -9.78 46.23 70.43
CA ARG A 422 -8.55 45.53 70.75
C ARG A 422 -8.81 44.03 70.89
N GLU A 423 -9.94 43.66 71.47
CA GLU A 423 -10.23 42.24 71.57
C GLU A 423 -10.81 41.72 70.26
N ASP A 424 -11.71 42.49 69.63
CA ASP A 424 -12.37 41.98 68.43
C ASP A 424 -11.37 41.81 67.29
N LEU A 425 -10.47 42.78 67.13
CA LEU A 425 -9.38 42.60 66.17
C LEU A 425 -8.57 41.35 66.50
N ALA A 426 -8.35 41.09 67.79
CA ALA A 426 -7.66 39.87 68.17
C ALA A 426 -8.47 38.65 67.76
N ALA A 427 -9.80 38.74 67.83
CA ALA A 427 -10.64 37.67 67.34
C ALA A 427 -10.48 37.47 65.84
N LEU A 428 -10.11 38.53 65.12
CA LEU A 428 -9.75 38.38 63.71
C LEU A 428 -8.68 37.32 63.53
N GLU A 429 -7.75 37.23 64.49
CA GLU A 429 -6.71 36.21 64.42
C GLU A 429 -7.32 34.82 64.32
N LYS A 430 -8.42 34.58 65.05
CA LYS A 430 -9.12 33.30 64.98
C LYS A 430 -9.34 32.86 63.55
N ASP A 431 -9.54 33.80 62.63
CA ASP A 431 -9.65 33.45 61.22
C ASP A 431 -8.29 33.07 60.63
N TYR A 432 -7.33 33.98 60.70
CA TYR A 432 -6.06 33.78 60.01
C TYR A 432 -5.37 32.48 60.43
N GLU A 433 -5.01 32.36 61.72
CA GLU A 433 -4.36 31.14 62.18
C GLU A 433 -5.20 29.90 61.97
N GLU A 434 -6.49 30.05 61.61
CA GLU A 434 -7.29 28.88 61.21
C GLU A 434 -7.12 28.58 59.72
N VAL A 435 -7.23 29.61 58.88
CA VAL A 435 -7.20 29.36 57.44
C VAL A 435 -5.82 28.89 56.98
N GLY A 436 -4.77 29.18 57.74
CA GLY A 436 -3.46 28.65 57.43
C GLY A 436 -3.33 27.16 57.69
N ILE A 437 -4.33 26.55 58.31
CA ILE A 437 -4.31 25.12 58.60
C ILE A 437 -5.04 24.39 57.47
N GLU A 438 -4.40 23.35 56.94
CA GLU A 438 -5.00 22.57 55.87
C GLU A 438 -6.22 21.82 56.37
N THR A 439 -6.99 21.29 55.43
CA THR A 439 -8.19 20.53 55.74
C THR A 439 -7.87 19.29 56.58
N MET B 1 -8.81 80.93 61.96
CA MET B 1 -8.18 79.72 61.44
C MET B 1 -6.85 79.44 62.12
N ARG B 2 -6.91 78.88 63.32
CA ARG B 2 -5.73 78.50 64.09
C ARG B 2 -4.84 79.71 64.36
N GLU B 3 -5.38 80.64 65.13
CA GLU B 3 -4.64 81.81 65.59
C GLU B 3 -4.18 81.63 67.03
N ILE B 4 -3.26 82.51 67.46
CA ILE B 4 -2.60 82.38 68.74
C ILE B 4 -2.42 83.77 69.34
N VAL B 5 -3.08 84.03 70.46
CA VAL B 5 -2.80 85.25 71.22
C VAL B 5 -1.56 85.02 72.06
N HIS B 6 -0.88 86.09 72.41
CA HIS B 6 0.44 86.01 73.05
C HIS B 6 0.41 86.86 74.31
N ILE B 7 -0.04 86.28 75.40
CA ILE B 7 -0.10 86.99 76.67
C ILE B 7 1.28 86.98 77.31
N GLN B 8 1.66 88.09 77.93
CA GLN B 8 2.93 88.20 78.60
C GLN B 8 2.71 88.48 80.09
N GLY B 9 3.79 88.76 80.80
CA GLY B 9 3.71 89.06 82.21
C GLY B 9 5.08 89.21 82.85
N GLY B 10 5.21 90.16 83.75
CA GLY B 10 6.48 90.39 84.42
C GLY B 10 7.55 90.97 83.52
N GLN B 11 8.65 91.42 84.11
CA GLN B 11 9.71 92.06 83.33
C GLN B 11 10.38 91.07 82.39
N CYS B 12 10.72 89.88 82.91
CA CYS B 12 11.37 88.89 82.06
C CYS B 12 10.45 88.43 80.95
N GLY B 13 9.19 88.15 81.29
CA GLY B 13 8.23 87.78 80.26
C GLY B 13 8.07 88.87 79.21
N ASN B 14 8.10 90.12 79.63
CA ASN B 14 7.92 91.21 78.69
C ASN B 14 9.12 91.35 77.76
N GLN B 15 10.33 91.25 78.31
CA GLN B 15 11.52 91.33 77.46
C GLN B 15 11.56 90.17 76.48
N ILE B 16 11.26 88.96 76.95
CA ILE B 16 11.21 87.79 76.06
C ILE B 16 10.17 88.00 74.98
N GLY B 17 9.01 88.57 75.34
CA GLY B 17 7.98 88.80 74.35
C GLY B 17 8.41 89.80 73.28
N ALA B 18 9.06 90.89 73.70
CA ALA B 18 9.55 91.86 72.72
C ALA B 18 10.56 91.22 71.78
N LYS B 19 11.49 90.45 72.33
CA LYS B 19 12.47 89.77 71.49
C LYS B 19 11.80 88.80 70.52
N PHE B 20 10.82 88.04 71.02
CA PHE B 20 10.13 87.08 70.16
C PHE B 20 9.38 87.79 69.04
N TRP B 21 8.72 88.89 69.36
CA TRP B 21 7.97 89.59 68.32
C TRP B 21 8.90 90.16 67.27
N GLU B 22 10.06 90.68 67.68
CA GLU B 22 10.94 91.22 66.64
C GLU B 22 11.56 90.10 65.81
N VAL B 23 11.83 88.93 66.42
CA VAL B 23 12.35 87.83 65.62
C VAL B 23 11.30 87.32 64.64
N ILE B 24 10.05 87.22 65.07
CA ILE B 24 8.99 86.79 64.17
C ILE B 24 8.80 87.79 63.05
N SER B 25 8.90 89.09 63.36
CA SER B 25 8.84 90.10 62.31
C SER B 25 9.99 89.92 61.33
N ASP B 26 11.16 89.53 61.82
CA ASP B 26 12.28 89.26 60.93
C ASP B 26 11.97 88.09 60.01
N GLU B 27 11.42 87.00 60.55
CA GLU B 27 11.12 85.83 59.73
C GLU B 27 10.05 86.15 58.70
N HIS B 28 8.94 86.74 59.13
CA HIS B 28 7.86 87.07 58.22
C HIS B 28 8.11 88.33 57.40
N GLY B 29 9.36 88.80 57.37
CA GLY B 29 9.72 89.91 56.50
C GLY B 29 9.03 91.22 56.79
N ILE B 30 8.80 91.54 58.06
CA ILE B 30 8.22 92.82 58.44
C ILE B 30 9.33 93.76 58.89
N ASP B 31 9.07 95.05 58.79
CA ASP B 31 9.99 96.07 59.25
C ASP B 31 9.49 96.68 60.56
N PRO B 32 10.35 97.40 61.29
CA PRO B 32 9.93 97.91 62.60
C PRO B 32 8.79 98.92 62.56
N THR B 33 8.24 99.19 61.37
CA THR B 33 7.04 100.01 61.27
C THR B 33 5.79 99.22 60.96
N GLY B 34 5.91 97.94 60.62
CA GLY B 34 4.74 97.11 60.39
C GLY B 34 4.24 97.13 58.95
N THR B 35 5.16 97.13 57.99
CA THR B 35 4.81 97.09 56.58
C THR B 35 5.58 95.96 55.91
N TYR B 36 4.92 95.25 55.01
CA TYR B 36 5.52 94.06 54.42
C TYR B 36 6.67 94.43 53.49
N HIS B 37 7.77 93.68 53.60
CA HIS B 37 8.92 93.88 52.73
C HIS B 37 9.55 92.56 52.30
N ASN B 48 -2.04 85.83 59.30
CA ASN B 48 -3.13 86.05 60.23
C ASN B 48 -2.98 85.28 61.54
N VAL B 49 -2.05 84.33 61.60
CA VAL B 49 -1.96 83.48 62.79
C VAL B 49 -1.40 84.26 63.97
N TYR B 50 -0.39 85.10 63.73
CA TYR B 50 0.23 85.90 64.78
C TYR B 50 -0.24 87.35 64.73
N TYR B 51 -0.06 88.00 63.58
CA TYR B 51 -0.39 89.40 63.44
C TYR B 51 -1.87 89.59 63.13
N ASN B 52 -2.30 90.84 63.13
CA ASN B 52 -3.62 91.23 62.69
C ASN B 52 -3.48 92.39 61.71
N GLU B 53 -4.36 92.41 60.71
CA GLU B 53 -4.39 93.48 59.73
C GLU B 53 -4.91 94.76 60.37
N ALA B 54 -4.45 95.89 59.87
CA ALA B 54 -4.87 97.18 60.40
C ALA B 54 -4.76 98.23 59.31
N THR B 55 -5.61 99.25 59.43
CA THR B 55 -5.81 100.25 58.38
C THR B 55 -4.48 100.74 57.81
N GLY B 56 -4.43 100.82 56.49
CA GLY B 56 -3.22 101.24 55.81
C GLY B 56 -2.20 100.14 55.62
N GLY B 57 -2.66 98.90 55.49
CA GLY B 57 -1.74 97.79 55.29
C GLY B 57 -0.83 97.49 56.46
N ARG B 58 -1.10 98.07 57.63
CA ARG B 58 -0.23 97.85 58.77
C ARG B 58 -0.55 96.50 59.43
N TYR B 59 0.43 95.96 60.14
CA TYR B 59 0.24 94.73 60.90
C TYR B 59 0.56 94.99 62.36
N VAL B 60 -0.32 94.51 63.24
CA VAL B 60 -0.08 94.69 64.67
C VAL B 60 -0.12 93.33 65.36
N PRO B 61 0.83 93.04 66.25
CA PRO B 61 0.83 91.74 66.92
C PRO B 61 -0.40 91.56 67.79
N ARG B 62 -0.84 90.30 67.89
CA ARG B 62 -2.01 89.95 68.69
C ARG B 62 -1.55 89.55 70.09
N ALA B 63 -1.02 90.54 70.81
CA ALA B 63 -0.43 90.30 72.11
C ALA B 63 -0.83 91.41 73.08
N ILE B 64 -0.94 91.04 74.35
CA ILE B 64 -1.19 91.98 75.43
C ILE B 64 0.03 91.99 76.34
N LEU B 65 0.25 93.13 76.99
CA LEU B 65 1.46 93.36 77.76
C LEU B 65 1.07 93.91 79.13
N MET B 66 1.24 93.09 80.17
CA MET B 66 0.79 93.44 81.51
C MET B 66 1.95 93.37 82.49
N ASP B 67 1.97 94.31 83.43
CA ASP B 67 2.99 94.40 84.47
C ASP B 67 2.59 95.50 85.44
N LEU B 68 3.02 95.37 86.70
CA LEU B 68 2.72 96.39 87.69
C LEU B 68 3.65 97.60 87.60
N GLU B 69 4.86 97.42 87.10
CA GLU B 69 5.77 98.55 87.08
C GLU B 69 5.87 99.13 85.69
N PRO B 70 5.81 100.46 85.56
CA PRO B 70 5.91 101.08 84.23
C PRO B 70 7.30 101.10 83.64
N GLY B 71 8.29 100.49 84.30
CA GLY B 71 9.61 100.42 83.73
C GLY B 71 9.65 99.57 82.47
N THR B 72 9.03 98.39 82.53
CA THR B 72 8.96 97.53 81.36
C THR B 72 8.22 98.19 80.21
N MET B 73 7.35 99.15 80.49
CA MET B 73 6.73 99.92 79.42
C MET B 73 7.79 100.65 78.60
N ASP B 74 8.66 101.40 79.28
CA ASP B 74 9.75 102.07 78.57
C ASP B 74 10.75 101.06 78.02
N SER B 75 10.83 99.87 78.60
CA SER B 75 11.69 98.82 78.07
C SER B 75 11.23 98.39 76.68
N VAL B 76 9.94 98.04 76.56
CA VAL B 76 9.42 97.61 75.27
C VAL B 76 9.22 98.78 74.33
N ARG B 77 9.26 100.01 74.83
CA ARG B 77 9.29 101.15 73.92
C ARG B 77 10.68 101.38 73.37
N ALA B 78 11.71 101.22 74.19
CA ALA B 78 13.07 101.57 73.78
C ALA B 78 13.58 100.64 72.69
N GLY B 79 13.47 99.33 72.89
CA GLY B 79 13.95 98.37 71.93
C GLY B 79 13.27 98.52 70.58
N PRO B 80 13.96 98.09 69.53
CA PRO B 80 13.36 98.16 68.19
C PRO B 80 12.11 97.30 68.10
N PHE B 81 11.31 97.58 67.07
CA PHE B 81 10.02 96.92 66.86
C PHE B 81 9.06 97.13 68.02
N GLY B 82 9.26 98.21 68.79
CA GLY B 82 8.34 98.52 69.86
C GLY B 82 7.07 99.21 69.42
N GLN B 83 7.06 99.76 68.20
CA GLN B 83 5.88 100.42 67.66
C GLN B 83 4.93 99.48 66.96
N LEU B 84 5.25 98.18 66.89
CA LEU B 84 4.32 97.23 66.30
C LEU B 84 3.08 97.08 67.17
N PHE B 85 3.24 97.15 68.49
CA PHE B 85 2.15 96.89 69.41
C PHE B 85 1.17 98.05 69.42
N ARG B 86 0.04 97.84 70.08
CA ARG B 86 -1.01 98.84 70.15
C ARG B 86 -1.23 99.29 71.59
N PRO B 87 -1.42 100.59 71.82
CA PRO B 87 -1.58 101.07 73.20
C PRO B 87 -2.75 100.43 73.93
N ASP B 88 -3.78 100.00 73.22
CA ASP B 88 -4.89 99.31 73.87
C ASP B 88 -4.47 98.02 74.55
N ASN B 89 -3.26 97.51 74.26
CA ASN B 89 -2.75 96.31 74.91
C ASN B 89 -1.58 96.63 75.82
N PHE B 90 -1.42 97.89 76.22
CA PHE B 90 -0.44 98.29 77.23
C PHE B 90 -1.21 98.60 78.51
N VAL B 91 -1.45 97.57 79.31
CA VAL B 91 -1.98 97.74 80.65
C VAL B 91 -0.82 97.69 81.64
N PHE B 92 -0.84 98.59 82.62
CA PHE B 92 0.29 98.74 83.51
C PHE B 92 -0.16 99.36 84.81
N GLY B 93 0.24 98.76 85.93
CA GLY B 93 -0.05 99.30 87.25
C GLY B 93 0.86 100.47 87.58
N GLN B 94 1.11 100.65 88.87
CA GLN B 94 2.01 101.72 89.28
C GLN B 94 3.11 101.26 90.22
N THR B 95 2.84 100.32 91.12
CA THR B 95 3.76 100.04 92.21
C THR B 95 4.86 99.06 91.80
N GLY B 96 4.47 97.90 91.29
CA GLY B 96 5.43 96.82 91.11
C GLY B 96 5.48 95.96 92.35
N ALA B 97 5.21 94.66 92.19
CA ALA B 97 5.14 93.78 93.35
C ALA B 97 6.50 93.62 94.03
N GLY B 98 7.56 94.14 93.42
CA GLY B 98 8.86 94.16 94.05
C GLY B 98 9.33 92.82 94.58
N ASN B 99 9.19 91.78 93.78
CA ASN B 99 9.66 90.44 94.14
C ASN B 99 8.86 89.87 95.30
N ASN B 100 7.54 90.06 95.29
CA ASN B 100 6.63 89.51 96.27
C ASN B 100 5.49 88.83 95.52
N TRP B 101 5.29 87.54 95.76
CA TRP B 101 4.29 86.79 94.99
C TRP B 101 2.88 87.27 95.30
N ALA B 102 2.52 87.32 96.59
CA ALA B 102 1.14 87.61 96.95
C ALA B 102 0.71 89.01 96.49
N LYS B 103 1.66 89.92 96.33
CA LYS B 103 1.36 91.27 95.84
C LYS B 103 1.10 91.31 94.37
N GLY B 104 0.97 90.15 93.73
CA GLY B 104 0.58 90.07 92.34
C GLY B 104 -0.47 89.01 92.14
N HIS B 105 -1.07 88.53 93.22
CA HIS B 105 -2.07 87.47 93.15
C HIS B 105 -3.33 87.72 93.98
N TYR B 106 -3.28 88.53 95.05
CA TYR B 106 -4.45 88.71 95.88
C TYR B 106 -4.93 90.15 95.97
N THR B 107 -4.08 91.09 96.40
CA THR B 107 -4.55 92.44 96.62
C THR B 107 -4.32 93.35 95.43
N GLU B 108 -3.05 93.54 95.05
CA GLU B 108 -2.74 94.55 94.04
C GLU B 108 -2.88 94.01 92.64
N GLY B 109 -2.44 92.76 92.42
CA GLY B 109 -2.56 92.19 91.07
C GLY B 109 -3.99 92.02 90.63
N ALA B 110 -4.88 91.66 91.57
CA ALA B 110 -6.27 91.39 91.23
C ALA B 110 -6.89 92.55 90.47
N GLU B 111 -6.78 93.77 91.01
CA GLU B 111 -7.42 94.93 90.40
C GLU B 111 -6.91 95.22 88.99
N LEU B 112 -5.88 94.52 88.53
CA LEU B 112 -5.45 94.60 87.14
C LEU B 112 -6.02 93.47 86.29
N ILE B 113 -6.04 92.25 86.83
CA ILE B 113 -6.44 91.09 86.03
C ILE B 113 -7.83 91.28 85.45
N ASP B 114 -8.76 91.83 86.25
CA ASP B 114 -10.08 92.15 85.75
C ASP B 114 -9.98 92.95 84.45
N SER B 115 -9.29 94.09 84.49
CA SER B 115 -9.10 94.87 83.28
C SER B 115 -8.48 94.04 82.17
N VAL B 116 -7.47 93.23 82.51
CA VAL B 116 -6.82 92.39 81.51
C VAL B 116 -7.83 91.46 80.87
N LEU B 117 -8.74 90.90 81.68
CA LEU B 117 -9.79 90.06 81.11
C LEU B 117 -10.50 90.78 79.97
N ASP B 118 -10.87 92.05 80.20
CA ASP B 118 -11.49 92.83 79.13
C ASP B 118 -10.63 92.85 77.88
N VAL B 119 -9.35 93.22 78.02
CA VAL B 119 -8.51 93.33 76.84
C VAL B 119 -8.25 91.98 76.21
N VAL B 120 -8.55 90.88 76.92
CA VAL B 120 -8.51 89.58 76.29
C VAL B 120 -9.83 89.27 75.58
N ARG B 121 -10.96 89.63 76.20
CA ARG B 121 -12.25 89.25 75.65
C ARG B 121 -12.59 90.03 74.39
N LYS B 122 -12.12 91.27 74.25
CA LYS B 122 -12.20 91.97 72.98
C LYS B 122 -10.97 91.72 72.11
N GLU B 123 -10.22 90.66 72.40
CA GLU B 123 -9.12 90.23 71.54
C GLU B 123 -9.27 88.80 71.08
N ALA B 124 -9.74 87.90 71.95
CA ALA B 124 -9.93 86.51 71.55
C ALA B 124 -11.04 86.40 70.50
N GLU B 125 -12.22 86.93 70.82
CA GLU B 125 -13.32 86.91 69.87
C GLU B 125 -12.99 87.61 68.56
N GLY B 126 -11.95 88.45 68.55
CA GLY B 126 -11.48 89.00 67.30
C GLY B 126 -11.05 87.92 66.32
N CYS B 127 -10.48 86.84 66.84
CA CYS B 127 -10.22 85.66 66.04
C CYS B 127 -11.52 84.89 65.78
N ASP B 128 -11.46 83.99 64.81
CA ASP B 128 -12.62 83.17 64.46
C ASP B 128 -12.46 81.70 64.82
N CYS B 129 -11.24 81.16 64.70
CA CYS B 129 -10.95 79.78 65.08
C CYS B 129 -9.65 79.81 65.88
N LEU B 130 -9.75 80.01 67.18
CA LEU B 130 -8.60 80.25 68.04
C LEU B 130 -8.00 78.93 68.46
N GLN B 131 -6.73 78.71 68.10
CA GLN B 131 -6.07 77.44 68.43
C GLN B 131 -5.60 77.39 69.88
N GLY B 132 -5.53 78.54 70.56
CA GLY B 132 -5.11 78.53 71.94
C GLY B 132 -4.22 79.71 72.28
N PHE B 133 -3.89 79.84 73.57
CA PHE B 133 -3.09 80.96 74.04
C PHE B 133 -1.63 80.54 74.14
N GLN B 134 -0.80 81.47 74.61
CA GLN B 134 0.58 81.16 74.99
C GLN B 134 1.08 82.27 75.89
N ILE B 135 1.79 81.90 76.94
CA ILE B 135 2.18 82.84 77.99
C ILE B 135 3.70 82.90 78.05
N THR B 136 4.22 84.07 78.42
CA THR B 136 5.65 84.29 78.57
C THR B 136 5.87 85.08 79.84
N HIS B 137 6.44 84.43 80.86
CA HIS B 137 6.61 85.07 82.17
C HIS B 137 7.68 84.33 82.95
N SER B 138 7.94 84.82 84.15
CA SER B 138 8.86 84.18 85.09
C SER B 138 8.08 83.50 86.20
N LEU B 139 8.77 82.60 86.89
CA LEU B 139 8.18 81.83 87.98
C LEU B 139 8.64 82.30 89.35
N GLY B 140 9.65 83.17 89.41
CA GLY B 140 10.12 83.67 90.68
C GLY B 140 9.66 85.07 90.99
N GLY B 141 9.68 85.95 89.97
CA GLY B 141 9.25 87.31 90.19
C GLY B 141 7.78 87.37 90.58
N GLY B 142 7.48 88.22 91.57
CA GLY B 142 6.12 88.29 92.08
C GLY B 142 5.13 88.71 91.02
N THR B 143 5.46 89.76 90.26
CA THR B 143 4.54 90.28 89.26
C THR B 143 4.20 89.22 88.23
N GLY B 144 5.19 88.76 87.48
CA GLY B 144 5.01 87.78 86.45
C GLY B 144 4.32 86.52 86.94
N SER B 145 4.93 85.86 87.94
CA SER B 145 4.39 84.61 88.44
C SER B 145 2.95 84.78 88.92
N GLY B 146 2.71 85.71 89.85
CA GLY B 146 1.39 85.85 90.43
C GLY B 146 0.33 86.20 89.39
N MET B 147 0.58 87.23 88.60
CA MET B 147 -0.42 87.65 87.62
C MET B 147 -0.66 86.57 86.59
N GLY B 148 0.40 85.93 86.09
CA GLY B 148 0.22 84.87 85.12
C GLY B 148 -0.55 83.69 85.68
N THR B 149 -0.34 83.38 86.96
CA THR B 149 -1.09 82.29 87.56
C THR B 149 -2.56 82.63 87.67
N LEU B 150 -2.87 83.83 88.16
CA LEU B 150 -4.27 84.24 88.24
C LEU B 150 -4.91 84.26 86.86
N LEU B 151 -4.16 84.70 85.85
CA LEU B 151 -4.72 84.81 84.51
C LEU B 151 -4.93 83.43 83.89
N ILE B 152 -4.00 82.50 84.11
CA ILE B 152 -4.20 81.13 83.67
C ILE B 152 -5.48 80.58 84.29
N SER B 153 -5.66 80.82 85.59
CA SER B 153 -6.90 80.40 86.23
C SER B 153 -8.12 80.95 85.50
N LYS B 154 -8.17 82.26 85.33
CA LYS B 154 -9.35 82.89 84.75
C LYS B 154 -9.61 82.37 83.33
N VAL B 155 -8.57 82.30 82.50
CA VAL B 155 -8.79 81.96 81.09
C VAL B 155 -9.08 80.48 80.93
N ARG B 156 -8.57 79.62 81.82
CA ARG B 156 -8.99 78.23 81.77
C ARG B 156 -10.43 78.09 82.22
N GLU B 157 -10.87 78.92 83.17
CA GLU B 157 -12.29 78.96 83.49
C GLU B 157 -13.11 79.43 82.29
N GLU B 158 -12.54 80.32 81.47
CA GLU B 158 -13.32 80.90 80.38
C GLU B 158 -13.35 79.98 79.16
N TYR B 159 -12.18 79.67 78.59
CA TYR B 159 -12.07 78.87 77.38
C TYR B 159 -11.37 77.55 77.71
N PRO B 160 -12.10 76.58 78.25
CA PRO B 160 -11.46 75.30 78.59
C PRO B 160 -11.11 74.47 77.38
N ASP B 161 -11.66 74.77 76.20
CA ASP B 161 -11.43 73.94 75.04
C ASP B 161 -10.07 74.19 74.40
N ARG B 162 -9.54 75.40 74.53
CA ARG B 162 -8.26 75.73 73.91
C ARG B 162 -7.10 75.43 74.86
N ILE B 163 -5.90 75.33 74.30
CA ILE B 163 -4.71 74.99 75.06
C ILE B 163 -3.93 76.26 75.35
N MET B 164 -3.23 76.26 76.47
CA MET B 164 -2.49 77.43 76.95
C MET B 164 -1.07 77.01 77.28
N GLU B 165 -0.19 77.08 76.28
CA GLU B 165 1.24 76.92 76.52
C GLU B 165 1.71 78.00 77.49
N THR B 166 2.64 77.65 78.36
CA THR B 166 3.26 78.60 79.29
C THR B 166 4.77 78.53 79.09
N PHE B 167 5.29 79.43 78.26
CA PHE B 167 6.74 79.53 78.05
C PHE B 167 7.36 80.17 79.27
N SER B 168 7.56 79.35 80.30
CA SER B 168 7.97 79.82 81.61
C SER B 168 9.47 79.68 81.79
N VAL B 169 10.05 80.62 82.53
CA VAL B 169 11.46 80.58 82.90
C VAL B 169 11.54 80.33 84.40
N VAL B 170 11.85 79.10 84.79
CA VAL B 170 11.94 78.71 86.19
C VAL B 170 13.13 79.44 86.81
N PRO B 171 13.18 79.60 88.12
CA PRO B 171 14.31 80.32 88.72
C PRO B 171 15.62 79.60 88.50
N SER B 172 16.68 80.39 88.36
CA SER B 172 18.03 79.85 88.26
C SER B 172 18.31 79.05 89.52
N PRO B 173 18.50 77.73 89.41
CA PRO B 173 18.59 76.90 90.62
C PRO B 173 19.74 77.26 91.53
N LYS B 174 20.97 77.28 91.02
CA LYS B 174 22.13 77.54 91.85
C LYS B 174 22.55 79.01 91.84
N VAL B 175 22.56 79.65 90.67
CA VAL B 175 22.98 81.05 90.58
C VAL B 175 21.73 81.89 90.81
N SER B 176 21.40 82.09 92.08
CA SER B 176 20.23 82.86 92.45
C SER B 176 20.55 84.34 92.43
N ASP B 177 19.62 85.14 91.93
CA ASP B 177 19.74 86.59 91.96
C ASP B 177 18.85 87.25 93.00
N THR B 178 17.82 86.54 93.48
CA THR B 178 16.96 87.02 94.53
C THR B 178 16.91 86.00 95.65
N VAL B 179 16.33 86.41 96.78
CA VAL B 179 16.36 85.61 98.00
C VAL B 179 14.99 85.02 98.33
N VAL B 180 14.00 85.19 97.45
CA VAL B 180 12.64 84.74 97.74
C VAL B 180 12.13 83.90 96.58
N GLU B 181 13.05 83.32 95.80
CA GLU B 181 12.65 82.45 94.70
C GLU B 181 11.79 81.28 95.16
N PRO B 182 12.23 80.42 96.09
CA PRO B 182 11.50 79.16 96.32
C PRO B 182 10.04 79.35 96.69
N TYR B 183 9.73 80.30 97.57
CA TYR B 183 8.33 80.56 97.92
C TYR B 183 7.50 80.84 96.68
N ASN B 184 7.98 81.75 95.84
CA ASN B 184 7.22 82.16 94.67
C ASN B 184 7.07 81.01 93.69
N ALA B 185 8.17 80.31 93.41
CA ALA B 185 8.13 79.20 92.46
C ALA B 185 7.17 78.12 92.92
N THR B 186 7.22 77.75 94.20
CA THR B 186 6.34 76.70 94.69
C THR B 186 4.88 77.15 94.65
N LEU B 187 4.59 78.33 95.18
CA LEU B 187 3.21 78.82 95.16
C LEU B 187 2.67 78.91 93.74
N SER B 188 3.52 79.20 92.77
CA SER B 188 3.03 79.34 91.41
C SER B 188 2.84 77.98 90.74
N VAL B 189 3.78 77.05 90.94
CA VAL B 189 3.68 75.74 90.31
C VAL B 189 2.47 74.99 90.84
N HIS B 190 2.18 75.14 92.14
CA HIS B 190 1.00 74.49 92.72
C HIS B 190 -0.25 74.76 91.92
N GLN B 191 -0.38 75.96 91.36
CA GLN B 191 -1.54 76.31 90.55
C GLN B 191 -1.32 76.07 89.06
N LEU B 192 -0.07 76.17 88.59
CA LEU B 192 0.20 75.96 87.17
C LEU B 192 -0.05 74.52 86.79
N VAL B 193 0.24 73.58 87.68
CA VAL B 193 0.07 72.16 87.35
C VAL B 193 -1.39 71.82 87.06
N GLU B 194 -2.32 72.67 87.46
CA GLU B 194 -3.74 72.38 87.27
C GLU B 194 -4.24 72.83 85.90
N ASN B 195 -4.11 74.12 85.60
CA ASN B 195 -4.78 74.72 84.45
C ASN B 195 -3.82 75.05 83.32
N ALA B 196 -2.71 74.33 83.21
CA ALA B 196 -1.77 74.51 82.12
C ALA B 196 -1.64 73.21 81.34
N ASP B 197 -1.13 73.32 80.12
CA ASP B 197 -0.97 72.18 79.25
C ASP B 197 0.44 71.96 78.74
N GLU B 198 1.23 73.03 78.57
CA GLU B 198 2.60 72.90 78.09
C GLU B 198 3.49 73.83 78.90
N CYS B 199 4.03 73.31 79.99
CA CYS B 199 4.97 74.07 80.83
C CYS B 199 6.38 73.73 80.37
N MET B 200 6.87 74.48 79.40
CA MET B 200 8.24 74.32 78.91
C MET B 200 9.16 75.19 79.76
N VAL B 201 9.99 74.56 80.56
CA VAL B 201 10.79 75.25 81.56
C VAL B 201 12.09 75.73 80.94
N ILE B 202 12.54 76.90 81.40
CA ILE B 202 13.83 77.47 81.00
C ILE B 202 14.49 78.03 82.25
N ASP B 203 15.80 77.84 82.36
CA ASP B 203 16.55 78.36 83.50
C ASP B 203 17.89 78.91 83.04
N ASN B 204 18.25 80.09 83.55
CA ASN B 204 19.40 80.82 83.03
C ASN B 204 20.71 80.06 83.19
N GLU B 205 20.77 79.08 84.09
CA GLU B 205 21.96 78.26 84.20
C GLU B 205 22.27 77.58 82.86
N ALA B 206 21.27 76.91 82.28
CA ALA B 206 21.48 76.23 81.01
C ALA B 206 21.74 77.23 79.89
N LEU B 207 21.14 78.41 79.94
CA LEU B 207 21.35 79.40 78.88
C LEU B 207 22.79 79.91 78.90
N TYR B 208 23.32 80.24 80.08
CA TYR B 208 24.71 80.62 80.17
C TYR B 208 25.63 79.47 79.79
N ASP B 209 25.29 78.24 80.19
CA ASP B 209 26.08 77.09 79.80
C ASP B 209 26.20 76.99 78.28
N ILE B 210 25.06 77.09 77.59
CA ILE B 210 25.08 77.00 76.13
C ILE B 210 25.85 78.16 75.53
N CYS B 211 25.54 79.38 75.95
CA CYS B 211 26.15 80.56 75.33
C CYS B 211 27.64 80.66 75.63
N PHE B 212 28.13 79.95 76.65
CA PHE B 212 29.56 79.91 76.93
C PHE B 212 30.25 78.78 76.18
N ARG B 213 29.82 77.53 76.43
CA ARG B 213 30.53 76.36 75.96
C ARG B 213 30.04 75.86 74.60
N THR B 214 29.28 76.67 73.88
CA THR B 214 28.87 76.30 72.53
C THR B 214 29.03 77.43 71.52
N LEU B 215 29.25 78.66 71.97
CA LEU B 215 29.48 79.78 71.06
C LEU B 215 30.68 80.62 71.46
N LYS B 216 31.32 80.34 72.59
CA LYS B 216 32.51 81.05 73.05
C LYS B 216 32.34 82.56 73.04
N LEU B 217 31.11 83.05 73.26
CA LEU B 217 30.85 84.46 73.13
C LEU B 217 31.58 85.25 74.20
N THR B 218 31.75 86.55 73.93
CA THR B 218 32.56 87.42 74.78
C THR B 218 31.80 87.85 76.04
N THR B 219 30.70 88.57 75.87
CA THR B 219 29.93 89.12 76.98
C THR B 219 28.45 88.83 76.77
N PRO B 220 27.97 87.70 77.28
CA PRO B 220 26.56 87.35 77.11
C PRO B 220 25.63 88.19 77.96
N THR B 221 24.90 89.10 77.32
CA THR B 221 23.87 89.88 77.99
C THR B 221 22.52 89.20 77.83
N TYR B 222 21.52 89.74 78.53
CA TYR B 222 20.20 89.14 78.49
C TYR B 222 19.58 89.18 77.09
N GLY B 223 20.05 90.09 76.24
CA GLY B 223 19.57 90.12 74.87
C GLY B 223 19.83 88.83 74.12
N ASP B 224 21.00 88.23 74.35
CA ASP B 224 21.35 87.01 73.62
C ASP B 224 20.53 85.82 74.11
N LEU B 225 20.34 85.71 75.42
CA LEU B 225 19.50 84.65 75.95
C LEU B 225 18.06 84.80 75.46
N ASN B 226 17.54 86.03 75.49
CA ASN B 226 16.20 86.26 74.98
C ASN B 226 16.10 85.91 73.50
N HIS B 227 17.13 86.23 72.72
CA HIS B 227 17.11 85.91 71.30
C HIS B 227 17.12 84.41 71.07
N LEU B 228 17.89 83.67 71.87
CA LEU B 228 17.94 82.22 71.72
C LEU B 228 16.60 81.59 72.07
N VAL B 229 16.01 81.99 73.21
CA VAL B 229 14.70 81.48 73.57
C VAL B 229 13.66 81.89 72.53
N SER B 230 13.84 83.05 71.91
CA SER B 230 12.98 83.47 70.82
C SER B 230 13.07 82.52 69.64
N ALA B 231 14.30 82.16 69.25
CA ALA B 231 14.46 81.22 68.15
C ALA B 231 13.76 79.89 68.45
N ALA B 232 13.93 79.39 69.67
CA ALA B 232 13.27 78.13 70.03
C ALA B 232 11.76 78.28 70.00
N MET B 233 11.25 79.38 70.57
CA MET B 233 9.82 79.64 70.59
C MET B 233 9.24 79.66 69.18
N SER B 234 9.91 80.34 68.26
CA SER B 234 9.46 80.38 66.87
C SER B 234 9.45 78.98 66.27
N GLY B 235 10.58 78.28 66.36
CA GLY B 235 10.66 76.95 65.78
C GLY B 235 9.62 75.99 66.31
N VAL B 236 9.12 76.23 67.53
CA VAL B 236 8.14 75.32 68.12
C VAL B 236 6.88 75.26 67.25
N THR B 237 6.46 76.37 66.67
CA THR B 237 5.22 76.41 65.90
C THR B 237 5.40 76.82 64.46
N CYS B 238 6.64 76.99 63.99
CA CYS B 238 6.83 77.37 62.60
C CYS B 238 6.34 76.30 61.65
N CYS B 239 6.42 75.02 62.05
CA CYS B 239 5.89 73.97 61.20
C CYS B 239 4.38 74.10 61.02
N LEU B 240 3.71 74.80 61.94
CA LEU B 240 2.32 75.17 61.74
C LEU B 240 2.21 76.40 60.86
N ARG B 241 3.07 77.40 61.10
CA ARG B 241 2.98 78.65 60.35
C ARG B 241 3.18 78.46 58.85
N PHE B 242 3.78 77.36 58.43
CA PHE B 242 4.18 77.17 57.04
C PHE B 242 3.77 75.80 56.55
N PRO B 243 3.73 75.59 55.24
CA PRO B 243 3.47 74.25 54.71
C PRO B 243 4.65 73.33 54.97
N GLY B 244 4.42 72.04 54.71
CA GLY B 244 5.47 71.06 54.94
C GLY B 244 5.06 69.71 54.41
N GLN B 245 6.05 68.81 54.34
CA GLN B 245 5.81 67.45 53.91
C GLN B 245 5.02 66.65 54.94
N LEU B 246 5.12 67.02 56.21
CA LEU B 246 4.42 66.33 57.29
C LEU B 246 4.17 67.36 58.38
N ASN B 247 2.95 67.88 58.43
CA ASN B 247 2.66 69.07 59.21
C ASN B 247 2.21 68.71 60.62
N SER B 248 2.42 69.66 61.54
CA SER B 248 1.98 69.53 62.91
C SER B 248 1.32 70.82 63.36
N ASP B 249 1.05 70.94 64.65
CA ASP B 249 0.36 72.11 65.18
C ASP B 249 0.67 72.22 66.67
N LEU B 250 -0.09 73.05 67.38
CA LEU B 250 0.06 73.13 68.82
C LEU B 250 -0.65 72.00 69.56
N ARG B 251 -1.56 71.28 68.90
CA ARG B 251 -2.31 70.22 69.55
C ARG B 251 -1.75 68.84 69.29
N LYS B 252 -1.31 68.56 68.06
CA LYS B 252 -0.65 67.28 67.79
C LYS B 252 0.52 67.07 68.73
N LEU B 253 1.28 68.13 68.99
CA LEU B 253 2.35 68.06 69.98
C LEU B 253 1.82 67.59 71.32
N ALA B 254 0.77 68.25 71.82
CA ALA B 254 0.21 67.89 73.11
C ALA B 254 -0.22 66.42 73.14
N VAL B 255 -0.88 65.96 72.08
CA VAL B 255 -1.37 64.58 72.07
C VAL B 255 -0.20 63.60 72.07
N ASN B 256 0.85 63.92 71.33
CA ASN B 256 2.00 63.02 71.25
C ASN B 256 3.02 63.25 72.35
N LEU B 257 2.76 64.14 73.31
CA LEU B 257 3.76 64.46 74.31
C LEU B 257 3.36 64.18 75.75
N ILE B 258 2.07 64.07 76.07
CA ILE B 258 1.64 63.82 77.44
C ILE B 258 0.83 62.53 77.47
N PRO B 259 1.18 61.57 78.33
CA PRO B 259 0.34 60.38 78.51
C PRO B 259 -0.71 60.50 79.59
N PHE B 260 -0.60 61.49 80.47
CA PHE B 260 -1.53 61.64 81.59
C PHE B 260 -1.70 63.13 81.84
N PRO B 261 -2.85 63.55 82.38
CA PRO B 261 -3.18 64.99 82.37
C PRO B 261 -2.26 65.89 83.18
N ARG B 262 -1.23 65.34 83.81
CA ARG B 262 -0.36 66.19 84.62
C ARG B 262 1.13 65.89 84.44
N LEU B 263 1.51 65.01 83.54
CA LEU B 263 2.92 64.87 83.15
C LEU B 263 3.24 65.69 81.91
N HIS B 264 2.91 66.99 81.95
CA HIS B 264 2.97 67.83 80.76
C HIS B 264 4.09 68.87 80.82
N PHE B 265 5.10 68.64 81.66
CA PHE B 265 6.21 69.59 81.80
C PHE B 265 7.35 69.12 80.91
N PHE B 266 7.82 70.02 80.06
CA PHE B 266 8.63 69.66 78.90
C PHE B 266 10.10 70.06 79.10
N MET B 267 10.88 69.84 78.05
CA MET B 267 12.24 70.34 77.93
C MET B 267 12.42 70.82 76.49
N ILE B 268 13.21 71.86 76.31
CA ILE B 268 13.36 72.51 75.02
C ILE B 268 14.80 72.41 74.56
N GLY B 269 14.99 72.27 73.25
CA GLY B 269 16.32 72.27 72.67
C GLY B 269 16.27 72.85 71.28
N PHE B 270 17.35 73.54 70.92
CA PHE B 270 17.48 74.17 69.61
C PHE B 270 18.71 73.62 68.90
N ALA B 271 18.68 73.63 67.58
CA ALA B 271 19.84 73.25 66.79
C ALA B 271 19.73 73.91 65.43
N PRO B 272 20.87 74.27 64.81
CA PRO B 272 22.24 74.11 65.29
C PRO B 272 22.82 75.39 65.88
N LEU B 273 23.89 75.27 66.67
CA LEU B 273 24.49 76.41 67.33
C LEU B 273 26.00 76.20 67.40
N THR B 274 26.76 77.05 66.70
CA THR B 274 28.21 77.00 66.74
C THR B 274 28.75 78.42 66.57
N SER B 275 30.04 78.57 66.86
CA SER B 275 30.74 79.83 66.67
C SER B 275 31.58 79.79 65.40
N ARG B 276 32.15 80.94 65.05
CA ARG B 276 32.83 81.09 63.76
C ARG B 276 33.91 80.04 63.57
N GLY B 277 34.73 79.82 64.59
CA GLY B 277 35.73 78.76 64.52
C GLY B 277 35.14 77.42 64.13
N SER B 278 34.19 76.94 64.92
CA SER B 278 33.50 75.71 64.54
C SER B 278 32.61 75.90 63.33
N GLN B 279 32.21 77.14 63.01
CA GLN B 279 31.37 77.37 61.85
C GLN B 279 32.12 77.04 60.56
N GLN B 280 33.43 77.28 60.54
CA GLN B 280 34.21 76.96 59.34
C GLN B 280 34.15 75.48 59.02
N TYR B 281 34.14 74.63 60.04
CA TYR B 281 34.18 73.19 59.91
C TYR B 281 32.74 72.63 59.89
N ARG B 282 32.61 71.31 60.04
CA ARG B 282 31.36 70.60 60.37
C ARG B 282 30.25 70.92 59.36
N ALA B 283 30.45 70.39 58.16
CA ALA B 283 29.42 70.41 57.11
C ALA B 283 28.04 70.08 57.68
N LEU B 284 27.03 70.74 57.14
CA LEU B 284 25.68 70.72 57.69
C LEU B 284 24.91 69.53 57.10
N THR B 285 24.47 68.63 57.96
CA THR B 285 23.77 67.42 57.50
C THR B 285 22.96 66.86 58.67
N VAL B 286 21.84 66.20 58.33
CA VAL B 286 20.84 65.83 59.34
C VAL B 286 21.43 65.02 60.50
N PRO B 287 22.25 63.99 60.29
CA PRO B 287 22.79 63.26 61.45
C PRO B 287 23.59 64.13 62.38
N GLU B 288 24.34 65.10 61.86
CA GLU B 288 25.02 66.04 62.74
C GLU B 288 24.02 66.83 63.57
N LEU B 289 22.89 67.21 62.97
CA LEU B 289 21.85 67.90 63.71
C LEU B 289 21.29 67.02 64.82
N THR B 290 21.11 65.73 64.55
CA THR B 290 20.62 64.82 65.59
C THR B 290 21.62 64.71 66.72
N GLN B 291 22.91 64.53 66.39
CA GLN B 291 23.94 64.45 67.42
C GLN B 291 24.01 65.73 68.24
N GLN B 292 23.67 66.86 67.63
CA GLN B 292 23.65 68.12 68.36
C GLN B 292 22.41 68.28 69.25
N MET B 293 21.25 67.83 68.78
CA MET B 293 20.03 68.06 69.56
C MET B 293 19.92 67.08 70.72
N PHE B 294 20.35 65.84 70.52
CA PHE B 294 20.21 64.83 71.57
C PHE B 294 21.41 64.77 72.50
N ASP B 295 22.29 65.76 72.46
CA ASP B 295 23.32 65.88 73.48
C ASP B 295 22.71 66.45 74.76
N ALA B 296 23.31 66.10 75.89
CA ALA B 296 22.75 66.47 77.18
C ALA B 296 22.71 67.99 77.36
N LYS B 297 23.89 68.63 77.37
CA LYS B 297 24.00 70.03 77.72
C LYS B 297 23.42 70.97 76.66
N ASN B 298 22.83 70.45 75.59
CA ASN B 298 22.32 71.28 74.50
C ASN B 298 20.83 71.60 74.66
N MET B 299 20.34 71.72 75.89
CA MET B 299 18.93 71.95 76.14
C MET B 299 18.76 73.03 77.18
N MET B 300 17.58 73.66 77.16
CA MET B 300 17.30 74.87 77.94
C MET B 300 17.07 74.60 79.41
N CYS B 301 17.38 73.40 79.91
CA CYS B 301 17.08 73.05 81.29
C CYS B 301 18.30 72.43 81.94
N ALA B 302 18.68 72.95 83.10
CA ALA B 302 19.85 72.45 83.82
C ALA B 302 19.53 71.11 84.48
N ALA B 303 19.30 70.09 83.65
CA ALA B 303 19.04 68.75 84.15
C ALA B 303 19.57 67.77 83.11
N ASP B 304 20.68 67.11 83.43
CA ASP B 304 21.25 66.13 82.52
C ASP B 304 20.21 65.08 82.20
N PRO B 305 19.71 65.05 80.96
CA PRO B 305 18.58 64.16 80.64
C PRO B 305 18.91 62.69 80.75
N ARG B 306 20.19 62.32 80.76
CA ARG B 306 20.56 60.93 80.99
C ARG B 306 20.11 60.46 82.37
N HIS B 307 20.06 61.38 83.34
CA HIS B 307 19.63 61.03 84.69
C HIS B 307 18.16 60.71 84.78
N GLY B 308 17.44 60.73 83.67
CA GLY B 308 16.05 60.31 83.63
C GLY B 308 15.79 59.62 82.31
N ARG B 309 14.55 59.19 82.13
CA ARG B 309 14.11 58.57 80.89
C ARG B 309 13.21 59.52 80.13
N TYR B 310 13.30 59.46 78.80
CA TYR B 310 12.44 60.26 77.95
C TYR B 310 11.11 59.55 77.83
N LEU B 311 10.08 60.07 78.49
CA LEU B 311 8.74 59.55 78.25
C LEU B 311 8.37 59.67 76.79
N THR B 312 8.59 60.85 76.20
CA THR B 312 8.36 61.03 74.78
C THR B 312 9.01 62.33 74.35
N ALA B 313 9.24 62.46 73.04
CA ALA B 313 9.98 63.60 72.53
C ALA B 313 9.64 63.79 71.06
N SER B 314 9.30 65.02 70.70
CA SER B 314 9.02 65.38 69.32
C SER B 314 10.11 66.30 68.80
N ALA B 315 10.33 66.25 67.49
CA ALA B 315 11.33 67.07 66.84
C ALA B 315 10.75 67.65 65.56
N LEU B 316 10.80 68.97 65.45
CA LEU B 316 10.33 69.68 64.27
C LEU B 316 11.54 70.14 63.48
N PHE B 317 11.58 69.78 62.20
CA PHE B 317 12.65 70.18 61.31
C PHE B 317 12.15 71.31 60.41
N ARG B 318 13.08 72.13 59.95
CA ARG B 318 12.74 73.26 59.10
C ARG B 318 13.77 73.36 57.99
N GLY B 319 13.30 73.46 56.75
CA GLY B 319 14.14 73.47 55.57
C GLY B 319 13.72 72.34 54.65
N ARG B 320 14.58 72.03 53.69
CA ARG B 320 14.38 70.90 52.80
C ARG B 320 15.40 69.83 53.13
N MET B 321 14.95 68.58 53.11
CA MET B 321 15.81 67.44 53.42
C MET B 321 15.18 66.20 52.83
N SER B 322 15.69 65.04 53.24
CA SER B 322 15.16 63.75 52.84
C SER B 322 14.50 63.12 54.06
N THR B 323 13.19 62.92 53.98
CA THR B 323 12.45 62.44 55.14
C THR B 323 12.92 61.07 55.59
N LYS B 324 13.39 60.24 54.65
CA LYS B 324 13.95 58.95 55.03
C LYS B 324 15.13 59.12 55.98
N GLU B 325 16.00 60.09 55.70
CA GLU B 325 17.13 60.34 56.59
C GLU B 325 16.65 60.75 57.98
N VAL B 326 15.65 61.62 58.05
CA VAL B 326 15.10 62.06 59.33
C VAL B 326 14.59 60.87 60.12
N ASP B 327 13.70 60.08 59.51
CA ASP B 327 13.09 58.96 60.22
C ASP B 327 14.12 57.90 60.59
N GLU B 328 15.11 57.68 59.73
CA GLU B 328 16.11 56.66 60.02
C GLU B 328 17.04 57.11 61.15
N GLN B 329 17.41 58.39 61.18
CA GLN B 329 18.20 58.90 62.30
C GLN B 329 17.41 58.80 63.60
N MET B 330 16.13 59.16 63.56
CA MET B 330 15.30 59.05 64.76
C MET B 330 15.25 57.60 65.24
N LEU B 331 15.05 56.66 64.32
CA LEU B 331 15.00 55.25 64.71
C LEU B 331 16.33 54.80 65.28
N ASN B 332 17.43 55.14 64.62
CA ASN B 332 18.75 54.75 65.10
C ASN B 332 19.01 55.29 66.50
N VAL B 333 18.61 56.53 66.75
CA VAL B 333 18.94 57.13 68.04
C VAL B 333 18.02 56.62 69.14
N GLN B 334 16.76 56.33 68.84
CA GLN B 334 15.92 55.74 69.88
C GLN B 334 16.26 54.28 70.11
N ASN B 335 16.91 53.63 69.15
CA ASN B 335 17.17 52.20 69.28
C ASN B 335 18.53 51.91 69.91
N LYS B 336 19.55 52.70 69.58
CA LYS B 336 20.87 52.42 70.11
C LYS B 336 20.96 52.71 71.60
N ASN B 337 20.44 53.86 72.02
CA ASN B 337 20.44 54.23 73.43
C ASN B 337 19.10 53.90 74.06
N SER B 338 18.80 52.59 74.10
CA SER B 338 17.52 52.14 74.62
C SER B 338 17.38 52.32 76.12
N SER B 339 18.50 52.41 76.84
CA SER B 339 18.42 52.58 78.29
C SER B 339 17.82 53.92 78.66
N TYR B 340 18.35 55.01 78.09
CA TYR B 340 17.86 56.34 78.42
C TYR B 340 16.43 56.56 77.98
N PHE B 341 15.93 55.78 77.03
CA PHE B 341 14.53 55.87 76.67
C PHE B 341 13.71 54.87 77.48
N VAL B 342 12.39 55.02 77.41
CA VAL B 342 11.47 54.25 78.25
C VAL B 342 10.92 53.09 77.42
N GLU B 343 10.75 51.94 78.07
CA GLU B 343 10.37 50.71 77.38
C GLU B 343 8.87 50.53 77.27
N TRP B 344 8.12 50.74 78.35
CA TRP B 344 6.70 50.39 78.35
C TRP B 344 5.89 51.15 77.32
N ILE B 345 6.47 52.15 76.66
CA ILE B 345 5.87 52.79 75.51
C ILE B 345 6.79 52.56 74.32
N PRO B 346 6.29 52.15 73.16
CA PRO B 346 7.14 51.93 72.00
C PRO B 346 7.19 53.15 71.09
N ASN B 347 8.17 53.15 70.19
CA ASN B 347 8.36 54.17 69.17
C ASN B 347 8.15 55.58 69.71
N ASN B 348 8.66 55.82 70.91
CA ASN B 348 8.29 57.02 71.67
C ASN B 348 8.85 58.30 71.09
N ILE B 349 9.46 58.31 69.93
CA ILE B 349 9.94 59.56 69.34
C ILE B 349 8.97 59.98 68.25
N LYS B 350 8.92 61.28 67.98
CA LYS B 350 7.99 61.82 66.99
C LYS B 350 8.72 62.85 66.14
N SER B 351 8.33 62.92 64.86
CA SER B 351 8.97 63.85 63.95
C SER B 351 7.91 64.71 63.25
N SER B 352 8.37 65.85 62.74
CA SER B 352 7.57 66.70 61.86
C SER B 352 8.53 67.53 61.03
N ILE B 353 8.07 67.96 59.86
CA ILE B 353 8.95 68.63 58.89
C ILE B 353 8.20 69.79 58.26
N CYS B 354 8.79 70.99 58.33
CA CYS B 354 8.26 72.17 57.68
C CYS B 354 8.88 72.33 56.30
N ASP B 355 8.67 73.47 55.66
CA ASP B 355 9.21 73.70 54.33
C ASP B 355 9.91 75.05 54.17
N ILE B 356 9.86 75.94 55.16
CA ILE B 356 10.60 77.19 55.06
C ILE B 356 11.47 77.34 56.29
N PRO B 357 12.79 77.24 56.14
CA PRO B 357 13.69 77.37 57.27
C PRO B 357 13.82 78.82 57.71
N PRO B 358 14.61 79.12 58.75
CA PRO B 358 14.74 80.51 59.20
C PRO B 358 15.55 81.37 58.24
N LYS B 359 15.86 82.59 58.66
CA LYS B 359 16.50 83.58 57.80
C LYS B 359 17.93 83.18 57.45
N GLY B 360 18.11 82.52 56.31
CA GLY B 360 19.44 82.13 55.88
C GLY B 360 20.01 80.93 56.59
N LEU B 361 19.17 80.14 57.26
CA LEU B 361 19.61 78.96 57.99
C LEU B 361 19.06 77.74 57.26
N LYS B 362 19.90 77.10 56.45
CA LYS B 362 19.45 76.00 55.59
C LYS B 362 18.78 74.87 56.36
N MET B 363 19.14 74.67 57.62
CA MET B 363 18.57 73.59 58.41
C MET B 363 18.37 74.05 59.84
N ALA B 364 17.24 73.69 60.42
CA ALA B 364 16.91 74.11 61.77
C ALA B 364 16.06 73.05 62.44
N VAL B 365 16.39 72.72 63.68
CA VAL B 365 15.70 71.69 64.44
C VAL B 365 15.27 72.28 65.77
N THR B 366 14.02 72.02 66.14
CA THR B 366 13.48 72.39 67.45
C THR B 366 12.96 71.12 68.11
N PHE B 367 13.48 70.82 69.30
CA PHE B 367 13.21 69.56 69.99
C PHE B 367 12.46 69.84 71.29
N VAL B 368 11.31 69.20 71.46
CA VAL B 368 10.51 69.36 72.67
C VAL B 368 10.29 67.98 73.28
N GLY B 369 10.68 67.81 74.53
CA GLY B 369 10.63 66.49 75.12
C GLY B 369 10.04 66.41 76.52
N ASN B 370 8.97 65.65 76.67
CA ASN B 370 8.44 65.34 77.98
C ASN B 370 9.26 64.20 78.56
N SER B 371 10.01 64.50 79.63
CA SER B 371 11.01 63.58 80.13
C SER B 371 11.06 63.68 81.65
N THR B 372 11.12 62.53 82.31
CA THR B 372 11.15 62.48 83.77
C THR B 372 12.50 62.88 84.34
N ALA B 373 13.40 63.41 83.52
CA ALA B 373 14.67 63.90 84.01
C ALA B 373 14.58 65.31 84.57
N ILE B 374 13.39 65.89 84.61
CA ILE B 374 13.19 67.26 85.07
C ILE B 374 12.54 67.32 86.44
N GLN B 375 12.23 66.18 87.04
CA GLN B 375 11.73 66.19 88.42
C GLN B 375 12.81 66.62 89.40
N GLU B 376 14.09 66.50 89.03
CA GLU B 376 15.16 66.94 89.91
C GLU B 376 15.10 68.45 90.15
N MET B 377 14.73 69.21 89.13
CA MET B 377 14.63 70.66 89.29
C MET B 377 13.60 71.03 90.36
N PHE B 378 12.41 70.44 90.25
CA PHE B 378 11.38 70.69 91.26
C PHE B 378 11.79 70.14 92.61
N LYS B 379 12.49 69.01 92.63
CA LYS B 379 12.97 68.45 93.88
C LYS B 379 13.87 69.44 94.61
N ARG B 380 14.82 70.04 93.89
CA ARG B 380 15.75 70.96 94.54
C ARG B 380 15.08 72.28 94.89
N VAL B 381 14.14 72.75 94.07
CA VAL B 381 13.43 73.97 94.42
C VAL B 381 12.59 73.76 95.68
N ALA B 382 11.90 72.63 95.76
CA ALA B 382 11.16 72.31 96.98
C ALA B 382 12.08 72.08 98.16
N GLU B 383 13.31 71.61 97.91
CA GLU B 383 14.29 71.51 98.98
C GLU B 383 14.59 72.89 99.56
N GLN B 384 14.95 73.84 98.70
CA GLN B 384 15.17 75.21 99.15
C GLN B 384 13.95 75.75 99.88
N PHE B 385 12.75 75.49 99.35
CA PHE B 385 11.53 75.95 99.98
C PHE B 385 11.40 75.42 101.40
N THR B 386 11.36 74.08 101.54
CA THR B 386 11.15 73.48 102.85
C THR B 386 12.29 73.83 103.81
N ALA B 387 13.48 74.15 103.29
CA ALA B 387 14.53 74.63 104.18
C ALA B 387 14.24 76.04 104.68
N MET B 388 13.70 76.90 103.81
CA MET B 388 13.39 78.27 104.21
C MET B 388 12.04 78.40 104.92
N PHE B 389 11.25 77.33 105.00
CA PHE B 389 9.93 77.39 105.60
C PHE B 389 9.87 76.80 106.99
N ARG B 390 10.74 75.82 107.28
CA ARG B 390 10.80 75.26 108.63
C ARG B 390 11.09 76.32 109.68
N ARG B 391 11.72 77.42 109.29
CA ARG B 391 12.01 78.53 110.19
C ARG B 391 11.07 79.71 110.00
N LYS B 392 10.07 79.58 109.13
CA LYS B 392 9.13 80.66 108.84
C LYS B 392 9.86 81.93 108.37
N ALA B 393 10.99 81.75 107.69
CA ALA B 393 11.79 82.88 107.26
C ALA B 393 11.10 83.62 106.12
N PHE B 394 11.11 84.95 106.22
CA PHE B 394 10.51 85.83 105.21
C PHE B 394 9.07 85.42 104.92
N LEU B 395 8.34 85.07 105.97
CA LEU B 395 6.96 84.62 105.83
C LEU B 395 5.95 85.70 106.20
N HIS B 396 6.36 86.69 107.00
CA HIS B 396 5.44 87.76 107.36
C HIS B 396 5.05 88.57 106.13
N TRP B 397 6.00 88.79 105.22
CA TRP B 397 5.72 89.55 104.00
C TRP B 397 4.55 88.96 103.24
N TYR B 398 4.31 87.65 103.37
CA TYR B 398 3.20 86.99 102.71
C TYR B 398 1.97 86.91 103.60
N THR B 399 2.12 86.45 104.83
CA THR B 399 0.95 86.29 105.67
C THR B 399 0.33 87.61 106.08
N GLY B 400 0.99 88.74 105.80
CA GLY B 400 0.36 90.03 106.07
C GLY B 400 -0.65 90.43 105.01
N GLU B 401 -0.67 89.74 103.88
CA GLU B 401 -1.49 90.12 102.73
C GLU B 401 -2.63 89.14 102.51
N GLY B 402 -3.25 88.66 103.58
CA GLY B 402 -4.36 87.74 103.49
C GLY B 402 -3.98 86.29 103.31
N MET B 403 -2.76 86.01 102.87
CA MET B 403 -2.32 84.63 102.74
C MET B 403 -2.16 83.99 104.11
N ASP B 404 -2.53 82.72 104.20
CA ASP B 404 -2.37 81.95 105.41
C ASP B 404 -1.09 81.10 105.32
N GLU B 405 -0.87 80.25 106.31
CA GLU B 405 0.26 79.34 106.28
C GLU B 405 -0.14 77.92 105.88
N MET B 406 -1.42 77.68 105.60
CA MET B 406 -1.84 76.37 105.13
C MET B 406 -1.59 76.23 103.63
N GLU B 407 -1.80 77.31 102.86
CA GLU B 407 -1.61 77.24 101.41
C GLU B 407 -0.19 76.83 101.05
N PHE B 408 0.79 77.22 101.87
CA PHE B 408 2.17 76.83 101.57
C PHE B 408 2.36 75.34 101.73
N THR B 409 1.80 74.76 102.80
CA THR B 409 1.87 73.32 102.97
C THR B 409 1.14 72.59 101.84
N GLU B 410 -0.02 73.11 101.45
CA GLU B 410 -0.75 72.51 100.33
C GLU B 410 0.08 72.56 99.05
N ALA B 411 0.74 73.70 98.79
CA ALA B 411 1.55 73.84 97.59
C ALA B 411 2.72 72.86 97.60
N GLU B 412 3.41 72.76 98.74
CA GLU B 412 4.54 71.85 98.81
C GLU B 412 4.09 70.40 98.69
N SER B 413 2.94 70.06 99.27
CA SER B 413 2.45 68.69 99.16
C SER B 413 2.01 68.37 97.74
N ASN B 414 1.44 69.35 97.04
CA ASN B 414 1.10 69.14 95.64
C ASN B 414 2.35 68.97 94.79
N MET B 415 3.39 69.76 95.07
CA MET B 415 4.66 69.59 94.37
C MET B 415 5.21 68.18 94.59
N ASN B 416 5.17 67.71 95.83
CA ASN B 416 5.68 66.37 96.10
C ASN B 416 4.80 65.30 95.47
N ASP B 417 3.49 65.53 95.38
CA ASP B 417 2.63 64.59 94.68
C ASP B 417 2.98 64.52 93.20
N LEU B 418 3.29 65.67 92.59
CA LEU B 418 3.68 65.69 91.19
C LEU B 418 4.98 64.94 90.97
N VAL B 419 5.99 65.20 91.81
CA VAL B 419 7.26 64.51 91.63
C VAL B 419 7.10 63.02 91.91
N SER B 420 6.22 62.66 92.85
CA SER B 420 5.96 61.25 93.10
C SER B 420 5.27 60.60 91.92
N GLU B 421 4.39 61.32 91.22
CA GLU B 421 3.79 60.79 90.01
C GLU B 421 4.85 60.52 88.95
N TYR B 422 5.73 61.50 88.73
CA TYR B 422 6.85 61.30 87.80
C TYR B 422 7.63 60.04 88.15
N GLN B 423 8.07 59.93 89.41
CA GLN B 423 8.88 58.78 89.80
C GLN B 423 8.12 57.48 89.62
N GLN B 424 6.90 57.42 90.14
CA GLN B 424 6.11 56.19 90.11
C GLN B 424 5.91 55.70 88.69
N TYR B 425 5.40 56.55 87.79
CA TYR B 425 5.15 56.10 86.43
C TYR B 425 6.34 56.30 85.51
N GLN B 426 7.51 56.59 86.07
CA GLN B 426 8.75 56.27 85.39
C GLN B 426 9.18 54.85 85.68
N ASP B 427 9.11 54.44 86.94
CA ASP B 427 9.61 53.13 87.34
C ASP B 427 8.70 51.98 86.92
N ALA B 428 7.55 52.26 86.31
CA ALA B 428 6.64 51.20 85.92
C ALA B 428 7.22 50.38 84.77
N THR B 429 6.65 49.19 84.57
CA THR B 429 7.12 48.26 83.56
C THR B 429 5.91 47.65 82.86
N ALA B 430 6.16 46.65 82.02
CA ALA B 430 5.09 45.97 81.29
C ALA B 430 5.17 44.46 81.50
N MET C 1 -44.46 2.65 -27.24
CA MET C 1 -45.25 1.77 -26.38
C MET C 1 -44.38 1.07 -25.34
N ARG C 2 -43.21 1.66 -25.05
CA ARG C 2 -42.31 1.15 -24.04
C ARG C 2 -41.73 2.31 -23.26
N GLU C 3 -41.74 2.20 -21.94
CA GLU C 3 -41.17 3.26 -21.10
C GLU C 3 -40.99 2.72 -19.70
N VAL C 4 -40.06 3.35 -18.96
CA VAL C 4 -39.82 3.03 -17.57
C VAL C 4 -39.65 4.32 -16.80
N ILE C 5 -40.18 4.33 -15.58
CA ILE C 5 -40.00 5.44 -14.65
C ILE C 5 -38.71 5.21 -13.88
N SER C 6 -37.91 6.26 -13.72
CA SER C 6 -36.63 6.16 -13.03
C SER C 6 -36.66 7.10 -11.84
N ILE C 7 -37.15 6.60 -10.71
CA ILE C 7 -37.20 7.37 -9.47
C ILE C 7 -35.82 7.35 -8.83
N HIS C 8 -35.28 8.52 -8.53
CA HIS C 8 -33.99 8.63 -7.86
C HIS C 8 -34.19 9.33 -6.53
N VAL C 9 -33.92 8.62 -5.44
CA VAL C 9 -34.11 9.16 -4.09
C VAL C 9 -32.76 9.15 -3.38
N GLY C 10 -32.75 9.74 -2.19
CA GLY C 10 -31.55 9.74 -1.40
C GLY C 10 -30.47 10.64 -1.98
N GLN C 11 -29.22 10.28 -1.71
CA GLN C 11 -28.07 11.05 -2.17
C GLN C 11 -27.27 10.28 -3.22
N GLY C 12 -26.83 9.07 -2.90
CA GLY C 12 -26.13 8.27 -3.88
C GLY C 12 -26.99 7.95 -5.08
N GLY C 13 -28.28 7.69 -4.85
CA GLY C 13 -29.19 7.44 -5.94
C GLY C 13 -29.22 8.59 -6.93
N ILE C 14 -29.27 9.83 -6.43
CA ILE C 14 -29.42 10.96 -7.33
C ILE C 14 -28.12 11.21 -8.10
N GLN C 15 -26.97 10.93 -7.51
CA GLN C 15 -25.72 11.14 -8.22
C GLN C 15 -25.51 10.08 -9.29
N VAL C 16 -25.73 8.80 -8.95
CA VAL C 16 -25.61 7.77 -9.97
C VAL C 16 -26.66 7.98 -11.04
N GLY C 17 -27.81 8.58 -10.68
CA GLY C 17 -28.80 8.89 -11.70
C GLY C 17 -28.38 10.04 -12.59
N ASN C 18 -27.69 11.03 -12.03
CA ASN C 18 -27.13 12.09 -12.84
C ASN C 18 -26.17 11.52 -13.87
N ALA C 19 -25.28 10.62 -13.43
CA ALA C 19 -24.35 10.00 -14.38
C ALA C 19 -25.09 9.14 -15.39
N CYS C 20 -26.15 8.46 -14.94
CA CYS C 20 -26.93 7.62 -15.85
C CYS C 20 -27.61 8.45 -16.93
N TRP C 21 -28.15 9.61 -16.55
CA TRP C 21 -28.77 10.47 -17.54
C TRP C 21 -27.74 11.10 -18.45
N GLU C 22 -26.54 11.36 -17.94
CA GLU C 22 -25.45 11.75 -18.82
C GLU C 22 -25.24 10.71 -19.92
N LEU C 23 -25.06 9.45 -19.51
CA LEU C 23 -24.82 8.39 -20.50
C LEU C 23 -25.98 8.26 -21.48
N PHE C 24 -27.22 8.33 -20.97
CA PHE C 24 -28.38 8.14 -21.84
C PHE C 24 -28.49 9.28 -22.84
N CYS C 25 -28.56 10.52 -22.34
CA CYS C 25 -28.58 11.67 -23.23
C CYS C 25 -27.44 11.65 -24.23
N LEU C 26 -26.31 11.03 -23.85
CA LEU C 26 -25.21 10.89 -24.80
C LEU C 26 -25.57 9.93 -25.93
N GLU C 27 -25.85 8.67 -25.59
CA GLU C 27 -25.90 7.64 -26.62
C GLU C 27 -27.05 7.83 -27.61
N HIS C 28 -28.08 8.59 -27.24
CA HIS C 28 -29.22 8.83 -28.11
C HIS C 28 -29.06 10.11 -28.92
N GLY C 29 -27.85 10.65 -29.01
CA GLY C 29 -27.61 11.89 -29.73
C GLY C 29 -28.24 13.12 -29.12
N ILE C 30 -28.91 12.99 -27.98
CA ILE C 30 -29.56 14.14 -27.36
C ILE C 30 -28.51 15.12 -26.86
N GLN C 31 -28.78 16.39 -27.03
CA GLN C 31 -27.82 17.32 -26.47
C GLN C 31 -28.15 17.60 -25.01
N PRO C 32 -27.13 17.82 -24.18
CA PRO C 32 -27.38 17.98 -22.73
C PRO C 32 -28.34 19.10 -22.39
N ASP C 33 -28.42 20.13 -23.22
CA ASP C 33 -29.38 21.21 -22.96
C ASP C 33 -30.81 20.83 -23.31
N GLY C 34 -31.04 19.64 -23.85
CA GLY C 34 -32.37 19.12 -24.10
C GLY C 34 -32.69 18.85 -25.56
N GLN C 35 -32.16 19.63 -26.48
CA GLN C 35 -32.53 19.51 -27.88
C GLN C 35 -31.81 18.34 -28.54
N MET C 36 -32.20 18.06 -29.78
CA MET C 36 -31.61 17.01 -30.59
C MET C 36 -31.12 17.62 -31.89
N PRO C 37 -29.89 17.34 -32.31
CA PRO C 37 -29.37 17.97 -33.54
C PRO C 37 -30.15 17.52 -34.77
N ALA C 48 -36.03 5.58 -31.08
CA ALA C 48 -35.20 4.77 -30.21
C ALA C 48 -35.10 5.31 -28.78
N PHE C 49 -35.88 6.33 -28.43
CA PHE C 49 -35.78 6.95 -27.12
C PHE C 49 -37.08 6.99 -26.35
N ASN C 50 -38.15 6.36 -26.86
CA ASN C 50 -39.42 6.43 -26.16
C ASN C 50 -39.38 5.74 -24.79
N THR C 51 -38.32 4.99 -24.50
CA THR C 51 -38.24 4.34 -23.20
C THR C 51 -37.97 5.33 -22.08
N PHE C 52 -36.85 6.05 -22.17
CA PHE C 52 -36.46 6.97 -21.10
C PHE C 52 -36.95 8.39 -21.37
N PHE C 53 -36.52 8.99 -22.47
CA PHE C 53 -36.87 10.37 -22.77
C PHE C 53 -38.24 10.43 -23.43
N SER C 54 -38.75 11.65 -23.59
CA SER C 54 -40.04 11.83 -24.23
C SER C 54 -40.13 13.21 -24.83
N GLU C 55 -40.86 13.31 -25.94
CA GLU C 55 -41.19 14.60 -26.52
C GLU C 55 -42.03 15.41 -25.54
N THR C 56 -41.67 16.67 -25.36
CA THR C 56 -42.35 17.50 -24.37
C THR C 56 -43.55 18.23 -24.94
N GLY C 57 -43.50 18.63 -26.20
CA GLY C 57 -44.51 19.48 -26.80
C GLY C 57 -43.94 20.76 -27.38
N ALA C 58 -42.71 21.11 -27.05
CA ALA C 58 -42.04 22.27 -27.66
C ALA C 58 -40.56 21.97 -27.74
N GLY C 59 -40.12 21.44 -28.88
CA GLY C 59 -38.71 21.34 -29.20
C GLY C 59 -37.93 20.31 -28.41
N LYS C 60 -37.72 20.57 -27.12
CA LYS C 60 -36.80 19.77 -26.31
C LYS C 60 -37.40 18.39 -26.02
N HIS C 61 -36.64 17.58 -25.29
CA HIS C 61 -37.07 16.28 -24.81
C HIS C 61 -36.79 16.19 -23.33
N VAL C 62 -37.75 15.69 -22.57
CA VAL C 62 -37.58 15.61 -21.12
C VAL C 62 -37.40 14.16 -20.70
N PRO C 63 -36.55 13.88 -19.72
CA PRO C 63 -36.36 12.50 -19.27
C PRO C 63 -37.40 12.09 -18.25
N ARG C 64 -37.82 10.83 -18.33
CA ARG C 64 -38.75 10.28 -17.35
C ARG C 64 -38.02 9.99 -16.04
N ALA C 65 -38.06 10.96 -15.12
CA ALA C 65 -37.37 10.81 -13.84
C ALA C 65 -37.87 11.86 -12.88
N VAL C 66 -37.89 11.49 -11.60
CA VAL C 66 -38.18 12.42 -10.52
C VAL C 66 -37.06 12.30 -9.49
N PHE C 67 -36.58 13.43 -9.02
CA PHE C 67 -35.44 13.49 -8.10
C PHE C 67 -35.93 14.03 -6.76
N LEU C 68 -36.12 13.14 -5.80
CA LEU C 68 -36.46 13.55 -4.45
C LEU C 68 -35.19 13.72 -3.62
N ASP C 69 -35.16 14.78 -2.83
CA ASP C 69 -34.11 14.89 -1.82
C ASP C 69 -34.48 15.97 -0.83
N LEU C 70 -33.89 15.89 0.35
CA LEU C 70 -34.13 16.86 1.42
C LEU C 70 -33.05 17.91 1.54
N GLU C 71 -31.78 17.53 1.40
CA GLU C 71 -30.71 18.52 1.41
C GLU C 71 -30.63 19.19 0.04
N PRO C 72 -30.90 20.49 -0.06
CA PRO C 72 -30.99 21.14 -1.38
C PRO C 72 -29.67 21.24 -2.13
N THR C 73 -28.57 20.74 -1.58
CA THR C 73 -27.27 20.98 -2.22
C THR C 73 -27.15 20.24 -3.54
N VAL C 74 -27.49 18.95 -3.57
CA VAL C 74 -27.31 18.18 -4.79
C VAL C 74 -28.32 18.58 -5.85
N ILE C 75 -29.57 18.83 -5.44
CA ILE C 75 -30.57 19.30 -6.40
C ILE C 75 -30.20 20.67 -6.94
N ASP C 76 -29.63 21.53 -6.10
CA ASP C 76 -29.17 22.82 -6.59
C ASP C 76 -28.00 22.64 -7.55
N GLU C 77 -27.09 21.72 -7.26
CA GLU C 77 -25.99 21.45 -8.18
C GLU C 77 -26.49 20.95 -9.52
N VAL C 78 -27.57 20.17 -9.51
CA VAL C 78 -28.16 19.72 -10.77
C VAL C 78 -28.84 20.88 -11.48
N ARG C 79 -29.51 21.75 -10.72
CA ARG C 79 -30.20 22.90 -11.31
C ARG C 79 -29.23 23.94 -11.85
N THR C 80 -27.98 23.92 -11.42
CA THR C 80 -26.97 24.87 -11.87
C THR C 80 -25.77 24.17 -12.50
N GLY C 81 -25.88 22.88 -12.77
CA GLY C 81 -24.80 22.15 -13.40
C GLY C 81 -24.81 22.32 -14.90
N THR C 82 -24.73 21.21 -15.64
CA THR C 82 -24.68 21.28 -17.09
C THR C 82 -26.05 21.02 -17.72
N TYR C 83 -26.86 20.14 -17.13
CA TYR C 83 -28.12 19.74 -17.71
C TYR C 83 -29.30 20.51 -17.17
N ARG C 84 -29.10 21.79 -16.81
CA ARG C 84 -30.15 22.55 -16.14
C ARG C 84 -31.42 22.64 -16.98
N GLN C 85 -31.29 22.71 -18.31
CA GLN C 85 -32.47 22.77 -19.18
C GLN C 85 -33.05 21.41 -19.53
N LEU C 86 -32.37 20.32 -19.16
CA LEU C 86 -32.83 19.00 -19.55
C LEU C 86 -34.12 18.63 -18.81
N PHE C 87 -34.07 18.63 -17.48
CA PHE C 87 -35.18 18.14 -16.69
C PHE C 87 -36.34 19.13 -16.72
N HIS C 88 -37.40 18.78 -16.00
CA HIS C 88 -38.56 19.63 -15.82
C HIS C 88 -38.56 20.17 -14.41
N PRO C 89 -38.71 21.48 -14.23
CA PRO C 89 -38.45 22.08 -12.91
C PRO C 89 -39.41 21.63 -11.81
N GLU C 90 -40.31 20.70 -12.11
CA GLU C 90 -41.14 20.08 -11.08
C GLU C 90 -40.58 18.76 -10.59
N GLN C 91 -39.95 17.97 -11.48
CA GLN C 91 -39.40 16.68 -11.08
C GLN C 91 -38.35 16.81 -9.99
N LEU C 92 -37.74 17.98 -9.83
CA LEU C 92 -36.69 18.17 -8.86
C LEU C 92 -37.33 18.62 -7.55
N ILE C 93 -37.71 17.65 -6.73
CA ILE C 93 -38.36 17.92 -5.46
C ILE C 93 -37.28 18.03 -4.39
N SER C 94 -37.13 19.23 -3.83
CA SER C 94 -36.11 19.53 -2.84
C SER C 94 -36.76 19.87 -1.52
N GLY C 95 -36.36 19.18 -0.46
CA GLY C 95 -36.91 19.46 0.85
C GLY C 95 -36.38 20.73 1.46
N LYS C 96 -36.40 20.81 2.79
CA LYS C 96 -35.92 21.98 3.51
C LYS C 96 -34.91 21.64 4.60
N GLU C 97 -34.95 20.44 5.15
CA GLU C 97 -34.05 19.99 6.21
C GLU C 97 -33.12 18.92 5.64
N ASP C 98 -32.32 18.32 6.51
CA ASP C 98 -31.44 17.24 6.13
C ASP C 98 -31.99 15.92 6.65
N ALA C 99 -31.25 14.84 6.39
CA ALA C 99 -31.67 13.52 6.83
C ALA C 99 -31.05 13.10 8.15
N ALA C 100 -29.89 13.66 8.51
CA ALA C 100 -29.22 13.39 9.78
C ALA C 100 -28.89 11.93 9.98
N ASN C 101 -28.96 11.12 8.92
CA ASN C 101 -28.57 9.71 8.97
C ASN C 101 -29.34 8.94 10.04
N ASN C 102 -30.66 9.04 10.01
CA ASN C 102 -31.52 8.14 10.76
C ASN C 102 -32.73 7.79 9.90
N PHE C 103 -33.67 7.07 10.49
CA PHE C 103 -34.77 6.51 9.72
C PHE C 103 -36.07 7.28 9.92
N ALA C 104 -36.49 7.46 11.18
CA ALA C 104 -37.79 8.07 11.45
C ALA C 104 -37.89 9.49 10.91
N ARG C 105 -36.77 10.17 10.67
CA ARG C 105 -36.78 11.49 10.08
C ARG C 105 -36.80 11.45 8.57
N GLY C 106 -37.09 10.30 7.97
CA GLY C 106 -37.31 10.22 6.54
C GLY C 106 -38.42 9.25 6.23
N HIS C 107 -38.98 8.65 7.27
CA HIS C 107 -40.02 7.64 7.09
C HIS C 107 -41.21 7.81 8.02
N TYR C 108 -41.11 8.60 9.07
CA TYR C 108 -42.22 8.72 10.01
C TYR C 108 -42.63 10.16 10.28
N THR C 109 -41.67 11.09 10.33
CA THR C 109 -41.95 12.46 10.75
C THR C 109 -41.93 13.44 9.59
N ILE C 110 -40.85 13.50 8.83
CA ILE C 110 -40.66 14.53 7.82
C ILE C 110 -40.98 14.02 6.43
N GLY C 111 -40.65 12.77 6.13
CA GLY C 111 -40.91 12.20 4.83
C GLY C 111 -42.37 12.29 4.42
N LYS C 112 -43.26 12.33 5.40
CA LYS C 112 -44.68 12.48 5.12
C LYS C 112 -45.01 13.86 4.55
N GLU C 113 -44.10 14.83 4.67
CA GLU C 113 -44.36 16.15 4.11
C GLU C 113 -44.06 16.18 2.62
N ILE C 114 -43.37 15.17 2.09
CA ILE C 114 -42.98 15.15 0.69
C ILE C 114 -43.55 13.95 -0.05
N VAL C 115 -43.99 12.91 0.65
CA VAL C 115 -44.41 11.69 -0.03
C VAL C 115 -45.64 11.93 -0.90
N ASP C 116 -46.57 12.77 -0.43
CA ASP C 116 -47.81 12.98 -1.20
C ASP C 116 -47.53 13.76 -2.48
N LEU C 117 -46.70 14.80 -2.40
CA LEU C 117 -46.30 15.52 -3.60
C LEU C 117 -45.57 14.59 -4.56
N CYS C 118 -44.71 13.72 -4.02
CA CYS C 118 -44.03 12.74 -4.85
C CYS C 118 -45.02 11.85 -5.59
N LEU C 119 -46.02 11.33 -4.87
CA LEU C 119 -46.99 10.44 -5.50
C LEU C 119 -47.81 11.16 -6.56
N ASP C 120 -48.11 12.44 -6.34
CA ASP C 120 -48.81 13.20 -7.38
C ASP C 120 -47.94 13.34 -8.63
N ARG C 121 -46.65 13.66 -8.45
CA ARG C 121 -45.78 13.76 -9.61
C ARG C 121 -45.63 12.43 -10.32
N ILE C 122 -45.55 11.33 -9.56
CA ILE C 122 -45.42 10.01 -10.17
C ILE C 122 -46.70 9.64 -10.91
N ARG C 123 -47.86 10.02 -10.36
CA ARG C 123 -49.11 9.80 -11.07
C ARG C 123 -49.13 10.56 -12.39
N LYS C 124 -48.67 11.82 -12.37
CA LYS C 124 -48.58 12.58 -13.62
C LYS C 124 -47.68 11.86 -14.63
N LEU C 125 -46.51 11.43 -14.19
CA LEU C 125 -45.61 10.69 -15.08
C LEU C 125 -46.26 9.43 -15.61
N ALA C 126 -47.09 8.77 -14.80
CA ALA C 126 -47.73 7.54 -15.26
C ALA C 126 -48.80 7.83 -16.30
N ASP C 127 -49.59 8.88 -16.10
CA ASP C 127 -50.59 9.24 -17.11
C ASP C 127 -49.94 9.68 -18.41
N ASN C 128 -48.78 10.33 -18.33
CA ASN C 128 -48.09 10.77 -19.53
C ASN C 128 -47.48 9.60 -20.31
N CYS C 129 -47.67 8.37 -19.86
CA CYS C 129 -47.06 7.20 -20.49
C CYS C 129 -48.11 6.16 -20.80
N THR C 130 -47.83 5.31 -21.79
CA THR C 130 -48.80 4.31 -22.23
C THR C 130 -48.33 2.88 -21.99
N GLY C 131 -47.17 2.50 -22.53
CA GLY C 131 -46.71 1.12 -22.41
C GLY C 131 -45.78 0.89 -21.25
N LEU C 132 -46.27 1.06 -20.03
CA LEU C 132 -45.42 0.99 -18.85
C LEU C 132 -44.82 -0.40 -18.72
N GLN C 133 -43.60 -0.44 -18.17
CA GLN C 133 -42.89 -1.70 -17.99
C GLN C 133 -42.28 -1.88 -16.60
N GLY C 134 -41.98 -0.80 -15.88
CA GLY C 134 -41.43 -0.95 -14.55
C GLY C 134 -40.74 0.30 -14.10
N PHE C 135 -40.20 0.22 -12.88
CA PHE C 135 -39.51 1.32 -12.24
C PHE C 135 -38.04 1.01 -12.04
N LEU C 136 -37.24 2.06 -11.85
CA LEU C 136 -35.81 1.91 -11.59
C LEU C 136 -35.46 2.89 -10.47
N VAL C 137 -35.54 2.42 -9.23
CA VAL C 137 -35.18 3.23 -8.08
C VAL C 137 -33.70 3.01 -7.77
N PHE C 138 -32.98 4.09 -7.55
CA PHE C 138 -31.58 4.03 -7.14
C PHE C 138 -31.44 4.70 -5.78
N ASN C 139 -30.74 4.05 -4.87
CA ASN C 139 -30.55 4.67 -3.56
C ASN C 139 -29.46 3.97 -2.79
N SER C 140 -28.81 4.72 -1.90
CA SER C 140 -28.03 4.10 -0.85
C SER C 140 -28.98 3.68 0.28
N VAL C 141 -28.50 2.76 1.11
CA VAL C 141 -29.30 2.31 2.25
C VAL C 141 -28.54 2.66 3.52
N GLY C 142 -27.22 2.78 3.40
CA GLY C 142 -26.41 3.24 4.52
C GLY C 142 -26.69 4.66 4.96
N GLY C 143 -27.61 5.35 4.30
CA GLY C 143 -27.93 6.71 4.62
C GLY C 143 -29.25 6.85 5.35
N GLY C 144 -29.73 8.09 5.42
CA GLY C 144 -30.92 8.39 6.18
C GLY C 144 -32.18 8.57 5.36
N THR C 145 -32.09 9.29 4.24
CA THR C 145 -33.25 9.49 3.38
C THR C 145 -33.36 8.46 2.27
N GLY C 146 -32.23 7.90 1.82
CA GLY C 146 -32.28 6.86 0.82
C GLY C 146 -32.96 5.59 1.29
N SER C 147 -33.07 5.41 2.60
CA SER C 147 -33.75 4.26 3.17
C SER C 147 -35.16 4.61 3.61
N GLY C 148 -35.29 5.60 4.48
CA GLY C 148 -36.58 6.01 5.00
C GLY C 148 -37.57 6.44 3.94
N LEU C 149 -37.27 7.56 3.26
CA LEU C 149 -38.14 8.00 2.18
C LEU C 149 -38.27 6.94 1.10
N GLY C 150 -37.20 6.20 0.84
CA GLY C 150 -37.28 5.11 -0.11
C GLY C 150 -38.26 4.03 0.33
N SER C 151 -38.22 3.67 1.61
CA SER C 151 -39.15 2.68 2.12
C SER C 151 -40.59 3.17 2.02
N LEU C 152 -40.84 4.42 2.42
CA LEU C 152 -42.18 4.96 2.34
C LEU C 152 -42.68 4.99 0.90
N LEU C 153 -41.81 5.39 -0.04
CA LEU C 153 -42.22 5.47 -1.42
C LEU C 153 -42.49 4.09 -2.00
N LEU C 154 -41.65 3.10 -1.66
CA LEU C 154 -41.92 1.73 -2.07
C LEU C 154 -43.26 1.25 -1.56
N GLU C 155 -43.57 1.54 -0.29
CA GLU C 155 -44.85 1.13 0.28
C GLU C 155 -45.99 1.78 -0.48
N ARG C 156 -45.92 3.09 -0.71
CA ARG C 156 -47.00 3.80 -1.38
C ARG C 156 -47.20 3.27 -2.80
N LEU C 157 -46.11 2.98 -3.51
CA LEU C 157 -46.24 2.47 -4.86
C LEU C 157 -46.84 1.07 -4.87
N SER C 158 -46.33 0.18 -4.01
CA SER C 158 -46.85 -1.18 -3.97
C SER C 158 -48.32 -1.23 -3.59
N VAL C 159 -48.78 -0.28 -2.76
CA VAL C 159 -50.20 -0.22 -2.44
C VAL C 159 -50.98 0.65 -3.40
N ASP C 160 -50.32 1.29 -4.36
CA ASP C 160 -50.98 2.19 -5.30
C ASP C 160 -51.03 1.63 -6.72
N TYR C 161 -49.91 1.12 -7.25
CA TYR C 161 -49.86 0.62 -8.61
C TYR C 161 -50.02 -0.89 -8.71
N GLY C 162 -49.25 -1.65 -7.94
CA GLY C 162 -49.46 -3.08 -7.91
C GLY C 162 -48.58 -3.87 -8.88
N LYS C 163 -49.13 -4.18 -10.05
CA LYS C 163 -48.56 -5.21 -10.90
C LYS C 163 -47.17 -4.86 -11.40
N LYS C 164 -46.87 -3.57 -11.58
CA LYS C 164 -45.59 -3.17 -12.15
C LYS C 164 -44.44 -3.48 -11.20
N SER C 165 -43.43 -4.18 -11.71
CA SER C 165 -42.33 -4.65 -10.89
C SER C 165 -41.28 -3.56 -10.72
N LYS C 166 -40.73 -3.47 -9.51
CA LYS C 166 -39.76 -2.45 -9.16
C LYS C 166 -38.35 -3.01 -9.22
N LEU C 167 -37.40 -2.18 -9.62
CA LEU C 167 -36.00 -2.54 -9.80
C LEU C 167 -35.15 -1.71 -8.85
N GLY C 168 -35.00 -2.21 -7.62
CA GLY C 168 -34.16 -1.52 -6.66
C GLY C 168 -32.68 -1.66 -6.99
N PHE C 169 -31.96 -0.57 -6.82
CA PHE C 169 -30.50 -0.57 -6.96
C PHE C 169 -29.95 0.09 -5.70
N THR C 170 -29.59 -0.73 -4.72
CA THR C 170 -29.27 -0.28 -3.38
C THR C 170 -27.77 -0.40 -3.14
N ILE C 171 -27.16 0.71 -2.73
CA ILE C 171 -25.74 0.74 -2.38
C ILE C 171 -25.64 0.41 -0.89
N TYR C 172 -25.21 -0.82 -0.60
CA TYR C 172 -25.04 -1.24 0.79
C TYR C 172 -23.69 -0.79 1.34
N PRO C 173 -23.47 -0.98 2.64
CA PRO C 173 -22.12 -0.75 3.20
C PRO C 173 -21.20 -1.93 2.89
N SER C 174 -19.97 -1.60 2.50
CA SER C 174 -18.93 -2.58 2.28
C SER C 174 -18.31 -3.00 3.60
N PRO C 175 -17.59 -4.13 3.64
CA PRO C 175 -17.03 -4.61 4.91
C PRO C 175 -16.12 -3.61 5.60
N GLN C 176 -15.07 -3.16 4.90
CA GLN C 176 -14.04 -2.32 5.52
C GLN C 176 -14.35 -0.84 5.41
N VAL C 177 -14.52 -0.32 4.18
CA VAL C 177 -14.73 1.11 4.01
C VAL C 177 -16.03 1.51 4.68
N SER C 178 -16.01 2.65 5.36
CA SER C 178 -17.15 3.11 6.14
C SER C 178 -17.23 4.62 6.08
N THR C 179 -18.42 5.13 5.75
CA THR C 179 -18.67 6.57 5.68
C THR C 179 -19.72 7.02 6.67
N ALA C 180 -20.16 6.14 7.56
CA ALA C 180 -21.12 6.48 8.60
C ALA C 180 -21.12 5.36 9.62
N VAL C 181 -21.30 5.73 10.89
CA VAL C 181 -21.24 4.77 11.98
C VAL C 181 -22.59 4.13 12.27
N VAL C 182 -23.69 4.73 11.81
CA VAL C 182 -25.02 4.23 12.12
C VAL C 182 -25.67 3.58 10.90
N GLU C 183 -24.88 3.28 9.87
CA GLU C 183 -25.45 2.66 8.67
C GLU C 183 -25.97 1.23 8.90
N PRO C 184 -25.40 0.41 9.79
CA PRO C 184 -26.04 -0.88 10.05
C PRO C 184 -27.48 -0.75 10.52
N TYR C 185 -27.75 0.24 11.39
CA TYR C 185 -29.08 0.39 11.95
C TYR C 185 -30.13 0.61 10.87
N ASN C 186 -29.98 1.69 10.09
CA ASN C 186 -31.00 1.99 9.10
C ASN C 186 -30.96 1.01 7.93
N SER C 187 -29.80 0.46 7.60
CA SER C 187 -29.76 -0.55 6.56
C SER C 187 -30.54 -1.79 6.97
N ILE C 188 -30.55 -2.12 8.26
CA ILE C 188 -31.40 -3.22 8.73
C ILE C 188 -32.85 -2.78 8.78
N LEU C 189 -33.10 -1.52 9.13
CA LEU C 189 -34.46 -1.01 9.17
C LEU C 189 -35.13 -1.07 7.80
N SER C 190 -34.35 -0.94 6.73
CA SER C 190 -34.93 -0.90 5.39
C SER C 190 -35.35 -2.27 4.88
N THR C 191 -34.89 -3.36 5.50
CA THR C 191 -35.24 -4.69 5.01
C THR C 191 -36.71 -5.00 5.25
N HIS C 192 -37.27 -4.52 6.35
CA HIS C 192 -38.69 -4.71 6.66
C HIS C 192 -39.59 -4.26 5.53
N SER C 193 -39.11 -3.41 4.63
CA SER C 193 -39.87 -2.95 3.48
C SER C 193 -39.25 -3.33 2.15
N LEU C 194 -37.98 -3.75 2.12
CA LEU C 194 -37.40 -4.19 0.86
C LEU C 194 -37.98 -5.53 0.42
N LEU C 195 -38.22 -6.43 1.37
CA LEU C 195 -38.77 -7.74 1.03
C LEU C 195 -40.17 -7.61 0.43
N GLU C 196 -41.06 -6.92 1.14
CA GLU C 196 -42.48 -6.93 0.79
C GLU C 196 -42.74 -6.33 -0.59
N HIS C 197 -42.28 -5.09 -0.80
CA HIS C 197 -42.73 -4.32 -1.93
C HIS C 197 -41.85 -4.45 -3.18
N THR C 198 -40.56 -4.70 -3.02
CA THR C 198 -39.62 -4.65 -4.14
C THR C 198 -39.51 -6.02 -4.79
N ASP C 199 -39.47 -6.04 -6.12
CA ASP C 199 -39.33 -7.25 -6.91
C ASP C 199 -37.89 -7.66 -7.13
N VAL C 200 -37.06 -6.74 -7.63
CA VAL C 200 -35.67 -7.01 -7.96
C VAL C 200 -34.79 -6.04 -7.19
N ALA C 201 -33.84 -6.59 -6.44
CA ALA C 201 -32.89 -5.78 -5.67
C ALA C 201 -31.48 -6.20 -6.06
N VAL C 202 -30.71 -5.27 -6.63
CA VAL C 202 -29.39 -5.56 -7.16
C VAL C 202 -28.37 -5.01 -6.16
N MET C 203 -27.65 -5.92 -5.49
CA MET C 203 -26.69 -5.52 -4.47
C MET C 203 -25.48 -4.83 -5.11
N LEU C 204 -25.22 -3.59 -4.72
CA LEU C 204 -24.05 -2.86 -5.14
C LEU C 204 -23.32 -2.34 -3.91
N ASP C 205 -22.06 -2.73 -3.75
CA ASP C 205 -21.22 -2.17 -2.71
C ASP C 205 -20.31 -1.10 -3.32
N ASN C 206 -19.33 -0.63 -2.56
CA ASN C 206 -18.36 0.32 -3.09
C ASN C 206 -16.94 -0.22 -3.11
N GLU C 207 -16.51 -0.91 -2.04
CA GLU C 207 -15.14 -1.40 -1.99
C GLU C 207 -14.82 -2.28 -3.19
N ALA C 208 -15.78 -3.10 -3.61
CA ALA C 208 -15.57 -3.92 -4.80
C ALA C 208 -15.36 -3.05 -6.03
N ILE C 209 -16.16 -1.99 -6.18
CA ILE C 209 -15.99 -1.10 -7.32
C ILE C 209 -14.68 -0.32 -7.19
N TYR C 210 -14.29 0.02 -5.96
CA TYR C 210 -12.99 0.66 -5.77
C TYR C 210 -11.86 -0.22 -6.27
N ASP C 211 -11.83 -1.48 -5.82
CA ASP C 211 -10.79 -2.39 -6.28
C ASP C 211 -10.85 -2.60 -7.79
N ILE C 212 -12.06 -2.66 -8.34
CA ILE C 212 -12.23 -2.83 -9.77
C ILE C 212 -11.59 -1.66 -10.52
N CYS C 213 -11.87 -0.44 -10.07
CA CYS C 213 -11.24 0.73 -10.68
C CYS C 213 -9.73 0.72 -10.48
N ARG C 214 -9.26 0.10 -9.39
CA ARG C 214 -7.84 0.08 -9.13
C ARG C 214 -7.11 -0.85 -10.10
N ARG C 215 -7.50 -2.12 -10.14
CA ARG C 215 -6.73 -3.10 -10.91
C ARG C 215 -6.95 -2.94 -12.41
N ASN C 216 -8.21 -2.97 -12.86
CA ASN C 216 -8.49 -2.98 -14.28
C ASN C 216 -8.21 -1.62 -14.92
N LEU C 217 -8.89 -0.57 -14.43
CA LEU C 217 -8.79 0.74 -15.04
C LEU C 217 -7.47 1.44 -14.71
N ASP C 218 -6.59 0.82 -13.93
CA ASP C 218 -5.22 1.25 -13.67
C ASP C 218 -5.14 2.59 -12.96
N ILE C 219 -6.26 3.20 -12.60
CA ILE C 219 -6.23 4.46 -11.86
C ILE C 219 -5.89 4.16 -10.40
N GLU C 220 -5.25 5.12 -9.73
CA GLU C 220 -4.92 4.97 -8.32
C GLU C 220 -5.56 6.04 -7.45
N ARG C 221 -6.36 6.93 -8.04
CA ARG C 221 -7.13 7.93 -7.29
C ARG C 221 -8.56 7.95 -7.77
N PRO C 222 -9.29 6.83 -7.64
CA PRO C 222 -10.66 6.79 -8.14
C PRO C 222 -11.57 7.68 -7.31
N THR C 223 -12.76 7.93 -7.83
CA THR C 223 -13.68 8.87 -7.21
C THR C 223 -15.11 8.40 -7.44
N TYR C 224 -16.03 8.93 -6.62
CA TYR C 224 -17.43 8.57 -6.73
C TYR C 224 -17.97 8.75 -8.15
N THR C 225 -17.47 9.74 -8.87
CA THR C 225 -17.92 9.98 -10.23
C THR C 225 -17.62 8.78 -11.12
N ASN C 226 -16.46 8.13 -10.93
CA ASN C 226 -16.13 6.94 -11.71
C ASN C 226 -17.07 5.78 -11.39
N LEU C 227 -17.34 5.57 -10.10
CA LEU C 227 -18.31 4.56 -9.69
C LEU C 227 -19.64 4.79 -10.40
N ASN C 228 -20.10 6.03 -10.37
CA ASN C 228 -21.37 6.35 -11.00
C ASN C 228 -21.33 6.13 -12.51
N ARG C 229 -20.20 6.44 -13.14
CA ARG C 229 -20.06 6.17 -14.57
C ARG C 229 -20.23 4.68 -14.86
N LEU C 230 -19.57 3.85 -14.07
CA LEU C 230 -19.65 2.41 -14.31
C LEU C 230 -21.06 1.88 -14.06
N ILE C 231 -21.74 2.38 -13.02
CA ILE C 231 -23.11 1.94 -12.77
C ILE C 231 -24.03 2.39 -13.89
N ALA C 232 -23.80 3.60 -14.41
CA ALA C 232 -24.55 4.06 -15.57
C ALA C 232 -24.34 3.15 -16.76
N GLN C 233 -23.10 2.71 -16.97
CA GLN C 233 -22.83 1.76 -18.05
C GLN C 233 -23.64 0.49 -17.87
N VAL C 234 -23.65 -0.05 -16.65
CA VAL C 234 -24.39 -1.29 -16.41
C VAL C 234 -25.88 -1.09 -16.66
N ILE C 235 -26.42 0.05 -16.24
CA ILE C 235 -27.85 0.30 -16.44
C ILE C 235 -28.18 0.43 -17.93
N SER C 236 -27.31 1.10 -18.68
CA SER C 236 -27.55 1.22 -20.12
C SER C 236 -27.49 -0.15 -20.79
N SER C 237 -26.56 -1.00 -20.38
CA SER C 237 -26.53 -2.34 -20.94
C SER C 237 -27.72 -3.17 -20.47
N LEU C 238 -28.30 -2.82 -19.33
CA LEU C 238 -29.52 -3.47 -18.87
C LEU C 238 -30.71 -3.13 -19.78
N THR C 239 -30.84 -1.85 -20.15
CA THR C 239 -32.02 -1.40 -20.87
C THR C 239 -31.83 -1.36 -22.39
N ALA C 240 -30.63 -1.72 -22.88
CA ALA C 240 -30.41 -1.77 -24.32
C ALA C 240 -31.45 -2.62 -25.04
N SER C 241 -31.91 -3.70 -24.40
CA SER C 241 -32.85 -4.59 -25.05
C SER C 241 -34.18 -3.89 -25.32
N LEU C 242 -34.66 -3.10 -24.37
CA LEU C 242 -35.85 -2.29 -24.61
C LEU C 242 -35.58 -1.22 -25.66
N ARG C 243 -34.41 -0.59 -25.58
CA ARG C 243 -34.19 0.63 -26.37
C ARG C 243 -33.74 0.37 -27.80
N PHE C 244 -33.19 -0.81 -28.10
CA PHE C 244 -32.48 -0.97 -29.37
C PHE C 244 -32.79 -2.33 -29.96
N ASP C 245 -32.07 -2.65 -31.03
CA ASP C 245 -32.22 -3.90 -31.77
C ASP C 245 -31.53 -5.04 -31.05
N GLY C 246 -31.82 -6.26 -31.47
CA GLY C 246 -31.17 -7.44 -30.94
C GLY C 246 -31.70 -8.73 -31.53
N ALA C 247 -30.79 -9.68 -31.81
CA ALA C 247 -31.21 -10.95 -32.35
C ALA C 247 -32.09 -11.72 -31.37
N LEU C 248 -31.87 -11.53 -30.07
CA LEU C 248 -32.66 -12.20 -29.03
C LEU C 248 -32.96 -11.17 -27.95
N ASN C 249 -34.09 -10.47 -28.09
CA ASN C 249 -34.44 -9.40 -27.17
C ASN C 249 -34.90 -9.97 -25.83
N VAL C 250 -34.76 -9.15 -24.79
CA VAL C 250 -35.11 -9.53 -23.42
C VAL C 250 -35.88 -8.35 -22.83
N ASP C 251 -37.19 -8.48 -22.71
CA ASP C 251 -38.01 -7.45 -22.11
C ASP C 251 -37.78 -7.44 -20.60
N ILE C 252 -38.52 -6.60 -19.88
CA ILE C 252 -38.36 -6.51 -18.43
C ILE C 252 -39.28 -7.46 -17.68
N THR C 253 -40.06 -8.28 -18.38
CA THR C 253 -40.76 -9.37 -17.73
C THR C 253 -39.96 -10.66 -17.73
N GLU C 254 -39.04 -10.81 -18.69
CA GLU C 254 -38.16 -11.98 -18.69
C GLU C 254 -37.31 -12.04 -17.42
N PHE C 255 -36.97 -10.88 -16.86
CA PHE C 255 -36.25 -10.87 -15.60
C PHE C 255 -37.06 -11.55 -14.50
N GLN C 256 -38.29 -11.11 -14.28
CA GLN C 256 -39.09 -11.68 -13.21
C GLN C 256 -39.42 -13.13 -13.48
N THR C 257 -39.63 -13.51 -14.74
CA THR C 257 -39.96 -14.90 -15.01
C THR C 257 -38.75 -15.79 -15.18
N ASN C 258 -37.54 -15.25 -15.06
CA ASN C 258 -36.32 -16.03 -15.22
C ASN C 258 -35.40 -15.98 -14.02
N LEU C 259 -35.56 -15.02 -13.10
CA LEU C 259 -34.64 -14.84 -12.00
C LEU C 259 -35.26 -15.02 -10.63
N VAL C 260 -36.57 -15.19 -10.53
CA VAL C 260 -37.24 -15.22 -9.24
C VAL C 260 -37.85 -16.60 -9.03
N PRO C 261 -37.12 -17.54 -8.44
CA PRO C 261 -37.75 -18.82 -8.07
C PRO C 261 -38.91 -18.64 -7.12
N TYR C 262 -38.69 -17.94 -6.01
CA TYR C 262 -39.73 -17.66 -5.04
C TYR C 262 -39.70 -16.18 -4.72
N PRO C 263 -40.85 -15.51 -4.70
CA PRO C 263 -40.85 -14.05 -4.63
C PRO C 263 -40.26 -13.49 -3.34
N ARG C 264 -39.80 -14.37 -2.46
CA ARG C 264 -39.15 -13.94 -1.23
C ARG C 264 -37.63 -14.03 -1.31
N ILE C 265 -37.09 -14.61 -2.37
CA ILE C 265 -35.63 -14.70 -2.57
C ILE C 265 -35.33 -14.14 -3.96
N HIS C 266 -35.04 -12.85 -4.02
CA HIS C 266 -34.90 -12.15 -5.29
C HIS C 266 -33.76 -11.15 -5.27
N PHE C 267 -32.71 -11.42 -4.52
CA PHE C 267 -31.63 -10.47 -4.30
C PHE C 267 -30.46 -10.81 -5.20
N MET C 268 -30.37 -10.14 -6.34
CA MET C 268 -29.37 -10.43 -7.35
C MET C 268 -28.10 -9.61 -7.11
N LEU C 269 -27.04 -9.97 -7.83
CA LEU C 269 -25.80 -9.22 -7.82
C LEU C 269 -25.25 -9.13 -9.24
N SER C 270 -24.56 -8.04 -9.53
CA SER C 270 -24.19 -7.69 -10.89
C SER C 270 -22.78 -8.17 -11.23
N SER C 271 -22.43 -8.00 -12.51
CA SER C 271 -21.10 -8.19 -13.04
C SER C 271 -21.09 -7.66 -14.47
N TYR C 272 -19.94 -7.15 -14.89
CA TYR C 272 -19.83 -6.48 -16.17
C TYR C 272 -18.49 -6.77 -16.79
N ALA C 273 -18.43 -6.74 -18.12
CA ALA C 273 -17.17 -6.91 -18.84
C ALA C 273 -17.35 -6.34 -20.23
N PRO C 274 -16.28 -5.83 -20.87
CA PRO C 274 -14.93 -5.74 -20.33
C PRO C 274 -14.62 -4.36 -19.75
N ILE C 275 -14.16 -4.36 -18.51
CA ILE C 275 -13.72 -3.13 -17.84
C ILE C 275 -12.21 -3.08 -18.03
N ILE C 276 -11.76 -2.47 -19.11
CA ILE C 276 -10.35 -2.41 -19.46
C ILE C 276 -9.98 -0.96 -19.74
N SER C 277 -8.78 -0.58 -19.34
CA SER C 277 -8.25 0.74 -19.68
C SER C 277 -7.85 0.75 -21.15
N ALA C 278 -7.23 1.83 -21.59
CA ALA C 278 -6.81 1.93 -22.98
C ALA C 278 -5.63 1.01 -23.27
N GLU C 279 -4.53 1.21 -22.56
CA GLU C 279 -3.30 0.48 -22.85
C GLU C 279 -3.41 -1.00 -22.59
N LYS C 280 -4.32 -1.43 -21.71
CA LYS C 280 -4.45 -2.84 -21.38
C LYS C 280 -5.38 -3.59 -22.31
N ALA C 281 -5.99 -2.90 -23.27
CA ALA C 281 -6.70 -3.56 -24.35
C ALA C 281 -5.84 -3.73 -25.60
N TYR C 282 -4.88 -2.84 -25.78
CA TYR C 282 -3.90 -2.99 -26.86
C TYR C 282 -3.21 -4.35 -26.76
N HIS C 283 -2.77 -4.73 -25.58
CA HIS C 283 -2.15 -6.04 -25.34
C HIS C 283 -3.18 -7.05 -24.85
N GLU C 284 -4.29 -7.21 -25.57
CA GLU C 284 -5.35 -8.10 -25.12
C GLU C 284 -6.22 -8.50 -26.30
N GLN C 285 -6.49 -9.81 -26.41
CA GLN C 285 -7.32 -10.31 -27.50
C GLN C 285 -8.80 -9.99 -27.28
N LEU C 286 -9.37 -10.47 -26.18
CA LEU C 286 -10.69 -10.06 -25.72
C LEU C 286 -11.78 -10.46 -26.73
N SER C 287 -11.86 -11.75 -27.03
CA SER C 287 -12.97 -12.27 -27.80
C SER C 287 -14.11 -12.67 -26.85
N VAL C 288 -15.09 -13.38 -27.39
CA VAL C 288 -16.27 -13.73 -26.58
C VAL C 288 -15.90 -14.75 -25.50
N ALA C 289 -15.05 -15.71 -25.83
CA ALA C 289 -14.67 -16.73 -24.86
C ALA C 289 -13.95 -16.10 -23.67
N GLU C 290 -12.93 -15.29 -23.95
CA GLU C 290 -12.20 -14.64 -22.87
C GLU C 290 -13.12 -13.74 -22.05
N ILE C 291 -14.07 -13.07 -22.70
CA ILE C 291 -14.90 -12.12 -21.98
C ILE C 291 -15.90 -12.85 -21.08
N THR C 292 -16.41 -14.00 -21.53
CA THR C 292 -17.32 -14.76 -20.67
C THR C 292 -16.58 -15.58 -19.63
N ASN C 293 -15.27 -15.77 -19.80
CA ASN C 293 -14.47 -16.30 -18.69
C ASN C 293 -14.24 -15.22 -17.64
N SER C 294 -13.91 -14.01 -18.08
CA SER C 294 -13.66 -12.92 -17.14
C SER C 294 -14.93 -12.49 -16.41
N ALA C 295 -16.10 -12.65 -17.04
CA ALA C 295 -17.34 -12.18 -16.44
C ALA C 295 -17.62 -12.86 -15.12
N PHE C 296 -17.20 -14.12 -14.97
CA PHE C 296 -17.51 -14.89 -13.76
C PHE C 296 -16.47 -14.73 -12.66
N GLU C 297 -15.32 -14.16 -12.96
CA GLU C 297 -14.26 -13.99 -11.96
C GLU C 297 -14.79 -13.15 -10.79
N PRO C 298 -14.85 -13.70 -9.58
CA PRO C 298 -15.33 -12.91 -8.44
C PRO C 298 -14.57 -11.60 -8.23
N ALA C 299 -13.35 -11.48 -8.74
CA ALA C 299 -12.65 -10.20 -8.68
C ALA C 299 -13.24 -9.17 -9.61
N ASN C 300 -14.26 -9.53 -10.40
CA ASN C 300 -14.93 -8.59 -11.29
C ASN C 300 -16.40 -8.35 -10.90
N MET C 301 -16.90 -9.06 -9.90
CA MET C 301 -18.26 -8.82 -9.43
C MET C 301 -18.36 -7.42 -8.81
N MET C 302 -19.55 -6.86 -8.87
CA MET C 302 -19.83 -5.54 -8.30
C MET C 302 -20.33 -5.62 -6.87
N ALA C 303 -20.00 -6.70 -6.16
CA ALA C 303 -20.43 -6.85 -4.78
C ALA C 303 -19.37 -7.64 -4.03
N LYS C 304 -19.19 -7.30 -2.75
CA LYS C 304 -18.24 -8.04 -1.92
C LYS C 304 -18.85 -9.40 -1.60
N CYS C 305 -18.54 -10.37 -2.45
CA CYS C 305 -18.99 -11.73 -2.22
C CYS C 305 -18.16 -12.65 -3.12
N ASP C 306 -17.78 -13.80 -2.58
CA ASP C 306 -16.95 -14.78 -3.28
C ASP C 306 -17.82 -15.98 -3.64
N PRO C 307 -18.41 -16.01 -4.83
CA PRO C 307 -19.36 -17.08 -5.17
C PRO C 307 -18.80 -18.48 -5.05
N ARG C 308 -17.47 -18.61 -4.94
CA ARG C 308 -16.88 -19.92 -4.66
C ARG C 308 -17.45 -20.53 -3.39
N HIS C 309 -17.86 -19.70 -2.44
CA HIS C 309 -18.53 -20.15 -1.23
C HIS C 309 -20.05 -20.06 -1.35
N GLY C 310 -20.58 -20.24 -2.56
CA GLY C 310 -22.00 -20.27 -2.76
C GLY C 310 -22.33 -20.99 -4.05
N LYS C 311 -23.61 -20.94 -4.42
CA LYS C 311 -24.09 -21.55 -5.64
C LYS C 311 -24.86 -20.52 -6.46
N TYR C 312 -25.11 -20.86 -7.72
CA TYR C 312 -25.80 -19.98 -8.65
C TYR C 312 -27.19 -20.55 -8.93
N MET C 313 -28.19 -19.68 -8.90
CA MET C 313 -29.54 -20.07 -9.30
C MET C 313 -29.82 -19.72 -10.76
N ALA C 314 -29.49 -18.50 -11.16
CA ALA C 314 -29.75 -18.10 -12.53
C ALA C 314 -28.81 -16.96 -12.90
N CYS C 315 -28.55 -16.83 -14.19
CA CYS C 315 -27.67 -15.78 -14.70
C CYS C 315 -28.28 -15.22 -15.98
N SER C 316 -28.73 -13.97 -15.93
CA SER C 316 -29.16 -13.27 -17.13
C SER C 316 -27.94 -12.57 -17.72
N MET C 317 -27.53 -13.00 -18.90
CA MET C 317 -26.39 -12.44 -19.59
C MET C 317 -26.85 -11.73 -20.85
N MET C 318 -26.57 -10.44 -20.96
CA MET C 318 -26.90 -9.66 -22.14
C MET C 318 -25.61 -9.26 -22.83
N TYR C 319 -25.45 -9.72 -24.06
CA TYR C 319 -24.26 -9.43 -24.86
C TYR C 319 -24.61 -8.32 -25.84
N ARG C 320 -24.10 -7.12 -25.59
CA ARG C 320 -24.29 -6.04 -26.52
C ARG C 320 -23.06 -5.91 -27.41
N GLY C 321 -23.28 -5.53 -28.66
CA GLY C 321 -22.21 -5.43 -29.61
C GLY C 321 -22.24 -6.57 -30.61
N ASP C 322 -21.31 -6.50 -31.55
CA ASP C 322 -21.28 -7.47 -32.63
C ASP C 322 -20.82 -8.82 -32.10
N VAL C 323 -21.78 -9.66 -31.73
CA VAL C 323 -21.51 -10.97 -31.16
C VAL C 323 -22.43 -12.00 -31.80
N VAL C 324 -21.85 -13.10 -32.29
CA VAL C 324 -22.61 -14.16 -32.92
C VAL C 324 -23.11 -15.12 -31.83
N PRO C 325 -24.26 -15.76 -32.02
CA PRO C 325 -24.86 -16.55 -30.93
C PRO C 325 -24.18 -17.88 -30.67
N LYS C 326 -23.67 -18.52 -31.73
CA LYS C 326 -23.09 -19.85 -31.56
C LYS C 326 -21.88 -19.83 -30.65
N ASP C 327 -21.07 -18.77 -30.73
CA ASP C 327 -19.94 -18.64 -29.82
C ASP C 327 -20.41 -18.51 -28.39
N VAL C 328 -21.49 -17.76 -28.17
CA VAL C 328 -22.06 -17.65 -26.83
C VAL C 328 -22.49 -19.01 -26.33
N ASN C 329 -23.16 -19.79 -27.17
CA ASN C 329 -23.62 -21.11 -26.74
C ASN C 329 -22.45 -22.01 -26.38
N ALA C 330 -21.41 -22.02 -27.21
CA ALA C 330 -20.25 -22.86 -26.94
C ALA C 330 -19.55 -22.46 -25.65
N SER C 331 -19.31 -21.15 -25.47
CA SER C 331 -18.65 -20.67 -24.27
C SER C 331 -19.50 -20.91 -23.03
N ILE C 332 -20.83 -20.82 -23.15
CA ILE C 332 -21.72 -21.18 -22.05
C ILE C 332 -21.54 -22.63 -21.69
N ALA C 333 -21.50 -23.51 -22.69
CA ALA C 333 -21.25 -24.92 -22.41
C ALA C 333 -19.95 -25.10 -21.63
N THR C 334 -18.89 -24.42 -22.07
CA THR C 334 -17.61 -24.55 -21.38
C THR C 334 -17.70 -24.08 -19.94
N ILE C 335 -18.22 -22.87 -19.72
CA ILE C 335 -18.23 -22.30 -18.37
C ILE C 335 -19.11 -23.15 -17.45
N LYS C 336 -20.22 -23.67 -17.97
CA LYS C 336 -21.04 -24.56 -17.15
C LYS C 336 -20.36 -25.89 -16.91
N THR C 337 -19.42 -26.27 -17.76
CA THR C 337 -18.70 -27.54 -17.57
C THR C 337 -17.56 -27.42 -16.57
N LYS C 338 -17.13 -26.21 -16.22
CA LYS C 338 -16.07 -26.04 -15.25
C LYS C 338 -16.45 -26.64 -13.91
N ARG C 339 -15.44 -26.92 -13.08
CA ARG C 339 -15.67 -27.63 -11.83
C ARG C 339 -15.83 -26.70 -10.63
N THR C 340 -15.21 -25.52 -10.67
CA THR C 340 -15.25 -24.63 -9.52
C THR C 340 -16.46 -23.70 -9.53
N ILE C 341 -17.25 -23.71 -10.59
CA ILE C 341 -18.46 -22.89 -10.68
C ILE C 341 -19.63 -23.88 -10.78
N GLN C 342 -20.23 -24.21 -9.65
CA GLN C 342 -21.24 -25.26 -9.57
C GLN C 342 -22.62 -24.67 -9.41
N PHE C 343 -23.58 -25.20 -10.16
CA PHE C 343 -24.96 -24.80 -10.08
C PHE C 343 -25.71 -25.68 -9.07
N VAL C 344 -26.90 -25.23 -8.69
CA VAL C 344 -27.77 -26.05 -7.87
C VAL C 344 -28.42 -27.13 -8.72
N ASP C 345 -28.75 -28.26 -8.08
CA ASP C 345 -29.33 -29.37 -8.81
C ASP C 345 -30.77 -29.07 -9.24
N TRP C 346 -31.53 -28.37 -8.38
CA TRP C 346 -32.92 -28.06 -8.68
C TRP C 346 -33.09 -27.00 -9.75
N CYS C 347 -31.99 -26.58 -10.39
CA CYS C 347 -32.07 -25.66 -11.54
C CYS C 347 -30.92 -26.02 -12.47
N PRO C 348 -31.10 -27.03 -13.31
CA PRO C 348 -29.99 -27.49 -14.16
C PRO C 348 -29.65 -26.55 -15.30
N THR C 349 -30.64 -26.00 -15.99
CA THR C 349 -30.39 -24.99 -17.02
C THR C 349 -30.58 -23.61 -16.41
N GLY C 350 -29.52 -22.80 -16.42
CA GLY C 350 -29.55 -21.57 -15.68
C GLY C 350 -29.29 -20.30 -16.47
N PHE C 351 -28.61 -20.40 -17.61
CA PHE C 351 -28.13 -19.22 -18.32
C PHE C 351 -29.20 -18.72 -19.26
N LYS C 352 -29.73 -17.53 -18.98
CA LYS C 352 -30.68 -16.84 -19.85
C LYS C 352 -29.91 -15.77 -20.62
N VAL C 353 -29.70 -15.99 -21.91
CA VAL C 353 -28.79 -15.16 -22.69
C VAL C 353 -29.59 -14.37 -23.73
N GLY C 354 -29.26 -13.08 -23.85
CA GLY C 354 -29.84 -12.26 -24.88
C GLY C 354 -28.74 -11.48 -25.59
N ILE C 355 -29.05 -11.03 -26.80
CA ILE C 355 -28.07 -10.37 -27.67
C ILE C 355 -28.65 -9.06 -28.16
N ASN C 356 -27.79 -8.05 -28.27
CA ASN C 356 -28.13 -6.78 -28.92
C ASN C 356 -27.01 -6.40 -29.87
N TYR C 357 -27.38 -5.82 -31.01
CA TYR C 357 -26.43 -5.50 -32.07
C TYR C 357 -25.86 -4.10 -31.94
N GLN C 358 -25.75 -3.58 -30.72
CA GLN C 358 -25.14 -2.29 -30.48
C GLN C 358 -23.99 -2.44 -29.49
N PRO C 359 -22.83 -1.85 -29.76
CA PRO C 359 -21.72 -1.94 -28.82
C PRO C 359 -21.87 -0.91 -27.72
N PRO C 360 -20.94 -0.87 -26.75
CA PRO C 360 -20.97 0.22 -25.78
C PRO C 360 -20.70 1.56 -26.44
N THR C 361 -21.20 2.61 -25.79
CA THR C 361 -21.02 3.99 -26.26
C THR C 361 -20.33 4.74 -25.13
N VAL C 362 -19.00 4.87 -25.24
CA VAL C 362 -18.22 5.42 -24.15
C VAL C 362 -18.60 6.87 -23.90
N VAL C 363 -18.76 7.21 -22.62
CA VAL C 363 -18.98 8.61 -22.23
C VAL C 363 -17.71 9.40 -22.49
N PRO C 364 -17.80 10.61 -23.05
CA PRO C 364 -16.59 11.38 -23.32
C PRO C 364 -15.89 11.77 -22.02
N GLY C 365 -14.56 11.77 -22.06
CA GLY C 365 -13.78 12.06 -20.89
C GLY C 365 -13.68 10.92 -19.89
N GLY C 366 -14.04 9.70 -20.29
CA GLY C 366 -13.95 8.58 -19.39
C GLY C 366 -12.63 7.85 -19.52
N ASP C 367 -12.35 7.02 -18.52
CA ASP C 367 -11.13 6.21 -18.51
C ASP C 367 -11.29 4.89 -19.23
N LEU C 368 -12.52 4.38 -19.32
CA LEU C 368 -12.77 3.10 -19.98
C LEU C 368 -12.41 3.19 -21.46
N ALA C 369 -12.05 2.04 -22.03
CA ALA C 369 -11.72 1.94 -23.44
C ALA C 369 -12.92 1.43 -24.22
N LYS C 370 -13.14 2.00 -25.40
CA LYS C 370 -14.30 1.62 -26.19
C LYS C 370 -14.00 0.37 -26.97
N VAL C 371 -14.91 -0.61 -26.91
CA VAL C 371 -14.67 -1.94 -27.45
C VAL C 371 -15.93 -2.43 -28.14
N MET C 372 -15.74 -3.25 -29.18
CA MET C 372 -16.85 -3.67 -30.04
C MET C 372 -17.85 -4.57 -29.31
N ARG C 373 -17.46 -5.21 -28.22
CA ARG C 373 -18.33 -6.18 -27.57
C ARG C 373 -18.37 -5.91 -26.07
N ALA C 374 -19.46 -6.35 -25.44
CA ALA C 374 -19.57 -6.25 -23.99
C ALA C 374 -20.63 -7.22 -23.51
N VAL C 375 -20.43 -7.73 -22.30
CA VAL C 375 -21.35 -8.67 -21.67
C VAL C 375 -21.68 -8.18 -20.28
N CYS C 376 -22.97 -8.11 -19.97
CA CYS C 376 -23.45 -7.73 -18.66
C CYS C 376 -24.19 -8.93 -18.05
N MET C 377 -23.70 -9.40 -16.91
CA MET C 377 -24.30 -10.52 -16.22
C MET C 377 -24.98 -10.03 -14.95
N ILE C 378 -26.19 -10.52 -14.72
CA ILE C 378 -26.90 -10.31 -13.46
C ILE C 378 -27.24 -11.69 -12.93
N SER C 379 -26.66 -12.03 -11.78
CA SER C 379 -26.76 -13.38 -11.25
C SER C 379 -27.60 -13.39 -9.99
N ASN C 380 -28.61 -14.24 -9.98
CA ASN C 380 -29.30 -14.61 -8.75
C ASN C 380 -28.55 -15.82 -8.20
N SER C 381 -27.82 -15.61 -7.11
CA SER C 381 -27.00 -16.61 -6.45
C SER C 381 -27.42 -16.77 -4.99
N THR C 382 -26.78 -17.71 -4.31
CA THR C 382 -27.08 -18.00 -2.91
C THR C 382 -25.97 -17.57 -1.97
N ALA C 383 -24.82 -17.14 -2.49
CA ALA C 383 -23.72 -16.74 -1.61
C ALA C 383 -23.97 -15.38 -0.98
N ILE C 384 -24.68 -14.50 -1.69
CA ILE C 384 -24.94 -13.14 -1.19
C ILE C 384 -25.57 -13.20 0.20
N ALA C 385 -26.20 -14.32 0.55
CA ALA C 385 -26.81 -14.47 1.86
C ALA C 385 -25.82 -14.14 2.97
N GLU C 386 -24.58 -14.63 2.86
CA GLU C 386 -23.62 -14.41 3.94
C GLU C 386 -23.47 -12.92 4.24
N VAL C 387 -23.54 -12.07 3.19
CA VAL C 387 -23.47 -10.63 3.39
C VAL C 387 -24.47 -10.21 4.47
N PHE C 388 -25.74 -10.54 4.26
CA PHE C 388 -26.77 -10.23 5.25
C PHE C 388 -26.34 -10.69 6.63
N SER C 389 -25.90 -11.95 6.74
CA SER C 389 -25.44 -12.48 8.01
C SER C 389 -24.39 -11.55 8.62
N ARG C 390 -23.35 -11.24 7.84
CA ARG C 390 -22.32 -10.33 8.31
C ARG C 390 -22.93 -9.08 8.90
N LEU C 391 -23.86 -8.46 8.16
CA LEU C 391 -24.45 -7.20 8.62
C LEU C 391 -25.11 -7.39 9.98
N ASP C 392 -25.89 -8.47 10.14
CA ASP C 392 -26.53 -8.73 11.42
C ASP C 392 -25.52 -8.70 12.54
N HIS C 393 -24.37 -9.35 12.33
CA HIS C 393 -23.28 -9.32 13.29
C HIS C 393 -23.06 -7.90 13.78
N LYS C 394 -22.72 -6.99 12.87
CA LYS C 394 -22.52 -5.60 13.23
C LYS C 394 -23.71 -5.09 14.03
N PHE C 395 -24.91 -5.25 13.49
CA PHE C 395 -26.12 -4.81 14.17
C PHE C 395 -26.11 -5.22 15.62
N ASP C 396 -25.90 -6.53 15.88
CA ASP C 396 -25.95 -7.00 17.26
C ASP C 396 -24.96 -6.26 18.13
N LEU C 397 -23.72 -6.13 17.66
CA LEU C 397 -22.69 -5.51 18.49
C LEU C 397 -23.00 -4.07 18.82
N MET C 398 -23.97 -3.45 18.15
CA MET C 398 -24.45 -2.16 18.60
C MET C 398 -25.68 -2.33 19.50
N TYR C 399 -26.67 -3.09 19.03
CA TYR C 399 -27.92 -3.16 19.78
C TYR C 399 -27.77 -3.93 21.08
N ALA C 400 -26.68 -4.68 21.26
CA ALA C 400 -26.41 -5.28 22.56
C ALA C 400 -26.23 -4.22 23.64
N LYS C 401 -25.77 -3.01 23.27
CA LYS C 401 -25.55 -1.95 24.25
C LYS C 401 -26.50 -0.77 24.03
N ARG C 402 -27.58 -0.98 23.27
CA ARG C 402 -28.61 0.03 23.06
C ARG C 402 -28.04 1.33 22.50
N ALA C 403 -27.01 1.23 21.67
CA ALA C 403 -26.37 2.41 21.11
C ALA C 403 -27.33 3.14 20.17
N PHE C 404 -27.37 4.47 20.29
CA PHE C 404 -28.07 5.37 19.37
C PHE C 404 -29.56 5.08 19.26
N VAL C 405 -30.14 4.29 20.16
CA VAL C 405 -31.57 4.07 20.10
C VAL C 405 -32.35 5.33 20.43
N HIS C 406 -31.75 6.27 21.16
CA HIS C 406 -32.46 7.48 21.53
C HIS C 406 -32.76 8.34 20.31
N TRP C 407 -31.82 8.41 19.36
CA TRP C 407 -32.03 9.22 18.16
C TRP C 407 -33.17 8.70 17.29
N TYR C 408 -33.56 7.45 17.48
CA TYR C 408 -34.71 6.88 16.77
C TYR C 408 -35.99 6.95 17.57
N VAL C 409 -35.93 6.63 18.87
CA VAL C 409 -37.14 6.73 19.70
C VAL C 409 -37.59 8.17 19.83
N GLY C 410 -36.70 9.15 19.62
CA GLY C 410 -37.10 10.54 19.72
C GLY C 410 -38.10 10.97 18.66
N GLU C 411 -38.27 10.17 17.61
CA GLU C 411 -39.14 10.54 16.49
C GLU C 411 -40.23 9.49 16.29
N GLY C 412 -40.86 9.05 17.38
CA GLY C 412 -42.00 8.17 17.31
C GLY C 412 -41.72 6.75 16.88
N MET C 413 -40.50 6.43 16.48
CA MET C 413 -40.18 5.08 16.03
C MET C 413 -40.26 4.11 17.20
N GLU C 414 -41.31 3.29 17.22
CA GLU C 414 -41.44 2.29 18.26
C GLU C 414 -40.26 1.33 18.20
N GLU C 415 -39.46 1.30 19.27
CA GLU C 415 -38.20 0.57 19.25
C GLU C 415 -38.41 -0.91 18.95
N GLY C 416 -39.58 -1.46 19.26
CA GLY C 416 -39.85 -2.87 19.04
C GLY C 416 -39.73 -3.31 17.60
N GLU C 417 -39.62 -2.37 16.66
CA GLU C 417 -39.41 -2.75 15.26
C GLU C 417 -38.00 -3.29 15.06
N PHE C 418 -37.01 -2.74 15.79
CA PHE C 418 -35.62 -3.03 15.53
C PHE C 418 -35.35 -4.54 15.54
N SER C 419 -35.54 -5.18 16.69
CA SER C 419 -35.38 -6.63 16.76
C SER C 419 -36.24 -7.32 15.72
N GLU C 420 -37.46 -6.83 15.52
CA GLU C 420 -38.34 -7.40 14.51
C GLU C 420 -37.64 -7.45 13.15
N ALA C 421 -37.00 -6.35 12.76
CA ALA C 421 -36.19 -6.37 11.55
C ALA C 421 -35.13 -7.46 11.63
N ARG C 422 -34.31 -7.42 12.68
CA ARG C 422 -33.30 -8.47 12.86
C ARG C 422 -33.96 -9.82 13.10
N GLU C 423 -35.25 -9.84 13.42
CA GLU C 423 -35.99 -11.08 13.36
C GLU C 423 -36.24 -11.47 11.92
N ASP C 424 -36.95 -10.61 11.18
CA ASP C 424 -37.38 -10.95 9.83
C ASP C 424 -36.19 -11.27 8.93
N LEU C 425 -35.23 -10.34 8.86
CA LEU C 425 -34.02 -10.58 8.08
C LEU C 425 -33.38 -11.90 8.47
N ALA C 426 -33.35 -12.21 9.77
CA ALA C 426 -32.78 -13.48 10.20
C ALA C 426 -33.47 -14.65 9.52
N ALA C 427 -34.81 -14.66 9.56
CA ALA C 427 -35.56 -15.71 8.87
C ALA C 427 -35.16 -15.78 7.41
N LEU C 428 -34.94 -14.62 6.78
CA LEU C 428 -34.51 -14.58 5.39
C LEU C 428 -33.30 -15.48 5.17
N GLU C 429 -32.30 -15.39 6.06
CA GLU C 429 -31.11 -16.22 5.92
C GLU C 429 -31.48 -17.69 5.93
N LYS C 430 -32.35 -18.10 6.84
CA LYS C 430 -32.77 -19.50 6.89
C LYS C 430 -33.36 -19.92 5.55
N ASP C 431 -34.08 -19.02 4.88
CA ASP C 431 -34.66 -19.37 3.59
C ASP C 431 -33.58 -19.68 2.56
N TYR C 432 -32.46 -18.96 2.61
CA TYR C 432 -31.35 -19.34 1.75
C TYR C 432 -30.83 -20.71 2.14
N GLU C 433 -30.73 -20.98 3.45
CA GLU C 433 -30.40 -22.31 3.93
C GLU C 433 -31.46 -23.34 3.57
N GLU C 434 -32.62 -22.90 3.08
CA GLU C 434 -33.65 -23.80 2.59
C GLU C 434 -33.49 -24.11 1.11
N VAL C 435 -32.77 -23.28 0.36
CA VAL C 435 -32.62 -23.49 -1.09
C VAL C 435 -31.22 -23.93 -1.48
N GLY C 436 -30.28 -23.98 -0.54
CA GLY C 436 -29.02 -24.65 -0.79
C GLY C 436 -29.06 -26.14 -0.54
N ILE C 437 -30.25 -26.69 -0.30
CA ILE C 437 -30.40 -28.09 0.07
C ILE C 437 -30.31 -28.93 -1.20
N GLU C 438 -29.18 -29.61 -1.39
CA GLU C 438 -29.02 -30.54 -2.49
C GLU C 438 -29.96 -31.73 -2.28
N THR C 439 -30.98 -31.84 -3.13
CA THR C 439 -31.99 -32.87 -2.98
C THR C 439 -31.40 -34.27 -3.11
N MET D 1 -32.18 28.84 3.81
CA MET D 1 -32.41 27.44 4.18
C MET D 1 -31.33 26.95 5.14
N ARG D 2 -31.77 26.42 6.29
CA ARG D 2 -30.89 25.90 7.33
C ARG D 2 -29.94 27.00 7.82
N GLU D 3 -30.54 28.03 8.41
CA GLU D 3 -29.79 29.19 8.84
C GLU D 3 -29.13 28.92 10.19
N ILE D 4 -28.36 29.91 10.66
CA ILE D 4 -27.66 29.83 11.93
C ILE D 4 -27.63 31.21 12.57
N VAL D 5 -28.11 31.30 13.81
CA VAL D 5 -28.01 32.53 14.60
C VAL D 5 -26.85 32.34 15.58
N HIS D 6 -25.73 32.99 15.31
CA HIS D 6 -24.55 32.90 16.16
C HIS D 6 -24.68 33.87 17.31
N ILE D 7 -24.78 33.35 18.53
CA ILE D 7 -24.82 34.16 19.74
C ILE D 7 -23.45 34.07 20.40
N GLN D 8 -22.98 35.20 20.92
CA GLN D 8 -21.73 35.21 21.68
C GLN D 8 -22.02 35.72 23.09
N GLY D 9 -20.97 35.88 23.88
CA GLY D 9 -21.13 36.41 25.21
C GLY D 9 -19.86 36.33 26.02
N GLY D 10 -19.60 37.34 26.85
CA GLY D 10 -18.38 37.38 27.62
C GLY D 10 -17.18 37.78 26.80
N GLN D 11 -16.03 37.89 27.46
CA GLN D 11 -14.83 38.39 26.78
C GLN D 11 -14.35 37.41 25.71
N CYS D 12 -14.13 36.15 26.09
CA CYS D 12 -13.69 35.15 25.13
C CYS D 12 -14.70 35.01 24.00
N GLY D 13 -15.98 34.95 24.36
CA GLY D 13 -17.02 34.86 23.33
C GLY D 13 -16.92 35.98 22.32
N ASN D 14 -16.80 37.22 22.80
CA ASN D 14 -16.77 38.35 21.90
C ASN D 14 -15.53 38.34 21.02
N GLN D 15 -14.37 38.01 21.59
CA GLN D 15 -13.14 38.04 20.81
C GLN D 15 -13.13 36.94 19.75
N ILE D 16 -13.49 35.72 20.15
CA ILE D 16 -13.56 34.61 19.20
C ILE D 16 -14.59 34.90 18.12
N GLY D 17 -15.70 35.53 18.49
CA GLY D 17 -16.70 35.88 17.49
C GLY D 17 -16.19 36.92 16.50
N ALA D 18 -15.45 37.91 16.99
CA ALA D 18 -14.85 38.89 16.10
C ALA D 18 -13.97 38.21 15.07
N LYS D 19 -13.01 37.41 15.53
CA LYS D 19 -12.11 36.74 14.59
C LYS D 19 -12.86 35.76 13.70
N PHE D 20 -13.93 35.15 14.20
CA PHE D 20 -14.67 34.17 13.43
C PHE D 20 -15.42 34.83 12.29
N TRP D 21 -16.09 35.95 12.57
CA TRP D 21 -16.74 36.67 11.48
C TRP D 21 -15.73 37.24 10.51
N GLU D 22 -14.53 37.61 10.99
CA GLU D 22 -13.47 37.99 10.07
C GLU D 22 -13.15 36.86 9.09
N VAL D 23 -12.94 35.66 9.63
CA VAL D 23 -12.58 34.53 8.76
C VAL D 23 -13.71 34.21 7.80
N ILE D 24 -14.96 34.22 8.28
CA ILE D 24 -16.09 33.93 7.41
C ILE D 24 -16.19 34.96 6.29
N SER D 25 -16.08 36.24 6.63
CA SER D 25 -16.11 37.29 5.62
C SER D 25 -14.98 37.11 4.62
N ASP D 26 -13.82 36.62 5.07
CA ASP D 26 -12.74 36.32 4.14
C ASP D 26 -13.13 35.20 3.19
N GLU D 27 -13.80 34.16 3.71
CA GLU D 27 -14.12 33.01 2.89
C GLU D 27 -15.06 33.38 1.75
N HIS D 28 -16.18 34.03 2.05
CA HIS D 28 -17.15 34.39 1.04
C HIS D 28 -16.75 35.62 0.24
N GLY D 29 -15.50 36.05 0.34
CA GLY D 29 -15.01 37.15 -0.48
C GLY D 29 -15.63 38.50 -0.20
N ILE D 30 -15.77 38.86 1.06
CA ILE D 30 -16.38 40.13 1.45
C ILE D 30 -15.29 41.05 1.99
N ASP D 31 -15.55 42.35 1.93
CA ASP D 31 -14.70 43.38 2.51
C ASP D 31 -15.42 44.01 3.70
N PRO D 32 -14.69 44.68 4.59
CA PRO D 32 -15.34 45.20 5.82
C PRO D 32 -16.51 46.13 5.58
N THR D 33 -16.72 46.62 4.35
CA THR D 33 -17.91 47.42 4.08
C THR D 33 -19.18 46.58 4.21
N GLY D 34 -19.09 45.29 3.90
CA GLY D 34 -20.25 44.43 3.93
C GLY D 34 -20.90 44.18 2.59
N THR D 35 -20.16 44.34 1.50
CA THR D 35 -20.65 44.08 0.17
C THR D 35 -19.83 42.98 -0.48
N TYR D 36 -20.49 42.19 -1.32
CA TYR D 36 -19.81 41.06 -1.96
C TYR D 36 -18.89 41.54 -3.06
N HIS D 37 -17.67 40.99 -3.09
CA HIS D 37 -16.73 41.29 -4.15
C HIS D 37 -15.96 40.06 -4.62
N ASN D 48 -27.18 32.72 2.73
CA ASN D 48 -28.24 32.80 3.73
C ASN D 48 -27.87 32.11 5.03
N VAL D 49 -26.91 31.18 5.01
CA VAL D 49 -26.63 30.40 6.22
C VAL D 49 -26.00 31.27 7.29
N TYR D 50 -25.27 32.30 6.90
CA TYR D 50 -24.59 33.18 7.85
C TYR D 50 -25.05 34.61 7.80
N TYR D 51 -25.16 35.20 6.62
CA TYR D 51 -25.46 36.62 6.51
C TYR D 51 -26.93 36.83 6.19
N ASN D 52 -27.31 38.09 6.04
CA ASN D 52 -28.63 38.48 5.60
C ASN D 52 -28.50 39.67 4.68
N GLU D 53 -29.28 39.67 3.61
CA GLU D 53 -29.25 40.75 2.64
C GLU D 53 -29.89 41.99 3.22
N ALA D 54 -29.39 43.15 2.80
CA ALA D 54 -29.92 44.43 3.25
C ALA D 54 -29.84 45.41 2.09
N THR D 55 -30.73 46.40 2.13
CA THR D 55 -30.92 47.35 1.03
C THR D 55 -29.60 47.86 0.48
N GLY D 56 -29.45 47.78 -0.84
CA GLY D 56 -28.21 48.18 -1.47
C GLY D 56 -27.18 47.09 -1.56
N GLY D 57 -27.60 45.84 -1.55
CA GLY D 57 -26.68 44.73 -1.67
C GLY D 57 -25.77 44.52 -0.48
N ARG D 58 -26.09 45.11 0.67
CA ARG D 58 -25.25 44.91 1.84
C ARG D 58 -25.52 43.55 2.46
N TYR D 59 -24.55 43.05 3.21
CA TYR D 59 -24.68 41.77 3.90
C TYR D 59 -24.36 41.97 5.37
N VAL D 60 -25.37 41.83 6.22
CA VAL D 60 -25.20 42.00 7.66
C VAL D 60 -25.16 40.62 8.32
N PRO D 61 -24.22 40.37 9.22
CA PRO D 61 -24.20 39.07 9.90
C PRO D 61 -25.41 38.88 10.80
N ARG D 62 -25.81 37.62 10.93
CA ARG D 62 -26.96 37.26 11.75
C ARG D 62 -26.52 36.85 13.15
N ALA D 63 -25.85 37.78 13.83
CA ALA D 63 -25.26 37.49 15.13
C ALA D 63 -25.63 38.58 16.13
N ILE D 64 -26.08 38.16 17.29
CA ILE D 64 -26.34 39.06 18.40
C ILE D 64 -25.15 39.00 19.35
N LEU D 65 -24.80 40.13 19.93
CA LEU D 65 -23.63 40.21 20.80
C LEU D 65 -24.08 40.77 22.13
N MET D 66 -23.83 40.04 23.21
CA MET D 66 -24.39 40.38 24.50
C MET D 66 -23.29 40.43 25.55
N ASP D 67 -23.45 41.33 26.51
CA ASP D 67 -22.54 41.39 27.65
C ASP D 67 -23.10 42.36 28.70
N LEU D 68 -22.49 42.33 29.88
CA LEU D 68 -22.83 43.22 30.97
C LEU D 68 -21.85 44.38 31.10
N GLU D 69 -20.83 44.45 30.26
CA GLU D 69 -19.79 45.46 30.35
C GLU D 69 -19.57 46.07 28.98
N PRO D 70 -19.89 47.35 28.78
CA PRO D 70 -19.87 47.94 27.45
C PRO D 70 -18.48 48.28 26.91
N GLY D 71 -17.42 47.80 27.54
CA GLY D 71 -16.08 48.05 27.03
C GLY D 71 -15.70 47.08 25.94
N THR D 72 -16.12 45.81 26.10
CA THR D 72 -15.79 44.80 25.11
C THR D 72 -16.43 45.12 23.76
N MET D 73 -17.57 45.84 23.76
CA MET D 73 -18.14 46.32 22.51
C MET D 73 -17.14 47.21 21.78
N ASP D 74 -16.66 48.27 22.44
CA ASP D 74 -15.67 49.13 21.83
C ASP D 74 -14.38 48.39 21.53
N SER D 75 -14.18 47.22 22.13
CA SER D 75 -13.04 46.39 21.76
C SER D 75 -13.28 45.71 20.42
N VAL D 76 -14.46 45.13 20.22
CA VAL D 76 -14.75 44.39 19.00
C VAL D 76 -15.18 45.33 17.87
N ARG D 77 -15.91 46.39 18.19
CA ARG D 77 -16.45 47.26 17.15
C ARG D 77 -15.34 48.02 16.44
N ALA D 78 -14.41 48.59 17.19
CA ALA D 78 -13.38 49.44 16.58
C ALA D 78 -12.42 48.63 15.72
N GLY D 79 -12.27 47.34 15.98
CA GLY D 79 -11.37 46.51 15.22
C GLY D 79 -11.82 46.33 13.78
N PRO D 80 -10.92 45.86 12.91
CA PRO D 80 -11.28 45.65 11.51
C PRO D 80 -12.36 44.60 11.37
N PHE D 81 -13.04 44.65 10.23
CA PHE D 81 -14.22 43.80 9.99
C PHE D 81 -15.23 43.96 11.12
N GLY D 82 -15.40 45.20 11.57
CA GLY D 82 -16.24 45.46 12.73
C GLY D 82 -17.57 46.10 12.38
N GLN D 83 -17.57 46.96 11.36
CA GLN D 83 -18.78 47.69 11.00
C GLN D 83 -19.91 46.79 10.51
N LEU D 84 -19.68 45.49 10.38
CA LEU D 84 -20.71 44.60 9.86
C LEU D 84 -21.89 44.49 10.82
N PHE D 85 -21.62 44.02 12.04
CA PHE D 85 -22.67 43.74 13.01
C PHE D 85 -23.61 44.93 13.18
N ARG D 86 -24.91 44.67 13.04
CA ARG D 86 -25.88 45.75 13.09
C ARG D 86 -25.98 46.30 14.50
N PRO D 87 -25.94 47.62 14.68
CA PRO D 87 -25.97 48.19 16.04
C PRO D 87 -27.26 47.91 16.80
N ASP D 88 -28.29 47.39 16.14
CA ASP D 88 -29.52 47.02 16.81
C ASP D 88 -29.42 45.71 17.58
N ASN D 89 -28.20 45.17 17.75
CA ASN D 89 -28.01 43.89 18.38
C ASN D 89 -27.04 43.90 19.54
N PHE D 90 -26.28 44.97 19.75
CA PHE D 90 -25.30 45.01 20.83
C PHE D 90 -26.04 45.18 22.15
N VAL D 91 -26.47 44.06 22.72
CA VAL D 91 -27.16 44.07 24.01
C VAL D 91 -26.09 44.17 25.10
N PHE D 92 -25.79 45.40 25.52
CA PHE D 92 -24.71 45.66 26.46
C PHE D 92 -25.28 46.38 27.67
N GLY D 93 -25.52 45.64 28.75
CA GLY D 93 -25.92 46.29 29.99
C GLY D 93 -24.83 47.21 30.50
N GLN D 94 -25.25 48.35 31.04
CA GLN D 94 -24.34 49.43 31.42
C GLN D 94 -24.01 49.41 32.91
N THR D 95 -23.94 48.23 33.52
CA THR D 95 -23.65 48.15 34.95
C THR D 95 -22.33 47.45 35.24
N GLY D 96 -22.12 46.23 34.78
CA GLY D 96 -20.92 45.48 35.08
C GLY D 96 -21.22 44.00 35.22
N ALA D 97 -20.16 43.20 35.20
CA ALA D 97 -20.26 41.75 35.28
C ALA D 97 -19.68 41.17 36.56
N GLY D 98 -18.40 41.45 36.83
CA GLY D 98 -17.82 41.11 38.11
C GLY D 98 -17.20 39.73 38.22
N ASN D 99 -17.27 38.91 37.17
CA ASN D 99 -16.71 37.56 37.18
C ASN D 99 -17.31 36.73 38.32
N ASN D 100 -18.60 36.48 38.21
CA ASN D 100 -19.34 35.73 39.23
C ASN D 100 -20.57 35.13 38.55
N TRP D 101 -20.85 33.87 38.86
CA TRP D 101 -21.94 33.19 38.17
C TRP D 101 -23.29 33.72 38.59
N ALA D 102 -23.59 33.66 39.89
CA ALA D 102 -24.89 34.09 40.38
C ALA D 102 -25.20 35.53 40.00
N LYS D 103 -24.17 36.37 39.88
CA LYS D 103 -24.39 37.75 39.43
C LYS D 103 -24.96 37.77 38.02
N GLY D 104 -24.33 37.05 37.09
CA GLY D 104 -24.77 37.02 35.71
C GLY D 104 -25.79 35.97 35.38
N HIS D 105 -26.38 35.31 36.39
CA HIS D 105 -27.39 34.29 36.15
C HIS D 105 -28.64 34.45 37.01
N TYR D 106 -28.59 35.17 38.12
CA TYR D 106 -29.75 35.34 38.98
C TYR D 106 -30.17 36.78 39.18
N THR D 107 -29.24 37.67 39.57
CA THR D 107 -29.60 39.02 39.94
C THR D 107 -29.30 40.06 38.85
N GLU D 108 -28.05 40.18 38.43
CA GLU D 108 -27.67 41.27 37.54
C GLU D 108 -27.74 40.87 36.08
N GLY D 109 -27.03 39.81 35.69
CA GLY D 109 -27.06 39.35 34.32
C GLY D 109 -28.22 38.43 34.04
N ALA D 110 -29.29 38.56 34.79
CA ALA D 110 -30.49 37.76 34.59
C ALA D 110 -31.73 38.58 34.33
N GLU D 111 -31.90 39.72 35.00
CA GLU D 111 -33.03 40.59 34.74
C GLU D 111 -32.85 41.41 33.47
N LEU D 112 -31.83 41.08 32.67
CA LEU D 112 -31.64 41.65 31.35
C LEU D 112 -31.96 40.66 30.24
N ILE D 113 -32.00 39.36 30.55
CA ILE D 113 -32.15 38.32 29.55
C ILE D 113 -33.41 38.50 28.70
N ASP D 114 -34.41 39.25 29.20
CA ASP D 114 -35.63 39.44 28.43
C ASP D 114 -35.34 40.16 27.10
N SER D 115 -34.48 41.17 27.13
CA SER D 115 -34.12 41.84 25.89
C SER D 115 -33.36 40.90 24.95
N VAL D 116 -32.53 40.02 25.50
CA VAL D 116 -31.80 39.08 24.66
C VAL D 116 -32.76 38.10 24.01
N LEU D 117 -33.76 37.63 24.76
CA LEU D 117 -34.80 36.79 24.16
C LEU D 117 -35.55 37.54 23.07
N ASP D 118 -35.85 38.82 23.31
CA ASP D 118 -36.51 39.62 22.29
C ASP D 118 -35.69 39.64 21.01
N VAL D 119 -34.38 39.87 21.14
CA VAL D 119 -33.53 39.94 19.95
C VAL D 119 -33.45 38.59 19.26
N VAL D 120 -33.27 37.51 20.04
CA VAL D 120 -33.19 36.18 19.46
C VAL D 120 -34.48 35.84 18.72
N ARG D 121 -35.62 36.23 19.28
CA ARG D 121 -36.90 35.95 18.63
C ARG D 121 -37.04 36.75 17.34
N LYS D 122 -36.68 38.03 17.36
CA LYS D 122 -36.76 38.82 16.14
C LYS D 122 -35.80 38.31 15.08
N GLU D 123 -34.71 37.65 15.49
CA GLU D 123 -33.79 37.06 14.51
C GLU D 123 -34.22 35.68 14.06
N ALA D 124 -35.03 34.98 14.84
CA ALA D 124 -35.43 33.62 14.52
C ALA D 124 -36.73 33.58 13.71
N GLU D 125 -37.78 34.23 14.21
CA GLU D 125 -39.05 34.22 13.50
C GLU D 125 -38.96 34.87 12.12
N GLY D 126 -37.89 35.61 11.85
CA GLY D 126 -37.66 36.17 10.53
C GLY D 126 -36.98 35.25 9.55
N CYS D 127 -36.64 34.04 9.98
CA CYS D 127 -36.01 33.03 9.13
C CYS D 127 -37.07 32.07 8.58
N ASP D 128 -36.66 31.28 7.59
CA ASP D 128 -37.56 30.33 6.95
C ASP D 128 -37.50 28.95 7.61
N CYS D 129 -36.32 28.32 7.63
CA CYS D 129 -36.13 27.04 8.30
C CYS D 129 -34.86 27.15 9.13
N LEU D 130 -34.99 27.64 10.36
CA LEU D 130 -33.85 27.68 11.26
C LEU D 130 -33.47 26.28 11.69
N GLN D 131 -32.17 26.01 11.77
CA GLN D 131 -31.68 24.68 12.07
C GLN D 131 -31.11 24.56 13.48
N GLY D 132 -30.16 25.41 13.84
CA GLY D 132 -29.53 25.29 15.14
C GLY D 132 -28.87 26.56 15.58
N PHE D 133 -28.74 26.70 16.90
CA PHE D 133 -28.03 27.81 17.49
C PHE D 133 -26.57 27.44 17.67
N GLN D 134 -25.70 28.43 17.49
CA GLN D 134 -24.25 28.23 17.53
C GLN D 134 -23.65 29.32 18.41
N ILE D 135 -23.37 28.98 19.66
CA ILE D 135 -22.92 29.93 20.68
C ILE D 135 -21.42 29.78 20.87
N THR D 136 -20.77 30.90 21.21
CA THR D 136 -19.36 30.91 21.56
C THR D 136 -19.19 31.70 22.85
N HIS D 137 -18.65 31.05 23.89
CA HIS D 137 -18.58 31.67 25.19
C HIS D 137 -17.55 30.94 26.05
N SER D 138 -17.13 31.60 27.12
CA SER D 138 -16.23 31.01 28.08
C SER D 138 -17.02 30.13 29.07
N LEU D 139 -16.29 29.40 29.91
CA LEU D 139 -16.91 28.48 30.85
C LEU D 139 -16.80 28.92 32.31
N GLY D 140 -15.92 29.85 32.64
CA GLY D 140 -15.78 30.29 34.01
C GLY D 140 -15.99 31.77 34.16
N GLY D 141 -15.91 32.50 33.05
CA GLY D 141 -16.20 33.91 33.06
C GLY D 141 -17.62 34.17 33.55
N GLY D 142 -17.76 35.14 34.46
CA GLY D 142 -19.03 35.40 35.07
C GLY D 142 -20.14 35.67 34.08
N THR D 143 -20.07 36.81 33.38
CA THR D 143 -21.12 37.15 32.43
C THR D 143 -21.23 36.12 31.32
N GLY D 144 -20.09 35.68 30.79
CA GLY D 144 -20.07 34.71 29.72
C GLY D 144 -20.80 33.44 30.08
N SER D 145 -20.27 32.69 31.05
CA SER D 145 -20.88 31.41 31.41
C SER D 145 -22.30 31.59 31.92
N GLY D 146 -22.51 32.58 32.80
CA GLY D 146 -23.83 32.79 33.38
C GLY D 146 -24.90 33.05 32.34
N MET D 147 -24.74 34.12 31.56
CA MET D 147 -25.73 34.44 30.55
C MET D 147 -25.80 33.35 29.49
N GLY D 148 -24.69 32.67 29.20
CA GLY D 148 -24.74 31.59 28.24
C GLY D 148 -25.66 30.47 28.68
N THR D 149 -25.48 29.99 29.92
CA THR D 149 -26.31 28.90 30.40
C THR D 149 -27.76 29.34 30.59
N LEU D 150 -27.97 30.59 31.02
CA LEU D 150 -29.36 31.05 31.16
C LEU D 150 -30.05 31.11 29.81
N LEU D 151 -29.39 31.69 28.82
CA LEU D 151 -29.94 31.73 27.47
C LEU D 151 -30.15 30.32 26.92
N ILE D 152 -29.23 29.40 27.24
CA ILE D 152 -29.40 28.01 26.82
C ILE D 152 -30.70 27.45 27.38
N SER D 153 -30.87 27.54 28.70
CA SER D 153 -32.09 27.05 29.33
C SER D 153 -33.32 27.64 28.65
N LYS D 154 -33.34 28.97 28.49
CA LYS D 154 -34.51 29.62 27.93
C LYS D 154 -34.80 29.14 26.52
N VAL D 155 -33.85 29.29 25.60
CA VAL D 155 -34.14 29.00 24.20
C VAL D 155 -34.36 27.51 23.97
N ARG D 156 -33.74 26.65 24.78
CA ARG D 156 -33.95 25.23 24.57
C ARG D 156 -35.29 24.79 25.14
N GLU D 157 -35.75 25.39 26.23
CA GLU D 157 -37.13 25.20 26.64
C GLU D 157 -38.08 25.81 25.63
N GLU D 158 -37.61 26.74 24.82
CA GLU D 158 -38.45 27.48 23.88
C GLU D 158 -38.50 26.85 22.49
N TYR D 159 -37.34 26.56 21.90
CA TYR D 159 -37.26 26.02 20.53
C TYR D 159 -36.64 24.63 20.57
N PRO D 160 -37.42 23.59 20.86
CA PRO D 160 -36.86 22.23 20.82
C PRO D 160 -36.71 21.67 19.42
N ASP D 161 -37.46 22.20 18.44
CA ASP D 161 -37.36 21.68 17.08
C ASP D 161 -35.95 21.86 16.52
N ARG D 162 -35.28 22.94 16.89
CA ARG D 162 -33.94 23.22 16.39
C ARG D 162 -32.92 22.45 17.23
N ILE D 163 -31.63 22.71 17.00
CA ILE D 163 -30.57 22.05 17.76
C ILE D 163 -29.71 23.12 18.42
N MET D 164 -28.81 22.66 19.29
CA MET D 164 -27.96 23.55 20.08
C MET D 164 -26.50 23.13 19.94
N GLU D 165 -25.63 24.12 19.80
CA GLU D 165 -24.21 23.87 19.66
C GLU D 165 -23.45 25.00 20.35
N THR D 166 -22.47 24.63 21.18
CA THR D 166 -21.72 25.60 21.98
C THR D 166 -20.23 25.31 21.88
N PHE D 167 -19.46 26.32 21.48
CA PHE D 167 -18.00 26.21 21.39
C PHE D 167 -17.40 26.86 22.63
N SER D 168 -17.33 26.08 23.71
CA SER D 168 -16.85 26.64 24.96
C SER D 168 -15.33 26.54 25.06
N VAL D 169 -14.77 27.34 25.96
CA VAL D 169 -13.36 27.26 26.30
C VAL D 169 -13.23 26.84 27.76
N VAL D 170 -12.48 25.77 28.00
CA VAL D 170 -12.37 25.18 29.32
C VAL D 170 -11.33 25.95 30.12
N PRO D 171 -11.21 25.75 31.43
CA PRO D 171 -10.11 26.37 32.19
C PRO D 171 -8.76 25.84 31.74
N SER D 172 -7.78 26.74 31.64
CA SER D 172 -6.41 26.37 31.35
C SER D 172 -5.94 25.35 32.39
N PRO D 173 -5.69 24.11 31.99
CA PRO D 173 -5.49 23.04 32.97
C PRO D 173 -4.31 23.24 33.91
N LYS D 174 -3.14 23.64 33.39
CA LYS D 174 -1.95 23.66 34.22
C LYS D 174 -2.01 24.76 35.27
N VAL D 175 -2.04 26.01 34.84
CA VAL D 175 -2.21 27.14 35.74
C VAL D 175 -3.48 27.87 35.32
N SER D 176 -4.25 28.33 36.30
CA SER D 176 -5.52 28.93 35.98
C SER D 176 -5.34 30.36 35.48
N ASP D 177 -6.44 30.92 34.98
CA ASP D 177 -6.50 32.33 34.61
C ASP D 177 -7.40 33.14 35.51
N THR D 178 -8.34 32.49 36.20
CA THR D 178 -9.08 33.06 37.32
C THR D 178 -9.01 32.09 38.48
N VAL D 179 -9.22 32.60 39.69
CA VAL D 179 -9.10 31.74 40.88
C VAL D 179 -10.42 31.09 41.27
N VAL D 180 -11.54 31.53 40.72
CA VAL D 180 -12.84 30.96 41.03
C VAL D 180 -13.40 30.19 39.83
N GLU D 181 -12.51 29.75 38.93
CA GLU D 181 -12.90 29.07 37.71
C GLU D 181 -13.55 27.71 37.94
N PRO D 182 -13.08 26.88 38.88
CA PRO D 182 -13.77 25.59 39.10
C PRO D 182 -15.23 25.74 39.47
N TYR D 183 -15.56 26.69 40.35
CA TYR D 183 -16.94 26.90 40.74
C TYR D 183 -17.83 27.13 39.53
N ASN D 184 -17.52 28.17 38.75
CA ASN D 184 -18.35 28.52 37.62
C ASN D 184 -18.32 27.45 36.53
N ALA D 185 -17.19 26.76 36.37
CA ALA D 185 -17.12 25.68 35.39
C ALA D 185 -18.09 24.57 35.74
N THR D 186 -18.11 24.15 37.00
CA THR D 186 -19.07 23.13 37.42
C THR D 186 -20.50 23.63 37.31
N LEU D 187 -20.74 24.89 37.70
CA LEU D 187 -22.09 25.43 37.61
C LEU D 187 -22.58 25.46 36.16
N SER D 188 -21.69 25.70 35.21
CA SER D 188 -22.08 25.69 33.81
C SER D 188 -22.26 24.27 33.28
N VAL D 189 -21.36 23.36 33.68
CA VAL D 189 -21.50 21.97 33.27
C VAL D 189 -22.84 21.41 33.69
N HIS D 190 -23.29 21.74 34.91
CA HIS D 190 -24.58 21.24 35.36
C HIS D 190 -25.74 21.81 34.56
N GLN D 191 -25.56 22.93 33.87
CA GLN D 191 -26.59 23.46 32.99
C GLN D 191 -26.43 23.01 31.56
N LEU D 192 -25.28 22.45 31.19
CA LEU D 192 -25.05 22.06 29.80
C LEU D 192 -25.63 20.68 29.51
N VAL D 193 -25.27 19.67 30.30
CA VAL D 193 -25.68 18.30 30.00
C VAL D 193 -27.18 18.11 30.09
N GLU D 194 -27.89 19.07 30.68
CA GLU D 194 -29.34 18.95 30.78
C GLU D 194 -30.09 19.69 29.68
N ASN D 195 -29.43 20.63 28.98
CA ASN D 195 -30.15 21.53 28.08
C ASN D 195 -29.45 21.75 26.75
N ALA D 196 -28.40 20.99 26.45
CA ALA D 196 -27.66 21.19 25.21
C ALA D 196 -27.83 19.98 24.31
N ASP D 197 -27.32 20.11 23.08
CA ASP D 197 -27.29 18.99 22.15
C ASP D 197 -25.96 18.82 21.42
N GLU D 198 -25.03 19.76 21.55
CA GLU D 198 -23.69 19.58 21.00
C GLU D 198 -22.80 20.64 21.63
N CYS D 199 -21.70 20.22 22.25
CA CYS D 199 -20.83 21.13 22.97
C CYS D 199 -19.38 20.73 22.75
N MET D 200 -18.63 21.54 22.01
CA MET D 200 -17.21 21.31 21.86
C MET D 200 -16.43 22.13 22.88
N VAL D 201 -15.29 21.58 23.30
CA VAL D 201 -14.47 22.19 24.33
C VAL D 201 -13.11 22.53 23.74
N ILE D 202 -12.55 23.64 24.21
CA ILE D 202 -11.25 24.13 23.77
C ILE D 202 -10.51 24.67 24.99
N ASP D 203 -9.22 24.42 25.06
CA ASP D 203 -8.38 24.93 26.14
C ASP D 203 -7.42 25.99 25.61
N ASN D 204 -7.17 27.00 26.41
CA ASN D 204 -6.18 28.02 26.08
C ASN D 204 -4.75 27.54 26.30
N GLU D 205 -4.56 26.29 26.70
CA GLU D 205 -3.24 25.73 26.97
C GLU D 205 -2.67 24.99 25.79
N ALA D 206 -3.41 24.02 25.24
CA ALA D 206 -2.92 23.29 24.07
C ALA D 206 -2.75 24.21 22.88
N LEU D 207 -3.48 25.33 22.85
CA LEU D 207 -3.27 26.31 21.78
C LEU D 207 -1.87 26.89 21.85
N TYR D 208 -1.36 27.13 23.06
CA TYR D 208 0.00 27.62 23.21
C TYR D 208 1.01 26.59 22.70
N ASP D 209 0.86 25.34 23.15
CA ASP D 209 1.78 24.29 22.70
C ASP D 209 1.75 24.11 21.20
N ILE D 210 0.58 24.29 20.58
CA ILE D 210 0.49 24.19 19.13
C ILE D 210 1.18 25.37 18.47
N CYS D 211 0.75 26.59 18.79
CA CYS D 211 1.31 27.77 18.17
C CYS D 211 2.80 27.91 18.42
N PHE D 212 3.35 27.19 19.40
CA PHE D 212 4.76 27.29 19.72
C PHE D 212 5.58 26.10 19.24
N ARG D 213 4.96 24.93 19.06
CA ARG D 213 5.67 23.74 18.60
C ARG D 213 5.14 23.20 17.28
N THR D 214 4.16 23.84 16.67
CA THR D 214 3.67 23.44 15.36
C THR D 214 3.86 24.51 14.30
N LEU D 215 3.81 25.78 14.67
CA LEU D 215 4.03 26.87 13.74
C LEU D 215 5.28 27.68 14.04
N LYS D 216 6.00 27.35 15.12
CA LYS D 216 7.23 28.04 15.50
C LYS D 216 7.02 29.55 15.62
N LEU D 217 5.92 29.94 16.27
CA LEU D 217 5.68 31.34 16.55
C LEU D 217 6.43 31.77 17.80
N THR D 218 6.69 33.07 17.87
CA THR D 218 7.38 33.67 19.00
C THR D 218 6.57 34.73 19.73
N THR D 219 5.65 35.40 19.03
CA THR D 219 4.75 36.38 19.63
C THR D 219 3.31 35.94 19.39
N PRO D 220 2.88 34.84 20.01
CA PRO D 220 1.50 34.39 19.79
C PRO D 220 0.51 35.28 20.50
N THR D 221 -0.18 36.12 19.75
CA THR D 221 -1.18 37.02 20.31
C THR D 221 -2.52 36.31 20.33
N TYR D 222 -3.32 36.61 21.36
CA TYR D 222 -4.66 36.03 21.48
C TYR D 222 -5.44 36.12 20.18
N GLY D 223 -5.15 37.14 19.36
CA GLY D 223 -5.74 37.20 18.04
C GLY D 223 -5.46 35.96 17.21
N ASP D 224 -4.22 35.47 17.24
CA ASP D 224 -3.87 34.33 16.41
C ASP D 224 -4.47 33.03 16.93
N LEU D 225 -4.52 32.86 18.25
CA LEU D 225 -5.17 31.68 18.81
C LEU D 225 -6.66 31.70 18.51
N ASN D 226 -7.30 32.85 18.67
CA ASN D 226 -8.70 32.97 18.26
C ASN D 226 -8.86 32.70 16.76
N HIS D 227 -7.89 33.09 15.95
CA HIS D 227 -7.94 32.80 14.53
C HIS D 227 -7.93 31.30 14.28
N LEU D 228 -7.07 30.58 15.00
CA LEU D 228 -7.02 29.12 14.85
C LEU D 228 -8.36 28.50 15.25
N VAL D 229 -8.90 28.91 16.40
CA VAL D 229 -10.16 28.35 16.86
C VAL D 229 -11.28 28.65 15.87
N SER D 230 -11.31 29.88 15.34
CA SER D 230 -12.35 30.26 14.41
C SER D 230 -12.22 29.51 13.09
N ALA D 231 -10.98 29.29 12.63
CA ALA D 231 -10.79 28.48 11.44
C ALA D 231 -11.35 27.08 11.65
N ALA D 232 -11.10 26.49 12.83
CA ALA D 232 -11.67 25.19 13.12
C ALA D 232 -13.20 25.23 13.10
N MET D 233 -13.78 26.27 13.70
CA MET D 233 -15.24 26.39 13.73
C MET D 233 -15.82 26.51 12.34
N SER D 234 -15.15 27.25 11.45
CA SER D 234 -15.64 27.39 10.09
C SER D 234 -15.49 26.09 9.32
N GLY D 235 -14.35 25.40 9.48
CA GLY D 235 -14.16 24.14 8.81
C GLY D 235 -15.15 23.08 9.25
N VAL D 236 -15.67 23.20 10.47
CA VAL D 236 -16.69 22.27 10.95
C VAL D 236 -17.90 22.30 10.02
N THR D 237 -18.51 23.46 9.86
CA THR D 237 -19.74 23.57 9.09
C THR D 237 -19.51 23.93 7.63
N CYS D 238 -18.25 23.94 7.17
CA CYS D 238 -17.99 24.22 5.76
C CYS D 238 -18.58 23.18 4.83
N CYS D 239 -18.93 22.01 5.33
CA CYS D 239 -19.51 20.96 4.49
C CYS D 239 -21.02 21.12 4.32
N LEU D 240 -21.56 22.28 4.66
CA LEU D 240 -23.00 22.54 4.59
C LEU D 240 -23.35 23.63 3.59
N ARG D 241 -22.67 24.77 3.64
CA ARG D 241 -22.96 25.90 2.76
C ARG D 241 -22.25 25.81 1.42
N PHE D 242 -21.56 24.70 1.13
CA PHE D 242 -20.81 24.52 -0.08
C PHE D 242 -21.14 23.18 -0.71
N PRO D 243 -21.01 23.06 -2.03
CA PRO D 243 -21.20 21.76 -2.68
C PRO D 243 -20.22 20.73 -2.13
N GLY D 244 -20.55 19.47 -2.34
CA GLY D 244 -19.70 18.40 -1.84
C GLY D 244 -20.07 17.03 -2.36
N GLN D 245 -19.07 16.18 -2.59
CA GLN D 245 -19.33 14.82 -3.00
C GLN D 245 -20.11 14.07 -1.94
N LEU D 246 -20.01 14.47 -0.68
CA LEU D 246 -20.81 13.90 0.40
C LEU D 246 -20.91 14.97 1.48
N ASN D 247 -22.05 15.65 1.54
CA ASN D 247 -22.20 16.81 2.40
C ASN D 247 -22.75 16.41 3.77
N SER D 248 -22.21 17.00 4.81
CA SER D 248 -22.69 16.85 6.18
C SER D 248 -23.27 18.16 6.67
N ASP D 249 -23.67 18.18 7.94
CA ASP D 249 -24.41 19.30 8.47
C ASP D 249 -24.11 19.42 9.97
N LEU D 250 -24.97 20.13 10.68
CA LEU D 250 -24.89 20.19 12.14
C LEU D 250 -25.70 19.09 12.81
N ARG D 251 -26.43 18.28 12.05
CA ARG D 251 -27.19 17.19 12.65
C ARG D 251 -26.66 15.82 12.30
N LYS D 252 -26.09 15.63 11.10
CA LYS D 252 -25.47 14.35 10.78
C LYS D 252 -24.35 14.05 11.76
N LEU D 253 -23.65 15.08 12.22
CA LEU D 253 -22.72 14.90 13.33
C LEU D 253 -23.47 14.53 14.60
N ALA D 254 -24.49 15.32 14.95
CA ALA D 254 -25.22 15.10 16.20
C ALA D 254 -25.84 13.72 16.28
N VAL D 255 -25.96 13.00 15.17
CA VAL D 255 -26.50 11.66 15.18
C VAL D 255 -25.44 10.59 14.95
N ASN D 256 -24.39 10.87 14.18
CA ASN D 256 -23.31 9.92 13.99
C ASN D 256 -22.26 10.00 15.08
N LEU D 257 -22.42 10.85 16.09
CA LEU D 257 -21.40 10.98 17.12
C LEU D 257 -21.89 10.52 18.49
N ILE D 258 -22.97 11.09 19.01
CA ILE D 258 -23.33 10.86 20.40
C ILE D 258 -24.14 9.58 20.53
N PRO D 259 -23.61 8.55 21.20
CA PRO D 259 -24.39 7.32 21.37
C PRO D 259 -25.47 7.45 22.42
N PHE D 260 -25.32 8.38 23.35
CA PHE D 260 -26.25 8.54 24.46
C PHE D 260 -26.39 10.01 24.80
N PRO D 261 -27.56 10.43 25.29
CA PRO D 261 -27.90 11.86 25.30
C PRO D 261 -26.94 12.77 26.06
N ARG D 262 -25.95 12.20 26.75
CA ARG D 262 -25.04 13.03 27.54
C ARG D 262 -23.58 12.97 27.10
N LEU D 263 -23.13 11.90 26.46
CA LEU D 263 -21.74 11.81 25.99
C LEU D 263 -21.58 12.67 24.75
N HIS D 264 -21.70 13.99 24.94
CA HIS D 264 -21.75 14.93 23.84
C HIS D 264 -20.69 16.02 23.97
N PHE D 265 -19.57 15.70 24.62
CA PHE D 265 -18.48 16.65 24.82
C PHE D 265 -17.32 16.24 23.91
N PHE D 266 -17.10 16.99 22.85
CA PHE D 266 -16.25 16.57 21.76
C PHE D 266 -14.85 17.15 21.93
N MET D 267 -14.01 16.96 20.91
CA MET D 267 -12.72 17.62 20.78
C MET D 267 -12.57 18.13 19.37
N ILE D 268 -11.75 19.16 19.19
CA ILE D 268 -11.56 19.82 17.91
C ILE D 268 -10.11 19.72 17.49
N GLY D 269 -9.88 19.42 16.22
CA GLY D 269 -8.56 19.45 15.63
C GLY D 269 -8.58 19.99 14.22
N PHE D 270 -7.63 20.87 13.89
CA PHE D 270 -7.53 21.41 12.56
C PHE D 270 -6.24 20.93 11.91
N ALA D 271 -6.28 20.78 10.58
CA ALA D 271 -5.10 20.40 9.84
C ALA D 271 -5.23 20.96 8.43
N PRO D 272 -4.11 21.33 7.79
CA PRO D 272 -2.75 21.27 8.32
C PRO D 272 -2.26 22.58 8.91
N LEU D 273 -1.36 22.50 9.89
CA LEU D 273 -0.74 23.66 10.51
C LEU D 273 0.76 23.46 10.46
N THR D 274 1.46 24.38 9.79
CA THR D 274 2.87 24.17 9.50
C THR D 274 3.67 25.45 9.69
N SER D 275 4.93 25.28 10.08
CA SER D 275 5.89 26.37 10.24
C SER D 275 6.45 26.76 8.90
N ARG D 276 7.55 27.52 8.87
CA ARG D 276 8.12 27.92 7.59
C ARG D 276 8.95 26.79 6.96
N GLY D 277 10.01 26.37 7.65
CA GLY D 277 10.80 25.27 7.13
C GLY D 277 9.99 24.00 6.98
N SER D 278 9.26 23.64 8.05
CA SER D 278 8.43 22.44 8.01
C SER D 278 7.45 22.46 6.85
N GLN D 279 7.01 23.65 6.43
CA GLN D 279 6.20 23.74 5.23
C GLN D 279 7.03 23.58 3.97
N GLN D 280 8.26 24.10 4.00
CA GLN D 280 9.13 23.93 2.83
C GLN D 280 9.47 22.47 2.56
N TYR D 281 9.42 21.63 3.59
CA TYR D 281 9.91 20.26 3.46
C TYR D 281 8.82 19.20 3.31
N ARG D 282 7.56 19.53 3.57
CA ARG D 282 6.50 18.52 3.54
C ARG D 282 5.51 18.82 2.42
N ALA D 283 4.98 17.74 1.83
CA ALA D 283 4.05 17.83 0.72
C ALA D 283 2.62 17.72 1.22
N LEU D 284 1.67 18.08 0.35
CA LEU D 284 0.25 18.10 0.69
C LEU D 284 -0.42 16.87 0.08
N THR D 285 -0.36 15.76 0.80
CA THR D 285 -0.96 14.51 0.37
C THR D 285 -1.66 13.87 1.56
N VAL D 286 -2.90 13.44 1.36
CA VAL D 286 -3.83 13.15 2.45
C VAL D 286 -3.31 12.14 3.47
N PRO D 287 -2.38 11.22 3.16
CA PRO D 287 -1.72 10.50 4.25
C PRO D 287 -1.02 11.41 5.23
N GLU D 288 -0.40 12.49 4.75
CA GLU D 288 0.26 13.42 5.65
C GLU D 288 -0.74 14.15 6.53
N LEU D 289 -1.85 14.61 5.94
CA LEU D 289 -2.88 15.28 6.73
C LEU D 289 -3.45 14.34 7.79
N THR D 290 -3.62 13.07 7.45
CA THR D 290 -4.09 12.11 8.46
C THR D 290 -3.05 11.92 9.55
N GLN D 291 -1.77 11.79 9.17
CA GLN D 291 -0.71 11.63 10.16
C GLN D 291 -0.67 12.82 11.11
N GLN D 292 -1.01 14.01 10.62
CA GLN D 292 -1.04 15.18 11.49
C GLN D 292 -2.35 15.32 12.25
N MET D 293 -3.43 14.70 11.78
CA MET D 293 -4.74 14.93 12.37
C MET D 293 -4.86 14.24 13.73
N PHE D 294 -4.57 12.94 13.79
CA PHE D 294 -4.78 12.18 15.01
C PHE D 294 -3.74 12.46 16.09
N ASP D 295 -2.67 13.19 15.77
CA ASP D 295 -1.62 13.44 16.74
C ASP D 295 -2.17 14.17 17.97
N ALA D 296 -1.78 13.69 19.15
CA ALA D 296 -2.26 14.28 20.38
C ALA D 296 -1.82 15.73 20.53
N LYS D 297 -0.66 16.08 19.99
CA LYS D 297 -0.17 17.45 20.04
C LYS D 297 -0.84 18.36 19.02
N ASN D 298 -1.92 17.90 18.39
CA ASN D 298 -2.58 18.67 17.34
C ASN D 298 -4.04 18.97 17.66
N MET D 299 -4.49 18.73 18.89
CA MET D 299 -5.87 18.94 19.27
C MET D 299 -6.02 20.14 20.17
N MET D 300 -7.19 20.78 20.10
CA MET D 300 -7.49 21.98 20.86
C MET D 300 -8.04 21.66 22.25
N CYS D 301 -7.76 20.47 22.77
CA CYS D 301 -8.26 20.07 24.07
C CYS D 301 -7.11 19.44 24.85
N ALA D 302 -6.75 20.02 25.98
CA ALA D 302 -5.60 19.54 26.73
C ALA D 302 -5.93 18.23 27.44
N ALA D 303 -6.19 17.19 26.66
CA ALA D 303 -6.42 15.85 27.20
C ALA D 303 -5.88 14.87 26.17
N ASP D 304 -4.68 14.34 26.43
CA ASP D 304 -4.01 13.43 25.51
C ASP D 304 -4.92 12.24 25.24
N PRO D 305 -5.44 12.12 24.01
CA PRO D 305 -6.36 11.02 23.71
C PRO D 305 -5.73 9.65 23.88
N ARG D 306 -4.40 9.57 23.89
CA ARG D 306 -3.73 8.30 24.14
C ARG D 306 -4.14 7.70 25.47
N HIS D 307 -4.54 8.53 26.43
CA HIS D 307 -5.04 8.05 27.71
C HIS D 307 -6.46 7.54 27.65
N GLY D 308 -7.02 7.39 26.45
CA GLY D 308 -8.37 6.90 26.29
C GLY D 308 -8.57 6.39 24.88
N ARG D 309 -9.82 6.35 24.46
CA ARG D 309 -10.18 5.90 23.14
C ARG D 309 -11.15 6.89 22.52
N TYR D 310 -11.58 6.61 21.29
CA TYR D 310 -12.54 7.43 20.59
C TYR D 310 -13.84 6.66 20.48
N LEU D 311 -14.89 7.13 21.17
CA LEU D 311 -16.21 6.59 20.89
C LEU D 311 -16.61 6.86 19.44
N THR D 312 -16.15 7.98 18.88
CA THR D 312 -16.37 8.27 17.46
C THR D 312 -15.58 9.50 17.09
N ALA D 313 -15.36 9.67 15.79
CA ALA D 313 -14.58 10.81 15.30
C ALA D 313 -14.97 11.07 13.86
N SER D 314 -15.44 12.27 13.58
CA SER D 314 -15.83 12.67 12.23
C SER D 314 -14.76 13.56 11.62
N ALA D 315 -14.38 13.24 10.38
CA ALA D 315 -13.36 13.95 9.65
C ALA D 315 -14.01 14.62 8.45
N LEU D 316 -14.14 15.94 8.52
CA LEU D 316 -14.73 16.74 7.45
C LEU D 316 -13.59 17.33 6.63
N PHE D 317 -13.40 16.81 5.43
CA PHE D 317 -12.37 17.29 4.53
C PHE D 317 -12.89 18.44 3.70
N ARG D 318 -11.98 19.09 2.99
CA ARG D 318 -12.33 20.21 2.13
C ARG D 318 -11.35 20.23 0.96
N GLY D 319 -11.74 20.91 -0.10
CA GLY D 319 -10.91 20.97 -1.29
C GLY D 319 -11.36 19.99 -2.36
N ARG D 320 -10.45 19.17 -2.85
CA ARG D 320 -10.80 18.20 -3.89
C ARG D 320 -9.80 17.06 -3.83
N MET D 321 -10.28 15.85 -3.62
CA MET D 321 -9.40 14.69 -3.53
C MET D 321 -10.20 13.43 -3.81
N SER D 322 -9.49 12.40 -4.26
CA SER D 322 -10.10 11.11 -4.51
C SER D 322 -10.60 10.50 -3.21
N THR D 323 -11.91 10.23 -3.15
CA THR D 323 -12.50 9.67 -1.94
C THR D 323 -11.89 8.32 -1.58
N LYS D 324 -11.35 7.59 -2.55
CA LYS D 324 -10.71 6.32 -2.23
C LYS D 324 -9.48 6.55 -1.35
N GLU D 325 -8.76 7.64 -1.57
CA GLU D 325 -7.63 7.96 -0.70
C GLU D 325 -8.11 8.22 0.73
N VAL D 326 -9.18 8.99 0.88
CA VAL D 326 -9.73 9.25 2.20
C VAL D 326 -10.13 7.95 2.89
N ASP D 327 -10.82 7.07 2.16
CA ASP D 327 -11.31 5.84 2.77
C ASP D 327 -10.18 4.90 3.12
N GLU D 328 -9.15 4.83 2.28
CA GLU D 328 -7.99 4.00 2.59
C GLU D 328 -7.26 4.54 3.82
N GLN D 329 -7.10 5.86 3.92
CA GLN D 329 -6.46 6.42 5.11
C GLN D 329 -7.27 6.16 6.36
N MET D 330 -8.59 6.30 6.28
CA MET D 330 -9.44 6.01 7.44
C MET D 330 -9.31 4.56 7.86
N LEU D 331 -9.42 3.63 6.90
CA LEU D 331 -9.34 2.21 7.24
C LEU D 331 -7.98 1.85 7.80
N ASN D 332 -6.90 2.44 7.26
CA ASN D 332 -5.58 2.10 7.77
C ASN D 332 -5.37 2.65 9.17
N VAL D 333 -5.78 3.90 9.42
CA VAL D 333 -5.56 4.47 10.74
C VAL D 333 -6.46 3.78 11.76
N GLN D 334 -7.58 3.23 11.33
CA GLN D 334 -8.46 2.57 12.28
C GLN D 334 -7.97 1.16 12.58
N ASN D 335 -7.63 0.38 11.56
CA ASN D 335 -7.18 -0.98 11.78
C ASN D 335 -5.78 -1.04 12.38
N LYS D 336 -4.95 -0.03 12.17
CA LYS D 336 -3.60 -0.05 12.69
C LYS D 336 -3.54 0.37 14.15
N ASN D 337 -4.25 1.43 14.51
CA ASN D 337 -4.39 1.81 15.92
C ASN D 337 -5.61 1.14 16.53
N SER D 338 -5.70 -0.18 16.39
CA SER D 338 -6.88 -0.92 16.82
C SER D 338 -7.14 -0.80 18.32
N SER D 339 -6.17 -0.32 19.08
CA SER D 339 -6.37 -0.17 20.53
C SER D 339 -7.02 1.15 20.86
N TYR D 340 -6.60 2.23 20.22
CA TYR D 340 -7.11 3.56 20.56
C TYR D 340 -8.54 3.78 20.10
N PHE D 341 -9.20 2.78 19.54
CA PHE D 341 -10.60 2.86 19.18
C PHE D 341 -11.38 1.81 19.94
N VAL D 342 -12.58 2.17 20.37
CA VAL D 342 -13.44 1.25 21.07
C VAL D 342 -14.10 0.33 20.04
N GLU D 343 -14.51 -0.85 20.48
CA GLU D 343 -14.87 -1.94 19.58
C GLU D 343 -16.38 -2.15 19.41
N TRP D 344 -17.17 -2.00 20.48
CA TRP D 344 -18.59 -2.31 20.35
C TRP D 344 -19.33 -1.38 19.40
N ILE D 345 -18.67 -0.36 18.86
CA ILE D 345 -19.23 0.43 17.77
C ILE D 345 -18.32 0.25 16.57
N PRO D 346 -18.61 -0.72 15.70
CA PRO D 346 -17.72 -1.00 14.57
C PRO D 346 -17.59 0.20 13.65
N ASN D 347 -16.42 0.31 13.03
CA ASN D 347 -16.04 1.44 12.18
C ASN D 347 -16.48 2.77 12.78
N ASN D 348 -15.97 3.01 13.98
CA ASN D 348 -16.39 4.18 14.76
C ASN D 348 -15.91 5.50 14.19
N ILE D 349 -15.27 5.57 13.02
CA ILE D 349 -14.82 6.82 12.45
C ILE D 349 -15.66 7.14 11.23
N LYS D 350 -16.13 8.39 11.15
CA LYS D 350 -17.00 8.84 10.07
C LYS D 350 -16.24 9.85 9.23
N SER D 351 -16.52 9.86 7.93
CA SER D 351 -15.87 10.75 6.99
C SER D 351 -16.90 11.65 6.33
N SER D 352 -16.39 12.73 5.73
CA SER D 352 -17.24 13.62 4.94
C SER D 352 -16.34 14.47 4.06
N ILE D 353 -16.80 14.78 2.86
CA ILE D 353 -16.00 15.49 1.87
C ILE D 353 -16.82 16.62 1.28
N CYS D 354 -16.43 17.86 1.58
CA CYS D 354 -16.93 19.02 0.87
C CYS D 354 -16.03 19.29 -0.34
N ASP D 355 -16.31 20.37 -1.06
CA ASP D 355 -15.61 20.63 -2.32
C ASP D 355 -15.12 22.07 -2.41
N ILE D 356 -14.62 22.62 -1.31
CA ILE D 356 -14.01 23.95 -1.33
C ILE D 356 -12.80 23.97 -0.40
N PRO D 357 -11.60 24.21 -0.92
CA PRO D 357 -10.42 24.33 -0.07
C PRO D 357 -10.43 25.66 0.66
N PRO D 358 -9.56 25.85 1.66
CA PRO D 358 -9.46 27.16 2.30
C PRO D 358 -8.91 28.19 1.33
N LYS D 359 -8.86 29.42 1.79
CA LYS D 359 -8.34 30.52 0.97
C LYS D 359 -6.82 30.45 0.98
N GLY D 360 -6.26 29.65 0.08
CA GLY D 360 -4.83 29.61 -0.09
C GLY D 360 -4.16 28.28 0.24
N LEU D 361 -4.88 27.19 0.05
CA LEU D 361 -4.34 25.86 0.27
C LEU D 361 -4.83 24.94 -0.84
N LYS D 362 -4.65 23.64 -0.64
CA LYS D 362 -5.11 22.64 -1.60
C LYS D 362 -5.93 21.58 -0.88
N MET D 363 -5.65 21.40 0.41
CA MET D 363 -6.35 20.44 1.24
C MET D 363 -6.82 21.15 2.51
N ALA D 364 -7.61 20.43 3.32
CA ALA D 364 -8.06 20.91 4.61
C ALA D 364 -8.75 19.77 5.32
N VAL D 365 -8.61 19.75 6.65
CA VAL D 365 -9.22 18.71 7.47
C VAL D 365 -9.68 19.31 8.79
N THR D 366 -10.94 19.10 9.12
CA THR D 366 -11.45 19.37 10.45
C THR D 366 -11.81 18.04 11.11
N PHE D 367 -11.47 17.90 12.39
CA PHE D 367 -11.62 16.65 13.11
C PHE D 367 -12.43 16.93 14.37
N VAL D 368 -13.64 16.40 14.43
CA VAL D 368 -14.50 16.53 15.60
C VAL D 368 -14.61 15.15 16.24
N GLY D 369 -14.05 15.01 17.43
CA GLY D 369 -13.96 13.70 18.02
C GLY D 369 -14.61 13.53 19.38
N ASN D 370 -15.67 12.73 19.45
CA ASN D 370 -16.22 12.32 20.73
C ASN D 370 -15.33 11.22 21.27
N SER D 371 -14.39 11.60 22.13
CA SER D 371 -13.48 10.67 22.77
C SER D 371 -13.87 10.46 24.22
N THR D 372 -13.50 9.30 24.74
CA THR D 372 -13.65 9.00 26.16
C THR D 372 -12.42 9.37 26.96
N ALA D 373 -11.56 10.22 26.42
CA ALA D 373 -10.34 10.62 27.10
C ALA D 373 -10.46 11.96 27.81
N ILE D 374 -11.38 12.83 27.38
CA ILE D 374 -11.52 14.14 28.02
C ILE D 374 -12.13 14.04 29.40
N GLN D 375 -12.74 12.90 29.75
CA GLN D 375 -13.27 12.71 31.09
C GLN D 375 -12.24 13.08 32.15
N GLU D 376 -10.97 12.76 31.88
CA GLU D 376 -9.90 13.07 32.82
C GLU D 376 -9.93 14.54 33.20
N MET D 377 -10.05 15.43 32.21
CA MET D 377 -10.15 16.87 32.49
C MET D 377 -11.24 17.14 33.51
N PHE D 378 -12.43 16.59 33.27
CA PHE D 378 -13.53 16.78 34.21
C PHE D 378 -13.14 16.27 35.59
N LYS D 379 -12.50 15.09 35.64
CA LYS D 379 -12.00 14.58 36.90
C LYS D 379 -11.15 15.62 37.61
N ARG D 380 -10.25 16.27 36.87
CA ARG D 380 -9.44 17.33 37.44
C ARG D 380 -10.29 18.38 38.13
N VAL D 381 -11.31 18.89 37.42
CA VAL D 381 -12.20 19.86 38.03
C VAL D 381 -12.89 19.26 39.24
N ALA D 382 -13.33 18.00 39.12
CA ALA D 382 -13.97 17.34 40.24
C ALA D 382 -13.09 17.29 41.48
N GLU D 383 -11.77 17.45 41.31
CA GLU D 383 -10.90 17.61 42.47
C GLU D 383 -11.00 19.03 43.01
N GLN D 384 -10.70 20.02 42.17
CA GLN D 384 -10.55 21.39 42.63
C GLN D 384 -11.81 21.88 43.34
N PHE D 385 -12.96 21.77 42.66
CA PHE D 385 -14.23 22.13 43.29
C PHE D 385 -14.39 21.44 44.64
N THR D 386 -14.10 20.15 44.70
CA THR D 386 -14.26 19.42 45.96
C THR D 386 -13.33 19.98 47.02
N ALA D 387 -12.11 20.36 46.63
CA ALA D 387 -11.17 20.94 47.57
C ALA D 387 -11.46 22.41 47.86
N MET D 388 -12.48 22.98 47.24
CA MET D 388 -12.88 24.36 47.49
C MET D 388 -14.29 24.45 48.06
N PHE D 389 -14.83 23.34 48.53
CA PHE D 389 -16.19 23.33 49.08
C PHE D 389 -16.25 22.88 50.52
N ARG D 390 -15.40 21.94 50.94
CA ARG D 390 -15.40 21.55 52.34
C ARG D 390 -14.93 22.66 53.25
N ARG D 391 -14.16 23.61 52.73
CA ARG D 391 -13.79 24.81 53.46
C ARG D 391 -14.70 25.99 53.16
N LYS D 392 -15.73 25.79 52.34
CA LYS D 392 -16.69 26.85 51.97
C LYS D 392 -15.99 28.07 51.41
N ALA D 393 -14.86 27.86 50.74
CA ALA D 393 -14.08 28.97 50.23
C ALA D 393 -14.87 29.73 49.16
N PHE D 394 -14.85 31.06 49.27
CA PHE D 394 -15.46 31.97 48.30
C PHE D 394 -16.95 31.75 48.12
N LEU D 395 -17.57 30.93 48.96
CA LEU D 395 -18.97 30.59 48.74
C LEU D 395 -19.90 31.76 49.03
N HIS D 396 -19.50 32.65 49.94
CA HIS D 396 -20.43 33.69 50.37
C HIS D 396 -20.72 34.72 49.28
N TRP D 397 -19.82 34.89 48.30
CA TRP D 397 -20.14 35.78 47.19
C TRP D 397 -21.30 35.24 46.38
N TYR D 398 -21.25 33.95 46.02
CA TYR D 398 -22.37 33.34 45.32
C TYR D 398 -23.61 33.29 46.19
N THR D 399 -23.45 33.06 47.50
CA THR D 399 -24.60 33.04 48.39
C THR D 399 -25.25 34.41 48.47
N GLY D 400 -24.47 35.48 48.32
CA GLY D 400 -24.98 36.83 48.41
C GLY D 400 -25.96 37.24 47.34
N GLU D 401 -26.26 36.35 46.38
CA GLU D 401 -27.21 36.64 45.32
C GLU D 401 -28.43 35.73 45.37
N GLY D 402 -28.68 35.11 46.52
CA GLY D 402 -29.80 34.21 46.67
C GLY D 402 -29.54 32.78 46.26
N MET D 403 -28.31 32.47 45.85
CA MET D 403 -27.98 31.12 45.39
C MET D 403 -28.09 30.12 46.55
N ASP D 404 -28.87 29.06 46.35
CA ASP D 404 -29.01 28.01 47.34
C ASP D 404 -27.89 26.99 47.14
N GLU D 405 -27.07 26.82 48.18
CA GLU D 405 -25.90 25.93 48.07
C GLU D 405 -26.30 24.53 47.64
N MET D 406 -27.53 24.11 47.95
CA MET D 406 -28.01 22.79 47.55
C MET D 406 -27.71 22.52 46.09
N GLU D 407 -28.05 23.48 45.22
CA GLU D 407 -27.81 23.30 43.79
C GLU D 407 -26.36 22.92 43.51
N PHE D 408 -25.41 23.67 44.09
CA PHE D 408 -24.00 23.31 43.97
C PHE D 408 -23.79 21.82 44.13
N THR D 409 -24.30 21.28 45.25
CA THR D 409 -24.16 19.87 45.53
C THR D 409 -24.54 19.03 44.31
N GLU D 410 -25.80 19.15 43.86
CA GLU D 410 -26.24 18.29 42.78
C GLU D 410 -25.40 18.52 41.54
N ALA D 411 -24.98 19.77 41.31
CA ALA D 411 -24.11 20.07 40.19
C ALA D 411 -22.90 19.15 40.21
N GLU D 412 -22.16 19.17 41.32
CA GLU D 412 -21.04 18.25 41.46
C GLU D 412 -21.50 16.81 41.26
N SER D 413 -22.59 16.44 41.93
CA SER D 413 -23.16 15.10 41.74
C SER D 413 -23.37 14.83 40.25
N ASN D 414 -24.02 15.76 39.55
CA ASN D 414 -24.21 15.61 38.11
C ASN D 414 -22.88 15.34 37.43
N MET D 415 -21.89 16.21 37.68
CA MET D 415 -20.57 16.02 37.09
C MET D 415 -20.07 14.61 37.35
N ASN D 416 -20.24 14.11 38.58
CA ASN D 416 -19.86 12.75 38.89
C ASN D 416 -20.39 11.79 37.85
N ASP D 417 -21.72 11.73 37.72
CA ASP D 417 -22.33 10.81 36.77
C ASP D 417 -21.66 10.94 35.41
N LEU D 418 -21.46 12.19 34.97
CA LEU D 418 -20.85 12.44 33.67
C LEU D 418 -19.55 11.67 33.53
N VAL D 419 -18.57 11.94 34.40
CA VAL D 419 -17.30 11.23 34.26
C VAL D 419 -17.51 9.75 34.48
N SER D 420 -18.38 9.39 35.43
CA SER D 420 -18.67 7.99 35.65
C SER D 420 -19.13 7.33 34.36
N GLU D 421 -19.99 8.02 33.61
CA GLU D 421 -20.44 7.50 32.33
C GLU D 421 -19.26 7.06 31.48
N TYR D 422 -18.31 7.98 31.25
CA TYR D 422 -17.18 7.63 30.41
C TYR D 422 -16.39 6.47 31.00
N GLN D 423 -16.24 6.46 32.32
CA GLN D 423 -15.47 5.39 32.96
C GLN D 423 -16.14 4.04 32.76
N GLN D 424 -17.44 4.02 32.48
CA GLN D 424 -18.14 2.77 32.25
C GLN D 424 -17.93 2.23 30.84
N TYR D 425 -17.46 3.07 29.91
CA TYR D 425 -17.43 2.68 28.50
C TYR D 425 -16.04 2.36 27.97
N GLN D 426 -15.01 3.11 28.35
CA GLN D 426 -13.68 2.77 27.86
C GLN D 426 -13.22 1.41 28.36
N ASP D 427 -13.90 0.85 29.37
CA ASP D 427 -13.64 -0.50 29.84
C ASP D 427 -14.57 -1.52 29.22
N ALA D 428 -15.65 -1.09 28.57
CA ALA D 428 -16.65 -2.03 28.06
C ALA D 428 -16.06 -2.90 26.96
N THR D 429 -16.35 -4.20 27.05
CA THR D 429 -15.86 -5.17 26.08
C THR D 429 -17.04 -5.94 25.48
N ALA D 430 -16.81 -6.52 24.31
CA ALA D 430 -17.82 -7.32 23.63
C ALA D 430 -17.16 -8.34 22.71
N MET E 1 -69.45 -52.48 -84.85
CA MET E 1 -70.30 -53.42 -84.13
C MET E 1 -69.48 -54.34 -83.25
N ARG E 2 -68.25 -53.93 -82.97
CA ARG E 2 -67.34 -54.68 -82.09
C ARG E 2 -66.47 -53.65 -81.38
N GLU E 3 -66.90 -53.25 -80.18
CA GLU E 3 -66.29 -52.12 -79.49
C GLU E 3 -66.05 -52.47 -78.03
N VAL E 4 -65.19 -51.67 -77.40
CA VAL E 4 -64.84 -51.83 -76.00
C VAL E 4 -64.86 -50.46 -75.33
N ILE E 5 -65.07 -50.47 -74.01
CA ILE E 5 -65.06 -49.27 -73.19
C ILE E 5 -63.92 -49.40 -72.20
N SER E 6 -62.99 -48.45 -72.24
CA SER E 6 -61.77 -48.52 -71.43
C SER E 6 -61.85 -47.44 -70.34
N ILE E 7 -62.32 -47.85 -69.17
CA ILE E 7 -62.35 -46.96 -68.02
C ILE E 7 -60.97 -46.87 -67.41
N HIS E 8 -60.62 -45.70 -66.89
CA HIS E 8 -59.34 -45.49 -66.22
C HIS E 8 -59.60 -44.78 -64.89
N VAL E 9 -59.40 -45.49 -63.79
CA VAL E 9 -59.51 -44.92 -62.46
C VAL E 9 -58.14 -44.95 -61.82
N GLY E 10 -58.05 -44.33 -60.65
CA GLY E 10 -56.79 -44.33 -59.93
C GLY E 10 -55.69 -43.57 -60.66
N GLN E 11 -54.48 -43.70 -60.10
CA GLN E 11 -53.32 -42.96 -60.57
C GLN E 11 -52.59 -43.71 -61.68
N GLY E 12 -52.12 -44.92 -61.39
CA GLY E 12 -51.38 -45.68 -62.38
C GLY E 12 -52.20 -45.94 -63.64
N GLY E 13 -53.49 -46.22 -63.46
CA GLY E 13 -54.34 -46.43 -64.62
C GLY E 13 -54.34 -45.25 -65.56
N ILE E 14 -54.28 -44.03 -65.03
CA ILE E 14 -54.35 -42.85 -65.88
C ILE E 14 -53.12 -42.75 -66.77
N GLN E 15 -51.93 -42.96 -66.20
CA GLN E 15 -50.72 -42.88 -67.01
C GLN E 15 -50.64 -44.04 -67.99
N VAL E 16 -51.04 -45.24 -67.55
CA VAL E 16 -51.07 -46.38 -68.45
C VAL E 16 -51.99 -46.09 -69.63
N GLY E 17 -53.13 -45.46 -69.37
CA GLY E 17 -54.02 -45.09 -70.45
C GLY E 17 -53.47 -44.00 -71.32
N ASN E 18 -52.74 -43.05 -70.74
CA ASN E 18 -52.05 -42.05 -71.54
C ASN E 18 -51.16 -42.71 -72.59
N ALA E 19 -50.29 -43.62 -72.14
CA ALA E 19 -49.42 -44.32 -73.09
C ALA E 19 -50.22 -45.17 -74.05
N CYS E 20 -51.29 -45.81 -73.57
CA CYS E 20 -52.09 -46.70 -74.41
C CYS E 20 -52.76 -45.93 -75.53
N TRP E 21 -53.34 -44.78 -75.22
CA TRP E 21 -54.00 -44.00 -76.25
C TRP E 21 -52.99 -43.33 -77.16
N GLU E 22 -51.81 -42.99 -76.65
CA GLU E 22 -50.74 -42.58 -77.55
C GLU E 22 -50.49 -43.65 -78.60
N LEU E 23 -50.27 -44.89 -78.16
CA LEU E 23 -50.01 -45.97 -79.10
C LEU E 23 -51.18 -46.17 -80.05
N PHE E 24 -52.42 -46.08 -79.55
CA PHE E 24 -53.58 -46.36 -80.38
C PHE E 24 -53.76 -45.29 -81.45
N CYS E 25 -53.77 -44.02 -81.06
CA CYS E 25 -53.81 -42.96 -82.07
C CYS E 25 -52.64 -43.08 -83.03
N LEU E 26 -51.50 -43.56 -82.57
CA LEU E 26 -50.38 -43.76 -83.49
C LEU E 26 -50.72 -44.78 -84.57
N GLU E 27 -51.01 -46.02 -84.17
CA GLU E 27 -51.11 -47.10 -85.15
C GLU E 27 -52.21 -46.86 -86.16
N HIS E 28 -53.29 -46.17 -85.77
CA HIS E 28 -54.38 -45.88 -86.66
C HIS E 28 -54.18 -44.59 -87.45
N GLY E 29 -52.99 -44.00 -87.38
CA GLY E 29 -52.75 -42.76 -88.08
C GLY E 29 -53.52 -41.57 -87.55
N ILE E 30 -54.16 -41.70 -86.40
CA ILE E 30 -54.85 -40.57 -85.77
C ILE E 30 -53.80 -39.66 -85.15
N GLN E 31 -53.66 -38.46 -85.71
CA GLN E 31 -52.70 -37.50 -85.16
C GLN E 31 -53.03 -37.23 -83.69
N PRO E 32 -52.02 -36.87 -82.88
CA PRO E 32 -52.30 -36.56 -81.47
C PRO E 32 -53.25 -35.40 -81.27
N ASP E 33 -53.60 -34.67 -82.32
CA ASP E 33 -54.66 -33.67 -82.21
C ASP E 33 -56.02 -34.33 -82.04
N GLY E 34 -56.20 -35.51 -82.61
CA GLY E 34 -57.49 -36.16 -82.68
C GLY E 34 -58.08 -36.21 -84.08
N GLN E 35 -57.38 -35.68 -85.06
CA GLN E 35 -57.82 -35.66 -86.45
C GLN E 35 -56.95 -36.58 -87.29
N MET E 36 -57.18 -36.57 -88.60
CA MET E 36 -56.42 -37.38 -89.53
C MET E 36 -55.91 -36.50 -90.66
N PRO E 37 -54.76 -36.86 -91.26
CA PRO E 37 -54.21 -36.06 -92.36
C PRO E 37 -54.96 -36.32 -93.65
N ALA E 48 -61.41 -48.54 -89.57
CA ALA E 48 -61.11 -49.61 -88.62
C ALA E 48 -61.07 -49.15 -87.17
N PHE E 49 -61.01 -47.86 -86.89
CA PHE E 49 -60.95 -47.39 -85.51
C PHE E 49 -62.29 -47.45 -84.80
N ASN E 50 -63.37 -47.79 -85.52
CA ASN E 50 -64.70 -47.82 -84.91
C ASN E 50 -64.75 -48.69 -83.66
N THR E 51 -63.80 -49.60 -83.49
CA THR E 51 -63.77 -50.42 -82.29
C THR E 51 -63.55 -49.57 -81.05
N PHE E 52 -62.63 -48.63 -81.12
CA PHE E 52 -62.22 -47.85 -79.95
C PHE E 52 -62.79 -46.43 -79.98
N PHE E 53 -62.56 -45.68 -81.05
CA PHE E 53 -62.91 -44.27 -81.09
C PHE E 53 -64.31 -44.10 -81.65
N SER E 54 -64.67 -42.85 -81.93
CA SER E 54 -65.95 -42.55 -82.59
C SER E 54 -65.78 -41.24 -83.36
N GLU E 55 -66.09 -41.28 -84.65
CA GLU E 55 -65.99 -40.08 -85.48
C GLU E 55 -67.15 -39.15 -85.16
N THR E 56 -66.83 -37.93 -84.73
CA THR E 56 -67.86 -36.96 -84.39
C THR E 56 -68.38 -36.26 -85.65
N GLY E 57 -68.75 -37.03 -86.66
CA GLY E 57 -69.27 -36.49 -87.89
C GLY E 57 -68.20 -35.91 -88.80
N ALA E 58 -67.43 -34.95 -88.31
CA ALA E 58 -66.45 -34.24 -89.13
C ALA E 58 -65.12 -34.19 -88.41
N GLY E 59 -64.16 -34.99 -88.87
CA GLY E 59 -62.77 -34.84 -88.47
C GLY E 59 -62.36 -35.49 -87.16
N LYS E 60 -62.73 -34.88 -86.05
CA LYS E 60 -62.21 -35.32 -84.76
C LYS E 60 -62.71 -36.73 -84.42
N HIS E 61 -61.85 -37.50 -83.77
CA HIS E 61 -62.17 -38.86 -83.33
C HIS E 61 -62.19 -38.85 -81.81
N VAL E 62 -63.39 -38.76 -81.23
CA VAL E 62 -63.49 -38.77 -79.77
C VAL E 62 -63.20 -40.19 -79.29
N PRO E 63 -62.24 -40.38 -78.39
CA PRO E 63 -61.92 -41.72 -77.90
C PRO E 63 -62.91 -42.16 -76.83
N ARG E 64 -63.44 -43.38 -76.99
CA ARG E 64 -64.32 -43.94 -75.98
C ARG E 64 -63.52 -44.36 -74.76
N ALA E 65 -63.44 -43.49 -73.76
CA ALA E 65 -62.75 -43.77 -72.52
C ALA E 65 -63.09 -42.67 -71.52
N VAL E 66 -63.36 -43.05 -70.28
CA VAL E 66 -63.65 -42.10 -69.22
C VAL E 66 -62.51 -42.16 -68.20
N PHE E 67 -62.12 -41.00 -67.70
CA PHE E 67 -60.96 -40.87 -66.81
C PHE E 67 -61.46 -40.34 -65.47
N LEU E 68 -61.85 -41.25 -64.59
CA LEU E 68 -62.26 -40.87 -63.24
C LEU E 68 -61.05 -40.78 -62.32
N ASP E 69 -61.02 -39.75 -61.49
CA ASP E 69 -60.01 -39.69 -60.43
C ASP E 69 -60.38 -38.57 -59.47
N LEU E 70 -59.70 -38.56 -58.33
CA LEU E 70 -59.88 -37.54 -57.31
C LEU E 70 -58.74 -36.54 -57.26
N GLU E 71 -57.50 -36.99 -57.33
CA GLU E 71 -56.36 -36.07 -57.34
C GLU E 71 -56.24 -35.42 -58.71
N PRO E 72 -56.49 -34.12 -58.83
CA PRO E 72 -56.49 -33.48 -60.14
C PRO E 72 -55.13 -33.40 -60.80
N THR E 73 -54.07 -33.91 -60.16
CA THR E 73 -52.71 -33.71 -60.65
C THR E 73 -52.49 -34.30 -62.03
N VAL E 74 -52.56 -35.64 -62.15
CA VAL E 74 -52.25 -36.26 -63.43
C VAL E 74 -53.36 -36.01 -64.44
N ILE E 75 -54.61 -35.95 -64.00
CA ILE E 75 -55.70 -35.73 -64.94
C ILE E 75 -55.64 -34.32 -65.52
N ASP E 76 -55.11 -33.36 -64.75
CA ASP E 76 -54.91 -32.03 -65.30
C ASP E 76 -53.64 -31.96 -66.14
N GLU E 77 -52.59 -32.66 -65.74
CA GLU E 77 -51.42 -32.79 -66.61
C GLU E 77 -51.81 -33.31 -67.98
N VAL E 78 -52.74 -34.27 -68.01
CA VAL E 78 -53.26 -34.76 -69.29
C VAL E 78 -54.15 -33.70 -69.94
N ARG E 79 -54.98 -33.03 -69.16
CA ARG E 79 -55.91 -32.06 -69.72
C ARG E 79 -55.18 -30.87 -70.36
N THR E 80 -53.90 -30.68 -70.06
CA THR E 80 -53.13 -29.62 -70.70
C THR E 80 -51.83 -30.15 -71.29
N GLY E 81 -51.73 -31.47 -71.49
CA GLY E 81 -50.52 -32.05 -72.04
C GLY E 81 -50.49 -31.98 -73.56
N THR E 82 -50.18 -33.10 -74.21
CA THR E 82 -50.07 -33.14 -75.66
C THR E 82 -51.37 -33.53 -76.35
N TYR E 83 -52.32 -34.11 -75.64
CA TYR E 83 -53.58 -34.55 -76.20
C TYR E 83 -54.76 -33.75 -75.65
N ARG E 84 -54.55 -32.44 -75.51
CA ARG E 84 -55.62 -31.57 -75.02
C ARG E 84 -56.86 -31.68 -75.90
N GLN E 85 -56.68 -31.76 -77.22
CA GLN E 85 -57.78 -31.79 -78.16
C GLN E 85 -58.22 -33.19 -78.51
N LEU E 86 -57.85 -34.18 -77.72
CA LEU E 86 -58.19 -35.57 -78.04
C LEU E 86 -59.52 -35.98 -77.45
N PHE E 87 -59.66 -35.90 -76.12
CA PHE E 87 -60.86 -36.34 -75.45
C PHE E 87 -61.95 -35.28 -75.51
N HIS E 88 -63.05 -35.53 -74.82
CA HIS E 88 -64.24 -34.76 -74.54
C HIS E 88 -64.16 -34.18 -73.14
N PRO E 89 -64.45 -32.89 -72.96
CA PRO E 89 -64.18 -32.24 -71.67
C PRO E 89 -65.00 -32.77 -70.50
N GLU E 90 -65.85 -33.76 -70.75
CA GLU E 90 -66.63 -34.40 -69.70
C GLU E 90 -66.23 -35.85 -69.47
N GLN E 91 -65.12 -36.29 -70.06
CA GLN E 91 -64.56 -37.61 -69.80
C GLN E 91 -63.32 -37.56 -68.92
N LEU E 92 -63.01 -36.38 -68.36
CA LEU E 92 -61.87 -36.20 -67.46
C LEU E 92 -62.44 -35.67 -66.15
N ILE E 93 -62.85 -36.60 -65.29
CA ILE E 93 -63.54 -36.25 -64.05
C ILE E 93 -62.51 -36.17 -62.93
N SER E 94 -62.39 -35.00 -62.33
CA SER E 94 -61.47 -34.74 -61.23
C SER E 94 -62.28 -34.27 -60.03
N GLY E 95 -62.11 -34.95 -58.90
CA GLY E 95 -62.82 -34.58 -57.70
C GLY E 95 -62.25 -33.33 -57.04
N LYS E 96 -62.34 -33.26 -55.72
CA LYS E 96 -61.86 -32.09 -54.98
C LYS E 96 -60.63 -32.41 -54.15
N GLU E 97 -60.70 -33.40 -53.28
CA GLU E 97 -59.54 -33.89 -52.56
C GLU E 97 -58.94 -35.08 -53.31
N ASP E 98 -57.94 -35.71 -52.71
CA ASP E 98 -57.39 -36.94 -53.24
C ASP E 98 -57.84 -38.10 -52.35
N ALA E 99 -57.33 -39.30 -52.63
CA ALA E 99 -57.75 -40.47 -51.88
C ALA E 99 -56.90 -40.70 -50.63
N ALA E 100 -55.59 -40.68 -50.78
CA ALA E 100 -54.65 -40.87 -49.67
C ALA E 100 -54.76 -42.27 -49.07
N ASN E 101 -54.96 -43.27 -49.93
CA ASN E 101 -54.71 -44.68 -49.66
C ASN E 101 -55.66 -45.32 -48.66
N ASN E 102 -56.58 -44.58 -48.03
CA ASN E 102 -57.56 -45.21 -47.16
C ASN E 102 -58.76 -45.61 -48.00
N PHE E 103 -58.86 -46.90 -48.29
CA PHE E 103 -59.84 -47.42 -49.24
C PHE E 103 -61.24 -46.88 -48.98
N ALA E 104 -61.66 -46.90 -47.72
CA ALA E 104 -63.04 -46.50 -47.40
C ALA E 104 -63.32 -45.07 -47.83
N ARG E 105 -62.34 -44.17 -47.70
CA ARG E 105 -62.58 -42.78 -48.02
C ARG E 105 -62.85 -42.56 -49.50
N GLY E 106 -62.37 -43.44 -50.36
CA GLY E 106 -62.73 -43.38 -51.77
C GLY E 106 -63.96 -44.21 -52.07
N HIS E 107 -64.22 -45.20 -51.23
CA HIS E 107 -65.30 -46.15 -51.47
C HIS E 107 -66.54 -45.90 -50.63
N TYR E 108 -66.46 -45.05 -49.60
CA TYR E 108 -67.60 -44.81 -48.73
C TYR E 108 -67.99 -43.34 -48.61
N THR E 109 -67.03 -42.42 -48.64
CA THR E 109 -67.34 -40.99 -48.48
C THR E 109 -67.33 -40.24 -49.80
N ILE E 110 -66.20 -40.26 -50.50
CA ILE E 110 -66.07 -39.43 -51.70
C ILE E 110 -66.81 -40.05 -52.88
N GLY E 111 -66.56 -41.34 -53.13
CA GLY E 111 -67.12 -41.97 -54.33
C GLY E 111 -68.63 -41.97 -54.37
N LYS E 112 -69.29 -42.05 -53.22
CA LYS E 112 -70.72 -42.31 -53.18
C LYS E 112 -71.56 -41.16 -53.71
N GLU E 113 -70.95 -40.10 -54.23
CA GLU E 113 -71.67 -39.08 -54.98
C GLU E 113 -71.07 -38.78 -56.34
N ILE E 114 -69.80 -39.11 -56.57
CA ILE E 114 -69.19 -38.90 -57.87
C ILE E 114 -69.53 -40.04 -58.82
N VAL E 115 -69.72 -41.25 -58.28
CA VAL E 115 -70.06 -42.38 -59.14
C VAL E 115 -71.37 -42.17 -59.87
N ASP E 116 -72.23 -41.25 -59.39
CA ASP E 116 -73.44 -40.93 -60.14
C ASP E 116 -73.09 -40.32 -61.50
N LEU E 117 -72.28 -39.27 -61.49
CA LEU E 117 -71.82 -38.69 -62.75
C LEU E 117 -71.01 -39.71 -63.56
N CYS E 118 -70.21 -40.53 -62.87
CA CYS E 118 -69.42 -41.53 -63.57
C CYS E 118 -70.31 -42.49 -64.36
N LEU E 119 -71.35 -43.01 -63.72
CA LEU E 119 -72.27 -43.91 -64.40
C LEU E 119 -73.08 -43.19 -65.46
N ASP E 120 -73.42 -41.92 -65.25
CA ASP E 120 -74.08 -41.15 -66.29
C ASP E 120 -73.23 -41.12 -67.55
N ARG E 121 -71.94 -40.83 -67.41
CA ARG E 121 -71.06 -40.81 -68.56
C ARG E 121 -70.90 -42.20 -69.17
N ILE E 122 -70.82 -43.23 -68.33
CA ILE E 122 -70.68 -44.59 -68.84
C ILE E 122 -71.88 -44.96 -69.70
N ARG E 123 -73.09 -44.64 -69.22
CA ARG E 123 -74.29 -44.96 -69.99
C ARG E 123 -74.38 -44.14 -71.27
N LYS E 124 -74.04 -42.84 -71.20
CA LYS E 124 -74.07 -42.02 -72.40
C LYS E 124 -73.05 -42.49 -73.42
N LEU E 125 -71.99 -43.14 -72.96
CA LEU E 125 -71.04 -43.76 -73.88
C LEU E 125 -71.58 -45.07 -74.44
N ALA E 126 -72.25 -45.85 -73.60
CA ALA E 126 -72.73 -47.16 -74.03
C ALA E 126 -73.80 -47.03 -75.10
N ASP E 127 -74.72 -46.07 -74.93
CA ASP E 127 -75.81 -45.95 -75.90
C ASP E 127 -75.29 -45.61 -77.29
N ASN E 128 -74.16 -44.92 -77.38
CA ASN E 128 -73.63 -44.52 -78.68
C ASN E 128 -73.05 -45.68 -79.49
N CYS E 129 -72.78 -46.80 -78.85
CA CYS E 129 -72.18 -47.95 -79.52
C CYS E 129 -73.25 -49.00 -79.81
N THR E 130 -73.03 -49.76 -80.89
CA THR E 130 -73.96 -50.82 -81.27
C THR E 130 -73.53 -52.18 -80.71
N GLY E 131 -72.33 -52.62 -81.07
CA GLY E 131 -71.88 -53.95 -80.71
C GLY E 131 -70.86 -53.98 -79.58
N LEU E 132 -71.10 -53.20 -78.53
CA LEU E 132 -70.19 -53.18 -77.39
C LEU E 132 -69.99 -54.58 -76.83
N GLN E 133 -68.75 -54.90 -76.48
CA GLN E 133 -68.40 -56.25 -76.05
C GLN E 133 -67.86 -56.30 -74.63
N GLY E 134 -66.88 -55.46 -74.29
CA GLY E 134 -66.21 -55.62 -73.02
C GLY E 134 -65.70 -54.32 -72.44
N PHE E 135 -65.35 -54.38 -71.17
CA PHE E 135 -64.79 -53.27 -70.42
C PHE E 135 -63.33 -53.55 -70.08
N LEU E 136 -62.50 -52.51 -70.18
CA LEU E 136 -61.07 -52.61 -69.86
C LEU E 136 -60.75 -51.53 -68.82
N VAL E 137 -60.93 -51.87 -67.55
CA VAL E 137 -60.65 -50.92 -66.47
C VAL E 137 -59.16 -50.94 -66.16
N PHE E 138 -58.70 -49.96 -65.41
CA PHE E 138 -57.29 -49.86 -65.01
C PHE E 138 -57.26 -49.34 -63.59
N ASN E 139 -56.67 -50.11 -62.67
CA ASN E 139 -56.70 -49.73 -61.26
C ASN E 139 -55.52 -50.38 -60.54
N SER E 140 -54.51 -49.59 -60.24
CA SER E 140 -53.43 -50.04 -59.35
C SER E 140 -53.99 -50.15 -57.95
N VAL E 141 -54.23 -51.40 -57.50
CA VAL E 141 -54.98 -51.59 -56.27
C VAL E 141 -54.24 -51.08 -55.04
N GLY E 142 -52.93 -50.90 -55.13
CA GLY E 142 -52.18 -50.38 -53.99
C GLY E 142 -52.65 -49.00 -53.56
N GLY E 143 -53.14 -48.21 -54.51
CA GLY E 143 -53.61 -46.88 -54.21
C GLY E 143 -54.91 -46.88 -53.44
N GLY E 144 -55.39 -45.67 -53.15
CA GLY E 144 -56.63 -45.49 -52.45
C GLY E 144 -57.84 -45.45 -53.36
N THR E 145 -57.84 -44.51 -54.31
CA THR E 145 -59.02 -44.38 -55.16
C THR E 145 -59.06 -45.49 -56.21
N GLY E 146 -57.91 -45.88 -56.76
CA GLY E 146 -57.87 -47.00 -57.68
C GLY E 146 -58.46 -48.26 -57.09
N SER E 147 -58.37 -48.41 -55.78
CA SER E 147 -59.02 -49.52 -55.09
C SER E 147 -60.50 -49.22 -54.83
N GLY E 148 -60.78 -48.17 -54.05
CA GLY E 148 -62.14 -47.89 -53.62
C GLY E 148 -63.11 -47.53 -54.72
N LEU E 149 -62.76 -46.49 -55.50
CA LEU E 149 -63.63 -46.06 -56.57
C LEU E 149 -63.79 -47.16 -57.61
N GLY E 150 -62.70 -47.87 -57.91
CA GLY E 150 -62.80 -48.99 -58.83
C GLY E 150 -63.71 -50.08 -58.33
N SER E 151 -63.63 -50.38 -57.03
CA SER E 151 -64.53 -51.36 -56.43
C SER E 151 -65.98 -50.96 -56.59
N LEU E 152 -66.31 -49.74 -56.17
CA LEU E 152 -67.71 -49.30 -56.28
C LEU E 152 -68.17 -49.26 -57.73
N LEU E 153 -67.29 -48.84 -58.63
CA LEU E 153 -67.65 -48.74 -60.04
C LEU E 153 -67.93 -50.12 -60.63
N LEU E 154 -67.07 -51.10 -60.35
CA LEU E 154 -67.31 -52.44 -60.84
C LEU E 154 -68.57 -53.04 -60.22
N GLU E 155 -68.82 -52.76 -58.95
CA GLU E 155 -70.05 -53.22 -58.33
C GLU E 155 -71.27 -52.68 -59.07
N ARG E 156 -71.27 -51.39 -59.38
CA ARG E 156 -72.39 -50.81 -60.11
C ARG E 156 -72.52 -51.42 -61.50
N LEU E 157 -71.41 -51.49 -62.23
CA LEU E 157 -71.45 -52.02 -63.59
C LEU E 157 -71.87 -53.49 -63.63
N SER E 158 -71.63 -54.24 -62.55
CA SER E 158 -72.07 -55.63 -62.51
C SER E 158 -73.50 -55.78 -62.02
N VAL E 159 -74.02 -54.81 -61.25
CA VAL E 159 -75.43 -54.84 -60.89
C VAL E 159 -76.32 -54.14 -61.91
N ASP E 160 -75.74 -53.58 -62.98
CA ASP E 160 -76.55 -52.97 -64.03
C ASP E 160 -76.48 -53.72 -65.34
N TYR E 161 -75.29 -53.92 -65.91
CA TYR E 161 -75.21 -54.56 -67.22
C TYR E 161 -75.19 -56.08 -67.11
N GLY E 162 -74.18 -56.64 -66.46
CA GLY E 162 -74.11 -58.08 -66.32
C GLY E 162 -73.29 -58.78 -67.38
N LYS E 163 -73.97 -59.27 -68.42
CA LYS E 163 -73.34 -60.13 -69.43
C LYS E 163 -72.03 -59.56 -69.97
N LYS E 164 -71.92 -58.24 -70.05
CA LYS E 164 -70.73 -57.62 -70.61
C LYS E 164 -69.50 -58.00 -69.82
N SER E 165 -68.54 -58.63 -70.48
CA SER E 165 -67.33 -59.08 -69.81
C SER E 165 -66.42 -57.90 -69.46
N LYS E 166 -65.58 -58.10 -68.45
CA LYS E 166 -64.69 -57.06 -67.97
C LYS E 166 -63.29 -57.64 -67.78
N LEU E 167 -62.29 -56.78 -67.87
CA LEU E 167 -60.90 -57.20 -67.73
C LEU E 167 -60.13 -56.15 -66.95
N GLY E 168 -59.85 -56.43 -65.68
CA GLY E 168 -59.05 -55.53 -64.87
C GLY E 168 -57.56 -55.77 -65.07
N PHE E 169 -56.86 -54.75 -65.55
CA PHE E 169 -55.42 -54.84 -65.78
C PHE E 169 -54.72 -54.24 -64.56
N THR E 170 -54.64 -55.05 -63.51
CA THR E 170 -54.37 -54.56 -62.17
C THR E 170 -52.88 -54.65 -61.87
N ILE E 171 -52.28 -53.51 -61.54
CA ILE E 171 -50.88 -53.46 -61.10
C ILE E 171 -50.91 -53.70 -59.58
N TYR E 172 -50.78 -54.95 -59.19
CA TYR E 172 -50.70 -55.26 -57.77
C TYR E 172 -49.40 -54.73 -57.17
N PRO E 173 -49.33 -54.62 -55.85
CA PRO E 173 -48.04 -54.36 -55.20
C PRO E 173 -47.09 -55.52 -55.46
N SER E 174 -45.92 -55.18 -55.99
CA SER E 174 -44.90 -56.19 -56.26
C SER E 174 -44.48 -56.89 -54.97
N PRO E 175 -43.86 -58.06 -55.08
CA PRO E 175 -43.45 -58.79 -53.87
C PRO E 175 -42.50 -57.99 -52.99
N GLN E 176 -41.37 -57.56 -53.54
CA GLN E 176 -40.31 -56.94 -52.74
C GLN E 176 -40.35 -55.41 -52.82
N VAL E 177 -40.24 -54.85 -54.02
CA VAL E 177 -40.23 -53.40 -54.15
C VAL E 177 -41.59 -52.83 -53.75
N SER E 178 -41.57 -51.83 -52.88
CA SER E 178 -42.79 -51.27 -52.32
C SER E 178 -42.85 -49.77 -52.56
N THR E 179 -44.07 -49.24 -52.49
CA THR E 179 -44.30 -47.81 -52.63
C THR E 179 -45.33 -47.27 -51.66
N ALA E 180 -45.76 -48.06 -50.67
CA ALA E 180 -46.70 -47.63 -49.65
C ALA E 180 -46.72 -48.69 -48.55
N VAL E 181 -46.94 -48.25 -47.32
CA VAL E 181 -46.95 -49.18 -46.20
C VAL E 181 -48.33 -49.74 -45.91
N VAL E 182 -49.39 -49.04 -46.34
CA VAL E 182 -50.75 -49.48 -46.05
C VAL E 182 -51.34 -50.34 -47.16
N GLU E 183 -50.67 -50.43 -48.31
CA GLU E 183 -51.28 -51.03 -49.50
C GLU E 183 -51.91 -52.41 -49.25
N PRO E 184 -51.25 -53.38 -48.57
CA PRO E 184 -51.90 -54.68 -48.39
C PRO E 184 -53.33 -54.56 -47.91
N TYR E 185 -53.59 -53.67 -46.96
CA TYR E 185 -54.96 -53.47 -46.49
C TYR E 185 -55.84 -53.15 -47.68
N ASN E 186 -55.61 -51.99 -48.30
CA ASN E 186 -56.46 -51.64 -49.42
C ASN E 186 -56.12 -52.41 -50.65
N SER E 187 -55.23 -53.40 -50.55
CA SER E 187 -55.14 -54.37 -51.64
C SER E 187 -56.14 -55.49 -51.43
N ILE E 188 -56.17 -56.06 -50.22
CA ILE E 188 -57.07 -57.19 -49.95
C ILE E 188 -58.49 -56.80 -50.26
N LEU E 189 -58.89 -55.61 -49.84
CA LEU E 189 -60.23 -55.10 -50.08
C LEU E 189 -60.60 -55.19 -51.56
N SER E 190 -59.68 -54.75 -52.44
CA SER E 190 -59.95 -54.79 -53.87
C SER E 190 -60.28 -56.21 -54.32
N THR E 191 -59.53 -57.19 -53.81
CA THR E 191 -59.84 -58.58 -54.11
C THR E 191 -61.28 -58.90 -53.74
N HIS E 192 -61.67 -58.58 -52.50
CA HIS E 192 -63.01 -58.85 -52.05
C HIS E 192 -64.07 -58.10 -52.85
N SER E 193 -63.65 -57.20 -53.74
CA SER E 193 -64.57 -56.54 -54.65
C SER E 193 -64.53 -57.11 -56.05
N LEU E 194 -63.38 -57.61 -56.49
CA LEU E 194 -63.23 -58.15 -57.83
C LEU E 194 -63.28 -59.67 -57.87
N LEU E 195 -63.69 -60.29 -56.77
CA LEU E 195 -63.85 -61.74 -56.76
C LEU E 195 -65.04 -62.17 -57.59
N GLU E 196 -66.11 -61.37 -57.61
CA GLU E 196 -67.35 -61.71 -58.30
C GLU E 196 -67.61 -60.85 -59.51
N HIS E 197 -67.44 -59.52 -59.38
CA HIS E 197 -67.88 -58.57 -60.39
C HIS E 197 -66.84 -58.33 -61.47
N THR E 198 -65.91 -59.26 -61.68
CA THR E 198 -64.95 -59.14 -62.77
C THR E 198 -64.50 -60.54 -63.15
N ASP E 199 -64.75 -60.92 -64.40
CA ASP E 199 -64.56 -62.30 -64.82
C ASP E 199 -63.14 -62.57 -65.32
N VAL E 200 -62.37 -61.54 -65.64
CA VAL E 200 -60.99 -61.69 -66.06
C VAL E 200 -60.17 -60.58 -65.43
N ALA E 201 -59.04 -60.93 -64.84
CA ALA E 201 -58.19 -59.94 -64.18
C ALA E 201 -56.74 -60.35 -64.36
N VAL E 202 -55.99 -59.54 -65.09
CA VAL E 202 -54.57 -59.81 -65.35
C VAL E 202 -53.73 -59.03 -64.36
N MET E 203 -52.91 -59.75 -63.59
CA MET E 203 -52.05 -59.15 -62.58
C MET E 203 -50.73 -58.78 -63.22
N LEU E 204 -50.44 -57.48 -63.28
CA LEU E 204 -49.22 -56.97 -63.91
C LEU E 204 -48.40 -56.29 -62.82
N ASP E 205 -47.56 -57.07 -62.13
CA ASP E 205 -46.76 -56.51 -61.07
C ASP E 205 -45.68 -55.59 -61.65
N ASN E 206 -45.04 -54.83 -60.76
CA ASN E 206 -44.09 -53.82 -61.19
C ASN E 206 -42.65 -54.32 -61.25
N GLU E 207 -42.26 -55.19 -60.31
CA GLU E 207 -40.87 -55.59 -60.22
C GLU E 207 -40.46 -56.45 -61.42
N ALA E 208 -41.34 -57.33 -61.88
CA ALA E 208 -40.99 -58.22 -62.98
C ALA E 208 -40.72 -57.44 -64.26
N ILE E 209 -41.52 -56.42 -64.53
CA ILE E 209 -41.34 -55.65 -65.76
C ILE E 209 -40.07 -54.79 -65.68
N TYR E 210 -39.77 -54.27 -64.49
CA TYR E 210 -38.52 -53.55 -64.31
C TYR E 210 -37.32 -54.48 -64.55
N ASP E 211 -37.39 -55.70 -64.03
CA ASP E 211 -36.31 -56.64 -64.27
C ASP E 211 -36.21 -57.01 -65.74
N ILE E 212 -37.35 -57.12 -66.43
CA ILE E 212 -37.34 -57.39 -67.86
C ILE E 212 -36.62 -56.26 -68.60
N CYS E 213 -37.04 -55.02 -68.36
CA CYS E 213 -36.37 -53.88 -68.96
C CYS E 213 -34.89 -53.86 -68.61
N ARG E 214 -34.52 -54.39 -67.45
CA ARG E 214 -33.12 -54.44 -67.08
C ARG E 214 -32.35 -55.49 -67.88
N ARG E 215 -33.00 -56.61 -68.21
CA ARG E 215 -32.30 -57.72 -68.82
C ARG E 215 -32.44 -57.78 -70.34
N ASN E 216 -33.62 -57.51 -70.89
CA ASN E 216 -33.81 -57.63 -72.32
C ASN E 216 -33.34 -56.38 -73.05
N LEU E 217 -33.97 -55.24 -72.77
CA LEU E 217 -33.56 -53.99 -73.41
C LEU E 217 -32.26 -53.45 -72.84
N ASP E 218 -31.75 -54.04 -71.75
CA ASP E 218 -30.48 -53.65 -71.13
C ASP E 218 -30.45 -52.18 -70.75
N ILE E 219 -31.58 -51.59 -70.40
CA ILE E 219 -31.60 -50.24 -69.84
C ILE E 219 -31.64 -50.36 -68.32
N GLU E 220 -30.65 -49.76 -67.66
CA GLU E 220 -30.56 -49.76 -66.21
C GLU E 220 -31.21 -48.54 -65.58
N ARG E 221 -31.93 -47.76 -66.37
CA ARG E 221 -32.55 -46.51 -65.92
C ARG E 221 -34.00 -46.46 -66.39
N PRO E 222 -34.82 -47.42 -66.00
CA PRO E 222 -36.20 -47.44 -66.47
C PRO E 222 -37.08 -46.48 -65.68
N THR E 223 -38.22 -46.16 -66.27
CA THR E 223 -39.15 -45.20 -65.70
C THR E 223 -40.57 -45.67 -66.03
N TYR E 224 -41.54 -45.16 -65.27
CA TYR E 224 -42.93 -45.54 -65.49
C TYR E 224 -43.37 -45.33 -66.94
N THR E 225 -42.69 -44.45 -67.68
CA THR E 225 -43.04 -44.28 -69.09
C THR E 225 -42.75 -45.55 -69.89
N ASN E 226 -41.63 -46.23 -69.63
CA ASN E 226 -41.32 -47.45 -70.36
C ASN E 226 -42.22 -48.59 -69.92
N LEU E 227 -42.48 -48.68 -68.61
CA LEU E 227 -43.49 -49.58 -68.09
C LEU E 227 -44.80 -49.45 -68.85
N ASN E 228 -45.31 -48.23 -68.97
CA ASN E 228 -46.60 -48.03 -69.61
C ASN E 228 -46.54 -48.28 -71.11
N ARG E 229 -45.41 -47.94 -71.76
CA ARG E 229 -45.24 -48.33 -73.16
C ARG E 229 -45.40 -49.83 -73.33
N LEU E 230 -44.76 -50.61 -72.46
CA LEU E 230 -44.84 -52.06 -72.58
C LEU E 230 -46.27 -52.56 -72.32
N ILE E 231 -46.95 -51.99 -71.33
CA ILE E 231 -48.32 -52.42 -71.05
C ILE E 231 -49.23 -52.09 -72.22
N ALA E 232 -49.06 -50.90 -72.81
CA ALA E 232 -49.84 -50.54 -73.98
C ALA E 232 -49.56 -51.49 -75.13
N GLN E 233 -48.30 -51.90 -75.30
CA GLN E 233 -47.97 -52.87 -76.33
C GLN E 233 -48.72 -54.17 -76.12
N VAL E 234 -48.75 -54.66 -74.88
CA VAL E 234 -49.46 -55.90 -74.58
C VAL E 234 -50.95 -55.76 -74.91
N ILE E 235 -51.56 -54.65 -74.49
CA ILE E 235 -53.00 -54.50 -74.67
C ILE E 235 -53.33 -54.36 -76.15
N SER E 236 -52.50 -53.66 -76.91
CA SER E 236 -52.73 -53.57 -78.35
C SER E 236 -52.57 -54.92 -79.02
N SER E 237 -51.53 -55.68 -78.64
CA SER E 237 -51.36 -57.01 -79.19
C SER E 237 -52.52 -57.92 -78.84
N LEU E 238 -53.23 -57.61 -77.76
CA LEU E 238 -54.39 -58.42 -77.39
C LEU E 238 -55.62 -58.04 -78.21
N THR E 239 -55.92 -56.75 -78.30
CA THR E 239 -57.15 -56.33 -78.97
C THR E 239 -56.99 -56.19 -80.49
N ALA E 240 -55.80 -56.45 -81.03
CA ALA E 240 -55.64 -56.40 -82.49
C ALA E 240 -56.59 -57.36 -83.19
N SER E 241 -56.95 -58.47 -82.54
CA SER E 241 -57.87 -59.41 -83.16
C SER E 241 -59.22 -58.77 -83.43
N LEU E 242 -59.70 -57.96 -82.48
CA LEU E 242 -60.92 -57.18 -82.75
C LEU E 242 -60.65 -56.11 -83.80
N ARG E 243 -59.53 -55.41 -83.69
CA ARG E 243 -59.31 -54.25 -84.55
C ARG E 243 -58.97 -54.66 -85.98
N PHE E 244 -57.88 -55.37 -86.17
CA PHE E 244 -57.33 -55.61 -87.50
C PHE E 244 -57.76 -56.96 -88.06
N ASP E 245 -57.19 -57.30 -89.22
CA ASP E 245 -57.44 -58.56 -89.90
C ASP E 245 -56.83 -59.71 -89.09
N GLY E 246 -57.02 -60.93 -89.56
CA GLY E 246 -56.43 -62.09 -88.93
C GLY E 246 -56.89 -63.40 -89.51
N ALA E 247 -55.99 -64.39 -89.52
CA ALA E 247 -56.35 -65.72 -89.99
C ALA E 247 -57.38 -66.36 -89.08
N LEU E 248 -57.04 -66.54 -87.81
CA LEU E 248 -57.92 -67.14 -86.83
C LEU E 248 -58.11 -66.15 -85.69
N ASN E 249 -59.32 -65.59 -85.60
CA ASN E 249 -59.59 -64.50 -84.66
C ASN E 249 -60.40 -65.00 -83.47
N VAL E 250 -60.15 -64.40 -82.31
CA VAL E 250 -60.88 -64.67 -81.08
C VAL E 250 -61.43 -63.37 -80.55
N ASP E 251 -62.68 -63.40 -80.07
CA ASP E 251 -63.35 -62.23 -79.57
C ASP E 251 -63.15 -62.10 -78.06
N ILE E 252 -63.28 -60.86 -77.57
CA ILE E 252 -63.14 -60.60 -76.15
C ILE E 252 -64.32 -61.16 -75.35
N THR E 253 -65.46 -61.40 -75.99
CA THR E 253 -66.62 -61.89 -75.26
C THR E 253 -66.46 -63.35 -74.87
N GLU E 254 -66.05 -64.20 -75.80
CA GLU E 254 -65.75 -65.59 -75.50
C GLU E 254 -64.30 -65.79 -75.06
N PHE E 255 -63.56 -64.71 -74.85
CA PHE E 255 -62.21 -64.82 -74.33
C PHE E 255 -62.18 -65.37 -72.92
N GLN E 256 -63.29 -65.26 -72.19
CA GLN E 256 -63.31 -65.70 -70.80
C GLN E 256 -63.55 -67.21 -70.66
N THR E 257 -64.34 -67.80 -71.56
CA THR E 257 -64.73 -69.19 -71.40
C THR E 257 -63.54 -70.13 -71.45
N ASN E 258 -62.51 -69.77 -72.22
CA ASN E 258 -61.30 -70.58 -72.27
C ASN E 258 -60.49 -70.50 -70.98
N LEU E 259 -60.81 -69.56 -70.08
CA LEU E 259 -59.89 -69.20 -69.00
C LEU E 259 -60.49 -69.26 -67.60
N VAL E 260 -61.79 -69.47 -67.44
CA VAL E 260 -62.37 -69.46 -66.10
C VAL E 260 -62.99 -70.81 -65.78
N PRO E 261 -62.19 -71.81 -65.43
CA PRO E 261 -62.76 -73.13 -65.11
C PRO E 261 -63.77 -73.07 -63.98
N TYR E 262 -63.35 -72.58 -62.84
CA TYR E 262 -64.21 -72.49 -61.68
C TYR E 262 -64.48 -71.04 -61.33
N PRO E 263 -65.74 -70.65 -61.14
CA PRO E 263 -66.09 -69.22 -61.14
C PRO E 263 -65.23 -68.33 -60.27
N ARG E 264 -64.71 -68.84 -59.16
CA ARG E 264 -63.92 -67.98 -58.27
C ARG E 264 -62.54 -67.69 -58.85
N ILE E 265 -61.80 -68.73 -59.22
CA ILE E 265 -60.40 -68.56 -59.65
C ILE E 265 -60.40 -68.04 -61.09
N HIS E 266 -60.25 -66.73 -61.24
CA HIS E 266 -60.19 -66.10 -62.56
C HIS E 266 -59.10 -65.05 -62.59
N PHE E 267 -57.92 -65.37 -62.05
CA PHE E 267 -56.81 -64.42 -61.93
C PHE E 267 -55.69 -64.86 -62.84
N MET E 268 -55.52 -64.16 -63.97
CA MET E 268 -54.54 -64.52 -64.97
C MET E 268 -53.28 -63.68 -64.85
N LEU E 269 -52.20 -64.18 -65.44
CA LEU E 269 -50.94 -63.47 -65.56
C LEU E 269 -50.46 -63.55 -66.99
N SER E 270 -49.89 -62.45 -67.48
CA SER E 270 -49.61 -62.31 -68.91
C SER E 270 -48.12 -62.46 -69.16
N SER E 271 -47.78 -62.43 -70.45
CA SER E 271 -46.40 -62.49 -70.91
C SER E 271 -46.37 -62.06 -72.37
N TYR E 272 -45.24 -61.50 -72.79
CA TYR E 272 -45.15 -60.90 -74.11
C TYR E 272 -43.79 -61.24 -74.71
N ALA E 273 -43.74 -61.31 -76.04
CA ALA E 273 -42.49 -61.56 -76.73
C ALA E 273 -42.64 -61.10 -78.17
N PRO E 274 -41.56 -60.66 -78.82
CA PRO E 274 -40.22 -60.48 -78.26
C PRO E 274 -39.97 -59.03 -77.90
N ILE E 275 -39.08 -58.79 -76.95
CA ILE E 275 -38.75 -57.45 -76.48
C ILE E 275 -37.23 -57.37 -76.43
N ILE E 276 -36.63 -56.82 -77.47
CA ILE E 276 -35.18 -56.71 -77.60
C ILE E 276 -34.86 -55.38 -78.26
N SER E 277 -33.72 -54.80 -77.87
CA SER E 277 -33.36 -53.46 -78.28
C SER E 277 -33.19 -53.37 -79.80
N ALA E 278 -33.12 -52.13 -80.29
CA ALA E 278 -32.98 -51.90 -81.72
C ALA E 278 -31.63 -52.36 -82.22
N GLU E 279 -30.57 -52.08 -81.46
CA GLU E 279 -29.21 -52.46 -81.83
C GLU E 279 -28.80 -53.82 -81.27
N LYS E 280 -29.77 -54.69 -80.99
CA LYS E 280 -29.52 -56.05 -80.52
C LYS E 280 -30.23 -57.09 -81.37
N ALA E 281 -31.43 -56.80 -81.85
CA ALA E 281 -32.13 -57.71 -82.75
C ALA E 281 -31.32 -58.05 -83.99
N TYR E 282 -30.34 -57.22 -84.32
CA TYR E 282 -29.47 -57.46 -85.47
C TYR E 282 -28.91 -58.88 -85.46
N HIS E 283 -28.50 -59.37 -84.30
CA HIS E 283 -27.99 -60.74 -84.16
C HIS E 283 -29.07 -61.71 -83.70
N GLU E 284 -30.21 -61.76 -84.39
CA GLU E 284 -31.28 -62.64 -83.93
C GLU E 284 -32.31 -62.80 -85.04
N GLN E 285 -32.82 -64.01 -85.20
CA GLN E 285 -33.78 -64.32 -86.26
C GLN E 285 -35.22 -64.40 -85.78
N LEU E 286 -35.46 -64.83 -84.54
CA LEU E 286 -36.80 -64.88 -83.94
C LEU E 286 -37.75 -65.74 -84.76
N SER E 287 -37.41 -67.01 -84.85
CA SER E 287 -38.31 -67.99 -85.43
C SER E 287 -39.52 -68.18 -84.52
N VAL E 288 -40.60 -68.70 -85.10
CA VAL E 288 -41.81 -68.96 -84.33
C VAL E 288 -41.52 -69.94 -83.19
N ALA E 289 -40.76 -70.98 -83.50
CA ALA E 289 -40.42 -71.97 -82.48
C ALA E 289 -39.69 -71.33 -81.30
N GLU E 290 -38.61 -70.61 -81.58
CA GLU E 290 -37.83 -70.01 -80.51
C GLU E 290 -38.63 -68.94 -79.76
N ILE E 291 -39.46 -68.18 -80.48
CA ILE E 291 -40.18 -67.08 -79.83
C ILE E 291 -41.25 -67.63 -78.89
N THR E 292 -41.95 -68.70 -79.30
CA THR E 292 -42.92 -69.27 -78.39
C THR E 292 -42.30 -70.18 -77.34
N ASN E 293 -41.04 -70.58 -77.53
CA ASN E 293 -40.32 -71.23 -76.45
C ASN E 293 -39.94 -70.22 -75.38
N SER E 294 -39.43 -69.06 -75.80
CA SER E 294 -39.08 -68.01 -74.85
C SER E 294 -40.31 -67.40 -74.18
N ALA E 295 -41.45 -67.42 -74.86
CA ALA E 295 -42.66 -66.85 -74.26
C ALA E 295 -43.02 -67.54 -72.95
N PHE E 296 -42.82 -68.84 -72.86
CA PHE E 296 -43.15 -69.59 -71.65
C PHE E 296 -42.04 -69.56 -70.61
N GLU E 297 -40.91 -68.94 -70.90
CA GLU E 297 -39.83 -68.87 -69.93
C GLU E 297 -40.28 -68.10 -68.71
N PRO E 298 -40.11 -68.64 -67.50
CA PRO E 298 -40.55 -67.91 -66.29
C PRO E 298 -39.73 -66.67 -66.00
N ALA E 299 -38.68 -66.41 -66.78
CA ALA E 299 -37.87 -65.22 -66.55
C ALA E 299 -38.63 -63.95 -66.90
N ASN E 300 -39.30 -63.95 -68.06
CA ASN E 300 -39.97 -62.75 -68.55
C ASN E 300 -41.48 -62.81 -68.36
N MET E 301 -41.95 -63.39 -67.26
CA MET E 301 -43.36 -63.31 -66.92
C MET E 301 -43.69 -61.89 -66.47
N MET E 302 -44.80 -61.35 -66.98
CA MET E 302 -45.17 -59.98 -66.63
C MET E 302 -45.44 -59.86 -65.14
N ALA E 303 -46.21 -60.79 -64.58
CA ALA E 303 -46.33 -60.88 -63.13
C ALA E 303 -45.06 -61.54 -62.56
N LYS E 304 -45.01 -61.64 -61.24
CA LYS E 304 -43.86 -62.24 -60.56
C LYS E 304 -44.29 -63.55 -59.93
N CYS E 305 -44.18 -64.62 -60.70
CA CYS E 305 -44.37 -65.98 -60.22
C CYS E 305 -43.45 -66.89 -61.03
N ASP E 306 -43.01 -67.98 -60.40
CA ASP E 306 -42.26 -68.99 -61.13
C ASP E 306 -43.17 -70.17 -61.41
N PRO E 307 -43.84 -70.19 -62.57
CA PRO E 307 -44.86 -71.22 -62.81
C PRO E 307 -44.33 -72.64 -62.77
N ARG E 308 -43.01 -72.83 -62.89
CA ARG E 308 -42.44 -74.17 -62.75
C ARG E 308 -42.73 -74.77 -61.38
N HIS E 309 -43.07 -73.94 -60.39
CA HIS E 309 -43.54 -74.47 -59.11
C HIS E 309 -44.83 -75.25 -59.29
N GLY E 310 -45.88 -74.56 -59.73
CA GLY E 310 -47.20 -75.16 -59.88
C GLY E 310 -47.43 -75.73 -61.27
N LYS E 311 -48.69 -75.98 -61.57
CA LYS E 311 -49.11 -76.52 -62.85
C LYS E 311 -49.93 -75.49 -63.59
N TYR E 312 -49.79 -75.47 -64.91
CA TYR E 312 -50.62 -74.61 -65.75
C TYR E 312 -52.02 -75.18 -65.84
N MET E 313 -53.00 -74.29 -66.02
CA MET E 313 -54.39 -74.68 -66.21
C MET E 313 -54.91 -74.31 -67.58
N ALA E 314 -54.71 -73.06 -68.01
CA ALA E 314 -55.19 -72.65 -69.32
C ALA E 314 -54.29 -71.56 -69.86
N CYS E 315 -54.27 -71.41 -71.18
CA CYS E 315 -53.35 -70.48 -71.81
C CYS E 315 -53.92 -70.04 -73.17
N SER E 316 -54.13 -68.74 -73.31
CA SER E 316 -54.57 -68.15 -74.58
C SER E 316 -53.40 -67.41 -75.20
N MET E 317 -53.05 -67.79 -76.43
CA MET E 317 -51.86 -67.27 -77.09
C MET E 317 -52.26 -66.59 -78.39
N MET E 318 -52.12 -65.28 -78.45
CA MET E 318 -52.42 -64.52 -79.65
C MET E 318 -51.12 -64.13 -80.33
N TYR E 319 -50.91 -64.62 -81.55
CA TYR E 319 -49.78 -64.22 -82.37
C TYR E 319 -50.13 -62.97 -83.17
N ARG E 320 -49.13 -62.45 -83.88
CA ARG E 320 -49.34 -61.42 -84.87
C ARG E 320 -48.06 -61.27 -85.68
N GLY E 321 -48.21 -60.70 -86.87
CA GLY E 321 -47.13 -60.65 -87.83
C GLY E 321 -47.16 -61.85 -88.75
N ASP E 322 -46.17 -61.90 -89.64
CA ASP E 322 -46.05 -63.01 -90.57
C ASP E 322 -45.87 -64.31 -89.81
N VAL E 323 -46.89 -65.18 -89.86
CA VAL E 323 -46.95 -66.38 -89.04
C VAL E 323 -47.46 -67.54 -89.89
N VAL E 324 -46.80 -68.68 -89.79
CA VAL E 324 -47.19 -69.90 -90.51
C VAL E 324 -47.96 -70.80 -89.57
N PRO E 325 -49.23 -71.12 -89.85
CA PRO E 325 -50.04 -71.83 -88.85
C PRO E 325 -49.55 -73.24 -88.55
N LYS E 326 -49.27 -74.04 -89.57
CA LYS E 326 -48.87 -75.43 -89.36
C LYS E 326 -47.65 -75.52 -88.45
N ASP E 327 -46.65 -74.68 -88.68
CA ASP E 327 -45.45 -74.74 -87.85
C ASP E 327 -45.70 -74.18 -86.47
N VAL E 328 -46.64 -73.25 -86.32
CA VAL E 328 -47.07 -72.83 -84.99
C VAL E 328 -47.62 -74.02 -84.21
N ASN E 329 -48.53 -74.76 -84.85
CA ASN E 329 -49.10 -75.94 -84.20
C ASN E 329 -48.02 -76.96 -83.86
N ALA E 330 -47.10 -77.20 -84.80
CA ALA E 330 -46.03 -78.15 -84.54
C ALA E 330 -45.16 -77.70 -83.37
N SER E 331 -44.79 -76.42 -83.32
CA SER E 331 -43.92 -75.93 -82.27
C SER E 331 -44.62 -75.97 -80.91
N ILE E 332 -45.89 -75.59 -80.86
CA ILE E 332 -46.60 -75.63 -79.59
C ILE E 332 -46.80 -77.07 -79.13
N ALA E 333 -46.92 -78.01 -80.07
CA ALA E 333 -46.98 -79.41 -79.67
C ALA E 333 -45.66 -79.89 -79.10
N THR E 334 -44.54 -79.48 -79.72
CA THR E 334 -43.23 -79.81 -79.14
C THR E 334 -43.04 -79.15 -77.78
N ILE E 335 -43.68 -78.00 -77.55
CA ILE E 335 -43.58 -77.36 -76.24
C ILE E 335 -44.40 -78.12 -75.21
N LYS E 336 -45.58 -78.61 -75.59
CA LYS E 336 -46.43 -79.28 -74.61
C LYS E 336 -45.82 -80.56 -74.07
N THR E 337 -44.72 -81.05 -74.63
CA THR E 337 -44.04 -82.22 -74.07
C THR E 337 -42.83 -81.85 -73.22
N LYS E 338 -42.55 -80.56 -73.05
CA LYS E 338 -41.45 -80.14 -72.19
C LYS E 338 -41.73 -80.54 -70.76
N ARG E 339 -40.74 -81.18 -70.14
CA ARG E 339 -40.92 -81.75 -68.80
C ARG E 339 -41.16 -80.71 -67.73
N THR E 340 -40.84 -79.44 -67.99
CA THR E 340 -40.98 -78.40 -66.98
C THR E 340 -42.28 -77.63 -67.06
N ILE E 341 -43.09 -77.84 -68.09
CA ILE E 341 -44.40 -77.20 -68.22
C ILE E 341 -45.43 -78.32 -68.18
N GLN E 342 -45.98 -78.58 -67.00
CA GLN E 342 -46.97 -79.64 -66.82
C GLN E 342 -48.33 -79.02 -66.56
N PHE E 343 -49.34 -79.50 -67.27
CA PHE E 343 -50.70 -79.03 -67.10
C PHE E 343 -51.37 -79.78 -65.96
N VAL E 344 -52.68 -79.61 -65.82
CA VAL E 344 -53.45 -80.34 -64.83
C VAL E 344 -54.23 -81.42 -65.55
N ASP E 345 -54.61 -82.47 -64.81
CA ASP E 345 -55.17 -83.66 -65.42
C ASP E 345 -56.49 -83.38 -66.13
N TRP E 346 -57.32 -82.52 -65.54
CA TRP E 346 -58.66 -82.31 -66.05
C TRP E 346 -58.74 -81.23 -67.13
N CYS E 347 -57.60 -80.70 -67.57
CA CYS E 347 -57.54 -79.72 -68.65
C CYS E 347 -56.63 -80.27 -69.76
N PRO E 348 -57.06 -81.33 -70.43
CA PRO E 348 -56.15 -82.03 -71.35
C PRO E 348 -55.73 -81.21 -72.55
N THR E 349 -56.56 -80.29 -73.03
CA THR E 349 -56.22 -79.43 -74.16
C THR E 349 -56.20 -77.99 -73.66
N GLY E 350 -54.99 -77.51 -73.35
CA GLY E 350 -54.83 -76.19 -72.78
C GLY E 350 -54.88 -75.04 -73.75
N PHE E 351 -53.92 -75.00 -74.69
CA PHE E 351 -53.69 -73.78 -75.46
C PHE E 351 -54.87 -73.49 -76.39
N LYS E 352 -55.40 -72.28 -76.28
CA LYS E 352 -56.31 -71.72 -77.27
C LYS E 352 -55.58 -70.58 -77.96
N VAL E 353 -55.38 -70.70 -79.27
CA VAL E 353 -54.50 -69.82 -80.00
C VAL E 353 -55.34 -68.86 -80.85
N GLY E 354 -54.66 -67.85 -81.38
CA GLY E 354 -55.27 -66.92 -82.32
C GLY E 354 -54.19 -66.28 -83.16
N ILE E 355 -54.53 -65.93 -84.39
CA ILE E 355 -53.57 -65.40 -85.33
C ILE E 355 -54.09 -64.08 -85.88
N ASN E 356 -53.17 -63.19 -86.22
CA ASN E 356 -53.50 -61.91 -86.83
C ASN E 356 -52.58 -61.70 -88.03
N TYR E 357 -52.66 -60.52 -88.63
CA TYR E 357 -51.81 -60.18 -89.76
C TYR E 357 -51.25 -58.77 -89.64
N GLN E 358 -50.84 -58.38 -88.44
CA GLN E 358 -50.26 -57.07 -88.22
C GLN E 358 -49.09 -57.19 -87.25
N PRO E 359 -47.86 -56.96 -87.69
CA PRO E 359 -46.71 -56.98 -86.79
C PRO E 359 -46.84 -55.90 -85.73
N PRO E 360 -45.95 -55.90 -84.72
CA PRO E 360 -46.02 -54.84 -83.70
C PRO E 360 -45.89 -53.46 -84.32
N THR E 361 -46.79 -52.57 -83.92
CA THR E 361 -46.78 -51.19 -84.37
C THR E 361 -45.86 -50.41 -83.42
N VAL E 362 -44.61 -50.21 -83.83
CA VAL E 362 -43.63 -49.59 -82.96
C VAL E 362 -44.04 -48.15 -82.67
N VAL E 363 -43.96 -47.77 -81.40
CA VAL E 363 -44.21 -46.39 -80.98
C VAL E 363 -42.91 -45.61 -81.18
N PRO E 364 -42.96 -44.40 -81.74
CA PRO E 364 -41.72 -43.66 -82.02
C PRO E 364 -40.96 -43.34 -80.74
N GLY E 365 -39.66 -43.54 -80.78
CA GLY E 365 -38.80 -43.27 -79.64
C GLY E 365 -38.48 -44.45 -78.74
N GLY E 366 -39.52 -45.20 -78.34
CA GLY E 366 -39.35 -46.35 -77.48
C GLY E 366 -38.37 -47.37 -78.03
N ASP E 367 -37.48 -47.86 -77.16
CA ASP E 367 -36.40 -48.75 -77.59
C ASP E 367 -36.88 -50.11 -78.08
N LEU E 368 -38.19 -50.37 -78.08
CA LEU E 368 -38.69 -51.62 -78.62
C LEU E 368 -38.48 -51.65 -80.12
N ALA E 369 -37.80 -52.69 -80.59
CA ALA E 369 -37.37 -52.77 -81.98
C ALA E 369 -38.47 -53.28 -82.89
N LYS E 370 -38.47 -52.78 -84.12
CA LYS E 370 -39.45 -53.22 -85.11
C LYS E 370 -39.18 -54.66 -85.51
N VAL E 371 -40.08 -55.55 -85.15
CA VAL E 371 -39.89 -56.99 -85.32
C VAL E 371 -41.11 -57.56 -86.04
N MET E 372 -40.87 -58.49 -86.95
CA MET E 372 -41.96 -59.07 -87.75
C MET E 372 -42.97 -59.81 -86.89
N ARG E 373 -42.54 -60.89 -86.23
CA ARG E 373 -43.46 -61.70 -85.45
C ARG E 373 -43.67 -61.09 -84.06
N ALA E 374 -44.70 -61.59 -83.39
CA ALA E 374 -44.97 -61.21 -82.01
C ALA E 374 -45.98 -62.20 -81.43
N VAL E 375 -45.86 -62.43 -80.13
CA VAL E 375 -46.74 -63.36 -79.42
C VAL E 375 -47.08 -62.77 -78.07
N CYS E 376 -48.36 -62.86 -77.69
CA CYS E 376 -48.83 -62.44 -76.38
C CYS E 376 -49.55 -63.59 -75.74
N MET E 377 -49.07 -64.03 -74.59
CA MET E 377 -49.64 -65.15 -73.87
C MET E 377 -50.34 -64.65 -72.62
N ILE E 378 -51.51 -65.22 -72.34
CA ILE E 378 -52.23 -64.97 -71.09
C ILE E 378 -52.55 -66.31 -70.47
N SER E 379 -52.00 -66.58 -69.29
CA SER E 379 -52.08 -67.89 -68.68
C SER E 379 -52.77 -67.81 -67.33
N ASN E 380 -53.61 -68.80 -67.06
CA ASN E 380 -54.16 -69.05 -65.74
C ASN E 380 -53.48 -70.31 -65.21
N SER E 381 -52.71 -70.16 -64.15
CA SER E 381 -51.99 -71.24 -63.51
C SER E 381 -52.37 -71.31 -62.03
N THR E 382 -51.77 -72.26 -61.31
CA THR E 382 -52.00 -72.42 -59.89
C THR E 382 -50.83 -71.94 -59.04
N ALA E 383 -49.85 -71.26 -59.65
CA ALA E 383 -48.71 -70.75 -58.90
C ALA E 383 -48.98 -69.36 -58.33
N ILE E 384 -49.72 -68.53 -59.06
CA ILE E 384 -50.04 -67.17 -58.63
C ILE E 384 -50.70 -67.21 -57.26
N ALA E 385 -51.30 -68.36 -56.93
CA ALA E 385 -51.90 -68.54 -55.61
C ALA E 385 -50.95 -68.11 -54.51
N GLU E 386 -49.70 -68.56 -54.57
CA GLU E 386 -48.75 -68.24 -53.51
C GLU E 386 -48.66 -66.73 -53.29
N VAL E 387 -48.69 -65.96 -54.38
CA VAL E 387 -48.64 -64.50 -54.27
C VAL E 387 -49.68 -64.03 -53.27
N PHE E 388 -50.93 -64.44 -53.46
CA PHE E 388 -51.99 -64.10 -52.52
C PHE E 388 -51.56 -64.41 -51.10
N SER E 389 -51.18 -65.66 -50.85
CA SER E 389 -50.68 -66.03 -49.52
C SER E 389 -49.64 -65.03 -49.05
N ARG E 390 -48.59 -64.82 -49.85
CA ARG E 390 -47.56 -63.86 -49.48
C ARG E 390 -48.17 -62.50 -49.21
N LEU E 391 -48.98 -62.01 -50.14
CA LEU E 391 -49.67 -60.75 -49.90
C LEU E 391 -50.49 -60.84 -48.62
N ASP E 392 -51.31 -61.89 -48.49
CA ASP E 392 -52.06 -62.10 -47.27
C ASP E 392 -51.13 -62.10 -46.07
N HIS E 393 -49.98 -62.76 -46.19
CA HIS E 393 -49.00 -62.76 -45.11
C HIS E 393 -48.74 -61.34 -44.63
N LYS E 394 -48.41 -60.44 -45.57
CA LYS E 394 -48.19 -59.04 -45.21
C LYS E 394 -49.36 -58.51 -44.39
N PHE E 395 -50.58 -58.66 -44.93
CA PHE E 395 -51.78 -58.25 -44.23
C PHE E 395 -51.75 -58.68 -42.78
N ASP E 396 -51.47 -59.98 -42.55
CA ASP E 396 -51.53 -60.51 -41.20
C ASP E 396 -50.61 -59.75 -40.26
N LEU E 397 -49.37 -59.49 -40.71
CA LEU E 397 -48.43 -58.86 -39.79
C LEU E 397 -48.72 -57.38 -39.57
N MET E 398 -49.73 -56.82 -40.22
CA MET E 398 -50.23 -55.51 -39.84
C MET E 398 -51.57 -55.58 -39.12
N TYR E 399 -52.28 -56.70 -39.22
CA TYR E 399 -53.59 -56.85 -38.61
C TYR E 399 -53.54 -57.57 -37.28
N ALA E 400 -52.41 -58.18 -36.93
CA ALA E 400 -52.30 -58.80 -35.62
C ALA E 400 -52.45 -57.78 -34.50
N LYS E 401 -52.07 -56.53 -34.75
CA LYS E 401 -52.13 -55.47 -33.75
C LYS E 401 -53.15 -54.40 -34.07
N ARG E 402 -54.01 -54.63 -35.07
CA ARG E 402 -55.01 -53.65 -35.51
C ARG E 402 -54.37 -52.32 -35.89
N ALA E 403 -53.23 -52.39 -36.57
CA ALA E 403 -52.53 -51.18 -36.99
C ALA E 403 -53.29 -50.50 -38.11
N PHE E 404 -53.30 -49.17 -38.09
CA PHE E 404 -53.85 -48.34 -39.16
C PHE E 404 -55.35 -48.52 -39.35
N VAL E 405 -56.00 -49.31 -38.48
CA VAL E 405 -57.42 -49.57 -38.68
C VAL E 405 -58.27 -48.36 -38.33
N HIS E 406 -57.78 -47.45 -37.48
CA HIS E 406 -58.58 -46.28 -37.16
C HIS E 406 -58.74 -45.36 -38.36
N TRP E 407 -57.70 -45.24 -39.20
CA TRP E 407 -57.80 -44.43 -40.39
C TRP E 407 -58.82 -44.96 -41.39
N TYR E 408 -59.18 -46.24 -41.29
CA TYR E 408 -60.21 -46.81 -42.14
C TYR E 408 -61.58 -46.75 -41.48
N VAL E 409 -61.64 -47.00 -40.16
CA VAL E 409 -62.91 -46.97 -39.45
C VAL E 409 -63.44 -45.55 -39.27
N GLY E 410 -62.59 -44.54 -39.49
CA GLY E 410 -63.07 -43.17 -39.42
C GLY E 410 -64.19 -42.88 -40.40
N GLU E 411 -64.19 -43.55 -41.55
CA GLU E 411 -65.15 -43.28 -42.62
C GLU E 411 -66.24 -44.36 -42.70
N GLY E 412 -66.69 -44.86 -41.56
CA GLY E 412 -67.78 -45.80 -41.53
C GLY E 412 -67.41 -47.24 -41.83
N MET E 413 -66.22 -47.50 -42.34
CA MET E 413 -65.80 -48.86 -42.65
C MET E 413 -65.55 -49.61 -41.35
N GLU E 414 -66.52 -50.45 -40.96
CA GLU E 414 -66.39 -51.20 -39.72
C GLU E 414 -65.22 -52.18 -39.81
N GLU E 415 -64.57 -52.40 -38.66
CA GLU E 415 -63.41 -53.28 -38.62
C GLU E 415 -63.75 -54.68 -39.14
N GLY E 416 -64.91 -55.20 -38.72
CA GLY E 416 -65.25 -56.58 -39.06
C GLY E 416 -65.09 -56.89 -40.53
N GLU E 417 -65.42 -55.91 -41.39
CA GLU E 417 -65.29 -56.11 -42.83
C GLU E 417 -63.94 -56.69 -43.20
N PHE E 418 -62.86 -56.06 -42.70
CA PHE E 418 -61.51 -56.59 -42.90
C PHE E 418 -61.48 -58.08 -42.67
N SER E 419 -61.80 -58.49 -41.44
CA SER E 419 -61.88 -59.90 -41.11
C SER E 419 -62.65 -60.67 -42.17
N GLU E 420 -63.89 -60.24 -42.41
CA GLU E 420 -64.70 -60.83 -43.48
C GLU E 420 -63.91 -60.89 -44.78
N ALA E 421 -63.50 -59.73 -45.29
CA ALA E 421 -62.70 -59.69 -46.51
C ALA E 421 -61.51 -60.63 -46.38
N ARG E 422 -60.81 -60.57 -45.24
CA ARG E 422 -59.69 -61.45 -45.00
C ARG E 422 -60.06 -62.89 -45.28
N GLU E 423 -61.07 -63.40 -44.57
CA GLU E 423 -61.42 -64.81 -44.77
C GLU E 423 -61.93 -65.05 -46.17
N ASP E 424 -62.57 -64.04 -46.78
CA ASP E 424 -63.04 -64.22 -48.15
C ASP E 424 -61.87 -64.50 -49.09
N LEU E 425 -60.69 -63.99 -48.77
CA LEU E 425 -59.52 -64.34 -49.55
C LEU E 425 -58.95 -65.68 -49.11
N ALA E 426 -58.98 -65.97 -47.80
CA ALA E 426 -58.41 -67.23 -47.31
C ALA E 426 -59.07 -68.42 -47.98
N ALA E 427 -60.40 -68.44 -48.01
CA ALA E 427 -61.11 -69.49 -48.74
C ALA E 427 -60.68 -69.54 -50.20
N LEU E 428 -60.54 -68.37 -50.83
CA LEU E 428 -60.01 -68.31 -52.19
C LEU E 428 -58.70 -69.07 -52.28
N GLU E 429 -57.81 -68.85 -51.32
CA GLU E 429 -56.55 -69.58 -51.28
C GLU E 429 -56.81 -71.09 -51.27
N LYS E 430 -57.68 -71.54 -50.38
CA LYS E 430 -58.10 -72.94 -50.37
C LYS E 430 -58.45 -73.41 -51.77
N ASP E 431 -59.23 -72.60 -52.49
CA ASP E 431 -59.63 -72.91 -53.86
C ASP E 431 -58.46 -73.45 -54.68
N TYR E 432 -57.33 -72.73 -54.68
CA TYR E 432 -56.21 -73.15 -55.49
C TYR E 432 -55.64 -74.48 -55.00
N GLU E 433 -55.43 -74.60 -53.68
CA GLU E 433 -54.98 -75.87 -53.15
C GLU E 433 -56.01 -76.97 -53.34
N GLU E 434 -57.23 -76.62 -53.76
CA GLU E 434 -58.21 -77.62 -54.14
C GLU E 434 -58.10 -78.02 -55.61
N VAL E 435 -57.76 -77.07 -56.50
CA VAL E 435 -57.73 -77.41 -57.91
C VAL E 435 -56.45 -78.13 -58.31
N GLY E 436 -55.37 -77.96 -57.55
CA GLY E 436 -54.18 -78.75 -57.79
C GLY E 436 -54.33 -80.21 -57.39
N ILE E 437 -55.34 -80.51 -56.57
CA ILE E 437 -55.58 -81.88 -56.14
C ILE E 437 -56.00 -82.70 -57.36
N GLU E 438 -55.20 -83.71 -57.70
CA GLU E 438 -55.53 -84.57 -58.82
C GLU E 438 -56.82 -85.35 -58.55
N THR E 439 -57.40 -85.89 -59.61
CA THR E 439 -58.63 -86.64 -59.50
C THR E 439 -58.35 -88.10 -59.18
N MET F 1 -57.31 -25.64 -55.27
CA MET F 1 -57.53 -27.03 -54.90
C MET F 1 -56.52 -27.50 -53.85
N ARG F 2 -57.04 -28.04 -52.75
CA ARG F 2 -56.21 -28.55 -51.65
C ARG F 2 -55.30 -27.44 -51.11
N GLU F 3 -55.93 -26.42 -50.56
CA GLU F 3 -55.21 -25.23 -50.12
C GLU F 3 -54.83 -25.33 -48.65
N ILE F 4 -53.90 -24.46 -48.24
CA ILE F 4 -53.30 -24.50 -46.92
C ILE F 4 -53.23 -23.08 -46.36
N VAL F 5 -53.48 -22.94 -45.06
CA VAL F 5 -53.28 -21.67 -44.37
C VAL F 5 -52.03 -21.81 -43.49
N HIS F 6 -51.42 -20.68 -43.16
CA HIS F 6 -50.10 -20.66 -42.54
C HIS F 6 -50.12 -19.75 -41.32
N ILE F 7 -50.46 -20.30 -40.15
CA ILE F 7 -50.46 -19.56 -38.90
C ILE F 7 -49.04 -19.57 -38.34
N GLN F 8 -48.58 -18.41 -37.87
CA GLN F 8 -47.27 -18.30 -37.25
C GLN F 8 -47.41 -17.61 -35.89
N GLY F 9 -46.66 -18.09 -34.91
CA GLY F 9 -46.71 -17.52 -33.58
C GLY F 9 -45.33 -17.54 -32.94
N GLY F 10 -45.11 -16.57 -32.05
CA GLY F 10 -43.84 -16.46 -31.37
C GLY F 10 -42.74 -15.92 -32.27
N GLN F 11 -41.62 -15.49 -31.66
CA GLN F 11 -40.56 -14.89 -32.44
C GLN F 11 -39.91 -15.89 -33.39
N CYS F 12 -39.56 -17.08 -32.87
CA CYS F 12 -38.98 -18.11 -33.71
C CYS F 12 -39.92 -18.49 -34.83
N GLY F 13 -41.19 -18.72 -34.51
CA GLY F 13 -42.15 -19.08 -35.53
C GLY F 13 -42.29 -18.03 -36.62
N ASN F 14 -42.36 -16.76 -36.22
CA ASN F 14 -42.55 -15.70 -37.21
C ASN F 14 -41.30 -15.52 -38.07
N GLN F 15 -40.11 -15.63 -37.47
CA GLN F 15 -38.90 -15.49 -38.26
C GLN F 15 -38.75 -16.65 -39.25
N ILE F 16 -39.01 -17.89 -38.78
CA ILE F 16 -38.93 -19.03 -39.67
C ILE F 16 -39.98 -18.93 -40.78
N GLY F 17 -41.16 -18.40 -40.45
CA GLY F 17 -42.17 -18.22 -41.47
C GLY F 17 -41.77 -17.19 -42.51
N ALA F 18 -41.14 -16.11 -42.07
CA ALA F 18 -40.58 -15.15 -43.02
C ALA F 18 -39.59 -15.82 -43.96
N LYS F 19 -38.65 -16.59 -43.38
CA LYS F 19 -37.66 -17.28 -44.20
C LYS F 19 -38.33 -18.24 -45.18
N PHE F 20 -39.36 -18.95 -44.71
CA PHE F 20 -40.06 -19.88 -45.57
C PHE F 20 -40.78 -19.17 -46.71
N TRP F 21 -41.31 -17.97 -46.45
CA TRP F 21 -41.96 -17.24 -47.53
C TRP F 21 -40.95 -16.73 -48.54
N GLU F 22 -39.76 -16.33 -48.08
CA GLU F 22 -38.73 -15.98 -49.06
C GLU F 22 -38.36 -17.19 -49.91
N VAL F 23 -38.26 -18.36 -49.31
CA VAL F 23 -37.88 -19.54 -50.08
C VAL F 23 -38.99 -19.92 -51.07
N ILE F 24 -40.25 -19.82 -50.64
CA ILE F 24 -41.36 -20.14 -51.52
C ILE F 24 -41.43 -19.15 -52.69
N SER F 25 -41.22 -17.86 -52.40
CA SER F 25 -41.17 -16.88 -53.50
C SER F 25 -39.99 -17.16 -54.42
N ASP F 26 -38.88 -17.62 -53.87
CA ASP F 26 -37.74 -18.00 -54.70
C ASP F 26 -38.09 -19.14 -55.64
N GLU F 27 -38.85 -20.12 -55.14
CA GLU F 27 -39.19 -21.27 -55.98
C GLU F 27 -40.22 -20.89 -57.03
N HIS F 28 -41.38 -20.39 -56.59
CA HIS F 28 -42.44 -20.02 -57.52
C HIS F 28 -42.10 -18.77 -58.34
N GLY F 29 -40.99 -18.11 -58.03
CA GLY F 29 -40.55 -16.97 -58.83
C GLY F 29 -41.40 -15.74 -58.67
N ILE F 30 -41.54 -15.24 -57.44
CA ILE F 30 -42.29 -14.03 -57.16
C ILE F 30 -41.35 -13.05 -56.45
N ASP F 31 -41.07 -11.93 -57.10
CA ASP F 31 -40.29 -10.87 -56.48
C ASP F 31 -41.10 -10.19 -55.39
N PRO F 32 -40.47 -9.42 -54.50
CA PRO F 32 -41.19 -8.93 -53.31
C PRO F 32 -42.36 -8.03 -53.62
N THR F 33 -42.46 -7.48 -54.82
CA THR F 33 -43.66 -6.68 -55.05
C THR F 33 -44.90 -7.54 -55.32
N GLY F 34 -44.82 -8.86 -55.12
CA GLY F 34 -45.98 -9.71 -55.22
C GLY F 34 -46.54 -9.88 -56.62
N THR F 35 -45.68 -9.81 -57.64
CA THR F 35 -46.09 -10.05 -59.01
C THR F 35 -45.31 -11.22 -59.58
N TYR F 36 -45.89 -11.90 -60.57
CA TYR F 36 -45.22 -13.04 -61.17
C TYR F 36 -44.03 -12.57 -61.98
N HIS F 37 -42.88 -13.24 -61.79
CA HIS F 37 -41.67 -12.88 -62.50
C HIS F 37 -40.89 -14.11 -62.95
N ASN F 48 -52.40 -20.96 -56.59
CA ASN F 48 -53.51 -20.83 -55.65
C ASN F 48 -53.39 -21.77 -54.46
N VAL F 49 -52.35 -22.60 -54.40
CA VAL F 49 -52.18 -23.47 -53.25
C VAL F 49 -51.76 -22.68 -52.02
N TYR F 50 -50.85 -21.73 -52.18
CA TYR F 50 -50.35 -20.92 -51.07
C TYR F 50 -50.81 -19.48 -51.15
N TYR F 51 -50.55 -18.80 -52.27
CA TYR F 51 -50.87 -17.39 -52.38
C TYR F 51 -52.35 -17.20 -52.66
N ASN F 52 -52.75 -15.94 -52.78
CA ASN F 52 -54.10 -15.55 -53.18
C ASN F 52 -54.00 -14.30 -54.03
N GLU F 53 -54.87 -14.20 -55.03
CA GLU F 53 -54.83 -13.06 -55.94
C GLU F 53 -55.44 -11.83 -55.29
N ALA F 54 -55.07 -10.68 -55.83
CA ALA F 54 -55.60 -9.40 -55.37
C ALA F 54 -55.51 -8.40 -56.51
N THR F 55 -56.35 -7.37 -56.43
CA THR F 55 -56.58 -6.42 -57.51
C THR F 55 -55.27 -5.95 -58.14
N GLY F 56 -55.13 -6.19 -59.43
CA GLY F 56 -53.93 -5.84 -60.16
C GLY F 56 -52.95 -6.97 -60.38
N GLY F 57 -53.39 -8.22 -60.26
CA GLY F 57 -52.48 -9.34 -60.38
C GLY F 57 -51.54 -9.50 -59.23
N ARG F 58 -51.83 -8.87 -58.09
CA ARG F 58 -50.94 -8.99 -56.94
C ARG F 58 -51.15 -10.31 -56.23
N TYR F 59 -50.10 -10.81 -55.60
CA TYR F 59 -50.16 -12.06 -54.85
C TYR F 59 -49.93 -11.76 -53.37
N VAL F 60 -50.80 -12.27 -52.51
CA VAL F 60 -50.63 -12.12 -51.07
C VAL F 60 -50.63 -13.50 -50.44
N PRO F 61 -49.67 -13.83 -49.59
CA PRO F 61 -49.63 -15.17 -49.00
C PRO F 61 -50.69 -15.31 -47.92
N ARG F 62 -51.35 -16.47 -47.92
CA ARG F 62 -52.37 -16.79 -46.92
C ARG F 62 -51.69 -17.21 -45.61
N ALA F 63 -50.98 -16.26 -45.02
CA ALA F 63 -50.32 -16.47 -43.74
C ALA F 63 -50.74 -15.38 -42.77
N ILE F 64 -51.30 -15.80 -41.64
CA ILE F 64 -51.67 -14.89 -40.57
C ILE F 64 -50.54 -14.86 -39.55
N LEU F 65 -50.05 -13.68 -39.24
CA LEU F 65 -48.92 -13.50 -38.36
C LEU F 65 -49.41 -12.97 -37.02
N MET F 66 -49.17 -13.72 -35.96
CA MET F 66 -49.62 -13.32 -34.64
C MET F 66 -48.45 -13.32 -33.68
N ASP F 67 -48.51 -12.43 -32.70
CA ASP F 67 -47.51 -12.37 -31.64
C ASP F 67 -48.00 -11.40 -30.57
N LEU F 68 -47.47 -11.57 -29.37
CA LEU F 68 -47.83 -10.74 -28.25
C LEU F 68 -47.01 -9.45 -28.20
N GLU F 69 -45.73 -9.50 -28.57
CA GLU F 69 -44.91 -8.30 -28.57
C GLU F 69 -44.85 -7.71 -29.97
N PRO F 70 -45.07 -6.41 -30.12
CA PRO F 70 -45.12 -5.81 -31.46
C PRO F 70 -43.77 -5.70 -32.15
N GLY F 71 -42.67 -5.85 -31.42
CA GLY F 71 -41.36 -5.64 -32.01
C GLY F 71 -41.12 -6.52 -33.22
N THR F 72 -41.63 -7.74 -33.19
CA THR F 72 -41.42 -8.67 -34.30
C THR F 72 -41.99 -8.16 -35.62
N MET F 73 -42.86 -7.15 -35.59
CA MET F 73 -43.27 -6.51 -36.83
C MET F 73 -42.06 -6.00 -37.59
N ASP F 74 -41.19 -5.27 -36.91
CA ASP F 74 -39.96 -4.76 -37.52
C ASP F 74 -39.02 -5.88 -37.93
N SER F 75 -39.40 -7.14 -37.71
CA SER F 75 -38.63 -8.29 -38.17
C SER F 75 -39.27 -9.00 -39.35
N VAL F 76 -40.56 -8.79 -39.60
CA VAL F 76 -41.23 -9.47 -40.69
C VAL F 76 -41.53 -8.49 -41.83
N ARG F 77 -41.69 -7.22 -41.50
CA ARG F 77 -41.91 -6.22 -42.54
C ARG F 77 -40.61 -5.64 -43.06
N ALA F 78 -39.56 -5.61 -42.23
CA ALA F 78 -38.31 -4.99 -42.65
C ALA F 78 -37.55 -5.88 -43.60
N GLY F 79 -37.48 -7.18 -43.32
CA GLY F 79 -36.76 -8.12 -44.15
C GLY F 79 -37.28 -8.15 -45.57
N PRO F 80 -36.44 -8.59 -46.50
CA PRO F 80 -36.88 -8.69 -47.90
C PRO F 80 -38.08 -9.61 -48.03
N PHE F 81 -38.82 -9.41 -49.12
CA PHE F 81 -40.07 -10.14 -49.39
C PHE F 81 -41.10 -9.93 -48.29
N GLY F 82 -40.90 -8.94 -47.42
CA GLY F 82 -41.84 -8.67 -46.37
C GLY F 82 -43.05 -7.87 -46.77
N GLN F 83 -43.12 -7.45 -48.03
CA GLN F 83 -44.23 -6.65 -48.53
C GLN F 83 -45.33 -7.51 -49.13
N LEU F 84 -45.15 -8.83 -49.16
CA LEU F 84 -46.18 -9.71 -49.72
C LEU F 84 -47.38 -9.80 -48.81
N PHE F 85 -47.16 -9.79 -47.49
CA PHE F 85 -48.23 -9.98 -46.53
C PHE F 85 -49.19 -8.80 -46.56
N ARG F 86 -50.34 -8.98 -45.92
CA ARG F 86 -51.32 -7.92 -45.85
C ARG F 86 -51.43 -7.39 -44.42
N PRO F 87 -51.52 -6.08 -44.25
CA PRO F 87 -51.54 -5.51 -42.90
C PRO F 87 -52.69 -6.02 -42.04
N ASP F 88 -53.80 -6.43 -42.64
CA ASP F 88 -54.93 -6.92 -41.86
C ASP F 88 -54.68 -8.30 -41.27
N ASN F 89 -53.59 -8.96 -41.65
CA ASN F 89 -53.27 -10.29 -41.13
C ASN F 89 -52.25 -10.25 -40.00
N PHE F 90 -52.17 -9.13 -39.27
CA PHE F 90 -51.19 -8.98 -38.20
C PHE F 90 -51.95 -8.85 -36.87
N VAL F 91 -51.92 -9.92 -36.08
CA VAL F 91 -52.49 -9.91 -34.74
C VAL F 91 -51.33 -9.64 -33.79
N PHE F 92 -51.06 -8.36 -33.55
CA PHE F 92 -49.95 -7.92 -32.73
C PHE F 92 -50.49 -7.20 -31.50
N GLY F 93 -50.30 -7.80 -30.33
CA GLY F 93 -50.71 -7.17 -29.09
C GLY F 93 -49.78 -6.05 -28.67
N GLN F 94 -49.62 -5.84 -27.38
CA GLN F 94 -48.79 -4.74 -26.91
C GLN F 94 -47.85 -5.09 -25.76
N THR F 95 -48.01 -6.23 -25.10
CA THR F 95 -47.20 -6.52 -23.91
C THR F 95 -46.09 -7.53 -24.19
N GLY F 96 -46.42 -8.70 -24.71
CA GLY F 96 -45.44 -9.75 -24.85
C GLY F 96 -45.47 -10.68 -23.66
N ALA F 97 -45.90 -11.93 -23.89
CA ALA F 97 -46.06 -12.87 -22.78
C ALA F 97 -44.77 -13.06 -22.00
N GLY F 98 -43.62 -12.79 -22.61
CA GLY F 98 -42.36 -12.79 -21.90
C GLY F 98 -42.02 -14.10 -21.23
N ASN F 99 -41.81 -15.14 -22.03
CA ASN F 99 -41.32 -16.43 -21.57
C ASN F 99 -42.26 -17.13 -20.59
N ASN F 100 -43.43 -16.56 -20.34
CA ASN F 100 -44.40 -17.14 -19.42
C ASN F 100 -45.50 -17.80 -20.24
N TRP F 101 -45.74 -19.08 -19.97
CA TRP F 101 -46.76 -19.80 -20.73
C TRP F 101 -48.17 -19.30 -20.38
N ALA F 102 -48.48 -19.24 -19.09
CA ALA F 102 -49.84 -18.91 -18.67
C ALA F 102 -50.33 -17.58 -19.24
N LYS F 103 -49.42 -16.69 -19.61
CA LYS F 103 -49.83 -15.43 -20.23
C LYS F 103 -50.52 -15.69 -21.57
N GLY F 104 -49.89 -16.48 -22.43
CA GLY F 104 -50.46 -16.75 -23.73
C GLY F 104 -51.51 -17.82 -23.78
N HIS F 105 -51.99 -18.29 -22.63
CA HIS F 105 -53.00 -19.33 -22.60
C HIS F 105 -54.16 -19.07 -21.64
N TYR F 106 -53.99 -18.23 -20.63
CA TYR F 106 -55.07 -17.98 -19.69
C TYR F 106 -55.35 -16.49 -19.49
N THR F 107 -54.32 -15.66 -19.48
CA THR F 107 -54.48 -14.24 -19.13
C THR F 107 -54.51 -13.35 -20.37
N GLU F 108 -53.45 -13.37 -21.16
CA GLU F 108 -53.39 -12.55 -22.37
C GLU F 108 -53.88 -13.32 -23.60
N GLY F 109 -53.62 -14.62 -23.65
CA GLY F 109 -54.04 -15.45 -24.76
C GLY F 109 -55.48 -15.21 -25.16
N ALA F 110 -56.40 -15.33 -24.21
CA ALA F 110 -57.82 -15.21 -24.51
C ALA F 110 -58.24 -13.80 -24.89
N GLU F 111 -57.32 -12.86 -25.03
CA GLU F 111 -57.66 -11.52 -25.49
C GLU F 111 -57.36 -11.31 -26.97
N LEU F 112 -56.37 -12.00 -27.51
CA LEU F 112 -56.07 -11.95 -28.94
C LEU F 112 -56.50 -13.22 -29.66
N ILE F 113 -56.82 -14.28 -28.93
CA ILE F 113 -57.28 -15.51 -29.57
C ILE F 113 -58.57 -15.26 -30.33
N ASP F 114 -59.43 -14.37 -29.82
CA ASP F 114 -60.67 -14.05 -30.51
C ASP F 114 -60.40 -13.45 -31.88
N SER F 115 -59.54 -12.43 -31.94
CA SER F 115 -59.25 -11.78 -33.21
C SER F 115 -58.51 -12.72 -34.16
N VAL F 116 -57.58 -13.52 -33.65
CA VAL F 116 -56.85 -14.39 -34.57
C VAL F 116 -57.77 -15.51 -35.07
N LEU F 117 -58.72 -15.94 -34.25
CA LEU F 117 -59.75 -16.86 -34.72
C LEU F 117 -60.58 -16.23 -35.82
N ASP F 118 -60.96 -14.96 -35.64
CA ASP F 118 -61.71 -14.27 -36.68
C ASP F 118 -60.94 -14.24 -37.99
N VAL F 119 -59.66 -13.87 -37.94
CA VAL F 119 -58.91 -13.71 -39.17
C VAL F 119 -58.66 -15.05 -39.84
N VAL F 120 -58.40 -16.10 -39.04
CA VAL F 120 -58.18 -17.41 -39.65
C VAL F 120 -59.46 -17.95 -40.24
N ARG F 121 -60.62 -17.66 -39.62
CA ARG F 121 -61.88 -18.06 -40.22
C ARG F 121 -62.15 -17.30 -41.52
N LYS F 122 -61.82 -16.00 -41.53
CA LYS F 122 -61.98 -15.21 -42.74
C LYS F 122 -61.14 -15.76 -43.88
N GLU F 123 -59.89 -16.10 -43.59
CA GLU F 123 -59.02 -16.67 -44.62
C GLU F 123 -59.35 -18.12 -44.95
N ALA F 124 -60.10 -18.80 -44.08
CA ALA F 124 -60.49 -20.18 -44.35
C ALA F 124 -61.72 -20.24 -45.25
N GLU F 125 -62.75 -19.47 -44.92
CA GLU F 125 -63.95 -19.47 -45.74
C GLU F 125 -63.68 -18.97 -47.15
N GLY F 126 -62.64 -18.16 -47.32
CA GLY F 126 -62.25 -17.71 -48.65
C GLY F 126 -61.76 -18.80 -49.57
N CYS F 127 -61.58 -20.00 -49.06
CA CYS F 127 -61.16 -21.16 -49.84
C CYS F 127 -62.36 -22.04 -50.16
N ASP F 128 -62.10 -23.11 -50.90
CA ASP F 128 -63.12 -24.10 -51.25
C ASP F 128 -62.78 -25.50 -50.78
N CYS F 129 -61.49 -25.87 -50.77
CA CYS F 129 -61.04 -27.18 -50.33
C CYS F 129 -59.86 -26.97 -49.38
N LEU F 130 -60.15 -26.78 -48.10
CA LEU F 130 -59.13 -26.51 -47.09
C LEU F 130 -58.42 -27.81 -46.78
N GLN F 131 -57.28 -28.04 -47.44
CA GLN F 131 -56.54 -29.28 -47.25
C GLN F 131 -56.05 -29.43 -45.82
N GLY F 132 -55.66 -28.34 -45.18
CA GLY F 132 -55.20 -28.41 -43.81
C GLY F 132 -54.38 -27.20 -43.44
N PHE F 133 -54.12 -27.10 -42.14
CA PHE F 133 -53.35 -26.01 -41.58
C PHE F 133 -51.91 -26.44 -41.38
N GLN F 134 -51.00 -25.46 -41.30
CA GLN F 134 -49.65 -25.75 -40.86
C GLN F 134 -49.10 -24.54 -40.12
N ILE F 135 -48.67 -24.78 -38.89
CA ILE F 135 -48.27 -23.75 -37.96
C ILE F 135 -46.75 -23.74 -37.88
N THR F 136 -46.21 -22.61 -37.45
CA THR F 136 -44.77 -22.48 -37.19
C THR F 136 -44.60 -21.73 -35.89
N HIS F 137 -44.11 -22.41 -34.85
CA HIS F 137 -43.91 -21.78 -33.54
C HIS F 137 -42.88 -22.60 -32.77
N SER F 138 -42.68 -22.23 -31.52
CA SER F 138 -41.74 -22.91 -30.64
C SER F 138 -42.48 -23.54 -29.47
N LEU F 139 -41.79 -24.45 -28.79
CA LEU F 139 -42.34 -25.15 -27.64
C LEU F 139 -41.73 -24.70 -26.32
N GLY F 140 -40.82 -23.73 -26.34
CA GLY F 140 -40.20 -23.26 -25.12
C GLY F 140 -40.63 -21.87 -24.72
N GLY F 141 -40.82 -20.99 -25.70
CA GLY F 141 -41.20 -19.62 -25.41
C GLY F 141 -42.66 -19.53 -25.01
N GLY F 142 -42.94 -18.66 -24.04
CA GLY F 142 -44.30 -18.53 -23.53
C GLY F 142 -45.29 -18.11 -24.60
N THR F 143 -44.96 -17.04 -25.34
CA THR F 143 -45.88 -16.53 -26.36
C THR F 143 -46.23 -17.61 -27.36
N GLY F 144 -45.23 -18.13 -28.07
CA GLY F 144 -45.42 -19.16 -29.06
C GLY F 144 -46.18 -20.35 -28.52
N SER F 145 -45.61 -21.00 -27.48
CA SER F 145 -46.24 -22.19 -26.91
C SER F 145 -47.70 -21.93 -26.56
N GLY F 146 -47.95 -20.99 -25.66
CA GLY F 146 -49.29 -20.75 -25.18
C GLY F 146 -50.28 -20.37 -26.27
N MET F 147 -49.95 -19.33 -27.04
CA MET F 147 -50.88 -18.86 -28.06
C MET F 147 -51.14 -19.94 -29.11
N GLY F 148 -50.09 -20.55 -29.64
CA GLY F 148 -50.27 -21.58 -30.65
C GLY F 148 -51.03 -22.79 -30.14
N THR F 149 -50.81 -23.15 -28.87
CA THR F 149 -51.49 -24.30 -28.31
C THR F 149 -52.98 -24.02 -28.13
N LEU F 150 -53.32 -22.84 -27.60
CA LEU F 150 -54.72 -22.47 -27.50
C LEU F 150 -55.38 -22.43 -28.87
N LEU F 151 -54.66 -21.89 -29.86
CA LEU F 151 -55.21 -21.80 -31.21
C LEU F 151 -55.45 -23.17 -31.80
N ILE F 152 -54.46 -24.07 -31.72
CA ILE F 152 -54.62 -25.43 -32.20
C ILE F 152 -55.80 -26.11 -31.53
N SER F 153 -55.91 -25.94 -30.21
CA SER F 153 -57.05 -26.48 -29.49
C SER F 153 -58.36 -26.02 -30.11
N LYS F 154 -58.53 -24.71 -30.25
CA LYS F 154 -59.81 -24.20 -30.69
C LYS F 154 -60.11 -24.59 -32.14
N VAL F 155 -59.08 -24.67 -32.98
CA VAL F 155 -59.38 -24.99 -34.38
C VAL F 155 -59.63 -26.48 -34.58
N ARG F 156 -58.95 -27.35 -33.82
CA ARG F 156 -59.34 -28.76 -33.85
C ARG F 156 -60.73 -28.95 -33.25
N GLU F 157 -61.15 -28.03 -32.37
CA GLU F 157 -62.53 -28.02 -31.95
C GLU F 157 -63.46 -27.44 -33.02
N GLU F 158 -62.91 -26.70 -33.99
CA GLU F 158 -63.71 -26.08 -35.03
C GLU F 158 -63.85 -26.94 -36.28
N TYR F 159 -62.73 -27.31 -36.89
CA TYR F 159 -62.74 -28.17 -38.08
C TYR F 159 -62.13 -29.53 -37.77
N PRO F 160 -62.91 -30.46 -37.21
CA PRO F 160 -62.34 -31.76 -36.82
C PRO F 160 -61.98 -32.65 -38.00
N ASP F 161 -62.16 -32.20 -39.24
CA ASP F 161 -61.89 -33.04 -40.39
C ASP F 161 -60.58 -32.71 -41.09
N ARG F 162 -60.13 -31.46 -41.04
CA ARG F 162 -58.91 -31.08 -41.72
C ARG F 162 -57.70 -31.26 -40.80
N ILE F 163 -56.59 -31.69 -41.40
CA ILE F 163 -55.38 -31.98 -40.66
C ILE F 163 -54.66 -30.68 -40.35
N MET F 164 -53.78 -30.72 -39.34
CA MET F 164 -53.05 -29.53 -38.91
C MET F 164 -51.62 -29.92 -38.58
N GLU F 165 -50.72 -29.72 -39.54
CA GLU F 165 -49.30 -29.92 -39.31
C GLU F 165 -48.74 -28.74 -38.53
N THR F 166 -47.72 -29.01 -37.72
CA THR F 166 -47.02 -27.97 -36.97
C THR F 166 -45.51 -28.20 -37.12
N PHE F 167 -44.83 -27.26 -37.75
CA PHE F 167 -43.37 -27.25 -37.81
C PHE F 167 -42.80 -26.59 -36.54
N SER F 168 -43.16 -27.18 -35.40
CA SER F 168 -42.83 -26.61 -34.12
C SER F 168 -41.47 -27.11 -33.65
N VAL F 169 -40.56 -26.19 -33.35
CA VAL F 169 -39.27 -26.56 -32.81
C VAL F 169 -39.46 -27.05 -31.38
N VAL F 170 -38.44 -27.70 -30.82
CA VAL F 170 -38.52 -28.22 -29.47
C VAL F 170 -37.42 -27.58 -28.63
N PRO F 171 -37.46 -27.68 -27.31
CA PRO F 171 -36.34 -27.22 -26.49
C PRO F 171 -35.06 -27.96 -26.85
N SER F 172 -34.00 -27.21 -27.06
CA SER F 172 -32.71 -27.81 -27.38
C SER F 172 -32.29 -28.75 -26.26
N PRO F 173 -31.76 -29.92 -26.58
CA PRO F 173 -31.37 -30.87 -25.53
C PRO F 173 -30.33 -30.32 -24.57
N LYS F 174 -29.20 -29.87 -25.09
CA LYS F 174 -28.07 -29.45 -24.27
C LYS F 174 -27.90 -27.93 -24.25
N VAL F 175 -27.80 -27.31 -25.41
CA VAL F 175 -27.55 -25.87 -25.48
C VAL F 175 -28.85 -25.10 -25.27
N SER F 176 -29.14 -24.76 -24.02
CA SER F 176 -30.35 -24.05 -23.68
C SER F 176 -30.09 -22.56 -23.54
N ASP F 177 -31.13 -21.76 -23.79
CA ASP F 177 -31.06 -20.31 -23.66
C ASP F 177 -32.04 -19.73 -22.66
N THR F 178 -33.02 -20.50 -22.21
CA THR F 178 -34.00 -20.04 -21.23
C THR F 178 -33.95 -20.95 -20.00
N VAL F 179 -34.56 -20.47 -18.92
CA VAL F 179 -34.55 -21.21 -17.66
C VAL F 179 -35.91 -21.82 -17.34
N VAL F 180 -36.99 -21.32 -17.92
CA VAL F 180 -38.33 -21.85 -17.69
C VAL F 180 -38.74 -22.81 -18.80
N GLU F 181 -37.76 -23.36 -19.52
CA GLU F 181 -38.04 -24.18 -20.70
C GLU F 181 -38.91 -25.39 -20.40
N PRO F 182 -38.51 -26.33 -19.51
CA PRO F 182 -39.27 -27.58 -19.39
C PRO F 182 -40.73 -27.39 -19.04
N TYR F 183 -41.06 -26.37 -18.25
CA TYR F 183 -42.45 -26.10 -17.92
C TYR F 183 -43.27 -25.86 -19.19
N ASN F 184 -42.80 -24.94 -20.04
CA ASN F 184 -43.52 -24.64 -21.27
C ASN F 184 -43.53 -25.85 -22.21
N ALA F 185 -42.40 -26.56 -22.29
CA ALA F 185 -42.34 -27.73 -23.16
C ALA F 185 -43.41 -28.75 -22.78
N THR F 186 -43.49 -29.10 -21.50
CA THR F 186 -44.48 -30.09 -21.07
C THR F 186 -45.89 -29.56 -21.21
N LEU F 187 -46.12 -28.30 -20.81
CA LEU F 187 -47.46 -27.74 -20.85
C LEU F 187 -47.96 -27.51 -22.28
N SER F 188 -47.08 -27.58 -23.29
CA SER F 188 -47.56 -27.58 -24.67
C SER F 188 -47.62 -28.97 -25.28
N VAL F 189 -46.72 -29.88 -24.89
CA VAL F 189 -46.80 -31.24 -25.39
C VAL F 189 -48.07 -31.92 -24.91
N HIS F 190 -48.52 -31.59 -23.69
CA HIS F 190 -49.72 -32.22 -23.15
C HIS F 190 -50.94 -32.00 -24.05
N GLN F 191 -50.91 -30.98 -24.90
CA GLN F 191 -52.00 -30.73 -25.83
C GLN F 191 -51.65 -31.11 -27.26
N LEU F 192 -50.40 -30.89 -27.69
CA LEU F 192 -50.01 -31.29 -29.02
C LEU F 192 -50.06 -32.80 -29.21
N VAL F 193 -49.96 -33.58 -28.12
CA VAL F 193 -50.16 -35.02 -28.24
C VAL F 193 -51.62 -35.31 -28.53
N GLU F 194 -52.52 -34.44 -28.09
CA GLU F 194 -53.95 -34.68 -28.18
C GLU F 194 -54.55 -34.25 -29.51
N ASN F 195 -54.26 -33.02 -29.95
CA ASN F 195 -55.00 -32.45 -31.07
C ASN F 195 -54.07 -31.97 -32.18
N ALA F 196 -53.12 -32.81 -32.56
CA ALA F 196 -52.25 -32.53 -33.70
C ALA F 196 -52.13 -33.78 -34.56
N ASP F 197 -51.66 -33.60 -35.79
CA ASP F 197 -51.52 -34.71 -36.72
C ASP F 197 -50.10 -34.91 -37.21
N GLU F 198 -49.39 -33.84 -37.56
CA GLU F 198 -48.00 -33.92 -38.02
C GLU F 198 -47.20 -32.90 -37.23
N CYS F 199 -46.74 -33.28 -36.05
CA CYS F 199 -45.97 -32.37 -35.20
C CYS F 199 -44.49 -32.58 -35.51
N MET F 200 -44.06 -31.98 -36.62
CA MET F 200 -42.65 -32.07 -37.00
C MET F 200 -41.83 -31.30 -35.98
N VAL F 201 -40.88 -31.98 -35.34
CA VAL F 201 -40.10 -31.41 -34.26
C VAL F 201 -38.69 -31.11 -34.77
N ILE F 202 -38.17 -29.97 -34.33
CA ILE F 202 -36.85 -29.47 -34.75
C ILE F 202 -36.13 -28.94 -33.53
N ASP F 203 -34.85 -29.22 -33.43
CA ASP F 203 -34.06 -28.82 -32.26
C ASP F 203 -32.80 -28.08 -32.70
N ASN F 204 -32.49 -26.99 -31.99
CA ASN F 204 -31.39 -26.13 -32.39
C ASN F 204 -30.05 -26.86 -32.33
N GLU F 205 -29.91 -27.81 -31.41
CA GLU F 205 -28.63 -28.50 -31.26
C GLU F 205 -28.29 -29.28 -32.52
N ALA F 206 -29.24 -30.07 -33.03
CA ALA F 206 -28.98 -30.82 -34.25
C ALA F 206 -28.83 -29.90 -35.46
N LEU F 207 -29.50 -28.74 -35.44
CA LEU F 207 -29.32 -27.78 -36.52
C LEU F 207 -27.89 -27.24 -36.53
N TYR F 208 -27.35 -26.92 -35.36
CA TYR F 208 -25.95 -26.52 -35.29
C TYR F 208 -25.04 -27.67 -35.67
N ASP F 209 -25.42 -28.90 -35.32
CA ASP F 209 -24.62 -30.05 -35.71
C ASP F 209 -24.51 -30.16 -37.23
N ILE F 210 -25.64 -30.04 -37.93
CA ILE F 210 -25.61 -30.03 -39.38
C ILE F 210 -24.79 -28.86 -39.91
N CYS F 211 -25.07 -27.66 -39.40
CA CYS F 211 -24.39 -26.47 -39.89
C CYS F 211 -22.89 -26.50 -39.62
N PHE F 212 -22.44 -27.35 -38.70
CA PHE F 212 -21.02 -27.43 -38.37
C PHE F 212 -20.33 -28.69 -38.86
N ARG F 213 -21.07 -29.69 -39.34
CA ARG F 213 -20.43 -30.94 -39.73
C ARG F 213 -20.81 -31.37 -41.13
N THR F 214 -21.97 -30.91 -41.60
CA THR F 214 -22.42 -31.26 -42.94
C THR F 214 -22.16 -30.14 -43.94
N LEU F 215 -22.06 -28.90 -43.49
CA LEU F 215 -21.76 -27.78 -44.36
C LEU F 215 -20.44 -27.08 -44.01
N LYS F 216 -19.84 -27.41 -42.87
CA LYS F 216 -18.56 -26.85 -42.47
C LYS F 216 -18.59 -25.33 -42.45
N LEU F 217 -19.75 -24.75 -42.13
CA LEU F 217 -19.85 -23.30 -42.05
C LEU F 217 -19.08 -22.78 -40.85
N THR F 218 -19.05 -21.47 -40.68
CA THR F 218 -18.23 -20.90 -39.61
C THR F 218 -19.01 -19.99 -38.67
N THR F 219 -19.97 -19.22 -39.18
CA THR F 219 -20.74 -18.29 -38.36
C THR F 219 -22.22 -18.48 -38.65
N PRO F 220 -22.86 -19.44 -37.96
CA PRO F 220 -24.30 -19.67 -38.16
C PRO F 220 -25.12 -18.66 -37.38
N THR F 221 -25.78 -17.76 -38.10
CA THR F 221 -26.78 -16.88 -37.52
C THR F 221 -28.14 -17.54 -37.67
N TYR F 222 -29.08 -17.15 -36.80
CA TYR F 222 -30.41 -17.76 -36.80
C TYR F 222 -31.04 -17.78 -38.18
N GLY F 223 -30.65 -16.83 -39.03
CA GLY F 223 -31.14 -16.84 -40.40
C GLY F 223 -30.81 -18.13 -41.13
N ASP F 224 -29.65 -18.71 -40.85
CA ASP F 224 -29.22 -19.89 -41.59
C ASP F 224 -30.00 -21.13 -41.14
N LEU F 225 -30.14 -21.31 -39.83
CA LEU F 225 -30.99 -22.39 -39.34
C LEU F 225 -32.41 -22.26 -39.86
N ASN F 226 -32.94 -21.05 -39.86
CA ASN F 226 -34.28 -20.83 -40.38
C ASN F 226 -34.35 -21.15 -41.87
N HIS F 227 -33.29 -20.79 -42.61
CA HIS F 227 -33.25 -21.13 -44.04
C HIS F 227 -33.30 -22.64 -44.25
N LEU F 228 -32.53 -23.38 -43.46
CA LEU F 228 -32.50 -24.83 -43.61
C LEU F 228 -33.86 -25.44 -43.29
N VAL F 229 -34.43 -25.08 -42.14
CA VAL F 229 -35.71 -25.68 -41.76
C VAL F 229 -36.79 -25.26 -42.73
N SER F 230 -36.71 -24.05 -43.30
CA SER F 230 -37.71 -23.61 -44.25
C SER F 230 -37.59 -24.35 -45.57
N ALA F 231 -36.35 -24.64 -46.00
CA ALA F 231 -36.17 -25.44 -47.20
C ALA F 231 -36.76 -26.83 -47.02
N ALA F 232 -36.52 -27.46 -45.86
CA ALA F 232 -37.15 -28.75 -45.58
C ALA F 232 -38.67 -28.62 -45.57
N MET F 233 -39.19 -27.51 -45.02
CA MET F 233 -40.63 -27.27 -45.00
C MET F 233 -41.18 -27.21 -46.41
N SER F 234 -40.49 -26.50 -47.31
CA SER F 234 -40.91 -26.47 -48.70
C SER F 234 -40.92 -27.86 -49.30
N GLY F 235 -39.82 -28.60 -49.10
CA GLY F 235 -39.68 -29.89 -49.75
C GLY F 235 -40.71 -30.91 -49.30
N VAL F 236 -41.14 -30.84 -48.04
CA VAL F 236 -42.04 -31.88 -47.53
C VAL F 236 -43.39 -31.84 -48.24
N THR F 237 -43.85 -30.65 -48.64
CA THR F 237 -45.13 -30.52 -49.33
C THR F 237 -44.97 -30.12 -50.79
N CYS F 238 -43.74 -30.09 -51.31
CA CYS F 238 -43.56 -29.75 -52.72
C CYS F 238 -43.78 -30.92 -53.66
N CYS F 239 -44.46 -31.97 -53.20
CA CYS F 239 -44.96 -33.02 -54.07
C CYS F 239 -46.42 -32.81 -54.42
N LEU F 240 -47.00 -31.69 -54.01
CA LEU F 240 -48.39 -31.34 -54.24
C LEU F 240 -48.56 -30.19 -55.22
N ARG F 241 -47.75 -29.14 -55.08
CA ARG F 241 -47.82 -28.00 -55.99
C ARG F 241 -47.46 -28.37 -57.42
N PHE F 242 -46.72 -29.46 -57.61
CA PHE F 242 -46.19 -29.80 -58.91
C PHE F 242 -46.66 -31.19 -59.34
N PRO F 243 -46.62 -31.50 -60.63
CA PRO F 243 -46.96 -32.85 -61.07
C PRO F 243 -45.97 -33.86 -60.52
N GLY F 244 -46.37 -35.12 -60.55
CA GLY F 244 -45.52 -36.18 -60.05
C GLY F 244 -45.78 -37.50 -60.73
N GLN F 245 -44.70 -38.18 -61.16
CA GLN F 245 -44.83 -39.54 -61.66
C GLN F 245 -45.62 -40.40 -60.70
N LEU F 246 -45.49 -40.12 -59.40
CA LEU F 246 -46.35 -40.69 -58.36
C LEU F 246 -46.57 -39.57 -57.35
N ASN F 247 -47.67 -38.84 -57.51
CA ASN F 247 -47.91 -37.66 -56.69
C ASN F 247 -48.19 -38.06 -55.24
N SER F 248 -48.34 -37.05 -54.40
CA SER F 248 -48.70 -37.25 -53.00
C SER F 248 -49.21 -35.93 -52.44
N ASP F 249 -49.61 -35.95 -51.18
CA ASP F 249 -50.15 -34.77 -50.52
C ASP F 249 -49.96 -34.96 -49.01
N LEU F 250 -50.64 -34.12 -48.22
CA LEU F 250 -50.51 -34.20 -46.77
C LEU F 250 -51.20 -35.43 -46.21
N ARG F 251 -52.38 -35.77 -46.72
CA ARG F 251 -53.13 -36.88 -46.14
C ARG F 251 -52.50 -38.22 -46.47
N LYS F 252 -51.79 -38.33 -47.60
CA LYS F 252 -51.04 -39.55 -47.88
C LYS F 252 -49.98 -39.78 -46.82
N LEU F 253 -49.21 -38.72 -46.50
CA LEU F 253 -48.27 -38.80 -45.38
C LEU F 253 -48.97 -39.20 -44.10
N ALA F 254 -50.08 -38.52 -43.80
CA ALA F 254 -50.78 -38.78 -42.54
C ALA F 254 -51.31 -40.20 -42.46
N VAL F 255 -51.56 -40.83 -43.60
CA VAL F 255 -52.03 -42.21 -43.58
C VAL F 255 -50.87 -43.18 -43.46
N ASN F 256 -49.78 -42.94 -44.19
CA ASN F 256 -48.67 -43.87 -44.24
C ASN F 256 -47.66 -43.68 -43.12
N LEU F 257 -47.87 -42.74 -42.20
CA LEU F 257 -46.84 -42.40 -41.23
C LEU F 257 -47.25 -42.51 -39.77
N ILE F 258 -48.51 -42.77 -39.45
CA ILE F 258 -48.88 -42.96 -38.06
C ILE F 258 -49.67 -44.25 -37.89
N PRO F 259 -49.07 -45.30 -37.35
CA PRO F 259 -49.82 -46.53 -37.07
C PRO F 259 -50.92 -46.31 -36.05
N PHE F 260 -50.56 -45.77 -34.91
CA PHE F 260 -51.51 -45.52 -33.84
C PHE F 260 -51.71 -44.02 -33.66
N PRO F 261 -52.92 -43.58 -33.31
CA PRO F 261 -53.26 -42.16 -33.47
C PRO F 261 -52.47 -41.19 -32.59
N ARG F 262 -51.50 -41.67 -31.82
CA ARG F 262 -50.73 -40.80 -30.95
C ARG F 262 -49.22 -40.87 -31.15
N LEU F 263 -48.72 -41.61 -32.12
CA LEU F 263 -47.29 -41.57 -32.46
C LEU F 263 -47.06 -40.67 -33.67
N HIS F 264 -47.35 -39.39 -33.50
CA HIS F 264 -47.34 -38.46 -34.62
C HIS F 264 -46.33 -37.32 -34.43
N PHE F 265 -45.12 -37.66 -34.00
CA PHE F 265 -44.03 -36.69 -33.86
C PHE F 265 -42.87 -37.19 -34.71
N PHE F 266 -42.54 -36.45 -35.76
CA PHE F 266 -41.69 -36.98 -36.81
C PHE F 266 -40.27 -36.45 -36.70
N MET F 267 -39.41 -36.93 -37.59
CA MET F 267 -38.07 -36.41 -37.77
C MET F 267 -37.92 -35.92 -39.21
N ILE F 268 -37.15 -34.86 -39.39
CA ILE F 268 -37.03 -34.19 -40.68
C ILE F 268 -35.58 -34.17 -41.11
N GLY F 269 -35.34 -34.45 -42.40
CA GLY F 269 -34.01 -34.37 -42.96
C GLY F 269 -34.09 -33.91 -44.40
N PHE F 270 -32.99 -33.33 -44.87
CA PHE F 270 -32.91 -32.77 -46.21
C PHE F 270 -31.64 -33.26 -46.89
N ALA F 271 -31.65 -33.24 -48.22
CA ALA F 271 -30.43 -33.51 -48.97
C ALA F 271 -30.61 -32.93 -50.37
N PRO F 272 -29.51 -32.53 -51.04
CA PRO F 272 -28.10 -32.64 -50.63
C PRO F 272 -27.57 -31.40 -49.92
N LEU F 273 -26.45 -31.56 -49.23
CA LEU F 273 -25.82 -30.47 -48.49
C LEU F 273 -24.31 -30.62 -48.61
N THR F 274 -23.65 -29.62 -49.20
CA THR F 274 -22.22 -29.67 -49.42
C THR F 274 -21.60 -28.30 -49.17
N SER F 275 -20.36 -28.31 -48.67
CA SER F 275 -19.57 -27.10 -48.48
C SER F 275 -18.94 -26.69 -49.81
N ARG F 276 -18.00 -25.75 -49.78
CA ARG F 276 -17.33 -25.33 -51.01
C ARG F 276 -16.55 -26.49 -51.62
N GLY F 277 -15.58 -27.03 -50.88
CA GLY F 277 -14.75 -28.10 -51.42
C GLY F 277 -15.56 -29.33 -51.79
N SER F 278 -16.37 -29.83 -50.85
CA SER F 278 -17.19 -30.99 -51.12
C SER F 278 -18.00 -30.82 -52.40
N GLN F 279 -18.71 -29.69 -52.52
CA GLN F 279 -19.46 -29.42 -53.74
C GLN F 279 -18.56 -29.42 -54.96
N GLN F 280 -17.34 -28.89 -54.83
CA GLN F 280 -16.40 -28.94 -55.93
C GLN F 280 -15.95 -30.37 -56.26
N TYR F 281 -16.17 -31.32 -55.36
CA TYR F 281 -15.81 -32.71 -55.60
C TYR F 281 -16.97 -33.69 -55.59
N ARG F 282 -18.09 -33.33 -54.97
CA ARG F 282 -19.17 -34.30 -54.75
C ARG F 282 -19.75 -34.78 -56.07
N ALA F 283 -20.27 -36.01 -56.06
CA ALA F 283 -20.97 -36.61 -57.18
C ALA F 283 -22.43 -36.81 -56.81
N LEU F 284 -23.33 -36.18 -57.56
CA LEU F 284 -24.75 -36.13 -57.20
C LEU F 284 -25.50 -37.20 -57.99
N THR F 285 -25.73 -38.35 -57.36
CA THR F 285 -26.52 -39.42 -57.94
C THR F 285 -27.38 -40.03 -56.84
N VAL F 286 -28.50 -40.63 -57.26
CA VAL F 286 -29.51 -41.16 -56.35
C VAL F 286 -28.91 -42.04 -55.25
N PRO F 287 -27.95 -42.93 -55.55
CA PRO F 287 -27.33 -43.69 -54.45
C PRO F 287 -26.63 -42.82 -53.42
N GLU F 288 -25.90 -41.79 -53.88
CA GLU F 288 -25.21 -40.92 -52.93
C GLU F 288 -26.20 -40.13 -52.09
N LEU F 289 -27.25 -39.60 -52.72
CA LEU F 289 -28.27 -38.90 -51.96
C LEU F 289 -28.91 -39.80 -50.93
N THR F 290 -29.18 -41.06 -51.29
CA THR F 290 -29.75 -42.01 -50.34
C THR F 290 -28.81 -42.23 -49.17
N GLN F 291 -27.53 -42.50 -49.46
CA GLN F 291 -26.57 -42.75 -48.38
C GLN F 291 -26.40 -41.54 -47.49
N GLN F 292 -26.49 -40.33 -48.05
CA GLN F 292 -26.40 -39.12 -47.24
C GLN F 292 -27.68 -38.88 -46.46
N MET F 293 -28.80 -39.39 -46.94
CA MET F 293 -30.10 -39.09 -46.34
C MET F 293 -30.36 -39.93 -45.09
N PHE F 294 -30.13 -41.24 -45.17
CA PHE F 294 -30.46 -42.14 -44.08
C PHE F 294 -29.35 -42.25 -43.03
N ASP F 295 -28.46 -41.27 -42.96
CA ASP F 295 -27.42 -41.27 -41.94
C ASP F 295 -28.00 -40.74 -40.64
N ALA F 296 -27.14 -40.46 -39.67
CA ALA F 296 -27.56 -39.99 -38.35
C ALA F 296 -27.61 -38.47 -38.30
N LYS F 297 -26.50 -37.81 -38.62
CA LYS F 297 -26.38 -36.37 -38.47
C LYS F 297 -26.68 -35.62 -39.76
N ASN F 298 -27.60 -36.15 -40.56
CA ASN F 298 -28.21 -35.41 -41.66
C ASN F 298 -29.63 -35.00 -41.34
N MET F 299 -30.05 -35.12 -40.07
CA MET F 299 -31.41 -34.82 -39.65
C MET F 299 -31.42 -33.69 -38.63
N MET F 300 -32.63 -33.28 -38.27
CA MET F 300 -32.86 -32.12 -37.41
C MET F 300 -33.50 -32.53 -36.10
N CYS F 301 -32.97 -33.59 -35.49
CA CYS F 301 -33.47 -34.08 -34.20
C CYS F 301 -32.32 -34.78 -33.48
N ALA F 302 -31.96 -34.26 -32.30
CA ALA F 302 -30.86 -34.83 -31.53
C ALA F 302 -31.31 -36.14 -30.86
N ALA F 303 -31.72 -37.08 -31.70
CA ALA F 303 -32.04 -38.44 -31.27
C ALA F 303 -31.41 -39.36 -32.31
N ASP F 304 -30.24 -39.91 -31.99
CA ASP F 304 -29.49 -40.75 -32.91
C ASP F 304 -30.37 -41.91 -33.37
N PRO F 305 -30.75 -41.93 -34.64
CA PRO F 305 -31.76 -42.90 -35.10
C PRO F 305 -31.36 -44.34 -34.88
N ARG F 306 -30.07 -44.64 -34.77
CA ARG F 306 -29.65 -46.00 -34.48
C ARG F 306 -30.06 -46.42 -33.07
N HIS F 307 -30.25 -45.47 -32.17
CA HIS F 307 -30.78 -45.77 -30.84
C HIS F 307 -32.26 -46.11 -30.86
N GLY F 308 -32.88 -46.12 -32.02
CA GLY F 308 -34.26 -46.57 -32.15
C GLY F 308 -34.48 -47.24 -33.48
N ARG F 309 -35.75 -47.42 -33.85
CA ARG F 309 -36.12 -47.95 -35.15
C ARG F 309 -37.22 -47.09 -35.75
N TYR F 310 -37.24 -47.00 -37.06
CA TYR F 310 -38.25 -46.21 -37.76
C TYR F 310 -39.50 -47.05 -37.87
N LEU F 311 -40.55 -46.68 -37.12
CA LEU F 311 -41.86 -47.25 -37.37
C LEU F 311 -42.23 -47.12 -38.84
N THR F 312 -41.91 -45.97 -39.42
CA THR F 312 -42.15 -45.75 -40.85
C THR F 312 -41.40 -44.49 -41.26
N ALA F 313 -41.21 -44.33 -42.56
CA ALA F 313 -40.42 -43.21 -43.05
C ALA F 313 -40.70 -43.00 -44.53
N SER F 314 -41.08 -41.79 -44.89
CA SER F 314 -41.30 -41.42 -46.28
C SER F 314 -40.10 -40.67 -46.83
N ALA F 315 -39.83 -40.90 -48.11
CA ALA F 315 -38.76 -40.22 -48.82
C ALA F 315 -39.37 -39.54 -50.04
N LEU F 316 -39.36 -38.21 -50.05
CA LEU F 316 -39.91 -37.43 -51.15
C LEU F 316 -38.76 -36.98 -52.03
N PHE F 317 -38.64 -37.58 -53.20
CA PHE F 317 -37.63 -37.20 -54.16
C PHE F 317 -38.17 -36.10 -55.07
N ARG F 318 -37.25 -35.31 -55.63
CA ARG F 318 -37.64 -34.20 -56.50
C ARG F 318 -36.57 -34.03 -57.55
N GLY F 319 -37.00 -33.84 -58.79
CA GLY F 319 -36.14 -33.74 -59.96
C GLY F 319 -36.56 -34.74 -60.99
N ARG F 320 -35.66 -35.02 -61.94
CA ARG F 320 -35.90 -36.02 -62.97
C ARG F 320 -34.93 -37.16 -62.74
N MET F 321 -35.43 -38.23 -62.11
CA MET F 321 -34.61 -39.40 -61.83
C MET F 321 -35.22 -40.64 -62.47
N SER F 322 -34.68 -41.81 -62.14
CA SER F 322 -35.18 -43.07 -62.62
C SER F 322 -35.92 -43.76 -61.47
N THR F 323 -37.23 -43.84 -61.57
CA THR F 323 -38.04 -44.35 -60.47
C THR F 323 -37.60 -45.74 -60.04
N LYS F 324 -37.13 -46.56 -60.97
CA LYS F 324 -36.65 -47.87 -60.58
C LYS F 324 -35.43 -47.75 -59.69
N GLU F 325 -34.55 -46.79 -59.96
CA GLU F 325 -33.40 -46.57 -59.09
C GLU F 325 -33.85 -46.16 -57.70
N VAL F 326 -34.83 -45.25 -57.62
CA VAL F 326 -35.33 -44.80 -56.33
C VAL F 326 -35.89 -45.98 -55.54
N ASP F 327 -36.78 -46.76 -56.16
CA ASP F 327 -37.45 -47.83 -55.43
C ASP F 327 -36.49 -48.97 -55.09
N GLU F 328 -35.58 -49.31 -56.00
CA GLU F 328 -34.58 -50.32 -55.69
C GLU F 328 -33.65 -49.85 -54.59
N GLN F 329 -33.33 -48.56 -54.55
CA GLN F 329 -32.52 -48.02 -53.46
C GLN F 329 -33.26 -48.09 -52.13
N MET F 330 -34.56 -47.82 -52.12
CA MET F 330 -35.35 -47.97 -50.91
C MET F 330 -35.33 -49.42 -50.43
N LEU F 331 -35.59 -50.36 -51.33
CA LEU F 331 -35.56 -51.77 -50.96
C LEU F 331 -34.17 -52.18 -50.45
N ASN F 332 -33.12 -51.69 -51.10
CA ASN F 332 -31.77 -52.07 -50.71
C ASN F 332 -31.40 -51.51 -49.35
N VAL F 333 -31.77 -50.25 -49.08
CA VAL F 333 -31.42 -49.66 -47.79
C VAL F 333 -32.29 -50.25 -46.69
N GLN F 334 -33.46 -50.78 -47.03
CA GLN F 334 -34.25 -51.46 -46.00
C GLN F 334 -33.68 -52.85 -45.70
N ASN F 335 -33.23 -53.58 -46.72
CA ASN F 335 -32.65 -54.89 -46.47
C ASN F 335 -31.26 -54.81 -45.87
N LYS F 336 -30.52 -53.73 -46.13
CA LYS F 336 -29.14 -53.62 -45.66
C LYS F 336 -29.10 -53.40 -44.15
N ASN F 337 -29.69 -52.30 -43.69
CA ASN F 337 -29.79 -52.01 -42.26
C ASN F 337 -31.11 -52.53 -41.71
N SER F 338 -31.28 -53.86 -41.83
CA SER F 338 -32.54 -54.48 -41.44
C SER F 338 -32.79 -54.38 -39.94
N SER F 339 -31.73 -54.30 -39.13
CA SER F 339 -31.91 -54.23 -37.69
C SER F 339 -32.45 -52.87 -37.27
N TYR F 340 -31.94 -51.79 -37.88
CA TYR F 340 -32.35 -50.46 -37.47
C TYR F 340 -33.78 -50.16 -37.83
N PHE F 341 -34.44 -50.98 -38.63
CA PHE F 341 -35.85 -50.81 -38.91
C PHE F 341 -36.68 -51.68 -37.97
N VAL F 342 -37.99 -51.68 -38.20
CA VAL F 342 -38.92 -52.45 -37.39
C VAL F 342 -39.55 -53.51 -38.29
N GLU F 343 -39.81 -54.70 -37.72
CA GLU F 343 -40.19 -55.86 -38.52
C GLU F 343 -41.69 -56.07 -38.60
N TRP F 344 -42.45 -55.71 -37.56
CA TRP F 344 -43.87 -56.01 -37.61
C TRP F 344 -44.65 -55.06 -38.51
N ILE F 345 -43.96 -54.27 -39.32
CA ILE F 345 -44.58 -53.53 -40.42
C ILE F 345 -43.71 -53.79 -41.65
N PRO F 346 -44.06 -54.72 -42.51
CA PRO F 346 -43.21 -55.00 -43.67
C PRO F 346 -43.18 -53.82 -44.62
N ASN F 347 -42.10 -53.75 -45.40
CA ASN F 347 -41.83 -52.64 -46.32
C ASN F 347 -42.12 -51.30 -45.67
N ASN F 348 -41.60 -51.13 -44.45
CA ASN F 348 -41.93 -49.97 -43.62
C ASN F 348 -41.42 -48.66 -44.17
N ILE F 349 -40.79 -48.65 -45.35
CA ILE F 349 -40.30 -47.44 -45.98
C ILE F 349 -41.21 -47.10 -47.15
N LYS F 350 -41.55 -45.82 -47.27
CA LYS F 350 -42.45 -45.32 -48.29
C LYS F 350 -41.73 -44.29 -49.15
N SER F 351 -42.08 -44.25 -50.43
CA SER F 351 -41.45 -43.35 -51.37
C SER F 351 -42.50 -42.48 -52.06
N SER F 352 -42.04 -41.34 -52.56
CA SER F 352 -42.87 -40.47 -53.39
C SER F 352 -41.95 -39.65 -54.27
N ILE F 353 -42.42 -39.32 -55.47
CA ILE F 353 -41.57 -38.70 -56.47
C ILE F 353 -42.31 -37.55 -57.12
N CYS F 354 -41.74 -36.35 -57.03
CA CYS F 354 -42.18 -35.20 -57.80
C CYS F 354 -41.36 -35.10 -59.08
N ASP F 355 -41.87 -34.33 -60.04
CA ASP F 355 -41.26 -34.23 -61.35
C ASP F 355 -40.51 -32.92 -61.59
N ILE F 356 -40.34 -32.10 -60.55
CA ILE F 356 -39.64 -30.83 -60.71
C ILE F 356 -38.76 -30.56 -59.50
N PRO F 357 -37.47 -30.30 -59.69
CA PRO F 357 -36.58 -30.07 -58.56
C PRO F 357 -36.68 -28.64 -58.08
N PRO F 358 -35.96 -28.26 -57.02
CA PRO F 358 -35.94 -26.85 -56.61
C PRO F 358 -35.23 -25.97 -57.62
N LYS F 359 -35.36 -24.66 -57.48
CA LYS F 359 -34.69 -23.72 -58.38
C LYS F 359 -33.21 -23.67 -58.04
N GLY F 360 -32.37 -23.90 -59.06
CA GLY F 360 -30.94 -23.93 -58.88
C GLY F 360 -30.35 -25.30 -58.63
N LEU F 361 -31.15 -26.36 -58.69
CA LEU F 361 -30.70 -27.72 -58.44
C LEU F 361 -31.12 -28.60 -59.60
N LYS F 362 -30.76 -29.89 -59.51
CA LYS F 362 -31.22 -30.88 -60.48
C LYS F 362 -31.78 -32.13 -59.83
N MET F 363 -31.67 -32.28 -58.51
CA MET F 363 -32.36 -33.32 -57.75
C MET F 363 -32.17 -33.02 -56.27
N ALA F 364 -33.16 -33.41 -55.47
CA ALA F 364 -33.13 -33.11 -54.04
C ALA F 364 -34.18 -33.96 -53.34
N VAL F 365 -33.84 -34.44 -52.14
CA VAL F 365 -34.71 -35.34 -51.42
C VAL F 365 -35.03 -34.78 -50.04
N THR F 366 -36.22 -35.10 -49.56
CA THR F 366 -36.70 -34.71 -48.24
C THR F 366 -37.15 -35.96 -47.51
N PHE F 367 -36.57 -36.21 -46.35
CA PHE F 367 -36.81 -37.42 -45.58
C PHE F 367 -37.65 -37.10 -44.36
N VAL F 368 -38.76 -37.82 -44.18
CA VAL F 368 -39.68 -37.58 -43.09
C VAL F 368 -39.89 -38.91 -42.39
N GLY F 369 -39.26 -39.07 -41.23
CA GLY F 369 -39.29 -40.36 -40.56
C GLY F 369 -39.98 -40.38 -39.22
N ASN F 370 -41.11 -41.11 -39.12
CA ASN F 370 -41.73 -41.40 -37.84
C ASN F 370 -40.98 -42.57 -37.23
N SER F 371 -40.04 -42.26 -36.34
CA SER F 371 -39.19 -43.25 -35.69
C SER F 371 -39.47 -43.27 -34.20
N THR F 372 -39.10 -44.37 -33.56
CA THR F 372 -39.17 -44.48 -32.11
C THR F 372 -37.93 -43.93 -31.43
N ALA F 373 -37.03 -43.30 -32.19
CA ALA F 373 -35.80 -42.78 -31.61
C ALA F 373 -36.01 -41.48 -30.87
N ILE F 374 -37.03 -40.70 -31.23
CA ILE F 374 -37.29 -39.43 -30.56
C ILE F 374 -37.67 -39.60 -29.11
N GLN F 375 -38.02 -40.82 -28.68
CA GLN F 375 -38.46 -41.03 -27.31
C GLN F 375 -37.40 -40.53 -26.32
N GLU F 376 -36.12 -40.74 -26.64
CA GLU F 376 -35.04 -40.26 -25.78
C GLU F 376 -35.21 -38.78 -25.46
N MET F 377 -35.51 -37.98 -26.49
CA MET F 377 -35.74 -36.56 -26.26
C MET F 377 -36.85 -36.36 -25.25
N PHE F 378 -38.01 -36.98 -25.47
CA PHE F 378 -39.13 -36.81 -24.56
C PHE F 378 -38.84 -37.37 -23.17
N LYS F 379 -37.66 -37.93 -22.94
CA LYS F 379 -37.21 -38.23 -21.60
C LYS F 379 -36.39 -37.06 -21.03
N ARG F 380 -35.33 -36.66 -21.74
CA ARG F 380 -34.38 -35.72 -21.16
C ARG F 380 -35.06 -34.43 -20.73
N VAL F 381 -35.75 -33.76 -21.66
CA VAL F 381 -36.51 -32.57 -21.31
C VAL F 381 -37.47 -32.88 -20.17
N ALA F 382 -38.20 -33.98 -20.29
CA ALA F 382 -39.09 -34.38 -19.21
C ALA F 382 -38.33 -34.53 -17.90
N GLU F 383 -37.18 -35.20 -17.95
CA GLU F 383 -36.36 -35.34 -16.74
C GLU F 383 -36.02 -33.97 -16.17
N GLN F 384 -35.73 -33.00 -17.03
CA GLN F 384 -35.50 -31.63 -16.58
C GLN F 384 -36.64 -31.17 -15.69
N PHE F 385 -37.87 -31.31 -16.19
CA PHE F 385 -39.05 -30.95 -15.41
C PHE F 385 -39.01 -31.60 -14.03
N THR F 386 -38.65 -32.88 -13.98
CA THR F 386 -38.67 -33.60 -12.71
C THR F 386 -37.72 -32.97 -11.69
N ALA F 387 -36.63 -32.36 -12.16
CA ALA F 387 -35.71 -31.71 -11.24
C ALA F 387 -36.04 -30.25 -10.98
N MET F 388 -37.01 -29.68 -11.71
CA MET F 388 -37.40 -28.31 -11.48
C MET F 388 -38.80 -28.17 -10.91
N PHE F 389 -39.57 -29.25 -10.85
CA PHE F 389 -40.88 -29.23 -10.22
C PHE F 389 -40.87 -29.89 -8.84
N ARG F 390 -39.90 -30.75 -8.56
CA ARG F 390 -39.82 -31.35 -7.24
C ARG F 390 -39.33 -30.37 -6.19
N ARG F 391 -39.18 -29.09 -6.54
CA ARG F 391 -38.83 -28.04 -5.58
C ARG F 391 -39.64 -26.77 -5.81
N LYS F 392 -40.70 -26.84 -6.62
CA LYS F 392 -41.55 -25.68 -6.94
C LYS F 392 -40.73 -24.53 -7.50
N ALA F 393 -39.63 -24.84 -8.18
CA ALA F 393 -38.79 -23.80 -8.78
C ALA F 393 -39.58 -23.01 -9.80
N PHE F 394 -39.60 -21.69 -9.64
CA PHE F 394 -40.26 -20.77 -10.57
C PHE F 394 -41.75 -21.08 -10.71
N LEU F 395 -42.30 -21.89 -9.83
CA LEU F 395 -43.66 -22.35 -9.98
C LEU F 395 -44.69 -21.31 -9.57
N HIS F 396 -44.32 -20.36 -8.72
CA HIS F 396 -45.29 -19.38 -8.24
C HIS F 396 -45.80 -18.47 -9.36
N TRP F 397 -45.03 -18.29 -10.43
CA TRP F 397 -45.50 -17.47 -11.55
C TRP F 397 -46.74 -18.11 -12.18
N TYR F 398 -46.60 -19.34 -12.68
CA TYR F 398 -47.74 -20.04 -13.25
C TYR F 398 -48.83 -20.27 -12.22
N THR F 399 -48.45 -20.47 -10.95
CA THR F 399 -49.46 -20.65 -9.91
C THR F 399 -50.29 -19.38 -9.72
N GLY F 400 -49.69 -18.21 -9.99
CA GLY F 400 -50.40 -16.97 -9.78
C GLY F 400 -51.40 -16.61 -10.85
N GLU F 401 -51.20 -17.07 -12.08
CA GLU F 401 -52.04 -16.68 -13.20
C GLU F 401 -53.26 -17.57 -13.39
N GLY F 402 -53.49 -18.54 -12.50
CA GLY F 402 -54.68 -19.36 -12.56
C GLY F 402 -54.44 -20.84 -12.77
N MET F 403 -53.19 -21.31 -12.83
CA MET F 403 -52.94 -22.73 -13.03
C MET F 403 -53.28 -23.50 -11.77
N ASP F 404 -53.08 -24.82 -11.83
CA ASP F 404 -53.26 -25.70 -10.68
C ASP F 404 -52.22 -26.80 -10.76
N GLU F 405 -51.86 -27.35 -9.59
CA GLU F 405 -50.79 -28.34 -9.54
C GLU F 405 -51.14 -29.57 -10.36
N MET F 406 -52.41 -30.01 -10.31
CA MET F 406 -52.84 -31.14 -11.12
C MET F 406 -52.52 -30.89 -12.59
N GLU F 407 -52.92 -29.72 -13.10
CA GLU F 407 -52.64 -29.34 -14.48
C GLU F 407 -51.19 -29.59 -14.85
N PHE F 408 -50.27 -29.47 -13.89
CA PHE F 408 -48.88 -29.82 -14.14
C PHE F 408 -48.70 -31.33 -14.09
N THR F 409 -48.99 -31.94 -12.94
CA THR F 409 -48.59 -33.33 -12.70
C THR F 409 -49.14 -34.25 -13.78
N GLU F 410 -50.46 -34.23 -13.99
CA GLU F 410 -51.06 -35.09 -14.99
C GLU F 410 -50.41 -34.86 -16.35
N ALA F 411 -50.15 -33.60 -16.71
CA ALA F 411 -49.45 -33.30 -17.95
C ALA F 411 -48.15 -34.08 -18.03
N GLU F 412 -47.32 -33.94 -16.99
CA GLU F 412 -46.10 -34.73 -16.91
C GLU F 412 -46.39 -36.20 -17.15
N SER F 413 -47.35 -36.76 -16.40
CA SER F 413 -47.69 -38.17 -16.56
C SER F 413 -48.03 -38.45 -18.01
N ASN F 414 -48.87 -37.59 -18.62
CA ASN F 414 -49.21 -37.75 -20.03
C ASN F 414 -47.94 -37.87 -20.86
N MET F 415 -47.02 -36.92 -20.69
CA MET F 415 -45.73 -37.01 -21.38
C MET F 415 -45.12 -38.38 -21.17
N ASN F 416 -44.96 -38.78 -19.91
CA ASN F 416 -44.48 -40.12 -19.61
C ASN F 416 -45.27 -41.16 -20.38
N ASP F 417 -46.60 -41.16 -20.21
CA ASP F 417 -47.45 -42.07 -20.96
C ASP F 417 -47.04 -42.11 -22.41
N LEU F 418 -47.00 -40.93 -23.05
CA LEU F 418 -46.66 -40.84 -24.46
C LEU F 418 -45.37 -41.60 -24.75
N VAL F 419 -44.28 -41.24 -24.06
CA VAL F 419 -43.01 -41.87 -24.38
C VAL F 419 -43.09 -43.36 -24.13
N SER F 420 -43.74 -43.76 -23.02
CA SER F 420 -43.85 -45.18 -22.71
C SER F 420 -44.52 -45.92 -23.86
N GLU F 421 -45.53 -45.28 -24.48
CA GLU F 421 -46.23 -45.88 -25.60
C GLU F 421 -45.23 -46.40 -26.62
N TYR F 422 -44.27 -45.56 -27.03
CA TYR F 422 -43.27 -45.98 -27.99
C TYR F 422 -42.66 -47.31 -27.56
N GLN F 423 -42.08 -47.33 -26.36
CA GLN F 423 -41.52 -48.57 -25.83
C GLN F 423 -42.53 -49.70 -25.92
N GLN F 424 -43.73 -49.47 -25.37
CA GLN F 424 -44.72 -50.55 -25.29
C GLN F 424 -45.00 -51.15 -26.65
N TYR F 425 -44.88 -50.37 -27.72
CA TYR F 425 -45.08 -50.87 -29.07
C TYR F 425 -43.92 -50.44 -29.96
N GLN F 426 -42.70 -50.61 -29.45
CA GLN F 426 -41.51 -50.60 -30.30
C GLN F 426 -40.98 -52.00 -30.53
N ASP F 427 -40.78 -52.76 -29.46
CA ASP F 427 -40.20 -54.09 -29.53
C ASP F 427 -41.25 -55.19 -29.49
N ALA F 428 -42.44 -54.94 -30.03
CA ALA F 428 -43.50 -55.93 -30.03
C ALA F 428 -43.63 -56.60 -31.39
N THR F 429 -44.13 -57.84 -31.37
CA THR F 429 -44.36 -58.61 -32.59
C THR F 429 -45.38 -59.69 -32.26
N ALA F 430 -45.54 -60.65 -33.18
CA ALA F 430 -46.46 -61.76 -32.97
C ALA F 430 -45.75 -63.10 -33.09
N LEU G 60 -30.08 -23.74 -52.53
CA LEU G 60 -29.48 -24.14 -51.26
C LEU G 60 -28.06 -24.68 -51.50
N LYS G 61 -27.68 -24.75 -52.77
CA LYS G 61 -26.33 -25.21 -53.11
C LYS G 61 -25.27 -24.41 -52.36
N CYS G 62 -25.47 -23.11 -52.23
CA CYS G 62 -24.59 -22.25 -51.44
C CYS G 62 -25.45 -21.29 -50.63
N LEU G 63 -25.01 -21.04 -49.39
CA LEU G 63 -25.72 -20.17 -48.47
C LEU G 63 -24.79 -19.05 -48.04
N ASP G 64 -25.13 -17.82 -48.42
CA ASP G 64 -24.33 -16.67 -48.03
C ASP G 64 -24.27 -16.48 -46.52
N GLY G 65 -25.05 -17.24 -45.75
CA GLY G 65 -25.00 -17.12 -44.31
C GLY G 65 -23.66 -17.53 -43.72
N GLU G 66 -22.88 -18.30 -44.47
CA GLU G 66 -21.51 -18.54 -44.06
C GLU G 66 -20.68 -17.31 -44.36
N ASP G 67 -19.67 -17.05 -43.54
CA ASP G 67 -18.80 -15.90 -43.72
C ASP G 67 -17.62 -16.33 -44.57
N LEU G 68 -17.57 -15.82 -45.81
CA LEU G 68 -16.45 -16.13 -46.69
C LEU G 68 -15.26 -15.21 -46.41
N ASN G 69 -15.52 -13.90 -46.31
CA ASN G 69 -14.47 -12.93 -46.06
C ASN G 69 -14.26 -12.66 -44.58
N GLN G 70 -14.04 -13.73 -43.81
CA GLN G 70 -13.76 -13.55 -42.38
C GLN G 70 -12.44 -12.82 -42.16
N GLY G 71 -11.45 -13.08 -43.00
CA GLY G 71 -10.17 -12.40 -42.87
C GLY G 71 -10.31 -10.89 -42.96
N ASN G 72 -11.15 -10.42 -43.88
CA ASN G 72 -11.34 -8.99 -44.04
C ASN G 72 -11.99 -8.39 -42.79
N ARG G 73 -13.04 -9.05 -42.28
CA ARG G 73 -13.67 -8.59 -41.05
C ARG G 73 -12.65 -8.49 -39.92
N ARG G 74 -11.86 -9.55 -39.74
CA ARG G 74 -10.89 -9.58 -38.65
C ARG G 74 -9.87 -8.45 -38.78
N ARG G 75 -9.29 -8.30 -39.97
CA ARG G 75 -8.24 -7.30 -40.15
C ARG G 75 -8.81 -5.89 -40.00
N LEU G 76 -10.01 -5.64 -40.54
CA LEU G 76 -10.60 -4.32 -40.42
C LEU G 76 -10.91 -3.98 -38.97
N GLN G 77 -11.47 -4.93 -38.22
CA GLN G 77 -11.72 -4.68 -36.80
C GLN G 77 -10.42 -4.43 -36.05
N GLN G 78 -9.36 -5.17 -36.38
CA GLN G 78 -8.06 -4.94 -35.75
C GLN G 78 -7.58 -3.51 -35.99
N LEU G 79 -7.66 -3.06 -37.24
CA LEU G 79 -7.16 -1.72 -37.55
C LEU G 79 -7.99 -0.64 -36.86
N GLN G 80 -9.32 -0.79 -36.86
CA GLN G 80 -10.16 0.17 -36.16
C GLN G 80 -9.83 0.22 -34.68
N GLN G 81 -9.64 -0.94 -34.07
CA GLN G 81 -9.33 -0.98 -32.64
C GLN G 81 -8.00 -0.31 -32.35
N ARG G 82 -6.99 -0.55 -33.21
CA ARG G 82 -5.71 0.12 -33.02
C ARG G 82 -5.86 1.63 -33.13
N ASP G 83 -6.65 2.10 -34.10
CA ASP G 83 -6.86 3.54 -34.25
C ASP G 83 -7.46 4.14 -32.99
N TRP G 84 -8.55 3.55 -32.49
CA TRP G 84 -9.19 4.09 -31.30
C TRP G 84 -8.27 4.02 -30.10
N ILE G 85 -7.49 2.94 -29.98
CA ILE G 85 -6.57 2.81 -28.86
C ILE G 85 -5.52 3.93 -28.91
N GLU G 86 -5.05 4.25 -30.12
CA GLU G 86 -4.07 5.33 -30.25
C GLU G 86 -4.68 6.65 -29.81
N GLN G 87 -5.88 6.96 -30.31
CA GLN G 87 -6.55 8.20 -29.92
C GLN G 87 -6.70 8.29 -28.40
N GLN G 88 -7.14 7.21 -27.78
CA GLN G 88 -7.38 7.24 -26.34
C GLN G 88 -6.08 7.35 -25.56
N ILE G 89 -5.03 6.69 -26.02
CA ILE G 89 -3.73 6.83 -25.37
C ILE G 89 -3.28 8.28 -25.40
N ARG G 90 -3.43 8.93 -26.56
CA ARG G 90 -3.01 10.33 -26.67
C ARG G 90 -3.81 11.21 -25.72
N GLU G 91 -5.13 11.06 -25.71
CA GLU G 91 -5.93 11.93 -24.84
C GLU G 91 -5.64 11.66 -23.37
N LYS G 92 -5.34 10.40 -23.01
CA LYS G 92 -5.01 10.10 -21.63
C LYS G 92 -3.69 10.74 -21.22
N GLU G 93 -2.68 10.66 -22.08
CA GLU G 93 -1.41 11.31 -21.77
C GLU G 93 -1.59 12.82 -21.63
N GLU G 94 -2.42 13.41 -22.49
CA GLU G 94 -2.71 14.83 -22.39
C GLU G 94 -3.35 15.17 -21.04
N ARG G 95 -4.38 14.42 -20.65
CA ARG G 95 -5.04 14.66 -19.38
C ARG G 95 -4.06 14.52 -18.21
N LYS G 96 -3.23 13.49 -18.23
CA LYS G 96 -2.28 13.28 -17.15
C LYS G 96 -1.31 14.45 -17.05
N ARG G 97 -0.80 14.92 -18.19
CA ARG G 97 0.15 16.03 -18.14
C ARG G 97 -0.53 17.30 -17.65
N GLN G 98 -1.80 17.51 -18.02
CA GLN G 98 -2.51 18.68 -17.53
C GLN G 98 -2.71 18.62 -16.02
N GLU G 99 -3.04 17.43 -15.50
CA GLU G 99 -3.15 17.27 -14.05
C GLU G 99 -1.83 17.58 -13.36
N ASP G 100 -0.73 17.09 -13.93
CA ASP G 100 0.58 17.36 -13.32
C ASP G 100 0.90 18.85 -13.33
N GLU G 101 0.57 19.55 -14.42
CA GLU G 101 0.87 20.98 -14.45
C GLU G 101 -0.01 21.76 -13.48
N GLU G 102 -1.26 21.33 -13.28
CA GLU G 102 -2.09 22.00 -12.28
C GLU G 102 -1.53 21.79 -10.87
N LYS G 103 -1.06 20.57 -10.59
CA LYS G 103 -0.42 20.32 -9.30
C LYS G 103 0.82 21.19 -9.12
N LYS G 104 1.61 21.35 -10.18
CA LYS G 104 2.76 22.24 -10.11
C LYS G 104 2.33 23.67 -9.83
N ALA G 105 1.21 24.10 -10.42
CA ALA G 105 0.72 25.45 -10.16
C ALA G 105 0.38 25.64 -8.68
N PHE G 106 -0.29 24.65 -8.08
CA PHE G 106 -0.58 24.74 -6.65
C PHE G 106 0.71 24.76 -5.84
N GLU G 107 1.70 23.98 -6.26
CA GLU G 107 3.01 24.01 -5.60
C GLU G 107 3.59 25.42 -5.60
N GLN G 108 3.54 26.09 -6.76
CA GLN G 108 4.11 27.44 -6.85
C GLN G 108 3.33 28.42 -5.98
N GLN G 109 2.00 28.31 -5.98
CA GLN G 109 1.19 29.18 -5.12
C GLN G 109 1.60 29.03 -3.66
N THR G 110 1.73 27.78 -3.19
CA THR G 110 2.10 27.55 -1.79
C THR G 110 3.49 28.08 -1.49
N LEU G 111 4.44 27.88 -2.42
CA LEU G 111 5.79 28.38 -2.19
C LEU G 111 5.82 29.90 -2.09
N HIS G 112 5.02 30.56 -2.93
CA HIS G 112 4.98 32.03 -2.87
C HIS G 112 4.38 32.50 -1.55
N ILE G 113 3.33 31.83 -1.08
CA ILE G 113 2.76 32.22 0.21
C ILE G 113 3.77 31.99 1.32
N ASN G 114 4.57 30.93 1.23
CA ASN G 114 5.62 30.69 2.20
C ASN G 114 6.61 31.84 2.23
N MET G 115 7.06 32.27 1.04
CA MET G 115 8.00 33.38 0.98
C MET G 115 7.40 34.65 1.59
N MET G 116 6.13 34.92 1.30
CA MET G 116 5.50 36.12 1.85
C MET G 116 5.43 36.07 3.37
N ARG G 117 5.04 34.92 3.93
CA ARG G 117 4.98 34.80 5.38
C ARG G 117 6.36 34.99 6.01
N GLY G 118 7.38 34.39 5.41
CA GLY G 118 8.73 34.61 5.91
C GLY G 118 9.12 36.08 5.92
N ASP G 119 8.83 36.79 4.83
CA ASP G 119 9.18 38.20 4.76
C ASP G 119 8.43 39.01 5.80
N LEU G 120 7.15 38.72 6.00
CA LEU G 120 6.37 39.48 6.97
C LEU G 120 6.90 39.27 8.39
N GLU G 121 7.23 38.03 8.75
CA GLU G 121 7.77 37.81 10.08
C GLU G 121 9.14 38.45 10.25
N ASP G 122 9.95 38.47 9.19
CA ASP G 122 11.23 39.18 9.26
C ASP G 122 11.01 40.66 9.55
N ASN G 123 10.07 41.28 8.85
CA ASN G 123 9.79 42.71 9.08
C ASN G 123 9.30 42.95 10.51
N LEU G 124 8.44 42.06 11.01
CA LEU G 124 7.95 42.24 12.38
C LEU G 124 9.09 42.17 13.39
N ASN G 125 10.00 41.21 13.22
CA ASN G 125 11.13 41.12 14.15
C ASN G 125 12.03 42.35 14.05
N GLN G 126 12.21 42.87 12.83
CA GLN G 126 12.98 44.10 12.69
C GLN G 126 12.33 45.25 13.47
N LYS G 127 11.01 45.36 13.37
CA LYS G 127 10.29 46.40 14.12
C LYS G 127 10.49 46.21 15.62
N ARG G 128 10.47 44.97 16.08
CA ARG G 128 10.74 44.69 17.50
C ARG G 128 12.10 45.23 17.93
N ARG G 129 13.15 44.83 17.21
CA ARG G 129 14.50 45.29 17.57
C ARG G 129 14.60 46.80 17.51
N ASN G 130 13.90 47.43 16.54
CA ASN G 130 13.95 48.88 16.43
C ASN G 130 13.36 49.54 17.67
N TRP G 131 12.20 49.05 18.13
CA TRP G 131 11.62 49.63 19.33
C TRP G 131 12.49 49.38 20.55
N GLU G 132 13.16 48.22 20.60
CA GLU G 132 14.08 47.97 21.71
C GLU G 132 15.20 48.99 21.74
N LYS G 133 15.81 49.26 20.59
CA LYS G 133 16.89 50.25 20.56
C LYS G 133 16.38 51.65 20.88
N ASN G 134 15.13 51.96 20.49
CA ASN G 134 14.53 53.22 20.92
C ASN G 134 14.47 53.31 22.44
N THR G 135 13.99 52.26 23.10
CA THR G 135 13.92 52.26 24.56
C THR G 135 15.30 52.38 25.18
N LYS G 136 16.32 51.79 24.57
CA LYS G 136 17.66 51.93 25.12
C LYS G 136 18.18 53.36 24.99
N GLU G 137 17.93 53.99 23.84
CA GLU G 137 18.18 55.43 23.72
C GLU G 137 17.58 56.20 24.88
N PHE G 138 16.30 55.93 25.15
CA PHE G 138 15.61 56.64 26.22
C PHE G 138 16.26 56.37 27.57
N ASN G 139 16.67 55.14 27.83
CA ASN G 139 17.26 54.80 29.12
C ASN G 139 18.59 55.51 29.32
N ILE G 140 19.42 55.58 28.29
CA ILE G 140 20.70 56.28 28.42
C ILE G 140 20.47 57.76 28.64
N GLN G 141 19.53 58.36 27.90
CA GLN G 141 19.18 59.76 28.15
C GLN G 141 18.73 59.96 29.59
N GLN G 142 17.96 59.01 30.13
CA GLN G 142 17.49 59.10 31.50
C GLN G 142 18.65 59.10 32.49
N ARG G 143 19.58 58.16 32.32
CA ARG G 143 20.73 58.10 33.22
C ARG G 143 21.53 59.39 33.19
N ASN G 144 21.77 59.93 32.00
CA ASN G 144 22.60 61.12 31.93
C ASN G 144 21.87 62.34 32.48
N GLU G 145 20.55 62.42 32.31
CA GLU G 145 19.81 63.51 32.94
C GLU G 145 19.83 63.37 34.46
N LYS G 146 19.83 62.13 34.98
CA LYS G 146 19.94 61.96 36.42
C LYS G 146 21.30 62.40 36.94
N LEU G 147 22.37 62.12 36.18
CA LEU G 147 23.69 62.60 36.60
C LEU G 147 23.77 64.12 36.57
N ASP G 148 23.24 64.75 35.52
CA ASP G 148 23.08 66.20 35.49
C ASP G 148 22.38 66.68 36.76
N TYR G 149 21.26 66.04 37.10
CA TYR G 149 20.51 66.39 38.30
C TYR G 149 21.38 66.37 39.54
N GLU G 150 22.11 65.27 39.74
CA GLU G 150 22.86 65.13 40.99
C GLU G 150 24.01 66.13 41.07
N ARG G 151 24.69 66.39 39.95
CA ARG G 151 25.79 67.36 40.01
C ARG G 151 25.27 68.76 40.25
N SER G 152 24.18 69.14 39.57
CA SER G 152 23.61 70.47 39.80
C SER G 152 23.13 70.60 41.24
N SER G 153 22.55 69.54 41.80
CA SER G 153 22.11 69.61 43.18
C SER G 153 23.28 69.70 44.15
N HIS G 154 24.41 69.07 43.82
CA HIS G 154 25.60 69.20 44.66
C HIS G 154 26.11 70.64 44.65
N LEU G 155 26.16 71.26 43.48
CA LEU G 155 26.60 72.65 43.42
C LEU G 155 25.62 73.56 44.15
N ASP G 156 24.32 73.28 44.05
CA ASP G 156 23.34 74.06 44.79
C ASP G 156 23.52 73.89 46.30
N ASN G 157 23.87 72.67 46.73
CA ASN G 157 24.13 72.44 48.15
C ASN G 157 25.32 73.25 48.63
N GLN G 158 26.40 73.25 47.85
CA GLN G 158 27.55 74.07 48.21
C GLN G 158 27.18 75.55 48.27
N ALA G 159 26.33 75.99 47.35
CA ALA G 159 25.90 77.39 47.34
C ALA G 159 25.12 77.74 48.61
N GLN G 160 24.14 76.90 48.96
CA GLN G 160 23.38 77.16 50.18
C GLN G 160 24.24 77.07 51.42
N ASN G 161 25.24 76.19 51.43
CA ASN G 161 26.12 76.10 52.59
C ASN G 161 26.96 77.35 52.74
N GLN G 162 27.52 77.87 51.64
CA GLN G 162 28.21 79.15 51.72
C GLN G 162 27.27 80.25 52.20
N TYR G 163 26.05 80.29 51.67
CA TYR G 163 25.11 81.34 52.05
C TYR G 163 24.77 81.27 53.54
N HIS G 164 24.67 80.06 54.08
CA HIS G 164 24.31 79.92 55.49
C HIS G 164 25.50 80.18 56.40
N ILE G 165 26.70 79.77 56.01
CA ILE G 165 27.85 79.91 56.90
C ILE G 165 28.37 81.34 56.91
N THR G 166 28.47 81.96 55.73
CA THR G 166 28.89 83.37 55.72
C THR G 166 27.83 84.29 56.31
N TYR G 167 26.70 83.76 56.77
CA TYR G 167 25.67 84.55 57.41
C TYR G 167 26.11 84.86 58.84
N CYS G 168 26.88 85.94 58.99
CA CYS G 168 27.30 86.41 60.30
C CYS G 168 26.19 87.22 60.93
N ASN G 169 25.69 86.74 62.07
CA ASN G 169 24.54 87.34 62.74
C ASN G 169 25.00 88.58 63.51
N THR G 170 24.12 89.07 64.39
CA THR G 170 24.41 90.22 65.24
C THR G 170 24.90 89.80 66.61
N ASN G 171 25.68 88.70 66.65
CA ASN G 171 26.32 88.27 67.89
C ASN G 171 27.01 89.43 68.60
N ASN G 172 27.85 90.15 67.87
CA ASN G 172 28.54 91.31 68.43
C ASN G 172 28.26 92.56 67.59
N MET H 1 23.04 28.22 23.77
CA MET H 1 22.13 27.36 24.51
C MET H 1 22.85 26.71 25.70
N ARG H 2 24.14 26.43 25.51
CA ARG H 2 24.98 25.86 26.54
C ARG H 2 26.01 26.88 26.98
N GLU H 3 26.26 26.95 28.29
CA GLU H 3 27.03 28.04 28.85
C GLU H 3 27.60 27.61 30.20
N VAL H 4 28.49 28.46 30.73
CA VAL H 4 29.12 28.22 32.02
C VAL H 4 28.98 29.47 32.87
N ILE H 5 28.87 29.28 34.18
CA ILE H 5 28.89 30.36 35.15
C ILE H 5 30.34 30.61 35.52
N SER H 6 30.67 31.86 35.83
CA SER H 6 32.02 32.24 36.21
C SER H 6 31.97 32.99 37.52
N ILE H 7 32.55 32.39 38.56
CA ILE H 7 32.61 32.99 39.87
C ILE H 7 34.07 33.30 40.20
N HIS H 8 34.31 34.47 40.79
CA HIS H 8 35.65 34.93 41.10
C HIS H 8 35.65 35.45 42.53
N VAL H 9 36.05 34.62 43.48
CA VAL H 9 36.07 35.01 44.89
C VAL H 9 37.51 35.11 45.34
N GLY H 10 37.76 36.03 46.26
CA GLY H 10 39.09 36.29 46.76
C GLY H 10 39.76 37.46 46.08
N GLN H 11 41.06 37.57 46.29
CA GLN H 11 41.84 38.62 45.65
C GLN H 11 42.47 38.14 44.34
N GLY H 12 43.29 37.09 44.42
CA GLY H 12 43.91 36.56 43.21
C GLY H 12 42.89 36.07 42.20
N GLY H 13 41.83 35.43 42.70
CA GLY H 13 40.76 35.01 41.82
C GLY H 13 40.20 36.16 41.00
N ILE H 14 40.00 37.32 41.62
CA ILE H 14 39.36 38.43 40.91
C ILE H 14 40.31 39.04 39.91
N GLN H 15 41.60 39.13 40.24
CA GLN H 15 42.57 39.68 39.29
C GLN H 15 42.72 38.76 38.07
N VAL H 16 42.88 37.46 38.32
CA VAL H 16 42.99 36.53 37.20
C VAL H 16 41.68 36.49 36.42
N GLY H 17 40.55 36.75 37.08
CA GLY H 17 39.29 36.82 36.36
C GLY H 17 39.19 38.07 35.51
N ASN H 18 39.74 39.17 35.99
CA ASN H 18 39.82 40.37 35.16
C ASN H 18 40.61 40.10 33.90
N ALA H 19 41.77 39.44 34.05
CA ALA H 19 42.56 39.09 32.87
C ALA H 19 41.78 38.14 31.96
N CYS H 20 41.09 37.15 32.55
CA CYS H 20 40.36 36.17 31.76
C CYS H 20 39.22 36.81 30.98
N TRP H 21 38.53 37.77 31.60
CA TRP H 21 37.45 38.43 30.90
C TRP H 21 37.98 39.38 29.84
N GLU H 22 39.15 39.99 30.07
CA GLU H 22 39.79 40.73 29.00
C GLU H 22 40.04 39.83 27.80
N LEU H 23 40.63 38.67 28.03
CA LEU H 23 40.89 37.74 26.93
C LEU H 23 39.61 37.30 26.23
N PHE H 24 38.55 37.05 27.01
CA PHE H 24 37.30 36.58 26.41
C PHE H 24 36.65 37.67 25.56
N CYS H 25 36.61 38.90 26.07
CA CYS H 25 36.11 40.00 25.26
C CYS H 25 36.96 40.21 24.01
N LEU H 26 38.26 39.93 24.10
CA LEU H 26 39.11 40.15 22.95
C LEU H 26 38.89 39.08 21.87
N GLU H 27 38.79 37.82 22.27
CA GLU H 27 38.73 36.73 21.30
C GLU H 27 37.49 36.84 20.41
N HIS H 28 36.31 36.79 21.02
CA HIS H 28 35.07 36.94 20.25
C HIS H 28 35.00 38.27 19.51
N GLY H 29 35.76 39.27 19.96
CA GLY H 29 35.74 40.58 19.33
C GLY H 29 34.75 41.50 19.99
N ILE H 30 34.76 41.55 21.31
CA ILE H 30 33.86 42.41 22.07
C ILE H 30 34.67 43.55 22.67
N GLN H 31 34.16 44.75 22.53
CA GLN H 31 34.86 45.91 23.01
C GLN H 31 34.55 46.17 24.47
N PRO H 32 35.45 46.83 25.19
CA PRO H 32 35.16 47.16 26.60
C PRO H 32 33.98 48.10 26.78
N ASP H 33 33.45 48.67 25.70
CA ASP H 33 32.25 49.48 25.75
C ASP H 33 30.99 48.64 25.86
N GLY H 34 31.11 47.32 25.72
CA GLY H 34 29.96 46.45 25.74
C GLY H 34 29.34 46.25 24.38
N GLN H 35 29.43 47.27 23.53
CA GLN H 35 28.89 47.19 22.18
C GLN H 35 29.79 46.35 21.29
N MET H 36 29.22 45.35 20.69
CA MET H 36 30.08 44.77 19.68
C MET H 36 29.89 45.49 18.36
N PRO H 37 30.90 45.47 17.47
CA PRO H 37 30.73 46.08 16.15
C PRO H 37 29.55 45.47 15.41
N ALA H 48 28.63 32.76 19.12
CA ALA H 48 29.55 32.01 19.97
C ALA H 48 29.56 32.46 21.42
N PHE H 49 29.12 33.69 21.73
CA PHE H 49 29.22 34.24 23.07
C PHE H 49 28.18 33.67 24.02
N ASN H 50 27.24 32.86 23.52
CA ASN H 50 26.21 32.27 24.39
C ASN H 50 26.84 31.53 25.57
N THR H 51 28.05 31.00 25.38
CA THR H 51 28.71 30.30 26.48
C THR H 51 29.06 31.26 27.62
N PHE H 52 29.44 32.48 27.28
CA PHE H 52 29.89 33.44 28.28
C PHE H 52 28.99 34.66 28.39
N PHE H 53 28.73 35.35 27.29
CA PHE H 53 28.01 36.61 27.35
C PHE H 53 26.50 36.38 27.29
N SER H 54 25.75 37.47 27.27
CA SER H 54 24.33 37.43 27.01
C SER H 54 23.90 38.77 26.42
N GLU H 55 23.22 38.72 25.29
CA GLU H 55 22.82 39.94 24.61
C GLU H 55 21.69 40.63 25.37
N THR H 56 21.78 41.96 25.47
CA THR H 56 20.82 42.74 26.23
C THR H 56 19.71 43.30 25.34
N GLY H 57 19.04 42.43 24.59
CA GLY H 57 17.93 42.87 23.78
C GLY H 57 18.35 43.65 22.54
N ALA H 58 19.22 44.64 22.72
CA ALA H 58 19.62 45.49 21.60
C ALA H 58 21.08 45.92 21.82
N GLY H 59 21.99 45.19 21.20
CA GLY H 59 23.39 45.61 21.12
C GLY H 59 24.31 45.16 22.23
N LYS H 60 24.16 45.73 23.43
CA LYS H 60 25.13 45.51 24.48
C LYS H 60 25.10 44.05 24.97
N HIS H 61 26.10 43.68 25.75
CA HIS H 61 26.22 42.34 26.29
C HIS H 61 26.60 42.41 27.77
N VAL H 62 25.95 41.56 28.56
CA VAL H 62 26.32 41.41 29.97
C VAL H 62 27.01 40.06 30.14
N PRO H 63 28.12 40.00 30.88
CA PRO H 63 28.81 38.73 31.10
C PRO H 63 28.24 37.98 32.29
N ARG H 64 28.13 36.66 32.13
CA ARG H 64 27.73 35.78 33.23
C ARG H 64 28.89 35.70 34.22
N ALA H 65 28.80 36.47 35.30
CA ALA H 65 29.89 36.51 36.26
C ALA H 65 29.40 37.15 37.55
N VAL H 66 29.99 36.72 38.66
CA VAL H 66 29.83 37.38 39.95
C VAL H 66 31.20 37.56 40.57
N PHE H 67 31.39 38.68 41.26
CA PHE H 67 32.67 39.04 41.87
C PHE H 67 32.45 39.22 43.37
N LEU H 68 32.89 38.24 44.15
CA LEU H 68 32.80 38.31 45.60
C LEU H 68 34.15 38.69 46.18
N ASP H 69 34.15 39.69 47.05
CA ASP H 69 35.31 40.01 47.86
C ASP H 69 34.87 40.98 48.94
N LEU H 70 35.32 40.74 50.17
CA LEU H 70 34.94 41.61 51.28
C LEU H 70 35.79 42.86 51.35
N GLU H 71 36.86 42.94 50.56
CA GLU H 71 37.66 44.15 50.49
C GLU H 71 37.25 44.97 49.26
N PRO H 72 36.85 46.23 49.43
CA PRO H 72 36.38 47.01 48.27
C PRO H 72 37.47 47.39 47.30
N THR H 73 38.74 47.30 47.68
CA THR H 73 39.80 47.97 46.92
C THR H 73 39.89 47.44 45.49
N VAL H 74 39.95 46.12 45.32
CA VAL H 74 40.06 45.57 43.97
C VAL H 74 38.75 45.72 43.23
N ILE H 75 37.63 45.55 43.93
CA ILE H 75 36.32 45.74 43.29
C ILE H 75 36.10 47.20 42.96
N ASP H 76 36.57 48.11 43.81
CA ASP H 76 36.55 49.53 43.44
C ASP H 76 37.39 49.78 42.20
N GLU H 77 38.55 49.13 42.11
CA GLU H 77 39.40 49.30 40.94
C GLU H 77 38.68 48.85 39.68
N VAL H 78 38.05 47.67 39.72
CA VAL H 78 37.36 47.18 38.52
C VAL H 78 36.13 48.03 38.24
N ARG H 79 35.53 48.62 39.26
CA ARG H 79 34.42 49.53 39.04
C ARG H 79 34.87 50.86 38.46
N THR H 80 36.16 51.19 38.60
CA THR H 80 36.70 52.41 38.02
C THR H 80 37.90 52.12 37.12
N GLY H 81 38.02 50.90 36.64
CA GLY H 81 39.05 50.53 35.70
C GLY H 81 38.64 50.77 34.26
N THR H 82 39.21 49.98 33.36
CA THR H 82 38.88 50.10 31.94
C THR H 82 37.62 49.33 31.56
N TYR H 83 37.09 48.50 32.46
CA TYR H 83 35.92 47.68 32.16
C TYR H 83 34.72 48.09 33.02
N ARG H 84 34.64 49.37 33.35
CA ARG H 84 33.54 49.84 34.19
C ARG H 84 32.19 49.73 33.50
N GLN H 85 32.17 49.67 32.16
CA GLN H 85 30.94 49.71 31.41
C GLN H 85 30.37 48.33 31.09
N LEU H 86 31.19 47.29 31.13
CA LEU H 86 30.77 45.96 30.70
C LEU H 86 29.87 45.28 31.71
N PHE H 87 30.39 45.05 32.92
CA PHE H 87 29.71 44.22 33.90
C PHE H 87 28.41 44.86 34.35
N HIS H 88 27.55 44.04 34.93
CA HIS H 88 26.32 44.57 35.49
C HIS H 88 26.60 45.23 36.84
N PRO H 89 26.00 46.38 37.12
CA PRO H 89 26.34 47.11 38.35
C PRO H 89 25.96 46.37 39.63
N GLU H 90 25.31 45.22 39.54
CA GLU H 90 25.00 44.43 40.73
C GLU H 90 25.89 43.20 40.87
N GLN H 91 26.44 42.68 39.77
CA GLN H 91 27.33 41.52 39.81
C GLN H 91 28.73 41.88 40.28
N LEU H 92 28.91 43.05 40.87
CA LEU H 92 30.16 43.44 41.50
C LEU H 92 29.87 43.67 42.98
N ILE H 93 29.90 42.58 43.74
CA ILE H 93 29.48 42.58 45.14
C ILE H 93 30.70 42.76 46.01
N SER H 94 30.71 43.82 46.81
CA SER H 94 31.86 44.18 47.63
C SER H 94 31.46 44.27 49.09
N GLY H 95 32.31 43.72 49.96
CA GLY H 95 32.16 43.88 51.38
C GLY H 95 32.83 45.14 51.87
N LYS H 96 32.99 45.24 53.19
CA LYS H 96 33.56 46.43 53.81
C LYS H 96 34.78 46.18 54.67
N GLU H 97 35.16 44.93 54.91
CA GLU H 97 36.31 44.63 55.74
C GLU H 97 37.16 43.53 55.11
N ASP H 98 38.45 43.54 55.44
CA ASP H 98 39.37 42.55 54.91
C ASP H 98 39.09 41.18 55.51
N ALA H 99 39.64 40.16 54.85
CA ALA H 99 39.52 38.80 55.36
C ALA H 99 40.57 38.51 56.41
N ALA H 100 41.75 39.15 56.29
CA ALA H 100 42.80 39.05 57.30
C ALA H 100 43.34 37.63 57.42
N ASN H 101 43.21 36.84 56.35
CA ASN H 101 43.89 35.56 56.21
C ASN H 101 43.56 34.56 57.31
N ASN H 102 42.53 34.82 58.11
CA ASN H 102 42.05 33.85 59.08
C ASN H 102 40.72 33.28 58.58
N PHE H 103 40.76 32.01 58.17
CA PHE H 103 39.67 31.39 57.43
C PHE H 103 38.32 31.63 58.08
N ALA H 104 38.27 31.63 59.42
CA ALA H 104 37.00 31.78 60.12
C ALA H 104 36.34 33.12 59.82
N ARG H 105 37.12 34.14 59.47
CA ARG H 105 36.56 35.46 59.22
C ARG H 105 35.65 35.48 58.01
N GLY H 106 35.97 34.72 56.97
CA GLY H 106 35.18 34.76 55.76
C GLY H 106 34.28 33.56 55.60
N HIS H 107 34.12 32.79 56.67
CA HIS H 107 33.32 31.58 56.62
C HIS H 107 32.35 31.42 57.78
N TYR H 108 32.52 32.14 58.88
CA TYR H 108 31.57 32.06 59.98
C TYR H 108 30.96 33.40 60.35
N THR H 109 31.78 34.43 60.54
CA THR H 109 31.26 35.69 61.09
C THR H 109 30.61 36.56 60.02
N ILE H 110 31.38 36.99 59.03
CA ILE H 110 30.83 37.85 57.99
C ILE H 110 30.41 37.02 56.78
N GLY H 111 30.97 35.82 56.62
CA GLY H 111 30.56 34.96 55.52
C GLY H 111 29.07 34.69 55.51
N LYS H 112 28.43 34.74 56.68
CA LYS H 112 26.99 34.57 56.73
C LYS H 112 26.24 35.79 56.20
N GLU H 113 26.94 36.89 55.94
CA GLU H 113 26.29 38.13 55.57
C GLU H 113 26.13 38.29 54.07
N ILE H 114 27.15 37.94 53.29
CA ILE H 114 27.14 38.23 51.86
C ILE H 114 26.87 37.00 50.99
N VAL H 115 27.07 35.79 51.52
CA VAL H 115 26.92 34.60 50.69
C VAL H 115 25.47 34.41 50.29
N ASP H 116 24.52 34.84 51.13
CA ASP H 116 23.13 34.77 50.74
C ASP H 116 22.84 35.70 49.56
N LEU H 117 23.46 36.88 49.55
CA LEU H 117 23.33 37.77 48.39
C LEU H 117 23.95 37.13 47.16
N CYS H 118 25.09 36.46 47.32
CA CYS H 118 25.67 35.74 46.19
C CYS H 118 24.73 34.68 45.66
N LEU H 119 24.07 33.95 46.55
CA LEU H 119 23.16 32.90 46.10
C LEU H 119 21.95 33.50 45.39
N ASP H 120 21.44 34.63 45.89
CA ASP H 120 20.37 35.34 45.20
C ASP H 120 20.80 35.71 43.79
N ARG H 121 21.97 36.33 43.65
CA ARG H 121 22.42 36.78 42.34
C ARG H 121 22.68 35.59 41.42
N ILE H 122 23.25 34.51 41.94
CA ILE H 122 23.52 33.33 41.14
C ILE H 122 22.23 32.70 40.65
N ARG H 123 21.21 32.64 41.52
CA ARG H 123 19.92 32.13 41.11
C ARG H 123 19.32 32.97 40.00
N LYS H 124 19.33 34.30 40.18
CA LYS H 124 18.76 35.19 39.17
C LYS H 124 19.57 35.18 37.87
N LEU H 125 20.84 34.79 37.93
CA LEU H 125 21.66 34.70 36.74
C LEU H 125 21.50 33.36 36.04
N ALA H 126 21.17 32.30 36.79
CA ALA H 126 20.99 30.99 36.18
C ALA H 126 19.59 30.82 35.62
N ASP H 127 18.58 31.47 36.21
CA ASP H 127 17.23 31.36 35.66
C ASP H 127 17.15 31.85 34.21
N ASN H 128 17.97 32.84 33.86
CA ASN H 128 18.00 33.35 32.49
C ASN H 128 18.90 32.53 31.58
N CYS H 129 19.19 31.29 31.96
CA CYS H 129 19.95 30.36 31.14
C CYS H 129 19.13 29.10 30.92
N THR H 130 19.50 28.34 29.89
CA THR H 130 18.73 27.15 29.52
C THR H 130 19.54 25.86 29.68
N GLY H 131 20.71 25.78 29.06
CA GLY H 131 21.50 24.57 29.09
C GLY H 131 22.79 24.70 29.88
N LEU H 132 22.73 25.38 31.03
CA LEU H 132 23.90 25.54 31.87
C LEU H 132 24.52 24.18 32.17
N GLN H 133 25.85 24.14 32.20
CA GLN H 133 26.59 22.90 32.37
C GLN H 133 27.35 22.85 33.69
N GLY H 134 28.22 23.83 33.95
CA GLY H 134 29.04 23.75 35.15
C GLY H 134 29.28 25.06 35.86
N PHE H 135 30.34 25.11 36.66
CA PHE H 135 30.75 26.29 37.39
C PHE H 135 32.27 26.36 37.40
N LEU H 136 32.81 27.54 37.17
CA LEU H 136 34.26 27.76 37.14
C LEU H 136 34.60 28.81 38.18
N VAL H 137 34.83 28.38 39.41
CA VAL H 137 35.18 29.30 40.48
C VAL H 137 36.69 29.52 40.46
N PHE H 138 37.11 30.69 40.94
CA PHE H 138 38.50 31.11 40.88
C PHE H 138 38.87 31.73 42.22
N ASN H 139 39.76 31.08 42.95
CA ASN H 139 40.09 31.54 44.29
C ASN H 139 41.44 31.01 44.75
N SER H 140 42.31 31.92 45.19
CA SER H 140 43.50 31.50 45.91
C SER H 140 43.09 30.91 47.25
N VAL H 141 43.77 29.84 47.65
CA VAL H 141 43.40 29.15 48.88
C VAL H 141 44.10 29.81 50.04
N GLY H 142 45.28 30.40 49.78
CA GLY H 142 46.02 31.06 50.84
C GLY H 142 45.32 32.26 51.41
N GLY H 143 44.48 32.91 50.62
CA GLY H 143 43.77 34.08 51.09
C GLY H 143 42.78 33.75 52.18
N GLY H 144 42.17 34.81 52.72
CA GLY H 144 41.17 34.66 53.75
C GLY H 144 39.79 34.42 53.16
N THR H 145 39.33 35.34 52.31
CA THR H 145 38.03 35.18 51.67
C THR H 145 38.08 34.23 50.49
N GLY H 146 39.23 34.08 49.85
CA GLY H 146 39.40 33.07 48.82
C GLY H 146 39.28 31.65 49.31
N SER H 147 39.31 31.45 50.63
CA SER H 147 39.09 30.14 51.24
C SER H 147 37.77 30.06 51.99
N GLY H 148 37.54 30.98 52.92
CA GLY H 148 36.32 30.98 53.70
C GLY H 148 35.08 31.16 52.85
N LEU H 149 34.96 32.34 52.23
CA LEU H 149 33.78 32.63 51.42
C LEU H 149 33.67 31.66 50.25
N GLY H 150 34.79 31.27 49.67
CA GLY H 150 34.75 30.30 48.59
C GLY H 150 34.15 28.97 49.03
N SER H 151 34.61 28.46 50.17
CA SER H 151 34.09 27.19 50.66
C SER H 151 32.61 27.30 51.02
N LEU H 152 32.22 28.41 51.66
CA LEU H 152 30.81 28.58 52.00
C LEU H 152 29.94 28.61 50.75
N LEU H 153 30.37 29.36 49.73
CA LEU H 153 29.64 29.41 48.48
C LEU H 153 29.57 28.04 47.82
N LEU H 154 30.66 27.28 47.87
CA LEU H 154 30.66 25.95 47.27
C LEU H 154 29.67 25.02 47.98
N GLU H 155 29.63 25.09 49.31
CA GLU H 155 28.64 24.30 50.04
C GLU H 155 27.23 24.71 49.66
N ARG H 156 26.99 26.02 49.54
CA ARG H 156 25.65 26.48 49.17
C ARG H 156 25.26 25.96 47.80
N LEU H 157 26.16 26.05 46.83
CA LEU H 157 25.85 25.58 45.48
C LEU H 157 25.65 24.07 45.45
N SER H 158 26.43 23.33 46.23
CA SER H 158 26.26 21.88 46.27
C SER H 158 24.89 21.50 46.82
N VAL H 159 24.51 22.12 47.94
CA VAL H 159 23.20 21.79 48.51
C VAL H 159 22.07 22.34 47.64
N ASP H 160 22.38 23.29 46.75
CA ASP H 160 21.34 23.92 45.93
C ASP H 160 21.09 23.17 44.62
N TYR H 161 22.12 23.05 43.78
CA TYR H 161 21.94 22.55 42.42
C TYR H 161 22.19 21.05 42.31
N GLY H 162 23.40 20.60 42.63
CA GLY H 162 23.68 19.18 42.59
C GLY H 162 24.36 18.69 41.32
N LYS H 163 23.58 18.14 40.40
CA LYS H 163 24.14 17.44 39.24
C LYS H 163 25.08 18.33 38.43
N LYS H 164 24.94 19.65 38.53
CA LYS H 164 25.79 20.55 37.77
C LYS H 164 27.25 20.38 38.19
N SER H 165 28.11 20.15 37.20
CA SER H 165 29.54 20.01 37.48
C SER H 165 30.10 21.28 38.10
N LYS H 166 31.26 21.14 38.73
CA LYS H 166 31.93 22.27 39.37
C LYS H 166 33.44 22.06 39.24
N LEU H 167 34.13 23.02 38.65
CA LEU H 167 35.57 22.93 38.41
C LEU H 167 36.23 24.23 38.85
N GLY H 168 36.86 24.21 40.02
CA GLY H 168 37.62 25.35 40.46
C GLY H 168 38.97 25.42 39.78
N PHE H 169 39.60 26.59 39.90
CA PHE H 169 40.98 26.78 39.46
C PHE H 169 41.68 27.54 40.58
N THR H 170 42.21 26.81 41.55
CA THR H 170 42.76 27.38 42.76
C THR H 170 44.25 27.64 42.62
N ILE H 171 44.70 28.71 43.28
CA ILE H 171 46.12 29.09 43.27
C ILE H 171 46.70 28.61 44.58
N TYR H 172 47.26 27.40 44.57
CA TYR H 172 47.87 26.87 45.79
C TYR H 172 49.22 27.55 46.05
N PRO H 173 49.55 27.79 47.31
CA PRO H 173 50.84 28.40 47.63
C PRO H 173 52.00 27.53 47.20
N SER H 174 53.06 28.18 46.74
CA SER H 174 54.27 27.47 46.39
C SER H 174 54.90 26.83 47.62
N PRO H 175 55.62 25.72 47.45
CA PRO H 175 56.33 25.13 48.59
C PRO H 175 57.53 25.95 49.05
N GLN H 176 58.01 26.88 48.24
CA GLN H 176 59.17 27.70 48.60
C GLN H 176 58.83 29.17 48.76
N VAL H 177 58.24 29.79 47.73
CA VAL H 177 57.90 31.21 47.81
C VAL H 177 56.74 31.40 48.77
N SER H 178 56.82 32.46 49.58
CA SER H 178 55.82 32.74 50.59
C SER H 178 55.35 34.18 50.48
N THR H 179 54.02 34.36 50.39
CA THR H 179 53.42 35.69 50.43
C THR H 179 52.60 35.90 51.69
N ALA H 180 52.53 34.91 52.57
CA ALA H 180 51.90 35.05 53.87
C ALA H 180 52.56 34.05 54.81
N VAL H 181 52.20 34.15 56.09
CA VAL H 181 52.79 33.28 57.11
C VAL H 181 51.78 32.32 57.70
N VAL H 182 50.52 32.40 57.31
CA VAL H 182 49.48 31.52 57.82
C VAL H 182 48.79 30.77 56.68
N GLU H 183 49.49 30.60 55.56
CA GLU H 183 48.95 29.82 54.44
C GLU H 183 48.58 28.40 54.83
N PRO H 184 49.41 27.63 55.57
CA PRO H 184 49.01 26.27 55.92
C PRO H 184 47.63 26.16 56.55
N TYR H 185 47.30 27.03 57.48
CA TYR H 185 46.04 26.93 58.21
C TYR H 185 44.83 27.05 57.28
N ASN H 186 44.68 28.23 56.68
CA ASN H 186 43.54 28.51 55.83
C ASN H 186 43.67 27.89 54.45
N SER H 187 44.71 27.08 54.22
CA SER H 187 44.73 26.21 53.06
C SER H 187 44.24 24.82 53.39
N ILE H 188 44.68 24.27 54.52
CA ILE H 188 44.16 22.98 54.98
C ILE H 188 42.66 23.05 55.17
N LEU H 189 42.17 24.15 55.75
CA LEU H 189 40.74 24.25 56.02
C LEU H 189 39.94 24.23 54.72
N SER H 190 40.31 25.07 53.76
CA SER H 190 39.58 25.11 52.50
C SER H 190 39.75 23.82 51.71
N THR H 191 40.90 23.15 51.84
CA THR H 191 41.07 21.87 51.17
C THR H 191 40.10 20.83 51.74
N HIS H 192 40.02 20.75 53.07
CA HIS H 192 39.09 19.81 53.68
C HIS H 192 37.64 20.15 53.34
N SER H 193 37.34 21.43 53.14
CA SER H 193 35.99 21.78 52.73
C SER H 193 35.71 21.39 51.29
N LEU H 194 36.63 21.71 50.38
CA LEU H 194 36.45 21.50 48.95
C LEU H 194 36.65 20.05 48.52
N LEU H 195 37.16 19.20 49.42
CA LEU H 195 37.46 17.82 49.05
C LEU H 195 36.27 17.10 48.43
N GLU H 196 35.07 17.34 48.95
CA GLU H 196 33.89 16.59 48.52
C GLU H 196 32.91 17.45 47.72
N HIS H 197 33.20 18.72 47.50
CA HIS H 197 32.27 19.62 46.82
C HIS H 197 32.61 19.83 45.36
N THR H 198 33.82 20.30 45.05
CA THR H 198 34.22 20.60 43.69
C THR H 198 34.74 19.32 43.05
N ASP H 199 34.10 18.91 41.95
CA ASP H 199 34.41 17.62 41.35
C ASP H 199 35.81 17.56 40.78
N VAL H 200 36.31 18.67 40.24
CA VAL H 200 37.61 18.69 39.56
C VAL H 200 38.34 19.96 39.97
N ALA H 201 39.32 19.83 40.86
CA ALA H 201 40.10 20.96 41.35
C ALA H 201 41.47 20.91 40.69
N VAL H 202 41.74 21.85 39.80
CA VAL H 202 43.04 21.90 39.11
C VAL H 202 44.00 22.73 39.95
N MET H 203 45.02 22.08 40.48
CA MET H 203 46.04 22.78 41.27
C MET H 203 46.90 23.63 40.36
N LEU H 204 46.73 24.95 40.44
CA LEU H 204 47.57 25.90 39.71
C LEU H 204 48.52 26.55 40.71
N ASP H 205 49.81 26.25 40.59
CA ASP H 205 50.78 26.88 41.47
C ASP H 205 51.11 28.28 40.97
N ASN H 206 51.86 29.03 41.79
CA ASN H 206 52.25 30.38 41.44
C ASN H 206 53.76 30.55 41.28
N GLU H 207 54.55 29.56 41.66
CA GLU H 207 56.00 29.68 41.51
C GLU H 207 56.46 29.17 40.15
N ALA H 208 56.12 27.94 39.80
CA ALA H 208 56.62 27.34 38.57
C ALA H 208 56.33 28.21 37.35
N ILE H 209 55.26 29.00 37.40
CA ILE H 209 54.99 29.94 36.31
C ILE H 209 56.10 30.97 36.20
N TYR H 210 56.73 31.33 37.32
CA TYR H 210 57.82 32.30 37.27
C TYR H 210 59.03 31.75 36.53
N ASP H 211 59.47 30.54 36.91
CA ASP H 211 60.57 29.93 36.18
C ASP H 211 60.19 29.62 34.74
N ILE H 212 58.90 29.40 34.48
CA ILE H 212 58.42 29.22 33.11
C ILE H 212 58.64 30.49 32.30
N CYS H 213 58.07 31.60 32.77
CA CYS H 213 58.20 32.88 32.08
C CYS H 213 59.61 33.45 32.16
N ARG H 214 60.51 32.83 32.92
CA ARG H 214 61.92 33.20 32.87
C ARG H 214 62.73 32.31 31.93
N ARG H 215 62.28 31.08 31.69
CA ARG H 215 62.99 30.19 30.79
C ARG H 215 62.49 30.25 29.36
N ASN H 216 61.22 30.59 29.16
CA ASN H 216 60.62 30.63 27.82
C ASN H 216 60.42 32.05 27.32
N LEU H 217 59.67 32.86 28.05
CA LEU H 217 59.45 34.24 27.64
C LEU H 217 60.68 35.11 27.86
N ASP H 218 61.66 34.62 28.61
CA ASP H 218 62.97 35.24 28.82
C ASP H 218 62.89 36.59 29.50
N ILE H 219 61.73 36.98 30.02
CA ILE H 219 61.64 38.18 30.84
C ILE H 219 62.09 37.85 32.26
N GLU H 220 62.96 38.69 32.82
CA GLU H 220 63.62 38.38 34.07
C GLU H 220 62.80 38.76 35.30
N ARG H 221 62.05 39.87 35.23
CA ARG H 221 61.33 40.41 36.38
C ARG H 221 59.83 40.36 36.09
N PRO H 222 59.20 39.20 36.25
CA PRO H 222 57.78 39.08 35.92
C PRO H 222 56.88 39.58 37.05
N THR H 223 55.66 39.93 36.66
CA THR H 223 54.68 40.50 37.58
C THR H 223 53.38 39.72 37.44
N TYR H 224 52.60 39.71 38.53
CA TYR H 224 51.34 38.98 38.64
C TYR H 224 50.45 39.07 37.39
N THR H 225 50.46 40.22 36.72
CA THR H 225 49.60 40.40 35.56
C THR H 225 49.94 39.39 34.46
N ASN H 226 51.22 39.10 34.27
CA ASN H 226 51.62 38.08 33.30
C ASN H 226 51.08 36.72 33.71
N LEU H 227 51.17 36.40 34.99
CA LEU H 227 50.64 35.13 35.49
C LEU H 227 49.16 35.03 35.18
N ASN H 228 48.42 36.11 35.43
CA ASN H 228 46.98 36.09 35.20
C ASN H 228 46.66 35.96 33.72
N ARG H 229 47.43 36.63 32.86
CA ARG H 229 47.21 36.47 31.43
C ARG H 229 47.44 35.03 30.99
N LEU H 230 48.47 34.38 31.54
CA LEU H 230 48.73 32.99 31.15
C LEU H 230 47.63 32.06 31.63
N ILE H 231 47.13 32.28 32.86
CA ILE H 231 46.02 31.47 33.34
C ILE H 231 44.78 31.72 32.49
N ALA H 232 44.57 32.97 32.08
CA ALA H 232 43.47 33.28 31.18
C ALA H 232 43.60 32.52 29.87
N GLN H 233 44.83 32.44 29.34
CA GLN H 233 45.06 31.69 28.12
C GLN H 233 44.69 30.22 28.31
N VAL H 234 45.08 29.64 29.45
CA VAL H 234 44.73 28.25 29.71
C VAL H 234 43.22 28.07 29.76
N ILE H 235 42.52 28.98 30.45
CA ILE H 235 41.08 28.86 30.60
C ILE H 235 40.38 28.97 29.25
N SER H 236 40.84 29.91 28.40
CA SER H 236 40.24 30.05 27.09
C SER H 236 40.51 28.82 26.22
N SER H 237 41.75 28.31 26.28
CA SER H 237 42.07 27.09 25.54
C SER H 237 41.24 25.91 26.02
N LEU H 238 40.80 25.94 27.28
CA LEU H 238 39.90 24.90 27.77
C LEU H 238 38.50 25.06 27.20
N THR H 239 37.90 26.23 27.41
CA THR H 239 36.50 26.44 27.05
C THR H 239 36.26 26.59 25.56
N ALA H 240 37.32 26.67 24.74
CA ALA H 240 37.13 26.84 23.31
C ALA H 240 36.27 25.75 22.67
N SER H 241 36.18 24.56 23.28
CA SER H 241 35.40 23.49 22.66
C SER H 241 33.92 23.82 22.65
N LEU H 242 33.37 24.18 23.81
CA LEU H 242 31.97 24.63 23.84
C LEU H 242 31.82 25.96 23.13
N ARG H 243 32.82 26.83 23.21
CA ARG H 243 32.74 28.13 22.55
C ARG H 243 32.64 27.97 21.04
N PHE H 244 33.60 27.29 20.44
CA PHE H 244 33.76 27.25 18.99
C PHE H 244 33.45 25.86 18.45
N ASP H 245 33.69 25.68 17.15
CA ASP H 245 33.52 24.40 16.50
C ASP H 245 34.87 23.70 16.37
N GLY H 246 34.84 22.46 15.90
CA GLY H 246 36.06 21.68 15.78
C GLY H 246 35.75 20.25 15.41
N ALA H 247 36.84 19.51 15.17
CA ALA H 247 36.72 18.12 14.75
C ALA H 247 36.34 17.20 15.91
N LEU H 248 36.77 17.51 17.13
CA LEU H 248 36.45 16.72 18.31
C LEU H 248 36.01 17.67 19.41
N ASN H 249 34.72 17.98 19.44
CA ASN H 249 34.19 18.80 20.52
C ASN H 249 34.17 18.02 21.81
N VAL H 250 34.64 18.65 22.89
CA VAL H 250 34.63 18.06 24.22
C VAL H 250 34.00 19.06 25.18
N ASP H 251 32.78 18.75 25.63
CA ASP H 251 32.07 19.64 26.54
C ASP H 251 32.77 19.68 27.89
N ILE H 252 32.24 20.48 28.80
CA ILE H 252 32.84 20.58 30.13
C ILE H 252 32.53 19.33 30.94
N THR H 253 31.33 18.77 30.78
CA THR H 253 30.96 17.55 31.47
C THR H 253 31.78 16.37 30.99
N GLU H 254 32.62 16.59 29.99
CA GLU H 254 33.59 15.58 29.59
C GLU H 254 34.67 15.42 30.64
N PHE H 255 35.21 16.54 31.13
CA PHE H 255 36.39 16.50 31.99
C PHE H 255 36.15 15.65 33.22
N GLN H 256 35.15 16.01 34.02
CA GLN H 256 34.88 15.31 35.27
C GLN H 256 34.41 13.88 35.00
N THR H 257 34.34 13.48 33.74
CA THR H 257 34.01 12.11 33.39
C THR H 257 35.22 11.27 33.04
N ASN H 258 36.28 11.89 32.53
CA ASN H 258 37.46 11.15 32.10
C ASN H 258 38.54 11.09 33.17
N LEU H 259 38.67 12.12 33.98
CA LEU H 259 39.87 12.33 34.79
C LEU H 259 39.60 12.21 36.29
N VAL H 260 38.52 11.51 36.68
CA VAL H 260 38.22 11.35 38.10
C VAL H 260 38.10 9.86 38.39
N PRO H 261 39.22 9.15 38.60
CA PRO H 261 39.13 7.70 38.84
C PRO H 261 38.34 7.36 40.09
N TYR H 262 38.61 8.02 41.20
CA TYR H 262 37.90 7.79 42.44
C TYR H 262 37.36 9.11 42.96
N PRO H 263 36.13 9.14 43.47
CA PRO H 263 35.46 10.43 43.74
C PRO H 263 36.22 11.33 44.70
N ARG H 264 37.27 10.84 45.34
CA ARG H 264 38.04 11.65 46.28
C ARG H 264 39.33 12.18 45.70
N ILE H 265 39.98 11.46 44.81
CA ILE H 265 41.27 11.86 44.25
C ILE H 265 41.01 12.52 42.90
N HIS H 266 41.02 13.85 42.90
CA HIS H 266 40.73 14.60 41.68
C HIS H 266 41.61 15.84 41.54
N PHE H 267 42.72 15.92 42.26
CA PHE H 267 43.54 17.12 42.28
C PHE H 267 44.55 17.03 41.15
N MET H 268 44.25 17.72 40.05
CA MET H 268 45.01 17.60 38.81
C MET H 268 45.88 18.83 38.60
N LEU H 269 46.99 18.62 37.90
CA LEU H 269 47.89 19.72 37.54
C LEU H 269 47.86 19.91 36.02
N SER H 270 48.02 21.16 35.60
CA SER H 270 47.85 21.53 34.20
C SER H 270 49.19 21.81 33.54
N SER H 271 49.12 22.07 32.24
CA SER H 271 50.28 22.51 31.47
C SER H 271 49.80 23.10 30.17
N TYR H 272 50.59 24.02 29.62
CA TYR H 272 50.19 24.77 28.44
C TYR H 272 51.39 24.95 27.52
N ALA H 273 51.12 24.92 26.22
CA ALA H 273 52.14 25.13 25.21
C ALA H 273 51.46 25.59 23.94
N PRO H 274 52.16 26.32 23.06
CA PRO H 274 53.54 26.76 23.19
C PRO H 274 53.63 28.05 23.97
N ILE H 275 54.69 28.18 24.75
CA ILE H 275 54.95 29.35 25.57
C ILE H 275 56.29 29.90 25.12
N ILE H 276 56.27 30.90 24.26
CA ILE H 276 57.47 31.45 23.66
C ILE H 276 57.21 32.88 23.22
N SER H 277 58.16 33.76 23.51
CA SER H 277 58.06 35.16 23.10
C SER H 277 58.55 35.30 21.65
N ALA H 278 58.65 36.53 21.17
CA ALA H 278 58.86 36.76 19.74
C ALA H 278 60.29 36.52 19.30
N GLU H 279 61.26 36.57 20.21
CA GLU H 279 62.67 36.56 19.81
C GLU H 279 63.03 35.28 19.09
N LYS H 280 62.56 34.14 19.59
CA LYS H 280 62.83 32.85 18.94
C LYS H 280 61.61 32.29 18.21
N ALA H 281 60.50 33.02 18.19
CA ALA H 281 59.27 32.52 17.57
C ALA H 281 59.51 32.12 16.12
N TYR H 282 60.06 33.03 15.32
CA TYR H 282 60.37 32.69 13.94
C TYR H 282 61.51 31.68 13.85
N HIS H 283 62.42 31.70 14.82
CA HIS H 283 63.54 30.76 14.81
C HIS H 283 63.05 29.32 14.98
N GLU H 284 62.37 29.04 16.09
CA GLU H 284 61.95 27.67 16.37
C GLU H 284 60.82 27.27 15.44
N GLN H 285 60.74 25.96 15.18
CA GLN H 285 59.78 25.45 14.20
C GLN H 285 58.41 25.20 14.83
N LEU H 286 58.40 24.69 16.07
CA LEU H 286 57.16 24.37 16.80
C LEU H 286 56.31 23.35 16.03
N SER H 287 56.92 22.20 15.78
CA SER H 287 56.19 21.10 15.17
C SER H 287 55.25 20.45 16.19
N VAL H 288 54.22 19.79 15.67
CA VAL H 288 53.26 19.11 16.53
C VAL H 288 53.97 18.13 17.45
N ALA H 289 54.90 17.34 16.90
CA ALA H 289 55.69 16.43 17.72
C ALA H 289 56.45 17.19 18.79
N GLU H 290 57.16 18.25 18.40
CA GLU H 290 57.97 18.98 19.38
C GLU H 290 57.10 19.77 20.35
N ILE H 291 55.93 20.25 19.91
CA ILE H 291 55.08 21.00 20.83
C ILE H 291 54.49 20.06 21.88
N THR H 292 54.07 18.85 21.47
CA THR H 292 53.57 17.91 22.46
C THR H 292 54.70 17.28 23.28
N ASN H 293 55.94 17.35 22.79
CA ASN H 293 57.08 16.94 23.61
C ASN H 293 57.38 17.98 24.68
N SER H 294 57.35 19.26 24.31
CA SER H 294 57.51 20.32 25.30
C SER H 294 56.37 20.34 26.29
N ALA H 295 55.18 19.89 25.88
CA ALA H 295 54.05 19.86 26.80
C ALA H 295 54.28 18.90 27.96
N PHE H 296 55.12 17.88 27.76
CA PHE H 296 55.32 16.83 28.75
C PHE H 296 56.59 16.97 29.56
N GLU H 297 57.51 17.83 29.17
CA GLU H 297 58.75 17.99 29.90
C GLU H 297 58.45 18.55 31.29
N PRO H 298 59.04 18.00 32.36
CA PRO H 298 58.72 18.45 33.72
C PRO H 298 59.14 19.88 34.02
N ALA H 299 59.73 20.61 33.07
CA ALA H 299 60.16 21.96 33.36
C ALA H 299 58.97 22.91 33.38
N ASN H 300 57.95 22.65 32.58
CA ASN H 300 56.86 23.61 32.40
C ASN H 300 55.50 23.07 32.83
N MET H 301 55.44 22.43 33.99
CA MET H 301 54.18 22.08 34.62
C MET H 301 53.85 23.16 35.66
N MET H 302 52.63 23.71 35.56
CA MET H 302 52.27 24.86 36.40
C MET H 302 52.43 24.54 37.88
N ALA H 303 52.01 23.35 38.30
CA ALA H 303 52.25 22.94 39.68
C ALA H 303 53.74 22.61 39.86
N LYS H 304 54.28 22.99 41.00
CA LYS H 304 55.70 22.74 41.28
C LYS H 304 55.84 21.27 41.69
N CYS H 305 56.01 20.42 40.69
CA CYS H 305 56.18 18.99 40.91
C CYS H 305 57.04 18.43 39.79
N ASP H 306 57.78 17.36 40.11
CA ASP H 306 58.48 16.58 39.11
C ASP H 306 57.61 15.38 38.78
N PRO H 307 56.87 15.40 37.66
CA PRO H 307 55.96 14.29 37.34
C PRO H 307 56.63 12.93 37.35
N ARG H 308 57.95 12.89 37.18
CA ARG H 308 58.66 11.63 37.21
C ARG H 308 58.59 10.95 38.57
N HIS H 309 58.39 11.71 39.65
CA HIS H 309 58.28 11.12 40.97
C HIS H 309 57.17 10.09 41.03
N GLY H 310 56.01 10.40 40.49
CA GLY H 310 54.87 9.51 40.57
C GLY H 310 54.57 8.89 39.22
N LYS H 311 53.30 8.56 39.03
CA LYS H 311 52.83 7.94 37.80
C LYS H 311 51.49 8.55 37.44
N TYR H 312 51.33 8.93 36.17
CA TYR H 312 50.09 9.57 35.76
C TYR H 312 48.92 8.61 35.88
N MET H 313 47.72 9.19 35.86
CA MET H 313 46.50 8.39 35.92
C MET H 313 45.55 8.79 34.80
N ALA H 314 45.59 10.05 34.38
CA ALA H 314 44.75 10.49 33.28
C ALA H 314 45.34 11.75 32.67
N CYS H 315 45.24 11.87 31.35
CA CYS H 315 45.78 13.01 30.63
C CYS H 315 44.79 13.46 29.56
N SER H 316 44.25 14.66 29.71
CA SER H 316 43.38 15.25 28.72
C SER H 316 44.15 16.32 27.96
N MET H 317 44.33 16.10 26.66
CA MET H 317 45.07 17.01 25.80
C MET H 317 44.10 17.66 24.82
N MET H 318 44.02 18.98 24.86
CA MET H 318 43.15 19.74 23.98
C MET H 318 44.01 20.54 23.02
N TYR H 319 43.91 20.21 21.74
CA TYR H 319 44.57 20.89 20.65
C TYR H 319 43.63 21.92 20.05
N ARG H 320 44.16 23.08 19.70
CA ARG H 320 43.39 24.08 18.99
C ARG H 320 44.25 24.70 17.90
N GLY H 321 43.61 25.07 16.81
CA GLY H 321 44.28 25.60 15.65
C GLY H 321 44.44 24.57 14.54
N ASP H 322 45.47 24.77 13.74
CA ASP H 322 45.82 23.83 12.68
C ASP H 322 46.41 22.57 13.29
N VAL H 323 45.69 21.45 13.18
CA VAL H 323 46.10 20.19 13.79
C VAL H 323 45.84 19.06 12.82
N VAL H 324 46.86 18.22 12.62
CA VAL H 324 46.80 17.06 11.74
C VAL H 324 46.72 15.80 12.62
N PRO H 325 45.59 15.08 12.61
CA PRO H 325 45.42 13.99 13.58
C PRO H 325 46.43 12.85 13.43
N LYS H 326 46.94 12.59 12.22
CA LYS H 326 47.86 11.48 12.06
C LYS H 326 49.15 11.70 12.84
N ASP H 327 49.80 12.84 12.61
CA ASP H 327 51.01 13.13 13.37
C ASP H 327 50.71 13.32 14.85
N VAL H 328 49.48 13.74 15.19
CA VAL H 328 49.07 13.79 16.58
C VAL H 328 49.17 12.40 17.21
N ASN H 329 48.57 11.40 16.55
CA ASN H 329 48.61 10.05 17.08
C ASN H 329 50.03 9.50 17.12
N ALA H 330 50.83 9.79 16.09
CA ALA H 330 52.22 9.35 16.10
C ALA H 330 52.98 9.93 17.27
N SER H 331 52.82 11.23 17.51
CA SER H 331 53.51 11.88 18.62
C SER H 331 53.04 11.34 19.96
N ILE H 332 51.73 11.15 20.13
CA ILE H 332 51.22 10.59 21.38
C ILE H 332 51.79 9.19 21.59
N ALA H 333 51.94 8.41 20.52
CA ALA H 333 52.53 7.08 20.65
C ALA H 333 53.98 7.17 21.12
N THR H 334 54.77 8.04 20.48
CA THR H 334 56.14 8.24 20.95
C THR H 334 56.18 8.62 22.42
N ILE H 335 55.28 9.52 22.85
CA ILE H 335 55.24 9.92 24.24
C ILE H 335 54.90 8.75 25.14
N LYS H 336 53.98 7.89 24.68
CA LYS H 336 53.65 6.70 25.45
C LYS H 336 54.84 5.76 25.57
N THR H 337 55.73 5.76 24.58
CA THR H 337 56.90 4.88 24.64
C THR H 337 58.07 5.51 25.38
N LYS H 338 57.99 6.78 25.76
CA LYS H 338 59.06 7.39 26.55
C LYS H 338 59.16 6.73 27.92
N ARG H 339 60.39 6.39 28.31
CA ARG H 339 60.59 5.75 29.60
C ARG H 339 60.51 6.74 30.76
N THR H 340 60.63 8.04 30.49
CA THR H 340 60.62 9.02 31.57
C THR H 340 59.22 9.19 32.16
N ILE H 341 58.18 8.84 31.40
CA ILE H 341 56.81 8.98 31.86
C ILE H 341 56.11 7.62 31.73
N GLN H 342 55.23 7.32 32.67
CA GLN H 342 54.50 6.06 32.65
C GLN H 342 53.29 6.18 33.55
N PHE H 343 52.24 5.45 33.19
CA PHE H 343 50.98 5.47 33.93
C PHE H 343 50.92 4.29 34.88
N VAL H 344 49.96 4.37 35.81
CA VAL H 344 49.68 3.22 36.66
C VAL H 344 49.17 2.08 35.80
N ASP H 345 49.32 0.86 36.32
CA ASP H 345 49.01 -0.34 35.55
C ASP H 345 47.53 -0.38 35.15
N TRP H 346 46.65 0.00 36.07
CA TRP H 346 45.22 -0.24 35.87
C TRP H 346 44.56 0.76 34.93
N CYS H 347 45.32 1.58 34.22
CA CYS H 347 44.75 2.54 33.27
C CYS H 347 45.54 2.47 31.97
N PRO H 348 45.22 1.50 31.11
CA PRO H 348 45.94 1.38 29.83
C PRO H 348 45.59 2.47 28.84
N THR H 349 44.31 2.80 28.71
CA THR H 349 43.88 3.91 27.86
C THR H 349 44.07 5.19 28.67
N GLY H 350 45.19 5.87 28.46
CA GLY H 350 45.57 6.98 29.32
C GLY H 350 45.31 8.35 28.76
N PHE H 351 45.23 8.48 27.44
CA PHE H 351 45.11 9.77 26.78
C PHE H 351 43.69 9.98 26.27
N LYS H 352 43.10 11.10 26.68
CA LYS H 352 41.88 11.61 26.06
C LYS H 352 42.25 12.87 25.29
N VAL H 353 41.70 13.01 24.09
CA VAL H 353 42.13 14.06 23.17
C VAL H 353 40.91 14.81 22.65
N GLY H 354 41.07 16.12 22.51
CA GLY H 354 40.09 16.93 21.82
C GLY H 354 40.78 17.86 20.84
N ILE H 355 40.06 18.19 19.77
CA ILE H 355 40.59 19.05 18.72
C ILE H 355 39.58 20.16 18.45
N ASN H 356 40.10 21.34 18.11
CA ASN H 356 39.25 22.46 17.73
C ASN H 356 39.71 23.06 16.40
N TYR H 357 38.95 24.06 15.94
CA TYR H 357 39.20 24.75 14.68
C TYR H 357 39.50 26.23 14.89
N GLN H 358 40.31 26.56 15.90
CA GLN H 358 40.63 27.96 16.14
C GLN H 358 42.00 28.10 16.82
N PRO H 359 42.88 28.91 16.29
CA PRO H 359 44.14 29.17 16.96
C PRO H 359 43.94 30.11 18.13
N PRO H 360 44.95 30.30 18.98
CA PRO H 360 44.82 31.28 20.06
C PRO H 360 44.70 32.70 19.53
N THR H 361 44.38 33.60 20.43
CA THR H 361 44.42 35.04 20.16
C THR H 361 45.37 35.69 21.15
N VAL H 362 45.90 36.84 20.75
CA VAL H 362 46.93 37.52 21.52
C VAL H 362 46.34 38.77 22.16
N VAL H 363 46.63 38.96 23.44
CA VAL H 363 46.27 40.17 24.16
C VAL H 363 47.37 41.20 23.93
N PRO H 364 47.09 42.35 23.32
CA PRO H 364 48.12 43.38 23.16
C PRO H 364 48.80 43.72 24.47
N GLY H 365 50.10 43.40 24.54
CA GLY H 365 50.85 43.46 25.77
C GLY H 365 51.17 42.10 26.35
N GLY H 366 50.42 41.07 25.99
CA GLY H 366 50.71 39.72 26.42
C GLY H 366 52.05 39.25 25.91
N ASP H 367 52.96 38.90 26.81
CA ASP H 367 54.33 38.57 26.41
C ASP H 367 54.38 37.34 25.51
N LEU H 368 53.29 36.59 25.39
CA LEU H 368 53.24 35.44 24.51
C LEU H 368 53.29 35.90 23.04
N ALA H 369 53.48 34.94 22.15
CA ALA H 369 53.53 35.23 20.72
C ALA H 369 52.42 34.49 19.98
N LYS H 370 51.98 35.06 18.87
CA LYS H 370 50.94 34.44 18.08
C LYS H 370 51.47 33.20 17.37
N VAL H 371 50.66 32.15 17.36
CA VAL H 371 51.07 30.87 16.81
C VAL H 371 49.82 30.08 16.44
N MET H 372 49.93 29.29 15.38
CA MET H 372 48.74 28.64 14.81
C MET H 372 48.24 27.52 15.71
N ARG H 373 49.12 26.85 16.44
CA ARG H 373 48.76 25.65 17.18
C ARG H 373 48.92 25.87 18.67
N ALA H 374 48.05 25.21 19.45
CA ALA H 374 48.12 25.33 20.90
C ALA H 374 47.63 24.03 21.54
N VAL H 375 48.36 23.57 22.55
CA VAL H 375 48.02 22.39 23.31
C VAL H 375 47.90 22.75 24.78
N CYS H 376 46.73 22.50 25.36
CA CYS H 376 46.57 22.60 26.80
C CYS H 376 46.31 21.20 27.34
N MET H 377 47.20 20.73 28.20
CA MET H 377 47.18 19.35 28.67
C MET H 377 47.02 19.34 30.18
N ILE H 378 45.92 18.78 30.66
CA ILE H 378 45.66 18.65 32.09
C ILE H 378 45.90 17.18 32.45
N SER H 379 46.39 16.95 33.67
CA SER H 379 46.78 15.60 34.06
C SER H 379 46.37 15.35 35.51
N ASN H 380 45.62 14.29 35.72
CA ASN H 380 45.40 13.72 37.04
C ASN H 380 46.53 12.74 37.29
N SER H 381 47.46 13.10 38.16
CA SER H 381 48.66 12.29 38.40
C SER H 381 48.81 11.95 39.88
N THR H 382 49.95 11.37 40.23
CA THR H 382 50.21 10.90 41.59
C THR H 382 51.26 11.73 42.31
N ALA H 383 52.29 12.20 41.61
CA ALA H 383 53.37 12.93 42.28
C ALA H 383 52.84 14.16 43.01
N ILE H 384 51.76 14.76 42.51
CA ILE H 384 51.17 15.94 43.14
C ILE H 384 50.91 15.70 44.62
N ALA H 385 50.67 14.45 45.00
CA ALA H 385 50.48 14.08 46.40
C ALA H 385 51.53 14.74 47.29
N GLU H 386 52.81 14.62 46.91
CA GLU H 386 53.88 15.09 47.77
C GLU H 386 53.65 16.53 48.22
N VAL H 387 53.04 17.36 47.37
CA VAL H 387 52.77 18.75 47.73
C VAL H 387 52.06 18.79 49.08
N PHE H 388 50.89 18.17 49.15
CA PHE H 388 50.16 18.09 50.41
C PHE H 388 51.09 17.70 51.54
N SER H 389 51.84 16.61 51.35
CA SER H 389 52.77 16.15 52.38
C SER H 389 53.62 17.31 52.88
N ARG H 390 54.39 17.93 51.99
CA ARG H 390 55.26 19.02 52.42
C ARG H 390 54.44 20.15 53.02
N LEU H 391 53.31 20.48 52.39
CA LEU H 391 52.42 21.47 52.97
C LEU H 391 51.96 21.02 54.35
N ASP H 392 51.46 19.78 54.44
CA ASP H 392 51.07 19.23 55.73
C ASP H 392 52.21 19.34 56.73
N HIS H 393 53.44 19.20 56.25
CA HIS H 393 54.61 19.38 57.10
C HIS H 393 54.48 20.64 57.94
N LYS H 394 54.34 21.78 57.26
CA LYS H 394 54.24 23.06 57.96
C LYS H 394 53.19 23.00 59.06
N PHE H 395 52.05 22.37 58.76
CA PHE H 395 50.95 22.32 59.71
C PHE H 395 51.42 21.82 61.07
N ASP H 396 52.17 20.73 61.08
CA ASP H 396 52.68 20.21 62.34
C ASP H 396 53.42 21.29 63.11
N LEU H 397 54.41 21.91 62.47
CA LEU H 397 55.25 22.88 63.15
C LEU H 397 54.50 24.14 63.50
N MET H 398 53.19 24.19 63.25
CA MET H 398 52.34 25.23 63.82
C MET H 398 51.42 24.70 64.90
N TYR H 399 50.80 23.54 64.69
CA TYR H 399 49.88 23.02 65.68
C TYR H 399 50.59 22.29 66.80
N ALA H 400 51.91 22.15 66.73
CA ALA H 400 52.67 21.65 67.86
C ALA H 400 52.84 22.69 68.95
N LYS H 401 52.52 23.96 68.67
CA LYS H 401 52.62 25.02 69.66
C LYS H 401 51.40 25.93 69.66
N ARG H 402 50.31 25.52 69.01
CA ARG H 402 49.07 26.30 68.97
C ARG H 402 49.31 27.73 68.48
N ALA H 403 50.22 27.87 67.52
CA ALA H 403 50.51 29.19 66.96
C ALA H 403 49.30 29.71 66.19
N PHE H 404 49.00 31.00 66.39
CA PHE H 404 47.94 31.71 65.70
C PHE H 404 46.56 31.11 65.92
N VAL H 405 46.42 30.15 66.82
CA VAL H 405 45.14 29.46 66.95
C VAL H 405 44.08 30.36 67.56
N HIS H 406 44.47 31.24 68.48
CA HIS H 406 43.47 32.07 69.15
C HIS H 406 42.76 33.00 68.18
N TRP H 407 43.45 33.43 67.12
CA TRP H 407 42.77 34.23 66.10
C TRP H 407 41.65 33.47 65.44
N TYR H 408 41.71 32.14 65.45
CA TYR H 408 40.63 31.32 64.91
C TYR H 408 39.57 31.03 65.96
N VAL H 409 40.00 30.65 67.17
CA VAL H 409 39.04 30.32 68.21
C VAL H 409 38.21 31.52 68.61
N GLY H 410 38.72 32.74 68.39
CA GLY H 410 37.95 33.93 68.70
C GLY H 410 36.85 34.26 67.70
N GLU H 411 36.76 33.51 66.60
CA GLU H 411 35.80 33.80 65.56
C GLU H 411 34.69 32.74 65.48
N GLY H 412 34.53 31.94 66.52
CA GLY H 412 33.50 30.94 66.58
C GLY H 412 33.94 29.55 66.17
N MET H 413 34.96 29.43 65.32
CA MET H 413 35.42 28.13 64.88
C MET H 413 35.99 27.34 66.05
N GLU H 414 35.57 26.08 66.18
CA GLU H 414 36.03 25.24 67.26
C GLU H 414 37.52 24.99 67.15
N GLU H 415 38.20 24.96 68.30
CA GLU H 415 39.65 24.83 68.31
C GLU H 415 40.10 23.50 67.70
N GLY H 416 39.57 22.39 68.22
CA GLY H 416 40.01 21.07 67.78
C GLY H 416 39.67 20.73 66.35
N GLU H 417 38.81 21.53 65.70
CA GLU H 417 38.39 21.21 64.34
C GLU H 417 39.59 21.01 63.42
N PHE H 418 40.62 21.84 63.59
CA PHE H 418 41.86 21.68 62.82
C PHE H 418 42.28 20.23 62.73
N SER H 419 42.38 19.56 63.89
CA SER H 419 42.75 18.15 63.93
C SER H 419 42.01 17.36 62.88
N GLU H 420 40.67 17.41 62.94
CA GLU H 420 39.83 16.73 61.95
C GLU H 420 40.33 17.00 60.55
N ALA H 421 40.35 18.27 60.15
CA ALA H 421 40.83 18.65 58.83
C ALA H 421 42.17 18.00 58.55
N ARG H 422 43.14 18.22 59.45
CA ARG H 422 44.44 17.60 59.29
C ARG H 422 44.29 16.10 59.12
N GLU H 423 43.61 15.45 60.06
CA GLU H 423 43.35 14.03 59.96
C GLU H 423 42.84 13.67 58.58
N ASP H 424 41.82 14.39 58.11
CA ASP H 424 41.21 14.03 56.83
C ASP H 424 42.24 14.08 55.71
N LEU H 425 43.09 15.10 55.69
CA LEU H 425 44.08 15.18 54.62
C LEU H 425 45.01 13.99 54.66
N ALA H 426 45.37 13.54 55.86
CA ALA H 426 46.16 12.31 55.97
C ALA H 426 45.49 11.18 55.21
N ALA H 427 44.19 10.99 55.45
CA ALA H 427 43.45 9.97 54.72
C ALA H 427 43.53 10.21 53.22
N LEU H 428 43.41 11.47 52.79
CA LEU H 428 43.64 11.79 51.38
C LEU H 428 44.97 11.23 50.91
N GLU H 429 46.04 11.55 51.63
CA GLU H 429 47.35 11.02 51.28
C GLU H 429 47.33 9.50 51.22
N LYS H 430 46.62 8.88 52.16
CA LYS H 430 46.42 7.43 52.13
C LYS H 430 46.04 6.96 50.73
N ASP H 431 45.01 7.57 50.15
CA ASP H 431 44.55 7.12 48.84
C ASP H 431 45.60 7.39 47.78
N TYR H 432 46.32 8.51 47.88
CA TYR H 432 47.39 8.77 46.92
C TYR H 432 48.54 7.77 47.02
N GLU H 433 48.46 6.81 47.93
CA GLU H 433 49.36 5.67 47.91
C GLU H 433 48.64 4.36 47.60
N GLU H 434 47.34 4.30 47.86
CA GLU H 434 46.54 3.13 47.53
C GLU H 434 46.30 2.99 46.03
N VAL H 435 46.61 4.03 45.25
CA VAL H 435 46.43 3.96 43.81
C VAL H 435 47.75 3.67 43.09
N GLY H 436 48.87 4.19 43.59
CA GLY H 436 50.14 4.01 42.91
C GLY H 436 50.70 2.61 42.98
N ILE H 437 50.05 1.72 43.71
CA ILE H 437 50.53 0.35 43.90
C ILE H 437 49.97 -0.52 42.77
N GLU H 438 50.77 -1.47 42.31
CA GLU H 438 50.37 -2.37 41.24
C GLU H 438 49.45 -3.45 41.79
N THR H 439 49.14 -4.46 40.98
CA THR H 439 48.23 -5.51 41.40
C THR H 439 48.92 -6.88 41.45
N MET I 1 34.65 54.04 54.97
CA MET I 1 35.14 52.73 54.56
C MET I 1 36.50 52.43 55.17
N ARG I 2 36.52 51.48 56.11
CA ARG I 2 37.75 51.07 56.78
C ARG I 2 38.50 52.27 57.33
N GLU I 3 37.76 53.16 57.99
CA GLU I 3 38.33 54.41 58.45
C GLU I 3 39.07 54.22 59.77
N ILE I 4 39.95 55.17 60.07
CA ILE I 4 40.84 55.10 61.21
C ILE I 4 40.75 56.40 61.99
N VAL I 5 40.77 56.31 63.32
CA VAL I 5 40.74 57.49 64.17
C VAL I 5 42.17 57.81 64.59
N HIS I 6 42.35 58.99 65.18
CA HIS I 6 43.68 59.45 65.57
C HIS I 6 43.59 60.10 66.94
N ILE I 7 44.23 59.49 67.94
CA ILE I 7 44.43 60.08 69.24
C ILE I 7 45.91 60.35 69.42
N GLN I 8 46.25 61.55 69.89
CA GLN I 8 47.64 61.92 70.13
C GLN I 8 47.71 62.65 71.45
N GLY I 9 48.39 62.05 72.43
CA GLY I 9 48.53 62.68 73.74
C GLY I 9 49.97 62.92 74.09
N GLY I 10 50.21 63.72 75.14
CA GLY I 10 51.56 63.99 75.58
C GLY I 10 52.34 64.89 74.65
N GLN I 11 53.46 65.44 75.13
CA GLN I 11 54.26 66.35 74.32
C GLN I 11 54.79 65.65 73.07
N CYS I 12 55.51 64.55 73.26
CA CYS I 12 56.09 63.85 72.13
C CYS I 12 55.01 63.29 71.20
N GLY I 13 53.95 62.73 71.80
CA GLY I 13 52.86 62.24 70.98
C GLY I 13 52.27 63.33 70.09
N ASN I 14 52.02 64.50 70.68
CA ASN I 14 51.44 65.60 69.91
C ASN I 14 52.40 66.10 68.85
N GLN I 15 53.67 66.21 69.18
CA GLN I 15 54.66 66.67 68.21
C GLN I 15 54.71 65.72 67.01
N ILE I 16 54.90 64.43 67.28
CA ILE I 16 55.00 63.45 66.20
C ILE I 16 53.69 63.38 65.42
N GLY I 17 52.55 63.51 66.11
CA GLY I 17 51.29 63.45 65.40
C GLY I 17 51.06 64.65 64.50
N ALA I 18 51.45 65.84 64.96
CA ALA I 18 51.38 67.00 64.09
C ALA I 18 52.25 66.81 62.87
N LYS I 19 53.47 66.31 63.07
CA LYS I 19 54.35 66.04 61.92
C LYS I 19 53.74 65.01 60.98
N PHE I 20 53.05 64.01 61.54
CA PHE I 20 52.44 62.97 60.74
C PHE I 20 51.29 63.52 59.92
N TRP I 21 50.47 64.39 60.52
CA TRP I 21 49.42 65.05 59.76
C TRP I 21 50.01 65.92 58.67
N GLU I 22 51.15 66.56 58.95
CA GLU I 22 51.83 67.33 57.92
C GLU I 22 52.20 66.44 56.74
N VAL I 23 52.85 65.31 57.02
CA VAL I 23 53.30 64.42 55.95
C VAL I 23 52.11 63.87 55.16
N ILE I 24 51.03 63.53 55.86
CA ILE I 24 49.85 63.00 55.17
C ILE I 24 49.23 64.07 54.28
N SER I 25 49.07 65.28 54.81
CA SER I 25 48.55 66.38 54.02
C SER I 25 49.40 66.60 52.77
N ASP I 26 50.72 66.50 52.90
CA ASP I 26 51.58 66.62 51.74
C ASP I 26 51.55 65.38 50.85
N GLU I 27 50.98 64.28 51.33
CA GLU I 27 50.85 63.09 50.49
C GLU I 27 49.55 63.08 49.71
N HIS I 28 48.41 63.20 50.41
CA HIS I 28 47.12 63.32 49.73
C HIS I 28 46.97 64.64 49.00
N GLY I 29 47.98 65.50 49.03
CA GLY I 29 47.91 66.78 48.36
C GLY I 29 46.90 67.72 49.00
N ILE I 30 47.10 68.01 50.29
CA ILE I 30 46.22 68.89 51.04
C ILE I 30 47.06 70.02 51.60
N ASP I 31 46.79 71.25 51.14
CA ASP I 31 47.49 72.41 51.65
C ASP I 31 46.97 72.78 53.04
N PRO I 32 47.69 73.63 53.78
CA PRO I 32 47.30 73.91 55.17
C PRO I 32 45.92 74.52 55.35
N THR I 33 45.20 74.82 54.27
CA THR I 33 43.86 75.36 54.36
C THR I 33 42.78 74.28 54.30
N GLY I 34 43.15 73.03 54.02
CA GLY I 34 42.19 71.95 53.95
C GLY I 34 41.56 71.73 52.59
N THR I 35 42.29 72.01 51.52
CA THR I 35 41.81 71.78 50.17
C THR I 35 42.79 70.90 49.42
N TYR I 36 42.37 70.39 48.27
CA TYR I 36 43.18 69.46 47.49
C TYR I 36 44.07 70.21 46.50
N HIS I 37 45.37 69.93 46.55
CA HIS I 37 46.33 70.54 45.65
C HIS I 37 47.30 69.50 45.10
N ASN I 48 38.34 59.38 53.08
CA ASN I 48 37.67 59.05 54.32
C ASN I 48 38.49 58.18 55.26
N VAL I 49 39.64 57.67 54.81
CA VAL I 49 40.45 56.85 55.69
C VAL I 49 41.04 57.71 56.81
N TYR I 50 41.40 58.94 56.51
CA TYR I 50 41.97 59.86 57.48
C TYR I 50 41.21 61.16 57.60
N TYR I 51 40.66 61.67 56.51
CA TYR I 51 39.98 62.95 56.55
C TYR I 51 38.47 62.76 56.48
N ASN I 52 37.75 63.81 56.81
CA ASN I 52 36.31 63.87 56.63
C ASN I 52 35.98 65.11 55.82
N GLU I 53 34.90 65.01 55.04
CA GLU I 53 34.51 66.13 54.19
C GLU I 53 33.88 67.24 55.02
N ALA I 54 33.90 68.45 54.44
CA ALA I 54 33.30 69.61 55.07
C ALA I 54 32.95 70.61 53.98
N THR I 55 32.07 71.54 54.32
CA THR I 55 31.51 72.48 53.35
C THR I 55 32.58 73.14 52.51
N GLY I 56 32.22 73.51 51.29
CA GLY I 56 33.17 74.10 50.37
C GLY I 56 34.33 73.20 50.04
N GLY I 57 34.13 71.88 50.10
CA GLY I 57 35.21 70.96 49.82
C GLY I 57 36.33 70.98 50.83
N ARG I 58 36.10 71.55 52.01
CA ARG I 58 37.15 71.55 53.03
C ARG I 58 37.31 70.16 53.60
N TYR I 59 38.44 69.93 54.27
CA TYR I 59 38.74 68.63 54.86
C TYR I 59 39.14 68.80 56.30
N VAL I 60 38.61 67.93 57.16
CA VAL I 60 38.94 67.95 58.59
C VAL I 60 39.66 66.65 58.92
N PRO I 61 40.87 66.72 59.47
CA PRO I 61 41.54 65.49 59.91
C PRO I 61 40.79 64.87 61.08
N ARG I 62 40.56 63.58 61.00
CA ARG I 62 39.88 62.85 62.07
C ARG I 62 40.89 62.59 63.18
N ALA I 63 40.90 63.46 64.18
CA ALA I 63 41.89 63.35 65.25
C ALA I 63 41.41 64.05 66.50
N ILE I 64 41.92 63.57 67.64
CA ILE I 64 41.65 64.15 68.95
C ILE I 64 42.97 64.45 69.63
N LEU I 65 43.13 65.68 70.11
CA LEU I 65 44.36 66.10 70.76
C LEU I 65 44.06 66.37 72.24
N MET I 66 44.80 65.69 73.11
CA MET I 66 44.55 65.77 74.53
C MET I 66 45.85 66.02 75.28
N ASP I 67 45.77 66.83 76.32
CA ASP I 67 46.89 67.07 77.22
C ASP I 67 46.35 67.76 78.47
N LEU I 68 47.15 67.71 79.53
CA LEU I 68 46.77 68.31 80.79
C LEU I 68 47.31 69.72 80.96
N GLU I 69 48.24 70.14 80.10
CA GLU I 69 48.70 71.52 80.06
C GLU I 69 48.51 72.03 78.64
N PRO I 70 47.82 73.14 78.43
CA PRO I 70 47.52 73.60 77.06
C PRO I 70 48.68 74.27 76.36
N GLY I 71 49.90 74.21 76.90
CA GLY I 71 51.04 74.77 76.20
C GLY I 71 51.22 74.19 74.82
N THR I 72 50.98 72.88 74.67
CA THR I 72 51.10 72.24 73.37
C THR I 72 50.17 72.88 72.34
N MET I 73 49.09 73.52 72.78
CA MET I 73 48.25 74.28 71.86
C MET I 73 49.10 75.17 70.97
N ASP I 74 50.00 75.94 71.58
CA ASP I 74 50.95 76.76 70.84
C ASP I 74 51.50 76.01 69.64
N SER I 75 52.12 74.86 69.93
CA SER I 75 52.71 74.03 68.86
C SER I 75 51.69 73.75 67.77
N VAL I 76 50.54 73.18 68.14
CA VAL I 76 49.61 72.70 67.13
C VAL I 76 48.91 73.87 66.45
N ARG I 77 49.20 75.09 66.90
CA ARG I 77 48.72 76.28 66.22
C ARG I 77 49.83 77.06 65.54
N ALA I 78 51.09 76.78 65.86
CA ALA I 78 52.20 77.50 65.25
C ALA I 78 52.75 76.74 64.04
N GLY I 79 53.08 75.47 64.23
CA GLY I 79 53.60 74.64 63.17
C GLY I 79 52.64 74.56 62.01
N PRO I 80 53.17 74.25 60.82
CA PRO I 80 52.32 74.16 59.63
C PRO I 80 51.22 73.13 59.82
N PHE I 81 50.14 73.32 59.05
CA PHE I 81 48.96 72.47 59.14
C PHE I 81 48.39 72.48 60.56
N GLY I 82 48.03 73.67 61.02
CA GLY I 82 47.44 73.83 62.33
C GLY I 82 45.99 74.24 62.25
N GLN I 83 45.58 74.80 61.12
CA GLN I 83 44.20 75.16 60.88
C GLN I 83 43.36 74.00 60.38
N LEU I 84 43.94 72.80 60.32
CA LEU I 84 43.20 71.64 59.84
C LEU I 84 42.29 71.07 60.92
N PHE I 85 42.81 70.87 62.12
CA PHE I 85 42.09 70.16 63.17
C PHE I 85 40.84 70.94 63.58
N ARG I 86 39.96 70.24 64.29
CA ARG I 86 38.67 70.74 64.74
C ARG I 86 38.81 71.47 66.07
N PRO I 87 38.12 72.61 66.23
CA PRO I 87 38.26 73.35 67.49
C PRO I 87 37.62 72.64 68.66
N ASP I 88 36.66 71.76 68.41
CA ASP I 88 36.07 70.96 69.48
C ASP I 88 36.94 69.77 69.84
N ASN I 89 37.91 69.41 69.00
CA ASN I 89 38.77 68.26 69.25
C ASN I 89 40.04 68.64 69.99
N PHE I 90 40.02 69.68 70.81
CA PHE I 90 41.13 70.06 71.66
C PHE I 90 40.65 69.99 73.10
N VAL I 91 40.78 68.82 73.69
CA VAL I 91 40.43 68.61 75.09
C VAL I 91 41.67 68.79 75.94
N PHE I 92 41.77 69.95 76.61
CA PHE I 92 42.97 70.33 77.34
C PHE I 92 42.66 70.45 78.82
N GLY I 93 43.67 70.17 79.64
CA GLY I 93 43.59 70.39 81.07
C GLY I 93 44.15 71.74 81.46
N GLN I 94 44.34 71.92 82.76
CA GLN I 94 44.88 73.18 83.28
C GLN I 94 46.05 72.99 84.22
N THR I 95 46.11 71.88 84.97
CA THR I 95 47.19 71.70 85.92
C THR I 95 48.44 71.14 85.26
N GLY I 96 48.29 70.22 84.32
CA GLY I 96 49.42 69.53 83.76
C GLY I 96 49.84 68.37 84.64
N ALA I 97 50.02 67.19 84.04
CA ALA I 97 50.40 66.03 84.85
C ALA I 97 51.80 66.16 85.42
N GLY I 98 52.66 66.92 84.78
CA GLY I 98 54.00 67.16 85.29
C GLY I 98 54.81 65.92 85.52
N ASN I 99 55.03 65.14 84.48
CA ASN I 99 55.96 64.02 84.44
C ASN I 99 55.57 62.87 85.38
N ASN I 100 54.45 62.98 86.08
CA ASN I 100 54.03 61.96 87.03
C ASN I 100 52.85 61.19 86.46
N TRP I 101 52.90 59.86 86.56
CA TRP I 101 51.81 59.05 86.00
C TRP I 101 50.52 59.23 86.78
N ALA I 102 50.61 59.27 88.10
CA ALA I 102 49.40 59.34 88.92
C ALA I 102 48.56 60.57 88.58
N LYS I 103 49.22 61.70 88.32
CA LYS I 103 48.50 62.93 88.02
C LYS I 103 47.63 62.81 86.77
N GLY I 104 47.93 61.83 85.90
CA GLY I 104 47.21 61.68 84.66
C GLY I 104 46.43 60.38 84.49
N HIS I 105 46.33 59.55 85.53
CA HIS I 105 45.55 58.33 85.41
C HIS I 105 44.61 58.07 86.58
N TYR I 106 44.85 58.63 87.77
CA TYR I 106 43.96 58.38 88.89
C TYR I 106 43.34 59.68 89.40
N THR I 107 44.13 60.75 89.42
CA THR I 107 43.75 61.97 90.13
C THR I 107 43.05 62.99 89.24
N GLU I 108 43.72 63.47 88.20
CA GLU I 108 43.19 64.52 87.34
C GLU I 108 42.82 64.01 85.96
N GLY I 109 43.71 63.27 85.31
CA GLY I 109 43.36 62.66 84.03
C GLY I 109 42.09 61.85 84.10
N ALA I 110 41.79 61.28 85.26
CA ALA I 110 40.53 60.59 85.48
C ALA I 110 39.33 61.52 85.47
N GLU I 111 39.55 62.83 85.32
CA GLU I 111 38.44 63.78 85.26
C GLU I 111 38.12 64.23 83.85
N LEU I 112 39.12 64.35 82.97
CA LEU I 112 38.90 64.68 81.57
C LEU I 112 38.87 63.47 80.66
N ILE I 113 39.24 62.30 81.15
CA ILE I 113 39.20 61.10 80.32
C ILE I 113 37.78 60.81 79.87
N ASP I 114 36.79 61.18 80.70
CA ASP I 114 35.39 60.97 80.31
C ASP I 114 35.00 61.89 79.16
N SER I 115 35.45 63.14 79.19
CA SER I 115 35.17 64.03 78.06
C SER I 115 35.89 63.54 76.80
N VAL I 116 37.10 63.02 76.96
CA VAL I 116 37.79 62.43 75.81
C VAL I 116 37.02 61.26 75.26
N LEU I 117 36.43 60.45 76.14
CA LEU I 117 35.60 59.34 75.70
C LEU I 117 34.38 59.83 74.96
N ASP I 118 33.78 60.91 75.43
CA ASP I 118 32.61 61.47 74.74
C ASP I 118 32.99 61.94 73.34
N VAL I 119 34.15 62.59 73.21
CA VAL I 119 34.57 63.02 71.88
C VAL I 119 34.88 61.82 71.00
N VAL I 120 35.49 60.77 71.57
CA VAL I 120 35.74 59.55 70.81
C VAL I 120 34.45 58.95 70.30
N ARG I 121 33.41 58.95 71.14
CA ARG I 121 32.13 58.40 70.69
C ARG I 121 31.49 59.27 69.62
N LYS I 122 31.55 60.59 69.79
CA LYS I 122 30.97 61.48 68.79
C LYS I 122 31.74 61.41 67.47
N GLU I 123 32.99 60.97 67.49
CA GLU I 123 33.77 60.88 66.26
C GLU I 123 33.74 59.50 65.63
N ALA I 124 33.57 58.44 66.42
CA ALA I 124 33.53 57.10 65.88
C ALA I 124 32.18 56.74 65.30
N GLU I 125 31.10 57.25 65.90
CA GLU I 125 29.78 57.01 65.34
C GLU I 125 29.60 57.62 63.96
N GLY I 126 30.37 58.66 63.63
CA GLY I 126 30.35 59.23 62.29
C GLY I 126 30.97 58.32 61.25
N CYS I 127 31.69 57.30 61.68
CA CYS I 127 32.22 56.29 60.78
C CYS I 127 31.14 55.29 60.40
N ASP I 128 31.39 54.57 59.31
CA ASP I 128 30.52 53.48 58.88
C ASP I 128 31.19 52.12 58.93
N CYS I 129 32.51 52.04 58.81
CA CYS I 129 33.26 50.80 58.99
C CYS I 129 34.59 51.20 59.65
N LEU I 130 34.62 51.11 60.98
CA LEU I 130 35.78 51.55 61.74
C LEU I 130 36.79 50.41 61.81
N GLN I 131 37.91 50.56 61.10
CA GLN I 131 38.86 49.46 61.00
C GLN I 131 39.72 49.31 62.24
N GLY I 132 40.06 50.39 62.91
CA GLY I 132 40.87 50.27 64.11
C GLY I 132 41.19 51.61 64.73
N PHE I 133 42.15 51.58 65.65
CA PHE I 133 42.60 52.74 66.38
C PHE I 133 44.11 52.88 66.22
N GLN I 134 44.60 54.11 66.32
CA GLN I 134 46.03 54.33 66.43
C GLN I 134 46.28 55.55 67.29
N ILE I 135 47.17 55.39 68.27
CA ILE I 135 47.46 56.39 69.28
C ILE I 135 48.97 56.60 69.28
N THR I 136 49.41 57.81 69.65
CA THR I 136 50.82 58.10 69.76
C THR I 136 51.09 58.84 71.06
N HIS I 137 52.06 58.34 71.84
CA HIS I 137 52.30 58.89 73.16
C HIS I 137 53.62 58.36 73.70
N SER I 138 54.13 59.05 74.71
CA SER I 138 55.34 58.64 75.40
C SER I 138 55.01 57.57 76.43
N LEU I 139 55.96 57.24 77.30
CA LEU I 139 55.72 56.30 78.37
C LEU I 139 56.05 56.85 79.75
N GLY I 140 56.81 57.92 79.85
CA GLY I 140 57.08 58.54 81.13
C GLY I 140 56.28 59.81 81.31
N GLY I 141 55.93 60.46 80.19
CA GLY I 141 55.13 61.65 80.21
C GLY I 141 53.79 61.43 80.89
N GLY I 142 53.60 62.08 82.03
CA GLY I 142 52.37 61.86 82.79
C GLY I 142 51.12 62.02 81.96
N THR I 143 50.98 63.16 81.29
CA THR I 143 49.86 63.36 80.39
C THR I 143 49.77 62.23 79.37
N GLY I 144 50.79 62.08 78.56
CA GLY I 144 50.83 61.04 77.55
C GLY I 144 50.55 59.66 78.09
N SER I 145 51.44 59.12 78.91
CA SER I 145 51.29 57.74 79.37
C SER I 145 49.98 57.55 80.11
N GLY I 146 49.75 58.35 81.15
CA GLY I 146 48.55 58.25 81.94
C GLY I 146 47.26 58.31 81.15
N MET I 147 47.00 59.46 80.50
CA MET I 147 45.75 59.62 79.79
C MET I 147 45.62 58.64 78.64
N GLY I 148 46.70 58.36 77.90
CA GLY I 148 46.61 57.43 76.80
C GLY I 148 46.30 56.02 77.24
N THR I 149 46.94 55.57 78.33
CA THR I 149 46.66 54.23 78.83
C THR I 149 45.24 54.13 79.37
N LEU I 150 44.79 55.15 80.09
CA LEU I 150 43.41 55.14 80.57
C LEU I 150 42.43 55.11 79.41
N LEU I 151 42.70 55.90 78.37
CA LEU I 151 41.82 55.93 77.19
C LEU I 151 41.82 54.58 76.48
N ILE I 152 42.98 53.95 76.35
CA ILE I 152 43.06 52.62 75.74
C ILE I 152 42.21 51.64 76.53
N SER I 153 42.39 51.63 77.86
CA SER I 153 41.58 50.78 78.71
C SER I 153 40.09 50.98 78.43
N LYS I 154 39.64 52.23 78.50
CA LYS I 154 38.21 52.51 78.34
C LYS I 154 37.70 52.09 76.96
N VAL I 155 38.43 52.46 75.91
CA VAL I 155 37.90 52.22 74.57
C VAL I 155 37.92 50.73 74.24
N ARG I 156 38.94 49.99 74.70
CA ARG I 156 38.92 48.55 74.47
C ARG I 156 37.84 47.87 75.30
N GLU I 157 37.54 48.42 76.48
CA GLU I 157 36.36 47.95 77.21
C GLU I 157 35.07 48.41 76.55
N GLU I 158 35.15 49.29 75.56
CA GLU I 158 33.98 49.77 74.83
C GLU I 158 33.80 49.11 73.48
N TYR I 159 34.86 49.02 72.67
CA TYR I 159 34.81 48.47 71.33
C TYR I 159 35.67 47.21 71.28
N PRO I 160 35.15 46.07 71.75
CA PRO I 160 35.96 44.85 71.75
C PRO I 160 36.27 44.34 70.35
N ASP I 161 35.43 44.64 69.37
CA ASP I 161 35.68 44.13 68.02
C ASP I 161 36.87 44.84 67.37
N ARG I 162 36.97 46.14 67.53
CA ARG I 162 38.02 46.91 66.88
C ARG I 162 39.35 46.68 67.60
N ILE I 163 40.44 47.10 66.94
CA ILE I 163 41.79 46.83 67.38
C ILE I 163 42.60 48.12 67.38
N MET I 164 43.50 48.24 68.35
CA MET I 164 44.31 49.44 68.52
C MET I 164 45.77 49.15 68.18
N GLU I 165 46.40 50.09 67.47
CA GLU I 165 47.79 49.99 67.04
C GLU I 165 48.50 51.24 67.52
N THR I 166 49.15 51.15 68.67
CA THR I 166 49.72 52.31 69.34
C THR I 166 51.21 52.42 69.02
N PHE I 167 51.63 53.61 68.61
CA PHE I 167 53.04 53.91 68.35
C PHE I 167 53.67 54.58 69.57
N SER I 168 53.72 53.84 70.66
CA SER I 168 54.29 54.37 71.90
C SER I 168 55.79 54.51 71.76
N VAL I 169 56.34 55.56 72.37
CA VAL I 169 57.77 55.84 72.22
C VAL I 169 58.50 55.65 73.54
N VAL I 170 59.04 54.45 73.75
CA VAL I 170 59.71 54.11 75.00
C VAL I 170 61.03 54.85 75.11
N PRO I 171 61.48 55.19 76.32
CA PRO I 171 62.81 55.81 76.47
C PRO I 171 63.92 54.78 76.65
N SER I 172 64.94 54.86 75.81
CA SER I 172 66.03 53.94 76.07
C SER I 172 67.08 54.61 76.96
N PRO I 173 67.66 53.88 77.93
CA PRO I 173 68.53 54.53 78.91
C PRO I 173 69.82 55.07 78.33
N LYS I 174 70.23 54.63 77.14
CA LYS I 174 71.41 55.21 76.50
C LYS I 174 71.27 56.72 76.29
N VAL I 175 70.05 57.23 76.23
CA VAL I 175 69.78 58.66 76.21
C VAL I 175 69.03 59.01 77.48
N SER I 176 69.57 59.95 78.24
CA SER I 176 68.98 60.34 79.52
C SER I 176 68.10 61.57 79.33
N ASP I 177 66.82 61.43 79.64
CA ASP I 177 65.86 62.51 79.52
C ASP I 177 65.32 62.98 80.86
N THR I 178 64.73 62.08 81.64
CA THR I 178 64.28 62.37 83.00
C THR I 178 64.70 61.23 83.90
N VAL I 179 64.51 61.44 85.21
CA VAL I 179 65.01 60.51 86.23
C VAL I 179 63.90 59.70 86.86
N VAL I 180 62.69 59.71 86.30
CA VAL I 180 61.58 58.93 86.80
C VAL I 180 60.91 58.11 85.70
N GLU I 181 61.56 57.99 84.55
CA GLU I 181 60.99 57.21 83.44
C GLU I 181 60.68 55.78 83.83
N PRO I 182 61.62 54.97 84.36
CA PRO I 182 61.31 53.54 84.60
C PRO I 182 59.99 53.31 85.32
N TYR I 183 59.67 54.15 86.31
CA TYR I 183 58.42 54.00 87.04
C TYR I 183 57.22 54.03 86.08
N ASN I 184 57.04 55.15 85.38
CA ASN I 184 55.91 55.28 84.48
C ASN I 184 55.96 54.28 83.34
N ALA I 185 57.17 53.93 82.88
CA ALA I 185 57.32 52.97 81.79
C ALA I 185 56.76 51.61 82.21
N THR I 186 57.23 51.08 83.33
CA THR I 186 56.72 49.79 83.80
C THR I 186 55.23 49.87 84.14
N LEU I 187 54.80 50.98 84.74
CA LEU I 187 53.38 51.11 85.07
C LEU I 187 52.51 51.05 83.83
N SER I 188 52.94 51.69 82.74
CA SER I 188 52.14 51.64 81.53
C SER I 188 52.26 50.29 80.83
N VAL I 189 53.42 49.66 80.90
CA VAL I 189 53.59 48.35 80.28
C VAL I 189 52.72 47.30 80.98
N HIS I 190 52.48 47.48 82.28
CA HIS I 190 51.69 46.50 83.03
C HIS I 190 50.33 46.26 82.39
N GLN I 191 49.77 47.26 81.72
CA GLN I 191 48.48 47.10 81.07
C GLN I 191 48.51 47.41 79.58
N LEU I 192 49.67 47.78 79.04
CA LEU I 192 49.77 47.95 77.58
C LEU I 192 49.91 46.61 76.89
N VAL I 193 50.52 45.63 77.56
CA VAL I 193 50.49 44.25 77.08
C VAL I 193 49.15 43.59 77.34
N GLU I 194 48.25 44.26 78.06
CA GLU I 194 46.98 43.68 78.46
C GLU I 194 45.91 43.79 77.37
N ASN I 195 45.63 45.02 76.93
CA ASN I 195 44.55 45.28 75.99
C ASN I 195 45.02 46.17 74.85
N ALA I 196 46.18 45.83 74.29
CA ALA I 196 46.67 46.48 73.09
C ALA I 196 47.29 45.42 72.19
N ASP I 197 47.07 45.54 70.89
CA ASP I 197 47.41 44.47 69.96
C ASP I 197 48.61 44.75 69.07
N GLU I 198 49.06 46.01 68.98
CA GLU I 198 50.23 46.33 68.17
C GLU I 198 50.97 47.48 68.84
N CYS I 199 51.96 47.15 69.66
CA CYS I 199 52.76 48.16 70.34
C CYS I 199 54.07 48.29 69.58
N MET I 200 54.09 49.18 68.60
CA MET I 200 55.30 49.46 67.83
C MET I 200 56.15 50.43 68.62
N VAL I 201 57.19 49.93 69.28
CA VAL I 201 58.00 50.75 70.17
C VAL I 201 59.02 51.54 69.35
N ILE I 202 59.32 52.75 69.82
CA ILE I 202 60.32 53.63 69.22
C ILE I 202 61.10 54.28 70.35
N ASP I 203 62.39 54.55 70.09
CA ASP I 203 63.27 55.16 71.07
C ASP I 203 63.93 56.38 70.45
N ASN I 204 64.93 56.90 71.15
CA ASN I 204 65.66 58.06 70.63
C ASN I 204 67.09 57.73 70.26
N GLU I 205 67.72 56.78 70.95
CA GLU I 205 69.09 56.40 70.61
C GLU I 205 69.17 55.88 69.18
N ALA I 206 68.18 55.10 68.76
CA ALA I 206 68.19 54.58 67.39
C ALA I 206 68.11 55.72 66.39
N LEU I 207 67.29 56.73 66.65
CA LEU I 207 67.16 57.83 65.72
C LEU I 207 68.42 58.68 65.68
N TYR I 208 69.07 58.88 66.84
CA TYR I 208 70.34 59.61 66.85
C TYR I 208 71.40 58.86 66.07
N ASP I 209 71.54 57.55 66.32
CA ASP I 209 72.52 56.78 65.57
C ASP I 209 72.21 56.80 64.08
N ILE I 210 70.93 56.78 63.73
CA ILE I 210 70.55 56.83 62.31
C ILE I 210 70.99 58.16 61.70
N CYS I 211 70.53 59.28 62.27
CA CYS I 211 70.87 60.57 61.67
C CYS I 211 72.33 60.95 61.82
N PHE I 212 73.12 60.19 62.60
CA PHE I 212 74.56 60.44 62.62
C PHE I 212 75.30 59.56 61.61
N ARG I 213 75.19 58.25 61.73
CA ARG I 213 76.02 57.33 60.97
C ARG I 213 75.31 56.75 59.76
N THR I 214 74.15 57.30 59.37
CA THR I 214 73.43 56.78 58.22
C THR I 214 73.02 57.90 57.27
N LEU I 215 72.87 59.12 57.80
CA LEU I 215 72.49 60.26 57.00
C LEU I 215 73.51 61.39 57.06
N LYS I 216 74.55 61.26 57.89
CA LYS I 216 75.63 62.24 58.01
C LYS I 216 75.14 63.63 58.37
N LEU I 217 73.94 63.74 58.95
CA LEU I 217 73.42 65.03 59.36
C LEU I 217 74.33 65.66 60.42
N THR I 218 74.33 66.99 60.46
CA THR I 218 75.25 67.72 61.34
C THR I 218 74.73 67.78 62.77
N THR I 219 73.55 68.36 62.98
CA THR I 219 72.94 68.47 64.30
C THR I 219 71.55 67.83 64.25
N PRO I 220 71.47 66.53 64.49
CA PRO I 220 70.16 65.85 64.48
C PRO I 220 69.15 66.53 65.39
N THR I 221 68.09 67.06 64.81
CA THR I 221 67.11 67.85 65.52
C THR I 221 65.77 67.12 65.57
N TYR I 222 64.95 67.49 66.55
CA TYR I 222 63.66 66.82 66.74
C TYR I 222 62.79 66.88 65.49
N GLY I 223 62.90 67.95 64.71
CA GLY I 223 62.14 68.08 63.48
C GLY I 223 62.29 66.90 62.54
N ASP I 224 63.53 66.60 62.14
CA ASP I 224 63.74 65.52 61.17
C ASP I 224 63.52 64.14 61.79
N LEU I 225 63.82 63.98 63.08
CA LEU I 225 63.51 62.73 63.76
C LEU I 225 62.02 62.43 63.68
N ASN I 226 61.21 63.42 64.08
CA ASN I 226 59.76 63.26 64.02
C ASN I 226 59.30 63.06 62.58
N HIS I 227 59.91 63.77 61.63
CA HIS I 227 59.55 63.57 60.23
C HIS I 227 59.77 62.13 59.81
N LEU I 228 60.91 61.55 60.19
CA LEU I 228 61.23 60.19 59.82
C LEU I 228 60.25 59.20 60.44
N VAL I 229 60.00 59.33 61.75
CA VAL I 229 59.10 58.38 62.39
C VAL I 229 57.68 58.52 61.86
N SER I 230 57.26 59.74 61.50
CA SER I 230 55.93 59.92 60.94
C SER I 230 55.83 59.33 59.55
N ALA I 231 56.85 59.50 58.72
CA ALA I 231 56.84 58.88 57.40
C ALA I 231 56.76 57.37 57.54
N ALA I 232 57.48 56.79 58.50
CA ALA I 232 57.36 55.35 58.74
C ALA I 232 55.96 54.98 59.17
N MET I 233 55.37 55.77 60.06
CA MET I 233 54.00 55.53 60.52
C MET I 233 53.02 55.52 59.35
N SER I 234 53.23 56.39 58.38
CA SER I 234 52.36 56.42 57.22
C SER I 234 52.58 55.20 56.34
N GLY I 235 53.82 54.98 55.92
CA GLY I 235 54.18 53.86 55.09
C GLY I 235 53.76 52.51 55.66
N VAL I 236 53.56 52.45 56.97
CA VAL I 236 53.03 51.23 57.59
C VAL I 236 51.72 50.82 56.93
N THR I 237 50.72 51.70 56.99
CA THR I 237 49.38 51.35 56.55
C THR I 237 49.03 51.84 55.16
N CYS I 238 49.94 52.56 54.49
CA CYS I 238 49.63 53.13 53.18
C CYS I 238 48.96 52.16 52.23
N CYS I 239 49.33 50.87 52.29
CA CYS I 239 48.85 49.90 51.30
C CYS I 239 47.34 49.75 51.28
N LEU I 240 46.62 50.37 52.20
CA LEU I 240 45.16 50.40 52.15
C LEU I 240 44.63 51.70 51.56
N ARG I 241 45.41 52.77 51.58
CA ARG I 241 45.00 54.07 51.05
C ARG I 241 45.02 54.13 49.54
N PHE I 242 45.42 53.07 48.85
CA PHE I 242 45.61 53.10 47.41
C PHE I 242 45.46 51.69 46.86
N PRO I 243 45.24 51.55 45.56
CA PRO I 243 45.23 50.22 44.96
C PRO I 243 46.57 49.51 45.11
N GLY I 244 46.51 48.19 45.27
CA GLY I 244 47.71 47.39 45.44
C GLY I 244 47.56 46.05 44.76
N GLN I 245 48.72 45.42 44.49
CA GLN I 245 48.72 44.08 43.93
C GLN I 245 48.57 43.00 44.99
N LEU I 246 49.10 43.23 46.19
CA LEU I 246 48.88 42.33 47.32
C LEU I 246 48.54 43.23 48.50
N ASN I 247 47.26 43.53 48.65
CA ASN I 247 46.82 44.57 49.58
C ASN I 247 46.88 44.07 51.02
N SER I 248 46.78 45.01 51.96
CA SER I 248 46.80 44.71 53.38
C SER I 248 45.93 45.73 54.11
N ASP I 249 45.84 45.56 55.43
CA ASP I 249 45.10 46.48 56.29
C ASP I 249 45.77 46.47 57.66
N LEU I 250 45.06 46.98 58.66
CA LEU I 250 45.53 46.92 60.03
C LEU I 250 45.18 45.61 60.72
N ARG I 251 44.59 44.66 60.00
CA ARG I 251 44.34 43.33 60.55
C ARG I 251 45.09 42.23 59.83
N LYS I 252 45.36 42.37 58.53
CA LYS I 252 46.26 41.42 57.87
C LYS I 252 47.65 41.46 58.50
N LEU I 253 47.99 42.55 59.19
CA LEU I 253 49.13 42.54 60.08
C LEU I 253 48.79 41.90 61.40
N ALA I 254 47.54 42.02 61.85
CA ALA I 254 47.12 41.48 63.14
C ALA I 254 46.92 39.97 63.11
N VAL I 255 47.31 39.29 62.04
CA VAL I 255 47.33 37.84 62.00
C VAL I 255 48.74 37.38 61.66
N ASN I 256 49.33 38.00 60.65
CA ASN I 256 50.68 37.67 60.24
C ASN I 256 51.72 38.03 61.29
N LEU I 257 51.38 38.85 62.29
CA LEU I 257 52.37 39.38 63.20
C LEU I 257 51.99 39.27 64.67
N ILE I 258 50.95 38.51 65.00
CA ILE I 258 50.65 38.23 66.41
C ILE I 258 50.38 36.74 66.55
N PRO I 259 51.41 35.94 66.82
CA PRO I 259 51.18 34.51 67.06
C PRO I 259 50.51 34.22 68.39
N PHE I 260 50.62 35.12 69.37
CA PHE I 260 50.08 34.89 70.69
C PHE I 260 49.58 36.22 71.24
N PRO I 261 48.49 36.23 72.00
CA PRO I 261 47.79 37.48 72.31
C PRO I 261 48.59 38.48 73.13
N ARG I 262 49.84 38.19 73.45
CA ARG I 262 50.66 39.15 74.18
C ARG I 262 51.98 39.44 73.46
N LEU I 263 52.47 38.48 72.66
CA LEU I 263 53.73 38.66 71.94
C LEU I 263 53.54 39.57 70.73
N HIS I 264 53.15 40.81 71.01
CA HIS I 264 52.68 41.72 69.97
C HIS I 264 53.49 43.02 69.94
N PHE I 265 54.71 42.99 70.45
CA PHE I 265 55.54 44.19 70.53
C PHE I 265 56.38 44.29 69.27
N PHE I 266 56.17 45.34 68.50
CA PHE I 266 56.69 45.43 67.14
C PHE I 266 57.86 46.41 67.06
N MET I 267 58.80 46.09 66.18
CA MET I 267 59.86 46.99 65.78
C MET I 267 59.57 47.55 64.39
N ILE I 268 60.02 48.78 64.15
CA ILE I 268 59.72 49.49 62.92
C ILE I 268 61.02 49.90 62.23
N GLY I 269 61.06 49.75 60.93
CA GLY I 269 62.18 50.24 60.14
C GLY I 269 61.68 50.83 58.83
N PHE I 270 62.37 51.87 58.38
CA PHE I 270 62.02 52.55 57.13
C PHE I 270 63.18 52.44 56.15
N ALA I 271 62.85 52.38 54.86
CA ALA I 271 63.86 52.35 53.82
C ALA I 271 63.29 53.01 52.58
N PRO I 272 64.11 53.74 51.80
CA PRO I 272 65.54 53.95 51.96
C PRO I 272 65.89 55.25 52.68
N LEU I 273 67.13 55.35 53.16
CA LEU I 273 67.58 56.49 53.96
C LEU I 273 69.01 56.82 53.59
N THR I 274 69.21 57.96 52.93
CA THR I 274 70.55 58.42 52.55
C THR I 274 70.54 59.94 52.49
N SER I 275 71.75 60.52 52.41
CA SER I 275 71.92 61.96 52.31
C SER I 275 72.04 62.34 50.83
N ARG I 276 72.36 63.60 50.54
CA ARG I 276 72.36 64.12 49.18
C ARG I 276 73.30 63.37 48.25
N GLY I 277 74.59 63.39 48.55
CA GLY I 277 75.57 62.71 47.73
C GLY I 277 75.28 61.22 47.59
N SER I 278 74.96 60.60 48.72
CA SER I 278 74.58 59.19 48.71
C SER I 278 73.33 58.99 47.85
N GLN I 279 72.40 59.94 47.90
CA GLN I 279 71.20 59.83 47.07
C GLN I 279 71.56 59.86 45.59
N GLN I 280 72.51 60.72 45.23
CA GLN I 280 72.96 60.77 43.84
C GLN I 280 73.60 59.46 43.41
N TYR I 281 74.60 58.99 44.16
CA TYR I 281 75.45 57.89 43.74
C TYR I 281 75.00 56.58 44.39
N ARG I 282 73.78 56.13 44.07
CA ARG I 282 73.32 54.80 44.47
C ARG I 282 72.03 54.47 43.74
N ALA I 283 71.69 53.19 43.73
CA ALA I 283 70.51 52.70 43.03
C ALA I 283 69.34 52.54 43.99
N LEU I 284 68.15 52.39 43.41
CA LEU I 284 66.90 52.17 44.15
C LEU I 284 66.21 50.95 43.55
N THR I 285 66.58 49.77 44.04
CA THR I 285 66.02 48.52 43.55
C THR I 285 65.80 47.58 44.72
N VAL I 286 65.15 46.46 44.43
CA VAL I 286 64.86 45.44 45.44
C VAL I 286 66.13 44.96 46.13
N PRO I 287 67.21 44.64 45.41
CA PRO I 287 68.42 44.20 46.13
C PRO I 287 68.95 45.22 47.11
N GLU I 288 69.06 46.48 46.70
CA GLU I 288 69.63 47.49 47.58
C GLU I 288 68.71 47.80 48.76
N LEU I 289 67.40 47.92 48.51
CA LEU I 289 66.47 48.17 49.61
C LEU I 289 66.48 47.01 50.60
N THR I 290 66.59 45.78 50.10
CA THR I 290 66.63 44.62 50.98
C THR I 290 67.92 44.60 51.80
N GLN I 291 69.07 44.84 51.15
CA GLN I 291 70.32 44.95 51.90
C GLN I 291 70.27 46.09 52.89
N GLN I 292 69.43 47.10 52.65
CA GLN I 292 69.36 48.25 53.53
C GLN I 292 68.45 48.02 54.72
N MET I 293 67.47 47.13 54.60
CA MET I 293 66.46 47.03 55.65
C MET I 293 66.68 45.90 56.65
N PHE I 294 67.37 44.83 56.29
CA PHE I 294 67.54 43.70 57.19
C PHE I 294 68.71 43.83 58.14
N ASP I 295 69.43 44.94 58.12
CA ASP I 295 70.53 45.11 59.06
C ASP I 295 69.98 45.52 60.42
N ALA I 296 70.87 45.93 61.32
CA ALA I 296 70.46 46.31 62.67
C ALA I 296 70.14 47.80 62.77
N LYS I 297 71.01 48.64 62.20
CA LYS I 297 70.89 50.08 62.38
C LYS I 297 70.12 50.76 61.26
N ASN I 298 69.18 50.06 60.64
CA ASN I 298 68.13 50.69 59.85
C ASN I 298 66.77 50.50 60.49
N MET I 299 66.74 50.24 61.79
CA MET I 299 65.51 50.14 62.57
C MET I 299 65.50 51.25 63.62
N MET I 300 64.38 51.37 64.30
CA MET I 300 64.19 52.46 65.25
C MET I 300 64.03 51.91 66.65
N CYS I 301 64.93 50.98 67.02
CA CYS I 301 64.94 50.38 68.34
C CYS I 301 66.39 50.13 68.73
N ALA I 302 66.80 50.62 69.90
CA ALA I 302 68.16 50.40 70.35
C ALA I 302 68.31 49.01 70.94
N ALA I 303 67.94 48.00 70.16
CA ALA I 303 68.05 46.61 70.57
C ALA I 303 68.62 45.85 69.38
N ASP I 304 69.85 45.37 69.53
CA ASP I 304 70.56 44.73 68.43
C ASP I 304 69.83 43.44 68.06
N PRO I 305 69.15 43.41 66.92
CA PRO I 305 68.33 42.23 66.60
C PRO I 305 69.14 40.98 66.35
N ARG I 306 70.36 41.12 65.83
CA ARG I 306 71.20 39.95 65.59
C ARG I 306 71.62 39.25 66.89
N HIS I 307 71.24 39.79 68.05
CA HIS I 307 71.36 39.09 69.32
C HIS I 307 70.08 38.37 69.71
N GLY I 308 69.19 38.15 68.77
CA GLY I 308 67.93 37.46 69.03
C GLY I 308 67.43 36.82 67.76
N ARG I 309 66.11 36.79 67.60
CA ARG I 309 65.48 36.26 66.41
C ARG I 309 64.22 37.05 66.10
N TYR I 310 63.59 36.71 64.99
CA TYR I 310 62.33 37.31 64.58
C TYR I 310 61.28 36.20 64.52
N LEU I 311 60.28 36.27 65.40
CA LEU I 311 59.16 35.35 65.30
C LEU I 311 58.44 35.53 63.96
N THR I 312 58.25 36.78 63.55
CA THR I 312 57.67 37.05 62.24
C THR I 312 58.05 38.46 61.80
N ALA I 313 58.10 38.65 60.49
CA ALA I 313 58.55 39.92 59.93
C ALA I 313 57.76 40.23 58.67
N SER I 314 57.00 41.32 58.70
CA SER I 314 56.27 41.80 57.53
C SER I 314 57.06 42.90 56.85
N ALA I 315 56.92 42.96 55.52
CA ALA I 315 57.61 43.94 54.69
C ALA I 315 56.59 44.53 53.72
N LEU I 316 56.18 45.76 53.97
CA LEU I 316 55.26 46.46 53.10
C LEU I 316 56.08 47.29 52.12
N PHE I 317 56.16 46.82 50.88
CA PHE I 317 56.79 47.58 49.82
C PHE I 317 55.80 48.60 49.26
N ARG I 318 56.34 49.58 48.56
CA ARG I 318 55.52 50.64 47.98
C ARG I 318 56.18 51.12 46.71
N GLY I 319 55.35 51.43 45.72
CA GLY I 319 55.82 51.81 44.41
C GLY I 319 55.31 50.86 43.35
N ARG I 320 56.22 50.34 42.53
CA ARG I 320 55.85 49.37 41.51
C ARG I 320 57.09 48.55 41.20
N MET I 321 56.91 47.24 41.07
CA MET I 321 58.02 46.33 40.86
C MET I 321 57.48 45.01 40.34
N SER I 322 58.34 44.00 40.32
CA SER I 322 57.98 42.67 39.87
C SER I 322 57.88 41.76 41.09
N THR I 323 56.67 41.27 41.36
CA THR I 323 56.45 40.49 42.57
C THR I 323 57.40 39.32 42.67
N LYS I 324 57.79 38.72 41.54
CA LYS I 324 58.76 37.64 41.59
C LYS I 324 60.08 38.12 42.18
N GLU I 325 60.49 39.34 41.86
CA GLU I 325 61.77 39.83 42.34
C GLU I 325 61.78 39.99 43.85
N VAL I 326 60.80 40.71 44.39
CA VAL I 326 60.74 40.90 45.84
C VAL I 326 60.53 39.56 46.54
N ASP I 327 59.76 38.66 45.93
CA ASP I 327 59.50 37.38 46.56
C ASP I 327 60.76 36.54 46.65
N GLU I 328 61.51 36.45 45.54
CA GLU I 328 62.76 35.70 45.57
C GLU I 328 63.76 36.34 46.51
N GLN I 329 63.77 37.68 46.59
CA GLN I 329 64.69 38.34 47.51
C GLN I 329 64.33 38.02 48.95
N MET I 330 63.05 37.98 49.28
CA MET I 330 62.63 37.60 50.63
C MET I 330 63.03 36.17 50.93
N LEU I 331 62.75 35.25 50.00
CA LEU I 331 63.10 33.85 50.23
C LEU I 331 64.60 33.68 50.40
N ASN I 332 65.39 34.42 49.63
CA ASN I 332 66.84 34.31 49.70
C ASN I 332 67.39 34.88 51.01
N VAL I 333 66.92 36.07 51.38
CA VAL I 333 67.37 36.65 52.63
C VAL I 333 66.92 35.82 53.82
N GLN I 334 65.82 35.06 53.69
CA GLN I 334 65.45 34.15 54.77
C GLN I 334 66.40 32.96 54.82
N ASN I 335 66.48 32.18 53.73
CA ASN I 335 67.27 30.97 53.83
C ASN I 335 68.77 31.24 53.86
N LYS I 336 69.20 32.49 53.84
CA LYS I 336 70.58 32.78 54.22
C LYS I 336 70.73 33.17 55.68
N ASN I 337 69.75 33.88 56.24
CA ASN I 337 69.71 34.18 57.66
C ASN I 337 68.84 33.17 58.42
N SER I 338 69.14 31.89 58.22
CA SER I 338 68.34 30.84 58.86
C SER I 338 68.55 30.82 60.36
N SER I 339 69.77 31.13 60.82
CA SER I 339 70.05 31.11 62.24
C SER I 339 69.36 32.26 62.95
N TYR I 340 69.47 33.47 62.42
CA TYR I 340 68.88 34.63 63.05
C TYR I 340 67.36 34.64 62.97
N PHE I 341 66.77 33.76 62.18
CA PHE I 341 65.32 33.58 62.18
C PHE I 341 64.96 32.37 63.03
N VAL I 342 63.68 32.28 63.37
CA VAL I 342 63.18 31.20 64.22
C VAL I 342 62.80 30.02 63.33
N GLU I 343 63.20 28.82 63.73
CA GLU I 343 63.05 27.65 62.88
C GLU I 343 61.75 26.87 63.13
N TRP I 344 61.23 26.90 64.35
CA TRP I 344 60.03 26.09 64.60
C TRP I 344 58.80 26.61 63.89
N ILE I 345 58.88 27.74 63.20
CA ILE I 345 57.78 28.24 62.39
C ILE I 345 58.21 28.20 60.94
N PRO I 346 57.32 27.89 60.00
CA PRO I 346 57.70 27.92 58.58
C PRO I 346 57.38 29.26 57.93
N ASN I 347 58.24 29.64 56.97
CA ASN I 347 58.12 30.86 56.18
C ASN I 347 57.69 32.06 57.03
N ASN I 348 58.51 32.44 58.00
CA ASN I 348 58.15 33.48 58.96
C ASN I 348 58.15 34.89 58.37
N ILE I 349 58.30 35.06 57.07
CA ILE I 349 58.35 36.38 56.46
C ILE I 349 57.10 36.60 55.64
N LYS I 350 56.73 37.87 55.50
CA LYS I 350 55.57 38.25 54.69
C LYS I 350 55.90 39.52 53.93
N SER I 351 55.29 39.66 52.76
CA SER I 351 55.47 40.85 51.94
C SER I 351 54.10 41.35 51.48
N SER I 352 54.05 42.63 51.11
CA SER I 352 52.80 43.22 50.64
C SER I 352 53.09 44.45 49.81
N ILE I 353 52.53 44.51 48.60
CA ILE I 353 52.92 45.49 47.60
C ILE I 353 51.73 46.36 47.22
N CYS I 354 51.89 47.68 47.33
CA CYS I 354 50.94 48.65 46.81
C CYS I 354 51.38 49.09 45.42
N ASP I 355 50.64 50.03 44.83
CA ASP I 355 50.93 50.48 43.47
C ASP I 355 51.31 51.95 43.38
N ILE I 356 51.37 52.68 44.49
CA ILE I 356 51.67 54.09 44.48
C ILE I 356 52.83 54.39 45.44
N PRO I 357 53.97 54.86 44.94
CA PRO I 357 55.08 55.21 45.82
C PRO I 357 54.79 56.51 46.55
N PRO I 358 55.59 56.85 47.57
CA PRO I 358 55.36 58.11 48.30
C PRO I 358 55.70 59.34 47.47
N LYS I 359 55.56 60.51 48.07
CA LYS I 359 55.88 61.77 47.41
C LYS I 359 57.37 62.05 47.58
N GLY I 360 58.12 61.93 46.50
CA GLY I 360 59.54 62.25 46.53
C GLY I 360 60.43 61.19 45.89
N LEU I 361 60.06 59.92 46.04
CA LEU I 361 60.87 58.84 45.52
C LEU I 361 60.06 57.91 44.62
N LYS I 362 60.64 56.79 44.23
CA LYS I 362 59.97 55.81 43.38
C LYS I 362 59.74 54.47 44.06
N MET I 363 60.29 54.26 45.25
CA MET I 363 60.06 53.05 46.02
C MET I 363 59.94 53.42 47.49
N ALA I 364 59.52 52.44 48.30
CA ALA I 364 59.49 52.60 49.74
C ALA I 364 59.37 51.23 50.37
N VAL I 365 59.88 51.09 51.60
CA VAL I 365 59.84 49.83 52.31
C VAL I 365 59.62 50.11 53.79
N THR I 366 58.53 49.57 54.34
CA THR I 366 58.30 49.58 55.78
C THR I 366 58.50 48.17 56.28
N PHE I 367 59.44 47.99 57.21
CA PHE I 367 59.82 46.70 57.74
C PHE I 367 59.32 46.61 59.18
N VAL I 368 58.26 45.83 59.40
CA VAL I 368 57.67 45.67 60.72
C VAL I 368 58.05 44.30 61.24
N GLY I 369 58.39 44.22 62.52
CA GLY I 369 58.85 42.95 63.04
C GLY I 369 58.38 42.58 64.43
N ASN I 370 57.71 41.43 64.55
CA ASN I 370 57.45 40.82 65.85
C ASN I 370 58.63 39.92 66.12
N SER I 371 59.62 40.45 66.83
CA SER I 371 60.86 39.76 67.12
C SER I 371 60.89 39.33 68.58
N THR I 372 61.95 38.59 68.92
CA THR I 372 62.23 38.19 70.29
C THR I 372 63.50 38.83 70.83
N ALA I 373 63.93 39.93 70.21
CA ALA I 373 65.10 40.65 70.69
C ALA I 373 64.74 41.78 71.63
N ILE I 374 63.63 42.50 71.37
CA ILE I 374 63.28 43.64 72.20
C ILE I 374 62.89 43.27 73.61
N GLN I 375 62.69 41.98 73.90
CA GLN I 375 62.49 41.57 75.28
C GLN I 375 63.62 42.08 76.17
N GLU I 376 64.86 41.93 75.70
CA GLU I 376 66.01 42.46 76.41
C GLU I 376 65.79 43.92 76.80
N MET I 377 65.18 44.70 75.90
CA MET I 377 64.87 46.09 76.21
C MET I 377 64.16 46.21 77.54
N PHE I 378 63.03 45.51 77.69
CA PHE I 378 62.32 45.53 78.97
C PHE I 378 63.28 45.25 80.11
N LYS I 379 64.10 44.21 79.95
CA LYS I 379 65.12 43.86 80.93
C LYS I 379 65.85 45.09 81.44
N ARG I 380 66.50 45.82 80.54
CA ARG I 380 67.32 46.94 80.99
C ARG I 380 66.47 47.97 81.74
N VAL I 381 65.26 48.24 81.25
CA VAL I 381 64.39 49.16 81.95
C VAL I 381 64.08 48.62 83.34
N ALA I 382 63.68 47.35 83.41
CA ALA I 382 63.45 46.71 84.70
C ALA I 382 64.65 46.89 85.61
N GLU I 383 65.86 46.84 85.06
CA GLU I 383 67.06 47.07 85.84
C GLU I 383 66.90 48.34 86.68
N GLN I 384 66.74 49.47 86.00
CA GLN I 384 66.59 50.74 86.72
C GLN I 384 65.47 50.64 87.74
N PHE I 385 64.35 50.00 87.35
CA PHE I 385 63.20 49.88 88.24
C PHE I 385 63.64 49.34 89.59
N THR I 386 64.39 48.24 89.59
CA THR I 386 64.81 47.66 90.86
C THR I 386 65.64 48.65 91.66
N ALA I 387 66.60 49.31 91.02
CA ALA I 387 67.44 50.25 91.74
C ALA I 387 66.70 51.54 92.09
N MET I 388 65.46 51.68 91.65
CA MET I 388 64.60 52.78 92.09
C MET I 388 63.44 52.29 92.93
N PHE I 389 63.38 51.00 93.22
CA PHE I 389 62.32 50.43 94.05
C PHE I 389 62.86 49.70 95.27
N ARG I 390 63.99 48.99 95.13
CA ARG I 390 64.61 48.34 96.28
C ARG I 390 64.85 49.33 97.40
N ARG I 391 65.32 50.54 97.07
CA ARG I 391 65.45 51.61 98.04
C ARG I 391 64.18 52.43 98.19
N LYS I 392 63.10 52.05 97.51
CA LYS I 392 61.84 52.79 97.54
C LYS I 392 62.04 54.26 97.19
N ALA I 393 63.04 54.55 96.35
CA ALA I 393 63.39 55.92 96.02
C ALA I 393 62.29 56.57 95.18
N PHE I 394 62.09 57.87 95.39
CA PHE I 394 61.15 58.67 94.61
C PHE I 394 59.76 58.04 94.60
N LEU I 395 59.38 57.46 95.72
CA LEU I 395 58.04 56.90 95.86
C LEU I 395 57.07 57.86 96.53
N HIS I 396 57.58 58.89 97.21
CA HIS I 396 56.70 59.83 97.91
C HIS I 396 56.03 60.82 96.98
N TRP I 397 56.08 60.60 95.66
CA TRP I 397 55.29 61.37 94.72
C TRP I 397 54.15 60.57 94.12
N TYR I 398 54.17 59.24 94.23
CA TYR I 398 53.16 58.38 93.66
C TYR I 398 52.07 58.02 94.67
N THR I 399 52.46 57.43 95.80
CA THR I 399 51.49 57.02 96.80
C THR I 399 50.73 58.19 97.39
N GLY I 400 51.23 59.41 97.23
CA GLY I 400 50.55 60.58 97.76
C GLY I 400 49.44 61.08 96.87
N GLU I 401 48.98 60.23 95.95
CA GLU I 401 47.92 60.59 95.02
C GLU I 401 46.92 59.46 94.88
N GLY I 402 46.60 58.79 95.99
CA GLY I 402 45.60 57.75 95.98
C GLY I 402 46.10 56.40 95.47
N MET I 403 47.09 56.43 94.58
CA MET I 403 47.59 55.19 94.00
C MET I 403 48.27 54.33 95.06
N ASP I 404 47.72 53.16 95.30
CA ASP I 404 48.29 52.23 96.28
C ASP I 404 49.60 51.65 95.78
N GLU I 405 50.59 51.61 96.67
CA GLU I 405 51.92 51.16 96.27
C GLU I 405 51.93 49.71 95.82
N MET I 406 51.10 48.86 96.45
CA MET I 406 51.13 47.43 96.19
C MET I 406 51.10 47.12 94.70
N GLU I 407 50.23 47.82 93.96
CA GLU I 407 50.12 47.64 92.51
C GLU I 407 51.50 47.58 91.85
N PHE I 408 52.33 48.58 92.10
CA PHE I 408 53.66 48.64 91.50
C PHE I 408 54.35 47.28 91.54
N THR I 409 54.38 46.68 92.74
CA THR I 409 55.05 45.39 92.90
C THR I 409 54.56 44.39 91.87
N GLU I 410 53.26 44.11 91.88
CA GLU I 410 52.76 43.08 90.97
C GLU I 410 52.97 43.50 89.52
N ALA I 411 52.93 44.81 89.24
CA ALA I 411 53.24 45.28 87.90
C ALA I 411 54.57 44.72 87.42
N GLU I 412 55.61 44.89 88.24
CA GLU I 412 56.91 44.33 87.88
C GLU I 412 56.81 42.84 87.65
N SER I 413 56.12 42.13 88.54
CA SER I 413 55.92 40.70 88.36
C SER I 413 55.40 40.40 86.97
N ASN I 414 54.36 41.15 86.56
CA ASN I 414 53.78 40.94 85.24
C ASN I 414 54.84 41.04 84.16
N MET I 415 55.68 42.08 84.24
CA MET I 415 56.75 42.25 83.26
C MET I 415 57.52 40.96 83.08
N ASN I 416 57.92 40.34 84.20
CA ASN I 416 58.66 39.08 84.16
C ASN I 416 58.00 38.11 83.20
N ASP I 417 56.73 37.78 83.46
CA ASP I 417 56.01 36.86 82.60
C ASP I 417 56.24 37.21 81.14
N LEU I 418 55.97 38.47 80.78
CA LEU I 418 56.18 38.93 79.42
C LEU I 418 57.54 38.51 78.90
N VAL I 419 58.61 39.01 79.53
CA VAL I 419 59.93 38.73 78.99
C VAL I 419 60.20 37.23 79.04
N SER I 420 59.73 36.56 80.10
CA SER I 420 59.87 35.12 80.19
C SER I 420 59.38 34.46 78.91
N GLU I 421 58.14 34.79 78.53
CA GLU I 421 57.56 34.20 77.32
C GLU I 421 58.54 34.31 76.16
N TYR I 422 59.03 35.52 75.91
CA TYR I 422 59.94 35.71 74.79
C TYR I 422 61.10 34.73 74.87
N GLN I 423 61.81 34.73 76.01
CA GLN I 423 62.96 33.84 76.14
C GLN I 423 62.53 32.40 75.94
N GLN I 424 61.38 32.02 76.49
CA GLN I 424 60.90 30.65 76.33
C GLN I 424 60.73 30.32 74.86
N TYR I 425 60.14 31.25 74.09
CA TYR I 425 59.95 30.99 72.67
C TYR I 425 61.26 31.05 71.91
N GLN I 426 62.29 31.70 72.46
CA GLN I 426 63.61 31.63 71.85
C GLN I 426 64.23 30.25 72.02
N ASP I 427 63.68 29.42 72.90
CA ASP I 427 64.25 28.11 73.21
C ASP I 427 63.46 26.97 72.58
N ALA I 428 62.34 27.24 71.94
CA ALA I 428 61.50 26.17 71.42
C ALA I 428 62.10 25.56 70.17
N THR I 429 61.85 24.27 69.97
CA THR I 429 62.30 23.53 68.80
C THR I 429 61.16 22.61 68.36
N ALA I 430 61.48 21.67 67.48
CA ALA I 430 60.50 20.70 67.01
C ALA I 430 61.08 19.29 67.02
N MET J 1 -2.93 -24.84 -34.12
CA MET J 1 -3.37 -26.11 -33.53
C MET J 1 -2.30 -26.69 -32.62
N ARG J 2 -1.39 -25.82 -32.16
CA ARG J 2 -0.32 -26.24 -31.25
C ARG J 2 0.28 -25.00 -30.62
N GLU J 3 0.47 -25.03 -29.31
CA GLU J 3 0.98 -23.90 -28.55
C GLU J 3 1.83 -24.40 -27.40
N VAL J 4 2.60 -23.50 -26.82
CA VAL J 4 3.46 -23.81 -25.68
C VAL J 4 3.54 -22.60 -24.76
N ILE J 5 3.32 -22.83 -23.47
CA ILE J 5 3.43 -21.79 -22.45
C ILE J 5 4.81 -21.86 -21.84
N SER J 6 5.47 -20.70 -21.74
CA SER J 6 6.77 -20.61 -21.10
C SER J 6 6.64 -19.80 -19.81
N ILE J 7 7.29 -20.26 -18.76
CA ILE J 7 7.33 -19.58 -17.48
C ILE J 7 8.78 -19.30 -17.14
N HIS J 8 9.06 -18.11 -16.62
CA HIS J 8 10.43 -17.71 -16.30
C HIS J 8 10.44 -17.14 -14.88
N VAL J 9 10.94 -17.93 -13.95
CA VAL J 9 11.02 -17.55 -12.55
C VAL J 9 12.47 -17.29 -12.20
N GLY J 10 12.69 -16.53 -11.15
CA GLY J 10 14.02 -16.24 -10.69
C GLY J 10 14.72 -15.21 -11.55
N GLN J 11 15.95 -14.90 -11.16
CA GLN J 11 16.73 -13.87 -11.82
C GLN J 11 17.40 -14.38 -13.09
N GLY J 12 18.19 -15.45 -12.97
CA GLY J 12 18.81 -16.02 -14.16
C GLY J 12 17.77 -16.52 -15.16
N GLY J 13 16.69 -17.10 -14.65
CA GLY J 13 15.62 -17.52 -15.53
C GLY J 13 15.06 -16.38 -16.36
N ILE J 14 14.80 -15.23 -15.71
CA ILE J 14 14.20 -14.14 -16.44
C ILE J 14 15.21 -13.50 -17.39
N GLN J 15 16.51 -13.57 -17.07
CA GLN J 15 17.52 -13.06 -17.98
C GLN J 15 17.59 -13.90 -19.25
N VAL J 16 17.72 -15.22 -19.08
CA VAL J 16 17.77 -16.09 -20.24
C VAL J 16 16.45 -16.02 -20.99
N GLY J 17 15.36 -15.71 -20.30
CA GLY J 17 14.10 -15.50 -20.99
C GLY J 17 14.09 -14.24 -21.83
N ASN J 18 14.66 -13.15 -21.30
CA ASN J 18 14.83 -11.95 -22.10
C ASN J 18 15.59 -12.26 -23.38
N ALA J 19 16.74 -12.92 -23.24
CA ALA J 19 17.53 -13.26 -24.43
C ALA J 19 16.76 -14.18 -25.37
N CYS J 20 16.02 -15.12 -24.81
CA CYS J 20 15.30 -16.09 -25.63
C CYS J 20 14.18 -15.45 -26.42
N TRP J 21 13.44 -14.54 -25.80
CA TRP J 21 12.39 -13.84 -26.52
C TRP J 21 12.98 -12.87 -27.53
N GLU J 22 14.16 -12.32 -27.25
CA GLU J 22 14.85 -11.54 -28.28
C GLU J 22 15.11 -12.40 -29.51
N LEU J 23 15.74 -13.56 -29.30
CA LEU J 23 16.05 -14.44 -30.42
C LEU J 23 14.78 -14.87 -31.16
N PHE J 24 13.72 -15.19 -30.42
CA PHE J 24 12.47 -15.60 -31.07
C PHE J 24 11.90 -14.48 -31.93
N CYS J 25 11.69 -13.30 -31.33
CA CYS J 25 11.17 -12.17 -32.07
C CYS J 25 12.02 -11.85 -33.29
N LEU J 26 13.32 -12.16 -33.23
CA LEU J 26 14.13 -11.98 -34.42
C LEU J 26 13.86 -13.09 -35.43
N GLU J 27 13.59 -14.30 -34.96
CA GLU J 27 13.47 -15.43 -35.88
C GLU J 27 12.28 -15.30 -36.81
N HIS J 28 11.11 -14.95 -36.28
CA HIS J 28 9.93 -14.71 -37.11
C HIS J 28 9.84 -13.27 -37.59
N GLY J 29 10.91 -12.50 -37.45
CA GLY J 29 10.90 -11.12 -37.88
C GLY J 29 9.95 -10.22 -37.14
N ILE J 30 9.47 -10.63 -35.97
CA ILE J 30 8.55 -9.80 -35.20
C ILE J 30 9.36 -8.70 -34.53
N GLN J 31 9.09 -7.45 -34.89
CA GLN J 31 9.90 -6.35 -34.42
C GLN J 31 9.72 -6.14 -32.91
N PRO J 32 10.76 -5.70 -32.21
CA PRO J 32 10.70 -5.62 -30.75
C PRO J 32 9.78 -4.52 -30.24
N ASP J 33 9.05 -3.86 -31.13
CA ASP J 33 7.98 -2.96 -30.73
C ASP J 33 6.60 -3.57 -30.94
N GLY J 34 6.52 -4.90 -30.96
CA GLY J 34 5.26 -5.59 -31.05
C GLY J 34 4.79 -5.92 -32.45
N GLN J 35 4.43 -4.89 -33.21
CA GLN J 35 3.75 -5.10 -34.48
C GLN J 35 4.68 -5.77 -35.50
N MET J 36 4.11 -6.68 -36.28
CA MET J 36 4.85 -7.31 -37.37
C MET J 36 4.73 -6.47 -38.63
N PRO J 37 5.83 -6.23 -39.35
CA PRO J 37 5.73 -5.46 -40.60
C PRO J 37 4.86 -6.20 -41.61
N ALA J 48 4.03 -19.77 -38.74
CA ALA J 48 4.98 -20.44 -37.86
C ALA J 48 5.00 -19.93 -36.44
N PHE J 49 4.21 -18.90 -36.10
CA PHE J 49 4.34 -18.24 -34.81
C PHE J 49 3.28 -18.65 -33.81
N ASN J 50 2.14 -19.19 -34.26
CA ASN J 50 1.02 -19.46 -33.35
C ASN J 50 1.41 -20.38 -32.20
N THR J 51 2.54 -21.06 -32.27
CA THR J 51 3.00 -21.83 -31.13
C THR J 51 3.47 -20.92 -30.00
N PHE J 52 3.94 -19.72 -30.33
CA PHE J 52 4.49 -18.82 -29.33
C PHE J 52 3.66 -17.55 -29.16
N PHE J 53 3.41 -16.82 -30.22
CA PHE J 53 2.75 -15.52 -30.08
C PHE J 53 1.25 -15.67 -30.27
N SER J 54 0.53 -14.57 -30.07
CA SER J 54 -0.89 -14.53 -30.32
C SER J 54 -1.31 -13.12 -30.73
N GLU J 55 -2.21 -13.06 -31.70
CA GLU J 55 -2.73 -11.78 -32.16
C GLU J 55 -3.59 -11.16 -31.06
N THR J 56 -3.22 -9.97 -30.61
CA THR J 56 -3.88 -9.33 -29.48
C THR J 56 -5.00 -8.40 -29.90
N GLY J 57 -5.91 -8.89 -30.74
CA GLY J 57 -7.14 -8.17 -31.03
C GLY J 57 -6.99 -6.81 -31.68
N ALA J 58 -5.77 -6.28 -31.75
CA ALA J 58 -5.53 -5.02 -32.46
C ALA J 58 -4.09 -5.04 -32.98
N GLY J 59 -3.93 -5.49 -34.22
CA GLY J 59 -2.69 -5.28 -34.95
C GLY J 59 -1.48 -6.10 -34.50
N LYS J 60 -1.04 -5.88 -33.26
CA LYS J 60 0.27 -6.38 -32.83
C LYS J 60 0.13 -7.78 -32.23
N HIS J 61 1.20 -8.26 -31.61
CA HIS J 61 1.28 -9.62 -31.07
C HIS J 61 1.66 -9.55 -29.60
N VAL J 62 1.30 -10.60 -28.86
CA VAL J 62 1.78 -10.74 -27.49
C VAL J 62 2.36 -12.14 -27.32
N PRO J 63 3.43 -12.30 -26.55
CA PRO J 63 4.00 -13.63 -26.33
C PRO J 63 3.28 -14.40 -25.24
N ARG J 64 3.35 -15.72 -25.33
CA ARG J 64 2.71 -16.62 -24.38
C ARG J 64 3.70 -16.97 -23.27
N ALA J 65 3.84 -16.06 -22.31
CA ALA J 65 4.73 -16.31 -21.20
C ALA J 65 4.43 -15.34 -20.06
N VAL J 66 4.69 -15.79 -18.85
CA VAL J 66 4.62 -14.95 -17.65
C VAL J 66 6.00 -14.89 -17.03
N PHE J 67 6.34 -13.73 -16.47
CA PHE J 67 7.65 -13.50 -15.86
C PHE J 67 7.43 -13.16 -14.40
N LEU J 68 7.79 -14.08 -13.51
CA LEU J 68 7.63 -13.90 -12.08
C LEU J 68 8.98 -13.58 -11.45
N ASP J 69 9.02 -12.55 -10.62
CA ASP J 69 10.19 -12.33 -9.78
C ASP J 69 9.84 -11.37 -8.67
N LEU J 70 10.07 -11.79 -7.43
CA LEU J 70 9.77 -10.92 -6.30
C LEU J 70 10.64 -9.67 -6.31
N GLU J 71 11.89 -9.80 -6.74
CA GLU J 71 12.77 -8.64 -6.82
C GLU J 71 12.36 -7.77 -8.01
N PRO J 72 11.94 -6.52 -7.79
CA PRO J 72 11.52 -5.67 -8.90
C PRO J 72 12.66 -5.05 -9.69
N THR J 73 13.90 -5.50 -9.50
CA THR J 73 15.02 -4.95 -10.25
C THR J 73 14.91 -5.25 -11.75
N VAL J 74 15.01 -6.53 -12.11
CA VAL J 74 15.10 -6.88 -13.52
C VAL J 74 13.74 -6.86 -14.19
N ILE J 75 12.68 -7.24 -13.49
CA ILE J 75 11.36 -7.21 -14.09
C ILE J 75 10.91 -5.78 -14.36
N ASP J 76 11.43 -4.81 -13.62
CA ASP J 76 11.21 -3.42 -13.99
C ASP J 76 12.17 -3.00 -15.09
N GLU J 77 13.41 -3.48 -15.04
CA GLU J 77 14.36 -3.19 -16.10
C GLU J 77 13.80 -3.56 -17.48
N VAL J 78 13.02 -4.64 -17.53
CA VAL J 78 12.33 -4.98 -18.78
C VAL J 78 11.16 -4.06 -19.02
N ARG J 79 10.44 -3.70 -17.95
CA ARG J 79 9.30 -2.79 -18.07
C ARG J 79 9.68 -1.45 -18.70
N THR J 80 10.96 -1.08 -18.64
CA THR J 80 11.43 0.15 -19.24
C THR J 80 12.36 -0.08 -20.42
N GLY J 81 12.79 -1.32 -20.64
CA GLY J 81 13.70 -1.63 -21.73
C GLY J 81 13.09 -1.52 -23.12
N THR J 82 13.72 -2.15 -24.10
CA THR J 82 13.32 -2.04 -25.49
C THR J 82 12.23 -3.04 -25.88
N TYR J 83 11.53 -3.62 -24.91
CA TYR J 83 10.46 -4.55 -25.22
C TYR J 83 9.16 -4.23 -24.50
N ARG J 84 9.08 -3.12 -23.77
CA ARG J 84 7.88 -2.80 -23.00
C ARG J 84 6.63 -2.70 -23.88
N GLN J 85 6.79 -2.52 -25.18
CA GLN J 85 5.64 -2.50 -26.08
C GLN J 85 5.28 -3.89 -26.56
N LEU J 86 6.13 -4.89 -26.32
CA LEU J 86 5.84 -6.24 -26.75
C LEU J 86 4.98 -6.99 -25.74
N PHE J 87 5.48 -7.11 -24.51
CA PHE J 87 4.79 -7.88 -23.49
C PHE J 87 3.48 -7.21 -23.10
N HIS J 88 2.71 -7.93 -22.30
CA HIS J 88 1.50 -7.39 -21.71
C HIS J 88 1.76 -7.07 -20.25
N PRO J 89 1.54 -5.83 -19.80
CA PRO J 89 2.00 -5.45 -18.45
C PRO J 89 1.46 -6.32 -17.33
N GLU J 90 0.47 -7.17 -17.60
CA GLU J 90 0.07 -8.14 -16.59
C GLU J 90 0.88 -9.43 -16.65
N GLN J 91 1.70 -9.62 -17.68
CA GLN J 91 2.58 -10.77 -17.76
C GLN J 91 3.91 -10.53 -17.07
N LEU J 92 3.97 -9.54 -16.18
CA LEU J 92 5.22 -9.18 -15.50
C LEU J 92 4.87 -8.99 -14.03
N ILE J 93 5.11 -10.02 -13.22
CA ILE J 93 4.71 -10.03 -11.82
C ILE J 93 5.93 -9.78 -10.95
N SER J 94 5.81 -8.81 -10.04
CA SER J 94 6.87 -8.43 -9.13
C SER J 94 6.32 -8.35 -7.72
N GLY J 95 7.16 -8.65 -6.74
CA GLY J 95 6.84 -8.54 -5.34
C GLY J 95 7.16 -7.17 -4.80
N LYS J 96 7.69 -7.16 -3.57
CA LYS J 96 8.12 -5.92 -2.95
C LYS J 96 9.59 -5.92 -2.56
N GLU J 97 10.23 -7.08 -2.50
CA GLU J 97 11.64 -7.18 -2.16
C GLU J 97 12.17 -8.48 -2.72
N ASP J 98 13.39 -8.86 -2.33
CA ASP J 98 14.00 -10.08 -2.81
C ASP J 98 13.63 -11.21 -1.87
N ALA J 99 14.29 -12.37 -2.05
CA ALA J 99 14.11 -13.49 -1.14
C ALA J 99 15.37 -13.87 -0.40
N ALA J 100 16.54 -13.47 -0.89
CA ALA J 100 17.81 -13.65 -0.20
C ALA J 100 18.19 -15.12 -0.06
N ASN J 101 18.04 -15.87 -1.14
CA ASN J 101 18.75 -17.13 -1.34
C ASN J 101 18.29 -18.28 -0.46
N ASN J 102 17.41 -18.04 0.50
CA ASN J 102 16.92 -19.12 1.34
C ASN J 102 15.60 -19.63 0.80
N PHE J 103 15.46 -20.95 0.78
CA PHE J 103 14.31 -21.59 0.14
C PHE J 103 13.01 -21.11 0.77
N ALA J 104 12.84 -21.33 2.08
CA ALA J 104 11.56 -21.12 2.73
C ALA J 104 11.06 -19.69 2.64
N ARG J 105 11.93 -18.74 2.28
CA ARG J 105 11.48 -17.35 2.16
C ARG J 105 10.47 -17.19 1.04
N GLY J 106 10.87 -17.49 -0.19
CA GLY J 106 9.97 -17.35 -1.32
C GLY J 106 9.28 -18.64 -1.70
N HIS J 107 9.05 -19.50 -0.71
CA HIS J 107 8.39 -20.78 -0.98
C HIS J 107 7.27 -21.12 -0.02
N TYR J 108 7.22 -20.55 1.18
CA TYR J 108 6.15 -20.82 2.12
C TYR J 108 5.38 -19.56 2.51
N THR J 109 6.08 -18.49 2.88
CA THR J 109 5.44 -17.32 3.46
C THR J 109 5.11 -16.24 2.42
N ILE J 110 6.12 -15.73 1.73
CA ILE J 110 5.93 -14.55 0.90
C ILE J 110 5.25 -14.92 -0.41
N GLY J 111 5.79 -15.91 -1.12
CA GLY J 111 5.22 -16.30 -2.39
C GLY J 111 3.79 -16.79 -2.32
N LYS J 112 3.33 -17.14 -1.12
CA LYS J 112 1.98 -17.69 -0.97
C LYS J 112 0.92 -16.78 -1.55
N GLU J 113 1.12 -15.47 -1.48
CA GLU J 113 0.15 -14.53 -2.02
C GLU J 113 0.31 -14.35 -3.53
N ILE J 114 1.55 -14.34 -4.02
CA ILE J 114 1.79 -14.01 -5.42
C ILE J 114 1.45 -15.18 -6.33
N VAL J 115 1.57 -16.40 -5.83
CA VAL J 115 1.29 -17.57 -6.68
C VAL J 115 -0.17 -17.59 -7.10
N ASP J 116 -1.07 -17.00 -6.32
CA ASP J 116 -2.47 -16.97 -6.71
C ASP J 116 -2.67 -16.16 -7.99
N LEU J 117 -2.16 -14.92 -8.00
CA LEU J 117 -2.24 -14.11 -9.21
C LEU J 117 -1.51 -14.76 -10.37
N CYS J 118 -0.36 -15.37 -10.10
CA CYS J 118 0.37 -16.06 -11.16
C CYS J 118 -0.47 -17.17 -11.79
N LEU J 119 -0.96 -18.11 -10.96
CA LEU J 119 -1.74 -19.22 -11.46
C LEU J 119 -3.00 -18.72 -12.17
N ASP J 120 -3.57 -17.60 -11.72
CA ASP J 120 -4.70 -17.01 -12.43
C ASP J 120 -4.30 -16.59 -13.85
N ARG J 121 -3.18 -15.88 -13.96
CA ARG J 121 -2.70 -15.51 -15.30
C ARG J 121 -2.48 -16.74 -16.15
N ILE J 122 -1.91 -17.80 -15.56
CA ILE J 122 -1.61 -19.00 -16.32
C ILE J 122 -2.90 -19.67 -16.79
N ARG J 123 -3.93 -19.68 -15.94
CA ARG J 123 -5.21 -20.23 -16.34
C ARG J 123 -5.82 -19.43 -17.48
N LYS J 124 -5.69 -18.10 -17.41
CA LYS J 124 -6.21 -17.27 -18.50
C LYS J 124 -5.49 -17.57 -19.80
N LEU J 125 -4.17 -17.70 -19.75
CA LEU J 125 -3.42 -18.06 -20.95
C LEU J 125 -3.86 -19.42 -21.48
N ALA J 126 -3.99 -20.41 -20.59
CA ALA J 126 -4.36 -21.75 -21.01
C ALA J 126 -5.71 -21.75 -21.72
N ASP J 127 -6.73 -21.15 -21.09
CA ASP J 127 -8.02 -21.06 -21.74
C ASP J 127 -8.04 -20.06 -22.89
N ASN J 128 -6.93 -19.36 -23.14
CA ASN J 128 -6.79 -18.59 -24.36
C ASN J 128 -6.13 -19.38 -25.48
N CYS J 129 -5.35 -20.41 -25.15
CA CYS J 129 -4.72 -21.27 -26.14
C CYS J 129 -5.62 -22.43 -26.51
N THR J 130 -5.30 -23.07 -27.64
CA THR J 130 -6.12 -24.14 -28.18
C THR J 130 -5.51 -25.53 -27.96
N GLY J 131 -4.29 -25.75 -28.41
CA GLY J 131 -3.68 -27.06 -28.33
C GLY J 131 -2.41 -27.10 -27.51
N LEU J 132 -2.39 -26.44 -26.36
CA LEU J 132 -1.23 -26.37 -25.50
C LEU J 132 -0.60 -27.73 -25.29
N GLN J 133 0.71 -27.83 -25.54
CA GLN J 133 1.41 -29.10 -25.47
C GLN J 133 2.26 -29.27 -24.23
N GLY J 134 2.88 -28.21 -23.73
CA GLY J 134 3.72 -28.35 -22.55
C GLY J 134 4.18 -27.01 -22.05
N PHE J 135 4.83 -27.04 -20.90
CA PHE J 135 5.37 -25.87 -20.24
C PHE J 135 6.89 -25.88 -20.32
N LEU J 136 7.47 -24.70 -20.10
CA LEU J 136 8.94 -24.54 -20.12
C LEU J 136 9.30 -23.55 -19.02
N VAL J 137 9.58 -24.07 -17.82
CA VAL J 137 9.90 -23.23 -16.67
C VAL J 137 11.39 -22.94 -16.66
N PHE J 138 11.79 -21.94 -15.87
CA PHE J 138 13.20 -21.60 -15.71
C PHE J 138 13.41 -21.11 -14.28
N ASN J 139 14.47 -21.61 -13.64
CA ASN J 139 14.75 -21.21 -12.26
C ASN J 139 16.20 -21.55 -11.94
N SER J 140 16.99 -20.54 -11.62
CA SER J 140 18.32 -20.78 -11.09
C SER J 140 18.20 -21.25 -9.64
N VAL J 141 18.26 -22.56 -9.43
CA VAL J 141 17.96 -23.15 -8.12
C VAL J 141 18.77 -22.51 -7.00
N GLY J 142 19.89 -21.85 -7.31
CA GLY J 142 20.59 -21.11 -6.29
C GLY J 142 19.81 -19.92 -5.77
N GLY J 143 19.02 -19.29 -6.65
CA GLY J 143 18.19 -18.18 -6.23
C GLY J 143 17.11 -18.63 -5.29
N GLY J 144 17.06 -18.06 -4.09
CA GLY J 144 15.98 -18.37 -3.17
C GLY J 144 14.61 -18.13 -3.77
N THR J 145 14.41 -16.93 -4.32
CA THR J 145 13.13 -16.65 -4.98
C THR J 145 12.94 -17.57 -6.18
N GLY J 146 13.98 -17.77 -6.97
CA GLY J 146 13.86 -18.67 -8.12
C GLY J 146 13.43 -20.07 -7.72
N SER J 147 14.27 -20.75 -6.95
CA SER J 147 13.97 -22.13 -6.56
C SER J 147 12.63 -22.22 -5.83
N GLY J 148 12.43 -21.37 -4.83
CA GLY J 148 11.21 -21.41 -4.05
C GLY J 148 9.95 -21.22 -4.86
N LEU J 149 9.88 -20.09 -5.58
CA LEU J 149 8.66 -19.77 -6.32
C LEU J 149 8.46 -20.75 -7.46
N GLY J 150 9.54 -21.24 -8.08
CA GLY J 150 9.39 -22.24 -9.11
C GLY J 150 8.84 -23.55 -8.57
N SER J 151 9.35 -23.98 -7.41
CA SER J 151 8.83 -25.19 -6.79
C SER J 151 7.37 -25.04 -6.42
N LEU J 152 6.99 -23.88 -5.90
CA LEU J 152 5.59 -23.65 -5.56
C LEU J 152 4.73 -23.70 -6.81
N LEU J 153 5.16 -23.05 -7.89
CA LEU J 153 4.41 -23.10 -9.14
C LEU J 153 4.28 -24.52 -9.67
N LEU J 154 5.36 -25.30 -9.59
CA LEU J 154 5.31 -26.67 -10.07
C LEU J 154 4.30 -27.48 -9.26
N GLU J 155 4.34 -27.35 -7.94
CA GLU J 155 3.35 -28.03 -7.10
C GLU J 155 1.94 -27.66 -7.51
N ARG J 156 1.67 -26.35 -7.62
CA ARG J 156 0.31 -25.91 -7.88
C ARG J 156 -0.17 -26.32 -9.27
N LEU J 157 0.74 -26.31 -10.26
CA LEU J 157 0.33 -26.70 -11.61
C LEU J 157 0.10 -28.20 -11.70
N SER J 158 0.99 -29.00 -11.13
CA SER J 158 0.78 -30.44 -11.15
C SER J 158 -0.46 -30.84 -10.38
N VAL J 159 -0.84 -30.07 -9.36
CA VAL J 159 -2.08 -30.38 -8.66
C VAL J 159 -3.28 -29.79 -9.38
N ASP J 160 -3.06 -28.85 -10.32
CA ASP J 160 -4.16 -28.22 -11.05
C ASP J 160 -4.33 -28.81 -12.44
N TYR J 161 -3.29 -28.77 -13.26
CA TYR J 161 -3.43 -29.15 -14.66
C TYR J 161 -3.38 -30.66 -14.83
N GLY J 162 -2.26 -31.27 -14.46
CA GLY J 162 -2.16 -32.71 -14.51
C GLY J 162 -1.58 -33.25 -15.81
N LYS J 163 -2.47 -33.64 -16.73
CA LYS J 163 -2.06 -34.37 -17.93
C LYS J 163 -0.98 -33.64 -18.72
N LYS J 164 -1.00 -32.31 -18.74
CA LYS J 164 -0.04 -31.56 -19.53
C LYS J 164 1.37 -31.74 -18.99
N SER J 165 2.34 -31.68 -19.88
CA SER J 165 3.72 -31.96 -19.55
C SER J 165 4.47 -30.70 -19.13
N LYS J 166 5.62 -30.90 -18.50
CA LYS J 166 6.47 -29.82 -18.00
C LYS J 166 7.92 -30.17 -18.25
N LEU J 167 8.66 -29.27 -18.91
CA LEU J 167 10.05 -29.52 -19.32
C LEU J 167 10.92 -28.40 -18.76
N GLY J 168 11.39 -28.57 -17.53
CA GLY J 168 12.19 -27.54 -16.90
C GLY J 168 13.54 -27.40 -17.58
N PHE J 169 14.12 -26.21 -17.44
CA PHE J 169 15.48 -25.93 -17.88
C PHE J 169 16.17 -25.15 -16.77
N THR J 170 16.78 -25.87 -15.84
CA THR J 170 17.29 -25.27 -14.63
C THR J 170 18.79 -24.97 -14.75
N ILE J 171 19.23 -23.98 -13.97
CA ILE J 171 20.65 -23.60 -13.90
C ILE J 171 21.13 -23.91 -12.49
N TYR J 172 22.02 -24.89 -12.38
CA TYR J 172 22.56 -25.34 -11.10
C TYR J 172 23.79 -24.54 -10.71
N PRO J 173 24.31 -24.77 -9.51
CA PRO J 173 25.66 -24.28 -9.18
C PRO J 173 26.72 -25.20 -9.75
N SER J 174 27.73 -24.59 -10.38
CA SER J 174 28.83 -25.34 -10.94
C SER J 174 29.49 -26.22 -9.87
N PRO J 175 30.15 -27.31 -10.28
CA PRO J 175 30.85 -28.14 -9.28
C PRO J 175 31.95 -27.42 -8.54
N GLN J 176 32.74 -26.56 -9.21
CA GLN J 176 33.88 -25.94 -8.56
C GLN J 176 33.73 -24.44 -8.34
N VAL J 177 33.07 -23.71 -9.22
CA VAL J 177 32.91 -22.27 -9.05
C VAL J 177 31.48 -22.00 -8.58
N SER J 178 31.32 -20.95 -7.80
CA SER J 178 30.02 -20.61 -7.24
C SER J 178 29.88 -19.10 -7.13
N THR J 179 28.64 -18.64 -7.16
CA THR J 179 28.32 -17.22 -7.00
C THR J 179 27.55 -16.95 -5.72
N ALA J 180 27.46 -17.92 -4.82
CA ALA J 180 26.84 -17.73 -3.52
C ALA J 180 27.34 -18.84 -2.60
N VAL J 181 27.08 -18.67 -1.31
CA VAL J 181 27.57 -19.62 -0.31
C VAL J 181 26.48 -20.54 0.20
N VAL J 182 25.21 -20.18 0.06
CA VAL J 182 24.10 -20.98 0.57
C VAL J 182 23.34 -21.68 -0.55
N GLU J 183 23.91 -21.70 -1.76
CA GLU J 183 23.25 -22.42 -2.85
C GLU J 183 23.13 -23.92 -2.59
N PRO J 184 24.19 -24.63 -2.17
CA PRO J 184 24.02 -26.07 -1.90
C PRO J 184 22.91 -26.40 -0.93
N TYR J 185 22.36 -25.41 -0.22
CA TYR J 185 21.16 -25.65 0.59
C TYR J 185 19.90 -25.56 -0.27
N ASN J 186 19.64 -24.39 -0.85
CA ASN J 186 18.40 -24.18 -1.59
C ASN J 186 18.42 -24.80 -2.97
N SER J 187 19.44 -25.61 -3.28
CA SER J 187 19.43 -26.45 -4.47
C SER J 187 19.06 -27.89 -4.15
N ILE J 188 19.21 -28.31 -2.90
CA ILE J 188 18.78 -29.63 -2.49
C ILE J 188 17.29 -29.65 -2.19
N LEU J 189 16.77 -28.57 -1.64
CA LEU J 189 15.35 -28.54 -1.26
C LEU J 189 14.45 -28.59 -2.49
N SER J 190 14.87 -27.98 -3.60
CA SER J 190 14.06 -28.00 -4.80
C SER J 190 14.08 -29.34 -5.51
N THR J 191 14.91 -30.30 -5.04
CA THR J 191 15.07 -31.56 -5.74
C THR J 191 13.77 -32.35 -5.78
N HIS J 192 13.12 -32.51 -4.63
CA HIS J 192 11.89 -33.29 -4.61
C HIS J 192 10.81 -32.63 -5.47
N SER J 193 10.69 -31.30 -5.39
CA SER J 193 9.70 -30.60 -6.20
C SER J 193 9.95 -30.84 -7.69
N LEU J 194 11.18 -30.64 -8.15
CA LEU J 194 11.46 -30.82 -9.57
C LEU J 194 11.46 -32.29 -9.97
N LEU J 195 11.52 -33.21 -9.01
CA LEU J 195 11.60 -34.62 -9.33
C LEU J 195 10.23 -35.29 -9.41
N GLU J 196 9.32 -34.94 -8.50
CA GLU J 196 8.04 -35.65 -8.42
C GLU J 196 6.94 -34.96 -9.22
N HIS J 197 7.06 -33.67 -9.47
CA HIS J 197 6.02 -32.93 -10.17
C HIS J 197 6.47 -32.41 -11.52
N THR J 198 7.61 -32.87 -12.03
CA THR J 198 8.10 -32.49 -13.34
C THR J 198 8.64 -33.71 -14.05
N ASP J 199 8.33 -33.85 -15.33
CA ASP J 199 8.68 -35.06 -16.08
C ASP J 199 10.03 -34.98 -16.75
N VAL J 200 10.57 -33.78 -16.96
CA VAL J 200 11.84 -33.58 -17.65
C VAL J 200 12.69 -32.63 -16.81
N ALA J 201 13.96 -32.52 -17.19
CA ALA J 201 14.89 -31.59 -16.57
C ALA J 201 16.13 -31.55 -17.45
N VAL J 202 16.71 -30.36 -17.56
CA VAL J 202 17.87 -30.14 -18.42
C VAL J 202 18.88 -29.31 -17.63
N MET J 203 19.96 -29.93 -17.19
CA MET J 203 20.92 -29.28 -16.33
C MET J 203 21.85 -28.38 -17.15
N LEU J 204 21.96 -27.12 -16.74
CA LEU J 204 22.89 -26.18 -17.35
C LEU J 204 23.83 -25.65 -16.27
N ASP J 205 25.04 -25.29 -16.68
CA ASP J 205 26.03 -24.80 -15.74
C ASP J 205 27.01 -23.89 -16.46
N ASN J 206 27.38 -22.79 -15.79
CA ASN J 206 28.09 -21.71 -16.47
C ASN J 206 29.52 -22.12 -16.83
N GLU J 207 30.23 -22.77 -15.91
CA GLU J 207 31.63 -23.11 -16.16
C GLU J 207 31.80 -23.90 -17.45
N ALA J 208 30.84 -24.79 -17.74
CA ALA J 208 30.92 -25.55 -18.99
C ALA J 208 30.76 -24.64 -20.19
N ILE J 209 29.76 -23.76 -20.16
CA ILE J 209 29.55 -22.81 -21.23
C ILE J 209 30.71 -21.83 -21.30
N TYR J 210 31.31 -21.50 -20.16
CA TYR J 210 32.46 -20.61 -20.15
C TYR J 210 33.64 -21.24 -20.88
N ASP J 211 33.93 -22.51 -20.57
CA ASP J 211 35.01 -23.19 -21.29
C ASP J 211 34.69 -23.31 -22.77
N ILE J 212 33.43 -23.59 -23.11
CA ILE J 212 33.03 -23.68 -24.51
C ILE J 212 33.32 -22.38 -25.24
N CYS J 213 32.91 -21.26 -24.64
CA CYS J 213 33.18 -19.97 -25.25
C CYS J 213 34.68 -19.71 -25.36
N ARG J 214 35.43 -19.99 -24.30
CA ARG J 214 36.84 -19.65 -24.28
C ARG J 214 37.68 -20.51 -25.21
N ARG J 215 37.18 -21.69 -25.61
CA ARG J 215 37.94 -22.56 -26.47
C ARG J 215 37.33 -22.74 -27.86
N ASN J 216 36.16 -22.15 -28.13
CA ASN J 216 35.59 -22.20 -29.47
C ASN J 216 35.48 -20.81 -30.08
N LEU J 217 34.82 -19.86 -29.43
CA LEU J 217 34.63 -18.53 -29.97
C LEU J 217 35.81 -17.62 -29.72
N ASP J 218 36.77 -18.04 -28.90
CA ASP J 218 38.00 -17.31 -28.57
C ASP J 218 37.72 -16.06 -27.75
N ILE J 219 36.46 -15.73 -27.49
CA ILE J 219 36.16 -14.57 -26.64
C ILE J 219 36.69 -14.86 -25.23
N GLU J 220 37.63 -14.02 -24.78
CA GLU J 220 38.38 -14.35 -23.57
C GLU J 220 37.64 -13.96 -22.31
N ARG J 221 36.93 -12.85 -22.33
CA ARG J 221 36.21 -12.40 -21.15
C ARG J 221 34.71 -12.44 -21.40
N PRO J 222 34.07 -13.60 -21.33
CA PRO J 222 32.65 -13.69 -21.57
C PRO J 222 31.84 -13.14 -20.40
N THR J 223 30.54 -13.00 -20.62
CA THR J 223 29.64 -12.50 -19.59
C THR J 223 28.35 -13.32 -19.67
N TYR J 224 27.45 -13.07 -18.71
CA TYR J 224 26.18 -13.79 -18.70
C TYR J 224 25.45 -13.71 -20.02
N THR J 225 25.36 -12.50 -20.60
CA THR J 225 24.50 -12.30 -21.77
C THR J 225 24.89 -13.22 -22.92
N ASN J 226 26.18 -13.53 -23.07
CA ASN J 226 26.59 -14.48 -24.09
C ASN J 226 26.04 -15.87 -23.80
N LEU J 227 26.17 -16.32 -22.56
CA LEU J 227 25.62 -17.60 -22.16
C LEU J 227 24.12 -17.65 -22.41
N ASN J 228 23.42 -16.57 -22.11
CA ASN J 228 21.98 -16.55 -22.27
C ASN J 228 21.59 -16.58 -23.74
N ARG J 229 22.32 -15.87 -24.60
CA ARG J 229 22.09 -15.98 -26.03
C ARG J 229 22.29 -17.40 -26.51
N LEU J 230 23.33 -18.07 -26.03
CA LEU J 230 23.59 -19.44 -26.47
C LEU J 230 22.49 -20.39 -26.01
N ILE J 231 22.02 -20.22 -24.77
CA ILE J 231 20.93 -21.05 -24.28
C ILE J 231 19.67 -20.78 -25.07
N ALA J 232 19.42 -19.51 -25.43
CA ALA J 232 18.30 -19.19 -26.30
C ALA J 232 18.42 -19.91 -27.63
N GLN J 233 19.64 -19.98 -28.17
CA GLN J 233 19.85 -20.71 -29.42
C GLN J 233 19.49 -22.19 -29.25
N VAL J 234 19.90 -22.78 -28.13
CA VAL J 234 19.58 -24.19 -27.90
C VAL J 234 18.07 -24.39 -27.83
N ILE J 235 17.37 -23.52 -27.09
CA ILE J 235 15.94 -23.71 -26.91
C ILE J 235 15.20 -23.45 -28.22
N SER J 236 15.70 -22.54 -29.04
CA SER J 236 15.09 -22.33 -30.36
C SER J 236 15.28 -23.56 -31.22
N SER J 237 16.47 -24.15 -31.22
CA SER J 237 16.67 -25.39 -31.96
C SER J 237 15.77 -26.50 -31.43
N LEU J 238 15.45 -26.45 -30.14
CA LEU J 238 14.47 -27.39 -29.59
C LEU J 238 13.10 -27.18 -30.21
N THR J 239 12.53 -25.98 -30.04
CA THR J 239 11.16 -25.76 -30.51
C THR J 239 11.05 -25.68 -32.03
N ALA J 240 12.16 -25.74 -32.76
CA ALA J 240 12.12 -25.64 -34.21
C ALA J 240 11.17 -26.65 -34.84
N SER J 241 11.05 -27.85 -34.26
CA SER J 241 10.20 -28.89 -34.84
C SER J 241 8.73 -28.46 -34.83
N LEU J 242 8.21 -28.12 -33.65
CA LEU J 242 6.85 -27.61 -33.57
C LEU J 242 6.67 -26.33 -34.38
N ARG J 243 7.73 -25.53 -34.50
CA ARG J 243 7.58 -24.23 -35.15
C ARG J 243 7.48 -24.37 -36.67
N PHE J 244 8.51 -24.93 -37.30
CA PHE J 244 8.66 -24.87 -38.75
C PHE J 244 8.40 -26.25 -39.37
N ASP J 245 8.59 -26.30 -40.68
CA ASP J 245 8.47 -27.54 -41.43
C ASP J 245 9.59 -28.50 -41.04
N GLY J 246 9.54 -29.71 -41.58
CA GLY J 246 10.58 -30.68 -41.32
C GLY J 246 10.44 -31.97 -42.09
N ALA J 247 11.55 -32.44 -42.66
CA ALA J 247 11.52 -33.71 -43.40
C ALA J 247 11.24 -34.87 -42.47
N LEU J 248 11.67 -34.79 -41.21
CA LEU J 248 11.44 -35.85 -40.23
C LEU J 248 11.32 -35.18 -38.88
N ASN J 249 10.08 -34.90 -38.47
CA ASN J 249 9.82 -34.06 -37.32
C ASN J 249 9.69 -34.88 -36.04
N VAL J 250 9.87 -34.18 -34.92
CA VAL J 250 9.66 -34.72 -33.58
C VAL J 250 8.64 -33.84 -32.88
N ASP J 251 8.32 -34.22 -31.64
CA ASP J 251 7.37 -33.45 -30.85
C ASP J 251 7.70 -33.63 -29.38
N ILE J 252 7.27 -32.66 -28.57
CA ILE J 252 7.42 -32.79 -27.13
C ILE J 252 6.72 -34.04 -26.62
N THR J 253 5.57 -34.37 -27.21
CA THR J 253 4.90 -35.61 -26.85
C THR J 253 5.72 -36.84 -27.24
N GLU J 254 6.55 -36.73 -28.28
CA GLU J 254 7.51 -37.77 -28.60
C GLU J 254 8.85 -37.57 -27.92
N PHE J 255 9.19 -36.34 -27.58
CA PHE J 255 10.45 -36.06 -26.88
C PHE J 255 10.47 -36.70 -25.51
N GLN J 256 9.35 -36.66 -24.79
CA GLN J 256 9.30 -37.27 -23.47
C GLN J 256 9.40 -38.78 -23.55
N THR J 257 8.59 -39.41 -24.39
CA THR J 257 8.47 -40.86 -24.40
C THR J 257 9.55 -41.54 -25.24
N ASN J 258 10.64 -40.85 -25.56
CA ASN J 258 11.79 -41.45 -26.18
C ASN J 258 13.07 -41.22 -25.39
N LEU J 259 12.98 -40.52 -24.25
CA LEU J 259 14.14 -40.22 -23.44
C LEU J 259 13.92 -40.50 -21.96
N VAL J 260 12.78 -41.06 -21.58
CA VAL J 260 12.47 -41.32 -20.18
C VAL J 260 12.27 -42.82 -20.02
N PRO J 261 13.35 -43.60 -19.85
CA PRO J 261 13.18 -45.05 -19.68
C PRO J 261 12.40 -45.43 -18.44
N TYR J 262 12.55 -44.65 -17.36
CA TYR J 262 11.83 -44.90 -16.13
C TYR J 262 11.43 -43.55 -15.56
N PRO J 263 10.21 -43.43 -15.04
CA PRO J 263 9.66 -42.10 -14.73
C PRO J 263 10.43 -41.33 -13.69
N ARG J 264 11.44 -41.91 -13.06
CA ARG J 264 12.19 -41.22 -12.02
C ARG J 264 13.67 -41.07 -12.36
N ILE J 265 14.09 -41.39 -13.58
CA ILE J 265 15.42 -41.04 -14.06
C ILE J 265 15.24 -40.36 -15.41
N HIS J 266 15.13 -39.04 -15.40
CA HIS J 266 14.85 -38.27 -16.61
C HIS J 266 15.71 -37.02 -16.67
N PHE J 267 16.77 -36.97 -15.88
CA PHE J 267 17.61 -35.78 -15.77
C PHE J 267 18.63 -35.81 -16.90
N MET J 268 18.41 -35.01 -17.93
CA MET J 268 19.17 -35.07 -19.16
C MET J 268 20.06 -33.84 -19.31
N LEU J 269 21.26 -34.04 -19.82
CA LEU J 269 22.13 -32.92 -20.14
C LEU J 269 22.05 -32.61 -21.63
N SER J 270 22.64 -31.49 -22.02
CA SER J 270 22.48 -30.97 -23.37
C SER J 270 23.82 -30.71 -24.02
N SER J 271 23.78 -30.54 -25.35
CA SER J 271 24.97 -30.19 -26.12
C SER J 271 24.50 -29.56 -27.43
N TYR J 272 25.39 -28.77 -28.02
CA TYR J 272 25.04 -27.99 -29.19
C TYR J 272 26.27 -27.81 -30.07
N ALA J 273 26.06 -27.74 -31.37
CA ALA J 273 27.15 -27.49 -32.30
C ALA J 273 26.57 -26.93 -33.58
N PRO J 274 27.35 -26.14 -34.35
CA PRO J 274 28.72 -25.71 -34.09
C PRO J 274 28.81 -24.30 -33.51
N ILE J 275 29.59 -24.14 -32.45
CA ILE J 275 29.81 -22.84 -31.84
C ILE J 275 31.13 -22.33 -32.39
N ILE J 276 31.07 -21.57 -33.47
CA ILE J 276 32.26 -21.11 -34.18
C ILE J 276 32.05 -19.68 -34.65
N SER J 277 33.11 -18.88 -34.60
CA SER J 277 33.08 -17.51 -35.08
C SER J 277 33.35 -17.50 -36.59
N ALA J 278 33.57 -16.31 -37.15
CA ALA J 278 33.70 -16.19 -38.60
C ALA J 278 34.99 -16.83 -39.11
N GLU J 279 36.11 -16.56 -38.42
CA GLU J 279 37.39 -17.12 -38.86
C GLU J 279 37.35 -18.64 -38.86
N LYS J 280 36.83 -19.23 -37.79
CA LYS J 280 36.69 -20.68 -37.75
C LYS J 280 35.52 -21.19 -38.59
N ALA J 281 34.77 -20.30 -39.23
CA ALA J 281 33.70 -20.70 -40.12
C ALA J 281 34.18 -20.81 -41.56
N TYR J 282 34.85 -19.77 -42.05
CA TYR J 282 35.31 -19.79 -43.44
C TYR J 282 36.34 -20.88 -43.65
N HIS J 283 37.28 -21.04 -42.71
CA HIS J 283 38.25 -22.12 -42.76
C HIS J 283 37.69 -23.41 -42.17
N GLU J 284 36.53 -23.84 -42.65
CA GLU J 284 35.89 -25.02 -42.10
C GLU J 284 35.06 -25.72 -43.17
N GLN J 285 35.28 -27.04 -43.32
CA GLN J 285 34.46 -27.82 -44.22
C GLN J 285 33.03 -27.94 -43.70
N LEU J 286 32.88 -28.18 -42.39
CA LEU J 286 31.58 -28.14 -41.71
C LEU J 286 30.68 -29.29 -42.16
N SER J 287 31.24 -30.50 -42.21
CA SER J 287 30.48 -31.65 -42.64
C SER J 287 29.60 -32.18 -41.51
N VAL J 288 28.55 -32.92 -41.89
CA VAL J 288 27.64 -33.50 -40.91
C VAL J 288 28.38 -34.51 -40.05
N ALA J 289 29.28 -35.28 -40.64
CA ALA J 289 30.07 -36.24 -39.88
C ALA J 289 30.84 -35.53 -38.76
N GLU J 290 31.51 -34.44 -39.10
CA GLU J 290 32.31 -33.74 -38.10
C GLU J 290 31.44 -33.05 -37.06
N ILE J 291 30.32 -32.49 -37.47
CA ILE J 291 29.46 -31.81 -36.50
C ILE J 291 28.87 -32.81 -35.52
N THR J 292 28.52 -34.02 -36.00
CA THR J 292 28.00 -35.03 -35.09
C THR J 292 29.09 -35.62 -34.22
N ASN J 293 30.29 -35.82 -34.76
CA ASN J 293 31.40 -36.32 -33.94
C ASN J 293 31.92 -35.28 -32.98
N SER J 294 31.56 -34.01 -33.17
CA SER J 294 31.88 -32.97 -32.20
C SER J 294 30.79 -32.80 -31.15
N ALA J 295 29.54 -33.10 -31.51
CA ALA J 295 28.46 -33.02 -30.53
C ALA J 295 28.56 -34.08 -29.44
N PHE J 296 29.58 -34.92 -29.44
CA PHE J 296 29.80 -35.90 -28.39
C PHE J 296 31.00 -35.61 -27.51
N GLU J 297 31.86 -34.68 -27.90
CA GLU J 297 33.08 -34.43 -27.14
C GLU J 297 32.71 -33.92 -25.75
N PRO J 298 33.13 -34.60 -24.68
CA PRO J 298 32.86 -34.10 -23.33
C PRO J 298 33.43 -32.72 -23.07
N ALA J 299 34.27 -32.19 -23.97
CA ALA J 299 34.76 -30.83 -23.83
C ALA J 299 33.62 -29.84 -23.93
N ASN J 300 32.77 -29.97 -24.94
CA ASN J 300 31.68 -29.02 -25.16
C ASN J 300 30.32 -29.56 -24.72
N MET J 301 30.31 -30.35 -23.65
CA MET J 301 29.05 -30.71 -23.00
C MET J 301 28.62 -29.56 -22.10
N MET J 302 27.35 -29.15 -22.23
CA MET J 302 26.87 -27.97 -21.54
C MET J 302 26.49 -28.25 -20.09
N ALA J 303 26.97 -29.35 -19.52
CA ALA J 303 26.84 -29.63 -18.10
C ALA J 303 28.09 -30.38 -17.67
N LYS J 304 28.85 -29.79 -16.76
CA LYS J 304 30.17 -30.32 -16.40
C LYS J 304 30.10 -31.77 -15.93
N CYS J 305 30.72 -32.66 -16.70
CA CYS J 305 30.84 -34.07 -16.35
C CYS J 305 31.75 -34.72 -17.38
N ASP J 306 32.11 -35.99 -17.10
CA ASP J 306 32.94 -36.79 -17.99
C ASP J 306 32.11 -37.97 -18.48
N PRO J 307 31.21 -37.75 -19.44
CA PRO J 307 30.34 -38.85 -19.91
C PRO J 307 31.09 -40.10 -20.32
N ARG J 308 32.36 -39.98 -20.71
CA ARG J 308 33.14 -41.15 -21.06
C ARG J 308 33.23 -42.13 -19.89
N HIS J 309 33.41 -41.61 -18.68
CA HIS J 309 33.44 -42.47 -17.50
C HIS J 309 32.07 -42.87 -17.03
N GLY J 310 31.02 -42.24 -17.55
CA GLY J 310 29.66 -42.66 -17.30
C GLY J 310 29.16 -43.57 -18.39
N LYS J 311 27.86 -43.47 -18.67
CA LYS J 311 27.26 -44.24 -19.76
C LYS J 311 26.03 -43.50 -20.25
N TYR J 312 25.72 -43.70 -21.53
CA TYR J 312 24.57 -43.07 -22.16
C TYR J 312 23.37 -44.00 -22.13
N MET J 313 22.18 -43.42 -22.08
CA MET J 313 20.94 -44.19 -22.16
C MET J 313 20.14 -43.84 -23.40
N ALA J 314 19.89 -42.56 -23.65
CA ALA J 314 19.18 -42.15 -24.85
C ALA J 314 19.76 -40.83 -25.34
N CYS J 315 19.68 -40.61 -26.65
CA CYS J 315 20.22 -39.41 -27.27
C CYS J 315 19.26 -38.94 -28.35
N SER J 316 18.70 -37.76 -28.16
CA SER J 316 17.97 -37.09 -29.22
C SER J 316 18.92 -36.16 -29.97
N MET J 317 18.84 -36.21 -31.29
CA MET J 317 19.69 -35.40 -32.17
C MET J 317 18.77 -34.64 -33.11
N MET J 318 18.49 -33.39 -32.78
CA MET J 318 17.62 -32.57 -33.61
C MET J 318 18.50 -31.62 -34.41
N TYR J 319 18.58 -31.87 -35.71
CA TYR J 319 19.38 -31.07 -36.62
C TYR J 319 18.55 -29.91 -37.16
N ARG J 320 19.21 -29.09 -37.96
CA ARG J 320 18.51 -28.09 -38.76
C ARG J 320 19.44 -27.61 -39.85
N GLY J 321 18.85 -27.11 -40.92
CA GLY J 321 19.58 -26.83 -42.14
C GLY J 321 19.50 -27.97 -43.12
N ASP J 322 20.25 -27.85 -44.20
CA ASP J 322 20.29 -28.91 -45.21
C ASP J 322 21.15 -30.06 -44.73
N VAL J 323 20.53 -31.24 -44.59
CA VAL J 323 21.25 -32.46 -44.24
C VAL J 323 20.79 -33.57 -45.17
N VAL J 324 21.69 -34.54 -45.38
CA VAL J 324 21.39 -35.72 -46.19
C VAL J 324 21.14 -36.88 -45.23
N PRO J 325 19.91 -37.40 -45.15
CA PRO J 325 19.65 -38.50 -44.22
C PRO J 325 20.60 -39.67 -44.36
N LYS J 326 21.08 -39.95 -45.57
CA LYS J 326 22.13 -40.94 -45.76
C LYS J 326 23.35 -40.58 -44.92
N ASP J 327 23.78 -39.31 -45.00
CA ASP J 327 24.95 -38.88 -44.25
C ASP J 327 24.70 -38.94 -42.76
N VAL J 328 23.51 -38.52 -42.31
CA VAL J 328 23.18 -38.57 -40.90
C VAL J 328 23.27 -39.99 -40.38
N ASN J 329 22.68 -40.94 -41.11
CA ASN J 329 22.67 -42.32 -40.64
C ASN J 329 24.07 -42.93 -40.69
N ALA J 330 24.87 -42.58 -41.71
CA ALA J 330 26.25 -43.08 -41.75
C ALA J 330 27.06 -42.54 -40.59
N SER J 331 26.88 -41.27 -40.24
CA SER J 331 27.56 -40.70 -39.08
C SER J 331 27.11 -41.39 -37.80
N ILE J 332 25.80 -41.64 -37.67
CA ILE J 332 25.30 -42.36 -36.51
C ILE J 332 25.98 -43.73 -36.39
N ALA J 333 26.10 -44.42 -37.52
CA ALA J 333 26.74 -45.73 -37.51
C ALA J 333 28.19 -45.63 -37.07
N THR J 334 28.97 -44.75 -37.71
CA THR J 334 30.37 -44.63 -37.37
C THR J 334 30.58 -44.08 -35.96
N ILE J 335 29.55 -43.48 -35.36
CA ILE J 335 29.62 -43.12 -33.95
C ILE J 335 29.40 -44.33 -33.07
N LYS J 336 28.32 -45.09 -33.34
CA LYS J 336 28.10 -46.32 -32.59
C LYS J 336 29.26 -47.29 -32.74
N THR J 337 30.11 -47.10 -33.74
CA THR J 337 31.32 -47.91 -33.85
C THR J 337 32.35 -47.52 -32.79
N LYS J 338 32.34 -46.28 -32.34
CA LYS J 338 33.37 -45.78 -31.43
C LYS J 338 33.39 -46.57 -30.13
N ARG J 339 34.46 -46.37 -29.36
CA ARG J 339 34.70 -47.11 -28.13
C ARG J 339 34.59 -46.27 -26.86
N THR J 340 34.92 -44.98 -26.92
CA THR J 340 34.90 -44.17 -25.71
C THR J 340 33.48 -43.94 -25.21
N ILE J 341 32.51 -43.83 -26.11
CA ILE J 341 31.12 -43.58 -25.76
C ILE J 341 30.33 -44.87 -25.97
N GLN J 342 30.05 -45.56 -24.88
CA GLN J 342 29.36 -46.85 -24.93
C GLN J 342 27.98 -46.72 -24.32
N PHE J 343 27.06 -47.53 -24.80
CA PHE J 343 25.68 -47.52 -24.36
C PHE J 343 25.41 -48.61 -23.33
N VAL J 344 24.26 -48.51 -22.69
CA VAL J 344 23.78 -49.58 -21.83
C VAL J 344 23.36 -50.77 -22.70
N ASP J 345 23.26 -51.94 -22.07
CA ASP J 345 22.83 -53.12 -22.79
C ASP J 345 21.34 -53.06 -23.11
N TRP J 346 20.54 -52.56 -22.17
CA TRP J 346 19.09 -52.62 -22.27
C TRP J 346 18.51 -51.60 -23.24
N CYS J 347 19.35 -50.98 -24.08
CA CYS J 347 18.86 -50.03 -25.07
C CYS J 347 19.73 -50.17 -26.31
N PRO J 348 19.33 -51.06 -27.24
CA PRO J 348 20.12 -51.23 -28.48
C PRO J 348 20.07 -50.01 -29.39
N THR J 349 18.86 -49.54 -29.71
CA THR J 349 18.70 -48.31 -30.48
C THR J 349 18.61 -47.16 -29.50
N GLY J 350 19.70 -46.40 -29.38
CA GLY J 350 19.75 -45.33 -28.40
C GLY J 350 19.62 -43.95 -29.00
N PHE J 351 19.60 -43.88 -30.33
CA PHE J 351 19.58 -42.61 -31.05
C PHE J 351 18.20 -42.38 -31.65
N LYS J 352 17.51 -41.33 -31.21
CA LYS J 352 16.43 -40.76 -31.99
C LYS J 352 16.93 -39.48 -32.63
N VAL J 353 16.55 -39.26 -33.88
CA VAL J 353 16.98 -38.08 -34.60
C VAL J 353 15.75 -37.31 -35.08
N GLY J 354 16.00 -36.13 -35.64
CA GLY J 354 14.95 -35.30 -36.18
C GLY J 354 15.53 -34.20 -37.04
N ILE J 355 14.83 -33.83 -38.10
CA ILE J 355 15.34 -32.84 -39.03
C ILE J 355 14.32 -31.71 -39.13
N ASN J 356 14.80 -30.52 -39.47
CA ASN J 356 13.95 -29.38 -39.71
C ASN J 356 14.42 -28.70 -40.99
N TYR J 357 13.84 -27.53 -41.29
CA TYR J 357 14.11 -26.88 -42.57
C TYR J 357 14.32 -25.38 -42.41
N GLN J 358 14.85 -24.94 -41.28
CA GLN J 358 15.24 -23.55 -41.09
C GLN J 358 16.60 -23.50 -40.44
N PRO J 359 17.66 -23.13 -41.16
CA PRO J 359 18.98 -23.05 -40.56
C PRO J 359 19.00 -22.04 -39.44
N PRO J 360 20.04 -22.07 -38.58
CA PRO J 360 20.07 -21.16 -37.42
C PRO J 360 19.88 -19.70 -37.76
N THR J 361 19.43 -18.93 -36.78
CA THR J 361 19.32 -17.49 -36.90
C THR J 361 20.48 -16.83 -36.18
N VAL J 362 20.71 -15.56 -36.50
CA VAL J 362 21.83 -14.82 -35.95
C VAL J 362 21.32 -13.51 -35.34
N VAL J 363 21.73 -13.25 -34.11
CA VAL J 363 21.31 -12.08 -33.35
C VAL J 363 22.46 -11.06 -33.42
N PRO J 364 22.29 -9.94 -34.14
CA PRO J 364 23.30 -8.89 -34.10
C PRO J 364 23.57 -8.44 -32.67
N GLY J 365 24.78 -8.72 -32.19
CA GLY J 365 25.08 -8.56 -30.78
C GLY J 365 25.53 -9.88 -30.18
N GLY J 366 25.83 -10.84 -31.05
CA GLY J 366 26.31 -12.13 -30.62
C GLY J 366 27.52 -12.56 -31.43
N ASP J 367 28.39 -13.33 -30.79
CA ASP J 367 29.65 -13.74 -31.40
C ASP J 367 29.50 -14.97 -32.28
N LEU J 368 28.29 -15.52 -32.41
CA LEU J 368 28.10 -16.71 -33.23
C LEU J 368 27.97 -16.34 -34.69
N ALA J 369 28.46 -17.20 -35.57
CA ALA J 369 28.49 -16.95 -37.00
C ALA J 369 27.36 -17.68 -37.70
N LYS J 370 26.89 -17.09 -38.80
CA LYS J 370 25.81 -17.70 -39.58
C LYS J 370 26.27 -19.03 -40.16
N VAL J 371 25.55 -20.10 -39.84
CA VAL J 371 25.95 -21.45 -40.20
C VAL J 371 24.77 -22.14 -40.85
N MET J 372 25.02 -22.84 -41.96
CA MET J 372 23.94 -23.44 -42.72
C MET J 372 23.30 -24.59 -41.96
N ARG J 373 24.08 -25.32 -41.16
CA ARG J 373 23.60 -26.48 -40.45
C ARG J 373 23.75 -26.29 -38.95
N ALA J 374 23.11 -27.17 -38.17
CA ALA J 374 23.23 -27.12 -36.73
C ALA J 374 22.70 -28.42 -36.15
N VAL J 375 23.22 -28.79 -34.98
CA VAL J 375 22.79 -29.97 -34.26
C VAL J 375 22.61 -29.63 -32.79
N CYS J 376 21.48 -30.01 -32.22
CA CYS J 376 21.24 -29.93 -30.79
C CYS J 376 20.98 -31.33 -30.28
N MET J 377 21.79 -31.77 -29.32
CA MET J 377 21.70 -33.11 -28.78
C MET J 377 21.26 -33.05 -27.33
N ILE J 378 20.28 -33.86 -26.99
CA ILE J 378 19.84 -34.02 -25.61
C ILE J 378 20.20 -35.45 -25.20
N SER J 379 21.10 -35.57 -24.25
CA SER J 379 21.62 -36.86 -23.81
C SER J 379 21.07 -37.16 -22.44
N ASN J 380 20.20 -38.17 -22.36
CA ASN J 380 19.82 -38.76 -21.08
C ASN J 380 20.87 -39.83 -20.78
N SER J 381 21.75 -39.54 -19.83
CA SER J 381 22.85 -40.44 -19.49
C SER J 381 22.85 -40.73 -17.99
N THR J 382 23.85 -41.47 -17.52
CA THR J 382 23.98 -41.77 -16.10
C THR J 382 25.17 -41.09 -15.45
N ALA J 383 26.12 -40.57 -16.24
CA ALA J 383 27.23 -39.82 -15.67
C ALA J 383 26.74 -38.58 -14.96
N ILE J 384 25.55 -38.08 -15.31
CA ILE J 384 25.01 -36.88 -14.67
C ILE J 384 24.90 -37.05 -13.17
N ALA J 385 24.71 -38.28 -12.70
CA ALA J 385 24.64 -38.55 -11.26
C ALA J 385 25.86 -38.01 -10.55
N GLU J 386 27.04 -38.13 -11.17
CA GLU J 386 28.27 -37.56 -10.61
C GLU J 386 28.04 -36.15 -10.10
N VAL J 387 27.41 -35.31 -10.93
CA VAL J 387 27.12 -33.93 -10.54
C VAL J 387 26.47 -33.90 -9.16
N PHE J 388 25.35 -34.60 -9.02
CA PHE J 388 24.65 -34.63 -7.74
C PHE J 388 25.61 -34.99 -6.61
N SER J 389 26.40 -36.05 -6.81
CA SER J 389 27.38 -36.46 -5.82
C SER J 389 28.15 -35.26 -5.30
N ARG J 390 28.83 -34.55 -6.19
CA ARG J 390 29.62 -33.41 -5.78
C ARG J 390 28.75 -32.39 -5.05
N LEU J 391 27.60 -32.05 -5.63
CA LEU J 391 26.69 -31.15 -4.95
C LEU J 391 26.30 -31.72 -3.60
N ASP J 392 25.90 -33.00 -3.57
CA ASP J 392 25.57 -33.64 -2.30
C ASP J 392 26.70 -33.46 -1.30
N HIS J 393 27.94 -33.64 -1.77
CA HIS J 393 29.11 -33.45 -0.92
C HIS J 393 29.00 -32.15 -0.13
N LYS J 394 28.81 -31.04 -0.86
CA LYS J 394 28.71 -29.74 -0.21
C LYS J 394 27.70 -29.77 0.92
N PHE J 395 26.51 -30.30 0.66
CA PHE J 395 25.46 -30.34 1.66
C PHE J 395 25.98 -30.90 2.98
N ASP J 396 26.68 -32.04 2.91
CA ASP J 396 27.24 -32.64 4.12
C ASP J 396 28.03 -31.59 4.90
N LEU J 397 29.05 -31.04 4.26
CA LEU J 397 30.01 -30.17 4.95
C LEU J 397 29.35 -28.92 5.47
N MET J 398 28.06 -28.74 5.19
CA MET J 398 27.30 -27.69 5.83
C MET J 398 26.38 -28.23 6.91
N TYR J 399 25.53 -29.20 6.57
CA TYR J 399 24.55 -29.65 7.54
C TYR J 399 25.19 -30.41 8.70
N ALA J 400 26.45 -30.82 8.55
CA ALA J 400 27.16 -31.39 9.69
C ALA J 400 27.20 -30.41 10.85
N LYS J 401 27.27 -29.10 10.56
CA LYS J 401 27.41 -28.11 11.61
C LYS J 401 26.24 -27.12 11.63
N ARG J 402 25.13 -27.47 10.99
CA ARG J 402 23.89 -26.69 11.03
C ARG J 402 24.11 -25.25 10.60
N ALA J 403 25.21 -24.95 9.94
CA ALA J 403 25.50 -23.57 9.53
C ALA J 403 24.40 -23.06 8.61
N PHE J 404 23.98 -21.83 8.85
CA PHE J 404 22.94 -21.12 8.12
C PHE J 404 21.57 -21.76 8.23
N VAL J 405 21.43 -22.87 8.97
CA VAL J 405 20.12 -23.50 9.10
C VAL J 405 19.15 -22.57 9.82
N HIS J 406 19.66 -21.70 10.68
CA HIS J 406 18.77 -20.82 11.43
C HIS J 406 18.08 -19.81 10.53
N TRP J 407 18.73 -19.37 9.45
CA TRP J 407 18.04 -18.55 8.46
C TRP J 407 16.85 -19.29 7.87
N TYR J 408 16.96 -20.61 7.70
CA TYR J 408 15.83 -21.38 7.20
C TYR J 408 14.73 -21.49 8.26
N VAL J 409 15.09 -21.92 9.46
CA VAL J 409 14.09 -22.08 10.50
C VAL J 409 13.40 -20.77 10.83
N GLY J 410 14.04 -19.64 10.54
CA GLY J 410 13.42 -18.35 10.76
C GLY J 410 12.41 -17.96 9.72
N GLU J 411 11.84 -18.95 9.01
CA GLU J 411 10.77 -18.66 8.07
C GLU J 411 9.67 -19.72 8.13
N GLY J 412 9.51 -20.39 9.28
CA GLY J 412 8.45 -21.36 9.46
C GLY J 412 8.78 -22.77 9.02
N MET J 413 9.82 -22.95 8.21
CA MET J 413 10.20 -24.30 7.78
C MET J 413 11.01 -24.96 8.89
N GLU J 414 10.43 -25.97 9.53
CA GLU J 414 11.15 -26.76 10.50
C GLU J 414 12.27 -27.52 9.81
N GLU J 415 13.46 -27.51 10.43
CA GLU J 415 14.66 -28.01 9.76
C GLU J 415 14.57 -29.49 9.43
N GLY J 416 13.58 -30.20 10.00
CA GLY J 416 13.43 -31.62 9.75
C GLY J 416 13.20 -31.96 8.29
N GLU J 417 12.77 -30.99 7.48
CA GLU J 417 12.59 -31.25 6.06
C GLU J 417 13.93 -31.45 5.35
N PHE J 418 15.01 -30.93 5.92
CA PHE J 418 16.32 -31.06 5.29
C PHE J 418 16.70 -32.52 5.12
N SER J 419 16.60 -33.31 6.20
CA SER J 419 16.96 -34.72 6.11
C SER J 419 16.04 -35.46 5.15
N GLU J 420 14.77 -35.07 5.08
CA GLU J 420 13.85 -35.68 4.14
C GLU J 420 14.31 -35.47 2.70
N ALA J 421 14.64 -34.21 2.36
CA ALA J 421 15.09 -33.92 1.00
C ALA J 421 16.43 -34.59 0.71
N ARG J 422 17.31 -34.65 1.71
CA ARG J 422 18.60 -35.28 1.51
C ARG J 422 18.44 -36.77 1.24
N GLU J 423 17.56 -37.44 1.97
CA GLU J 423 17.32 -38.86 1.70
C GLU J 423 16.65 -39.05 0.35
N ASP J 424 15.72 -38.15 -0.01
CA ASP J 424 15.08 -38.25 -1.33
C ASP J 424 16.09 -38.14 -2.45
N LEU J 425 17.08 -37.26 -2.30
CA LEU J 425 18.11 -37.16 -3.35
C LEU J 425 19.11 -38.31 -3.28
N ALA J 426 19.39 -38.82 -2.08
CA ALA J 426 20.26 -39.99 -1.98
C ALA J 426 19.64 -41.19 -2.67
N ALA J 427 18.31 -41.26 -2.68
CA ALA J 427 17.63 -42.32 -3.42
C ALA J 427 18.04 -42.31 -4.89
N LEU J 428 18.01 -41.13 -5.52
CA LEU J 428 18.44 -41.03 -6.92
C LEU J 428 19.93 -41.28 -7.06
N GLU J 429 20.73 -40.66 -6.19
CA GLU J 429 22.18 -40.84 -6.21
C GLU J 429 22.55 -42.32 -6.18
N LYS J 430 21.73 -43.14 -5.52
CA LYS J 430 21.94 -44.58 -5.51
C LYS J 430 21.32 -45.27 -6.72
N ASP J 431 20.17 -44.77 -7.18
CA ASP J 431 19.46 -45.42 -8.28
C ASP J 431 20.28 -45.36 -9.56
N TYR J 432 20.82 -44.19 -9.88
CA TYR J 432 21.60 -44.06 -11.12
C TYR J 432 22.79 -44.99 -11.13
N GLU J 433 23.56 -45.02 -10.03
CA GLU J 433 24.72 -45.89 -9.98
C GLU J 433 24.34 -47.37 -9.90
N GLU J 434 23.06 -47.69 -9.96
CA GLU J 434 22.58 -49.06 -10.00
C GLU J 434 22.19 -49.51 -11.40
N VAL J 435 21.41 -48.69 -12.12
CA VAL J 435 20.95 -49.08 -13.45
C VAL J 435 22.10 -49.20 -14.43
N GLY J 436 23.19 -48.50 -14.19
CA GLY J 436 24.31 -48.56 -15.12
C GLY J 436 25.10 -49.84 -15.04
N ILE J 437 24.41 -50.97 -15.16
CA ILE J 437 25.03 -52.29 -15.19
C ILE J 437 24.41 -53.09 -16.33
N GLU J 438 24.86 -54.33 -16.49
CA GLU J 438 24.31 -55.21 -17.51
C GLU J 438 23.00 -55.82 -17.00
N THR J 439 22.45 -56.76 -17.76
CA THR J 439 21.20 -57.41 -17.37
C THR J 439 21.44 -58.62 -16.48
N MET K 1 10.61 1.59 -2.94
CA MET K 1 10.50 0.23 -2.43
C MET K 1 11.80 -0.23 -1.80
N ARG K 2 11.70 -1.00 -0.72
CA ARG K 2 12.86 -1.46 0.06
C ARG K 2 13.66 -0.26 0.58
N GLU K 3 12.96 0.62 1.29
CA GLU K 3 13.55 1.86 1.73
C GLU K 3 14.50 1.63 2.91
N ILE K 4 15.13 2.71 3.36
CA ILE K 4 16.13 2.65 4.42
C ILE K 4 16.01 3.90 5.27
N VAL K 5 15.85 3.72 6.57
CA VAL K 5 15.89 4.84 7.51
C VAL K 5 17.31 4.96 8.06
N HIS K 6 17.92 6.11 7.85
CA HIS K 6 19.28 6.37 8.33
C HIS K 6 19.16 7.04 9.68
N ILE K 7 19.75 6.42 10.70
CA ILE K 7 19.76 6.96 12.06
C ILE K 7 21.16 7.44 12.38
N GLN K 8 21.32 8.74 12.58
CA GLN K 8 22.58 9.31 13.01
C GLN K 8 22.71 9.12 14.52
N GLY K 9 23.69 9.78 15.13
CA GLY K 9 23.81 9.71 16.57
C GLY K 9 25.23 9.82 17.06
N GLY K 10 25.46 10.64 18.07
CA GLY K 10 26.81 10.91 18.53
C GLY K 10 27.54 11.83 17.60
N GLN K 11 28.66 12.40 18.05
CA GLN K 11 29.41 13.32 17.21
C GLN K 11 29.94 12.62 15.96
N CYS K 12 30.57 11.46 16.14
CA CYS K 12 31.04 10.68 15.00
C CYS K 12 29.88 10.32 14.08
N GLY K 13 28.75 9.92 14.64
CA GLY K 13 27.60 9.61 13.83
C GLY K 13 27.16 10.79 12.99
N ASN K 14 27.10 11.98 13.58
CA ASN K 14 26.68 13.16 12.84
C ASN K 14 27.64 13.49 11.72
N GLN K 15 28.95 13.45 12.01
CA GLN K 15 29.93 13.79 10.99
C GLN K 15 29.90 12.79 9.83
N ILE K 16 29.94 11.50 10.17
CA ILE K 16 29.92 10.47 9.12
C ILE K 16 28.62 10.51 8.34
N GLY K 17 27.50 10.85 9.00
CA GLY K 17 26.25 10.96 8.28
C GLY K 17 26.22 12.14 7.34
N ALA K 18 26.77 13.28 7.77
CA ALA K 18 26.92 14.41 6.86
C ALA K 18 27.71 14.00 5.63
N LYS K 19 28.84 13.32 5.83
CA LYS K 19 29.66 12.90 4.70
C LYS K 19 28.92 11.89 3.83
N PHE K 20 28.14 11.00 4.45
CA PHE K 20 27.43 9.97 3.70
C PHE K 20 26.35 10.59 2.82
N TRP K 21 25.55 11.49 3.39
CA TRP K 21 24.55 12.17 2.58
C TRP K 21 25.21 13.03 1.51
N GLU K 22 26.41 13.55 1.78
CA GLU K 22 27.14 14.25 0.74
C GLU K 22 27.47 13.31 -0.42
N VAL K 23 27.98 12.13 -0.12
CA VAL K 23 28.35 11.19 -1.18
C VAL K 23 27.12 10.72 -1.94
N ILE K 24 26.00 10.51 -1.25
CA ILE K 24 24.79 10.07 -1.93
C ILE K 24 24.25 11.17 -2.83
N SER K 25 24.21 12.41 -2.33
CA SER K 25 23.82 13.53 -3.16
C SER K 25 24.73 13.67 -4.37
N ASP K 26 26.02 13.34 -4.22
CA ASP K 26 26.91 13.35 -5.37
C ASP K 26 26.52 12.28 -6.37
N GLU K 27 26.35 11.04 -5.90
CA GLU K 27 26.10 9.92 -6.82
C GLU K 27 24.78 10.10 -7.55
N HIS K 28 23.70 10.34 -6.81
CA HIS K 28 22.39 10.51 -7.44
C HIS K 28 22.22 11.88 -8.08
N GLY K 29 23.29 12.65 -8.22
CA GLY K 29 23.25 13.93 -8.91
C GLY K 29 22.32 14.94 -8.27
N ILE K 30 22.46 15.13 -6.96
CA ILE K 30 21.63 16.06 -6.20
C ILE K 30 22.51 17.21 -5.72
N ASP K 31 22.16 18.40 -6.10
CA ASP K 31 22.85 19.59 -5.63
C ASP K 31 22.34 19.98 -4.24
N PRO K 32 23.13 20.73 -3.46
CA PRO K 32 22.79 20.95 -2.06
C PRO K 32 21.62 21.90 -1.84
N THR K 33 20.90 22.27 -2.90
CA THR K 33 19.68 23.04 -2.70
C THR K 33 18.48 22.15 -2.41
N GLY K 34 18.53 20.88 -2.81
CA GLY K 34 17.46 19.94 -2.53
C GLY K 34 16.70 19.46 -3.75
N THR K 35 17.05 19.92 -4.95
CA THR K 35 16.39 19.49 -6.17
C THR K 35 17.29 18.51 -6.92
N TYR K 36 16.78 18.01 -8.04
CA TYR K 36 17.53 17.09 -8.88
C TYR K 36 18.15 17.84 -10.05
N HIS K 37 19.46 17.69 -10.22
CA HIS K 37 20.12 18.25 -11.40
C HIS K 37 21.17 17.30 -11.95
N ASN K 48 13.70 6.89 -4.34
CA ASN K 48 12.91 6.68 -3.14
C ASN K 48 13.60 5.75 -2.13
N VAL K 49 14.70 5.11 -2.51
CA VAL K 49 15.35 4.20 -1.58
C VAL K 49 15.97 4.97 -0.41
N TYR K 50 16.44 6.18 -0.65
CA TYR K 50 17.01 7.02 0.40
C TYR K 50 16.23 8.30 0.59
N TYR K 51 15.97 9.06 -0.47
CA TYR K 51 15.30 10.33 -0.35
C TYR K 51 13.79 10.15 -0.35
N ASN K 52 13.09 11.15 0.18
CA ASN K 52 11.64 11.25 0.08
C ASN K 52 11.32 12.48 -0.75
N GLU K 53 10.33 12.34 -1.64
CA GLU K 53 9.93 13.46 -2.47
C GLU K 53 9.10 14.45 -1.65
N ALA K 54 9.24 15.73 -2.00
CA ALA K 54 8.49 16.80 -1.37
C ALA K 54 8.23 17.87 -2.42
N THR K 55 7.34 18.80 -2.05
CA THR K 55 6.80 19.78 -2.98
C THR K 55 7.87 20.41 -3.85
N GLY K 56 7.55 20.56 -5.14
CA GLY K 56 8.49 21.16 -6.07
C GLY K 56 9.67 20.29 -6.43
N GLY K 57 9.49 18.97 -6.42
CA GLY K 57 10.59 18.08 -6.75
C GLY K 57 11.71 18.05 -5.74
N ARG K 58 11.48 18.57 -4.54
CA ARG K 58 12.52 18.58 -3.52
C ARG K 58 12.76 17.17 -3.00
N TYR K 59 14.00 16.88 -2.62
CA TYR K 59 14.36 15.56 -2.12
C TYR K 59 14.89 15.70 -0.70
N VAL K 60 14.04 15.40 0.28
CA VAL K 60 14.46 15.49 1.67
C VAL K 60 14.99 14.13 2.12
N PRO K 61 16.18 14.07 2.70
CA PRO K 61 16.74 12.76 3.09
C PRO K 61 15.93 12.13 4.21
N ARG K 62 15.61 10.85 4.03
CA ARG K 62 14.97 10.06 5.07
C ARG K 62 16.04 9.71 6.09
N ALA K 63 16.22 10.62 7.05
CA ALA K 63 17.24 10.45 8.07
C ALA K 63 16.84 11.18 9.33
N ILE K 64 17.45 10.77 10.44
CA ILE K 64 17.18 11.33 11.75
C ILE K 64 18.51 11.55 12.46
N LEU K 65 18.71 12.75 12.99
CA LEU K 65 19.88 13.07 13.79
C LEU K 65 19.49 13.14 15.26
N MET K 66 20.48 12.97 16.12
CA MET K 66 20.22 13.00 17.55
C MET K 66 21.53 13.15 18.31
N ASP K 67 21.47 13.92 19.40
CA ASP K 67 22.56 14.10 20.34
C ASP K 67 22.02 14.90 21.51
N LEU K 68 22.55 14.63 22.70
CA LEU K 68 22.14 15.37 23.88
C LEU K 68 22.73 16.78 23.91
N GLU K 69 23.53 17.14 22.91
CA GLU K 69 24.14 18.45 22.76
C GLU K 69 23.83 18.98 21.37
N PRO K 70 23.51 20.27 21.25
CA PRO K 70 23.15 20.81 19.93
C PRO K 70 24.36 21.28 19.12
N GLY K 71 25.56 20.86 19.52
CA GLY K 71 26.77 21.32 18.86
C GLY K 71 26.97 20.80 17.45
N THR K 72 27.18 19.49 17.31
CA THR K 72 27.43 18.92 15.99
C THR K 72 26.23 19.09 15.08
N MET K 73 25.03 19.07 15.65
CA MET K 73 23.84 19.37 14.86
C MET K 73 23.92 20.78 14.28
N ASP K 74 24.29 21.75 15.11
CA ASP K 74 24.48 23.12 14.62
C ASP K 74 25.54 23.15 13.52
N SER K 75 26.63 22.41 13.71
CA SER K 75 27.70 22.40 12.72
C SER K 75 27.19 21.87 11.38
N VAL K 76 26.60 20.67 11.37
CA VAL K 76 26.12 20.10 10.12
C VAL K 76 24.98 20.91 9.53
N ARG K 77 24.26 21.69 10.34
CA ARG K 77 23.30 22.62 9.78
C ARG K 77 23.96 23.87 9.22
N ALA K 78 25.21 24.14 9.62
CA ALA K 78 25.93 25.29 9.09
C ALA K 78 26.80 24.95 7.89
N GLY K 79 27.32 23.73 7.83
CA GLY K 79 28.20 23.34 6.75
C GLY K 79 27.47 23.13 5.44
N PRO K 80 28.12 22.46 4.49
CA PRO K 80 27.44 22.15 3.23
C PRO K 80 26.39 21.07 3.44
N PHE K 81 25.37 21.09 2.57
CA PHE K 81 24.27 20.14 2.63
C PHE K 81 23.59 20.16 3.99
N GLY K 82 23.46 21.35 4.57
CA GLY K 82 22.74 21.52 5.80
C GLY K 82 21.27 21.83 5.65
N GLN K 83 20.83 22.08 4.42
CA GLN K 83 19.42 22.38 4.17
C GLN K 83 18.61 21.12 3.88
N LEU K 84 19.27 20.01 3.57
CA LEU K 84 18.55 18.80 3.17
C LEU K 84 17.70 18.25 4.31
N PHE K 85 18.34 17.91 5.42
CA PHE K 85 17.62 17.27 6.51
C PHE K 85 16.57 18.20 7.10
N ARG K 86 15.36 17.69 7.26
CA ARG K 86 14.27 18.52 7.73
C ARG K 86 14.41 18.79 9.23
N PRO K 87 14.02 19.99 9.69
CA PRO K 87 14.20 20.32 11.10
C PRO K 87 13.29 19.55 12.03
N ASP K 88 12.28 18.87 11.51
CA ASP K 88 11.49 17.97 12.35
C ASP K 88 12.31 16.77 12.79
N ASN K 89 13.38 16.44 12.06
CA ASN K 89 14.20 15.29 12.37
C ASN K 89 15.45 15.65 13.16
N PHE K 90 15.54 16.89 13.65
CA PHE K 90 16.62 17.28 14.55
C PHE K 90 16.14 17.24 16.00
N VAL K 91 15.77 16.06 16.47
CA VAL K 91 15.37 15.91 17.87
C VAL K 91 16.64 15.92 18.72
N PHE K 92 16.81 16.97 19.52
CA PHE K 92 18.06 17.21 20.22
C PHE K 92 17.80 17.79 21.60
N GLY K 93 18.38 17.14 22.62
CA GLY K 93 18.37 17.69 23.95
C GLY K 93 19.50 18.69 24.16
N GLN K 94 19.41 19.44 25.26
CA GLN K 94 20.34 20.52 25.53
C GLN K 94 21.17 20.33 26.80
N THR K 95 21.07 19.18 27.47
CA THR K 95 21.82 18.98 28.70
C THR K 95 23.14 18.27 28.48
N GLY K 96 23.33 17.61 27.33
CA GLY K 96 24.56 16.89 27.07
C GLY K 96 24.65 15.59 27.84
N ALA K 97 25.43 14.64 27.31
CA ALA K 97 25.62 13.35 27.98
C ALA K 97 26.99 13.28 28.66
N GLY K 98 28.05 13.50 27.90
CA GLY K 98 29.37 13.62 28.49
C GLY K 98 30.10 12.32 28.77
N ASN K 99 30.21 11.46 27.77
CA ASN K 99 31.11 10.31 27.83
C ASN K 99 30.79 9.38 29.00
N ASN K 100 29.50 9.24 29.31
CA ASN K 100 29.04 8.39 30.39
C ASN K 100 27.88 7.57 29.84
N TRP K 101 28.17 6.31 29.49
CA TRP K 101 27.16 5.47 28.85
C TRP K 101 25.88 5.41 29.65
N ALA K 102 25.99 5.28 30.97
CA ALA K 102 24.80 5.28 31.81
C ALA K 102 24.06 6.61 31.72
N LYS K 103 24.80 7.71 31.63
CA LYS K 103 24.17 9.03 31.52
C LYS K 103 23.33 9.13 30.25
N GLY K 104 23.74 8.47 29.18
CA GLY K 104 23.02 8.48 27.93
C GLY K 104 22.22 7.23 27.64
N HIS K 105 22.04 6.34 28.60
CA HIS K 105 21.25 5.13 28.40
C HIS K 105 20.24 4.83 29.50
N TYR K 106 20.34 5.46 30.67
CA TYR K 106 19.36 5.21 31.72
C TYR K 106 18.78 6.50 32.27
N THR K 107 19.53 7.60 32.19
CA THR K 107 19.09 8.86 32.77
C THR K 107 18.35 9.74 31.76
N GLU K 108 19.03 10.11 30.68
CA GLU K 108 18.41 10.91 29.64
C GLU K 108 17.83 10.07 28.51
N GLY K 109 18.15 8.78 28.47
CA GLY K 109 17.52 7.91 27.49
C GLY K 109 16.01 7.94 27.59
N ALA K 110 15.49 7.73 28.80
CA ALA K 110 14.04 7.70 28.99
C ALA K 110 13.39 9.07 28.78
N GLU K 111 14.16 10.14 28.68
CA GLU K 111 13.61 11.48 28.55
C GLU K 111 13.60 11.99 27.12
N LEU K 112 14.22 11.29 26.18
CA LEU K 112 14.28 11.77 24.81
C LEU K 112 13.91 10.65 23.85
N ILE K 113 14.09 9.40 24.29
CA ILE K 113 13.75 8.24 23.49
C ILE K 113 12.27 8.24 23.14
N ASP K 114 11.43 8.85 23.96
CA ASP K 114 10.01 8.95 23.62
C ASP K 114 9.83 9.68 22.29
N SER K 115 10.36 10.92 22.20
CA SER K 115 10.23 11.68 20.97
C SER K 115 10.99 11.04 19.83
N VAL K 116 12.13 10.39 20.12
CA VAL K 116 12.89 9.75 19.06
C VAL K 116 12.09 8.60 18.45
N LEU K 117 11.46 7.77 19.29
CA LEU K 117 10.62 6.71 18.78
C LEU K 117 9.40 7.27 18.06
N ASP K 118 8.87 8.39 18.54
CA ASP K 118 7.74 9.01 17.85
C ASP K 118 8.12 9.36 16.41
N VAL K 119 9.27 10.04 16.24
CA VAL K 119 9.64 10.46 14.90
C VAL K 119 10.09 9.27 14.06
N VAL K 120 10.70 8.25 14.66
CA VAL K 120 11.11 7.09 13.89
C VAL K 120 9.89 6.30 13.43
N ARG K 121 8.84 6.24 14.26
CA ARG K 121 7.59 5.62 13.83
C ARG K 121 6.96 6.41 12.70
N LYS K 122 6.91 7.74 12.83
CA LYS K 122 6.37 8.54 11.74
C LYS K 122 7.21 8.45 10.48
N GLU K 123 8.47 8.01 10.60
CA GLU K 123 9.30 7.82 9.42
C GLU K 123 9.08 6.44 8.80
N ALA K 124 8.95 5.41 9.64
CA ALA K 124 8.80 4.06 9.13
C ALA K 124 7.41 3.83 8.55
N GLU K 125 6.37 4.25 9.27
CA GLU K 125 5.01 4.11 8.74
C GLU K 125 4.85 4.88 7.44
N GLY K 126 5.53 6.02 7.31
CA GLY K 126 5.53 6.74 6.05
C GLY K 126 6.13 5.98 4.89
N CYS K 127 6.81 4.87 5.16
CA CYS K 127 7.32 3.99 4.13
C CYS K 127 6.26 2.96 3.74
N ASP K 128 6.50 2.28 2.62
CA ASP K 128 5.60 1.26 2.11
C ASP K 128 6.07 -0.14 2.46
N CYS K 129 7.29 -0.50 2.05
CA CYS K 129 7.88 -1.81 2.34
C CYS K 129 9.32 -1.58 2.77
N LEU K 130 9.53 -1.37 4.06
CA LEU K 130 10.87 -1.11 4.57
C LEU K 130 11.65 -2.42 4.62
N GLN K 131 12.95 -2.34 4.30
CA GLN K 131 13.79 -3.53 4.28
C GLN K 131 14.62 -3.66 5.56
N GLY K 132 15.40 -2.64 5.89
CA GLY K 132 16.22 -2.71 7.08
C GLY K 132 16.59 -1.32 7.55
N PHE K 133 17.26 -1.28 8.69
CA PHE K 133 17.74 -0.04 9.27
C PHE K 133 19.24 0.09 8.99
N GLN K 134 19.81 1.22 9.38
CA GLN K 134 21.23 1.45 9.18
C GLN K 134 21.73 2.58 10.08
N ILE K 135 22.72 2.29 10.93
CA ILE K 135 23.12 3.19 12.00
C ILE K 135 24.57 3.62 11.80
N THR K 136 24.89 4.81 12.31
CA THR K 136 26.27 5.30 12.35
C THR K 136 26.50 5.90 13.72
N HIS K 137 27.38 5.28 14.52
CA HIS K 137 27.65 5.76 15.85
C HIS K 137 29.02 5.27 16.30
N SER K 138 29.45 5.75 17.44
CA SER K 138 30.68 5.30 18.10
C SER K 138 30.32 4.37 19.25
N LEU K 139 31.35 3.91 19.96
CA LEU K 139 31.14 3.00 21.08
C LEU K 139 31.64 3.53 22.42
N GLY K 140 32.51 4.53 22.43
CA GLY K 140 33.01 5.05 23.68
C GLY K 140 32.29 6.29 24.15
N GLY K 141 32.07 7.24 23.24
CA GLY K 141 31.35 8.45 23.58
C GLY K 141 29.95 8.16 24.09
N GLY K 142 29.64 8.70 25.26
CA GLY K 142 28.38 8.44 25.92
C GLY K 142 27.18 8.63 25.03
N THR K 143 27.08 9.80 24.39
CA THR K 143 25.94 10.10 23.53
C THR K 143 25.76 9.02 22.46
N GLY K 144 26.76 8.87 21.59
CA GLY K 144 26.69 7.92 20.52
C GLY K 144 26.30 6.52 20.98
N SER K 145 27.19 5.89 21.74
CA SER K 145 26.95 4.51 22.16
C SER K 145 25.62 4.37 22.87
N GLY K 146 25.42 5.11 23.96
CA GLY K 146 24.22 5.00 24.76
C GLY K 146 22.93 5.23 24.01
N MET K 147 22.78 6.43 23.46
CA MET K 147 21.55 6.75 22.75
C MET K 147 21.30 5.81 21.59
N GLY K 148 22.34 5.51 20.80
CA GLY K 148 22.15 4.66 19.64
C GLY K 148 21.73 3.25 20.01
N THR K 149 22.39 2.65 21.01
CA THR K 149 22.03 1.28 21.36
C THR K 149 20.68 1.22 22.05
N LEU K 150 20.29 2.26 22.79
CA LEU K 150 18.94 2.28 23.34
C LEU K 150 17.90 2.37 22.24
N LEU K 151 18.16 3.21 21.24
CA LEU K 151 17.26 3.31 20.09
C LEU K 151 17.16 1.98 19.35
N ILE K 152 18.29 1.30 19.16
CA ILE K 152 18.27 0.00 18.50
C ILE K 152 17.45 -0.99 19.32
N SER K 153 17.66 -1.03 20.63
CA SER K 153 16.86 -1.90 21.48
C SER K 153 15.37 -1.65 21.26
N LYS K 154 14.96 -0.39 21.38
CA LYS K 154 13.54 -0.06 21.26
C LYS K 154 12.98 -0.50 19.90
N VAL K 155 13.64 -0.08 18.81
CA VAL K 155 13.06 -0.32 17.49
C VAL K 155 13.11 -1.80 17.12
N ARG K 156 14.15 -2.54 17.55
CA ARG K 156 14.18 -3.96 17.24
C ARG K 156 13.17 -4.74 18.07
N GLU K 157 12.89 -4.29 19.31
CA GLU K 157 11.75 -4.84 20.00
C GLU K 157 10.43 -4.35 19.40
N GLU K 158 10.48 -3.36 18.51
CA GLU K 158 9.31 -2.90 17.78
C GLU K 158 9.18 -3.57 16.41
N TYR K 159 10.25 -3.54 15.61
CA TYR K 159 10.23 -4.13 14.27
C TYR K 159 11.07 -5.40 14.26
N PRO K 160 10.45 -6.58 14.33
CA PRO K 160 11.23 -7.81 14.46
C PRO K 160 11.71 -8.40 13.15
N ASP K 161 10.98 -8.16 12.06
CA ASP K 161 11.30 -8.85 10.81
C ASP K 161 12.42 -8.18 10.04
N ARG K 162 12.49 -6.85 10.07
CA ARG K 162 13.50 -6.13 9.30
C ARG K 162 14.84 -6.19 10.02
N ILE K 163 15.91 -5.96 9.26
CA ILE K 163 17.26 -6.21 9.74
C ILE K 163 17.86 -4.89 10.23
N MET K 164 18.99 -5.01 10.92
CA MET K 164 19.71 -3.86 11.44
C MET K 164 21.03 -3.71 10.72
N GLU K 165 21.69 -2.58 10.97
CA GLU K 165 22.98 -2.29 10.34
C GLU K 165 23.67 -1.23 11.18
N THR K 166 24.76 -1.60 11.84
CA THR K 166 25.48 -0.68 12.71
C THR K 166 26.88 -0.49 12.14
N PHE K 167 27.10 0.64 11.47
CA PHE K 167 28.42 1.03 10.99
C PHE K 167 29.16 1.70 12.15
N SER K 168 29.67 0.87 13.04
CA SER K 168 30.16 1.31 14.34
C SER K 168 31.66 1.49 14.31
N VAL K 169 32.14 2.61 14.81
CA VAL K 169 33.57 2.88 14.91
C VAL K 169 34.04 2.44 16.30
N VAL K 170 34.80 1.35 16.35
CA VAL K 170 35.34 0.83 17.59
C VAL K 170 36.50 1.73 18.03
N PRO K 171 36.98 1.62 19.25
CA PRO K 171 38.15 2.41 19.65
C PRO K 171 39.42 1.90 18.98
N SER K 172 40.32 2.84 18.69
CA SER K 172 41.63 2.47 18.17
C SER K 172 42.39 1.67 19.22
N PRO K 173 43.26 0.74 18.81
CA PRO K 173 43.99 -0.05 19.80
C PRO K 173 45.01 0.74 20.60
N LYS K 174 45.87 1.49 19.93
CA LYS K 174 47.07 2.03 20.58
C LYS K 174 46.77 3.25 21.44
N VAL K 175 46.28 4.31 20.82
CA VAL K 175 46.04 5.57 21.52
C VAL K 175 44.53 5.83 21.48
N SER K 176 43.90 5.76 22.65
CA SER K 176 42.47 5.93 22.72
C SER K 176 42.08 7.39 22.47
N ASP K 177 40.78 7.60 22.29
CA ASP K 177 40.23 8.95 22.25
C ASP K 177 39.69 9.38 23.60
N THR K 178 39.13 8.44 24.37
CA THR K 178 38.72 8.68 25.74
C THR K 178 39.33 7.60 26.62
N VAL K 179 39.45 7.91 27.91
CA VAL K 179 40.12 6.98 28.82
C VAL K 179 39.14 5.96 29.38
N VAL K 180 37.86 6.30 29.45
CA VAL K 180 36.84 5.39 29.98
C VAL K 180 36.21 4.66 28.81
N GLU K 181 36.89 4.70 27.66
CA GLU K 181 36.40 4.04 26.45
C GLU K 181 36.04 2.57 26.65
N PRO K 182 36.91 1.71 27.20
CA PRO K 182 36.57 0.28 27.29
C PRO K 182 35.24 -0.01 27.97
N TYR K 183 34.83 0.79 28.95
CA TYR K 183 33.57 0.53 29.63
C TYR K 183 32.38 0.70 28.67
N ASN K 184 32.27 1.87 28.05
CA ASN K 184 31.20 2.08 27.08
C ASN K 184 31.31 1.10 25.92
N ALA K 185 32.53 0.74 25.53
CA ALA K 185 32.72 -0.20 24.43
C ALA K 185 32.14 -1.57 24.77
N THR K 186 32.47 -2.09 25.96
CA THR K 186 31.99 -3.42 26.32
C THR K 186 30.48 -3.40 26.57
N LEU K 187 29.95 -2.30 27.10
CA LEU K 187 28.50 -2.24 27.27
C LEU K 187 27.79 -2.21 25.93
N SER K 188 28.25 -1.39 24.99
CA SER K 188 27.62 -1.31 23.69
C SER K 188 27.78 -2.60 22.90
N VAL K 189 28.88 -3.33 23.09
CA VAL K 189 29.06 -4.57 22.35
C VAL K 189 28.32 -5.73 23.02
N HIS K 190 28.01 -5.63 24.31
CA HIS K 190 27.11 -6.60 24.92
C HIS K 190 25.65 -6.31 24.58
N GLN K 191 25.32 -5.06 24.30
CA GLN K 191 23.97 -4.76 23.84
C GLN K 191 23.76 -5.14 22.36
N LEU K 192 24.64 -4.66 21.49
CA LEU K 192 24.44 -4.85 20.05
C LEU K 192 24.56 -6.31 19.63
N VAL K 193 25.22 -7.14 20.43
CA VAL K 193 25.33 -8.56 20.08
C VAL K 193 24.01 -9.30 20.24
N GLU K 194 23.03 -8.68 20.90
CA GLU K 194 21.76 -9.33 21.16
C GLU K 194 20.64 -8.88 20.24
N ASN K 195 20.69 -7.65 19.75
CA ASN K 195 19.59 -7.07 18.99
C ASN K 195 20.10 -6.30 17.79
N ALA K 196 21.05 -6.87 17.06
CA ALA K 196 21.57 -6.25 15.85
C ALA K 196 22.25 -7.32 15.01
N ASP K 197 22.08 -7.20 13.68
CA ASP K 197 22.52 -8.24 12.77
C ASP K 197 23.90 -8.00 12.15
N GLU K 198 24.39 -6.76 12.14
CA GLU K 198 25.69 -6.49 11.52
C GLU K 198 26.37 -5.37 12.29
N CYS K 199 27.41 -5.73 13.04
CA CYS K 199 28.26 -4.74 13.71
C CYS K 199 29.49 -4.54 12.83
N MET K 200 29.32 -3.78 11.76
CA MET K 200 30.43 -3.51 10.85
C MET K 200 31.37 -2.53 11.53
N VAL K 201 32.54 -3.01 11.94
CA VAL K 201 33.44 -2.22 12.76
C VAL K 201 34.39 -1.43 11.86
N ILE K 202 34.71 -0.22 12.29
CA ILE K 202 35.66 0.65 11.62
C ILE K 202 36.57 1.27 12.67
N ASP K 203 37.84 1.47 12.34
CA ASP K 203 38.80 1.99 13.28
C ASP K 203 39.72 3.01 12.61
N ASN K 204 40.13 4.01 13.37
CA ASN K 204 40.78 5.18 12.77
C ASN K 204 42.21 4.91 12.35
N GLU K 205 42.97 4.16 13.16
CA GLU K 205 44.38 3.99 12.87
C GLU K 205 44.61 3.27 11.55
N ALA K 206 43.71 2.33 11.20
CA ALA K 206 43.81 1.70 9.89
C ALA K 206 43.54 2.70 8.78
N LEU K 207 42.63 3.64 9.01
CA LEU K 207 42.39 4.71 8.05
C LEU K 207 43.63 5.57 7.87
N TYR K 208 44.32 5.88 8.96
CA TYR K 208 45.56 6.64 8.87
C TYR K 208 46.60 5.88 8.06
N ASP K 209 46.77 4.59 8.35
CA ASP K 209 47.74 3.79 7.60
C ASP K 209 47.39 3.76 6.13
N ILE K 210 46.10 3.67 5.79
CA ILE K 210 45.68 3.70 4.40
C ILE K 210 46.04 5.04 3.77
N CYS K 211 45.64 6.14 4.41
CA CYS K 211 45.86 7.46 3.82
C CYS K 211 47.34 7.78 3.66
N PHE K 212 48.20 7.16 4.46
CA PHE K 212 49.63 7.36 4.26
C PHE K 212 50.22 6.38 3.25
N ARG K 213 49.62 5.21 3.10
CA ARG K 213 50.24 4.14 2.32
C ARG K 213 49.64 3.96 0.93
N THR K 214 48.36 4.28 0.73
CA THR K 214 47.69 3.99 -0.52
C THR K 214 47.06 5.24 -1.14
N LEU K 215 47.25 6.41 -0.56
CA LEU K 215 46.81 7.65 -1.18
C LEU K 215 47.84 8.77 -1.13
N LYS K 216 48.90 8.63 -0.32
CA LYS K 216 50.01 9.56 -0.21
C LYS K 216 49.63 10.90 0.40
N LEU K 217 48.37 11.10 0.79
CA LEU K 217 48.00 12.31 1.51
C LEU K 217 48.68 12.30 2.87
N THR K 218 49.70 13.13 3.03
CA THR K 218 50.49 13.14 4.25
C THR K 218 49.90 14.02 5.34
N THR K 219 48.81 14.74 5.05
CA THR K 219 48.10 15.55 6.03
C THR K 219 46.67 15.01 6.17
N PRO K 220 46.51 13.83 6.73
CA PRO K 220 45.19 13.19 6.73
C PRO K 220 44.22 13.88 7.69
N THR K 221 43.27 14.61 7.15
CA THR K 221 42.24 15.26 7.94
C THR K 221 41.00 14.38 8.01
N TYR K 222 40.20 14.58 9.06
CA TYR K 222 39.00 13.77 9.25
C TYR K 222 38.07 13.83 8.05
N GLY K 223 38.16 14.89 7.23
CA GLY K 223 37.36 14.94 6.03
C GLY K 223 37.61 13.75 5.12
N ASP K 224 38.88 13.41 4.91
CA ASP K 224 39.20 12.33 4.00
C ASP K 224 38.83 10.97 4.59
N LEU K 225 39.05 10.77 5.89
CA LEU K 225 38.66 9.52 6.53
C LEU K 225 37.14 9.33 6.44
N ASN K 226 36.40 10.39 6.74
CA ASN K 226 34.95 10.32 6.64
C ASN K 226 34.51 10.08 5.21
N HIS K 227 35.21 10.65 4.25
CA HIS K 227 34.86 10.40 2.84
C HIS K 227 35.11 8.94 2.48
N LEU K 228 36.18 8.35 3.02
CA LEU K 228 36.48 6.96 2.71
C LEU K 228 35.41 6.03 3.29
N VAL K 229 35.08 6.23 4.57
CA VAL K 229 34.04 5.39 5.17
C VAL K 229 32.69 5.66 4.51
N SER K 230 32.48 6.89 4.03
CA SER K 230 31.28 7.21 3.27
C SER K 230 31.22 6.40 1.98
N ALA K 231 32.35 6.32 1.27
CA ALA K 231 32.39 5.54 0.05
C ALA K 231 32.07 4.07 0.33
N ALA K 232 32.67 3.52 1.38
CA ALA K 232 32.38 2.13 1.74
C ALA K 232 30.90 1.94 2.06
N MET K 233 30.33 2.86 2.86
CA MET K 233 28.93 2.75 3.25
C MET K 233 28.01 2.82 2.05
N SER K 234 28.29 3.73 1.10
CA SER K 234 27.49 3.81 -0.10
C SER K 234 27.61 2.55 -0.93
N GLY K 235 28.82 2.04 -1.11
CA GLY K 235 29.02 0.84 -1.89
C GLY K 235 28.33 -0.37 -1.30
N VAL K 236 28.10 -0.37 0.01
CA VAL K 236 27.45 -1.50 0.67
C VAL K 236 26.15 -1.88 -0.03
N THR K 237 25.31 -0.89 -0.32
CA THR K 237 23.99 -1.15 -0.85
C THR K 237 23.80 -0.73 -2.30
N CYS K 238 24.88 -0.41 -3.02
CA CYS K 238 24.72 0.15 -4.35
C CYS K 238 24.12 -0.85 -5.33
N CYS K 239 24.36 -2.13 -5.13
CA CYS K 239 23.86 -3.12 -6.07
C CYS K 239 22.36 -3.39 -5.91
N LEU K 240 21.67 -2.53 -5.14
CA LEU K 240 20.22 -2.60 -4.99
C LEU K 240 19.50 -1.48 -5.72
N ARG K 241 19.91 -0.24 -5.50
CA ARG K 241 19.26 0.92 -6.11
C ARG K 241 19.73 1.18 -7.54
N PHE K 242 20.39 0.24 -8.17
CA PHE K 242 20.85 0.34 -9.55
C PHE K 242 20.53 -0.95 -10.28
N PRO K 243 20.45 -0.91 -11.61
CA PRO K 243 20.37 -2.15 -12.38
C PRO K 243 21.61 -3.00 -12.15
N GLY K 244 21.44 -4.30 -12.31
CA GLY K 244 22.53 -5.20 -12.02
C GLY K 244 22.52 -6.49 -12.82
N GLN K 245 23.70 -6.88 -13.31
CA GLN K 245 23.85 -8.19 -13.93
C GLN K 245 23.53 -9.31 -12.95
N LEU K 246 23.77 -9.08 -11.66
CA LEU K 246 23.43 -10.04 -10.62
C LEU K 246 23.20 -9.23 -9.34
N ASN K 247 21.94 -8.98 -9.03
CA ASN K 247 21.60 -8.00 -7.99
C ASN K 247 21.85 -8.58 -6.60
N SER K 248 21.79 -7.69 -5.61
CA SER K 248 21.88 -8.06 -4.21
C SER K 248 21.03 -7.09 -3.41
N ASP K 249 21.13 -7.15 -2.08
CA ASP K 249 20.40 -6.25 -1.20
C ASP K 249 21.07 -6.24 0.16
N LEU K 250 20.38 -5.66 1.14
CA LEU K 250 20.85 -5.70 2.52
C LEU K 250 20.67 -7.06 3.17
N ARG K 251 19.87 -7.96 2.58
CA ARG K 251 19.61 -9.25 3.17
C ARG K 251 20.35 -10.39 2.50
N LYS K 252 20.50 -10.36 1.17
CA LYS K 252 21.30 -11.38 0.50
C LYS K 252 22.69 -11.45 1.11
N LEU K 253 23.29 -10.29 1.38
CA LEU K 253 24.49 -10.26 2.21
C LEU K 253 24.22 -10.91 3.55
N ALA K 254 23.24 -10.37 4.29
CA ALA K 254 22.97 -10.82 5.65
C ALA K 254 22.71 -12.31 5.76
N VAL K 255 22.35 -12.98 4.67
CA VAL K 255 22.09 -14.42 4.68
C VAL K 255 23.30 -15.19 4.16
N ASN K 256 23.98 -14.68 3.15
CA ASN K 256 25.22 -15.29 2.74
C ASN K 256 26.36 -14.97 3.67
N LEU K 257 26.13 -14.38 4.83
CA LEU K 257 27.23 -13.91 5.68
C LEU K 257 27.28 -14.60 7.04
N ILE K 258 26.17 -14.69 7.75
CA ILE K 258 26.26 -15.10 9.15
C ILE K 258 25.73 -16.52 9.34
N PRO K 259 26.61 -17.50 9.54
CA PRO K 259 26.15 -18.87 9.77
C PRO K 259 25.41 -19.05 11.08
N PHE K 260 25.62 -18.17 12.06
CA PHE K 260 25.01 -18.27 13.36
C PHE K 260 24.81 -16.86 13.87
N PRO K 261 23.59 -16.52 14.32
CA PRO K 261 23.23 -15.10 14.51
C PRO K 261 24.21 -14.31 15.37
N ARG K 262 24.90 -14.96 16.30
CA ARG K 262 25.89 -14.25 17.10
C ARG K 262 27.14 -13.92 16.31
N LEU K 263 27.46 -14.71 15.29
CA LEU K 263 28.69 -14.54 14.51
C LEU K 263 28.50 -13.48 13.42
N HIS K 264 28.20 -12.26 13.86
CA HIS K 264 27.76 -11.22 12.93
C HIS K 264 28.55 -9.94 13.12
N PHE K 265 29.87 -10.05 13.22
CA PHE K 265 30.74 -8.89 13.39
C PHE K 265 31.74 -8.88 12.24
N PHE K 266 31.52 -7.99 11.27
CA PHE K 266 32.22 -8.06 9.99
C PHE K 266 33.50 -7.23 10.00
N MET K 267 34.18 -7.27 8.85
CA MET K 267 35.24 -6.35 8.49
C MET K 267 34.91 -5.75 7.13
N ILE K 268 35.46 -4.56 6.86
CA ILE K 268 35.13 -3.83 5.65
C ILE K 268 36.40 -3.58 4.85
N GLY K 269 36.23 -3.40 3.54
CA GLY K 269 37.31 -3.02 2.66
C GLY K 269 36.79 -2.38 1.39
N PHE K 270 37.52 -1.39 0.88
CA PHE K 270 37.14 -0.70 -0.35
C PHE K 270 38.29 -0.77 -1.34
N ALA K 271 37.94 -0.86 -2.62
CA ALA K 271 38.96 -0.86 -3.67
C ALA K 271 38.36 -0.20 -4.89
N PRO K 272 39.17 0.47 -5.72
CA PRO K 272 40.60 0.68 -5.58
C PRO K 272 40.95 2.02 -4.96
N LEU K 273 42.15 2.13 -4.43
CA LEU K 273 42.66 3.36 -3.83
C LEU K 273 43.99 3.69 -4.47
N THR K 274 44.09 4.90 -5.03
CA THR K 274 45.28 5.33 -5.72
C THR K 274 45.53 6.81 -5.44
N SER K 275 46.80 7.20 -5.55
CA SER K 275 47.18 8.60 -5.41
C SER K 275 46.89 9.34 -6.71
N ARG K 276 47.35 10.57 -6.82
CA ARG K 276 47.23 11.29 -8.09
C ARG K 276 48.30 10.83 -9.06
N GLY K 277 49.52 10.63 -8.56
CA GLY K 277 50.59 10.16 -9.42
C GLY K 277 50.36 8.75 -9.93
N SER K 278 49.91 7.86 -9.05
CA SER K 278 49.73 6.47 -9.43
C SER K 278 48.54 6.30 -10.37
N GLN K 279 47.61 7.25 -10.34
CA GLN K 279 46.36 7.10 -11.08
C GLN K 279 46.61 6.92 -12.57
N GLN K 280 47.60 7.64 -13.11
CA GLN K 280 47.84 7.61 -14.55
C GLN K 280 48.31 6.23 -15.00
N TYR K 281 49.08 5.54 -14.16
CA TYR K 281 49.77 4.35 -14.60
C TYR K 281 49.01 3.08 -14.24
N ARG K 282 48.58 2.97 -12.98
CA ARG K 282 47.91 1.76 -12.51
C ARG K 282 46.72 1.39 -13.38
N ALA K 283 46.70 0.16 -13.86
CA ALA K 283 45.59 -0.33 -14.66
C ALA K 283 44.42 -0.71 -13.75
N LEU K 284 43.22 -0.66 -14.30
CA LEU K 284 41.99 -0.95 -13.57
C LEU K 284 41.33 -2.17 -14.19
N THR K 285 41.75 -3.35 -13.75
CA THR K 285 41.15 -4.60 -14.20
C THR K 285 40.96 -5.47 -12.96
N VAL K 286 40.07 -6.45 -13.05
CA VAL K 286 39.66 -7.18 -11.86
C VAL K 286 40.79 -7.93 -11.16
N PRO K 287 41.88 -8.36 -11.82
CA PRO K 287 42.97 -8.96 -11.05
C PRO K 287 43.61 -8.02 -10.04
N GLU K 288 43.93 -6.78 -10.42
CA GLU K 288 44.55 -5.87 -9.46
C GLU K 288 43.54 -5.36 -8.43
N LEU K 289 42.27 -5.24 -8.82
CA LEU K 289 41.24 -4.98 -7.82
C LEU K 289 41.21 -6.09 -6.77
N THR K 290 41.37 -7.34 -7.21
CA THR K 290 41.41 -8.45 -6.26
C THR K 290 42.68 -8.41 -5.42
N GLN K 291 43.83 -8.13 -6.05
CA GLN K 291 45.09 -7.95 -5.32
C GLN K 291 44.92 -6.96 -4.18
N GLN K 292 44.25 -5.84 -4.44
CA GLN K 292 44.01 -4.86 -3.39
C GLN K 292 43.06 -5.40 -2.33
N MET K 293 41.90 -5.89 -2.75
CA MET K 293 40.84 -6.20 -1.78
C MET K 293 41.21 -7.38 -0.89
N PHE K 294 42.15 -8.22 -1.33
CA PHE K 294 42.63 -9.31 -0.48
C PHE K 294 44.04 -9.09 0.05
N ASP K 295 44.37 -7.87 0.47
CA ASP K 295 45.62 -7.65 1.15
C ASP K 295 45.37 -7.15 2.57
N ALA K 296 46.35 -7.37 3.45
CA ALA K 296 46.16 -7.06 4.87
C ALA K 296 46.04 -5.56 5.10
N LYS K 297 47.01 -4.79 4.60
CA LYS K 297 47.07 -3.37 4.87
C LYS K 297 46.03 -2.57 4.11
N ASN K 298 45.07 -3.23 3.46
CA ASN K 298 44.09 -2.53 2.63
C ASN K 298 42.74 -2.36 3.31
N MET K 299 42.47 -3.09 4.39
CA MET K 299 41.16 -3.06 5.01
C MET K 299 41.11 -1.97 6.08
N MET K 300 40.01 -1.93 6.84
CA MET K 300 39.73 -0.89 7.81
C MET K 300 39.44 -1.51 9.18
N CYS K 301 40.31 -2.42 9.61
CA CYS K 301 40.12 -3.13 10.86
C CYS K 301 41.47 -3.39 11.50
N ALA K 302 41.51 -3.37 12.83
CA ALA K 302 42.73 -3.68 13.58
C ALA K 302 42.84 -5.17 13.87
N ALA K 303 42.67 -5.97 12.83
CA ALA K 303 42.79 -7.42 12.94
C ALA K 303 43.40 -7.92 11.64
N ASP K 304 44.67 -8.33 11.70
CA ASP K 304 45.38 -8.81 10.52
C ASP K 304 44.61 -9.97 9.90
N PRO K 305 44.01 -9.78 8.72
CA PRO K 305 43.26 -10.89 8.11
C PRO K 305 44.14 -12.08 7.78
N ARG K 306 45.46 -11.90 7.74
CA ARG K 306 46.36 -13.04 7.57
C ARG K 306 46.69 -13.75 8.88
N HIS K 307 46.18 -13.23 10.01
CA HIS K 307 46.33 -13.89 11.30
C HIS K 307 44.99 -14.42 11.80
N GLY K 308 44.18 -14.94 10.89
CA GLY K 308 42.90 -15.53 11.22
C GLY K 308 42.38 -16.32 10.04
N ARG K 309 41.07 -16.36 9.85
CA ARG K 309 40.48 -16.98 8.68
C ARG K 309 39.18 -16.24 8.35
N TYR K 310 38.52 -16.72 7.29
CA TYR K 310 37.24 -16.14 6.86
C TYR K 310 36.18 -17.22 6.97
N LEU K 311 35.23 -17.02 7.88
CA LEU K 311 34.02 -17.83 7.86
C LEU K 311 33.25 -17.59 6.57
N THR K 312 33.22 -16.34 6.11
CA THR K 312 32.72 -16.05 4.77
C THR K 312 33.14 -14.63 4.40
N ALA K 313 33.04 -14.34 3.11
CA ALA K 313 33.46 -13.03 2.60
C ALA K 313 32.71 -12.77 1.31
N SER K 314 31.96 -11.67 1.25
CA SER K 314 31.25 -11.30 0.04
C SER K 314 31.87 -10.05 -0.58
N ALA K 315 31.69 -9.93 -1.88
CA ALA K 315 32.30 -8.86 -2.65
C ALA K 315 31.28 -8.30 -3.63
N LEU K 316 30.91 -7.05 -3.45
CA LEU K 316 30.02 -6.35 -4.35
C LEU K 316 30.88 -5.58 -5.33
N PHE K 317 30.78 -5.91 -6.61
CA PHE K 317 31.49 -5.19 -7.65
C PHE K 317 30.58 -4.16 -8.29
N ARG K 318 31.20 -3.21 -8.98
CA ARG K 318 30.47 -2.16 -9.66
C ARG K 318 31.28 -1.77 -10.89
N GLY K 319 30.62 -1.75 -12.04
CA GLY K 319 31.28 -1.47 -13.30
C GLY K 319 30.87 -2.50 -14.33
N ARG K 320 30.74 -2.06 -15.57
CA ARG K 320 30.40 -2.95 -16.67
C ARG K 320 31.66 -3.71 -17.07
N MET K 321 31.96 -4.78 -16.32
CA MET K 321 33.09 -5.64 -16.63
C MET K 321 32.58 -7.03 -16.93
N SER K 322 33.50 -7.92 -17.27
CA SER K 322 33.15 -9.31 -17.55
C SER K 322 32.64 -9.99 -16.28
N THR K 323 32.17 -11.21 -16.43
CA THR K 323 31.71 -11.98 -15.29
C THR K 323 32.54 -13.22 -15.04
N LYS K 324 32.89 -13.98 -16.08
CA LYS K 324 33.67 -15.19 -15.88
C LYS K 324 34.98 -14.90 -15.17
N GLU K 325 35.59 -13.75 -15.44
CA GLU K 325 36.87 -13.46 -14.80
C GLU K 325 36.69 -13.15 -13.33
N VAL K 326 35.61 -12.49 -12.96
CA VAL K 326 35.31 -12.27 -11.55
C VAL K 326 35.29 -13.60 -10.81
N ASP K 327 34.47 -14.53 -11.28
CA ASP K 327 34.34 -15.83 -10.61
C ASP K 327 35.64 -16.60 -10.63
N GLU K 328 36.39 -16.50 -11.74
CA GLU K 328 37.65 -17.22 -11.82
C GLU K 328 38.65 -16.70 -10.79
N GLN K 329 38.73 -15.38 -10.63
CA GLN K 329 39.64 -14.82 -9.64
C GLN K 329 39.18 -15.12 -8.22
N MET K 330 37.86 -15.16 -7.99
CA MET K 330 37.39 -15.56 -6.67
C MET K 330 37.81 -16.99 -6.36
N LEU K 331 37.60 -17.90 -7.31
CA LEU K 331 37.96 -19.30 -7.09
C LEU K 331 39.46 -19.48 -6.92
N ASN K 332 40.26 -18.70 -7.66
CA ASN K 332 41.70 -18.76 -7.48
C ASN K 332 42.10 -18.27 -6.09
N VAL K 333 41.61 -17.10 -5.69
CA VAL K 333 41.95 -16.56 -4.38
C VAL K 333 41.55 -17.53 -3.29
N GLN K 334 40.47 -18.27 -3.48
CA GLN K 334 40.06 -19.25 -2.47
C GLN K 334 41.00 -20.46 -2.48
N ASN K 335 41.08 -21.16 -3.61
CA ASN K 335 41.81 -22.42 -3.62
C ASN K 335 43.33 -22.23 -3.59
N LYS K 336 43.82 -21.00 -3.57
CA LYS K 336 45.25 -20.76 -3.38
C LYS K 336 45.58 -20.67 -1.89
N ASN K 337 44.96 -19.72 -1.20
CA ASN K 337 45.18 -19.55 0.24
C ASN K 337 44.15 -20.34 1.04
N SER K 338 44.02 -21.63 0.74
CA SER K 338 43.04 -22.44 1.45
C SER K 338 43.37 -22.55 2.94
N SER K 339 44.63 -22.32 3.31
CA SER K 339 44.97 -22.25 4.72
C SER K 339 44.39 -21.00 5.36
N TYR K 340 44.64 -19.83 4.75
CA TYR K 340 44.12 -18.58 5.29
C TYR K 340 42.60 -18.51 5.25
N PHE K 341 41.94 -19.44 4.57
CA PHE K 341 40.49 -19.57 4.62
C PHE K 341 40.13 -20.78 5.48
N VAL K 342 38.86 -20.85 5.85
CA VAL K 342 38.36 -22.01 6.59
C VAL K 342 37.96 -23.09 5.59
N GLU K 343 38.00 -24.34 6.05
CA GLU K 343 37.91 -25.49 5.16
C GLU K 343 36.55 -26.17 5.16
N TRP K 344 35.91 -26.30 6.32
CA TRP K 344 34.69 -27.09 6.41
C TRP K 344 33.53 -26.52 5.61
N ILE K 345 33.62 -25.28 5.14
CA ILE K 345 32.58 -24.70 4.31
C ILE K 345 33.09 -24.63 2.88
N PRO K 346 32.27 -24.94 1.88
CA PRO K 346 32.70 -24.80 0.48
C PRO K 346 32.36 -23.45 -0.11
N ASN K 347 33.27 -22.97 -0.95
CA ASN K 347 33.18 -21.66 -1.62
C ASN K 347 32.67 -20.58 -0.67
N ASN K 348 33.47 -20.32 0.36
CA ASN K 348 33.12 -19.37 1.41
C ASN K 348 33.08 -17.93 0.90
N ILE K 349 33.31 -17.74 -0.39
CA ILE K 349 33.39 -16.40 -0.98
C ILE K 349 32.17 -16.20 -1.87
N LYS K 350 31.37 -15.19 -1.55
CA LYS K 350 30.18 -14.84 -2.31
C LYS K 350 30.44 -13.56 -3.09
N SER K 351 29.86 -13.46 -4.27
CA SER K 351 30.07 -12.31 -5.13
C SER K 351 28.72 -11.72 -5.54
N SER K 352 28.79 -10.48 -6.04
CA SER K 352 27.65 -9.84 -6.67
C SER K 352 28.17 -8.74 -7.57
N ILE K 353 27.36 -8.35 -8.55
CA ILE K 353 27.80 -7.42 -9.59
C ILE K 353 26.67 -6.46 -9.90
N CYS K 354 26.96 -5.16 -9.87
CA CYS K 354 26.05 -4.14 -10.34
C CYS K 354 26.49 -3.68 -11.72
N ASP K 355 25.86 -2.63 -12.25
CA ASP K 355 26.13 -2.19 -13.60
C ASP K 355 26.64 -0.75 -13.69
N ILE K 356 26.63 0.00 -12.58
CA ILE K 356 26.99 1.41 -12.59
C ILE K 356 28.17 1.66 -11.67
N PRO K 357 29.30 2.14 -12.18
CA PRO K 357 30.43 2.48 -11.31
C PRO K 357 30.20 3.80 -10.61
N PRO K 358 30.98 4.11 -9.57
CA PRO K 358 30.81 5.39 -8.88
C PRO K 358 31.27 6.57 -9.72
N LYS K 359 31.19 7.78 -9.17
CA LYS K 359 31.55 8.99 -9.90
C LYS K 359 33.06 9.22 -9.76
N GLY K 360 33.79 9.04 -10.85
CA GLY K 360 35.22 9.27 -10.88
C GLY K 360 36.05 8.05 -11.22
N LEU K 361 35.45 6.89 -11.34
CA LEU K 361 36.18 5.65 -11.61
C LEU K 361 35.42 4.88 -12.69
N LYS K 362 35.82 3.63 -12.90
CA LYS K 362 35.08 2.73 -13.78
C LYS K 362 34.80 1.37 -13.16
N MET K 363 35.53 0.98 -12.12
CA MET K 363 35.25 -0.24 -11.38
C MET K 363 35.36 0.07 -9.90
N ALA K 364 34.71 -0.74 -9.08
CA ALA K 364 34.71 -0.51 -7.64
C ALA K 364 34.33 -1.78 -6.93
N VAL K 365 34.96 -2.04 -5.79
CA VAL K 365 34.71 -3.24 -5.01
C VAL K 365 34.48 -2.85 -3.57
N THR K 366 33.31 -3.20 -3.03
CA THR K 366 33.05 -3.18 -1.61
C THR K 366 33.17 -4.62 -1.12
N PHE K 367 34.19 -4.89 -0.31
CA PHE K 367 34.49 -6.24 0.15
C PHE K 367 34.20 -6.31 1.65
N VAL K 368 33.15 -7.06 2.01
CA VAL K 368 32.80 -7.22 3.42
C VAL K 368 33.05 -8.66 3.80
N GLY K 369 33.42 -8.88 5.05
CA GLY K 369 33.80 -10.23 5.44
C GLY K 369 33.48 -10.62 6.88
N ASN K 370 32.77 -11.72 7.06
CA ASN K 370 32.60 -12.30 8.39
C ASN K 370 33.82 -13.18 8.62
N SER K 371 34.82 -12.61 9.29
CA SER K 371 36.07 -13.28 9.59
C SER K 371 36.09 -13.70 11.05
N THR K 372 37.24 -14.21 11.49
CA THR K 372 37.46 -14.53 12.90
C THR K 372 38.77 -13.93 13.38
N ALA K 373 39.22 -12.86 12.73
CA ALA K 373 40.43 -12.17 13.18
C ALA K 373 40.11 -11.08 14.20
N ILE K 374 38.90 -10.53 14.15
CA ILE K 374 38.48 -9.52 15.11
C ILE K 374 38.51 -10.02 16.54
N GLN K 375 38.66 -11.33 16.74
CA GLN K 375 38.84 -11.85 18.08
C GLN K 375 40.02 -11.19 18.78
N GLU K 376 41.03 -10.77 18.03
CA GLU K 376 42.12 -10.00 18.63
C GLU K 376 41.60 -8.67 19.17
N MET K 377 40.75 -7.99 18.42
CA MET K 377 40.20 -6.72 18.88
C MET K 377 39.38 -6.90 20.15
N PHE K 378 38.53 -7.93 20.18
CA PHE K 378 37.70 -8.13 21.35
C PHE K 378 38.51 -8.64 22.53
N LYS K 379 39.60 -9.38 22.27
CA LYS K 379 40.51 -9.75 23.34
C LYS K 379 41.15 -8.52 23.95
N ARG K 380 41.60 -7.58 23.10
CA ARG K 380 42.17 -6.34 23.61
C ARG K 380 41.17 -5.56 24.45
N VAL K 381 39.93 -5.44 23.97
CA VAL K 381 38.92 -4.68 24.72
C VAL K 381 38.61 -5.35 26.05
N ALA K 382 38.44 -6.68 26.05
CA ALA K 382 38.18 -7.39 27.29
C ALA K 382 39.34 -7.25 28.26
N GLU K 383 40.57 -7.29 27.75
CA GLU K 383 41.73 -7.16 28.61
C GLU K 383 41.78 -5.77 29.26
N GLN K 384 41.55 -4.72 28.47
CA GLN K 384 41.48 -3.39 29.05
C GLN K 384 40.36 -3.30 30.08
N PHE K 385 39.23 -3.97 29.81
CA PHE K 385 38.13 -3.98 30.78
C PHE K 385 38.58 -4.59 32.10
N THR K 386 39.23 -5.76 32.04
CA THR K 386 39.71 -6.37 33.27
C THR K 386 40.67 -5.46 34.01
N ALA K 387 41.65 -4.90 33.29
CA ALA K 387 42.66 -4.08 33.94
C ALA K 387 42.09 -2.80 34.52
N MET K 388 40.98 -2.29 33.99
CA MET K 388 40.37 -1.07 34.53
C MET K 388 39.24 -1.36 35.50
N PHE K 389 38.75 -2.59 35.58
CA PHE K 389 37.65 -2.95 36.46
C PHE K 389 38.12 -3.61 37.75
N ARG K 390 39.18 -4.40 37.69
CA ARG K 390 39.64 -5.12 38.87
C ARG K 390 40.12 -4.17 39.96
N ARG K 391 40.08 -2.87 39.69
CA ARG K 391 40.37 -1.84 40.68
C ARG K 391 39.22 -0.87 40.85
N LYS K 392 38.02 -1.24 40.39
CA LYS K 392 36.81 -0.42 40.54
C LYS K 392 37.00 0.98 39.97
N ALA K 393 37.96 1.15 39.07
CA ALA K 393 38.30 2.46 38.55
C ALA K 393 37.15 3.06 37.75
N PHE K 394 36.91 4.35 37.95
CA PHE K 394 35.93 5.11 37.18
C PHE K 394 34.54 4.48 37.25
N LEU K 395 34.24 3.81 38.36
CA LEU K 395 32.94 3.18 38.49
C LEU K 395 31.92 4.04 39.21
N HIS K 396 32.36 4.97 40.06
CA HIS K 396 31.42 5.79 40.82
C HIS K 396 30.58 6.70 39.95
N TRP K 397 30.81 6.72 38.63
CA TRP K 397 29.89 7.35 37.70
C TRP K 397 28.85 6.37 37.19
N TYR K 398 29.29 5.19 36.76
CA TYR K 398 28.39 4.18 36.24
C TYR K 398 27.53 3.53 37.31
N THR K 399 27.64 3.97 38.57
CA THR K 399 26.72 3.54 39.61
C THR K 399 25.88 4.66 40.18
N GLY K 400 26.31 5.91 40.05
CA GLY K 400 25.49 7.03 40.44
C GLY K 400 24.34 7.31 39.50
N GLU K 401 24.30 6.63 38.35
CA GLU K 401 23.24 6.79 37.36
C GLU K 401 22.33 5.56 37.31
N GLY K 402 22.06 4.96 38.47
CA GLY K 402 21.16 3.84 38.55
C GLY K 402 21.64 2.59 37.83
N MET K 403 22.72 2.00 38.33
CA MET K 403 23.26 0.79 37.73
C MET K 403 24.25 0.16 38.70
N ASP K 404 24.14 -1.15 38.89
CA ASP K 404 25.07 -1.90 39.72
C ASP K 404 26.07 -2.62 38.84
N GLU K 405 27.24 -2.92 39.42
CA GLU K 405 28.34 -3.49 38.64
C GLU K 405 27.96 -4.79 37.95
N MET K 406 26.91 -5.46 38.44
CA MET K 406 26.50 -6.77 37.93
C MET K 406 26.54 -6.84 36.41
N GLU K 407 25.74 -5.97 35.77
CA GLU K 407 25.69 -5.89 34.32
C GLU K 407 27.08 -6.01 33.72
N PHE K 408 27.97 -5.11 34.12
CA PHE K 408 29.34 -5.10 33.62
C PHE K 408 29.92 -6.50 33.56
N THR K 409 30.01 -7.14 34.73
CA THR K 409 30.57 -8.49 34.78
C THR K 409 29.85 -9.39 33.78
N GLU K 410 28.53 -9.50 33.92
CA GLU K 410 27.78 -10.34 33.01
C GLU K 410 27.96 -9.90 31.57
N ALA K 411 27.95 -8.58 31.34
CA ALA K 411 28.27 -8.06 30.02
C ALA K 411 29.58 -8.63 29.53
N GLU K 412 30.66 -8.40 30.30
CA GLU K 412 31.95 -8.97 29.94
C GLU K 412 31.84 -10.47 29.79
N SER K 413 31.08 -11.11 30.67
CA SER K 413 30.87 -12.55 30.56
C SER K 413 30.38 -12.92 29.17
N ASN K 414 29.30 -12.25 28.73
CA ASN K 414 28.79 -12.50 27.38
C ASN K 414 29.89 -12.29 26.36
N MET K 415 30.64 -11.19 26.49
CA MET K 415 31.77 -10.92 25.60
C MET K 415 32.64 -12.16 25.47
N ASN K 416 33.04 -12.75 26.60
CA ASN K 416 33.87 -13.94 26.56
C ASN K 416 33.24 -14.99 25.65
N ASP K 417 31.99 -15.35 25.93
CA ASP K 417 31.33 -16.38 25.12
C ASP K 417 31.44 -16.07 23.64
N LEU K 418 31.30 -14.80 23.27
CA LEU K 418 31.43 -14.41 21.87
C LEU K 418 32.73 -14.95 21.28
N VAL K 419 33.87 -14.54 21.84
CA VAL K 419 35.13 -15.02 21.27
C VAL K 419 35.23 -16.52 21.47
N SER K 420 34.66 -17.03 22.57
CA SER K 420 34.68 -18.47 22.82
C SER K 420 34.06 -19.25 21.68
N GLU K 421 33.21 -18.62 20.88
CA GLU K 421 32.71 -19.33 19.70
C GLU K 421 33.65 -19.14 18.51
N TYR K 422 34.09 -17.91 18.25
CA TYR K 422 34.93 -17.64 17.08
C TYR K 422 36.10 -18.60 17.00
N GLN K 423 36.99 -18.56 17.99
CA GLN K 423 38.16 -19.44 18.00
C GLN K 423 37.74 -20.89 17.79
N GLN K 424 36.65 -21.30 18.43
CA GLN K 424 36.19 -22.68 18.28
C GLN K 424 35.98 -23.03 16.81
N TYR K 425 35.20 -22.21 16.09
CA TYR K 425 34.94 -22.51 14.69
C TYR K 425 36.17 -22.36 13.83
N GLN K 426 37.21 -21.68 14.31
CA GLN K 426 38.45 -21.62 13.53
C GLN K 426 39.26 -22.89 13.65
N ASP K 427 38.83 -23.85 14.46
CA ASP K 427 39.57 -25.09 14.65
C ASP K 427 38.84 -26.33 14.13
N ALA K 428 37.53 -26.28 13.99
CA ALA K 428 36.78 -27.44 13.54
C ALA K 428 37.22 -27.84 12.13
N THR K 429 37.23 -29.14 11.87
CA THR K 429 37.66 -29.66 10.58
C THR K 429 36.82 -30.88 10.23
N ALA K 430 36.12 -30.79 9.10
CA ALA K 430 35.29 -31.88 8.61
C ALA K 430 34.89 -31.61 7.17
N MET L 1 -27.71 -79.57 -90.84
CA MET L 1 -28.00 -80.79 -90.09
C MET L 1 -26.71 -81.46 -89.62
N ARG L 2 -25.61 -80.71 -89.65
CA ARG L 2 -24.31 -81.16 -89.14
C ARG L 2 -23.73 -79.97 -88.39
N GLU L 3 -23.94 -79.92 -87.09
CA GLU L 3 -23.53 -78.77 -86.30
C GLU L 3 -22.98 -79.23 -84.96
N VAL L 4 -22.12 -78.40 -84.38
CA VAL L 4 -21.50 -78.69 -83.09
C VAL L 4 -21.52 -77.43 -82.23
N ILE L 5 -21.87 -77.59 -80.96
CA ILE L 5 -21.79 -76.50 -80.00
C ILE L 5 -20.37 -76.43 -79.47
N SER L 6 -19.79 -75.24 -79.46
CA SER L 6 -18.40 -75.04 -79.07
C SER L 6 -18.36 -74.13 -77.85
N ILE L 7 -18.25 -74.72 -76.67
CA ILE L 7 -18.12 -73.99 -75.43
C ILE L 7 -16.67 -73.60 -75.23
N HIS L 8 -16.44 -72.40 -74.71
CA HIS L 8 -15.09 -71.92 -74.42
C HIS L 8 -15.09 -71.36 -73.01
N VAL L 9 -14.47 -72.08 -72.08
CA VAL L 9 -14.42 -71.69 -70.68
C VAL L 9 -12.97 -71.54 -70.26
N GLY L 10 -12.69 -70.49 -69.49
CA GLY L 10 -11.35 -70.25 -68.98
C GLY L 10 -10.58 -69.27 -69.83
N GLN L 11 -9.35 -69.00 -69.39
CA GLN L 11 -8.52 -68.03 -70.07
C GLN L 11 -7.87 -68.62 -71.32
N GLY L 12 -7.07 -69.68 -71.15
CA GLY L 12 -6.45 -70.30 -72.30
C GLY L 12 -7.47 -70.82 -73.30
N GLY L 13 -8.56 -71.39 -72.78
CA GLY L 13 -9.61 -71.86 -73.65
C GLY L 13 -10.19 -70.75 -74.52
N ILE L 14 -10.43 -69.59 -73.92
CA ILE L 14 -11.09 -68.53 -74.68
C ILE L 14 -10.14 -67.87 -75.66
N GLN L 15 -8.84 -67.87 -75.38
CA GLN L 15 -7.91 -67.31 -76.35
C GLN L 15 -7.68 -68.26 -77.52
N VAL L 16 -7.52 -69.55 -77.22
CA VAL L 16 -7.50 -70.55 -78.28
C VAL L 16 -8.78 -70.46 -79.11
N GLY L 17 -9.90 -70.18 -78.46
CA GLY L 17 -11.14 -70.02 -79.18
C GLY L 17 -11.16 -68.77 -80.05
N ASN L 18 -10.59 -67.68 -79.54
CA ASN L 18 -10.47 -66.47 -80.35
C ASN L 18 -9.72 -66.76 -81.64
N ALA L 19 -8.56 -67.42 -81.51
CA ALA L 19 -7.78 -67.75 -82.71
C ALA L 19 -8.53 -68.73 -83.61
N CYS L 20 -9.19 -69.72 -83.00
CA CYS L 20 -9.89 -70.73 -83.78
C CYS L 20 -11.05 -70.13 -84.55
N TRP L 21 -11.74 -69.15 -83.96
CA TRP L 21 -12.81 -68.50 -84.68
C TRP L 21 -12.28 -67.55 -85.72
N GLU L 22 -11.11 -66.95 -85.49
CA GLU L 22 -10.43 -66.27 -86.59
C GLU L 22 -10.33 -67.21 -87.79
N LEU L 23 -9.78 -68.39 -87.56
CA LEU L 23 -9.59 -69.34 -88.66
C LEU L 23 -10.92 -69.74 -89.30
N PHE L 24 -11.93 -70.02 -88.47
CA PHE L 24 -13.20 -70.50 -89.01
C PHE L 24 -13.89 -69.42 -89.85
N CYS L 25 -14.06 -68.22 -89.30
CA CYS L 25 -14.63 -67.14 -90.09
C CYS L 25 -13.77 -66.84 -91.32
N LEU L 26 -12.48 -67.17 -91.27
CA LEU L 26 -11.64 -66.92 -92.43
C LEU L 26 -11.96 -67.90 -93.55
N GLU L 27 -11.85 -69.20 -93.29
CA GLU L 27 -11.87 -70.16 -94.39
C GLU L 27 -13.25 -70.26 -95.03
N HIS L 28 -14.31 -69.99 -94.28
CA HIS L 28 -15.63 -69.84 -94.88
C HIS L 28 -15.85 -68.46 -95.49
N GLY L 29 -14.83 -67.60 -95.48
CA GLY L 29 -14.93 -66.28 -96.05
C GLY L 29 -15.74 -65.28 -95.26
N ILE L 30 -16.31 -65.67 -94.13
CA ILE L 30 -17.12 -64.76 -93.33
C ILE L 30 -16.26 -63.61 -92.84
N GLN L 31 -16.57 -62.40 -93.28
CA GLN L 31 -15.79 -61.24 -92.88
C GLN L 31 -15.95 -61.00 -91.39
N PRO L 32 -14.91 -60.47 -90.73
CA PRO L 32 -15.01 -60.18 -89.29
C PRO L 32 -16.18 -59.28 -88.94
N ASP L 33 -16.70 -58.51 -89.89
CA ASP L 33 -17.90 -57.72 -89.63
C ASP L 33 -19.12 -58.59 -89.38
N GLY L 34 -19.10 -59.85 -89.81
CA GLY L 34 -20.21 -60.75 -89.61
C GLY L 34 -21.04 -61.00 -90.85
N GLN L 35 -20.81 -60.25 -91.93
CA GLN L 35 -21.58 -60.41 -93.15
C GLN L 35 -20.78 -61.21 -94.16
N MET L 36 -21.40 -62.25 -94.72
CA MET L 36 -20.82 -62.94 -95.85
C MET L 36 -20.83 -62.03 -97.07
N PRO L 37 -19.79 -62.09 -97.92
CA PRO L 37 -19.85 -61.34 -99.18
C PRO L 37 -21.09 -61.69 -99.97
N ALA L 48 -22.65 -74.32 -96.22
CA ALA L 48 -21.60 -75.01 -95.46
C ALA L 48 -21.37 -74.49 -94.06
N PHE L 49 -21.70 -73.23 -93.75
CA PHE L 49 -21.33 -72.68 -92.45
C PHE L 49 -22.24 -73.14 -91.33
N ASN L 50 -23.27 -73.93 -91.63
CA ASN L 50 -24.13 -74.46 -90.58
C ASN L 50 -23.38 -75.37 -89.63
N THR L 51 -22.16 -75.78 -89.96
CA THR L 51 -21.36 -76.55 -89.01
C THR L 51 -21.06 -75.74 -87.77
N PHE L 52 -20.66 -74.48 -87.94
CA PHE L 52 -20.36 -73.64 -86.80
C PHE L 52 -21.30 -72.44 -86.70
N PHE L 53 -21.43 -71.64 -87.74
CA PHE L 53 -22.21 -70.42 -87.65
C PHE L 53 -23.70 -70.73 -87.81
N SER L 54 -24.50 -69.66 -87.86
CA SER L 54 -25.93 -69.81 -88.11
C SER L 54 -26.45 -68.51 -88.71
N GLU L 55 -27.26 -68.63 -89.74
CA GLU L 55 -27.82 -67.48 -90.43
C GLU L 55 -28.97 -66.90 -89.60
N THR L 56 -28.98 -65.58 -89.47
CA THR L 56 -30.03 -64.90 -88.71
C THR L 56 -31.19 -64.47 -89.60
N GLY L 57 -31.69 -65.40 -90.40
CA GLY L 57 -32.79 -65.08 -91.31
C GLY L 57 -32.38 -64.26 -92.52
N ALA L 58 -31.62 -63.19 -92.29
CA ALA L 58 -31.14 -62.33 -93.37
C ALA L 58 -29.98 -61.51 -92.86
N GLY L 59 -29.09 -61.14 -93.78
CA GLY L 59 -27.99 -60.24 -93.49
C GLY L 59 -26.70 -60.86 -93.00
N LYS L 60 -26.65 -61.33 -91.76
CA LYS L 60 -25.38 -61.70 -91.15
C LYS L 60 -25.46 -63.12 -90.59
N HIS L 61 -24.41 -63.50 -89.86
CA HIS L 61 -24.31 -64.81 -89.23
C HIS L 61 -23.86 -64.63 -87.78
N VAL L 62 -24.26 -65.57 -86.93
CA VAL L 62 -23.81 -65.58 -85.54
C VAL L 62 -23.14 -66.91 -85.25
N PRO L 63 -22.02 -66.93 -84.54
CA PRO L 63 -21.36 -68.21 -84.24
C PRO L 63 -22.05 -68.97 -83.12
N ARG L 64 -22.01 -70.29 -83.23
CA ARG L 64 -22.49 -71.17 -82.16
C ARG L 64 -21.35 -71.38 -81.19
N ALA L 65 -21.19 -70.45 -80.25
CA ALA L 65 -20.14 -70.57 -79.26
C ALA L 65 -20.46 -69.68 -78.07
N VAL L 66 -20.55 -70.27 -76.89
CA VAL L 66 -20.70 -69.54 -75.64
C VAL L 66 -19.32 -69.31 -75.05
N PHE L 67 -19.05 -68.10 -74.60
CA PHE L 67 -17.76 -67.74 -74.03
C PHE L 67 -17.96 -67.45 -72.55
N LEU L 68 -17.69 -68.45 -71.72
CA LEU L 68 -17.84 -68.33 -70.28
C LEU L 68 -16.52 -67.90 -69.65
N ASP L 69 -16.59 -66.91 -68.77
CA ASP L 69 -15.46 -66.62 -67.90
C ASP L 69 -15.95 -65.73 -66.76
N LEU L 70 -15.10 -65.61 -65.75
CA LEU L 70 -15.43 -64.83 -64.56
C LEU L 70 -14.61 -63.57 -64.45
N GLU L 71 -13.36 -63.60 -64.93
CA GLU L 71 -12.54 -62.41 -65.07
C GLU L 71 -12.89 -61.72 -66.37
N PRO L 72 -13.51 -60.54 -66.32
CA PRO L 72 -14.01 -59.92 -67.55
C PRO L 72 -12.92 -59.38 -68.46
N THR L 73 -11.65 -59.50 -68.05
CA THR L 73 -10.56 -58.86 -68.80
C THR L 73 -10.52 -59.32 -70.25
N VAL L 74 -10.28 -60.61 -70.47
CA VAL L 74 -10.15 -61.11 -71.84
C VAL L 74 -11.46 -60.97 -72.60
N ILE L 75 -12.59 -61.21 -71.93
CA ILE L 75 -13.87 -61.03 -72.60
C ILE L 75 -14.12 -59.56 -72.92
N ASP L 76 -13.66 -58.65 -72.06
CA ASP L 76 -13.77 -57.23 -72.37
C ASP L 76 -12.95 -56.89 -73.61
N GLU L 77 -11.72 -57.42 -73.68
CA GLU L 77 -10.89 -57.19 -74.85
C GLU L 77 -11.57 -57.73 -76.11
N VAL L 78 -12.22 -58.89 -76.00
CA VAL L 78 -12.94 -59.44 -77.13
C VAL L 78 -14.10 -58.56 -77.53
N ARG L 79 -14.79 -57.97 -76.54
CA ARG L 79 -15.89 -57.07 -76.82
C ARG L 79 -15.44 -55.75 -77.45
N THR L 80 -14.14 -55.55 -77.66
CA THR L 80 -13.64 -54.36 -78.32
C THR L 80 -12.59 -54.66 -79.38
N GLY L 81 -12.20 -55.92 -79.56
CA GLY L 81 -11.21 -56.28 -80.55
C GLY L 81 -11.74 -56.20 -81.97
N THR L 82 -11.15 -56.97 -82.86
CA THR L 82 -11.60 -56.97 -84.25
C THR L 82 -12.95 -57.62 -84.43
N TYR L 83 -13.43 -58.38 -83.45
CA TYR L 83 -14.66 -59.17 -83.58
C TYR L 83 -15.75 -58.68 -82.63
N ARG L 84 -15.77 -57.37 -82.34
CA ARG L 84 -16.81 -56.85 -81.47
C ARG L 84 -18.17 -56.85 -82.14
N GLN L 85 -18.23 -56.98 -83.46
CA GLN L 85 -19.50 -56.95 -84.19
C GLN L 85 -20.00 -58.34 -84.56
N LEU L 86 -19.25 -59.39 -84.25
CA LEU L 86 -19.59 -60.73 -84.73
C LEU L 86 -20.43 -61.51 -83.74
N PHE L 87 -19.90 -61.75 -82.54
CA PHE L 87 -20.57 -62.60 -81.57
C PHE L 87 -21.89 -61.99 -81.12
N HIS L 88 -22.74 -62.82 -80.54
CA HIS L 88 -23.98 -62.31 -79.99
C HIS L 88 -23.70 -61.57 -78.68
N PRO L 89 -24.38 -60.45 -78.44
CA PRO L 89 -24.09 -59.66 -77.24
C PRO L 89 -24.45 -60.36 -75.94
N GLU L 90 -24.91 -61.60 -76.00
CA GLU L 90 -25.31 -62.34 -74.82
C GLU L 90 -24.46 -63.58 -74.56
N GLN L 91 -23.94 -64.22 -75.61
CA GLN L 91 -23.19 -65.45 -75.44
C GLN L 91 -21.79 -65.23 -74.90
N LEU L 92 -21.49 -64.03 -74.41
CA LEU L 92 -20.20 -63.73 -73.80
C LEU L 92 -20.47 -63.45 -72.32
N ILE L 93 -20.49 -64.50 -71.51
CA ILE L 93 -20.80 -64.38 -70.10
C ILE L 93 -19.54 -64.05 -69.33
N SER L 94 -19.53 -62.91 -68.66
CA SER L 94 -18.43 -62.49 -67.82
C SER L 94 -18.96 -62.28 -66.41
N GLY L 95 -18.29 -62.87 -65.43
CA GLY L 95 -18.75 -62.79 -64.06
C GLY L 95 -18.42 -61.46 -63.41
N LYS L 96 -18.10 -61.49 -62.12
CA LYS L 96 -17.71 -60.30 -61.39
C LYS L 96 -16.33 -60.41 -60.77
N GLU L 97 -15.95 -61.58 -60.29
CA GLU L 97 -14.65 -61.75 -59.66
C GLU L 97 -13.90 -62.91 -60.29
N ASP L 98 -12.79 -63.31 -59.68
CA ASP L 98 -11.87 -64.28 -60.25
C ASP L 98 -12.17 -65.68 -59.74
N ALA L 99 -11.25 -66.61 -59.99
CA ALA L 99 -11.33 -67.96 -59.45
C ALA L 99 -10.11 -68.37 -58.65
N ALA L 100 -8.96 -67.73 -58.87
CA ALA L 100 -7.80 -67.86 -57.99
C ALA L 100 -7.25 -69.29 -57.92
N ASN L 101 -7.39 -70.04 -59.01
CA ASN L 101 -6.67 -71.29 -59.22
C ASN L 101 -7.06 -72.41 -58.26
N ASN L 102 -7.92 -72.13 -57.28
CA ASN L 102 -8.36 -73.15 -56.34
C ASN L 102 -9.69 -73.72 -56.83
N PHE L 103 -9.66 -75.00 -57.22
CA PHE L 103 -10.80 -75.62 -57.88
C PHE L 103 -12.07 -75.50 -57.06
N ALA L 104 -11.95 -75.40 -55.73
CA ALA L 104 -13.13 -75.30 -54.90
C ALA L 104 -13.95 -74.06 -55.21
N ARG L 105 -13.30 -72.97 -55.60
CA ARG L 105 -14.02 -71.72 -55.79
C ARG L 105 -14.89 -71.76 -57.04
N GLY L 106 -14.28 -71.98 -58.20
CA GLY L 106 -15.01 -71.98 -59.45
C GLY L 106 -15.85 -73.22 -59.68
N HIS L 107 -16.05 -74.01 -58.63
CA HIS L 107 -16.87 -75.20 -58.71
C HIS L 107 -17.86 -75.36 -57.57
N TYR L 108 -17.72 -74.62 -56.47
CA TYR L 108 -18.65 -74.69 -55.36
C TYR L 108 -19.31 -73.36 -55.06
N THR L 109 -18.54 -72.27 -55.00
CA THR L 109 -19.08 -70.97 -54.60
C THR L 109 -19.62 -70.19 -55.79
N ILE L 110 -18.76 -69.86 -56.74
CA ILE L 110 -19.21 -69.06 -57.88
C ILE L 110 -20.01 -69.91 -58.86
N GLY L 111 -19.70 -71.20 -58.97
CA GLY L 111 -20.32 -72.04 -59.98
C GLY L 111 -21.84 -72.01 -59.93
N LYS L 112 -22.40 -72.29 -58.76
CA LYS L 112 -23.85 -72.36 -58.59
C LYS L 112 -24.54 -71.03 -58.88
N GLU L 113 -23.76 -70.00 -59.21
CA GLU L 113 -24.29 -68.71 -59.59
C GLU L 113 -24.34 -68.49 -61.09
N ILE L 114 -23.41 -69.08 -61.84
CA ILE L 114 -23.27 -68.80 -63.26
C ILE L 114 -23.70 -69.97 -64.13
N VAL L 115 -23.34 -71.20 -63.73
CA VAL L 115 -23.57 -72.36 -64.58
C VAL L 115 -25.03 -72.43 -65.04
N ASP L 116 -25.96 -72.19 -64.11
CA ASP L 116 -27.38 -72.24 -64.44
C ASP L 116 -27.68 -71.35 -65.64
N LEU L 117 -27.24 -70.08 -65.57
CA LEU L 117 -27.40 -69.17 -66.70
C LEU L 117 -26.91 -69.83 -67.99
N CYS L 118 -25.68 -70.31 -67.99
CA CYS L 118 -25.13 -70.97 -69.17
C CYS L 118 -26.08 -72.02 -69.70
N LEU L 119 -26.59 -72.89 -68.82
CA LEU L 119 -27.52 -73.92 -69.26
C LEU L 119 -28.64 -73.33 -70.07
N ASP L 120 -29.33 -72.33 -69.52
CA ASP L 120 -30.40 -71.67 -70.27
C ASP L 120 -29.90 -71.24 -71.64
N ARG L 121 -28.77 -70.52 -71.66
CA ARG L 121 -28.18 -70.11 -72.93
C ARG L 121 -27.96 -71.30 -73.83
N ILE L 122 -27.31 -72.35 -73.32
CA ILE L 122 -27.04 -73.54 -74.12
C ILE L 122 -28.33 -74.09 -74.70
N ARG L 123 -29.40 -74.08 -73.90
CA ARG L 123 -30.68 -74.58 -74.38
C ARG L 123 -31.10 -73.82 -75.62
N LYS L 124 -31.07 -72.49 -75.56
CA LYS L 124 -31.51 -71.67 -76.68
C LYS L 124 -30.62 -71.84 -77.90
N LEU L 125 -29.54 -72.60 -77.81
CA LEU L 125 -28.72 -72.90 -78.97
C LEU L 125 -28.89 -74.33 -79.47
N ALA L 126 -29.39 -75.24 -78.63
CA ALA L 126 -29.56 -76.61 -79.07
C ALA L 126 -30.84 -76.79 -79.87
N ASP L 127 -31.94 -76.21 -79.40
CA ASP L 127 -33.21 -76.32 -80.11
C ASP L 127 -33.20 -75.57 -81.44
N ASN L 128 -32.24 -74.69 -81.67
CA ASN L 128 -32.14 -73.95 -82.92
C ASN L 128 -31.36 -74.70 -83.99
N CYS L 129 -31.21 -76.01 -83.83
CA CYS L 129 -30.54 -76.85 -84.82
C CYS L 129 -31.31 -78.15 -84.97
N THR L 130 -30.86 -78.98 -85.91
CA THR L 130 -31.55 -80.22 -86.22
C THR L 130 -30.66 -81.46 -86.12
N GLY L 131 -29.39 -81.36 -86.48
CA GLY L 131 -28.53 -82.52 -86.50
C GLY L 131 -27.35 -82.42 -85.55
N LEU L 132 -27.57 -81.91 -84.34
CA LEU L 132 -26.49 -81.79 -83.37
C LEU L 132 -25.82 -83.13 -83.14
N GLN L 133 -24.49 -83.12 -83.13
CA GLN L 133 -23.71 -84.35 -83.03
C GLN L 133 -22.80 -84.38 -81.81
N GLY L 134 -22.05 -83.32 -81.56
CA GLY L 134 -21.12 -83.34 -80.44
C GLY L 134 -20.78 -81.95 -79.96
N PHE L 135 -20.28 -81.88 -78.74
CA PHE L 135 -19.83 -80.63 -78.13
C PHE L 135 -18.31 -80.55 -78.17
N LEU L 136 -17.79 -79.33 -78.21
CA LEU L 136 -16.35 -79.08 -78.29
C LEU L 136 -16.00 -78.02 -77.25
N VAL L 137 -15.72 -78.47 -76.03
CA VAL L 137 -15.33 -77.55 -74.97
C VAL L 137 -13.86 -77.22 -75.11
N PHE L 138 -13.41 -76.18 -74.41
CA PHE L 138 -12.01 -75.78 -74.40
C PHE L 138 -11.72 -75.20 -73.03
N ASN L 139 -10.73 -75.74 -72.34
CA ASN L 139 -10.50 -75.31 -70.97
C ASN L 139 -9.08 -75.62 -70.55
N SER L 140 -8.51 -74.75 -69.71
CA SER L 140 -7.29 -75.07 -69.00
C SER L 140 -7.62 -75.93 -67.79
N VAL L 141 -6.59 -76.33 -67.05
CA VAL L 141 -6.81 -77.10 -65.84
C VAL L 141 -6.13 -76.41 -64.68
N GLY L 142 -5.07 -75.65 -64.96
CA GLY L 142 -4.40 -74.91 -63.91
C GLY L 142 -5.25 -73.78 -63.38
N GLY L 143 -5.89 -73.03 -64.29
CA GLY L 143 -6.73 -71.94 -63.86
C GLY L 143 -7.92 -72.43 -63.06
N GLY L 144 -8.34 -71.63 -62.09
CA GLY L 144 -9.50 -71.99 -61.31
C GLY L 144 -10.75 -72.07 -62.16
N THR L 145 -10.98 -71.06 -63.01
CA THR L 145 -12.20 -71.03 -63.80
C THR L 145 -12.26 -72.19 -64.77
N GLY L 146 -11.15 -72.50 -65.43
CA GLY L 146 -11.12 -73.62 -66.35
C GLY L 146 -11.55 -74.90 -65.69
N SER L 147 -10.75 -75.36 -64.72
CA SER L 147 -11.06 -76.58 -63.99
C SER L 147 -12.49 -76.58 -63.45
N GLY L 148 -12.81 -75.57 -62.65
CA GLY L 148 -14.10 -75.48 -61.99
C GLY L 148 -15.27 -75.54 -62.94
N LEU L 149 -15.38 -74.56 -63.83
CA LEU L 149 -16.55 -74.50 -64.68
C LEU L 149 -16.57 -75.62 -65.71
N GLY L 150 -15.41 -76.14 -66.13
CA GLY L 150 -15.43 -77.31 -66.98
C GLY L 150 -16.05 -78.51 -66.30
N SER L 151 -15.57 -78.82 -65.10
CA SER L 151 -16.18 -79.90 -64.31
C SER L 151 -17.67 -79.67 -64.13
N LEU L 152 -18.05 -78.44 -63.78
CA LEU L 152 -19.45 -78.18 -63.48
C LEU L 152 -20.33 -78.33 -64.72
N LEU L 153 -19.92 -77.73 -65.84
CA LEU L 153 -20.71 -77.80 -67.05
C LEU L 153 -20.80 -79.24 -67.55
N LEU L 154 -19.74 -80.03 -67.40
CA LEU L 154 -19.82 -81.42 -67.83
C LEU L 154 -20.77 -82.21 -66.95
N GLU L 155 -20.66 -82.04 -65.63
CA GLU L 155 -21.54 -82.77 -64.73
C GLU L 155 -22.98 -82.28 -64.81
N ARG L 156 -23.22 -81.10 -65.39
CA ARG L 156 -24.58 -80.61 -65.56
C ARG L 156 -25.14 -80.92 -66.93
N LEU L 157 -24.29 -81.14 -67.93
CA LEU L 157 -24.73 -81.47 -69.27
C LEU L 157 -24.91 -82.96 -69.47
N SER L 158 -24.07 -83.79 -68.84
CA SER L 158 -24.19 -85.23 -69.00
C SER L 158 -25.54 -85.75 -68.51
N VAL L 159 -26.19 -85.03 -67.60
CA VAL L 159 -27.50 -85.43 -67.11
C VAL L 159 -28.63 -84.85 -67.96
N ASP L 160 -28.36 -83.78 -68.70
CA ASP L 160 -29.41 -83.09 -69.45
C ASP L 160 -29.57 -83.60 -70.87
N TYR L 161 -28.49 -84.09 -71.49
CA TYR L 161 -28.54 -84.56 -72.87
C TYR L 161 -28.35 -86.06 -73.00
N GLY L 162 -27.36 -86.63 -72.33
CA GLY L 162 -27.21 -88.07 -72.33
C GLY L 162 -26.39 -88.62 -73.48
N LYS L 163 -27.07 -89.06 -74.53
CA LYS L 163 -26.40 -89.81 -75.60
C LYS L 163 -25.35 -89.00 -76.33
N LYS L 164 -25.49 -87.67 -76.34
CA LYS L 164 -24.56 -86.83 -77.09
C LYS L 164 -23.11 -87.05 -76.62
N SER L 165 -22.18 -86.97 -77.57
CA SER L 165 -20.77 -87.22 -77.30
C SER L 165 -20.06 -85.89 -77.08
N LYS L 166 -19.47 -85.74 -75.91
CA LYS L 166 -18.72 -84.54 -75.57
C LYS L 166 -17.24 -84.77 -75.82
N LEU L 167 -16.57 -83.76 -76.38
CA LEU L 167 -15.13 -83.78 -76.58
C LEU L 167 -14.48 -82.80 -75.63
N GLY L 168 -13.18 -82.62 -75.77
CA GLY L 168 -12.46 -81.68 -74.93
C GLY L 168 -11.08 -81.42 -75.48
N PHE L 169 -10.53 -80.29 -75.08
CA PHE L 169 -9.17 -79.92 -75.48
C PHE L 169 -8.50 -79.25 -74.28
N THR L 170 -7.83 -80.06 -73.46
CA THR L 170 -7.27 -79.62 -72.20
C THR L 170 -5.80 -79.28 -72.37
N ILE L 171 -5.44 -78.05 -72.00
CA ILE L 171 -4.05 -77.61 -72.05
C ILE L 171 -3.44 -77.93 -70.69
N TYR L 172 -3.01 -79.19 -70.56
CA TYR L 172 -2.43 -79.66 -69.30
C TYR L 172 -1.12 -78.94 -69.00
N PRO L 173 -0.66 -79.00 -67.76
CA PRO L 173 0.67 -78.48 -67.43
C PRO L 173 1.77 -79.35 -68.01
N SER L 174 2.73 -78.71 -68.67
CA SER L 174 3.93 -79.41 -69.07
C SER L 174 4.68 -79.89 -67.83
N PRO L 175 5.33 -81.06 -67.89
CA PRO L 175 6.07 -81.54 -66.72
C PRO L 175 7.31 -80.72 -66.40
N GLN L 176 7.76 -79.84 -67.29
CA GLN L 176 8.91 -78.99 -67.03
C GLN L 176 8.52 -77.51 -66.97
N VAL L 177 7.88 -76.99 -68.03
CA VAL L 177 7.49 -75.58 -68.06
C VAL L 177 6.46 -75.31 -66.96
N SER L 178 6.75 -74.33 -66.11
CA SER L 178 5.89 -73.98 -65.00
C SER L 178 5.20 -72.65 -65.25
N THR L 179 3.92 -72.59 -64.87
CA THR L 179 3.17 -71.34 -64.91
C THR L 179 2.38 -71.08 -63.64
N ALA L 180 2.06 -72.10 -62.85
CA ALA L 180 1.45 -71.92 -61.53
C ALA L 180 2.12 -72.89 -60.58
N VAL L 181 1.64 -72.92 -59.33
CA VAL L 181 2.24 -73.78 -58.32
C VAL L 181 1.19 -74.69 -57.69
N VAL L 182 -0.06 -74.26 -57.70
CA VAL L 182 -1.14 -75.08 -57.19
C VAL L 182 -1.78 -75.79 -58.38
N GLU L 183 -1.09 -75.74 -59.50
CA GLU L 183 -1.62 -76.32 -60.74
C GLU L 183 -1.84 -77.83 -60.65
N PRO L 184 -0.94 -78.62 -60.07
CA PRO L 184 -1.24 -80.06 -59.93
C PRO L 184 -2.53 -80.34 -59.16
N TYR L 185 -2.87 -79.52 -58.17
CA TYR L 185 -4.06 -79.76 -57.36
C TYR L 185 -5.34 -79.74 -58.19
N ASN L 186 -5.66 -78.58 -58.75
CA ASN L 186 -6.86 -78.49 -59.56
C ASN L 186 -6.72 -79.27 -60.86
N SER L 187 -5.49 -79.57 -61.29
CA SER L 187 -5.32 -80.47 -62.43
C SER L 187 -5.85 -81.86 -62.11
N ILE L 188 -5.43 -82.41 -60.97
CA ILE L 188 -5.91 -83.73 -60.55
C ILE L 188 -7.41 -83.71 -60.33
N LEU L 189 -7.93 -82.63 -59.75
CA LEU L 189 -9.37 -82.55 -59.50
C LEU L 189 -10.16 -82.52 -60.80
N SER L 190 -9.73 -81.69 -61.76
CA SER L 190 -10.39 -81.65 -63.05
C SER L 190 -10.27 -82.98 -63.77
N THR L 191 -9.15 -83.68 -63.61
CA THR L 191 -9.01 -84.98 -64.25
C THR L 191 -9.98 -85.99 -63.65
N HIS L 192 -10.11 -86.01 -62.32
CA HIS L 192 -11.05 -86.91 -61.70
C HIS L 192 -12.49 -86.60 -62.09
N SER L 193 -12.79 -85.32 -62.34
CA SER L 193 -14.13 -84.99 -62.80
C SER L 193 -14.34 -85.40 -64.26
N LEU L 194 -13.39 -85.06 -65.12
CA LEU L 194 -13.52 -85.30 -66.55
C LEU L 194 -13.38 -86.78 -66.89
N LEU L 195 -12.91 -87.59 -65.94
CA LEU L 195 -12.65 -89.00 -66.23
C LEU L 195 -13.91 -89.73 -66.69
N GLU L 196 -15.08 -89.38 -66.15
CA GLU L 196 -16.30 -90.10 -66.49
C GLU L 196 -17.42 -89.16 -66.91
N HIS L 197 -17.09 -88.10 -67.65
CA HIS L 197 -18.11 -87.24 -68.22
C HIS L 197 -17.84 -86.83 -69.65
N THR L 198 -16.66 -87.05 -70.19
CA THR L 198 -16.32 -86.66 -71.55
C THR L 198 -15.81 -87.88 -72.30
N ASP L 199 -16.26 -88.01 -73.55
CA ASP L 199 -15.98 -89.23 -74.31
C ASP L 199 -14.58 -89.24 -74.93
N VAL L 200 -14.03 -88.06 -75.24
CA VAL L 200 -12.70 -87.94 -75.80
C VAL L 200 -12.09 -86.64 -75.29
N ALA L 201 -10.93 -86.74 -74.64
CA ALA L 201 -10.24 -85.57 -74.10
C ALA L 201 -8.78 -85.64 -74.53
N VAL L 202 -8.48 -85.05 -75.68
CA VAL L 202 -7.12 -85.08 -76.22
C VAL L 202 -6.28 -84.03 -75.52
N MET L 203 -5.14 -84.45 -74.99
CA MET L 203 -4.26 -83.57 -74.24
C MET L 203 -3.41 -82.75 -75.19
N LEU L 204 -3.54 -81.43 -75.13
CA LEU L 204 -2.74 -80.50 -75.92
C LEU L 204 -1.77 -79.83 -74.96
N ASP L 205 -0.60 -80.44 -74.77
CA ASP L 205 0.39 -79.88 -73.86
C ASP L 205 0.90 -78.54 -74.37
N ASN L 206 1.67 -77.86 -73.53
CA ASN L 206 2.08 -76.50 -73.81
C ASN L 206 3.58 -76.32 -73.99
N GLU L 207 4.36 -77.40 -73.90
CA GLU L 207 5.81 -77.28 -74.09
C GLU L 207 6.24 -77.77 -75.46
N ALA L 208 5.79 -78.96 -75.85
CA ALA L 208 6.19 -79.51 -77.14
C ALA L 208 5.79 -78.60 -78.29
N ILE L 209 4.76 -77.78 -78.10
CA ILE L 209 4.37 -76.83 -79.14
C ILE L 209 5.43 -75.75 -79.30
N TYR L 210 5.98 -75.26 -78.18
CA TYR L 210 7.07 -74.30 -78.26
C TYR L 210 8.32 -74.95 -78.84
N ASP L 211 8.60 -76.19 -78.47
CA ASP L 211 9.69 -76.93 -79.09
C ASP L 211 9.51 -76.98 -80.60
N ILE L 212 8.29 -77.28 -81.06
CA ILE L 212 8.00 -77.33 -82.48
C ILE L 212 8.28 -75.99 -83.15
N CYS L 213 7.72 -74.92 -82.58
CA CYS L 213 7.94 -73.59 -83.13
C CYS L 213 9.41 -73.20 -83.12
N ARG L 214 10.22 -73.83 -82.27
CA ARG L 214 11.65 -73.56 -82.29
C ARG L 214 12.41 -74.44 -83.27
N ARG L 215 11.87 -75.59 -83.65
CA ARG L 215 12.55 -76.49 -84.56
C ARG L 215 12.02 -76.45 -85.99
N ASN L 216 10.70 -76.33 -86.17
CA ASN L 216 10.10 -76.44 -87.50
C ASN L 216 9.90 -75.07 -88.15
N LEU L 217 9.11 -74.20 -87.54
CA LEU L 217 8.86 -72.89 -88.11
C LEU L 217 10.04 -71.94 -87.96
N ASP L 218 11.05 -72.32 -87.20
CA ASP L 218 12.29 -71.55 -87.00
C ASP L 218 12.04 -70.21 -86.34
N ILE L 219 10.81 -69.90 -85.94
CA ILE L 219 10.58 -68.70 -85.15
C ILE L 219 11.26 -68.87 -83.80
N GLU L 220 12.21 -67.98 -83.52
CA GLU L 220 13.09 -68.19 -82.37
C GLU L 220 12.41 -67.87 -81.05
N ARG L 221 11.56 -66.83 -81.01
CA ARG L 221 10.95 -66.36 -79.78
C ARG L 221 9.43 -66.49 -79.93
N PRO L 222 8.88 -67.68 -79.73
CA PRO L 222 7.46 -67.89 -79.97
C PRO L 222 6.60 -67.24 -78.89
N THR L 223 5.33 -67.04 -79.23
CA THR L 223 4.39 -66.37 -78.36
C THR L 223 3.05 -67.12 -78.43
N TYR L 224 2.22 -66.91 -77.41
CA TYR L 224 0.95 -67.64 -77.29
C TYR L 224 0.12 -67.56 -78.56
N THR L 225 0.27 -66.50 -79.35
CA THR L 225 -0.52 -66.35 -80.57
C THR L 225 -0.27 -67.52 -81.53
N ASN L 226 0.99 -67.83 -81.80
CA ASN L 226 1.31 -68.90 -82.73
C ASN L 226 0.85 -70.25 -82.18
N LEU L 227 1.02 -70.45 -80.89
CA LEU L 227 0.46 -71.61 -80.20
C LEU L 227 -1.02 -71.80 -80.52
N ASN L 228 -1.83 -70.78 -80.22
CA ASN L 228 -3.25 -70.88 -80.48
C ASN L 228 -3.54 -71.04 -81.98
N ARG L 229 -2.68 -70.49 -82.83
CA ARG L 229 -2.86 -70.68 -84.26
C ARG L 229 -2.73 -72.15 -84.65
N LEU L 230 -1.69 -72.81 -84.14
CA LEU L 230 -1.53 -74.24 -84.41
C LEU L 230 -2.70 -75.04 -83.87
N ILE L 231 -3.18 -74.68 -82.68
CA ILE L 231 -4.33 -75.42 -82.12
C ILE L 231 -5.56 -75.23 -83.01
N ALA L 232 -5.79 -74.01 -83.46
CA ALA L 232 -6.88 -73.75 -84.39
C ALA L 232 -6.73 -74.57 -85.67
N GLN L 233 -5.49 -74.69 -86.16
CA GLN L 233 -5.24 -75.49 -87.34
C GLN L 233 -5.67 -76.94 -87.13
N VAL L 234 -5.30 -77.50 -85.97
CA VAL L 234 -5.69 -78.89 -85.69
C VAL L 234 -7.20 -79.02 -85.60
N ILE L 235 -7.87 -78.05 -84.96
CA ILE L 235 -9.32 -78.12 -84.84
C ILE L 235 -9.97 -78.10 -86.21
N SER L 236 -9.51 -77.20 -87.08
CA SER L 236 -10.11 -77.11 -88.41
C SER L 236 -9.82 -78.36 -89.23
N SER L 237 -8.62 -78.91 -89.11
CA SER L 237 -8.32 -80.13 -89.83
C SER L 237 -9.12 -81.32 -89.29
N LEU L 238 -9.58 -81.25 -88.06
CA LEU L 238 -10.46 -82.29 -87.55
C LEU L 238 -11.89 -82.12 -88.06
N THR L 239 -12.37 -80.87 -88.12
CA THR L 239 -13.76 -80.63 -88.51
C THR L 239 -13.95 -80.50 -90.01
N ALA L 240 -12.87 -80.58 -90.80
CA ALA L 240 -13.00 -80.53 -92.25
C ALA L 240 -13.93 -81.60 -92.79
N SER L 241 -14.02 -82.74 -92.10
CA SER L 241 -14.89 -83.82 -92.57
C SER L 241 -16.35 -83.37 -92.58
N LEU L 242 -16.79 -82.74 -91.49
CA LEU L 242 -18.16 -82.23 -91.46
C LEU L 242 -18.32 -81.04 -92.39
N ARG L 243 -17.42 -80.08 -92.32
CA ARG L 243 -17.62 -78.84 -93.06
C ARG L 243 -17.60 -79.05 -94.56
N PHE L 244 -16.48 -79.52 -95.09
CA PHE L 244 -16.25 -79.50 -96.53
C PHE L 244 -16.49 -80.87 -97.15
N ASP L 245 -16.64 -80.87 -98.47
CA ASP L 245 -16.73 -82.10 -99.23
C ASP L 245 -15.46 -82.92 -99.07
N GLY L 246 -15.53 -84.17 -99.54
CA GLY L 246 -14.41 -85.08 -99.40
C GLY L 246 -14.81 -86.52 -99.56
N ALA L 247 -13.90 -87.35 -100.08
CA ALA L 247 -14.22 -88.74 -100.39
C ALA L 247 -14.63 -89.53 -99.15
N LEU L 248 -13.69 -89.72 -98.22
CA LEU L 248 -13.90 -90.61 -97.09
C LEU L 248 -14.28 -89.78 -95.87
N ASN L 249 -15.50 -89.23 -95.91
CA ASN L 249 -16.03 -88.48 -94.78
C ASN L 249 -16.08 -89.34 -93.53
N VAL L 250 -15.91 -88.70 -92.38
CA VAL L 250 -16.09 -89.35 -91.07
C VAL L 250 -16.90 -88.43 -90.18
N ASP L 251 -17.90 -89.00 -89.51
CA ASP L 251 -18.70 -88.27 -88.54
C ASP L 251 -17.99 -88.26 -87.19
N ILE L 252 -18.10 -87.14 -86.48
CA ILE L 252 -17.50 -87.03 -85.15
C ILE L 252 -18.08 -88.08 -84.20
N THR L 253 -19.36 -88.43 -84.37
CA THR L 253 -19.96 -89.45 -83.53
C THR L 253 -19.36 -90.83 -83.79
N GLU L 254 -18.65 -91.01 -84.90
CA GLU L 254 -17.90 -92.22 -85.15
C GLU L 254 -16.48 -92.15 -84.60
N PHE L 255 -16.25 -91.32 -83.59
CA PHE L 255 -14.97 -91.28 -82.90
C PHE L 255 -14.97 -92.17 -81.66
N GLN L 256 -15.98 -92.02 -80.80
CA GLN L 256 -16.10 -92.88 -79.63
C GLN L 256 -16.06 -94.36 -80.01
N THR L 257 -16.52 -94.70 -81.21
CA THR L 257 -16.47 -96.08 -81.65
C THR L 257 -15.03 -96.52 -81.90
N ASN L 258 -14.25 -95.68 -82.58
CA ASN L 258 -12.91 -96.10 -83.00
C ASN L 258 -11.90 -96.02 -81.86
N LEU L 259 -11.78 -94.86 -81.23
CA LEU L 259 -10.60 -94.54 -80.43
C LEU L 259 -10.79 -94.72 -78.93
N VAL L 260 -11.95 -95.15 -78.47
CA VAL L 260 -12.16 -95.35 -77.04
C VAL L 260 -12.44 -96.83 -76.80
N PRO L 261 -11.43 -97.69 -76.80
CA PRO L 261 -11.66 -99.12 -76.62
C PRO L 261 -12.35 -99.45 -75.30
N TYR L 262 -11.73 -99.05 -74.20
CA TYR L 262 -12.31 -99.25 -72.88
C TYR L 262 -12.83 -97.93 -72.37
N PRO L 263 -14.12 -97.82 -72.05
CA PRO L 263 -14.74 -96.50 -71.84
C PRO L 263 -14.04 -95.59 -70.84
N ARG L 264 -13.09 -96.11 -70.08
CA ARG L 264 -12.38 -95.28 -69.13
C ARG L 264 -11.14 -94.63 -69.72
N ILE L 265 -10.46 -95.31 -70.64
CA ILE L 265 -9.20 -94.83 -71.19
C ILE L 265 -9.50 -94.08 -72.48
N HIS L 266 -9.70 -92.77 -72.35
CA HIS L 266 -9.98 -91.92 -73.50
C HIS L 266 -9.12 -90.67 -73.45
N PHE L 267 -7.83 -90.86 -73.19
CA PHE L 267 -6.87 -89.77 -73.08
C PHE L 267 -5.86 -89.91 -74.20
N MET L 268 -6.12 -89.22 -75.31
CA MET L 268 -5.31 -89.34 -76.51
C MET L 268 -4.48 -88.09 -76.72
N LEU L 269 -3.46 -88.22 -77.57
CA LEU L 269 -2.61 -87.10 -77.93
C LEU L 269 -2.72 -86.84 -79.43
N SER L 270 -2.26 -85.67 -79.86
CA SER L 270 -2.46 -85.23 -81.23
C SER L 270 -1.13 -84.98 -81.91
N SER L 271 -1.20 -84.74 -83.22
CA SER L 271 -0.03 -84.40 -84.01
C SER L 271 -0.47 -83.82 -85.34
N TYR L 272 0.37 -82.96 -85.91
CA TYR L 272 0.06 -82.25 -87.14
C TYR L 272 1.28 -82.27 -88.04
N ALA L 273 1.03 -82.24 -89.34
CA ALA L 273 2.11 -82.08 -90.32
C ALA L 273 1.50 -81.57 -91.61
N PRO L 274 2.20 -80.69 -92.34
CA PRO L 274 3.51 -80.13 -91.98
C PRO L 274 3.36 -78.81 -91.24
N ILE L 275 4.43 -78.42 -90.54
CA ILE L 275 4.53 -77.09 -89.94
C ILE L 275 5.84 -76.52 -90.45
N ILE L 276 5.78 -75.82 -91.58
CA ILE L 276 6.97 -75.37 -92.29
C ILE L 276 6.86 -73.88 -92.57
N SER L 277 7.98 -73.18 -92.45
CA SER L 277 8.07 -71.77 -92.79
C SER L 277 8.49 -71.61 -94.24
N ALA L 278 8.26 -70.41 -94.78
CA ALA L 278 8.41 -70.18 -96.22
C ALA L 278 9.85 -70.38 -96.67
N GLU L 279 10.81 -69.85 -95.91
CA GLU L 279 12.21 -69.80 -96.36
C GLU L 279 12.77 -71.17 -96.72
N LYS L 280 12.21 -72.25 -96.17
CA LYS L 280 12.56 -73.60 -96.58
C LYS L 280 11.34 -74.41 -96.98
N ALA L 281 10.19 -73.76 -97.21
CA ALA L 281 8.98 -74.46 -97.59
C ALA L 281 9.11 -75.17 -98.93
N TYR L 282 9.31 -74.41 -100.00
CA TYR L 282 9.30 -74.99 -101.34
C TYR L 282 10.59 -75.72 -101.69
N HIS L 283 11.63 -75.61 -100.85
CA HIS L 283 12.82 -76.41 -101.07
C HIS L 283 12.50 -77.89 -100.96
N GLU L 284 12.06 -78.33 -99.79
CA GLU L 284 11.69 -79.72 -99.56
C GLU L 284 10.30 -79.98 -100.13
N GLN L 285 10.13 -81.15 -100.75
CA GLN L 285 8.90 -81.43 -101.48
C GLN L 285 7.75 -81.79 -100.55
N LEU L 286 8.03 -82.51 -99.47
CA LEU L 286 7.02 -82.94 -98.50
C LEU L 286 5.98 -83.85 -99.17
N SER L 287 6.46 -84.98 -99.68
CA SER L 287 5.58 -85.95 -100.31
C SER L 287 4.74 -86.66 -99.25
N VAL L 288 3.73 -87.40 -99.73
CA VAL L 288 2.82 -88.09 -98.83
C VAL L 288 3.58 -89.04 -97.91
N ALA L 289 4.56 -89.76 -98.45
CA ALA L 289 5.37 -90.64 -97.63
C ALA L 289 6.05 -89.88 -96.49
N GLU L 290 6.74 -88.79 -96.83
CA GLU L 290 7.43 -88.03 -95.78
C GLU L 290 6.44 -87.31 -94.88
N ILE L 291 5.32 -86.83 -95.43
CA ILE L 291 4.39 -86.07 -94.60
C ILE L 291 3.70 -86.98 -93.60
N THR L 292 3.54 -88.26 -93.92
CA THR L 292 3.02 -89.19 -92.93
C THR L 292 4.11 -89.83 -92.09
N ASN L 293 5.37 -89.75 -92.54
CA ASN L 293 6.49 -90.19 -91.73
C ASN L 293 6.86 -89.17 -90.66
N SER L 294 6.52 -87.90 -90.86
CA SER L 294 6.74 -86.90 -89.83
C SER L 294 5.64 -86.89 -88.78
N ALA L 295 4.55 -87.64 -89.00
CA ALA L 295 3.47 -87.66 -88.03
C ALA L 295 3.80 -88.53 -86.83
N PHE L 296 4.39 -89.70 -87.06
CA PHE L 296 4.74 -90.61 -85.97
C PHE L 296 6.05 -90.25 -85.29
N GLU L 297 6.74 -89.21 -85.75
CA GLU L 297 7.99 -88.84 -85.14
C GLU L 297 7.75 -88.31 -83.72
N PRO L 298 8.54 -88.75 -82.74
CA PRO L 298 8.30 -88.31 -81.36
C PRO L 298 8.50 -86.81 -81.16
N ALA L 299 9.21 -86.14 -82.06
CA ALA L 299 9.50 -84.72 -81.86
C ALA L 299 8.23 -83.89 -81.89
N ASN L 300 7.40 -84.06 -82.92
CA ASN L 300 6.26 -83.18 -83.15
C ASN L 300 4.96 -83.76 -82.60
N MET L 301 5.03 -84.51 -81.50
CA MET L 301 3.85 -84.92 -80.77
C MET L 301 3.47 -83.79 -79.82
N MET L 302 2.33 -83.14 -80.08
CA MET L 302 1.97 -81.93 -79.35
C MET L 302 1.94 -82.17 -77.84
N ALA L 303 1.32 -83.27 -77.41
CA ALA L 303 1.36 -83.62 -76.00
C ALA L 303 2.77 -84.09 -75.64
N LYS L 304 3.36 -83.49 -74.60
CA LYS L 304 4.73 -83.83 -74.24
C LYS L 304 4.83 -85.25 -73.72
N CYS L 305 5.46 -86.12 -74.51
CA CYS L 305 5.76 -87.50 -74.13
C CYS L 305 6.56 -88.10 -75.28
N ASP L 306 7.06 -89.31 -75.04
CA ASP L 306 7.76 -90.07 -76.09
C ASP L 306 6.93 -91.29 -76.43
N PRO L 307 6.20 -91.29 -77.54
CA PRO L 307 5.38 -92.46 -77.90
C PRO L 307 6.15 -93.75 -77.99
N ARG L 308 7.48 -93.68 -78.18
CA ARG L 308 8.29 -94.90 -78.17
C ARG L 308 8.14 -95.65 -76.86
N HIS L 309 7.99 -94.93 -75.75
CA HIS L 309 8.04 -95.52 -74.42
C HIS L 309 6.94 -96.54 -74.18
N GLY L 310 5.99 -96.68 -75.08
CA GLY L 310 4.92 -97.66 -74.93
C GLY L 310 4.43 -98.12 -76.27
N LYS L 311 3.19 -98.60 -76.29
CA LYS L 311 2.55 -99.09 -77.50
C LYS L 311 1.32 -98.25 -77.79
N TYR L 312 1.00 -98.09 -79.07
CA TYR L 312 -0.22 -97.39 -79.43
C TYR L 312 -1.44 -98.29 -79.20
N MET L 313 -2.61 -97.67 -79.32
CA MET L 313 -3.85 -98.44 -79.25
C MET L 313 -4.75 -98.07 -80.43
N ALA L 314 -4.60 -96.87 -80.97
CA ALA L 314 -5.35 -96.48 -82.15
C ALA L 314 -4.74 -95.23 -82.75
N CYS L 315 -4.94 -95.03 -84.04
CA CYS L 315 -4.41 -93.86 -84.74
C CYS L 315 -5.43 -93.40 -85.79
N SER L 316 -6.18 -92.35 -85.46
CA SER L 316 -7.07 -91.72 -86.44
C SER L 316 -6.25 -90.70 -87.23
N MET L 317 -5.88 -91.06 -88.44
CA MET L 317 -5.05 -90.22 -89.30
C MET L 317 -5.93 -89.63 -90.38
N MET L 318 -6.33 -88.37 -90.22
CA MET L 318 -7.15 -87.70 -91.22
C MET L 318 -6.26 -86.82 -92.09
N TYR L 319 -6.27 -87.09 -93.39
CA TYR L 319 -5.57 -86.25 -94.34
C TYR L 319 -6.48 -85.12 -94.83
N ARG L 320 -5.88 -84.20 -95.57
CA ARG L 320 -6.65 -83.19 -96.29
C ARG L 320 -5.78 -82.62 -97.39
N GLY L 321 -6.39 -82.39 -98.54
CA GLY L 321 -5.69 -81.98 -99.73
C GLY L 321 -5.75 -83.06 -100.80
N ASP L 322 -4.79 -82.98 -101.73
CA ASP L 322 -4.68 -83.96 -102.80
C ASP L 322 -3.84 -85.13 -102.32
N VAL L 323 -4.46 -86.29 -102.16
CA VAL L 323 -3.76 -87.50 -101.77
C VAL L 323 -4.24 -88.66 -102.65
N VAL L 324 -3.30 -89.51 -103.04
CA VAL L 324 -3.60 -90.69 -103.85
C VAL L 324 -3.89 -91.85 -102.90
N PRO L 325 -5.14 -92.32 -102.82
CA PRO L 325 -5.53 -93.21 -101.72
C PRO L 325 -4.71 -94.50 -101.61
N LYS L 326 -4.64 -95.31 -102.66
CA LYS L 326 -3.98 -96.60 -102.53
C LYS L 326 -2.49 -96.45 -102.26
N ASP L 327 -1.87 -95.37 -102.76
CA ASP L 327 -0.48 -95.14 -102.41
C ASP L 327 -0.35 -94.62 -100.99
N VAL L 328 -1.36 -93.92 -100.47
CA VAL L 328 -1.40 -93.62 -99.04
C VAL L 328 -1.42 -94.91 -98.24
N ASN L 329 -2.18 -95.90 -98.71
CA ASN L 329 -2.20 -97.21 -98.04
C ASN L 329 -0.83 -97.85 -98.09
N ALA L 330 -0.16 -97.77 -99.24
CA ALA L 330 1.20 -98.29 -99.34
C ALA L 330 2.13 -97.64 -98.32
N SER L 331 2.05 -96.31 -98.20
CA SER L 331 2.92 -95.61 -97.26
C SER L 331 2.59 -95.95 -95.82
N ILE L 332 1.30 -96.11 -95.52
CA ILE L 332 0.90 -96.55 -94.18
C ILE L 332 1.48 -97.93 -93.89
N ALA L 333 1.49 -98.81 -94.89
CA ALA L 333 2.13 -100.10 -94.71
C ALA L 333 3.62 -99.96 -94.41
N THR L 334 4.29 -99.08 -95.15
CA THR L 334 5.71 -98.84 -94.88
C THR L 334 5.92 -98.35 -93.45
N ILE L 335 5.03 -97.48 -92.96
CA ILE L 335 5.20 -96.98 -91.59
C ILE L 335 4.86 -98.08 -90.59
N LYS L 336 4.01 -99.03 -90.96
CA LYS L 336 3.78 -100.19 -90.10
C LYS L 336 5.00 -101.09 -90.06
N THR L 337 5.81 -101.07 -91.13
CA THR L 337 7.05 -101.83 -91.13
C THR L 337 8.09 -101.21 -90.21
N LYS L 338 7.96 -99.93 -89.88
CA LYS L 338 8.91 -99.24 -89.01
C LYS L 338 8.91 -99.90 -87.63
N ARG L 339 10.04 -100.53 -87.28
CA ARG L 339 10.12 -101.45 -86.14
C ARG L 339 10.13 -100.74 -84.79
N THR L 340 9.87 -99.45 -84.67
CA THR L 340 9.83 -98.81 -83.36
C THR L 340 8.44 -98.44 -82.89
N ILE L 341 7.44 -98.44 -83.78
CA ILE L 341 6.05 -98.16 -83.43
C ILE L 341 5.30 -99.47 -83.50
N GLN L 342 4.92 -100.02 -82.35
CA GLN L 342 4.24 -101.29 -82.27
C GLN L 342 2.96 -101.14 -81.48
N PHE L 343 1.92 -101.86 -81.88
CA PHE L 343 0.62 -101.83 -81.23
C PHE L 343 0.47 -103.00 -80.27
N VAL L 344 -0.37 -102.81 -79.26
CA VAL L 344 -0.79 -103.92 -78.43
C VAL L 344 -1.45 -104.98 -79.31
N ASP L 345 -1.32 -106.24 -78.91
CA ASP L 345 -1.77 -107.33 -79.78
C ASP L 345 -3.28 -107.37 -79.89
N TRP L 346 -4.00 -107.00 -78.83
CA TRP L 346 -5.44 -107.14 -78.83
C TRP L 346 -6.14 -106.18 -79.76
N CYS L 347 -5.42 -105.37 -80.52
CA CYS L 347 -6.02 -104.45 -81.49
C CYS L 347 -5.18 -104.50 -82.76
N PRO L 348 -5.47 -105.43 -83.67
CA PRO L 348 -4.66 -105.55 -84.89
C PRO L 348 -5.10 -104.62 -86.01
N THR L 349 -6.36 -104.18 -85.99
CA THR L 349 -6.85 -103.20 -86.97
C THR L 349 -6.28 -101.84 -86.57
N GLY L 350 -5.02 -101.63 -86.91
CA GLY L 350 -4.27 -100.51 -86.40
C GLY L 350 -4.77 -99.13 -86.78
N PHE L 351 -4.68 -98.79 -88.05
CA PHE L 351 -4.90 -97.41 -88.48
C PHE L 351 -6.29 -97.21 -89.05
N LYS L 352 -6.88 -96.07 -88.71
CA LYS L 352 -8.10 -95.58 -89.33
C LYS L 352 -7.78 -94.29 -90.05
N VAL L 353 -8.34 -94.10 -91.25
CA VAL L 353 -7.96 -92.98 -92.09
C VAL L 353 -9.18 -92.13 -92.45
N GLY L 354 -8.95 -91.08 -93.22
CA GLY L 354 -10.01 -90.17 -93.64
C GLY L 354 -9.45 -89.11 -94.58
N ILE L 355 -10.20 -88.78 -95.62
CA ILE L 355 -9.73 -87.85 -96.64
C ILE L 355 -10.70 -86.67 -96.71
N ASN L 356 -10.20 -85.54 -97.20
CA ASN L 356 -11.01 -84.37 -97.49
C ASN L 356 -10.38 -83.61 -98.64
N TYR L 357 -11.23 -82.97 -99.45
CA TYR L 357 -10.80 -82.26 -100.64
C TYR L 357 -10.61 -80.76 -100.39
N GLN L 358 -10.22 -80.37 -99.19
CA GLN L 358 -9.99 -78.97 -98.86
C GLN L 358 -8.58 -78.82 -98.31
N PRO L 359 -7.67 -78.19 -99.05
CA PRO L 359 -6.32 -77.99 -98.55
C PRO L 359 -6.33 -77.03 -97.37
N PRO L 360 -5.26 -76.99 -96.57
CA PRO L 360 -5.22 -76.06 -95.44
C PRO L 360 -5.50 -74.62 -95.87
N THR L 361 -6.00 -73.84 -94.93
CA THR L 361 -6.33 -72.44 -95.16
C THR L 361 -5.42 -71.60 -94.27
N VAL L 362 -4.61 -70.76 -94.89
CA VAL L 362 -3.62 -69.98 -94.17
C VAL L 362 -4.23 -68.68 -93.70
N VAL L 363 -3.99 -68.33 -92.43
CA VAL L 363 -4.41 -67.06 -91.89
C VAL L 363 -3.35 -66.02 -92.23
N PRO L 364 -3.73 -64.88 -92.84
CA PRO L 364 -2.73 -63.87 -93.20
C PRO L 364 -1.87 -63.47 -92.02
N GLY L 365 -0.58 -63.31 -92.28
CA GLY L 365 0.39 -63.07 -91.23
C GLY L 365 0.85 -64.29 -90.48
N GLY L 366 0.05 -65.36 -90.47
CA GLY L 366 0.42 -66.59 -89.81
C GLY L 366 1.69 -67.20 -90.38
N ASP L 367 2.64 -67.52 -89.50
CA ASP L 367 3.94 -68.04 -89.93
C ASP L 367 3.82 -69.34 -90.70
N LEU L 368 2.69 -70.03 -90.62
CA LEU L 368 2.50 -71.27 -91.37
C LEU L 368 2.41 -70.98 -92.86
N ALA L 369 2.99 -71.86 -93.66
CA ALA L 369 3.04 -71.69 -95.10
C ALA L 369 1.90 -72.44 -95.79
N LYS L 370 1.59 -72.01 -97.01
CA LYS L 370 0.52 -72.63 -97.79
C LYS L 370 1.04 -73.90 -98.43
N VAL L 371 0.47 -75.04 -98.05
CA VAL L 371 0.88 -76.34 -98.55
C VAL L 371 -0.37 -77.16 -98.86
N MET L 372 -0.28 -78.00 -99.87
CA MET L 372 -1.45 -78.70 -100.38
C MET L 372 -1.92 -79.79 -99.42
N ARG L 373 -1.08 -80.77 -99.16
CA ARG L 373 -1.46 -81.88 -98.30
C ARG L 373 -1.20 -81.56 -96.84
N ALA L 374 -1.94 -82.23 -95.96
CA ALA L 374 -1.76 -82.02 -94.53
C ALA L 374 -2.41 -83.16 -93.78
N VAL L 375 -1.64 -83.78 -92.88
CA VAL L 375 -2.11 -84.91 -92.09
C VAL L 375 -2.25 -84.46 -90.63
N CYS L 376 -3.42 -84.71 -90.05
CA CYS L 376 -3.65 -84.54 -88.63
C CYS L 376 -3.89 -85.92 -88.03
N MET L 377 -3.07 -86.29 -87.07
CA MET L 377 -3.16 -87.59 -86.44
C MET L 377 -3.61 -87.44 -85.00
N ILE L 378 -4.47 -88.36 -84.56
CA ILE L 378 -4.90 -88.44 -83.18
C ILE L 378 -4.60 -89.86 -82.71
N SER L 379 -3.66 -89.99 -81.80
CA SER L 379 -3.17 -91.28 -81.36
C SER L 379 -3.63 -91.57 -79.95
N ASN L 380 -4.23 -92.74 -79.76
CA ASN L 380 -4.49 -93.29 -78.43
C ASN L 380 -3.36 -94.29 -78.16
N SER L 381 -2.46 -93.91 -77.25
CA SER L 381 -1.26 -94.67 -76.95
C SER L 381 -1.30 -95.12 -75.49
N THR L 382 -0.22 -95.78 -75.07
CA THR L 382 -0.02 -96.14 -73.67
C THR L 382 1.08 -95.33 -73.01
N ALA L 383 1.84 -94.55 -73.78
CA ALA L 383 2.90 -93.75 -73.18
C ALA L 383 2.32 -92.59 -72.39
N ILE L 384 1.25 -91.98 -72.90
CA ILE L 384 0.63 -90.82 -72.27
C ILE L 384 0.37 -91.07 -70.79
N ALA L 385 0.13 -92.34 -70.43
CA ALA L 385 -0.08 -92.72 -69.03
C ALA L 385 0.93 -92.06 -68.12
N GLU L 386 2.23 -92.19 -68.44
CA GLU L 386 3.28 -91.72 -67.54
C GLU L 386 3.02 -90.29 -67.10
N VAL L 387 2.52 -89.45 -68.02
CA VAL L 387 2.27 -88.04 -67.69
C VAL L 387 1.46 -87.97 -66.40
N PHE L 388 0.26 -88.58 -66.42
CA PHE L 388 -0.57 -88.65 -65.23
C PHE L 388 0.28 -89.04 -64.02
N SER L 389 0.91 -90.21 -64.09
CA SER L 389 1.71 -90.69 -62.98
C SER L 389 2.71 -89.63 -62.55
N ARG L 390 3.52 -89.16 -63.50
CA ARG L 390 4.53 -88.17 -63.15
C ARG L 390 3.87 -86.91 -62.60
N LEU L 391 2.80 -86.46 -63.24
CA LEU L 391 2.05 -85.33 -62.69
C LEU L 391 1.54 -85.66 -61.29
N ASP L 392 0.93 -86.84 -61.13
CA ASP L 392 0.47 -87.26 -59.82
C ASP L 392 1.59 -87.17 -58.80
N HIS L 393 2.82 -87.44 -59.23
CA HIS L 393 3.97 -87.34 -58.34
C HIS L 393 3.97 -86.01 -57.61
N LYS L 394 3.90 -84.91 -58.37
CA LYS L 394 3.87 -83.58 -57.77
C LYS L 394 2.81 -83.51 -56.68
N PHE L 395 1.60 -84.00 -57.00
CA PHE L 395 0.52 -84.02 -56.02
C PHE L 395 0.99 -84.54 -54.68
N ASP L 396 1.61 -85.72 -54.67
CA ASP L 396 2.12 -86.29 -53.44
C ASP L 396 2.90 -85.25 -52.64
N LEU L 397 3.96 -84.70 -53.24
CA LEU L 397 4.87 -83.82 -52.54
C LEU L 397 4.18 -82.61 -51.91
N MET L 398 2.94 -82.31 -52.32
CA MET L 398 2.19 -81.26 -51.65
C MET L 398 1.24 -81.82 -50.60
N TYR L 399 0.45 -82.83 -50.96
CA TYR L 399 -0.62 -83.26 -50.08
C TYR L 399 -0.08 -83.88 -48.80
N ALA L 400 1.13 -84.43 -48.85
CA ALA L 400 1.74 -84.96 -47.64
C ALA L 400 1.98 -83.87 -46.60
N LYS L 401 2.19 -82.63 -47.03
CA LYS L 401 2.41 -81.53 -46.11
C LYS L 401 1.18 -80.65 -45.94
N ARG L 402 0.07 -81.02 -46.56
CA ARG L 402 -1.18 -80.25 -46.48
C ARG L 402 -0.98 -78.81 -46.94
N ALA L 403 -0.08 -78.61 -47.89
CA ALA L 403 0.15 -77.29 -48.45
C ALA L 403 -1.06 -76.85 -49.26
N PHE L 404 -1.40 -75.58 -49.15
CA PHE L 404 -2.49 -74.93 -49.89
C PHE L 404 -3.83 -75.61 -49.72
N VAL L 405 -4.01 -76.46 -48.70
CA VAL L 405 -5.27 -77.16 -48.54
C VAL L 405 -6.32 -76.23 -47.95
N HIS L 406 -5.93 -75.35 -47.04
CA HIS L 406 -6.91 -74.47 -46.40
C HIS L 406 -7.54 -73.53 -47.42
N TRP L 407 -6.79 -73.13 -48.44
CA TRP L 407 -7.35 -72.34 -49.54
C TRP L 407 -8.37 -73.13 -50.34
N TYR L 408 -8.51 -74.42 -50.09
CA TYR L 408 -9.57 -75.24 -50.67
C TYR L 408 -10.70 -75.51 -49.68
N VAL L 409 -10.38 -75.80 -48.42
CA VAL L 409 -11.42 -76.02 -47.43
C VAL L 409 -12.16 -74.74 -47.08
N GLY L 410 -11.62 -73.58 -47.46
CA GLY L 410 -12.33 -72.34 -47.20
C GLY L 410 -13.54 -72.08 -48.09
N GLU L 411 -13.84 -72.97 -49.03
CA GLU L 411 -14.95 -72.79 -49.96
C GLU L 411 -15.97 -73.91 -49.84
N GLY L 412 -16.10 -74.49 -48.65
CA GLY L 412 -17.04 -75.55 -48.40
C GLY L 412 -16.66 -76.92 -48.93
N MET L 413 -15.75 -76.99 -49.90
CA MET L 413 -15.30 -78.28 -50.39
C MET L 413 -14.66 -79.08 -49.27
N GLU L 414 -15.14 -80.31 -49.08
CA GLU L 414 -14.63 -81.17 -48.03
C GLU L 414 -13.18 -81.53 -48.32
N GLU L 415 -12.55 -82.22 -47.36
CA GLU L 415 -11.14 -82.55 -47.45
C GLU L 415 -10.89 -83.88 -48.16
N GLY L 416 -11.69 -84.91 -47.87
CA GLY L 416 -11.41 -86.24 -48.36
C GLY L 416 -11.41 -86.37 -49.88
N GLU L 417 -12.04 -85.42 -50.58
CA GLU L 417 -12.09 -85.52 -52.04
C GLU L 417 -10.71 -85.56 -52.65
N PHE L 418 -9.72 -84.96 -51.99
CA PHE L 418 -8.35 -85.02 -52.47
C PHE L 418 -7.87 -86.46 -52.57
N SER L 419 -7.89 -87.18 -51.44
CA SER L 419 -7.47 -88.58 -51.44
C SER L 419 -8.35 -89.43 -52.35
N GLU L 420 -9.64 -89.08 -52.45
CA GLU L 420 -10.53 -89.81 -53.35
C GLU L 420 -10.05 -89.71 -54.80
N ALA L 421 -9.80 -88.49 -55.26
CA ALA L 421 -9.27 -88.31 -56.62
C ALA L 421 -7.89 -88.93 -56.77
N ARG L 422 -7.10 -88.94 -55.71
CA ARG L 422 -5.78 -89.55 -55.78
C ARG L 422 -5.88 -91.05 -56.02
N GLU L 423 -6.75 -91.73 -55.28
CA GLU L 423 -6.96 -93.15 -55.50
C GLU L 423 -7.59 -93.41 -56.87
N ASP L 424 -8.44 -92.50 -57.34
CA ASP L 424 -8.99 -92.64 -58.69
C ASP L 424 -7.87 -92.60 -59.73
N LEU L 425 -6.92 -91.68 -59.58
CA LEU L 425 -5.80 -91.62 -60.50
C LEU L 425 -4.90 -92.84 -60.39
N ALA L 426 -4.70 -93.33 -59.18
CA ALA L 426 -3.92 -94.56 -59.01
C ALA L 426 -4.58 -95.72 -59.73
N ALA L 427 -5.92 -95.82 -59.66
CA ALA L 427 -6.62 -96.85 -60.40
C ALA L 427 -6.53 -96.63 -61.90
N LEU L 428 -6.55 -95.36 -62.33
CA LEU L 428 -6.37 -95.07 -63.74
C LEU L 428 -5.02 -95.58 -64.24
N GLU L 429 -3.97 -95.39 -63.44
CA GLU L 429 -2.66 -95.87 -63.85
C GLU L 429 -2.58 -97.39 -63.81
N LYS L 430 -3.18 -98.01 -62.79
CA LYS L 430 -3.38 -99.45 -62.80
C LYS L 430 -3.98 -99.90 -64.13
N ASP L 431 -5.02 -99.21 -64.59
CA ASP L 431 -5.72 -99.63 -65.80
C ASP L 431 -4.85 -99.45 -67.03
N TYR L 432 -4.17 -98.30 -67.14
CA TYR L 432 -3.28 -98.07 -68.28
C TYR L 432 -2.20 -99.14 -68.36
N GLU L 433 -1.60 -99.49 -67.22
CA GLU L 433 -0.57 -100.52 -67.25
C GLU L 433 -1.16 -101.90 -67.46
N GLU L 434 -2.43 -102.09 -67.12
CA GLU L 434 -3.07 -103.38 -67.36
C GLU L 434 -3.33 -103.60 -68.84
N VAL L 435 -3.86 -102.59 -69.53
CA VAL L 435 -4.19 -102.77 -70.94
C VAL L 435 -2.94 -102.96 -71.77
N GLY L 436 -1.80 -102.45 -71.31
CA GLY L 436 -0.56 -102.58 -72.06
C GLY L 436 0.10 -103.93 -71.98
N ILE L 437 -0.54 -104.92 -71.39
CA ILE L 437 0.01 -106.26 -71.28
C ILE L 437 -0.52 -107.12 -72.41
N GLU L 438 0.33 -107.96 -72.97
CA GLU L 438 -0.05 -108.82 -74.08
C GLU L 438 -1.09 -109.83 -73.62
N THR L 439 -2.33 -109.66 -74.06
CA THR L 439 -3.40 -110.55 -73.66
C THR L 439 -3.27 -111.92 -74.33
N MET M 1 -14.38 -53.28 -62.62
CA MET M 1 -14.70 -54.04 -61.42
C MET M 1 -13.45 -54.28 -60.59
N ARG M 2 -13.61 -55.05 -59.51
CA ARG M 2 -12.52 -55.38 -58.59
C ARG M 2 -11.86 -54.10 -58.07
N GLU M 3 -12.69 -53.27 -57.43
CA GLU M 3 -12.20 -52.03 -56.86
C GLU M 3 -11.32 -52.30 -55.64
N ILE M 4 -10.44 -51.34 -55.35
CA ILE M 4 -9.46 -51.46 -54.29
C ILE M 4 -9.41 -50.13 -53.54
N VAL M 5 -9.83 -50.13 -52.29
CA VAL M 5 -9.68 -48.95 -51.44
C VAL M 5 -8.27 -48.93 -50.87
N HIS M 6 -7.59 -47.80 -51.02
CA HIS M 6 -6.20 -47.65 -50.59
C HIS M 6 -6.21 -46.78 -49.33
N ILE M 7 -6.20 -47.43 -48.18
CA ILE M 7 -6.08 -46.72 -46.91
C ILE M 7 -4.63 -46.33 -46.69
N GLN M 8 -4.42 -45.21 -46.03
CA GLN M 8 -3.10 -44.76 -45.64
C GLN M 8 -3.08 -44.61 -44.12
N GLY M 9 -1.99 -44.04 -43.61
CA GLY M 9 -1.88 -43.81 -42.18
C GLY M 9 -0.46 -43.58 -41.73
N GLY M 10 -0.28 -42.71 -40.73
CA GLY M 10 1.05 -42.37 -40.28
C GLY M 10 1.77 -41.44 -41.22
N GLN M 11 2.88 -40.86 -40.77
CA GLN M 11 3.60 -39.90 -41.59
C GLN M 11 4.20 -40.56 -42.82
N CYS M 12 5.01 -41.61 -42.61
CA CYS M 12 5.59 -42.33 -43.74
C CYS M 12 4.52 -42.94 -44.61
N GLY M 13 3.47 -43.48 -44.00
CA GLY M 13 2.36 -44.00 -44.78
C GLY M 13 1.78 -42.96 -45.71
N ASN M 14 1.56 -41.74 -45.21
CA ASN M 14 0.99 -40.70 -46.05
C ASN M 14 1.95 -40.25 -47.13
N GLN M 15 3.24 -40.16 -46.82
CA GLN M 15 4.21 -39.79 -47.85
C GLN M 15 4.22 -40.82 -48.98
N ILE M 16 4.33 -42.10 -48.61
CA ILE M 16 4.35 -43.16 -49.61
C ILE M 16 3.04 -43.18 -50.38
N GLY M 17 1.92 -42.89 -49.70
CA GLY M 17 0.64 -42.88 -50.38
C GLY M 17 0.54 -41.77 -51.41
N ALA M 18 0.95 -40.56 -51.04
CA ALA M 18 0.95 -39.46 -52.00
C ALA M 18 1.84 -39.78 -53.19
N LYS M 19 3.02 -40.37 -52.93
CA LYS M 19 3.92 -40.72 -54.02
C LYS M 19 3.29 -41.77 -54.93
N PHE M 20 2.71 -42.82 -54.34
CA PHE M 20 2.06 -43.86 -55.11
C PHE M 20 0.93 -43.30 -55.95
N TRP M 21 0.16 -42.38 -55.39
CA TRP M 21 -0.97 -41.84 -56.13
C TRP M 21 -0.50 -40.94 -57.26
N GLU M 22 0.56 -40.17 -57.06
CA GLU M 22 1.03 -39.35 -58.16
C GLU M 22 1.64 -40.21 -59.26
N VAL M 23 2.29 -41.33 -58.90
CA VAL M 23 2.80 -42.23 -59.93
C VAL M 23 1.66 -42.87 -60.71
N ILE M 24 0.62 -43.31 -60.00
CA ILE M 24 -0.53 -43.93 -60.69
C ILE M 24 -1.21 -42.91 -61.59
N SER M 25 -1.30 -41.66 -61.14
CA SER M 25 -1.88 -40.62 -61.97
C SER M 25 -1.06 -40.42 -63.24
N ASP M 26 0.26 -40.29 -63.09
CA ASP M 26 1.10 -40.10 -64.27
C ASP M 26 1.17 -41.35 -65.13
N GLU M 27 0.72 -42.50 -64.63
CA GLU M 27 0.57 -43.67 -65.50
C GLU M 27 -0.73 -43.62 -66.26
N HIS M 28 -1.87 -43.56 -65.56
CA HIS M 28 -3.17 -43.53 -66.21
C HIS M 28 -3.40 -42.25 -67.01
N GLY M 29 -2.47 -41.32 -67.00
CA GLY M 29 -2.66 -40.08 -67.73
C GLY M 29 -3.71 -39.21 -67.10
N ILE M 30 -3.52 -38.86 -65.83
CA ILE M 30 -4.43 -38.01 -65.08
C ILE M 30 -3.64 -36.81 -64.59
N ASP M 31 -3.96 -35.62 -65.10
CA ASP M 31 -3.29 -34.41 -64.68
C ASP M 31 -3.58 -34.14 -63.21
N PRO M 32 -2.77 -33.32 -62.55
CA PRO M 32 -2.99 -33.05 -61.12
C PRO M 32 -4.29 -32.33 -60.81
N THR M 33 -5.09 -32.01 -61.82
CA THR M 33 -6.39 -31.38 -61.60
C THR M 33 -7.55 -32.37 -61.71
N GLY M 34 -7.31 -33.57 -62.21
CA GLY M 34 -8.31 -34.62 -62.21
C GLY M 34 -9.02 -34.89 -63.52
N THR M 35 -8.40 -34.59 -64.66
CA THR M 35 -8.99 -34.87 -65.96
C THR M 35 -8.05 -35.76 -66.76
N TYR M 36 -8.63 -36.60 -67.62
CA TYR M 36 -7.81 -37.49 -68.43
C TYR M 36 -6.89 -36.69 -69.34
N HIS M 37 -5.66 -37.17 -69.46
CA HIS M 37 -4.64 -36.43 -70.20
C HIS M 37 -3.81 -37.31 -71.14
N ASN M 48 -12.02 -47.49 -63.03
CA ASN M 48 -12.78 -47.64 -61.81
C ASN M 48 -12.08 -48.49 -60.75
N VAL M 49 -11.02 -49.21 -61.13
CA VAL M 49 -10.37 -50.09 -60.17
C VAL M 49 -9.73 -49.28 -59.04
N TYR M 50 -9.06 -48.19 -59.37
CA TYR M 50 -8.45 -47.29 -58.39
C TYR M 50 -9.27 -46.02 -58.20
N TYR M 51 -9.59 -45.34 -59.29
CA TYR M 51 -10.16 -44.00 -59.24
C TYR M 51 -11.68 -44.08 -59.10
N ASN M 52 -12.33 -42.94 -59.24
CA ASN M 52 -13.77 -42.85 -59.10
C ASN M 52 -14.22 -41.60 -59.85
N GLU M 53 -15.37 -41.70 -60.53
CA GLU M 53 -15.84 -40.59 -61.33
C GLU M 53 -16.34 -39.45 -60.46
N ALA M 54 -16.37 -38.26 -61.05
CA ALA M 54 -16.82 -37.07 -60.35
C ALA M 54 -17.39 -36.09 -61.36
N THR M 55 -18.40 -35.34 -60.93
CA THR M 55 -19.17 -34.47 -61.82
C THR M 55 -18.26 -33.57 -62.64
N GLY M 56 -18.67 -33.32 -63.88
CA GLY M 56 -17.86 -32.57 -64.81
C GLY M 56 -16.79 -33.37 -65.49
N GLY M 57 -16.67 -34.65 -65.19
CA GLY M 57 -15.62 -35.48 -65.75
C GLY M 57 -14.39 -35.61 -64.89
N ARG M 58 -14.41 -35.09 -63.66
CA ARG M 58 -13.26 -35.21 -62.78
C ARG M 58 -13.07 -36.65 -62.33
N TYR M 59 -11.86 -36.96 -61.87
CA TYR M 59 -11.55 -38.28 -61.35
C TYR M 59 -10.89 -38.12 -60.00
N VAL M 60 -11.54 -38.64 -58.95
CA VAL M 60 -10.98 -38.55 -57.61
C VAL M 60 -10.46 -39.92 -57.22
N PRO M 61 -9.38 -40.01 -56.44
CA PRO M 61 -8.86 -41.32 -56.04
C PRO M 61 -9.66 -41.88 -54.88
N ARG M 62 -10.01 -43.16 -54.97
CA ARG M 62 -10.71 -43.85 -53.90
C ARG M 62 -9.70 -44.26 -52.85
N ALA M 63 -9.26 -43.27 -52.07
CA ALA M 63 -8.28 -43.49 -51.02
C ALA M 63 -8.64 -42.64 -49.81
N ILE M 64 -8.32 -43.16 -48.64
CA ILE M 64 -8.64 -42.53 -47.36
C ILE M 64 -7.34 -42.27 -46.61
N LEU M 65 -7.13 -41.03 -46.21
CA LEU M 65 -5.99 -40.64 -45.41
C LEU M 65 -6.40 -40.58 -43.94
N MET M 66 -5.40 -40.64 -43.06
CA MET M 66 -5.66 -40.61 -41.63
C MET M 66 -4.35 -40.36 -40.89
N ASP M 67 -4.43 -39.53 -39.86
CA ASP M 67 -3.30 -39.28 -38.98
C ASP M 67 -3.82 -38.59 -37.73
N LEU M 68 -3.16 -38.84 -36.61
CA LEU M 68 -3.55 -38.23 -35.36
C LEU M 68 -3.03 -36.82 -35.19
N GLU M 69 -2.14 -36.35 -36.08
CA GLU M 69 -1.74 -34.96 -36.10
C GLU M 69 -2.12 -34.33 -37.44
N PRO M 70 -2.51 -33.06 -37.45
CA PRO M 70 -3.01 -32.46 -38.68
C PRO M 70 -1.93 -31.94 -39.63
N GLY M 71 -0.68 -31.87 -39.17
CA GLY M 71 0.38 -31.34 -40.02
C GLY M 71 0.47 -32.03 -41.36
N THR M 72 0.44 -33.37 -41.35
CA THR M 72 0.54 -34.13 -42.59
C THR M 72 -0.50 -33.70 -43.61
N MET M 73 -1.65 -33.20 -43.15
CA MET M 73 -2.63 -32.65 -44.07
C MET M 73 -1.99 -31.61 -44.99
N ASP M 74 -1.46 -30.54 -44.40
CA ASP M 74 -0.83 -29.50 -45.21
C ASP M 74 0.44 -29.97 -45.90
N SER M 75 0.82 -31.24 -45.73
CA SER M 75 1.82 -31.82 -46.61
C SER M 75 1.18 -32.33 -47.89
N VAL M 76 0.18 -33.22 -47.76
CA VAL M 76 -0.36 -33.88 -48.94
C VAL M 76 -1.08 -32.90 -49.84
N ARG M 77 -1.70 -31.86 -49.27
CA ARG M 77 -2.30 -30.83 -50.09
C ARG M 77 -1.25 -29.92 -50.71
N ALA M 78 -0.11 -29.74 -50.06
CA ALA M 78 0.94 -28.89 -50.61
C ALA M 78 1.64 -29.56 -51.78
N GLY M 79 2.18 -30.76 -51.54
CA GLY M 79 2.91 -31.49 -52.55
C GLY M 79 2.08 -31.72 -53.80
N PRO M 80 2.75 -31.93 -54.93
CA PRO M 80 2.03 -32.14 -56.19
C PRO M 80 1.06 -33.31 -56.08
N PHE M 81 0.00 -33.23 -56.88
CA PHE M 81 -1.08 -34.21 -56.86
C PHE M 81 -1.71 -34.32 -55.48
N GLY M 82 -2.24 -33.19 -55.02
CA GLY M 82 -2.96 -33.16 -53.77
C GLY M 82 -4.40 -32.76 -53.98
N GLN M 83 -4.67 -32.00 -55.05
CA GLN M 83 -6.03 -31.57 -55.36
C GLN M 83 -6.94 -32.73 -55.76
N LEU M 84 -6.40 -33.93 -55.95
CA LEU M 84 -7.23 -35.06 -56.35
C LEU M 84 -8.05 -35.57 -55.18
N PHE M 85 -7.42 -35.75 -54.02
CA PHE M 85 -8.08 -36.40 -52.90
C PHE M 85 -9.34 -35.63 -52.48
N ARG M 86 -10.34 -36.39 -52.05
CA ARG M 86 -11.61 -35.78 -51.68
C ARG M 86 -11.47 -35.05 -50.35
N PRO M 87 -12.03 -33.83 -50.24
CA PRO M 87 -11.96 -33.09 -48.97
C PRO M 87 -12.73 -33.73 -47.83
N ASP M 88 -13.38 -34.87 -48.04
CA ASP M 88 -14.07 -35.55 -46.95
C ASP M 88 -13.21 -36.64 -46.33
N ASN M 89 -12.45 -37.36 -47.14
CA ASN M 89 -11.65 -38.48 -46.64
C ASN M 89 -10.56 -38.04 -45.67
N PHE M 90 -10.32 -36.74 -45.53
CA PHE M 90 -9.28 -36.24 -44.63
C PHE M 90 -9.80 -36.26 -43.19
N VAL M 91 -9.86 -37.46 -42.63
CA VAL M 91 -10.13 -37.61 -41.20
C VAL M 91 -8.82 -37.47 -40.45
N PHE M 92 -8.81 -36.62 -39.43
CA PHE M 92 -7.56 -36.27 -38.76
C PHE M 92 -7.82 -35.97 -37.30
N GLY M 93 -6.75 -35.99 -36.51
CA GLY M 93 -6.80 -35.66 -35.11
C GLY M 93 -5.91 -34.48 -34.78
N GLN M 94 -5.92 -34.13 -33.49
CA GLN M 94 -5.14 -33.00 -33.00
C GLN M 94 -3.98 -33.40 -32.09
N THR M 95 -4.22 -34.33 -31.17
CA THR M 95 -3.20 -34.65 -30.17
C THR M 95 -1.98 -35.30 -30.81
N GLY M 96 -2.20 -36.32 -31.63
CA GLY M 96 -1.08 -37.08 -32.19
C GLY M 96 -0.65 -38.19 -31.26
N ALA M 97 -0.60 -39.42 -31.77
CA ALA M 97 -0.20 -40.55 -30.94
C ALA M 97 1.22 -40.39 -30.40
N GLY M 98 2.04 -39.59 -31.06
CA GLY M 98 3.37 -39.28 -30.57
C GLY M 98 4.26 -40.49 -30.34
N ASN M 99 4.35 -41.36 -31.35
CA ASN M 99 5.28 -42.49 -31.33
C ASN M 99 5.06 -43.40 -30.12
N ASN M 100 3.80 -43.58 -29.72
CA ASN M 100 3.44 -44.43 -28.60
C ASN M 100 2.26 -45.28 -29.01
N TRP M 101 2.47 -46.59 -29.13
CA TRP M 101 1.46 -47.47 -29.71
C TRP M 101 0.16 -47.43 -28.92
N ALA M 102 0.26 -47.49 -27.59
CA ALA M 102 -0.94 -47.47 -26.76
C ALA M 102 -1.79 -46.23 -27.04
N LYS M 103 -1.14 -45.08 -27.23
CA LYS M 103 -1.85 -43.86 -27.57
C LYS M 103 -2.71 -44.04 -28.81
N GLY M 104 -2.08 -44.46 -29.90
CA GLY M 104 -2.76 -44.59 -31.17
C GLY M 104 -3.47 -45.90 -31.41
N HIS M 105 -3.63 -46.73 -30.39
CA HIS M 105 -4.38 -47.97 -30.55
C HIS M 105 -5.43 -48.22 -29.48
N TYR M 106 -5.32 -47.60 -28.31
CA TYR M 106 -6.31 -47.78 -27.26
C TYR M 106 -6.95 -46.49 -26.81
N THR M 107 -6.18 -45.41 -26.64
CA THR M 107 -6.65 -44.22 -25.97
C THR M 107 -7.18 -43.16 -26.93
N GLU M 108 -6.33 -42.66 -27.83
CA GLU M 108 -6.72 -41.55 -28.68
C GLU M 108 -7.28 -42.02 -30.02
N GLY M 109 -6.49 -42.80 -30.77
CA GLY M 109 -6.94 -43.29 -32.06
C GLY M 109 -8.29 -43.98 -31.98
N ALA M 110 -8.56 -44.67 -30.86
CA ALA M 110 -9.84 -45.33 -30.67
C ALA M 110 -11.00 -44.36 -30.70
N GLU M 111 -10.76 -43.06 -30.51
CA GLU M 111 -11.84 -42.08 -30.62
C GLU M 111 -12.18 -41.80 -32.07
N LEU M 112 -11.21 -41.92 -32.97
CA LEU M 112 -11.43 -41.65 -34.39
C LEU M 112 -11.71 -42.90 -35.21
N ILE M 113 -11.45 -44.09 -34.65
CA ILE M 113 -11.66 -45.33 -35.40
C ILE M 113 -13.11 -45.47 -35.83
N ASP M 114 -14.06 -44.99 -35.01
CA ASP M 114 -15.46 -45.06 -35.40
C ASP M 114 -15.71 -44.27 -36.69
N SER M 115 -15.21 -43.05 -36.77
CA SER M 115 -15.42 -42.23 -37.96
C SER M 115 -14.69 -42.82 -39.16
N VAL M 116 -13.48 -43.34 -38.96
CA VAL M 116 -12.78 -43.98 -40.06
C VAL M 116 -13.56 -45.18 -40.57
N LEU M 117 -14.17 -45.95 -39.66
CA LEU M 117 -15.01 -47.06 -40.09
C LEU M 117 -16.23 -46.58 -40.85
N ASP M 118 -16.83 -45.45 -40.42
CA ASP M 118 -17.98 -44.94 -41.15
C ASP M 118 -17.60 -44.54 -42.57
N VAL M 119 -16.47 -43.84 -42.74
CA VAL M 119 -16.11 -43.40 -44.08
C VAL M 119 -15.70 -44.58 -44.96
N VAL M 120 -15.04 -45.58 -44.36
CA VAL M 120 -14.69 -46.77 -45.15
C VAL M 120 -15.96 -47.54 -45.54
N ARG M 121 -16.94 -47.59 -44.63
CA ARG M 121 -18.21 -48.25 -44.96
C ARG M 121 -18.97 -47.49 -46.03
N LYS M 122 -18.81 -46.17 -46.07
CA LYS M 122 -19.45 -45.39 -47.13
C LYS M 122 -18.72 -45.55 -48.46
N GLU M 123 -17.40 -45.79 -48.43
CA GLU M 123 -16.66 -46.00 -49.66
C GLU M 123 -16.61 -47.45 -50.09
N ALA M 124 -17.14 -48.38 -49.30
CA ALA M 124 -17.22 -49.78 -49.68
C ALA M 124 -18.62 -50.20 -50.10
N GLU M 125 -19.65 -49.48 -49.67
CA GLU M 125 -21.00 -49.73 -50.17
C GLU M 125 -21.18 -49.22 -51.58
N GLY M 126 -20.39 -48.25 -52.01
CA GLY M 126 -20.45 -47.71 -53.36
C GLY M 126 -19.65 -48.49 -54.38
N CYS M 127 -19.48 -49.79 -54.18
CA CYS M 127 -18.73 -50.64 -55.10
C CYS M 127 -19.58 -51.84 -55.51
N ASP M 128 -19.34 -52.31 -56.74
CA ASP M 128 -20.04 -53.49 -57.24
C ASP M 128 -19.34 -54.78 -56.84
N CYS M 129 -18.03 -54.85 -57.04
CA CYS M 129 -17.22 -56.01 -56.65
C CYS M 129 -15.92 -55.48 -56.05
N LEU M 130 -15.79 -55.55 -54.74
CA LEU M 130 -14.63 -55.01 -54.04
C LEU M 130 -13.59 -56.12 -53.90
N GLN M 131 -12.52 -56.04 -54.69
CA GLN M 131 -11.56 -57.14 -54.70
C GLN M 131 -10.83 -57.24 -53.38
N GLY M 132 -10.54 -56.11 -52.75
CA GLY M 132 -9.88 -56.16 -51.47
C GLY M 132 -9.45 -54.76 -51.04
N PHE M 133 -8.62 -54.74 -50.00
CA PHE M 133 -8.08 -53.52 -49.45
C PHE M 133 -6.58 -53.49 -49.66
N GLN M 134 -5.98 -52.34 -49.39
CA GLN M 134 -4.53 -52.23 -49.40
C GLN M 134 -4.14 -51.07 -48.50
N ILE M 135 -3.09 -51.30 -47.69
CA ILE M 135 -2.68 -50.35 -46.66
C ILE M 135 -1.23 -49.98 -46.90
N THR M 136 -0.82 -48.87 -46.29
CA THR M 136 0.59 -48.46 -46.32
C THR M 136 0.84 -47.64 -45.06
N HIS M 137 1.69 -48.17 -44.17
CA HIS M 137 1.89 -47.55 -42.88
C HIS M 137 3.15 -48.09 -42.23
N SER M 138 3.83 -47.23 -41.50
CA SER M 138 4.99 -47.65 -40.72
C SER M 138 4.56 -48.61 -39.62
N LEU M 139 5.53 -49.37 -39.12
CA LEU M 139 5.30 -50.26 -37.98
C LEU M 139 6.00 -49.77 -36.72
N GLY M 140 6.58 -48.57 -36.76
CA GLY M 140 7.22 -48.02 -35.59
C GLY M 140 6.49 -46.81 -35.04
N GLY M 141 5.91 -46.01 -35.93
CA GLY M 141 5.21 -44.81 -35.50
C GLY M 141 3.91 -45.15 -34.82
N GLY M 142 3.62 -44.46 -33.72
CA GLY M 142 2.41 -44.70 -32.97
C GLY M 142 1.16 -44.58 -33.82
N THR M 143 0.99 -43.44 -34.48
CA THR M 143 -0.17 -43.22 -35.32
C THR M 143 -0.30 -44.33 -36.35
N GLY M 144 0.69 -44.44 -37.23
CA GLY M 144 0.68 -45.45 -38.27
C GLY M 144 0.39 -46.84 -37.76
N SER M 145 1.30 -47.41 -36.98
CA SER M 145 1.15 -48.79 -36.54
C SER M 145 -0.17 -48.99 -35.79
N GLY M 146 -0.37 -48.24 -34.71
CA GLY M 146 -1.54 -48.41 -33.89
C GLY M 146 -2.85 -48.24 -34.61
N MET M 147 -3.09 -47.04 -35.16
CA MET M 147 -4.36 -46.77 -35.82
C MET M 147 -4.57 -47.71 -37.01
N GLY M 148 -3.51 -47.94 -37.81
CA GLY M 148 -3.65 -48.84 -38.93
C GLY M 148 -4.05 -50.24 -38.52
N THR M 149 -3.37 -50.81 -37.52
CA THR M 149 -3.68 -52.18 -37.15
C THR M 149 -5.05 -52.29 -36.49
N LEU M 150 -5.48 -51.25 -35.76
CA LEU M 150 -6.85 -51.30 -35.24
C LEU M 150 -7.86 -51.26 -36.36
N LEU M 151 -7.64 -50.39 -37.35
CA LEU M 151 -8.49 -50.36 -38.52
C LEU M 151 -8.48 -51.70 -39.25
N ILE M 152 -7.32 -52.37 -39.25
CA ILE M 152 -7.20 -53.66 -39.93
C ILE M 152 -8.07 -54.70 -39.23
N SER M 153 -7.95 -54.79 -37.91
CA SER M 153 -8.81 -55.70 -37.15
C SER M 153 -10.28 -55.40 -37.44
N LYS M 154 -10.66 -54.12 -37.44
CA LYS M 154 -12.06 -53.77 -37.66
C LYS M 154 -12.53 -54.23 -39.03
N VAL M 155 -11.78 -53.89 -40.08
CA VAL M 155 -12.26 -54.21 -41.43
C VAL M 155 -12.19 -55.70 -41.71
N ARG M 156 -11.24 -56.42 -41.11
CA ARG M 156 -11.16 -57.86 -41.33
C ARG M 156 -12.18 -58.62 -40.51
N GLU M 157 -12.70 -58.04 -39.43
CA GLU M 157 -13.90 -58.60 -38.84
C GLU M 157 -15.16 -58.11 -39.56
N GLU M 158 -15.03 -57.11 -40.42
CA GLU M 158 -16.15 -56.64 -41.23
C GLU M 158 -16.28 -57.42 -42.54
N TYR M 159 -15.21 -57.47 -43.33
CA TYR M 159 -15.24 -58.09 -44.66
C TYR M 159 -14.37 -59.34 -44.70
N PRO M 160 -14.86 -60.48 -44.23
CA PRO M 160 -14.00 -61.67 -44.22
C PRO M 160 -13.75 -62.27 -45.59
N ASP M 161 -14.69 -62.12 -46.52
CA ASP M 161 -14.54 -62.77 -47.82
C ASP M 161 -13.45 -62.12 -48.66
N ARG M 162 -13.10 -60.87 -48.36
CA ARG M 162 -12.13 -60.14 -49.16
C ARG M 162 -10.76 -60.14 -48.49
N ILE M 163 -9.77 -59.64 -49.20
CA ILE M 163 -8.39 -59.74 -48.78
C ILE M 163 -7.96 -58.44 -48.12
N MET M 164 -6.80 -58.47 -47.44
CA MET M 164 -6.28 -57.31 -46.72
C MET M 164 -4.76 -57.29 -46.89
N GLU M 165 -4.28 -56.47 -47.81
CA GLU M 165 -2.85 -56.33 -48.06
C GLU M 165 -2.33 -55.09 -47.35
N THR M 166 -1.11 -55.18 -46.82
CA THR M 166 -0.47 -54.09 -46.12
C THR M 166 0.94 -53.90 -46.65
N PHE M 167 1.24 -52.70 -47.16
CA PHE M 167 2.60 -52.35 -47.58
C PHE M 167 3.37 -51.73 -46.42
N SER M 168 3.48 -52.50 -45.34
CA SER M 168 4.16 -52.02 -44.15
C SER M 168 5.65 -51.83 -44.44
N VAL M 169 6.27 -50.94 -43.65
CA VAL M 169 7.70 -50.65 -43.78
C VAL M 169 8.35 -50.89 -42.42
N VAL M 170 8.87 -52.10 -42.23
CA VAL M 170 9.46 -52.50 -40.95
C VAL M 170 10.72 -51.69 -40.70
N PRO M 171 11.12 -51.50 -39.44
CA PRO M 171 12.37 -50.80 -39.16
C PRO M 171 13.56 -51.70 -39.35
N SER M 172 14.49 -51.28 -40.19
CA SER M 172 15.77 -51.98 -40.29
C SER M 172 16.57 -51.71 -39.04
N PRO M 173 16.99 -52.74 -38.30
CA PRO M 173 17.65 -52.49 -37.00
C PRO M 173 18.90 -51.66 -37.10
N LYS M 174 19.73 -51.87 -38.13
CA LYS M 174 20.98 -51.12 -38.23
C LYS M 174 20.72 -49.63 -38.35
N VAL M 175 20.06 -49.21 -39.43
CA VAL M 175 19.72 -47.80 -39.64
C VAL M 175 18.46 -47.51 -38.83
N SER M 176 18.66 -46.96 -37.64
CA SER M 176 17.56 -46.71 -36.71
C SER M 176 17.19 -45.24 -36.69
N ASP M 177 15.90 -44.98 -36.51
CA ASP M 177 15.38 -43.63 -36.40
C ASP M 177 14.71 -43.34 -35.07
N THR M 178 14.29 -44.37 -34.34
CA THR M 178 13.60 -44.21 -33.08
C THR M 178 14.22 -45.15 -32.05
N VAL M 179 13.82 -44.96 -30.79
CA VAL M 179 14.38 -45.73 -29.69
C VAL M 179 13.37 -46.67 -29.06
N VAL M 180 12.07 -46.45 -29.24
CA VAL M 180 11.05 -47.30 -28.66
C VAL M 180 10.44 -48.10 -29.81
N GLU M 181 11.24 -48.29 -30.85
CA GLU M 181 10.72 -48.93 -32.07
C GLU M 181 10.36 -50.40 -31.88
N PRO M 182 11.20 -51.26 -31.29
CA PRO M 182 10.85 -52.68 -31.20
C PRO M 182 9.51 -52.95 -30.53
N TYR M 183 9.11 -52.14 -29.56
CA TYR M 183 7.81 -52.33 -28.94
C TYR M 183 6.68 -52.21 -29.96
N ASN M 184 6.67 -51.11 -30.71
CA ASN M 184 5.67 -50.92 -31.76
C ASN M 184 5.77 -52.02 -32.81
N ALA M 185 7.00 -52.41 -33.16
CA ALA M 185 7.18 -53.44 -34.17
C ALA M 185 6.50 -54.75 -33.76
N THR M 186 6.79 -55.22 -32.54
CA THR M 186 6.21 -56.48 -32.12
C THR M 186 4.71 -56.37 -31.90
N LEU M 187 4.25 -55.24 -31.37
CA LEU M 187 2.81 -55.08 -31.15
C LEU M 187 2.05 -55.01 -32.47
N SER M 188 2.71 -54.56 -33.55
CA SER M 188 2.05 -54.54 -34.84
C SER M 188 2.11 -55.90 -35.52
N VAL M 189 3.23 -56.61 -35.37
CA VAL M 189 3.35 -57.91 -36.03
C VAL M 189 2.41 -58.92 -35.39
N HIS M 190 2.17 -58.81 -34.08
CA HIS M 190 1.25 -59.75 -33.43
C HIS M 190 -0.17 -59.63 -33.97
N GLN M 191 -0.54 -58.47 -34.50
CA GLN M 191 -1.86 -58.32 -35.09
C GLN M 191 -1.87 -58.58 -36.59
N LEU M 192 -0.79 -58.20 -37.29
CA LEU M 192 -0.74 -58.45 -38.72
C LEU M 192 -0.60 -59.94 -39.02
N VAL M 193 -0.07 -60.72 -38.08
CA VAL M 193 -0.06 -62.17 -38.27
C VAL M 193 -1.46 -62.74 -38.18
N GLU M 194 -2.40 -62.01 -37.60
CA GLU M 194 -3.72 -62.56 -37.31
C GLU M 194 -4.83 -61.99 -38.19
N ASN M 195 -4.67 -60.78 -38.73
CA ASN M 195 -5.76 -60.17 -39.49
C ASN M 195 -5.27 -59.60 -40.82
N ALA M 196 -4.31 -60.25 -41.48
CA ALA M 196 -3.79 -59.73 -42.74
C ALA M 196 -3.50 -60.90 -43.67
N ASP M 197 -3.20 -60.57 -44.92
CA ASP M 197 -2.99 -61.61 -45.92
C ASP M 197 -1.66 -61.51 -46.64
N GLU M 198 -1.19 -60.30 -46.97
CA GLU M 198 0.09 -60.13 -47.65
C GLU M 198 0.79 -58.91 -47.05
N CYS M 199 1.62 -59.16 -46.03
CA CYS M 199 2.39 -58.09 -45.40
C CYS M 199 3.77 -58.05 -46.06
N MET M 200 3.81 -57.45 -47.25
CA MET M 200 5.09 -57.24 -47.93
C MET M 200 5.89 -56.18 -47.19
N VAL M 201 6.91 -56.60 -46.46
CA VAL M 201 7.66 -55.69 -45.62
C VAL M 201 8.73 -54.98 -46.44
N ILE M 202 9.10 -53.78 -45.99
CA ILE M 202 10.14 -52.98 -46.62
C ILE M 202 11.00 -52.36 -45.53
N ASP M 203 12.31 -52.33 -45.74
CA ASP M 203 13.24 -51.77 -44.77
C ASP M 203 14.13 -50.74 -45.47
N ASN M 204 14.61 -49.78 -44.69
CA ASN M 204 15.35 -48.66 -45.27
C ASN M 204 16.79 -49.00 -45.58
N GLU M 205 17.36 -50.04 -44.96
CA GLU M 205 18.73 -50.41 -45.26
C GLU M 205 18.88 -50.85 -46.71
N ALA M 206 17.98 -51.73 -47.17
CA ALA M 206 18.03 -52.19 -48.55
C ALA M 206 17.81 -51.03 -49.52
N LEU M 207 16.95 -50.09 -49.15
CA LEU M 207 16.69 -48.96 -50.04
C LEU M 207 17.89 -48.02 -50.12
N TYR M 208 18.55 -47.76 -48.99
CA TYR M 208 19.79 -46.99 -49.02
C TYR M 208 20.85 -47.70 -49.86
N ASP M 209 20.96 -49.02 -49.71
CA ASP M 209 21.95 -49.74 -50.50
C ASP M 209 21.65 -49.64 -51.99
N ILE M 210 20.38 -49.79 -52.36
CA ILE M 210 20.00 -49.77 -53.78
C ILE M 210 20.23 -48.37 -54.36
N CYS M 211 19.65 -47.35 -53.75
CA CYS M 211 19.86 -45.98 -54.20
C CYS M 211 21.31 -45.52 -54.03
N PHE M 212 22.14 -46.33 -53.38
CA PHE M 212 23.53 -45.99 -53.10
C PHE M 212 24.52 -46.81 -53.92
N ARG M 213 24.12 -47.99 -54.40
CA ARG M 213 25.00 -48.83 -55.21
C ARG M 213 24.45 -49.11 -56.60
N THR M 214 23.18 -49.49 -56.70
CA THR M 214 22.63 -49.91 -57.99
C THR M 214 22.14 -48.75 -58.83
N LEU M 215 22.11 -47.53 -58.30
CA LEU M 215 21.75 -46.36 -59.08
C LEU M 215 22.78 -45.24 -59.01
N LYS M 216 23.78 -45.34 -58.16
CA LYS M 216 24.85 -44.35 -58.06
C LYS M 216 24.33 -42.94 -57.80
N LEU M 217 23.21 -42.83 -57.11
CA LEU M 217 22.76 -41.54 -56.62
C LEU M 217 23.72 -41.02 -55.55
N THR M 218 23.58 -39.74 -55.22
CA THR M 218 24.48 -39.10 -54.27
C THR M 218 23.82 -38.74 -52.94
N THR M 219 22.69 -38.03 -52.98
CA THR M 219 21.95 -37.64 -51.77
C THR M 219 20.55 -38.24 -51.86
N PRO M 220 20.35 -39.46 -51.40
CA PRO M 220 19.02 -40.07 -51.53
C PRO M 220 18.01 -39.41 -50.61
N THR M 221 17.08 -38.66 -51.21
CA THR M 221 16.03 -38.02 -50.44
C THR M 221 14.92 -39.03 -50.15
N TYR M 222 14.30 -38.87 -48.99
CA TYR M 222 13.20 -39.76 -48.60
C TYR M 222 12.15 -39.84 -49.68
N GLY M 223 11.89 -38.73 -50.38
CA GLY M 223 11.02 -38.77 -51.53
C GLY M 223 11.42 -39.80 -52.56
N ASP M 224 12.73 -40.00 -52.74
CA ASP M 224 13.18 -40.89 -53.81
C ASP M 224 12.95 -42.35 -53.43
N LEU M 225 13.30 -42.74 -52.21
CA LEU M 225 13.00 -44.10 -51.76
C LEU M 225 11.50 -44.34 -51.74
N ASN M 226 10.73 -43.32 -51.34
CA ASN M 226 9.29 -43.42 -51.44
C ASN M 226 8.87 -43.68 -52.88
N HIS M 227 9.53 -43.02 -53.83
CA HIS M 227 9.18 -43.24 -55.23
C HIS M 227 9.51 -44.65 -55.68
N LEU M 228 10.61 -45.20 -55.17
CA LEU M 228 10.95 -46.59 -55.51
C LEU M 228 9.90 -47.55 -54.98
N VAL M 229 9.48 -47.35 -53.72
CA VAL M 229 8.42 -48.18 -53.16
C VAL M 229 7.12 -48.00 -53.94
N SER M 230 6.84 -46.78 -54.38
CA SER M 230 5.65 -46.53 -55.17
C SER M 230 5.70 -47.27 -56.49
N ALA M 231 6.86 -47.28 -57.14
CA ALA M 231 7.01 -48.02 -58.38
C ALA M 231 6.75 -49.50 -58.16
N ALA M 232 7.32 -50.06 -57.09
CA ALA M 232 7.06 -51.47 -56.78
C ALA M 232 5.58 -51.72 -56.55
N MET M 233 4.92 -50.84 -55.81
CA MET M 233 3.50 -51.01 -55.51
C MET M 233 2.66 -50.94 -56.78
N SER M 234 2.99 -50.01 -57.66
CA SER M 234 2.25 -49.90 -58.92
C SER M 234 2.45 -51.14 -59.78
N GLY M 235 3.68 -51.64 -59.85
CA GLY M 235 3.94 -52.84 -60.62
C GLY M 235 3.30 -54.09 -60.04
N VAL M 236 3.02 -54.10 -58.74
CA VAL M 236 2.45 -55.29 -58.11
C VAL M 236 1.16 -55.72 -58.80
N THR M 237 0.22 -54.79 -58.97
CA THR M 237 -1.12 -55.14 -59.43
C THR M 237 -1.42 -54.67 -60.85
N CYS M 238 -0.41 -54.26 -61.61
CA CYS M 238 -0.67 -53.77 -62.97
C CYS M 238 -1.30 -54.83 -63.84
N CYS M 239 -0.97 -56.10 -63.62
CA CYS M 239 -1.50 -57.18 -64.45
C CYS M 239 -3.00 -57.35 -64.32
N LEU M 240 -3.66 -56.52 -63.51
CA LEU M 240 -5.11 -56.50 -63.38
C LEU M 240 -5.73 -55.30 -64.08
N ARG M 241 -5.08 -54.15 -64.07
CA ARG M 241 -5.64 -52.94 -64.66
C ARG M 241 -5.55 -52.93 -66.18
N PHE M 242 -4.71 -53.77 -66.77
CA PHE M 242 -4.52 -53.79 -68.21
C PHE M 242 -4.62 -55.21 -68.73
N PRO M 243 -4.99 -55.38 -70.00
CA PRO M 243 -5.04 -56.72 -70.58
C PRO M 243 -3.67 -57.38 -70.55
N GLY M 244 -3.66 -58.69 -70.78
CA GLY M 244 -2.43 -59.43 -70.73
C GLY M 244 -2.55 -60.84 -71.24
N GLN M 245 -1.51 -61.33 -71.91
CA GLN M 245 -1.51 -62.71 -72.39
C GLN M 245 -1.58 -63.71 -71.26
N LEU M 246 -1.29 -63.30 -70.03
CA LEU M 246 -1.42 -64.16 -68.86
C LEU M 246 -1.79 -63.25 -67.69
N ASN M 247 -3.08 -63.14 -67.43
CA ASN M 247 -3.60 -62.17 -66.48
C ASN M 247 -3.36 -62.62 -65.04
N SER M 248 -3.55 -61.68 -64.11
CA SER M 248 -3.35 -61.93 -62.70
C SER M 248 -4.23 -60.97 -61.90
N ASP M 249 -4.18 -61.10 -60.59
CA ASP M 249 -4.97 -60.27 -59.69
C ASP M 249 -4.38 -60.36 -58.29
N LEU M 250 -5.13 -59.87 -57.30
CA LEU M 250 -4.71 -59.91 -55.91
C LEU M 250 -5.23 -61.14 -55.17
N ARG M 251 -5.79 -62.11 -55.87
CA ARG M 251 -6.14 -63.36 -55.22
C ARG M 251 -5.47 -64.58 -55.84
N LYS M 252 -5.30 -64.62 -57.17
CA LYS M 252 -4.39 -65.60 -57.74
C LYS M 252 -3.02 -65.47 -57.09
N LEU M 253 -2.56 -64.24 -56.90
CA LEU M 253 -1.36 -64.00 -56.11
C LEU M 253 -1.55 -64.50 -54.68
N ALA M 254 -2.73 -64.29 -54.10
CA ALA M 254 -2.98 -64.66 -52.72
C ALA M 254 -3.11 -66.15 -52.51
N VAL M 255 -3.13 -66.96 -53.58
CA VAL M 255 -3.25 -68.40 -53.48
C VAL M 255 -2.00 -69.11 -53.97
N ASN M 256 -1.40 -68.65 -55.06
CA ASN M 256 -0.17 -69.28 -55.52
C ASN M 256 1.02 -69.00 -54.62
N LEU M 257 0.86 -68.28 -53.52
CA LEU M 257 2.01 -67.92 -52.70
C LEU M 257 1.96 -68.53 -51.31
N ILE M 258 0.92 -68.26 -50.52
CA ILE M 258 0.92 -68.60 -49.10
C ILE M 258 0.43 -70.04 -48.95
N PRO M 259 1.29 -71.00 -48.59
CA PRO M 259 0.86 -72.38 -48.38
C PRO M 259 0.34 -72.66 -46.98
N PHE M 260 0.36 -71.68 -46.09
CA PHE M 260 -0.07 -71.84 -44.70
C PHE M 260 -0.71 -70.54 -44.25
N PRO M 261 -1.80 -70.60 -43.49
CA PRO M 261 -2.59 -69.39 -43.24
C PRO M 261 -1.83 -68.28 -42.51
N ARG M 262 -0.62 -68.55 -42.02
CA ARG M 262 0.13 -67.53 -41.29
C ARG M 262 1.50 -67.23 -41.90
N LEU M 263 1.95 -67.99 -42.91
CA LEU M 263 3.23 -67.73 -43.55
C LEU M 263 3.02 -66.76 -44.71
N HIS M 264 2.72 -65.51 -44.35
CA HIS M 264 2.30 -64.54 -45.34
C HIS M 264 3.09 -63.24 -45.28
N PHE M 265 4.41 -63.34 -45.21
CA PHE M 265 5.30 -62.18 -45.19
C PHE M 265 6.18 -62.24 -46.44
N PHE M 266 6.04 -61.24 -47.30
CA PHE M 266 6.65 -61.24 -48.62
C PHE M 266 7.76 -60.21 -48.74
N MET M 267 8.73 -60.51 -49.58
CA MET M 267 9.72 -59.54 -50.03
C MET M 267 9.36 -59.06 -51.42
N ILE M 268 9.62 -57.77 -51.67
CA ILE M 268 9.36 -57.17 -52.98
C ILE M 268 10.69 -56.96 -53.68
N GLY M 269 10.62 -56.81 -55.00
CA GLY M 269 11.78 -56.46 -55.78
C GLY M 269 11.40 -55.87 -57.11
N PHE M 270 12.01 -54.76 -57.49
CA PHE M 270 11.73 -54.12 -58.76
C PHE M 270 12.88 -54.33 -59.72
N ALA M 271 12.56 -54.40 -61.02
CA ALA M 271 13.57 -54.46 -62.06
C ALA M 271 13.01 -53.81 -63.30
N PRO M 272 13.83 -53.13 -64.11
CA PRO M 272 15.26 -52.94 -63.92
C PRO M 272 15.62 -51.57 -63.35
N LEU M 273 16.67 -51.51 -62.54
CA LEU M 273 17.17 -50.27 -61.98
C LEU M 273 18.63 -50.10 -62.39
N THR M 274 18.92 -49.02 -63.10
CA THR M 274 20.28 -48.77 -63.55
C THR M 274 20.56 -47.27 -63.47
N SER M 275 21.81 -46.93 -63.20
CA SER M 275 22.21 -45.54 -63.05
C SER M 275 21.94 -44.75 -64.32
N ARG M 276 21.81 -43.43 -64.16
CA ARG M 276 21.56 -42.55 -65.29
C ARG M 276 22.74 -42.55 -66.26
N GLY M 277 23.96 -42.51 -65.72
CA GLY M 277 25.14 -42.49 -66.58
C GLY M 277 25.29 -43.75 -67.40
N SER M 278 24.83 -44.88 -66.87
CA SER M 278 24.95 -46.15 -67.59
C SER M 278 23.66 -46.50 -68.33
N GLN M 279 22.74 -45.55 -68.42
CA GLN M 279 21.43 -45.84 -69.03
C GLN M 279 21.57 -46.15 -70.50
N GLN M 280 22.33 -45.34 -71.25
CA GLN M 280 22.47 -45.55 -72.68
C GLN M 280 23.19 -46.85 -72.99
N TYR M 281 23.80 -47.45 -71.98
CA TYR M 281 24.47 -48.74 -72.10
C TYR M 281 23.45 -49.88 -72.06
N ARG M 282 23.91 -51.08 -71.68
CA ARG M 282 23.32 -52.38 -72.00
C ARG M 282 21.80 -52.40 -72.11
N ALA M 283 21.32 -53.12 -73.13
CA ALA M 283 19.91 -53.14 -73.49
C ALA M 283 19.07 -53.78 -72.38
N LEU M 284 17.76 -53.77 -72.61
CA LEU M 284 16.76 -54.19 -71.62
C LEU M 284 15.92 -55.31 -72.23
N THR M 285 16.38 -56.55 -72.00
CA THR M 285 15.64 -57.73 -72.40
C THR M 285 15.62 -58.70 -71.23
N VAL M 286 14.79 -59.73 -71.33
CA VAL M 286 14.50 -60.60 -70.20
C VAL M 286 15.73 -61.33 -69.66
N PRO M 287 16.81 -61.57 -70.42
CA PRO M 287 18.03 -62.06 -69.75
C PRO M 287 18.55 -61.12 -68.68
N GLU M 288 18.75 -59.84 -69.03
CA GLU M 288 19.25 -58.88 -68.05
C GLU M 288 18.26 -58.66 -66.93
N LEU M 289 16.96 -58.63 -67.25
CA LEU M 289 15.96 -58.48 -66.20
C LEU M 289 16.01 -59.64 -65.21
N THR M 290 16.20 -60.87 -65.71
CA THR M 290 16.29 -62.01 -64.81
C THR M 290 17.56 -61.94 -63.97
N GLN M 291 18.71 -61.67 -64.61
CA GLN M 291 19.97 -61.61 -63.88
C GLN M 291 19.98 -60.48 -62.85
N GLN M 292 19.18 -59.45 -63.07
CA GLN M 292 19.09 -58.34 -62.14
C GLN M 292 18.02 -58.55 -61.07
N MET M 293 17.03 -59.40 -61.34
CA MET M 293 15.91 -59.57 -60.42
C MET M 293 16.28 -60.42 -59.22
N PHE M 294 16.87 -61.59 -59.46
CA PHE M 294 17.13 -62.55 -58.40
C PHE M 294 18.31 -62.18 -57.52
N ASP M 295 18.96 -61.04 -57.77
CA ASP M 295 20.09 -60.64 -56.94
C ASP M 295 19.67 -60.47 -55.49
N ALA M 296 20.59 -60.79 -54.59
CA ALA M 296 20.29 -60.65 -53.16
C ALA M 296 20.08 -59.19 -52.78
N LYS M 297 20.93 -58.29 -53.30
CA LYS M 297 20.86 -56.88 -52.95
C LYS M 297 20.10 -56.07 -53.98
N ASN M 298 19.32 -56.72 -54.84
CA ASN M 298 18.36 -56.02 -55.67
C ASN M 298 17.01 -55.88 -54.98
N MET M 299 16.76 -56.64 -53.91
CA MET M 299 15.46 -56.69 -53.29
C MET M 299 15.30 -55.52 -52.31
N MET M 300 14.14 -55.46 -51.68
CA MET M 300 13.78 -54.36 -50.78
C MET M 300 13.62 -54.87 -49.35
N CYS M 301 14.51 -55.78 -48.95
CA CYS M 301 14.42 -56.41 -47.64
C CYS M 301 15.82 -56.79 -47.21
N ALA M 302 16.26 -56.30 -46.05
CA ALA M 302 17.62 -56.55 -45.60
C ALA M 302 17.77 -57.98 -45.10
N ALA M 303 17.65 -58.95 -45.99
CA ALA M 303 17.82 -60.35 -45.63
C ALA M 303 18.39 -61.06 -46.85
N ASP M 304 19.66 -61.44 -46.77
CA ASP M 304 20.31 -62.15 -47.87
C ASP M 304 19.68 -63.52 -48.06
N PRO M 305 18.96 -63.74 -49.16
CA PRO M 305 18.36 -65.07 -49.39
C PRO M 305 19.37 -66.18 -49.36
N ARG M 306 20.66 -65.89 -49.60
CA ARG M 306 21.71 -66.88 -49.41
C ARG M 306 21.72 -67.45 -48.00
N HIS M 307 21.09 -66.77 -47.05
CA HIS M 307 20.94 -67.26 -45.70
C HIS M 307 19.62 -68.01 -45.49
N GLY M 308 19.01 -68.50 -46.57
CA GLY M 308 17.77 -69.23 -46.46
C GLY M 308 17.33 -69.84 -47.76
N ARG M 309 16.03 -69.86 -48.01
CA ARG M 309 15.48 -70.43 -49.23
C ARG M 309 14.17 -69.71 -49.55
N TYR M 310 13.54 -70.11 -50.65
CA TYR M 310 12.25 -69.58 -51.04
C TYR M 310 11.22 -70.69 -50.98
N LEU M 311 10.10 -70.42 -50.31
CA LEU M 311 8.94 -71.30 -50.49
C LEU M 311 8.29 -71.04 -51.83
N THR M 312 8.14 -69.77 -52.22
CA THR M 312 7.55 -69.47 -53.52
C THR M 312 7.99 -68.10 -53.98
N ALA M 313 7.97 -67.92 -55.30
CA ALA M 313 8.45 -66.69 -55.91
C ALA M 313 7.60 -66.41 -57.14
N SER M 314 6.78 -65.37 -57.08
CA SER M 314 6.01 -64.92 -58.24
C SER M 314 6.78 -63.81 -58.95
N ALA M 315 6.54 -63.72 -60.25
CA ALA M 315 7.18 -62.69 -61.07
C ALA M 315 6.15 -62.13 -62.04
N LEU M 316 5.84 -60.86 -61.88
CA LEU M 316 4.88 -60.18 -62.74
C LEU M 316 5.67 -59.34 -63.74
N PHE M 317 5.65 -59.77 -64.99
CA PHE M 317 6.31 -59.06 -66.09
C PHE M 317 5.36 -58.09 -66.74
N ARG M 318 5.88 -56.95 -67.14
CA ARG M 318 5.10 -55.93 -67.82
C ARG M 318 5.83 -55.53 -69.10
N GLY M 319 5.05 -55.21 -70.12
CA GLY M 319 5.59 -54.88 -71.42
C GLY M 319 5.09 -55.81 -72.50
N ARG M 320 6.00 -56.40 -73.26
CA ARG M 320 5.62 -57.33 -74.32
C ARG M 320 6.84 -58.16 -74.67
N MET M 321 6.74 -59.48 -74.54
CA MET M 321 7.86 -60.34 -74.84
C MET M 321 7.34 -61.72 -75.23
N SER M 322 8.21 -62.50 -75.86
CA SER M 322 7.90 -63.89 -76.18
C SER M 322 7.86 -64.70 -74.89
N THR M 323 6.66 -65.09 -74.47
CA THR M 323 6.50 -65.80 -73.21
C THR M 323 7.37 -67.04 -73.13
N LYS M 324 7.64 -67.69 -74.27
CA LYS M 324 8.47 -68.88 -74.23
C LYS M 324 9.86 -68.57 -73.70
N GLU M 325 10.40 -67.40 -74.03
CA GLU M 325 11.71 -67.02 -73.50
C GLU M 325 11.65 -66.84 -71.99
N VAL M 326 10.58 -66.20 -71.50
CA VAL M 326 10.39 -66.03 -70.07
C VAL M 326 10.35 -67.39 -69.37
N ASP M 327 9.55 -68.31 -69.90
CA ASP M 327 9.39 -69.60 -69.25
C ASP M 327 10.67 -70.44 -69.32
N GLU M 328 11.40 -70.34 -70.44
CA GLU M 328 12.67 -71.03 -70.55
C GLU M 328 13.66 -70.49 -69.53
N GLN M 329 13.71 -69.17 -69.36
CA GLN M 329 14.61 -68.60 -68.37
C GLN M 329 14.19 -68.99 -66.96
N MET M 330 12.89 -69.09 -66.70
CA MET M 330 12.42 -69.55 -65.40
C MET M 330 12.90 -70.98 -65.13
N LEU M 331 12.67 -71.88 -66.08
CA LEU M 331 13.14 -73.26 -65.92
C LEU M 331 14.65 -73.30 -65.71
N ASN M 332 15.38 -72.51 -66.47
CA ASN M 332 16.84 -72.50 -66.35
C ASN M 332 17.28 -72.01 -64.97
N VAL M 333 16.70 -70.91 -64.50
CA VAL M 333 17.15 -70.34 -63.24
C VAL M 333 16.76 -71.24 -62.08
N GLN M 334 15.63 -71.94 -62.18
CA GLN M 334 15.28 -72.87 -61.13
C GLN M 334 16.19 -74.10 -61.14
N ASN M 335 16.47 -74.65 -62.32
CA ASN M 335 17.25 -75.88 -62.39
C ASN M 335 18.75 -75.64 -62.20
N LYS M 336 19.21 -74.40 -62.28
CA LYS M 336 20.59 -74.13 -61.90
C LYS M 336 20.69 -73.64 -60.46
N ASN M 337 19.73 -72.85 -60.02
CA ASN M 337 19.62 -72.44 -58.62
C ASN M 337 18.57 -73.30 -57.91
N SER M 338 18.90 -74.59 -57.77
CA SER M 338 17.93 -75.54 -57.23
C SER M 338 17.95 -75.58 -55.71
N SER M 339 19.09 -75.24 -55.09
CA SER M 339 19.16 -75.27 -53.64
C SER M 339 18.27 -74.20 -53.02
N TYR M 340 18.22 -73.02 -53.65
CA TYR M 340 17.47 -71.91 -53.08
C TYR M 340 15.97 -72.16 -53.05
N PHE M 341 15.47 -73.06 -53.87
CA PHE M 341 14.06 -73.41 -53.87
C PHE M 341 13.86 -74.70 -53.10
N VAL M 342 12.97 -74.66 -52.10
CA VAL M 342 12.76 -75.83 -51.26
C VAL M 342 12.10 -76.93 -52.10
N GLU M 343 12.44 -78.18 -51.77
CA GLU M 343 12.12 -79.30 -52.66
C GLU M 343 10.70 -79.79 -52.50
N TRP M 344 10.13 -79.73 -51.28
CA TRP M 344 8.82 -80.35 -51.08
C TRP M 344 7.70 -79.59 -51.77
N ILE M 345 8.00 -78.54 -52.53
CA ILE M 345 7.06 -77.91 -53.42
C ILE M 345 7.66 -77.90 -54.81
N PRO M 346 7.05 -78.55 -55.79
CA PRO M 346 7.63 -78.59 -57.14
C PRO M 346 7.18 -77.39 -57.97
N ASN M 347 8.04 -77.03 -58.91
CA ASN M 347 7.87 -75.87 -59.79
C ASN M 347 7.33 -74.67 -59.02
N ASN M 348 8.05 -74.34 -57.95
CA ASN M 348 7.60 -73.36 -56.97
C ASN M 348 7.50 -71.95 -57.51
N ILE M 349 8.06 -71.67 -58.68
CA ILE M 349 8.10 -70.30 -59.19
C ILE M 349 6.91 -70.09 -60.12
N LYS M 350 6.39 -68.86 -60.13
CA LYS M 350 5.22 -68.53 -60.91
C LYS M 350 5.47 -67.27 -61.71
N SER M 351 4.84 -67.16 -62.87
CA SER M 351 4.96 -66.00 -63.73
C SER M 351 3.59 -65.43 -64.03
N SER M 352 3.57 -64.18 -64.49
CA SER M 352 2.35 -63.56 -64.98
C SER M 352 2.72 -62.36 -65.83
N ILE M 353 2.34 -62.38 -67.10
CA ILE M 353 2.80 -61.41 -68.09
C ILE M 353 1.64 -60.51 -68.50
N CYS M 354 1.84 -59.20 -68.40
CA CYS M 354 0.87 -58.21 -68.86
C CYS M 354 1.27 -57.71 -70.24
N ASP M 355 0.55 -56.69 -70.71
CA ASP M 355 0.74 -56.19 -72.07
C ASP M 355 1.16 -54.73 -72.16
N ILE M 356 1.19 -54.00 -71.05
CA ILE M 356 1.52 -52.58 -71.06
C ILE M 356 2.65 -52.30 -70.08
N PRO M 357 3.81 -51.82 -70.54
CA PRO M 357 4.89 -51.45 -69.62
C PRO M 357 4.56 -50.16 -68.92
N PRO M 358 5.35 -49.77 -67.90
CA PRO M 358 5.11 -48.47 -67.25
C PRO M 358 5.56 -47.31 -68.13
N LYS M 359 5.46 -46.10 -67.60
CA LYS M 359 5.91 -44.94 -68.35
C LYS M 359 7.43 -44.96 -68.51
N GLY M 360 7.91 -44.66 -69.71
CA GLY M 360 9.33 -44.64 -69.98
C GLY M 360 9.88 -45.95 -70.49
N LEU M 361 9.92 -46.97 -69.64
CA LEU M 361 10.53 -48.24 -70.01
C LEU M 361 9.63 -49.00 -70.98
N LYS M 362 10.11 -50.17 -71.40
CA LYS M 362 9.30 -51.09 -72.19
C LYS M 362 9.17 -52.48 -71.58
N MET M 363 10.03 -52.84 -70.64
CA MET M 363 9.88 -54.06 -69.86
C MET M 363 9.96 -53.71 -68.38
N ALA M 364 9.32 -54.54 -67.55
CA ALA M 364 9.36 -54.32 -66.12
C ALA M 364 9.13 -55.64 -65.42
N VAL M 365 9.67 -55.76 -64.21
CA VAL M 365 9.60 -57.00 -63.45
C VAL M 365 9.31 -56.66 -62.00
N THR M 366 8.19 -57.15 -61.48
CA THR M 366 7.90 -57.09 -60.05
C THR M 366 8.04 -58.51 -59.50
N PHE M 367 9.08 -58.73 -58.70
CA PHE M 367 9.37 -60.02 -58.13
C PHE M 367 8.87 -60.04 -56.69
N VAL M 368 7.97 -60.97 -56.38
CA VAL M 368 7.35 -61.05 -55.07
C VAL M 368 7.68 -62.42 -54.49
N GLY M 369 8.52 -62.46 -53.47
CA GLY M 369 8.95 -63.73 -52.93
C GLY M 369 8.51 -64.01 -51.51
N ASN M 370 7.74 -65.07 -51.32
CA ASN M 370 7.44 -65.57 -49.98
C ASN M 370 8.54 -66.57 -49.66
N SER M 371 9.55 -66.12 -48.92
CA SER M 371 10.73 -66.91 -48.60
C SER M 371 10.77 -67.20 -47.12
N THR M 372 11.61 -68.18 -46.78
CA THR M 372 11.92 -68.47 -45.38
C THR M 372 13.22 -67.81 -44.94
N ALA M 373 13.62 -66.74 -45.60
CA ALA M 373 14.85 -66.03 -45.28
C ALA M 373 14.60 -64.69 -44.62
N ILE M 374 13.35 -64.32 -44.34
CA ILE M 374 13.07 -63.09 -43.60
C ILE M 374 12.77 -63.35 -42.14
N GLN M 375 12.87 -64.60 -41.69
CA GLN M 375 12.83 -64.84 -40.25
C GLN M 375 13.91 -64.04 -39.53
N GLU M 376 15.06 -63.87 -40.18
CA GLU M 376 16.08 -62.97 -39.64
C GLU M 376 15.51 -61.57 -39.41
N MET M 377 14.76 -61.04 -40.39
CA MET M 377 14.16 -59.72 -40.26
C MET M 377 13.23 -59.62 -39.07
N PHE M 378 12.91 -60.73 -38.41
CA PHE M 378 12.26 -60.70 -37.11
C PHE M 378 13.19 -61.15 -36.00
N LYS M 379 14.01 -62.16 -36.26
CA LYS M 379 14.96 -62.67 -35.27
C LYS M 379 15.71 -61.53 -34.59
N ARG M 380 16.42 -60.72 -35.38
CA ARG M 380 17.16 -59.59 -34.79
C ARG M 380 16.22 -58.67 -34.03
N VAL M 381 15.06 -58.35 -34.61
CA VAL M 381 14.10 -57.50 -33.91
C VAL M 381 13.69 -58.14 -32.60
N ALA M 382 13.53 -59.48 -32.60
CA ALA M 382 13.28 -60.19 -31.36
C ALA M 382 14.29 -59.81 -30.29
N GLU M 383 15.58 -59.87 -30.63
CA GLU M 383 16.61 -59.43 -29.69
C GLU M 383 16.39 -57.99 -29.27
N GLN M 384 16.15 -57.11 -30.25
CA GLN M 384 15.90 -55.70 -29.95
C GLN M 384 14.79 -55.53 -28.93
N PHE M 385 13.92 -56.53 -28.80
CA PHE M 385 12.86 -56.52 -27.80
C PHE M 385 13.34 -57.11 -26.49
N THR M 386 13.91 -58.32 -26.54
CA THR M 386 14.10 -59.10 -25.32
C THR M 386 14.94 -58.37 -24.29
N ALA M 387 15.93 -57.59 -24.72
CA ALA M 387 16.63 -56.72 -23.78
C ALA M 387 15.72 -55.61 -23.30
N MET M 388 15.25 -54.77 -24.24
CA MET M 388 14.47 -53.58 -23.90
C MET M 388 13.22 -53.90 -23.10
N PHE M 389 12.87 -55.17 -22.94
CA PHE M 389 11.75 -55.57 -22.12
C PHE M 389 12.15 -56.08 -20.74
N ARG M 390 13.18 -56.92 -20.66
CA ARG M 390 13.46 -57.53 -19.37
C ARG M 390 14.06 -56.56 -18.37
N ARG M 391 14.41 -55.36 -18.80
CA ARG M 391 14.65 -54.24 -17.90
C ARG M 391 13.48 -53.28 -17.87
N LYS M 392 12.39 -53.60 -18.56
CA LYS M 392 11.20 -52.74 -18.62
C LYS M 392 11.55 -51.35 -19.12
N ALA M 393 12.53 -51.28 -20.01
CA ALA M 393 12.92 -50.00 -20.60
C ALA M 393 11.74 -49.34 -21.29
N PHE M 394 11.46 -48.10 -20.89
CA PHE M 394 10.37 -47.30 -21.45
C PHE M 394 9.02 -47.99 -21.35
N LEU M 395 8.90 -49.00 -20.48
CA LEU M 395 7.65 -49.73 -20.37
C LEU M 395 6.54 -48.85 -19.82
N HIS M 396 6.87 -47.95 -18.89
CA HIS M 396 5.84 -47.19 -18.19
C HIS M 396 5.04 -46.29 -19.12
N TRP M 397 5.61 -45.91 -20.27
CA TRP M 397 4.84 -45.13 -21.24
C TRP M 397 3.72 -45.97 -21.84
N TYR M 398 3.85 -47.29 -21.82
CA TYR M 398 2.83 -48.17 -22.35
C TYR M 398 1.83 -48.64 -21.30
N THR M 399 2.23 -48.63 -20.03
CA THR M 399 1.32 -49.07 -18.97
C THR M 399 0.30 -48.01 -18.61
N GLY M 400 0.72 -46.76 -18.48
CA GLY M 400 -0.16 -45.68 -18.05
C GLY M 400 -1.28 -45.34 -19.00
N GLU M 401 -1.42 -46.05 -20.11
CA GLU M 401 -2.48 -45.77 -21.08
C GLU M 401 -3.52 -46.88 -21.14
N GLY M 402 -3.49 -47.82 -20.21
CA GLY M 402 -4.49 -48.86 -20.17
C GLY M 402 -3.95 -50.23 -20.51
N MET M 403 -3.06 -50.30 -21.49
CA MET M 403 -2.51 -51.59 -21.89
C MET M 403 -1.69 -52.19 -20.76
N ASP M 404 -1.94 -53.46 -20.48
CA ASP M 404 -1.23 -54.19 -19.45
C ASP M 404 0.01 -54.83 -20.03
N GLU M 405 1.03 -55.01 -19.18
CA GLU M 405 2.29 -55.59 -19.61
C GLU M 405 2.08 -56.96 -20.24
N MET M 406 1.09 -57.71 -19.73
CA MET M 406 0.87 -59.09 -20.16
C MET M 406 0.94 -59.24 -21.67
N GLU M 407 0.21 -58.38 -22.39
CA GLU M 407 0.15 -58.45 -23.84
C GLU M 407 1.54 -58.64 -24.44
N PHE M 408 2.48 -57.74 -24.10
CA PHE M 408 3.80 -57.80 -24.69
C PHE M 408 4.36 -59.21 -24.61
N THR M 409 4.34 -59.80 -23.40
CA THR M 409 4.81 -61.16 -23.22
C THR M 409 4.21 -62.09 -24.27
N GLU M 410 2.88 -62.21 -24.26
CA GLU M 410 2.24 -63.14 -25.17
C GLU M 410 2.54 -62.76 -26.63
N ALA M 411 2.60 -61.45 -26.91
CA ALA M 411 2.92 -61.02 -28.26
C ALA M 411 4.28 -61.59 -28.68
N GLU M 412 5.29 -61.41 -27.83
CA GLU M 412 6.60 -61.96 -28.14
C GLU M 412 6.49 -63.46 -28.40
N SER M 413 5.67 -64.16 -27.60
CA SER M 413 5.45 -65.58 -27.83
C SER M 413 5.09 -65.83 -29.28
N ASN M 414 4.01 -65.18 -29.75
CA ASN M 414 3.60 -65.34 -31.15
C ASN M 414 4.78 -65.12 -32.08
N MET M 415 5.52 -64.02 -31.86
CA MET M 415 6.71 -63.76 -32.67
C MET M 415 7.57 -65.01 -32.77
N ASN M 416 8.01 -65.52 -31.62
CA ASN M 416 8.80 -66.75 -31.62
C ASN M 416 8.07 -67.84 -32.38
N ASP M 417 6.81 -68.12 -32.00
CA ASP M 417 6.03 -69.12 -32.69
C ASP M 417 6.13 -68.91 -34.20
N LEU M 418 5.88 -67.68 -34.64
CA LEU M 418 5.97 -67.36 -36.06
C LEU M 418 7.27 -67.89 -36.64
N VAL M 419 8.40 -67.37 -36.15
CA VAL M 419 9.68 -67.75 -36.74
C VAL M 419 9.89 -69.24 -36.58
N SER M 420 9.45 -69.81 -35.45
CA SER M 420 9.55 -71.24 -35.24
C SER M 420 8.91 -71.98 -36.40
N GLU M 421 7.68 -71.61 -36.72
CA GLU M 421 6.99 -72.20 -37.87
C GLU M 421 7.88 -72.13 -39.11
N TYR M 422 8.35 -70.93 -39.44
CA TYR M 422 9.23 -70.76 -40.60
C TYR M 422 10.36 -71.77 -40.56
N GLN M 423 11.06 -71.85 -39.43
CA GLN M 423 12.25 -72.68 -39.37
C GLN M 423 11.90 -74.13 -39.65
N GLN M 424 10.75 -74.58 -39.17
CA GLN M 424 10.36 -75.98 -39.41
C GLN M 424 10.28 -76.26 -40.91
N TYR M 425 9.68 -75.34 -41.65
CA TYR M 425 9.53 -75.58 -43.08
C TYR M 425 10.84 -75.46 -43.82
N GLN M 426 11.92 -75.09 -43.13
CA GLN M 426 13.25 -75.14 -43.74
C GLN M 426 13.89 -76.51 -43.64
N ASP M 427 13.39 -77.39 -42.77
CA ASP M 427 13.99 -78.72 -42.63
C ASP M 427 12.90 -79.79 -42.54
N ALA M 428 11.88 -79.68 -43.37
CA ALA M 428 10.88 -80.72 -43.54
C ALA M 428 11.04 -81.25 -44.96
N THR M 429 11.96 -82.19 -45.14
CA THR M 429 12.36 -82.67 -46.45
C THR M 429 11.53 -83.88 -46.86
N ALA M 430 11.29 -83.98 -48.16
CA ALA M 430 10.53 -85.11 -48.71
C ALA M 430 10.97 -85.40 -50.15
PG GTP N . -4.20 66.17 60.92
O1G GTP N . -4.68 66.99 62.10
O2G GTP N . -4.94 66.58 59.67
O3G GTP N . -2.71 66.37 60.72
O3B GTP N . -4.49 64.56 61.20
PB GTP N . -4.05 63.40 60.11
O1B GTP N . -4.02 64.01 58.72
O2B GTP N . -5.04 62.26 60.14
O3A GTP N . -2.53 62.87 60.48
PA GTP N . -1.42 62.49 59.29
O1A GTP N . -0.67 63.77 58.91
O2A GTP N . -2.16 61.95 58.09
O5' GTP N . -0.35 61.36 59.81
C5' GTP N . 0.81 61.20 59.09
C4' GTP N . 0.88 59.75 58.52
O4' GTP N . 0.68 59.77 57.23
C3' GTP N . 2.28 59.19 58.72
O3' GTP N . 2.22 57.84 58.92
C2' GTP N . 2.99 59.48 57.39
O2' GTP N . 4.06 58.47 57.15
C1' GTP N . 2.06 59.36 56.50
N9 GTP N . 2.33 60.28 55.39
C8 GTP N . 2.41 61.63 55.60
N7 GTP N . 2.67 62.21 54.39
C5 GTP N . 2.75 61.24 53.48
C6 GTP N . 3.02 61.29 51.96
O6 GTP N . 3.21 62.34 51.42
N1 GTP N . 3.06 60.07 51.18
C2 GTP N . 2.84 58.81 51.86
N2 GTP N . 2.87 57.58 51.10
N3 GTP N . 2.58 58.77 53.32
C4 GTP N . 2.54 60.04 54.11
MG MG O . -2.31 64.75 59.57
PB GDP P . 9.27 90.40 88.06
O1B GDP P . 8.81 90.26 86.64
O2B GDP P . 9.74 91.81 88.30
O3B GDP P . 8.15 90.08 88.98
O3A GDP P . 10.53 89.35 88.31
PA GDP P . 11.81 89.17 87.26
O1A GDP P . 11.32 89.44 85.83
O2A GDP P . 12.92 90.17 87.65
O5' GDP P . 12.38 87.61 87.35
C5' GDP P . 13.29 87.31 88.36
C4' GDP P . 14.13 86.11 87.94
O4' GDP P . 14.16 86.01 86.32
C3' GDP P . 15.35 86.25 88.32
O3' GDP P . 15.98 84.94 88.49
C2' GDP P . 16.04 86.99 87.11
O2' GDP P . 17.36 86.75 87.13
C1' GDP P . 15.40 86.32 85.93
N9 GDP P . 15.35 87.22 84.74
C8 GDP P . 15.00 88.45 85.14
N7 GDP P . 14.97 89.21 84.02
C5 GDP P . 15.31 88.45 82.98
C6 GDP P . 15.44 88.75 81.50
O6 GDP P . 15.24 89.84 81.11
N1 GDP P . 15.83 87.70 80.58
C2 GDP P . 16.06 86.38 81.07
N2 GDP P . 16.46 85.28 80.13
N3 GDP P . 15.93 86.10 82.48
C4 GDP P . 15.54 87.20 83.44
PG GTP Q . -28.68 12.79 2.99
O1G GTP Q . -29.17 13.95 3.83
O2G GTP Q . -29.15 12.98 1.56
O3G GTP Q . -27.16 12.73 3.03
O3B GTP Q . -29.29 11.36 3.58
PB GTP Q . -28.92 9.92 2.86
O1B GTP Q . -28.91 10.10 1.35
O2B GTP Q . -29.93 8.87 3.24
O3A GTP Q . -27.40 9.49 3.35
PA GTP Q . -26.16 9.28 2.27
O1A GTP Q . -25.67 10.65 1.79
O2A GTP Q . -26.65 8.49 1.08
O5' GTP Q . -24.93 8.49 3.02
C5' GTP Q . -23.77 8.27 2.32
C4' GTP Q . -23.91 6.98 1.45
O4' GTP Q . -24.27 7.31 0.24
C3' GTP Q . -22.55 6.29 1.34
O3' GTP Q . -22.66 4.97 1.66
C2' GTP Q . -22.15 6.43 -0.14
O2' GTP Q . -21.48 5.16 -0.57
C1' GTP Q . -23.26 6.56 -0.78
N9 GTP Q . -23.06 7.38 -1.96
C8 GTP Q . -23.27 8.73 -1.95
N7 GTP Q . -23.00 9.21 -3.20
C5 GTP Q . -22.62 8.17 -3.96
C6 GTP Q . -22.20 8.08 -5.44
O6 GTP Q . -22.16 9.07 -6.11
N1 GTP Q . -21.84 6.81 -6.02
C2 GTP Q . -21.89 5.62 -5.19
N2 GTP Q . -21.53 4.33 -5.74
N3 GTP Q . -22.30 5.72 -3.76
C4 GTP Q . -22.67 7.04 -3.19
MG MG R . -30.90 12.45 3.46
PB GDP S . -15.90 37.59 31.78
O1B GDP S . -15.97 37.82 30.30
O2B GDP S . -15.78 38.91 32.49
O3B GDP S . -17.14 36.89 32.23
O3A GDP S . -14.58 36.65 32.11
PA GDP S . -13.93 35.64 30.95
O1A GDP S . -15.05 35.10 30.08
O2A GDP S . -12.93 36.44 30.08
O5' GDP S . -13.13 34.37 31.69
C5' GDP S . -11.75 34.34 31.65
C4' GDP S . -11.31 33.38 30.55
O4' GDP S . -11.56 34.06 29.11
C3' GDP S . -10.04 33.17 30.65
O3' GDP S . -9.81 31.78 31.08
C2' GDP S . -9.44 33.36 29.20
O2' GDP S . -8.72 32.29 28.85
C1' GDP S . -10.66 33.47 28.32
N9 GDP S . -10.38 34.29 27.10
C8 GDP S . -10.85 35.52 27.29
N7 GDP S . -10.57 36.21 26.16
C5 GDP S . -9.93 35.40 25.32
C6 GDP S . -9.37 35.62 23.92
O6 GDP S . -9.48 36.66 23.41
N1 GDP S . -8.72 34.53 23.24
C2 GDP S . -8.59 33.26 23.87
N2 GDP S . -7.91 32.11 23.17
N3 GDP S . -9.13 33.05 25.21
C4 GDP S . -9.81 34.20 25.91
PG GTP T . -54.45 -41.21 -54.22
O1G GTP T . -54.42 -41.66 -52.77
O2G GTP T . -55.02 -39.82 -54.30
O3G GTP T . -53.04 -41.21 -54.76
O3B GTP T . -55.40 -42.25 -55.10
PB GTP T . -54.82 -43.65 -55.78
O1B GTP T . -54.71 -43.44 -57.29
O2B GTP T . -55.76 -44.79 -55.50
O3A GTP T . -53.32 -43.97 -55.16
PA GTP T . -52.02 -44.34 -56.13
O1A GTP T . -51.32 -43.05 -56.52
O2A GTP T . -52.52 -45.08 -57.34
O5' GTP T . -50.97 -45.31 -55.32
C5' GTP T . -49.82 -45.68 -55.99
C4' GTP T . -49.97 -47.14 -56.54
O4' GTP T . -50.18 -47.11 -57.83
C3' GTP T . -48.68 -47.90 -56.33
O3' GTP T . -48.93 -49.23 -56.13
C2' GTP T . -47.92 -47.72 -57.67
O2' GTP T . -47.05 -48.91 -57.90
C1' GTP T . -48.86 -47.68 -58.56
N9 GTP T . -48.47 -46.76 -59.64
C8 GTP T . -48.23 -45.44 -59.40
N7 GTP T . -47.90 -44.85 -60.58
C5 GTP T . -47.95 -45.78 -61.53
C6 GTP T . -47.69 -45.73 -63.05
O6 GTP T . -47.38 -44.70 -63.55
N1 GTP T . -47.81 -46.92 -63.85
C2 GTP T . -48.18 -48.16 -63.22
N2 GTP T . -48.32 -49.38 -64.01
N3 GTP T . -48.44 -48.21 -61.76
C4 GTP T . -48.31 -46.97 -60.94
MG MG U . -53.52 -41.96 -56.44
PB GDP V . -41.28 -16.42 -26.97
O1B GDP V . -42.43 -16.81 -26.11
O2B GDP V . -39.99 -16.62 -26.22
O3B GDP V . -41.40 -14.99 -27.37
O3A GDP V . -41.25 -17.37 -28.32
PA GDP V . -39.86 -17.55 -29.23
O1A GDP V . -40.23 -17.62 -30.71
O2A GDP V . -38.95 -16.33 -28.96
O5' GDP V . -39.08 -18.94 -28.78
C5' GDP V . -37.94 -18.83 -28.01
C4' GDP V . -37.03 -20.02 -28.27
O4' GDP V . -36.82 -20.18 -29.88
C3' GDP V . -35.86 -19.81 -27.76
O3' GDP V . -35.33 -21.08 -27.23
C2' GDP V . -34.96 -19.33 -28.95
O2' GDP V . -33.66 -19.65 -28.74
C1' GDP V . -35.50 -20.16 -30.10
N9 GDP V . -35.22 -19.53 -31.43
C8 GDP V . -35.47 -18.22 -31.38
N7 GDP V . -35.20 -17.74 -32.62
C5 GDP V . -34.79 -18.75 -33.39
C6 GDP V . -34.36 -18.82 -34.84
O6 GDP V . -34.35 -17.84 -35.49
N1 GDP V . -33.96 -20.08 -35.42
C2 GDP V . -33.97 -21.26 -34.62
N2 GDP V . -33.57 -22.58 -35.21
N3 GDP V . -34.40 -21.19 -33.23
C4 GDP V . -34.81 -19.87 -32.64
PG GTP W . 42.33 39.74 51.75
O1G GTP W . 43.16 39.33 52.95
O2G GTP W . 41.51 40.96 52.10
O3G GTP W . 43.24 40.05 50.59
O3B GTP W . 41.32 38.49 51.32
PB GTP W . 41.85 37.24 50.40
O1B GTP W . 41.49 37.49 48.95
O2B GTP W . 41.21 35.95 50.87
O3A GTP W . 43.50 37.12 50.54
PA GTP W . 44.53 36.95 49.24
O1A GTP W . 45.01 38.33 48.81
O2A GTP W . 43.80 36.27 48.10
O5' GTP W . 45.83 36.03 49.66
C5' GTP W . 47.00 36.25 48.98
C4' GTP W . 47.11 35.24 47.78
O4' GTP W . 46.60 35.76 46.71
C3' GTP W . 48.59 35.00 47.47
O3' GTP W . 48.89 33.68 47.55
C2' GTP W . 48.77 35.47 46.01
O2' GTP W . 49.71 34.56 45.31
C1' GTP W . 47.60 35.38 45.50
N9 GTP W . 47.47 36.32 44.38
C8 GTP W . 47.29 37.66 44.60
N7 GTP W . 47.21 38.27 43.38
C5 GTP W . 47.35 37.34 42.44
C6 GTP W . 47.36 37.42 40.90
O6 GTP W . 47.22 38.47 40.35
N1 GTP W . 47.54 36.22 40.12
C2 GTP W . 47.71 34.95 40.78
N2 GTP W . 47.89 33.75 40.00
N3 GTP W . 47.70 34.88 42.27
C4 GTP W . 47.51 36.11 43.07
MG MG X . 41.67 39.39 49.54
PB GDP Y . 54.48 65.34 79.39
O1B GDP Y . 53.92 66.02 78.18
O2B GDP Y . 54.88 66.36 80.39
O3B GDP Y . 53.44 64.43 79.97
O3A GDP Y . 55.81 64.43 78.95
PA GDP Y . 56.22 64.07 77.38
O1A GDP Y . 54.98 64.10 76.49
O2A GDP Y . 57.26 65.11 76.88
O5' GDP Y . 56.91 62.56 77.30
C5' GDP Y . 58.12 62.38 77.96
C4' GDP Y . 59.23 62.21 76.93
O4' GDP Y . 58.80 62.65 75.43
C3' GDP Y . 60.19 63.04 77.20
O3' GDP Y . 61.04 62.49 78.27
C2' GDP Y . 60.99 63.09 75.84
O2' GDP Y . 62.01 62.21 75.85
C1' GDP Y . 59.97 62.67 74.79
N9 GDP Y . 59.98 63.67 73.66
C8 GDP Y . 59.65 64.87 74.14
N7 GDP Y . 59.69 65.72 73.08
C5 GDP Y . 60.04 65.03 72.00
C6 GDP Y . 60.24 65.44 70.55
O6 GDP Y . 60.08 66.55 70.24
N1 GDP Y . 60.63 64.46 69.56
C2 GDP Y . 60.84 63.10 69.96
N2 GDP Y . 61.24 62.08 68.95
N3 GDP Y . 60.64 62.72 71.34
C4 GDP Y . 60.23 63.74 72.36
PG GTP Z . 16.96 -14.19 -4.00
O1G GTP Z . 16.58 -15.17 -2.91
O2G GTP Z . 15.88 -13.15 -4.15
O3G GTP Z . 18.27 -13.52 -3.62
O3B GTP Z . 17.15 -14.98 -5.44
PB GTP Z . 17.77 -14.22 -6.78
O1B GTP Z . 17.97 -12.75 -6.45
O2B GTP Z . 16.82 -14.36 -7.93
O3A GTP Z . 19.22 -14.91 -7.17
PA GTP Z . 19.45 -15.85 -8.53
O1A GTP Z . 20.09 -15.01 -9.63
O2A GTP Z . 18.13 -16.42 -9.01
O5' GTP Z . 20.46 -17.08 -8.14
C5' GTP Z . 21.76 -16.95 -8.53
C4' GTP Z . 21.97 -17.84 -9.80
O4' GTP Z . 21.49 -17.25 -10.85
C3' GTP Z . 23.47 -17.98 -10.05
O3' GTP Z . 23.83 -19.29 -10.09
C2' GTP Z . 23.70 -17.31 -11.42
O2' GTP Z . 24.82 -17.96 -12.14
C1' GTP Z . 22.57 -17.53 -12.01
N9 GTP Z . 22.43 -16.62 -13.13
C8 GTP Z . 22.05 -15.31 -12.97
N7 GTP Z . 22.02 -14.73 -14.21
C5 GTP Z . 22.38 -15.65 -15.10
C6 GTP Z . 22.53 -15.60 -16.64
O6 GTP Z . 22.31 -14.59 -17.22
N1 GTP Z . 22.94 -16.78 -17.37
C2 GTP Z . 23.22 -18.00 -16.64
N2 GTP Z . 23.64 -19.20 -17.36
N3 GTP Z . 23.06 -18.04 -15.17
C4 GTP Z . 22.64 -16.82 -14.43
MG MG AA . 15.99 -12.86 -6.41
PB GDP BA . 30.28 12.90 22.83
O1B GDP BA . 29.09 13.51 22.15
O2B GDP BA . 31.13 13.99 23.42
O3B GDP BA . 29.81 12.00 23.91
O3A GDP BA . 31.18 12.03 21.74
PA GDP BA . 30.56 10.71 20.91
O1A GDP BA . 30.00 11.16 19.55
O2A GDP BA . 29.43 10.07 21.71
O5' GDP BA . 31.78 9.61 20.68
C5' GDP BA . 33.09 10.05 20.59
C4' GDP BA . 33.88 9.11 19.70
O4' GDP BA . 33.63 9.48 18.14
C3' GDP BA . 35.16 9.22 19.92
O3' GDP BA . 35.69 7.94 20.40
C2' GDP BA . 35.83 9.60 18.54
O2' GDP BA . 36.94 8.85 18.35
C1' GDP BA . 34.78 9.22 17.53
N9 GDP BA . 34.88 10.08 16.31
C8 GDP BA . 34.52 11.33 16.63
N7 GDP BA . 34.62 12.05 15.50
C5 GDP BA . 35.04 11.26 14.51
C6 GDP BA . 35.34 11.52 13.06
O6 GDP BA . 35.20 12.61 12.62
N1 GDP BA . 35.78 10.45 12.20
C2 GDP BA . 35.95 9.14 12.74
N2 GDP BA . 36.42 8.02 11.86
N3 GDP BA . 35.68 8.89 14.15
C4 GDP BA . 35.21 10.02 15.02
PG GTP CA . -8.74 -67.68 -62.73
O1G GTP CA . -8.57 -68.15 -61.31
O2G GTP CA . -10.21 -67.53 -63.05
O3G GTP CA . -8.08 -66.33 -62.89
O3B GTP CA . -8.04 -68.77 -63.76
PB GTP CA . -7.28 -68.36 -65.18
O1B GTP CA . -6.70 -66.96 -65.09
O2B GTP CA . -8.27 -68.43 -66.31
O3A GTP CA . -6.03 -69.41 -65.47
PA GTP CA . -5.89 -70.29 -66.88
O1A GTP CA . -5.23 -69.44 -67.95
O2A GTP CA . -7.25 -70.76 -67.34
O5' GTP CA . -4.93 -71.59 -66.58
C5' GTP CA . -3.57 -71.38 -66.62
C4' GTP CA . -3.00 -72.02 -67.94
O4' GTP CA . -3.61 -71.50 -68.98
C3' GTP CA . -1.53 -71.65 -68.09
O3' GTP CA . -0.77 -72.79 -68.05
C2' GTP CA . -1.43 -70.99 -69.49
O2' GTP CA . -0.20 -71.40 -70.18
C1' GTP CA . -2.46 -71.46 -70.11
N9 GTP CA . -2.82 -70.57 -71.21
C8 GTP CA . -3.18 -69.27 -71.01
N7 GTP CA . -3.44 -68.72 -72.24
C5 GTP CA . -3.24 -69.67 -73.17
C6 GTP CA . -3.36 -69.66 -74.71
O6 GTP CA . -3.70 -68.67 -75.27
N1 GTP CA . -3.06 -70.85 -75.47
C2 GTP CA . -2.66 -72.05 -74.77
N2 GTP CA . -2.36 -73.27 -75.50
N3 GTP CA . -2.54 -72.05 -73.29
C4 GTP CA . -2.84 -70.82 -72.52
MG MG DA . -9.44 -67.62 -64.90
PB GDP EA . 3.91 -41.03 -36.56
O1B GDP EA . 2.98 -40.48 -37.59
O2B GDP EA . 4.22 -39.97 -35.53
O3B GDP EA . 3.27 -42.19 -35.89
O3A GDP EA . 5.31 -41.52 -37.29
PA GDP EA . 5.34 -42.75 -38.42
O1A GDP EA . 4.13 -43.66 -38.21
O2A GDP EA . 5.28 -42.17 -39.84
O5' GDP EA . 6.74 -43.63 -38.22
C5' GDP EA . 7.95 -42.96 -38.33
C4' GDP EA . 8.91 -43.81 -39.16
O4' GDP EA . 8.61 -43.61 -40.74
C3' GDP EA . 10.13 -43.43 -38.95
O3' GDP EA . 10.97 -44.61 -38.70
C2' GDP EA . 10.60 -42.74 -40.28
O2' GDP EA . 11.92 -42.95 -40.47
C1' GDP EA . 9.81 -43.52 -41.31
N9 GDP EA . 9.73 -42.78 -42.61
C8 GDP EA . 9.28 -41.54 -42.39
N7 GDP EA . 9.24 -40.94 -43.60
C5 GDP EA . 9.66 -41.80 -44.52
C6 GDP EA . 9.83 -41.69 -46.02
O6 GDP EA . 9.57 -40.70 -46.58
N1 GDP EA . 10.33 -42.82 -46.78
C2 GDP EA . 10.66 -44.03 -46.11
N2 GDP EA . 11.18 -45.21 -46.88
N3 GDP EA . 10.50 -44.13 -44.67
C4 GDP EA . 9.99 -42.96 -43.90
#